data_4N5Y
#
_entry.id   4N5Y
#
_cell.length_a   117.915
_cell.length_b   118.105
_cell.length_c   273.799
_cell.angle_alpha   91.50
_cell.angle_beta   90.18
_cell.angle_gamma   119.87
#
_symmetry.space_group_name_H-M   'P 1'
#
loop_
_entity.id
_entity.type
_entity.pdbx_description
1 polymer 'Hemagglutinin HA1 chain'
2 polymer 'Hemagglutinin HA2 chain'
3 branched beta-D-mannopyranose-(1-4)-2-acetamido-2-deoxy-beta-D-glucopyranose-(1-4)-2-acetamido-2-deoxy-beta-D-glucopyranose
4 branched 2-acetamido-2-deoxy-beta-D-glucopyranose-(1-4)-2-acetamido-2-deoxy-beta-D-glucopyranose
5 branched alpha-D-mannopyranose-(1-3)-beta-D-mannopyranose-(1-4)-2-acetamido-2-deoxy-beta-D-glucopyranose-(1-4)-2-acetamido-2-deoxy-beta-D-glucopyranose
6 non-polymer 2-acetamido-2-deoxy-beta-D-glucopyranose
#
loop_
_entity_poly.entity_id
_entity_poly.type
_entity_poly.pdbx_seq_one_letter_code
_entity_poly.pdbx_strand_id
1 'polypeptide(L)'
;ADPGDQICIGYHANNSTEQVDTIMEKNVTVTHAQDILEKKHNGKLCDLDGVKPLILRDCSVAGWLLGNPMCDEFINVPEW
SYIVEKANPVNDLCYPGDFNDYEELKHLLSRINHFEKIQIIPKSSWSSHEASLGVSSACPYQGKSSFFRNVVWLIKKDST
YPTIKRSYNNTNQEDLLVLWGIHHPNDAAEQTKLYQNPTTYISVGTSTLNQRLVPRIATRSKVKGLSGRMEFFWTILKPN
DAINFESNGNFIAPEYAYKIVKKGDSTIMKSELEYGNCNTKCQTPMGAINSSMPFHNIHPLTIGECPKYVKSNRLVLATG
LRNSPQRERRRKKR
;
A,C,E,G,I,K,M,O,Q,S,U,W,Y,a,c
2 'polypeptide(L)'
;GLFGAIAGFIEGGWQGMVDGWYGYHHSNEQGSGYAADKESTQKAIDGVTNKVNSIIDKMNTQFEAVGREFNNLERRIENL
NKKMEDGFLDVWTYNAELLVLMENERTLDFHDSNVKNLYDKVRLQLRDNAKELGNGCFEFYHKCDNECMESVRNGTYDYP
QYSEEARLKREEISSGRLVPR
;
B,D,F,H,J,L,N,P,R,T,V,X,Z,b,d
#
# COMPACT_ATOMS: atom_id res chain seq x y z
N ASP A 2 -33.15 -53.61 56.41
CA ASP A 2 -32.61 -52.87 57.54
C ASP A 2 -31.12 -52.52 57.35
N PRO A 3 -30.77 -51.23 57.53
CA PRO A 3 -29.36 -50.80 57.57
C PRO A 3 -28.65 -51.01 58.91
N GLY A 4 -27.62 -51.86 58.92
CA GLY A 4 -26.75 -51.99 60.08
C GLY A 4 -25.76 -50.85 59.96
N ASP A 5 -25.16 -50.42 61.06
CA ASP A 5 -24.25 -49.26 61.01
C ASP A 5 -23.13 -49.42 59.98
N GLN A 6 -22.69 -48.27 59.45
CA GLN A 6 -21.78 -48.22 58.31
C GLN A 6 -20.59 -47.29 58.51
N ILE A 7 -19.45 -47.67 57.94
CA ILE A 7 -18.31 -46.76 57.83
C ILE A 7 -17.72 -46.95 56.43
N CYS A 8 -17.43 -45.84 55.77
CA CYS A 8 -16.94 -45.86 54.38
C CYS A 8 -15.63 -45.09 54.22
N ILE A 9 -14.84 -45.48 53.22
CA ILE A 9 -13.57 -44.83 52.94
C ILE A 9 -13.67 -44.09 51.62
N GLY A 10 -13.26 -42.82 51.58
CA GLY A 10 -13.34 -42.09 50.33
C GLY A 10 -12.29 -41.02 50.17
N TYR A 11 -12.33 -40.32 49.04
CA TYR A 11 -11.32 -39.32 48.75
C TYR A 11 -11.92 -38.03 48.22
N HIS A 12 -11.08 -37.00 48.20
CA HIS A 12 -11.46 -35.63 47.85
C HIS A 12 -11.80 -35.54 46.36
N ALA A 13 -12.71 -34.62 46.03
CA ALA A 13 -12.97 -34.24 44.65
C ALA A 13 -13.49 -32.80 44.70
N ASN A 14 -13.47 -32.09 43.58
CA ASN A 14 -13.96 -30.72 43.56
C ASN A 14 -14.29 -30.30 42.15
N ASN A 15 -14.24 -29.00 41.89
CA ASN A 15 -14.62 -28.37 40.64
CA ASN A 15 -14.58 -28.57 40.53
C ASN A 15 -13.44 -27.81 39.87
N SER A 16 -12.25 -28.39 40.08
CA SER A 16 -11.02 -27.95 39.43
C SER A 16 -10.91 -28.59 38.06
N THR A 17 -10.59 -27.79 37.04
CA THR A 17 -10.37 -28.33 35.70
C THR A 17 -8.91 -28.23 35.26
N GLU A 18 -8.01 -28.16 36.24
CA GLU A 18 -6.60 -28.34 35.96
C GLU A 18 -6.29 -29.70 35.32
N GLN A 19 -5.50 -29.67 34.25
CA GLN A 19 -5.14 -30.89 33.57
C GLN A 19 -3.64 -31.07 33.59
N VAL A 20 -3.17 -32.26 33.94
CA VAL A 20 -1.76 -32.54 33.83
C VAL A 20 -1.55 -33.67 32.83
N ASP A 21 -0.29 -34.01 32.58
CA ASP A 21 0.02 -35.11 31.68
C ASP A 21 0.87 -36.16 32.38
N THR A 22 0.93 -37.34 31.77
CA THR A 22 1.71 -38.44 32.30
C THR A 22 2.27 -39.21 31.12
N ILE A 23 3.26 -40.08 31.34
CA ILE A 23 3.91 -40.81 30.24
C ILE A 23 2.90 -41.61 29.38
N MET A 24 1.79 -42.01 29.99
CA MET A 24 0.81 -42.89 29.35
C MET A 24 -0.50 -42.17 29.03
N GLU A 25 -0.70 -41.00 29.61
CA GLU A 25 -2.01 -40.38 29.52
C GLU A 25 -1.90 -38.88 29.41
N LYS A 26 -2.61 -38.28 28.47
CA LYS A 26 -2.57 -36.82 28.33
C LYS A 26 -3.84 -36.10 28.81
N ASN A 27 -3.70 -34.86 29.30
CA ASN A 27 -4.83 -34.04 29.71
C ASN A 27 -5.68 -34.66 30.85
N VAL A 28 -5.02 -35.33 31.80
CA VAL A 28 -5.67 -35.91 32.98
C VAL A 28 -6.13 -34.84 33.97
N THR A 29 -7.44 -34.81 34.24
CA THR A 29 -7.95 -33.77 35.13
C THR A 29 -7.76 -34.14 36.59
N VAL A 30 -7.20 -33.23 37.38
CA VAL A 30 -6.84 -33.53 38.76
C VAL A 30 -7.36 -32.49 39.74
N THR A 31 -7.22 -32.82 41.02
CA THR A 31 -7.71 -31.99 42.11
C THR A 31 -6.90 -30.72 42.34
N HIS A 32 -5.59 -30.87 42.47
CA HIS A 32 -4.68 -29.74 42.61
C HIS A 32 -3.47 -29.83 41.65
N ALA A 33 -3.10 -28.71 41.03
CA ALA A 33 -1.96 -28.65 40.13
C ALA A 33 -1.01 -27.48 40.46
N GLN A 34 0.18 -27.51 39.86
CA GLN A 34 1.20 -26.48 40.07
C GLN A 34 2.00 -26.21 38.80
N ASP A 35 1.77 -25.06 38.18
CA ASP A 35 2.54 -24.61 37.02
C ASP A 35 3.95 -24.20 37.45
N ILE A 36 4.97 -24.63 36.72
CA ILE A 36 6.32 -24.21 37.09
C ILE A 36 7.01 -23.46 35.97
N LEU A 37 6.28 -23.18 34.91
CA LEU A 37 6.87 -22.44 33.80
C LEU A 37 6.36 -21.01 33.73
N GLU A 38 7.28 -20.07 33.89
CA GLU A 38 6.94 -18.68 33.77
C GLU A 38 6.98 -18.38 32.29
N LYS A 39 5.90 -17.86 31.74
CA LYS A 39 5.85 -17.70 30.29
C LYS A 39 5.69 -16.26 29.80
N LYS A 40 5.46 -15.31 30.69
CA LYS A 40 5.19 -13.94 30.26
C LYS A 40 6.29 -13.00 30.66
N HIS A 41 6.64 -12.06 29.77
CA HIS A 41 7.55 -10.99 30.19
C HIS A 41 6.93 -9.62 29.82
N ASN A 42 7.63 -8.52 30.13
CA ASN A 42 6.99 -7.20 30.05
C ASN A 42 7.39 -6.38 28.84
N GLY A 43 7.98 -7.04 27.86
CA GLY A 43 8.40 -6.39 26.64
C GLY A 43 9.33 -5.19 26.74
N LYS A 44 9.94 -4.94 27.88
CA LYS A 44 10.72 -3.73 28.01
C LYS A 44 12.17 -3.93 28.46
N LEU A 45 13.04 -2.98 28.13
CA LEU A 45 14.41 -2.95 28.68
C LEU A 45 14.53 -2.14 29.97
N CYS A 46 14.89 -2.79 31.06
CA CYS A 46 14.85 -2.13 32.33
C CYS A 46 16.19 -1.93 32.98
N ASP A 47 16.17 -1.18 34.06
CA ASP A 47 17.32 -1.14 34.92
C ASP A 47 17.36 -2.48 35.58
N LEU A 48 18.53 -2.80 36.12
CA LEU A 48 18.81 -4.06 36.83
C LEU A 48 19.15 -3.80 38.27
N ASP A 49 18.22 -4.15 39.16
CA ASP A 49 18.22 -3.65 40.53
C ASP A 49 18.32 -2.13 40.37
N GLY A 50 19.39 -1.58 40.89
CA GLY A 50 19.62 -0.15 40.71
C GLY A 50 19.89 0.41 39.31
N VAL A 51 20.58 -0.35 38.47
CA VAL A 51 21.35 0.29 37.38
C VAL A 51 20.77 0.25 35.96
N LYS A 52 20.88 1.40 35.30
CA LYS A 52 20.40 1.58 33.94
C LYS A 52 21.43 1.00 32.97
N PRO A 53 20.95 0.16 32.03
CA PRO A 53 21.90 -0.37 31.05
C PRO A 53 22.45 0.70 30.13
N LEU A 54 23.69 0.56 29.67
CA LEU A 54 24.18 1.40 28.58
C LEU A 54 23.52 0.96 27.27
N ILE A 55 22.61 1.79 26.77
CA ILE A 55 21.94 1.54 25.49
C ILE A 55 22.42 2.43 24.34
N LEU A 56 23.24 1.82 23.51
CA LEU A 56 23.64 2.44 22.26
C LEU A 56 22.45 2.41 21.26
N ARG A 57 22.15 3.51 20.62
CA ARG A 57 20.93 3.44 19.88
C ARG A 57 21.29 2.90 18.52
N ASP A 58 21.81 3.79 17.68
CA ASP A 58 22.19 3.52 16.30
C ASP A 58 23.69 3.46 16.26
N CYS A 59 24.28 3.30 17.44
CA CYS A 59 25.70 3.07 17.50
C CYS A 59 26.15 1.58 17.67
N SER A 60 27.37 1.34 17.22
CA SER A 60 28.12 0.13 17.56
C SER A 60 29.14 0.46 18.62
N VAL A 61 29.67 -0.58 19.25
CA VAL A 61 30.71 -0.42 20.25
C VAL A 61 31.91 0.24 19.61
N ALA A 62 32.20 -0.10 18.39
CA ALA A 62 33.35 0.53 17.76
C ALA A 62 33.13 2.00 17.60
N GLY A 63 31.95 2.41 17.14
CA GLY A 63 31.64 3.81 16.93
C GLY A 63 31.68 4.65 18.21
N TRP A 64 31.09 4.12 19.26
CA TRP A 64 31.26 4.71 20.60
C TRP A 64 32.74 4.93 21.00
N LEU A 65 33.52 3.86 21.16
CA LEU A 65 34.86 3.92 21.78
C LEU A 65 35.81 4.78 20.94
N LEU A 66 35.57 4.82 19.64
CA LEU A 66 36.43 5.60 18.77
C LEU A 66 35.99 7.06 18.64
N GLY A 67 34.71 7.35 18.89
CA GLY A 67 34.19 8.70 18.72
C GLY A 67 33.65 9.09 17.33
N ASN A 68 32.74 8.28 16.78
CA ASN A 68 31.99 8.70 15.60
C ASN A 68 31.20 9.89 16.04
N PRO A 69 31.28 10.99 15.27
CA PRO A 69 30.54 12.21 15.54
C PRO A 69 29.05 11.97 15.79
N MET A 70 28.46 11.00 15.14
CA MET A 70 27.05 10.79 15.37
C MET A 70 26.80 10.09 16.71
N CYS A 71 27.86 9.77 17.40
CA CYS A 71 27.71 8.94 18.58
C CYS A 71 27.98 9.76 19.84
N ASP A 72 27.86 11.09 19.67
CA ASP A 72 28.36 12.04 20.66
C ASP A 72 27.52 11.90 21.89
N GLU A 73 26.32 11.34 21.71
CA GLU A 73 25.41 11.04 22.82
C GLU A 73 26.12 10.28 23.93
N PHE A 74 27.20 9.63 23.54
CA PHE A 74 27.95 8.77 24.42
C PHE A 74 29.32 9.32 24.71
N ILE A 75 29.52 10.64 24.76
CA ILE A 75 30.91 11.10 24.91
C ILE A 75 31.41 10.79 26.32
N ASN A 76 30.54 10.82 27.32
CA ASN A 76 30.99 10.51 28.68
C ASN A 76 29.97 9.69 29.48
N VAL A 77 29.94 8.39 29.27
CA VAL A 77 28.89 7.55 29.89
C VAL A 77 28.97 7.37 31.38
N PRO A 78 27.81 7.18 31.99
CA PRO A 78 27.73 6.74 33.37
C PRO A 78 28.04 5.26 33.45
N GLU A 79 28.36 4.77 34.63
CA GLU A 79 28.50 3.36 34.94
C GLU A 79 27.23 2.53 34.55
N TRP A 80 27.42 1.33 34.04
CA TRP A 80 26.33 0.49 33.58
C TRP A 80 26.21 -0.91 34.20
N SER A 81 25.12 -1.59 33.85
CA SER A 81 24.93 -2.96 34.26
C SER A 81 25.14 -3.87 33.06
N TYR A 82 24.79 -3.40 31.87
CA TYR A 82 25.00 -4.19 30.65
C TYR A 82 24.76 -3.43 29.38
N ILE A 83 25.49 -3.74 28.34
CA ILE A 83 25.37 -2.95 27.15
C ILE A 83 24.33 -3.55 26.22
N VAL A 84 23.55 -2.69 25.57
CA VAL A 84 22.63 -3.15 24.54
C VAL A 84 23.03 -2.52 23.24
N GLU A 85 23.17 -3.39 22.24
CA GLU A 85 23.61 -3.05 20.89
C GLU A 85 22.61 -3.65 19.91
N LYS A 86 22.29 -2.92 18.84
CA LYS A 86 21.42 -3.47 17.81
C LYS A 86 22.16 -4.50 16.89
N ALA A 87 21.38 -5.20 16.07
CA ALA A 87 21.92 -6.33 15.35
C ALA A 87 22.82 -5.86 14.27
N ASN A 88 22.47 -4.71 13.69
CA ASN A 88 23.26 -4.09 12.64
C ASN A 88 23.30 -2.58 12.80
N PRO A 89 24.10 -2.11 13.75
CA PRO A 89 24.17 -0.68 14.01
C PRO A 89 24.53 0.13 12.78
N VAL A 90 23.99 1.34 12.68
CA VAL A 90 24.26 2.20 11.55
C VAL A 90 25.59 2.99 11.58
N ASN A 91 25.94 3.51 12.75
CA ASN A 91 27.15 4.30 12.93
C ASN A 91 28.26 3.45 13.47
N ASP A 92 28.99 2.82 12.58
CA ASP A 92 30.12 2.04 12.99
C ASP A 92 31.36 2.86 12.71
N LEU A 93 32.17 2.38 11.79
CA LEU A 93 33.39 3.05 11.37
C LEU A 93 33.04 4.00 10.22
N CYS A 94 32.90 5.29 10.52
CA CYS A 94 32.40 6.27 9.52
C CYS A 94 33.32 6.40 8.29
N TYR A 95 34.64 6.44 8.54
CA TYR A 95 35.62 6.37 7.48
C TYR A 95 35.91 4.92 7.42
N PRO A 96 35.78 4.31 6.24
CA PRO A 96 35.80 2.86 5.99
C PRO A 96 37.15 2.21 6.22
N GLY A 97 37.10 1.07 6.90
CA GLY A 97 38.29 0.31 7.16
C GLY A 97 38.02 -0.81 8.13
N ASP A 98 38.97 -1.01 9.03
CA ASP A 98 39.02 -2.24 9.77
C ASP A 98 39.41 -2.01 11.25
N PHE A 99 38.82 -2.83 12.14
CA PHE A 99 39.08 -2.84 13.59
C PHE A 99 39.72 -4.17 14.04
N ASN A 100 41.00 -4.14 14.41
CA ASN A 100 41.69 -5.39 14.73
C ASN A 100 41.19 -6.13 15.94
N ASP A 101 41.09 -7.44 15.86
CA ASP A 101 40.67 -8.21 17.03
C ASP A 101 39.49 -7.61 17.80
N TYR A 102 38.64 -6.93 17.06
CA TYR A 102 37.48 -6.25 17.59
C TYR A 102 36.56 -7.16 18.38
N GLU A 103 36.44 -8.42 17.96
CA GLU A 103 35.55 -9.35 18.61
C GLU A 103 36.07 -9.70 19.99
N GLU A 104 37.38 -9.89 20.10
CA GLU A 104 37.99 -10.17 21.41
C GLU A 104 37.87 -8.97 22.31
N LEU A 105 37.98 -7.79 21.75
CA LEU A 105 37.83 -6.60 22.55
C LEU A 105 36.42 -6.48 23.12
N LYS A 106 35.41 -6.75 22.32
CA LYS A 106 34.03 -6.84 22.79
C LYS A 106 33.92 -7.84 23.93
N HIS A 107 34.80 -8.82 23.93
CA HIS A 107 34.68 -9.85 24.94
C HIS A 107 35.10 -9.32 26.27
N LEU A 108 36.09 -8.45 26.30
CA LEU A 108 36.49 -7.80 27.53
C LEU A 108 35.35 -6.97 28.16
N LEU A 109 34.58 -6.31 27.31
CA LEU A 109 33.54 -5.39 27.73
C LEU A 109 32.48 -6.10 28.51
N SER A 110 32.39 -7.39 28.38
CA SER A 110 31.33 -8.05 29.10
C SER A 110 31.70 -8.16 30.52
N ARG A 111 32.92 -7.76 30.87
CA ARG A 111 33.34 -7.80 32.28
C ARG A 111 33.76 -6.42 32.80
N ILE A 112 33.40 -5.38 32.05
CA ILE A 112 33.73 -4.01 32.37
C ILE A 112 32.39 -3.34 32.62
N ASN A 113 32.28 -2.50 33.66
CA ASN A 113 31.04 -1.74 33.94
C ASN A 113 31.30 -0.25 33.85
N HIS A 114 32.55 0.17 33.77
CA HIS A 114 32.77 1.60 33.65
C HIS A 114 34.12 1.99 33.07
N PHE A 115 34.20 2.99 32.22
CA PHE A 115 35.48 3.54 31.75
C PHE A 115 35.69 4.95 32.36
N GLU A 116 36.86 5.53 32.16
CA GLU A 116 37.09 6.95 32.40
C GLU A 116 37.98 7.51 31.35
N LYS A 117 37.37 8.13 30.36
CA LYS A 117 38.13 8.66 29.23
C LYS A 117 39.25 9.56 29.78
N ILE A 118 40.50 9.35 29.41
CA ILE A 118 41.50 10.30 29.80
C ILE A 118 42.38 10.71 28.66
N GLN A 119 42.80 11.96 28.65
CA GLN A 119 43.67 12.42 27.60
C GLN A 119 45.09 11.87 27.72
N ILE A 120 45.66 11.26 26.69
CA ILE A 120 47.04 10.77 26.87
C ILE A 120 48.03 11.43 25.94
N ILE A 121 47.53 12.05 24.87
CA ILE A 121 48.35 12.95 24.05
C ILE A 121 47.47 14.09 23.49
N PRO A 122 47.63 15.29 24.06
CA PRO A 122 46.84 16.52 23.86
C PRO A 122 46.89 17.03 22.45
N LYS A 123 45.73 17.25 21.82
CA LYS A 123 45.64 17.60 20.38
C LYS A 123 46.49 18.83 20.01
N SER A 124 46.58 19.74 20.98
CA SER A 124 47.41 20.95 20.89
C SER A 124 48.92 20.62 20.92
N SER A 125 49.29 19.43 21.36
CA SER A 125 50.72 19.19 21.50
C SER A 125 51.40 19.05 20.16
N TRP A 126 50.60 18.83 19.10
CA TRP A 126 51.13 18.61 17.73
C TRP A 126 51.58 19.92 17.11
N SER A 127 52.78 20.32 17.50
CA SER A 127 53.33 21.62 17.17
C SER A 127 53.91 21.76 15.75
N SER A 128 54.50 20.70 15.23
CA SER A 128 55.19 20.80 13.93
C SER A 128 54.50 20.02 12.79
N HIS A 129 53.27 19.59 13.07
CA HIS A 129 52.39 18.93 12.10
C HIS A 129 51.02 19.57 12.10
N GLU A 130 50.18 19.17 11.17
CA GLU A 130 48.83 19.72 11.12
C GLU A 130 47.70 18.86 11.74
N ALA A 131 47.35 19.13 12.98
CA ALA A 131 46.31 18.36 13.67
C ALA A 131 44.92 18.58 13.08
N SER A 132 44.71 19.72 12.45
CA SER A 132 43.35 20.15 12.16
C SER A 132 42.86 19.98 10.73
N LEU A 133 43.54 19.19 9.92
CA LEU A 133 43.09 19.02 8.54
C LEU A 133 42.51 17.63 8.34
N GLY A 134 42.60 16.83 9.39
CA GLY A 134 42.18 15.44 9.30
C GLY A 134 40.69 15.23 9.28
N VAL A 135 40.05 15.56 8.17
CA VAL A 135 38.62 15.60 8.19
C VAL A 135 37.99 14.97 6.92
N SER A 136 36.93 14.18 7.04
CA SER A 136 36.36 13.61 5.82
C SER A 136 34.88 13.68 5.63
N SER A 137 34.58 13.71 4.33
CA SER A 137 33.25 13.68 3.74
C SER A 137 32.54 12.38 4.04
N ALA A 138 33.31 11.40 4.50
CA ALA A 138 32.79 10.15 5.05
C ALA A 138 32.38 10.30 6.50
N CYS A 139 32.89 11.35 7.11
CA CYS A 139 32.81 11.52 8.56
C CYS A 139 32.07 12.77 9.03
N PRO A 140 30.82 12.87 8.65
CA PRO A 140 30.04 14.10 8.72
C PRO A 140 29.58 14.41 10.11
N TYR A 141 29.84 15.61 10.59
CA TYR A 141 29.26 16.00 11.89
C TYR A 141 27.82 16.32 11.53
N GLN A 142 27.52 17.50 11.02
CA GLN A 142 26.18 17.65 10.47
C GLN A 142 26.33 18.40 9.19
N GLY A 143 26.68 17.68 8.13
CA GLY A 143 27.02 18.34 6.88
C GLY A 143 28.45 18.90 6.89
N LYS A 144 28.88 19.37 8.07
CA LYS A 144 30.28 19.73 8.28
C LYS A 144 31.04 18.42 8.21
N SER A 145 32.05 18.32 7.36
CA SER A 145 32.68 17.03 7.30
C SER A 145 33.61 17.10 8.48
N SER A 146 33.87 15.95 9.13
CA SER A 146 34.57 15.94 10.43
C SER A 146 35.48 14.70 10.54
N PHE A 147 35.59 14.13 11.73
CA PHE A 147 36.40 12.94 11.96
C PHE A 147 35.92 12.25 13.23
N PHE A 148 36.44 11.06 13.51
CA PHE A 148 36.36 10.43 14.84
C PHE A 148 36.86 11.40 15.88
N ARG A 149 36.29 11.40 17.09
CA ARG A 149 36.77 12.41 18.05
C ARG A 149 38.00 11.98 18.90
N ASN A 150 38.16 10.70 19.23
CA ASN A 150 39.21 10.32 20.17
C ASN A 150 40.55 10.05 19.57
N VAL A 151 40.69 10.17 18.27
CA VAL A 151 41.99 9.95 17.67
C VAL A 151 42.30 11.16 16.86
N VAL A 152 43.51 11.27 16.32
CA VAL A 152 43.81 12.42 15.48
C VAL A 152 44.51 12.06 14.18
N TRP A 153 43.95 12.49 13.05
CA TRP A 153 44.51 12.21 11.74
C TRP A 153 45.53 13.27 11.36
N LEU A 154 46.77 13.13 11.79
CA LEU A 154 47.83 14.11 11.50
C LEU A 154 48.10 14.30 10.00
N ILE A 155 48.69 15.43 9.60
CA ILE A 155 49.03 15.74 8.19
C ILE A 155 50.34 16.52 8.07
N LYS A 156 51.01 16.52 6.93
CA LYS A 156 52.26 17.28 6.79
C LYS A 156 51.98 18.77 6.96
N LYS A 157 52.94 19.51 7.48
CA LYS A 157 52.83 20.95 7.73
C LYS A 157 53.85 21.69 6.89
N ASP A 158 53.49 22.86 6.38
CA ASP A 158 54.28 23.50 5.32
C ASP A 158 54.39 22.45 4.22
N SER A 159 55.60 21.96 3.94
CA SER A 159 55.70 20.86 2.99
C SER A 159 56.13 19.54 3.62
N THR A 160 56.53 19.54 4.89
CA THR A 160 57.18 18.35 5.47
C THR A 160 56.43 17.67 6.65
N TYR A 161 56.83 16.44 7.00
CA TYR A 161 56.30 15.68 8.15
C TYR A 161 57.45 15.05 8.87
N PRO A 162 58.03 15.75 9.84
CA PRO A 162 59.21 15.25 10.56
C PRO A 162 58.84 14.12 11.53
N THR A 163 59.80 13.24 11.81
CA THR A 163 59.52 12.02 12.55
C THR A 163 58.93 12.18 13.95
N ILE A 164 57.71 11.69 14.14
CA ILE A 164 57.03 11.65 15.44
C ILE A 164 57.57 10.65 16.45
N LYS A 165 57.92 11.13 17.63
CA LYS A 165 58.34 10.27 18.71
C LYS A 165 57.58 10.70 19.97
N ARG A 166 56.55 9.95 20.38
CA ARG A 166 55.67 10.38 21.46
C ARG A 166 55.36 9.25 22.40
N SER A 167 55.25 9.55 23.68
CA SER A 167 55.01 8.49 24.63
C SER A 167 54.18 8.88 25.83
N TYR A 168 53.49 7.91 26.40
CA TYR A 168 52.66 8.13 27.56
C TYR A 168 52.82 7.01 28.53
N ASN A 169 53.09 7.33 29.81
CA ASN A 169 53.31 6.31 30.86
C ASN A 169 52.08 6.20 31.78
N ASN A 170 51.42 5.06 31.82
CA ASN A 170 50.25 4.85 32.65
C ASN A 170 50.61 4.90 34.11
N THR A 171 50.48 6.08 34.71
CA THR A 171 50.76 6.22 36.15
C THR A 171 49.51 5.98 36.99
N ASN A 172 48.46 5.39 36.46
CA ASN A 172 47.25 5.12 37.24
C ASN A 172 47.38 3.75 37.85
N GLN A 173 46.47 3.39 38.76
CA GLN A 173 46.41 2.05 39.30
C GLN A 173 45.52 1.10 38.50
N GLU A 174 44.80 1.60 37.53
CA GLU A 174 43.93 0.70 36.80
C GLU A 174 44.48 0.53 35.39
N ASP A 175 43.87 -0.40 34.65
CA ASP A 175 44.29 -0.68 33.27
C ASP A 175 43.84 0.32 32.21
N LEU A 176 44.68 0.51 31.21
CA LEU A 176 44.41 1.47 30.17
C LEU A 176 44.16 0.87 28.76
N LEU A 177 42.92 0.95 28.28
CA LEU A 177 42.65 0.64 26.88
C LEU A 177 43.07 1.79 25.98
N VAL A 178 44.01 1.56 25.06
CA VAL A 178 44.51 2.60 24.16
C VAL A 178 44.18 2.20 22.73
N LEU A 179 43.78 3.15 21.88
CA LEU A 179 43.41 2.90 20.47
C LEU A 179 44.25 3.76 19.52
N TRP A 180 44.54 3.25 18.33
CA TRP A 180 45.19 4.05 17.27
C TRP A 180 44.92 3.50 15.85
N GLY A 181 45.64 4.04 14.87
CA GLY A 181 45.34 3.63 13.52
C GLY A 181 46.30 4.06 12.42
N ILE A 182 46.07 3.45 11.27
CA ILE A 182 46.92 3.65 10.14
C ILE A 182 46.06 4.05 8.98
N HIS A 183 46.60 4.92 8.14
CA HIS A 183 45.84 5.35 6.98
C HIS A 183 46.47 4.80 5.72
N HIS A 184 45.65 4.06 4.98
CA HIS A 184 46.02 3.45 3.74
C HIS A 184 45.54 4.28 2.56
N PRO A 185 46.42 5.08 1.95
CA PRO A 185 46.03 5.91 0.81
C PRO A 185 45.82 5.12 -0.52
N ASN A 186 45.42 5.81 -1.58
CA ASN A 186 45.06 5.21 -2.87
C ASN A 186 46.13 5.11 -3.90
N ASP A 187 47.10 6.00 -3.84
CA ASP A 187 48.25 5.91 -4.71
C ASP A 187 49.37 6.76 -4.20
N ALA A 188 50.50 6.64 -4.89
CA ALA A 188 51.74 7.32 -4.53
C ALA A 188 51.50 8.79 -4.50
N ALA A 189 50.71 9.24 -5.46
CA ALA A 189 50.41 10.66 -5.54
C ALA A 189 49.74 11.14 -4.26
N GLU A 190 48.71 10.42 -3.82
CA GLU A 190 48.01 10.80 -2.62
C GLU A 190 48.90 10.74 -1.41
N GLN A 191 49.71 9.69 -1.33
CA GLN A 191 50.57 9.47 -0.18
C GLN A 191 51.41 10.69 0.03
N THR A 192 52.08 11.12 -1.03
CA THR A 192 52.95 12.29 -0.94
C THR A 192 52.23 13.66 -0.73
N LYS A 193 51.01 13.80 -1.26
CA LYS A 193 50.20 14.96 -0.96
C LYS A 193 49.91 15.06 0.53
N LEU A 194 49.45 13.98 1.12
CA LEU A 194 49.04 14.06 2.51
C LEU A 194 50.22 14.10 3.47
N TYR A 195 51.24 13.28 3.22
CA TYR A 195 52.26 13.09 4.23
C TYR A 195 53.68 13.36 3.76
N GLN A 196 53.84 13.75 2.50
CA GLN A 196 55.16 14.03 1.91
C GLN A 196 56.08 12.83 1.71
N ASN A 197 56.47 12.20 2.80
CA ASN A 197 57.32 11.01 2.68
C ASN A 197 56.63 9.83 1.99
N PRO A 198 57.36 9.19 1.06
CA PRO A 198 56.75 8.09 0.32
C PRO A 198 56.89 6.78 1.07
N THR A 199 57.98 6.63 1.81
CA THR A 199 58.14 5.39 2.54
C THR A 199 58.01 5.67 4.02
N THR A 200 56.96 5.11 4.61
CA THR A 200 56.53 5.48 5.96
C THR A 200 56.15 4.28 6.83
N TYR A 201 56.01 4.52 8.13
CA TYR A 201 55.71 3.44 9.09
C TYR A 201 55.09 3.91 10.42
N ILE A 202 54.51 2.96 11.14
CA ILE A 202 54.06 3.25 12.50
C ILE A 202 54.57 2.15 13.43
N SER A 203 55.45 2.55 14.35
CA SER A 203 55.93 1.69 15.44
C SER A 203 55.21 1.99 16.80
N VAL A 204 54.85 0.94 17.54
CA VAL A 204 54.15 1.07 18.79
C VAL A 204 54.77 0.06 19.79
N GLY A 205 55.41 0.54 20.87
CA GLY A 205 56.08 -0.35 21.80
C GLY A 205 55.61 -0.27 23.24
N THR A 206 55.46 -1.44 23.85
CA THR A 206 54.96 -1.61 25.21
C THR A 206 55.97 -2.52 25.94
N SER A 207 55.68 -2.90 27.18
CA SER A 207 56.45 -3.94 27.81
C SER A 207 56.11 -5.25 27.09
N THR A 208 54.94 -5.31 26.45
CA THR A 208 54.54 -6.53 25.73
C THR A 208 54.21 -6.36 24.20
N LEU A 209 54.04 -5.14 23.73
CA LEU A 209 53.76 -4.97 22.29
C LEU A 209 55.06 -4.87 21.55
N ASN A 210 55.10 -5.35 20.31
CA ASN A 210 56.22 -5.02 19.43
C ASN A 210 55.71 -4.95 18.02
N GLN A 211 55.23 -3.77 17.63
CA GLN A 211 54.51 -3.62 16.38
C GLN A 211 55.13 -2.56 15.48
N ARG A 212 55.28 -2.88 14.21
CA ARG A 212 55.68 -1.88 13.24
C ARG A 212 54.71 -2.08 12.10
N LEU A 213 53.74 -1.17 11.96
CA LEU A 213 52.73 -1.20 10.91
C LEU A 213 53.24 -0.35 9.76
N VAL A 214 52.96 -0.74 8.52
CA VAL A 214 53.28 0.08 7.32
C VAL A 214 52.11 0.19 6.38
N PRO A 215 51.83 1.42 5.91
CA PRO A 215 50.71 1.67 5.00
C PRO A 215 50.80 0.81 3.78
N ARG A 216 49.65 0.47 3.25
CA ARG A 216 49.57 -0.60 2.27
C ARG A 216 48.81 -0.14 0.98
N ILE A 217 49.52 0.48 0.06
CA ILE A 217 48.88 1.09 -1.10
C ILE A 217 48.30 0.08 -2.14
N ALA A 218 47.09 0.38 -2.60
CA ALA A 218 46.31 -0.45 -3.55
C ALA A 218 45.19 0.36 -4.19
N THR A 219 44.73 -0.03 -5.35
CA THR A 219 43.54 0.62 -5.91
C THR A 219 42.28 -0.18 -5.61
N ARG A 220 41.34 0.44 -4.90
CA ARG A 220 40.18 -0.24 -4.32
C ARG A 220 38.84 0.30 -4.75
N SER A 221 37.77 -0.43 -4.47
CA SER A 221 36.42 0.08 -4.66
C SER A 221 36.17 1.39 -3.91
N LYS A 222 35.26 2.22 -4.40
CA LYS A 222 34.85 3.30 -3.53
C LYS A 222 33.90 2.70 -2.50
N VAL A 223 34.09 3.11 -1.24
CA VAL A 223 33.13 2.86 -0.17
C VAL A 223 32.82 4.22 0.42
N LYS A 224 31.54 4.60 0.40
CA LYS A 224 31.10 5.95 0.82
C LYS A 224 31.95 6.99 0.11
N GLY A 225 32.18 6.81 -1.17
CA GLY A 225 32.85 7.84 -1.93
C GLY A 225 34.34 7.86 -1.74
N LEU A 226 34.78 7.02 -0.84
CA LEU A 226 36.21 6.96 -0.62
C LEU A 226 36.81 5.64 -1.05
N SER A 227 38.07 5.68 -1.45
CA SER A 227 38.75 4.45 -1.79
C SER A 227 39.78 4.08 -0.74
N GLY A 228 40.26 5.08 0.00
CA GLY A 228 41.25 4.87 1.02
C GLY A 228 40.59 4.15 2.18
N ARG A 229 41.42 3.68 3.11
CA ARG A 229 40.93 2.92 4.23
C ARG A 229 41.67 3.31 5.53
N MET A 230 41.00 3.09 6.64
CA MET A 230 41.57 3.39 7.94
C MET A 230 41.63 2.03 8.62
N GLU A 231 42.71 1.69 9.29
CA GLU A 231 42.73 0.41 10.02
C GLU A 231 43.15 0.71 11.43
N PHE A 232 42.31 0.26 12.36
CA PHE A 232 42.48 0.65 13.74
C PHE A 232 43.01 -0.48 14.62
N PHE A 233 43.74 -0.09 15.68
CA PHE A 233 44.47 -1.00 16.57
C PHE A 233 44.34 -0.70 18.06
N TRP A 234 44.46 -1.71 18.91
CA TRP A 234 44.32 -1.43 20.33
C TRP A 234 45.10 -2.29 21.24
N THR A 235 45.48 -1.79 22.42
CA THR A 235 46.19 -2.56 23.44
C THR A 235 45.69 -2.30 24.85
N ILE A 236 45.95 -3.16 25.82
CA ILE A 236 45.73 -2.74 27.22
C ILE A 236 47.10 -2.38 27.81
N LEU A 237 47.22 -1.21 28.41
CA LEU A 237 48.51 -0.78 28.95
C LEU A 237 48.40 -1.00 30.42
N LYS A 238 49.21 -1.93 30.87
CA LYS A 238 49.27 -2.34 32.25
C LYS A 238 49.76 -1.16 33.13
N PRO A 239 49.29 -1.12 34.40
CA PRO A 239 49.76 -0.10 35.33
C PRO A 239 51.25 -0.12 35.47
N ASN A 240 51.76 1.10 35.40
CA ASN A 240 53.14 1.50 35.55
C ASN A 240 53.96 1.20 34.31
N ASP A 241 53.24 0.91 33.22
CA ASP A 241 53.88 0.62 31.94
C ASP A 241 53.88 1.79 31.00
N ALA A 242 54.83 1.86 30.08
CA ALA A 242 54.82 2.96 29.12
C ALA A 242 54.61 2.48 27.67
N ILE A 243 53.81 3.23 26.91
CA ILE A 243 53.66 3.00 25.49
C ILE A 243 54.32 4.12 24.66
N ASN A 244 55.07 3.81 23.59
CA ASN A 244 55.76 4.84 22.78
C ASN A 244 55.44 4.71 21.31
N PHE A 245 54.91 5.77 20.68
CA PHE A 245 54.62 5.76 19.24
C PHE A 245 55.75 6.44 18.50
N GLU A 246 56.20 5.84 17.41
CA GLU A 246 57.09 6.54 16.53
C GLU A 246 56.49 6.37 15.16
N SER A 247 56.39 7.44 14.40
CA SER A 247 55.91 7.29 13.05
C SER A 247 56.45 8.37 12.17
N ASN A 248 55.92 8.42 10.97
CA ASN A 248 56.65 9.00 9.87
C ASN A 248 55.69 9.41 8.74
N GLY A 249 54.42 9.06 8.95
CA GLY A 249 53.38 9.24 7.95
C GLY A 249 52.26 8.25 8.20
N ASN A 250 51.10 8.46 7.55
CA ASN A 250 49.93 7.57 7.61
C ASN A 250 49.43 7.14 9.03
N PHE A 251 49.82 7.92 10.05
CA PHE A 251 49.50 7.70 11.48
C PHE A 251 48.24 8.42 11.89
N ILE A 252 47.33 7.67 12.50
CA ILE A 252 46.14 8.18 13.15
C ILE A 252 46.45 8.10 14.64
N ALA A 253 46.76 9.25 15.24
CA ALA A 253 47.34 9.33 16.60
C ALA A 253 46.26 9.27 17.73
N PRO A 254 46.63 8.92 18.99
CA PRO A 254 45.54 9.03 19.97
C PRO A 254 45.45 10.39 20.64
N GLU A 255 44.26 10.69 21.19
CA GLU A 255 44.13 11.76 22.14
C GLU A 255 43.55 11.12 23.38
N TYR A 256 42.40 10.45 23.29
CA TYR A 256 41.86 9.92 24.54
C TYR A 256 41.98 8.39 24.64
N ALA A 257 42.20 7.90 25.87
CA ALA A 257 42.35 6.46 26.17
C ALA A 257 41.31 6.07 27.22
N TYR A 258 41.11 4.82 27.63
CA TYR A 258 40.08 4.63 28.67
C TYR A 258 40.64 3.82 29.82
N LYS A 259 40.47 4.30 31.05
CA LYS A 259 40.87 3.57 32.26
C LYS A 259 39.77 2.57 32.66
N ILE A 260 40.14 1.30 32.86
CA ILE A 260 39.13 0.30 33.23
C ILE A 260 38.89 0.46 34.71
N VAL A 261 37.68 0.87 35.08
CA VAL A 261 37.46 1.42 36.41
C VAL A 261 36.48 0.65 37.31
N LYS A 262 35.54 -0.07 36.74
CA LYS A 262 34.89 -1.03 37.59
C LYS A 262 34.58 -2.22 36.71
N LYS A 263 35.03 -3.40 37.14
CA LYS A 263 34.77 -4.66 36.45
C LYS A 263 33.70 -5.45 37.17
N GLY A 264 33.08 -6.43 36.53
CA GLY A 264 32.04 -7.19 37.19
C GLY A 264 31.19 -7.89 36.18
N ASP A 265 30.08 -8.47 36.64
CA ASP A 265 29.13 -9.07 35.71
C ASP A 265 28.61 -8.02 34.73
N SER A 266 28.47 -8.44 33.49
CA SER A 266 27.88 -7.61 32.46
C SER A 266 27.79 -8.50 31.26
N THR A 267 27.07 -8.02 30.26
CA THR A 267 26.94 -8.72 29.01
C THR A 267 26.82 -7.69 27.94
N ILE A 268 27.09 -8.06 26.69
CA ILE A 268 26.61 -7.23 25.61
C ILE A 268 25.33 -7.91 25.17
N MET A 269 24.24 -7.19 25.27
CA MET A 269 22.97 -7.76 24.91
C MET A 269 22.65 -7.26 23.52
N LYS A 270 22.40 -8.19 22.61
CA LYS A 270 21.92 -7.87 21.29
C LYS A 270 20.43 -7.68 21.42
N SER A 271 19.93 -6.47 21.11
CA SER A 271 18.49 -6.27 21.11
C SER A 271 18.12 -5.02 20.40
N GLU A 272 16.94 -5.04 19.79
CA GLU A 272 16.47 -3.87 19.04
C GLU A 272 15.85 -2.83 19.96
N LEU A 273 15.34 -3.30 21.08
CA LEU A 273 14.56 -2.48 22.00
C LEU A 273 15.34 -1.23 22.38
N GLU A 274 14.62 -0.25 22.98
CA GLU A 274 15.19 1.02 23.45
C GLU A 274 14.90 1.11 24.94
N TYR A 275 15.18 2.25 25.57
CA TYR A 275 15.01 2.31 27.04
C TYR A 275 13.56 2.31 27.53
N GLY A 276 13.22 1.36 28.39
CA GLY A 276 11.84 1.13 28.82
C GLY A 276 11.37 1.77 30.12
N ASN A 277 12.28 2.48 30.77
CA ASN A 277 12.03 3.20 32.00
C ASN A 277 11.43 2.40 33.14
N CYS A 278 11.89 1.17 33.35
CA CYS A 278 11.39 0.39 34.47
C CYS A 278 12.56 -0.14 35.33
N ASN A 279 12.31 -1.22 36.05
CA ASN A 279 13.35 -1.84 36.82
C ASN A 279 13.06 -3.30 37.10
N THR A 280 14.07 -4.17 36.98
CA THR A 280 13.93 -5.54 37.47
C THR A 280 15.17 -6.09 38.07
N LYS A 281 15.03 -7.36 38.45
CA LYS A 281 16.14 -8.17 38.93
C LYS A 281 16.44 -9.23 37.85
N CYS A 282 15.66 -9.21 36.78
CA CYS A 282 15.91 -10.13 35.67
C CYS A 282 15.55 -9.57 34.29
N GLN A 283 16.56 -9.49 33.42
CA GLN A 283 16.43 -8.90 32.10
C GLN A 283 16.80 -9.84 30.99
N THR A 284 16.04 -9.72 29.90
CA THR A 284 16.07 -10.54 28.70
C THR A 284 16.07 -9.61 27.51
N PRO A 285 16.74 -9.94 26.41
CA PRO A 285 16.63 -9.04 25.23
C PRO A 285 15.22 -8.89 24.65
N MET A 286 14.28 -9.66 25.17
CA MET A 286 12.91 -9.58 24.70
C MET A 286 12.08 -8.85 25.71
N GLY A 287 12.50 -8.83 26.96
CA GLY A 287 11.82 -8.04 27.98
C GLY A 287 12.17 -8.48 29.38
N ALA A 288 11.81 -7.71 30.40
CA ALA A 288 12.15 -8.13 31.76
C ALA A 288 11.16 -9.17 32.31
N ILE A 289 11.65 -9.96 33.28
CA ILE A 289 10.85 -10.98 33.93
C ILE A 289 10.70 -10.61 35.40
N ASN A 290 9.49 -10.77 35.95
CA ASN A 290 9.24 -10.59 37.39
C ASN A 290 8.49 -11.84 37.84
N SER A 291 9.19 -12.78 38.46
CA SER A 291 8.58 -14.07 38.72
C SER A 291 9.27 -14.92 39.80
N SER A 292 8.48 -15.82 40.37
CA SER A 292 8.92 -16.76 41.38
C SER A 292 9.16 -18.18 40.84
N MET A 293 8.56 -18.46 39.69
CA MET A 293 8.73 -19.74 38.99
C MET A 293 10.17 -20.26 38.89
N PRO A 294 10.32 -21.59 38.90
CA PRO A 294 11.68 -22.09 38.72
C PRO A 294 12.12 -22.06 37.27
N PHE A 295 11.17 -21.95 36.33
CA PHE A 295 11.48 -22.05 34.89
C PHE A 295 10.83 -20.96 34.02
N HIS A 296 11.57 -20.49 33.02
CA HIS A 296 10.94 -19.60 32.06
C HIS A 296 11.25 -20.04 30.64
N ASN A 297 10.55 -19.47 29.67
CA ASN A 297 10.75 -19.83 28.28
C ASN A 297 10.80 -18.59 27.36
N ILE A 298 11.26 -17.49 27.93
CA ILE A 298 11.32 -16.25 27.18
C ILE A 298 12.49 -16.25 26.22
N HIS A 299 13.71 -16.38 26.74
CA HIS A 299 14.92 -16.24 25.91
C HIS A 299 16.17 -16.70 26.67
N PRO A 300 17.04 -17.51 26.02
CA PRO A 300 18.14 -18.18 26.73
C PRO A 300 19.21 -17.21 27.27
N LEU A 301 19.29 -16.02 26.69
CA LEU A 301 20.28 -15.07 27.15
C LEU A 301 19.73 -14.12 28.20
N THR A 302 19.88 -14.47 29.46
CA THR A 302 19.35 -13.59 30.47
C THR A 302 20.51 -13.11 31.31
N ILE A 303 20.31 -11.97 31.97
CA ILE A 303 21.28 -11.43 32.94
C ILE A 303 20.58 -11.01 34.20
N GLY A 304 21.19 -11.32 35.35
CA GLY A 304 20.59 -11.00 36.64
C GLY A 304 19.94 -12.22 37.29
N GLU A 305 19.27 -12.05 38.42
CA GLU A 305 18.68 -13.17 39.17
C GLU A 305 17.46 -13.82 38.51
N CYS A 306 17.71 -14.87 37.73
CA CYS A 306 16.71 -15.46 36.85
C CYS A 306 16.36 -16.93 37.09
N PRO A 307 15.13 -17.29 36.73
CA PRO A 307 14.72 -18.70 36.60
C PRO A 307 15.50 -19.34 35.46
N LYS A 308 15.57 -20.65 35.47
CA LYS A 308 16.34 -21.35 34.44
C LYS A 308 15.59 -21.57 33.13
N TYR A 309 16.24 -21.26 32.01
CA TYR A 309 15.58 -21.34 30.69
C TYR A 309 15.26 -22.76 30.24
N VAL A 310 14.09 -23.00 29.67
CA VAL A 310 13.81 -24.27 28.97
C VAL A 310 13.04 -23.94 27.71
N LYS A 311 12.94 -24.88 26.77
CA LYS A 311 12.22 -24.54 25.54
C LYS A 311 10.76 -24.99 25.56
N SER A 312 10.26 -25.40 26.74
CA SER A 312 8.91 -25.96 26.83
C SER A 312 7.81 -24.94 26.63
N ASN A 313 6.69 -25.44 26.11
CA ASN A 313 5.47 -24.67 25.96
C ASN A 313 4.64 -24.82 27.22
N ARG A 314 4.84 -25.93 27.89
CA ARG A 314 4.07 -26.25 29.07
C ARG A 314 4.86 -27.14 30.05
N LEU A 315 4.86 -26.76 31.32
CA LEU A 315 5.44 -27.56 32.40
C LEU A 315 4.54 -27.51 33.61
N VAL A 316 3.75 -28.54 33.83
CA VAL A 316 2.86 -28.53 34.99
C VAL A 316 2.96 -29.81 35.85
N LEU A 317 3.13 -29.63 37.16
CA LEU A 317 3.18 -30.76 38.08
C LEU A 317 1.78 -31.13 38.59
N ALA A 318 1.54 -32.40 38.87
CA ALA A 318 0.28 -32.81 39.48
C ALA A 318 0.55 -33.01 40.93
N THR A 319 -0.19 -32.31 41.77
CA THR A 319 0.00 -32.41 43.21
C THR A 319 -1.17 -33.07 43.97
N GLY A 320 -2.39 -32.77 43.54
CA GLY A 320 -3.58 -33.33 44.17
C GLY A 320 -3.88 -34.71 43.63
N LEU A 321 -5.11 -35.22 43.81
CA LEU A 321 -5.38 -36.54 43.28
C LEU A 321 -6.32 -36.48 42.10
N ARG A 322 -6.46 -37.61 41.42
CA ARG A 322 -7.23 -37.70 40.18
C ARG A 322 -8.64 -37.23 40.38
N ASN A 323 -9.13 -36.37 39.50
CA ASN A 323 -10.49 -35.84 39.70
C ASN A 323 -11.64 -36.54 38.97
N SER A 324 -12.75 -36.60 39.70
CA SER A 324 -13.99 -37.28 39.32
C SER A 324 -14.42 -36.93 37.89
N PRO A 325 -14.93 -37.94 37.14
CA PRO A 325 -15.27 -37.87 35.71
C PRO A 325 -15.88 -36.55 35.24
N ASP B 2 82.44 118.97 -32.64
CA ASP B 2 81.25 119.73 -32.99
C ASP B 2 79.96 119.00 -32.61
N PRO B 3 79.06 119.67 -31.88
CA PRO B 3 77.73 119.06 -31.76
C PRO B 3 76.80 119.40 -32.94
N GLY B 4 76.63 118.43 -33.83
CA GLY B 4 75.71 118.46 -34.96
C GLY B 4 74.33 118.02 -34.54
N ASP B 5 73.34 118.14 -35.43
CA ASP B 5 71.96 117.73 -35.12
C ASP B 5 71.92 116.25 -34.70
N GLN B 6 71.05 115.91 -33.75
CA GLN B 6 70.98 114.55 -33.19
C GLN B 6 69.55 114.05 -32.96
N ILE B 7 69.35 112.73 -33.05
CA ILE B 7 68.08 112.10 -32.71
C ILE B 7 68.26 110.81 -31.89
N CYS B 8 67.42 110.63 -30.85
CA CYS B 8 67.53 109.47 -29.95
C CYS B 8 66.21 108.68 -29.89
N ILE B 9 66.30 107.37 -29.63
CA ILE B 9 65.12 106.51 -29.48
C ILE B 9 64.95 106.04 -28.03
N GLY B 10 63.76 106.30 -27.46
CA GLY B 10 63.50 105.93 -26.08
C GLY B 10 62.05 105.62 -25.69
N TYR B 11 61.85 105.31 -24.41
CA TYR B 11 60.56 104.86 -23.88
C TYR B 11 60.11 105.50 -22.56
N HIS B 12 58.84 105.24 -22.20
CA HIS B 12 58.15 105.84 -21.06
C HIS B 12 58.72 105.45 -19.68
N ALA B 13 58.53 106.35 -18.70
CA ALA B 13 58.79 106.05 -17.30
C ALA B 13 57.88 106.93 -16.43
N ASN B 14 57.75 106.57 -15.17
CA ASN B 14 56.93 107.37 -14.25
C ASN B 14 57.21 107.12 -12.76
N ASN B 15 56.22 107.42 -11.92
CA ASN B 15 56.35 107.31 -10.47
CA ASN B 15 56.38 107.30 -10.47
C ASN B 15 55.64 106.08 -9.91
N SER B 16 55.42 105.10 -10.77
CA SER B 16 54.71 103.87 -10.40
C SER B 16 55.63 102.80 -9.79
N THR B 17 55.22 102.24 -8.65
CA THR B 17 55.91 101.10 -8.06
C THR B 17 55.05 99.81 -8.05
N GLU B 18 54.12 99.70 -9.00
CA GLU B 18 53.38 98.45 -9.26
C GLU B 18 54.32 97.29 -9.48
N GLN B 19 54.06 96.16 -8.82
CA GLN B 19 54.88 94.97 -8.96
C GLN B 19 54.14 93.78 -9.52
N VAL B 20 54.75 93.15 -10.53
CA VAL B 20 54.26 91.88 -11.04
C VAL B 20 55.34 90.82 -10.78
N ASP B 21 55.03 89.57 -11.14
CA ASP B 21 55.97 88.46 -11.01
C ASP B 21 56.17 87.82 -12.37
N THR B 22 57.21 87.01 -12.50
CA THR B 22 57.47 86.38 -13.79
C THR B 22 58.07 85.00 -13.50
N ILE B 23 58.06 84.12 -14.49
CA ILE B 23 58.59 82.77 -14.30
C ILE B 23 60.05 82.79 -13.81
N MET B 24 60.78 83.85 -14.15
CA MET B 24 62.20 83.96 -13.87
C MET B 24 62.54 85.02 -12.83
N GLU B 25 61.63 85.96 -12.59
CA GLU B 25 61.92 87.08 -11.69
C GLU B 25 60.74 87.50 -10.82
N LYS B 26 61.04 87.73 -9.54
CA LYS B 26 60.02 88.16 -8.59
C LYS B 26 60.08 89.67 -8.28
N ASN B 27 58.92 90.24 -7.97
CA ASN B 27 58.81 91.64 -7.55
C ASN B 27 59.31 92.64 -8.60
N VAL B 28 59.04 92.34 -9.86
CA VAL B 28 59.39 93.24 -10.96
C VAL B 28 58.50 94.47 -11.01
N THR B 29 59.10 95.65 -10.84
CA THR B 29 58.37 96.92 -10.87
C THR B 29 58.13 97.40 -12.29
N VAL B 30 56.88 97.74 -12.61
CA VAL B 30 56.52 98.08 -13.97
C VAL B 30 55.73 99.38 -14.08
N THR B 31 55.58 99.84 -15.31
CA THR B 31 54.96 101.13 -15.57
C THR B 31 53.45 101.10 -15.35
N HIS B 32 52.78 100.13 -15.97
CA HIS B 32 51.34 99.98 -15.80
C HIS B 32 51.00 98.55 -15.46
N ALA B 33 50.07 98.38 -14.53
CA ALA B 33 49.63 97.05 -14.08
C ALA B 33 48.11 96.96 -14.10
N GLN B 34 47.60 95.74 -13.92
CA GLN B 34 46.15 95.51 -13.89
C GLN B 34 45.79 94.42 -12.86
N ASP B 35 45.24 94.82 -11.71
CA ASP B 35 44.78 93.84 -10.71
C ASP B 35 43.50 93.17 -11.17
N ILE B 36 43.48 91.84 -11.14
CA ILE B 36 42.32 91.09 -11.58
C ILE B 36 41.71 90.18 -10.51
N LEU B 37 42.22 90.26 -9.29
CA LEU B 37 41.63 89.46 -8.23
C LEU B 37 40.81 90.31 -7.27
N GLU B 38 39.52 89.97 -7.16
CA GLU B 38 38.60 90.65 -6.24
C GLU B 38 38.73 90.01 -4.86
N LYS B 39 38.96 90.82 -3.84
CA LYS B 39 39.20 90.30 -2.50
C LYS B 39 38.18 90.80 -1.45
N LYS B 40 37.26 91.69 -1.85
CA LYS B 40 36.32 92.30 -0.91
C LYS B 40 34.86 91.83 -1.07
N HIS B 41 34.20 91.54 0.04
CA HIS B 41 32.77 91.27 0.04
C HIS B 41 32.05 92.17 1.05
N ASN B 42 30.72 92.15 1.09
CA ASN B 42 30.02 93.14 1.91
C ASN B 42 29.42 92.63 3.20
N GLY B 43 29.89 91.46 3.65
CA GLY B 43 29.50 90.87 4.92
C GLY B 43 28.02 90.71 5.18
N LYS B 44 27.19 90.84 4.15
CA LYS B 44 25.75 90.76 4.33
C LYS B 44 25.04 89.79 3.38
N LEU B 45 23.85 89.34 3.77
CA LEU B 45 23.04 88.55 2.88
C LEU B 45 22.12 89.50 2.13
N CYS B 46 22.19 89.50 0.81
CA CYS B 46 21.38 90.45 0.04
C CYS B 46 20.33 89.76 -0.82
N ASP B 47 19.44 90.56 -1.41
CA ASP B 47 18.54 90.06 -2.42
C ASP B 47 19.36 89.70 -3.65
N LEU B 48 18.76 88.91 -4.53
CA LEU B 48 19.42 88.52 -5.78
C LEU B 48 18.59 89.10 -6.92
N ASP B 49 19.09 90.23 -7.44
CA ASP B 49 18.26 91.16 -8.20
C ASP B 49 16.95 91.38 -7.47
N GLY B 50 15.84 91.10 -8.14
CA GLY B 50 14.55 91.40 -7.56
C GLY B 50 14.28 90.74 -6.22
N VAL B 51 14.78 89.51 -6.05
CA VAL B 51 14.20 88.60 -5.09
C VAL B 51 15.00 88.43 -3.79
N LYS B 52 14.27 88.43 -2.68
CA LYS B 52 14.81 88.24 -1.33
C LYS B 52 14.97 86.76 -1.01
N PRO B 53 16.11 86.37 -0.39
CA PRO B 53 16.32 84.98 0.03
C PRO B 53 15.37 84.51 1.13
N LEU B 54 15.02 83.24 1.13
CA LEU B 54 14.30 82.65 2.26
C LEU B 54 15.31 82.41 3.37
N ILE B 55 15.33 83.23 4.43
CA ILE B 55 16.25 82.94 5.52
C ILE B 55 15.52 82.36 6.71
N LEU B 56 15.69 81.07 6.90
CA LEU B 56 15.25 80.35 8.09
C LEU B 56 16.12 80.87 9.23
N ARG B 57 15.57 81.15 10.38
CA ARG B 57 16.46 81.73 11.35
C ARG B 57 17.10 80.61 12.15
N ASP B 58 16.39 80.10 13.15
CA ASP B 58 16.95 79.02 13.94
C ASP B 58 16.22 77.77 13.49
N CYS B 59 15.57 77.86 12.33
CA CYS B 59 14.93 76.68 11.73
C CYS B 59 15.78 75.93 10.69
N SER B 60 15.52 74.63 10.64
CA SER B 60 16.01 73.72 9.62
C SER B 60 14.94 73.39 8.59
N VAL B 61 15.34 72.93 7.42
CA VAL B 61 14.39 72.60 6.37
C VAL B 61 13.35 71.59 6.85
N ALA B 62 13.76 70.64 7.68
CA ALA B 62 12.78 69.68 8.17
C ALA B 62 11.76 70.40 9.04
N GLY B 63 12.25 71.26 9.93
CA GLY B 63 11.41 72.04 10.87
C GLY B 63 10.42 72.98 10.22
N TRP B 64 10.93 73.66 9.20
CA TRP B 64 10.15 74.48 8.31
C TRP B 64 9.05 73.64 7.68
N LEU B 65 9.40 72.59 6.95
CA LEU B 65 8.40 71.90 6.15
C LEU B 65 7.36 71.16 6.97
N LEU B 66 7.76 70.59 8.09
CA LEU B 66 6.82 69.77 8.83
C LEU B 66 5.89 70.64 9.64
N GLY B 67 6.34 71.85 9.95
CA GLY B 67 5.59 72.76 10.79
C GLY B 67 5.88 72.63 12.29
N ASN B 68 7.16 72.72 12.67
CA ASN B 68 7.53 72.92 14.08
C ASN B 68 6.90 74.18 14.63
N PRO B 69 6.20 74.08 15.77
CA PRO B 69 5.62 75.31 16.33
C PRO B 69 6.61 76.47 16.47
N MET B 70 7.87 76.17 16.76
CA MET B 70 8.85 77.25 16.90
C MET B 70 9.25 77.81 15.57
N CYS B 71 8.63 77.29 14.53
CA CYS B 71 9.00 77.69 13.21
C CYS B 71 7.89 78.44 12.45
N ASP B 72 6.90 78.95 13.18
CA ASP B 72 5.66 79.44 12.57
C ASP B 72 5.89 80.63 11.66
N GLU B 73 7.00 81.34 11.87
CA GLU B 73 7.38 82.45 11.00
C GLU B 73 7.31 82.13 9.51
N PHE B 74 7.37 80.85 9.16
CA PHE B 74 7.46 80.47 7.74
C PHE B 74 6.22 79.75 7.23
N ILE B 75 5.06 80.02 7.82
CA ILE B 75 3.92 79.18 7.51
C ILE B 75 3.47 79.42 6.10
N ASN B 76 3.59 80.64 5.59
CA ASN B 76 3.22 80.81 4.19
C ASN B 76 4.17 81.74 3.41
N VAL B 77 5.35 81.23 3.09
CA VAL B 77 6.45 82.03 2.54
C VAL B 77 6.27 82.53 1.10
N PRO B 78 6.89 83.67 0.78
CA PRO B 78 6.93 84.16 -0.59
C PRO B 78 7.95 83.39 -1.38
N GLU B 79 7.91 83.49 -2.71
CA GLU B 79 8.95 82.97 -3.62
C GLU B 79 10.35 83.52 -3.25
N TRP B 80 11.36 82.66 -3.34
CA TRP B 80 12.71 83.02 -2.96
C TRP B 80 13.74 82.92 -4.08
N SER B 81 14.94 83.37 -3.79
CA SER B 81 16.02 83.24 -4.74
C SER B 81 16.94 82.13 -4.27
N TYR B 82 17.11 82.00 -2.96
CA TYR B 82 17.95 80.94 -2.38
C TYR B 82 17.72 80.82 -0.88
N ILE B 83 17.80 79.62 -0.35
CA ILE B 83 17.50 79.43 1.07
C ILE B 83 18.79 79.44 1.90
N VAL B 84 18.75 80.05 3.07
CA VAL B 84 19.90 80.01 3.95
C VAL B 84 19.56 79.33 5.24
N GLU B 85 20.38 78.34 5.57
CA GLU B 85 20.19 77.50 6.72
C GLU B 85 21.46 77.58 7.50
N LYS B 86 21.32 77.68 8.80
CA LYS B 86 22.49 77.74 9.65
C LYS B 86 23.14 76.36 9.77
N ALA B 87 24.31 76.32 10.39
CA ALA B 87 25.10 75.11 10.39
C ALA B 87 24.46 74.07 11.29
N ASN B 88 23.84 74.53 12.37
CA ASN B 88 23.14 73.61 13.25
C ASN B 88 21.86 74.20 13.80
N PRO B 89 20.80 74.24 13.00
CA PRO B 89 19.57 74.88 13.50
C PRO B 89 19.08 74.25 14.78
N VAL B 90 18.51 75.09 15.63
CA VAL B 90 18.03 74.66 16.93
C VAL B 90 16.68 73.96 16.84
N ASN B 91 15.83 74.46 15.95
CA ASN B 91 14.49 73.90 15.78
C ASN B 91 14.40 72.91 14.60
N ASP B 92 14.76 71.66 14.89
CA ASP B 92 14.71 70.60 13.91
C ASP B 92 13.43 69.83 14.21
N LEU B 93 13.57 68.57 14.57
CA LEU B 93 12.41 67.77 14.87
C LEU B 93 12.13 67.97 16.34
N CYS B 94 11.09 68.74 16.66
CA CYS B 94 10.88 69.07 18.08
C CYS B 94 10.69 67.76 18.86
N TYR B 95 9.95 66.82 18.27
CA TYR B 95 9.80 65.50 18.85
C TYR B 95 10.88 64.64 18.27
N PRO B 96 11.64 63.91 19.12
CA PRO B 96 12.85 63.25 18.58
C PRO B 96 12.59 62.13 17.53
N GLY B 97 13.37 62.18 16.47
CA GLY B 97 13.28 61.12 15.50
C GLY B 97 14.07 61.44 14.24
N ASP B 98 13.46 61.03 13.11
CA ASP B 98 14.15 61.02 11.83
C ASP B 98 13.31 61.32 10.61
N PHE B 99 14.02 61.92 9.64
CA PHE B 99 13.45 62.32 8.37
C PHE B 99 14.05 61.47 7.23
N ASN B 100 13.21 60.69 6.60
CA ASN B 100 13.65 59.73 5.59
C ASN B 100 14.18 60.31 4.29
N ASP B 101 15.27 59.80 3.72
CA ASP B 101 15.83 60.31 2.43
C ASP B 101 15.87 61.84 2.46
N TYR B 102 16.20 62.31 3.63
CA TYR B 102 16.18 63.71 3.90
C TYR B 102 17.16 64.55 3.07
N GLU B 103 18.36 64.06 2.82
CA GLU B 103 19.31 64.88 2.09
C GLU B 103 18.80 64.97 0.69
N GLU B 104 18.23 63.86 0.19
CA GLU B 104 17.69 63.82 -1.17
C GLU B 104 16.53 64.79 -1.37
N LEU B 105 15.71 65.03 -0.35
CA LEU B 105 14.62 66.04 -0.44
C LEU B 105 15.16 67.47 -0.55
N LYS B 106 16.15 67.77 0.27
CA LYS B 106 16.91 69.03 0.20
C LYS B 106 17.49 69.21 -1.21
N HIS B 107 17.79 68.10 -1.87
CA HIS B 107 18.38 68.23 -3.19
C HIS B 107 17.37 68.76 -4.19
N LEU B 108 16.11 68.35 -4.05
CA LEU B 108 15.01 68.88 -4.83
C LEU B 108 14.79 70.41 -4.60
N LEU B 109 15.06 70.85 -3.37
CA LEU B 109 14.85 72.22 -2.99
C LEU B 109 15.79 73.15 -3.74
N SER B 110 16.90 72.63 -4.18
CA SER B 110 17.85 73.43 -4.92
C SER B 110 17.34 73.66 -6.33
N ARG B 111 16.18 73.09 -6.62
CA ARG B 111 15.51 73.25 -7.92
C ARG B 111 14.15 73.97 -7.78
N ILE B 112 13.85 74.46 -6.58
CA ILE B 112 12.55 75.01 -6.29
C ILE B 112 12.66 76.48 -5.84
N ASN B 113 11.69 77.30 -6.30
CA ASN B 113 11.58 78.69 -5.87
C ASN B 113 10.32 79.00 -5.12
N HIS B 114 9.28 78.19 -5.20
CA HIS B 114 8.06 78.56 -4.47
C HIS B 114 7.11 77.42 -4.19
N PHE B 115 6.50 77.41 -3.00
CA PHE B 115 5.45 76.44 -2.70
C PHE B 115 4.10 77.15 -2.59
N GLU B 116 3.03 76.37 -2.47
CA GLU B 116 1.74 76.90 -2.06
C GLU B 116 1.03 75.92 -1.12
N LYS B 117 1.17 76.08 0.18
CA LYS B 117 0.60 75.09 1.09
C LYS B 117 -0.87 74.87 0.84
N ILE B 118 -1.32 73.64 0.72
CA ILE B 118 -2.77 73.43 0.59
C ILE B 118 -3.26 72.40 1.58
N GLN B 119 -4.47 72.55 2.08
CA GLN B 119 -5.01 71.55 2.96
C GLN B 119 -5.45 70.38 2.13
N ILE B 120 -5.03 69.16 2.48
CA ILE B 120 -5.45 67.98 1.73
C ILE B 120 -6.24 67.01 2.58
N ILE B 121 -6.13 67.05 3.89
CA ILE B 121 -7.03 66.26 4.71
C ILE B 121 -7.27 67.05 6.01
N PRO B 122 -8.45 67.68 6.12
CA PRO B 122 -8.89 68.59 7.19
C PRO B 122 -8.88 67.92 8.53
N LYS B 123 -8.23 68.52 9.52
CA LYS B 123 -8.12 67.92 10.84
C LYS B 123 -9.54 67.57 11.37
N SER B 124 -10.51 68.36 10.97
CA SER B 124 -11.92 68.12 11.29
C SER B 124 -12.52 66.87 10.63
N SER B 125 -11.85 66.36 9.60
CA SER B 125 -12.43 65.26 8.84
C SER B 125 -12.38 63.91 9.53
N TRP B 126 -11.56 63.79 10.56
CA TRP B 126 -11.40 62.52 11.26
C TRP B 126 -12.57 62.18 12.20
N SER B 127 -13.65 61.59 11.69
CA SER B 127 -14.84 61.42 12.53
C SER B 127 -14.70 60.31 13.56
N SER B 128 -13.96 59.26 13.25
CA SER B 128 -13.92 58.08 14.13
C SER B 128 -12.62 57.86 14.90
N HIS B 129 -11.74 58.88 14.92
CA HIS B 129 -10.52 58.90 15.73
C HIS B 129 -10.37 60.22 16.51
N GLU B 130 -9.37 60.31 17.39
CA GLU B 130 -9.13 61.55 18.14
C GLU B 130 -8.01 62.43 17.53
N ALA B 131 -8.42 63.39 16.71
CA ALA B 131 -7.42 64.22 16.05
C ALA B 131 -6.76 65.17 16.99
N SER B 132 -7.47 65.59 18.02
CA SER B 132 -7.02 66.76 18.81
C SER B 132 -6.39 66.44 20.19
N LEU B 133 -5.95 65.20 20.38
CA LEU B 133 -5.30 64.80 21.63
C LEU B 133 -3.80 64.69 21.39
N GLY B 134 -3.42 64.89 20.14
CA GLY B 134 -2.04 64.63 19.73
C GLY B 134 -0.94 65.60 20.11
N VAL B 135 -0.52 65.56 21.36
CA VAL B 135 0.34 66.64 21.81
C VAL B 135 1.54 66.24 22.72
N SER B 136 2.70 66.87 22.53
CA SER B 136 3.82 66.57 23.40
C SER B 136 4.50 67.77 24.02
N SER B 137 5.01 67.57 25.22
CA SER B 137 5.76 68.55 25.98
C SER B 137 7.10 68.86 25.32
N ALA B 138 7.46 68.02 24.36
CA ALA B 138 8.63 68.26 23.54
C ALA B 138 8.29 69.36 22.53
N CYS B 139 7.02 69.57 22.30
CA CYS B 139 6.58 70.37 21.15
C CYS B 139 5.78 71.61 21.50
N PRO B 140 6.30 72.44 22.41
CA PRO B 140 5.48 73.42 23.14
C PRO B 140 5.08 74.63 22.31
N TYR B 141 3.81 75.00 22.28
CA TYR B 141 3.54 76.21 21.53
C TYR B 141 3.96 77.38 22.40
N GLN B 142 3.14 77.76 23.36
CA GLN B 142 3.63 78.75 24.29
C GLN B 142 3.28 78.22 25.64
N GLY B 143 4.23 77.46 26.20
CA GLY B 143 4.06 76.87 27.52
C GLY B 143 3.11 75.68 27.56
N LYS B 144 1.89 75.87 27.04
CA LYS B 144 1.02 74.74 26.74
C LYS B 144 1.65 73.91 25.59
N SER B 145 1.65 72.61 25.78
CA SER B 145 2.29 71.75 24.83
C SER B 145 1.40 71.52 23.62
N SER B 146 2.05 71.23 22.49
CA SER B 146 1.46 71.16 21.16
C SER B 146 2.00 70.00 20.36
N PHE B 147 2.12 70.21 19.06
CA PHE B 147 2.67 69.27 18.10
C PHE B 147 3.08 70.01 16.87
N PHE B 148 3.67 69.27 15.93
CA PHE B 148 3.79 69.72 14.54
C PHE B 148 2.45 70.23 13.98
N ARG B 149 2.55 71.22 13.09
CA ARG B 149 1.35 71.81 12.49
C ARG B 149 0.87 71.18 11.14
N ASN B 150 1.78 70.66 10.32
CA ASN B 150 1.31 70.19 9.03
C ASN B 150 0.91 68.71 9.03
N VAL B 151 1.15 67.99 10.13
CA VAL B 151 0.85 66.56 10.16
C VAL B 151 -0.06 66.33 11.33
N VAL B 152 -0.75 65.21 11.45
CA VAL B 152 -1.66 65.04 12.59
C VAL B 152 -1.62 63.73 13.32
N TRP B 153 -1.38 63.78 14.62
CA TRP B 153 -1.21 62.57 15.40
C TRP B 153 -2.54 61.98 15.91
N LEU B 154 -3.19 61.15 15.10
CA LEU B 154 -4.46 60.53 15.51
C LEU B 154 -4.36 59.57 16.74
N ILE B 155 -5.39 59.47 17.58
CA ILE B 155 -5.37 58.54 18.72
C ILE B 155 -6.75 57.92 19.03
N LYS B 156 -6.81 56.81 19.75
CA LYS B 156 -8.07 56.04 19.90
C LYS B 156 -9.22 56.79 20.50
N LYS B 157 -10.41 56.45 20.05
CA LYS B 157 -11.65 57.08 20.46
C LYS B 157 -12.48 56.03 21.17
N ASP B 158 -13.16 56.42 22.24
CA ASP B 158 -13.69 55.45 23.19
C ASP B 158 -12.55 54.52 23.57
N SER B 159 -12.70 53.24 23.33
CA SER B 159 -11.55 52.40 23.55
C SER B 159 -10.98 51.88 22.25
N THR B 160 -11.63 52.15 21.12
CA THR B 160 -11.21 51.47 19.87
C THR B 160 -10.51 52.41 18.84
N TYR B 161 -9.78 51.80 17.91
CA TYR B 161 -9.11 52.51 16.81
C TYR B 161 -9.50 51.71 15.58
N PRO B 162 -10.60 52.12 14.94
CA PRO B 162 -11.07 51.40 13.76
C PRO B 162 -10.12 51.63 12.61
N THR B 163 -10.05 50.71 11.65
CA THR B 163 -9.10 50.84 10.54
C THR B 163 -9.31 52.05 9.62
N ILE B 164 -8.28 52.89 9.52
CA ILE B 164 -8.25 54.04 8.61
C ILE B 164 -8.13 53.66 7.12
N LYS B 165 -8.98 54.22 6.29
CA LYS B 165 -8.79 54.15 4.84
C LYS B 165 -9.03 55.52 4.22
N ARG B 166 -7.97 56.21 3.84
CA ARG B 166 -8.12 57.58 3.36
C ARG B 166 -7.24 57.83 2.17
N SER B 167 -7.72 58.64 1.24
CA SER B 167 -6.95 58.89 0.03
C SER B 167 -7.22 60.29 -0.46
N TYR B 168 -6.27 60.83 -1.22
CA TYR B 168 -6.37 62.16 -1.77
C TYR B 168 -5.93 62.14 -3.23
N ASN B 169 -6.73 62.72 -4.13
CA ASN B 169 -6.43 62.74 -5.56
C ASN B 169 -5.94 64.12 -5.95
N ASN B 170 -4.70 64.21 -6.40
CA ASN B 170 -4.10 65.46 -6.83
C ASN B 170 -4.77 66.03 -8.06
N THR B 171 -5.75 66.90 -7.79
CA THR B 171 -6.54 67.57 -8.80
C THR B 171 -5.94 68.88 -9.27
N ASN B 172 -4.70 69.14 -8.87
CA ASN B 172 -3.99 70.37 -9.22
C ASN B 172 -3.15 70.21 -10.47
N GLN B 173 -2.56 71.32 -10.91
CA GLN B 173 -1.75 71.37 -12.12
C GLN B 173 -0.36 70.89 -11.94
N GLU B 174 0.15 71.08 -10.72
CA GLU B 174 1.55 70.89 -10.40
C GLU B 174 1.75 69.77 -9.41
N ASP B 175 3.02 69.43 -9.21
CA ASP B 175 3.45 68.35 -8.33
C ASP B 175 3.27 68.68 -6.84
N LEU B 176 2.94 67.68 -6.03
CA LEU B 176 2.65 67.90 -4.63
C LEU B 176 3.71 67.26 -3.71
N LEU B 177 4.51 68.04 -3.01
CA LEU B 177 5.34 67.41 -1.99
C LEU B 177 4.42 67.03 -0.82
N VAL B 178 4.34 65.77 -0.48
CA VAL B 178 3.46 65.34 0.61
C VAL B 178 4.32 64.76 1.75
N LEU B 179 3.96 64.99 3.03
CA LEU B 179 4.71 64.45 4.20
C LEU B 179 3.83 63.65 5.13
N TRP B 180 4.38 62.59 5.73
CA TRP B 180 3.64 61.81 6.72
C TRP B 180 4.61 61.10 7.61
N GLY B 181 4.13 60.19 8.45
CA GLY B 181 5.05 59.58 9.39
C GLY B 181 4.52 58.52 10.33
N ILE B 182 5.47 57.92 11.05
CA ILE B 182 5.10 56.85 11.94
C ILE B 182 5.61 57.10 13.37
N HIS B 183 4.83 56.59 14.32
CA HIS B 183 5.23 56.74 15.68
C HIS B 183 5.74 55.41 16.26
N HIS B 184 6.98 55.46 16.75
CA HIS B 184 7.60 54.31 17.35
C HIS B 184 7.53 54.43 18.87
N PRO B 185 6.59 53.71 19.51
CA PRO B 185 6.35 53.70 20.97
C PRO B 185 7.45 53.07 21.81
N ASN B 186 7.32 53.06 23.13
CA ASN B 186 8.35 52.49 23.99
C ASN B 186 8.13 51.05 24.46
N ASP B 187 6.87 50.66 24.69
CA ASP B 187 6.55 49.30 25.09
C ASP B 187 5.12 48.94 24.81
N ALA B 188 4.77 47.70 25.09
CA ALA B 188 3.47 47.17 24.74
C ALA B 188 2.30 47.95 25.34
N ALA B 189 2.41 48.29 26.61
CA ALA B 189 1.33 49.00 27.29
C ALA B 189 1.02 50.38 26.67
N GLU B 190 2.08 51.16 26.44
CA GLU B 190 1.98 52.45 25.81
C GLU B 190 1.31 52.33 24.45
N GLN B 191 1.72 51.33 23.69
CA GLN B 191 1.19 51.13 22.34
C GLN B 191 -0.31 50.96 22.35
N THR B 192 -0.75 49.96 23.11
CA THR B 192 -2.17 49.68 23.22
C THR B 192 -2.94 50.76 24.00
N LYS B 193 -2.25 51.51 24.85
CA LYS B 193 -2.85 52.67 25.51
C LYS B 193 -3.31 53.74 24.48
N LEU B 194 -2.42 54.08 23.55
CA LEU B 194 -2.70 55.10 22.53
C LEU B 194 -3.60 54.67 21.37
N TYR B 195 -3.44 53.42 20.91
CA TYR B 195 -4.05 53.01 19.66
C TYR B 195 -4.94 51.78 19.78
N GLN B 196 -5.03 51.21 20.97
CA GLN B 196 -5.84 50.01 21.26
C GLN B 196 -5.37 48.69 20.61
N ASN B 197 -5.31 48.62 19.29
CA ASN B 197 -4.75 47.45 18.62
C ASN B 197 -3.23 47.35 18.89
N PRO B 198 -2.75 46.14 19.25
CA PRO B 198 -1.36 45.91 19.68
C PRO B 198 -0.39 45.65 18.52
N THR B 199 -0.88 45.05 17.43
CA THR B 199 -0.05 44.80 16.23
C THR B 199 -0.55 45.68 15.09
N THR B 200 0.30 46.57 14.58
CA THR B 200 -0.13 47.63 13.65
C THR B 200 0.73 47.87 12.39
N TYR B 201 0.17 48.65 11.47
CA TYR B 201 0.82 48.93 10.20
C TYR B 201 0.36 50.23 9.52
N ILE B 202 1.20 50.71 8.60
CA ILE B 202 0.85 51.84 7.76
C ILE B 202 1.18 51.56 6.33
N SER B 203 0.16 51.43 5.50
CA SER B 203 0.32 51.26 4.05
C SER B 203 0.10 52.58 3.30
N VAL B 204 0.90 52.79 2.28
CA VAL B 204 0.86 53.98 1.46
C VAL B 204 1.03 53.61 0.01
N GLY B 205 0.04 53.89 -0.82
CA GLY B 205 0.15 53.52 -2.22
C GLY B 205 -0.03 54.71 -3.14
N THR B 206 0.80 54.73 -4.18
CA THR B 206 0.82 55.78 -5.20
C THR B 206 0.70 54.98 -6.49
N SER B 207 0.84 55.62 -7.65
CA SER B 207 1.05 54.88 -8.86
C SER B 207 2.49 54.37 -8.84
N THR B 208 3.38 55.04 -8.10
CA THR B 208 4.77 54.58 -8.11
C THR B 208 5.29 54.13 -6.70
N LEU B 209 4.55 54.45 -5.65
CA LEU B 209 4.92 54.03 -4.29
C LEU B 209 4.36 52.66 -4.01
N ASN B 210 5.05 51.91 -3.17
CA ASN B 210 4.44 50.71 -2.59
C ASN B 210 5.03 50.43 -1.21
N GLN B 211 4.44 51.00 -0.16
CA GLN B 211 5.12 51.01 1.12
C GLN B 211 4.33 50.35 2.27
N ARG B 212 5.02 49.58 3.10
CA ARG B 212 4.44 49.13 4.34
C ARG B 212 5.37 49.34 5.56
N LEU B 213 4.94 50.28 6.41
CA LEU B 213 5.63 50.64 7.63
C LEU B 213 5.08 49.88 8.82
N VAL B 214 5.97 49.43 9.70
CA VAL B 214 5.51 48.87 10.97
C VAL B 214 6.34 49.51 12.07
N PRO B 215 5.65 49.99 13.14
CA PRO B 215 6.31 50.59 14.28
C PRO B 215 7.24 49.62 14.91
N ARG B 216 8.31 50.18 15.46
CA ARG B 216 9.49 49.43 15.81
C ARG B 216 9.84 49.61 17.27
N ILE B 217 9.28 48.74 18.12
CA ILE B 217 9.50 48.85 19.57
C ILE B 217 10.95 48.53 19.99
N ALA B 218 11.49 49.41 20.83
CA ALA B 218 12.87 49.33 21.30
C ALA B 218 13.07 50.19 22.56
N THR B 219 14.02 49.79 23.39
CA THR B 219 14.40 50.61 24.55
C THR B 219 15.52 51.59 24.23
N ARG B 220 15.21 52.88 24.28
CA ARG B 220 16.16 53.88 23.80
C ARG B 220 16.51 54.93 24.87
N SER B 221 17.61 55.64 24.65
CA SER B 221 17.97 56.77 25.48
C SER B 221 16.84 57.76 25.46
N LYS B 222 16.67 58.56 26.50
CA LYS B 222 15.74 59.65 26.38
C LYS B 222 16.44 60.76 25.62
N VAL B 223 15.74 61.36 24.65
CA VAL B 223 16.22 62.56 24.00
C VAL B 223 15.14 63.60 24.11
N LYS B 224 15.52 64.79 24.61
CA LYS B 224 14.54 65.81 24.97
C LYS B 224 13.50 65.13 25.85
N GLY B 225 13.96 64.30 26.77
CA GLY B 225 13.05 63.77 27.75
C GLY B 225 12.20 62.66 27.22
N LEU B 226 12.27 62.42 25.92
CA LEU B 226 11.48 61.35 25.35
C LEU B 226 12.24 60.12 24.87
N SER B 227 11.58 58.97 24.99
CA SER B 227 12.22 57.74 24.54
C SER B 227 11.63 57.27 23.22
N GLY B 228 10.37 57.60 22.95
CA GLY B 228 9.74 57.20 21.70
C GLY B 228 10.28 58.01 20.54
N ARG B 229 9.96 57.60 19.32
CA ARG B 229 10.49 58.34 18.20
C ARG B 229 9.49 58.61 17.08
N MET B 230 9.80 59.60 16.27
CA MET B 230 8.93 59.95 15.19
C MET B 230 9.76 59.73 13.94
N GLU B 231 9.18 59.08 12.92
CA GLU B 231 9.90 58.93 11.64
C GLU B 231 9.04 59.41 10.46
N PHE B 232 9.59 60.30 9.67
CA PHE B 232 8.77 60.94 8.65
C PHE B 232 9.16 60.43 7.29
N PHE B 233 8.22 60.48 6.33
CA PHE B 233 8.40 59.96 4.98
C PHE B 233 7.88 60.98 4.00
N TRP B 234 8.33 60.95 2.76
CA TRP B 234 7.81 61.92 1.80
C TRP B 234 7.75 61.55 0.35
N THR B 235 6.75 62.02 -0.36
CA THR B 235 6.68 61.71 -1.80
C THR B 235 6.22 62.85 -2.68
N ILE B 236 6.54 62.78 -3.97
CA ILE B 236 6.02 63.78 -4.91
C ILE B 236 4.79 63.19 -5.57
N LEU B 237 3.66 63.87 -5.54
CA LEU B 237 2.47 63.26 -6.10
C LEU B 237 2.18 63.95 -7.42
N LYS B 238 2.32 63.15 -8.48
CA LYS B 238 2.16 63.56 -9.87
C LYS B 238 0.77 64.09 -10.17
N PRO B 239 0.65 65.06 -11.13
CA PRO B 239 -0.68 65.57 -11.48
C PRO B 239 -1.62 64.42 -11.80
N ASN B 240 -2.82 64.40 -11.23
CA ASN B 240 -3.82 63.34 -11.46
C ASN B 240 -3.53 62.02 -10.78
N ASP B 241 -2.54 61.99 -9.89
CA ASP B 241 -2.20 60.75 -9.21
C ASP B 241 -2.84 60.73 -7.83
N ALA B 242 -3.21 59.56 -7.35
CA ALA B 242 -3.84 59.53 -6.04
C ALA B 242 -3.00 58.74 -5.03
N ILE B 243 -2.86 59.31 -3.83
CA ILE B 243 -2.18 58.63 -2.75
C ILE B 243 -3.21 58.06 -1.75
N ASN B 244 -2.99 56.82 -1.30
CA ASN B 244 -3.93 56.14 -0.41
C ASN B 244 -3.29 55.65 0.87
N PHE B 245 -3.77 56.13 2.02
CA PHE B 245 -3.30 55.67 3.33
C PHE B 245 -4.26 54.63 3.94
N GLU B 246 -3.67 53.61 4.54
CA GLU B 246 -4.40 52.70 5.37
C GLU B 246 -3.54 52.44 6.56
N SER B 247 -4.12 52.60 7.73
CA SER B 247 -3.38 52.32 8.93
C SER B 247 -4.28 51.85 10.03
N ASN B 248 -3.68 51.81 11.21
CA ASN B 248 -4.19 50.93 12.21
C ASN B 248 -3.75 51.40 13.60
N GLY B 249 -2.82 52.36 13.59
CA GLY B 249 -2.25 52.93 14.79
C GLY B 249 -0.87 53.48 14.44
N ASN B 250 -0.30 54.30 15.31
CA ASN B 250 1.03 54.89 15.12
C ASN B 250 1.15 55.69 13.82
N PHE B 251 -0.01 56.04 13.25
CA PHE B 251 -0.08 56.85 12.02
C PHE B 251 -0.15 58.34 12.37
N ILE B 252 0.77 59.07 11.79
CA ILE B 252 0.77 60.50 11.85
C ILE B 252 0.36 60.94 10.48
N ALA B 253 -0.89 61.41 10.36
CA ALA B 253 -1.55 61.67 9.07
C ALA B 253 -1.13 63.01 8.49
N PRO B 254 -1.34 63.27 7.20
CA PRO B 254 -1.12 64.67 6.81
C PRO B 254 -2.39 65.53 7.01
N GLU B 255 -2.20 66.85 7.02
CA GLU B 255 -3.29 67.83 6.77
C GLU B 255 -2.82 68.70 5.60
N TYR B 256 -1.63 69.29 5.72
CA TYR B 256 -1.12 70.19 4.69
C TYR B 256 -0.04 69.59 3.83
N ALA B 257 -0.04 70.02 2.56
CA ALA B 257 0.88 69.56 1.52
C ALA B 257 1.55 70.74 0.83
N TYR B 258 2.38 70.51 -0.17
CA TYR B 258 2.95 71.64 -0.87
C TYR B 258 2.84 71.54 -2.39
N LYS B 259 2.31 72.56 -3.06
CA LYS B 259 2.35 72.58 -4.52
C LYS B 259 3.65 73.23 -5.01
N ILE B 260 4.39 72.55 -5.87
CA ILE B 260 5.63 73.14 -6.39
C ILE B 260 5.17 74.09 -7.48
N VAL B 261 5.39 75.36 -7.22
CA VAL B 261 4.66 76.39 -7.92
C VAL B 261 5.52 77.23 -8.84
N LYS B 262 6.80 77.28 -8.56
CA LYS B 262 7.72 77.78 -9.57
C LYS B 262 9.06 77.08 -9.39
N LYS B 263 9.60 76.48 -10.45
CA LYS B 263 10.94 75.88 -10.38
C LYS B 263 12.03 76.73 -11.01
N GLY B 264 13.29 76.42 -10.71
CA GLY B 264 14.36 77.21 -11.25
C GLY B 264 15.66 77.10 -10.47
N ASP B 265 16.59 77.99 -10.81
CA ASP B 265 17.84 78.10 -10.08
C ASP B 265 17.59 78.49 -8.63
N SER B 266 18.39 77.89 -7.77
CA SER B 266 18.42 78.19 -6.35
C SER B 266 19.53 77.34 -5.78
N THR B 267 19.85 77.57 -4.54
CA THR B 267 20.82 76.74 -3.86
C THR B 267 20.40 76.77 -2.41
N ILE B 268 20.81 75.77 -1.63
CA ILE B 268 20.70 75.96 -0.20
C ILE B 268 22.06 76.41 0.30
N MET B 269 22.10 77.62 0.84
CA MET B 269 23.36 78.20 1.29
C MET B 269 23.52 78.09 2.78
N LYS B 270 24.60 77.42 3.18
CA LYS B 270 24.96 77.29 4.58
C LYS B 270 25.67 78.53 5.04
N SER B 271 25.08 79.25 5.99
CA SER B 271 25.68 80.48 6.46
C SER B 271 25.12 80.90 7.78
N GLU B 272 25.95 81.49 8.64
CA GLU B 272 25.44 81.93 9.94
C GLU B 272 24.81 83.31 9.88
N LEU B 273 25.27 84.12 8.93
CA LEU B 273 24.87 85.51 8.83
C LEU B 273 23.37 85.67 8.74
N GLU B 274 22.89 86.91 8.85
CA GLU B 274 21.51 87.20 8.49
C GLU B 274 21.30 88.41 7.57
N TYR B 275 20.02 88.76 7.38
CA TYR B 275 19.59 89.61 6.26
C TYR B 275 20.10 91.05 6.30
N GLY B 276 20.74 91.50 5.23
CA GLY B 276 21.38 92.81 5.22
C GLY B 276 20.61 93.99 4.66
N ASN B 277 19.39 93.74 4.18
CA ASN B 277 18.52 94.74 3.56
C ASN B 277 19.21 95.43 2.40
N CYS B 278 19.97 94.67 1.62
CA CYS B 278 20.68 95.22 0.46
C CYS B 278 20.33 94.45 -0.84
N ASN B 279 21.17 94.60 -1.86
CA ASN B 279 20.98 93.84 -3.08
C ASN B 279 22.26 93.78 -3.94
N THR B 280 22.61 92.59 -4.44
CA THR B 280 23.71 92.42 -5.40
C THR B 280 23.33 91.41 -6.44
N LYS B 281 24.26 91.13 -7.35
CA LYS B 281 24.01 90.12 -8.36
C LYS B 281 24.85 88.88 -8.10
N CYS B 282 25.60 88.91 -7.00
CA CYS B 282 26.46 87.79 -6.59
C CYS B 282 26.52 87.63 -5.07
N GLN B 283 26.18 86.42 -4.59
CA GLN B 283 26.16 86.18 -3.15
C GLN B 283 27.05 85.03 -2.67
N THR B 284 27.63 85.18 -1.49
CA THR B 284 28.62 84.27 -0.91
C THR B 284 28.14 83.95 0.51
N PRO B 285 28.45 82.75 1.04
CA PRO B 285 28.06 82.45 2.42
C PRO B 285 28.69 83.40 3.45
N MET B 286 29.62 84.21 2.98
CA MET B 286 30.28 85.18 3.84
C MET B 286 29.86 86.63 3.60
N GLY B 287 29.28 86.91 2.44
CA GLY B 287 28.78 88.24 2.13
C GLY B 287 28.59 88.41 0.64
N ALA B 288 27.97 89.50 0.20
CA ALA B 288 27.74 89.68 -1.22
C ALA B 288 28.95 90.25 -1.95
N ILE B 289 29.02 89.99 -3.25
CA ILE B 289 30.08 90.54 -4.06
C ILE B 289 29.53 91.50 -5.10
N ASN B 290 30.24 92.61 -5.24
CA ASN B 290 30.04 93.63 -6.24
C ASN B 290 31.37 93.92 -6.91
N SER B 291 31.59 93.37 -8.10
CA SER B 291 32.91 93.51 -8.72
C SER B 291 32.90 93.34 -10.23
N SER B 292 33.89 93.96 -10.87
CA SER B 292 34.03 93.88 -12.32
C SER B 292 35.10 92.85 -12.66
N MET B 293 35.96 92.60 -11.68
CA MET B 293 37.04 91.60 -11.77
C MET B 293 36.65 90.24 -12.36
N PRO B 294 37.60 89.55 -13.02
CA PRO B 294 37.34 88.20 -13.54
C PRO B 294 37.47 87.12 -12.46
N PHE B 295 38.09 87.47 -11.34
CA PHE B 295 38.39 86.51 -10.28
C PHE B 295 38.09 87.01 -8.85
N HIS B 296 37.66 86.10 -7.99
CA HIS B 296 37.56 86.45 -6.58
C HIS B 296 38.15 85.33 -5.75
N ASN B 297 38.38 85.56 -4.45
CA ASN B 297 38.93 84.52 -3.58
C ASN B 297 38.14 84.44 -2.27
N ILE B 298 36.88 84.83 -2.36
CA ILE B 298 36.03 84.93 -1.19
C ILE B 298 35.64 83.55 -0.65
N HIS B 299 34.96 82.78 -1.48
CA HIS B 299 34.36 81.51 -1.09
C HIS B 299 33.88 80.77 -2.35
N PRO B 300 34.20 79.48 -2.48
CA PRO B 300 33.91 78.76 -3.72
C PRO B 300 32.42 78.53 -4.00
N LEU B 301 31.59 78.55 -2.96
CA LEU B 301 30.16 78.23 -3.09
C LEU B 301 29.31 79.47 -3.27
N THR B 302 29.12 79.91 -4.50
CA THR B 302 28.43 81.17 -4.78
C THR B 302 27.13 80.98 -5.55
N ILE B 303 26.25 81.97 -5.50
CA ILE B 303 25.03 82.00 -6.32
C ILE B 303 24.89 83.35 -7.02
N GLY B 304 24.50 83.32 -8.29
CA GLY B 304 24.36 84.52 -9.10
C GLY B 304 25.51 84.74 -10.08
N GLU B 305 25.51 85.88 -10.77
CA GLU B 305 26.51 86.17 -11.78
C GLU B 305 27.85 86.59 -11.18
N CYS B 306 28.77 85.63 -11.09
CA CYS B 306 30.00 85.78 -10.30
C CYS B 306 31.34 85.67 -11.03
N PRO B 307 32.38 86.30 -10.46
CA PRO B 307 33.78 86.06 -10.87
C PRO B 307 34.19 84.62 -10.59
N LYS B 308 35.18 84.10 -11.31
CA LYS B 308 35.55 82.71 -11.12
C LYS B 308 36.40 82.58 -9.88
N TYR B 309 36.04 81.63 -9.02
CA TYR B 309 36.77 81.47 -7.76
C TYR B 309 38.18 80.90 -7.97
N VAL B 310 39.15 81.45 -7.27
CA VAL B 310 40.47 80.85 -7.23
C VAL B 310 41.04 80.93 -5.82
N LYS B 311 42.06 80.13 -5.57
CA LYS B 311 42.65 79.99 -4.24
C LYS B 311 43.81 80.93 -4.04
N SER B 312 44.00 81.85 -4.98
CA SER B 312 45.15 82.76 -4.97
C SER B 312 45.12 83.90 -3.95
N ASN B 313 46.32 84.30 -3.51
CA ASN B 313 46.48 85.45 -2.61
C ASN B 313 46.61 86.76 -3.37
N ARG B 314 47.09 86.66 -4.61
CA ARG B 314 47.38 87.82 -5.44
C ARG B 314 47.27 87.52 -6.93
N LEU B 315 46.56 88.36 -7.67
CA LEU B 315 46.60 88.26 -9.14
C LEU B 315 46.69 89.61 -9.85
N VAL B 316 47.91 89.93 -10.26
CA VAL B 316 48.21 91.20 -10.92
C VAL B 316 48.89 90.99 -12.26
N LEU B 317 48.31 91.61 -13.28
CA LEU B 317 48.81 91.55 -14.63
C LEU B 317 49.78 92.68 -14.95
N ALA B 318 50.70 92.43 -15.89
CA ALA B 318 51.54 93.50 -16.41
C ALA B 318 51.03 93.96 -17.77
N THR B 319 50.70 95.25 -17.90
CA THR B 319 50.24 95.83 -19.16
C THR B 319 51.27 96.78 -19.78
N GLY B 320 51.90 97.59 -18.93
CA GLY B 320 52.94 98.51 -19.35
C GLY B 320 54.31 97.86 -19.41
N LEU B 321 55.37 98.65 -19.50
CA LEU B 321 56.73 98.09 -19.62
C LEU B 321 57.59 98.37 -18.39
N ARG B 322 58.75 97.72 -18.33
CA ARG B 322 59.62 97.77 -17.13
C ARG B 322 59.96 99.19 -16.70
N ASN B 323 59.83 99.43 -15.41
CA ASN B 323 60.03 100.77 -14.83
C ASN B 323 61.43 101.05 -14.28
N SER B 324 61.79 102.33 -14.37
CA SER B 324 63.10 102.90 -14.04
C SER B 324 63.66 102.33 -12.73
N PRO B 325 64.97 102.00 -12.70
CA PRO B 325 65.68 101.33 -11.60
C PRO B 325 65.25 101.78 -10.19
N ASP C 2 100.99 93.28 -39.83
CA ASP C 2 100.93 93.10 -38.39
C ASP C 2 99.52 92.72 -37.93
N PRO C 3 99.39 91.62 -37.15
CA PRO C 3 98.10 91.39 -36.49
C PRO C 3 97.94 92.23 -35.22
N GLY C 4 96.94 93.10 -35.21
CA GLY C 4 96.61 93.94 -34.07
C GLY C 4 95.86 93.16 -33.00
N ASP C 5 95.88 93.68 -31.77
CA ASP C 5 95.31 93.00 -30.60
C ASP C 5 93.84 92.57 -30.80
N GLN C 6 93.45 91.49 -30.13
CA GLN C 6 92.15 90.83 -30.35
C GLN C 6 91.36 90.51 -29.07
N ILE C 7 90.02 90.56 -29.15
CA ILE C 7 89.14 90.06 -28.09
C ILE C 7 87.90 89.35 -28.67
N CYS C 8 87.54 88.19 -28.11
CA CYS C 8 86.38 87.43 -28.60
C CYS C 8 85.39 87.14 -27.47
N ILE C 9 84.11 86.99 -27.81
CA ILE C 9 83.08 86.67 -26.81
C ILE C 9 82.58 85.24 -27.01
N GLY C 10 82.62 84.43 -25.95
CA GLY C 10 82.21 83.04 -26.04
C GLY C 10 81.64 82.38 -24.79
N TYR C 11 81.30 81.10 -24.91
CA TYR C 11 80.60 80.38 -23.86
C TYR C 11 81.16 79.00 -23.54
N HIS C 12 80.74 78.44 -22.40
CA HIS C 12 81.21 77.15 -21.90
C HIS C 12 80.72 75.93 -22.71
N ALA C 13 81.52 74.88 -22.70
CA ALA C 13 81.14 73.56 -23.20
C ALA C 13 82.00 72.58 -22.41
N ASN C 14 81.66 71.29 -22.45
CA ASN C 14 82.46 70.30 -21.70
C ASN C 14 82.29 68.83 -22.15
N ASN C 15 82.54 67.92 -21.20
CA ASN C 15 82.47 66.48 -21.43
CA ASN C 15 82.44 66.48 -21.50
C ASN C 15 81.19 65.85 -20.86
N SER C 16 80.13 66.66 -20.76
CA SER C 16 78.82 66.21 -20.30
C SER C 16 77.95 65.65 -21.45
N THR C 17 77.35 64.48 -21.23
CA THR C 17 76.40 63.91 -22.20
C THR C 17 74.95 63.82 -21.68
N GLU C 18 74.60 64.69 -20.73
CA GLU C 18 73.23 64.87 -20.26
C GLU C 18 72.24 65.23 -21.38
N GLN C 19 71.09 64.57 -21.42
CA GLN C 19 70.06 64.87 -22.45
C GLN C 19 68.71 65.37 -21.91
N VAL C 20 68.24 66.46 -22.51
CA VAL C 20 66.90 66.98 -22.22
C VAL C 20 66.02 66.94 -23.47
N ASP C 21 64.76 67.34 -23.32
CA ASP C 21 63.79 67.44 -24.42
C ASP C 21 63.18 68.83 -24.47
N THR C 22 62.58 69.15 -25.61
CA THR C 22 61.89 70.42 -25.76
C THR C 22 60.72 70.27 -26.74
N ILE C 23 59.84 71.27 -26.78
CA ILE C 23 58.65 71.25 -27.62
C ILE C 23 58.93 71.01 -29.11
N MET C 24 60.09 71.45 -29.59
CA MET C 24 60.44 71.38 -31.01
C MET C 24 61.57 70.42 -31.36
N GLU C 25 62.38 70.05 -30.37
CA GLU C 25 63.59 69.28 -30.63
C GLU C 25 63.88 68.25 -29.53
N LYS C 26 64.17 67.01 -29.94
CA LYS C 26 64.41 65.92 -28.97
C LYS C 26 65.88 65.54 -28.76
N ASN C 27 66.18 65.07 -27.56
CA ASN C 27 67.50 64.53 -27.21
C ASN C 27 68.63 65.54 -27.42
N VAL C 28 68.33 66.79 -27.06
CA VAL C 28 69.32 67.86 -27.10
C VAL C 28 70.34 67.68 -25.98
N THR C 29 71.62 67.49 -26.33
CA THR C 29 72.66 67.27 -25.31
C THR C 29 73.12 68.61 -24.74
N VAL C 30 73.17 68.70 -23.41
CA VAL C 30 73.45 69.98 -22.74
C VAL C 30 74.55 69.91 -21.67
N THR C 31 74.94 71.10 -21.21
CA THR C 31 76.05 71.28 -20.26
C THR C 31 75.71 70.87 -18.84
N HIS C 32 74.63 71.41 -18.30
CA HIS C 32 74.19 71.04 -16.97
C HIS C 32 72.71 70.69 -16.98
N ALA C 33 72.37 69.62 -16.25
CA ALA C 33 70.99 69.18 -16.16
C ALA C 33 70.62 68.98 -14.71
N GLN C 34 69.33 68.81 -14.45
CA GLN C 34 68.84 68.61 -13.10
C GLN C 34 67.65 67.62 -13.17
N ASP C 35 67.87 66.39 -12.72
CA ASP C 35 66.81 65.38 -12.65
C ASP C 35 65.86 65.72 -11.50
N ILE C 36 64.55 65.70 -11.76
CA ILE C 36 63.61 66.00 -10.70
C ILE C 36 62.65 64.85 -10.42
N LEU C 37 62.84 63.73 -11.11
CA LEU C 37 61.98 62.57 -10.88
C LEU C 37 62.66 61.47 -10.11
N GLU C 38 62.11 61.16 -8.94
CA GLU C 38 62.59 60.06 -8.10
C GLU C 38 61.92 58.76 -8.52
N LYS C 39 62.72 57.74 -8.83
CA LYS C 39 62.17 56.49 -9.36
C LYS C 39 62.48 55.27 -8.48
N LYS C 40 63.25 55.46 -7.39
CA LYS C 40 63.71 54.32 -6.60
C LYS C 40 63.04 54.20 -5.21
N HIS C 41 62.65 52.99 -4.84
CA HIS C 41 62.12 52.73 -3.50
C HIS C 41 62.89 51.59 -2.82
N ASN C 42 62.59 51.32 -1.56
CA ASN C 42 63.38 50.34 -0.83
C ASN C 42 62.65 49.04 -0.59
N GLY C 43 61.57 48.82 -1.32
CA GLY C 43 60.82 47.58 -1.24
C GLY C 43 60.37 47.14 0.16
N LYS C 44 60.37 48.06 1.12
CA LYS C 44 60.02 47.68 2.49
C LYS C 44 58.92 48.52 3.12
N LEU C 45 58.26 47.92 4.10
CA LEU C 45 57.30 48.63 4.92
C LEU C 45 58.01 49.14 6.17
N CYS C 46 58.06 50.45 6.36
CA CYS C 46 58.81 51.01 7.49
C CYS C 46 57.94 51.73 8.50
N ASP C 47 58.55 52.12 9.61
CA ASP C 47 57.90 53.03 10.53
C ASP C 47 57.72 54.36 9.83
N LEU C 48 56.81 55.17 10.36
CA LEU C 48 56.58 56.49 9.83
C LEU C 48 56.97 57.45 10.94
N ASP C 49 58.15 58.05 10.79
CA ASP C 49 58.85 58.67 11.90
C ASP C 49 58.88 57.73 13.09
N GLY C 50 58.36 58.20 14.20
CA GLY C 50 58.35 57.44 15.43
C GLY C 50 57.61 56.12 15.40
N VAL C 51 56.53 56.06 14.62
CA VAL C 51 55.52 55.05 14.91
C VAL C 51 55.53 53.83 13.97
N LYS C 52 55.39 52.64 14.55
CA LYS C 52 55.31 51.39 13.80
C LYS C 52 53.92 51.19 13.24
N PRO C 53 53.80 50.83 11.94
CA PRO C 53 52.48 50.52 11.38
C PRO C 53 51.82 49.28 11.97
N LEU C 54 50.49 49.26 12.08
CA LEU C 54 49.78 48.04 12.41
C LEU C 54 49.76 47.17 11.18
N ILE C 55 50.54 46.09 11.18
CA ILE C 55 50.52 45.15 10.06
C ILE C 55 49.76 43.90 10.48
N LEU C 56 48.52 43.80 10.00
CA LEU C 56 47.73 42.59 10.13
C LEU C 56 48.43 41.60 9.22
N ARG C 57 48.63 40.38 9.66
CA ARG C 57 49.41 39.52 8.80
C ARG C 57 48.42 38.85 7.81
N ASP C 58 47.71 37.82 8.27
CA ASP C 58 46.73 37.17 7.41
C ASP C 58 45.37 37.55 7.92
N CYS C 59 45.32 38.61 8.73
CA CYS C 59 44.02 39.10 9.17
C CYS C 59 43.43 40.25 8.33
N SER C 60 42.11 40.27 8.32
CA SER C 60 41.34 41.39 7.84
C SER C 60 40.82 42.20 9.01
N VAL C 61 40.45 43.43 8.72
CA VAL C 61 39.92 44.30 9.74
C VAL C 61 38.71 43.70 10.43
N ALA C 62 37.82 43.06 9.70
CA ALA C 62 36.66 42.47 10.37
C ALA C 62 37.11 41.42 11.35
N GLY C 63 38.04 40.58 10.88
CA GLY C 63 38.62 39.49 11.65
C GLY C 63 39.38 39.91 12.90
N TRP C 64 40.14 40.98 12.78
CA TRP C 64 40.79 41.61 13.90
C TRP C 64 39.78 42.01 14.99
N LEU C 65 38.90 42.95 14.67
CA LEU C 65 38.05 43.57 15.68
C LEU C 65 37.04 42.61 16.31
N LEU C 66 36.53 41.65 15.56
CA LEU C 66 35.48 40.84 16.17
C LEU C 66 36.15 39.86 17.06
N GLY C 67 37.43 39.59 16.77
CA GLY C 67 38.25 38.62 17.49
C GLY C 67 38.25 37.18 17.01
N ASN C 68 38.53 36.97 15.73
CA ASN C 68 38.74 35.62 15.20
C ASN C 68 39.89 35.00 15.93
N PRO C 69 39.71 33.77 16.46
CA PRO C 69 40.81 33.07 17.13
C PRO C 69 42.13 33.05 16.35
N MET C 70 42.09 32.95 15.04
CA MET C 70 43.34 32.91 14.30
C MET C 70 44.06 34.24 14.21
N CYS C 71 43.50 35.21 14.91
CA CYS C 71 43.97 36.59 14.88
C CYS C 71 44.56 37.04 16.20
N ASP C 72 44.94 36.08 17.08
CA ASP C 72 45.18 36.40 18.49
C ASP C 72 46.35 37.36 18.70
N GLU C 73 47.28 37.39 17.75
CA GLU C 73 48.42 38.31 17.78
C GLU C 73 48.06 39.76 18.07
N PHE C 74 46.80 40.11 17.83
CA PHE C 74 46.38 41.50 17.88
C PHE C 74 45.41 41.86 18.98
N ILE C 75 45.44 41.16 20.10
CA ILE C 75 44.36 41.39 21.04
C ILE C 75 44.48 42.77 21.70
N ASN C 76 45.70 43.25 21.94
CA ASN C 76 45.81 44.61 22.47
C ASN C 76 46.94 45.48 21.87
N VAL C 77 46.74 45.91 20.63
CA VAL C 77 47.78 46.56 19.86
C VAL C 77 48.12 47.98 20.33
N PRO C 78 49.39 48.39 20.15
CA PRO C 78 49.82 49.77 20.41
C PRO C 78 49.33 50.74 19.34
N GLU C 79 49.44 52.05 19.62
CA GLU C 79 49.14 53.09 18.65
C GLU C 79 49.90 52.91 17.34
N TRP C 80 49.22 53.12 16.21
CA TRP C 80 49.84 52.90 14.92
C TRP C 80 49.94 54.18 14.13
N SER C 81 50.69 54.07 13.05
CA SER C 81 50.85 55.18 12.16
C SER C 81 50.00 54.95 10.91
N TYR C 82 49.85 53.68 10.52
CA TYR C 82 48.95 53.31 9.43
C TYR C 82 48.74 51.82 9.35
N ILE C 83 47.58 51.40 8.89
CA ILE C 83 47.29 49.98 8.91
C ILE C 83 47.65 49.34 7.54
N VAL C 84 48.21 48.12 7.55
CA VAL C 84 48.45 47.37 6.31
C VAL C 84 47.69 46.06 6.30
N GLU C 85 46.90 45.89 5.24
CA GLU C 85 46.02 44.75 5.05
C GLU C 85 46.27 44.19 3.69
N LYS C 86 46.38 42.88 3.60
CA LYS C 86 46.64 42.22 2.33
C LYS C 86 45.38 42.28 1.50
N ALA C 87 45.48 41.88 0.23
CA ALA C 87 44.40 42.15 -0.71
C ALA C 87 43.20 41.29 -0.46
N ASN C 88 43.43 40.04 -0.05
CA ASN C 88 42.33 39.17 0.36
C ASN C 88 42.80 38.29 1.49
N PRO C 89 42.83 38.83 2.70
CA PRO C 89 43.36 38.10 3.85
C PRO C 89 42.65 36.78 4.04
N VAL C 90 43.33 35.77 4.55
CA VAL C 90 42.69 34.47 4.71
C VAL C 90 41.73 34.41 5.93
N ASN C 91 42.07 35.13 7.00
CA ASN C 91 41.26 35.16 8.23
C ASN C 91 40.28 36.32 8.36
N ASP C 92 39.08 36.14 7.80
CA ASP C 92 38.04 37.12 7.96
C ASP C 92 37.05 36.57 8.97
N LEU C 93 35.83 36.31 8.52
CA LEU C 93 34.81 35.82 9.44
C LEU C 93 34.83 34.30 9.50
N CYS C 94 35.41 33.73 10.55
CA CYS C 94 35.62 32.28 10.62
C CYS C 94 34.28 31.54 10.51
N TYR C 95 33.24 32.09 11.14
CA TYR C 95 31.90 31.60 10.95
C TYR C 95 31.38 32.49 9.88
N PRO C 96 30.84 31.90 8.78
CA PRO C 96 30.44 32.54 7.51
C PRO C 96 29.25 33.47 7.63
N GLY C 97 29.42 34.67 7.10
CA GLY C 97 28.35 35.64 7.12
C GLY C 97 28.83 37.01 6.68
N ASP C 98 28.35 38.04 7.37
CA ASP C 98 28.45 39.43 6.91
C ASP C 98 28.71 40.50 7.99
N PHE C 99 29.43 41.53 7.57
CA PHE C 99 29.72 42.66 8.44
C PHE C 99 29.06 43.92 7.89
N ASN C 100 28.01 44.38 8.55
CA ASN C 100 27.19 45.48 8.03
C ASN C 100 27.89 46.83 7.88
N ASP C 101 27.64 47.53 6.79
CA ASP C 101 28.28 48.84 6.57
C ASP C 101 29.80 48.81 6.79
N TYR C 102 30.38 47.68 6.40
CA TYR C 102 31.78 47.39 6.66
C TYR C 102 32.73 48.39 6.04
N GLU C 103 32.40 48.84 4.86
CA GLU C 103 33.30 49.74 4.17
C GLU C 103 33.35 51.07 4.93
N GLU C 104 32.19 51.48 5.44
CA GLU C 104 32.04 52.72 6.19
C GLU C 104 32.79 52.76 7.51
N LEU C 105 32.89 51.60 8.16
CA LEU C 105 33.60 51.41 9.42
C LEU C 105 35.11 51.49 9.21
N LYS C 106 35.57 50.86 8.14
CA LYS C 106 36.95 50.98 7.73
C LYS C 106 37.30 52.44 7.51
N HIS C 107 36.34 53.18 7.04
CA HIS C 107 36.56 54.56 6.72
C HIS C 107 36.82 55.36 8.00
N LEU C 108 36.14 54.98 9.07
CA LEU C 108 36.39 55.54 10.41
C LEU C 108 37.82 55.25 10.87
N LEU C 109 38.29 54.04 10.56
CA LEU C 109 39.60 53.57 11.00
C LEU C 109 40.71 54.36 10.41
N SER C 110 40.44 54.93 9.25
CA SER C 110 41.43 55.66 8.53
C SER C 110 41.65 56.99 9.17
N ARG C 111 40.82 57.28 10.18
CA ARG C 111 40.91 58.53 10.93
C ARG C 111 41.24 58.29 12.44
N ILE C 112 41.62 57.05 12.74
CA ILE C 112 41.91 56.56 14.09
C ILE C 112 43.36 56.07 14.18
N ASN C 113 44.06 56.39 15.27
CA ASN C 113 45.44 55.92 15.47
C ASN C 113 45.58 54.92 16.60
N HIS C 114 44.59 54.83 17.47
CA HIS C 114 44.66 53.91 18.59
C HIS C 114 43.34 53.50 19.23
N PHE C 115 43.21 52.24 19.63
CA PHE C 115 42.06 51.79 20.45
C PHE C 115 42.52 51.43 21.90
N GLU C 116 41.57 51.22 22.79
CA GLU C 116 41.83 50.60 24.10
C GLU C 116 40.67 49.69 24.51
N LYS C 117 40.80 48.41 24.23
CA LYS C 117 39.73 47.45 24.49
C LYS C 117 39.19 47.52 25.92
N ILE C 118 37.88 47.59 26.14
CA ILE C 118 37.38 47.46 27.52
C ILE C 118 36.22 46.50 27.61
N GLN C 119 36.11 45.78 28.71
CA GLN C 119 35.01 44.84 28.86
C GLN C 119 33.73 45.52 29.25
N ILE C 120 32.63 45.24 28.55
CA ILE C 120 31.39 45.91 28.92
C ILE C 120 30.25 44.99 29.34
N ILE C 121 30.34 43.72 29.03
CA ILE C 121 29.41 42.79 29.63
C ILE C 121 30.16 41.48 29.76
N PRO C 122 30.66 41.19 30.98
CA PRO C 122 31.50 40.05 31.35
C PRO C 122 30.83 38.76 30.97
N LYS C 123 31.55 37.89 30.27
CA LYS C 123 30.98 36.65 29.77
C LYS C 123 30.35 35.88 30.94
N SER C 124 30.96 36.03 32.12
CA SER C 124 30.48 35.39 33.34
C SER C 124 29.11 35.89 33.83
N SER C 125 28.71 37.06 33.36
CA SER C 125 27.53 37.75 33.88
C SER C 125 26.18 37.21 33.44
N TRP C 126 26.14 36.36 32.42
CA TRP C 126 24.85 35.85 31.93
C TRP C 126 24.26 34.77 32.83
N SER C 127 23.57 35.18 33.89
CA SER C 127 23.14 34.24 34.92
C SER C 127 22.01 33.30 34.46
N SER C 128 21.17 33.73 33.53
CA SER C 128 20.05 32.85 33.17
C SER C 128 20.15 32.25 31.74
N HIS C 129 21.33 32.38 31.12
CA HIS C 129 21.61 31.75 29.83
C HIS C 129 22.94 30.96 29.71
N GLU C 130 23.13 30.26 28.61
CA GLU C 130 24.39 29.54 28.41
C GLU C 130 25.47 30.23 27.54
N ALA C 131 26.33 30.94 28.25
CA ALA C 131 27.43 31.67 27.65
C ALA C 131 28.56 30.77 27.15
N SER C 132 28.71 29.57 27.72
CA SER C 132 29.94 28.79 27.47
C SER C 132 29.82 27.61 26.47
N LEU C 133 28.71 27.55 25.73
CA LEU C 133 28.46 26.51 24.74
C LEU C 133 28.53 27.12 23.36
N GLY C 134 28.81 28.42 23.31
CA GLY C 134 28.79 29.15 22.05
C GLY C 134 29.97 28.89 21.12
N VAL C 135 30.04 27.69 20.56
CA VAL C 135 31.23 27.25 19.84
C VAL C 135 30.91 26.48 18.55
N SER C 136 31.72 26.74 17.52
CA SER C 136 31.58 26.04 16.25
C SER C 136 32.93 25.54 15.76
N SER C 137 32.88 24.42 15.04
CA SER C 137 34.05 23.82 14.46
C SER C 137 34.71 24.67 13.37
N ALA C 138 33.93 25.62 12.84
CA ALA C 138 34.40 26.56 11.85
C ALA C 138 35.37 27.56 12.44
N CYS C 139 35.32 27.66 13.76
CA CYS C 139 36.02 28.72 14.46
C CYS C 139 37.08 28.15 15.38
N PRO C 140 38.01 27.36 14.84
CA PRO C 140 38.83 26.45 15.64
C PRO C 140 39.96 27.13 16.38
N TYR C 141 40.10 26.92 17.68
CA TYR C 141 41.27 27.51 18.30
C TYR C 141 42.50 26.63 18.09
N GLN C 142 42.66 25.58 18.89
CA GLN C 142 43.73 24.61 18.62
C GLN C 142 43.11 23.26 18.71
N GLY C 143 42.57 22.80 17.59
CA GLY C 143 41.93 21.50 17.55
C GLY C 143 40.55 21.47 18.19
N LYS C 144 40.46 21.86 19.45
CA LYS C 144 39.14 22.11 20.01
C LYS C 144 38.56 23.35 19.30
N SER C 145 37.29 23.24 18.96
CA SER C 145 36.65 24.32 18.25
C SER C 145 36.27 25.40 19.23
N SER C 146 36.17 26.63 18.72
CA SER C 146 36.01 27.81 19.55
C SER C 146 34.99 28.72 18.94
N PHE C 147 35.24 30.03 19.09
CA PHE C 147 34.42 31.12 18.57
C PHE C 147 35.19 32.45 18.51
N PHE C 148 34.61 33.49 17.91
CA PHE C 148 35.11 34.86 18.08
C PHE C 148 35.35 35.19 19.54
N ARG C 149 36.34 36.03 19.84
CA ARG C 149 36.65 36.32 21.25
C ARG C 149 35.86 37.51 21.90
N ASN C 150 35.54 38.52 21.10
CA ASN C 150 34.94 39.73 21.61
C ASN C 150 33.43 39.74 21.58
N VAL C 151 32.80 38.69 21.10
CA VAL C 151 31.34 38.67 21.16
C VAL C 151 30.90 37.35 21.77
N VAL C 152 29.66 37.21 22.23
CA VAL C 152 29.26 35.97 22.87
C VAL C 152 27.97 35.38 22.43
N TRP C 153 28.04 34.15 21.98
CA TRP C 153 26.92 33.44 21.38
C TRP C 153 26.09 32.71 22.43
N LEU C 154 25.16 33.40 23.07
CA LEU C 154 24.32 32.79 24.11
C LEU C 154 23.40 31.69 23.60
N ILE C 155 23.10 30.70 24.45
CA ILE C 155 22.21 29.61 24.07
C ILE C 155 21.26 29.22 25.20
N LYS C 156 20.14 28.55 24.90
CA LYS C 156 19.11 28.22 25.91
C LYS C 156 19.65 27.42 27.09
N LYS C 157 19.08 27.67 28.27
CA LYS C 157 19.50 27.02 29.51
C LYS C 157 18.33 26.23 30.12
N ASP C 158 18.65 25.07 30.68
CA ASP C 158 17.64 24.04 30.91
C ASP C 158 16.96 23.88 29.58
N SER C 159 15.66 24.12 29.54
CA SER C 159 15.03 24.06 28.24
C SER C 159 14.66 25.43 27.74
N THR C 160 14.80 26.46 28.58
CA THR C 160 14.20 27.74 28.22
C THR C 160 15.13 28.95 27.95
N TYR C 161 14.60 29.92 27.21
CA TYR C 161 15.36 31.09 26.84
C TYR C 161 14.53 32.26 27.17
N PRO C 162 14.79 32.82 28.35
CA PRO C 162 14.08 33.97 28.87
C PRO C 162 14.50 35.23 28.15
N THR C 163 13.61 36.21 28.07
CA THR C 163 13.92 37.48 27.42
C THR C 163 15.00 38.27 28.16
N ILE C 164 16.09 38.53 27.43
CA ILE C 164 17.20 39.40 27.81
C ILE C 164 16.88 40.87 27.80
N LYS C 165 17.21 41.57 28.87
CA LYS C 165 17.16 43.01 28.80
C LYS C 165 18.43 43.53 29.51
N ARG C 166 19.41 43.98 28.73
CA ARG C 166 20.71 44.39 29.26
C ARG C 166 21.20 45.62 28.57
N SER C 167 21.88 46.51 29.30
CA SER C 167 22.31 47.76 28.68
C SER C 167 23.61 48.22 29.27
N TYR C 168 24.34 49.03 28.53
CA TYR C 168 25.63 49.52 29.00
C TYR C 168 25.71 51.02 28.77
N ASN C 169 26.16 51.75 29.80
CA ASN C 169 26.31 53.20 29.76
C ASN C 169 27.77 53.61 29.67
N ASN C 170 28.17 54.22 28.56
CA ASN C 170 29.52 54.72 28.35
C ASN C 170 29.82 55.83 29.32
N THR C 171 30.49 55.43 30.39
CA THR C 171 30.92 56.34 31.43
C THR C 171 32.33 56.88 31.17
N ASN C 172 32.83 56.64 29.95
CA ASN C 172 34.19 57.08 29.56
C ASN C 172 34.18 58.45 28.92
N GLN C 173 35.37 58.96 28.67
CA GLN C 173 35.57 60.27 28.07
C GLN C 173 35.39 60.24 26.58
N GLU C 174 35.58 59.05 26.02
CA GLU C 174 35.70 58.90 24.58
C GLU C 174 34.58 58.08 23.96
N ASP C 175 34.55 58.09 22.62
CA ASP C 175 33.57 57.35 21.84
C ASP C 175 33.80 55.83 21.88
N LEU C 176 32.72 55.07 21.84
CA LEU C 176 32.89 53.63 21.94
C LEU C 176 32.47 52.91 20.67
N LEU C 177 33.39 52.28 19.98
CA LEU C 177 32.98 51.39 18.90
C LEU C 177 32.42 50.11 19.53
N VAL C 178 31.15 49.81 19.30
CA VAL C 178 30.55 48.63 19.89
C VAL C 178 30.08 47.64 18.79
N LEU C 179 30.29 46.32 18.96
CA LEU C 179 29.92 45.30 17.93
C LEU C 179 29.01 44.22 18.46
N TRP C 180 28.10 43.73 17.60
CA TRP C 180 27.19 42.62 17.96
C TRP C 180 26.63 41.92 16.70
N GLY C 181 25.68 41.02 16.89
CA GLY C 181 25.19 40.32 15.72
C GLY C 181 24.06 39.35 15.97
N ILE C 182 23.51 38.88 14.87
CA ILE C 182 22.38 38.02 14.97
C ILE C 182 22.73 36.72 14.26
N HIS C 183 22.20 35.61 14.77
CA HIS C 183 22.53 34.34 14.15
C HIS C 183 21.38 33.83 13.29
N HIS C 184 21.66 33.60 12.01
CA HIS C 184 20.67 33.11 11.06
C HIS C 184 20.77 31.61 10.86
N PRO C 185 19.85 30.84 11.47
CA PRO C 185 19.78 29.38 11.47
C PRO C 185 19.35 28.81 10.14
N ASN C 186 19.29 27.48 10.08
CA ASN C 186 18.92 26.80 8.87
C ASN C 186 17.50 26.32 8.75
N ASP C 187 16.88 25.92 9.84
CA ASP C 187 15.47 25.52 9.73
C ASP C 187 14.78 25.58 11.06
N ALA C 188 13.50 25.25 11.03
CA ALA C 188 12.68 25.41 12.19
C ALA C 188 13.25 24.72 13.43
N ALA C 189 13.57 23.45 13.29
CA ALA C 189 14.05 22.66 14.44
C ALA C 189 15.36 23.16 15.08
N GLU C 190 16.33 23.53 14.25
CA GLU C 190 17.59 24.07 14.75
C GLU C 190 17.31 25.24 15.60
N GLN C 191 16.40 26.08 15.13
CA GLN C 191 16.06 27.30 15.83
C GLN C 191 15.60 26.98 17.23
N THR C 192 14.56 26.17 17.31
CA THR C 192 13.98 25.88 18.62
C THR C 192 14.95 25.00 19.44
N LYS C 193 15.79 24.23 18.76
CA LYS C 193 16.87 23.46 19.43
C LYS C 193 17.83 24.36 20.20
N LEU C 194 18.26 25.42 19.53
CA LEU C 194 19.19 26.38 20.06
C LEU C 194 18.66 27.46 21.04
N TYR C 195 17.45 27.95 20.80
CA TYR C 195 16.93 29.11 21.52
C TYR C 195 15.53 28.91 22.14
N GLN C 196 14.97 27.72 21.98
CA GLN C 196 13.64 27.42 22.52
C GLN C 196 12.48 28.18 21.90
N ASN C 197 12.49 29.50 22.00
CA ASN C 197 11.45 30.31 21.36
C ASN C 197 11.51 30.19 19.82
N PRO C 198 10.35 29.99 19.17
CA PRO C 198 10.49 29.79 17.72
C PRO C 198 10.50 31.11 16.93
N THR C 199 9.76 32.13 17.40
CA THR C 199 9.78 33.44 16.75
C THR C 199 10.47 34.44 17.65
N THR C 200 11.55 35.03 17.13
CA THR C 200 12.47 35.85 17.91
C THR C 200 12.87 37.20 17.31
N TYR C 201 13.53 38.01 18.13
CA TYR C 201 13.92 39.36 17.72
C TYR C 201 15.13 39.87 18.51
N ILE C 202 15.80 40.86 17.92
CA ILE C 202 16.81 41.62 18.62
C ILE C 202 16.60 43.10 18.41
N SER C 203 16.26 43.82 19.48
CA SER C 203 16.14 45.29 19.47
C SER C 203 17.40 45.92 20.06
N VAL C 204 17.79 47.07 19.53
CA VAL C 204 18.96 47.78 20.00
C VAL C 204 18.70 49.27 20.05
N GLY C 205 18.79 49.90 21.23
CA GLY C 205 18.48 51.30 21.28
C GLY C 205 19.60 52.17 21.81
N THR C 206 19.76 53.31 21.16
CA THR C 206 20.74 54.31 21.48
C THR C 206 19.98 55.64 21.54
N SER C 207 20.69 56.73 21.72
CA SER C 207 20.10 58.01 21.52
C SER C 207 19.84 58.21 20.02
N THR C 208 20.61 57.57 19.15
CA THR C 208 20.38 57.82 17.73
C THR C 208 19.98 56.56 16.95
N LEU C 209 20.21 55.38 17.52
CA LEU C 209 19.84 54.08 16.94
C LEU C 209 18.38 53.69 17.26
N ASN C 210 17.76 52.95 16.35
CA ASN C 210 16.45 52.36 16.59
C ASN C 210 16.37 51.14 15.75
N GLN C 211 16.87 50.02 16.26
CA GLN C 211 17.08 48.87 15.41
C GLN C 211 16.29 47.67 15.91
N ARG C 212 15.61 46.99 15.01
CA ARG C 212 15.03 45.73 15.41
C ARG C 212 15.29 44.66 14.39
N LEU C 213 16.22 43.75 14.75
CA LEU C 213 16.66 42.65 13.89
C LEU C 213 15.85 41.39 14.10
N VAL C 214 15.54 40.73 12.98
CA VAL C 214 14.89 39.43 13.04
C VAL C 214 15.66 38.40 12.21
N PRO C 215 15.87 37.18 12.76
CA PRO C 215 16.54 36.07 12.07
C PRO C 215 15.82 35.64 10.81
N ARG C 216 16.63 35.24 9.84
CA ARG C 216 16.20 35.14 8.48
C ARG C 216 16.46 33.73 7.95
N ILE C 217 15.48 32.85 8.13
CA ILE C 217 15.64 31.44 7.72
C ILE C 217 15.66 31.20 6.19
N ALA C 218 16.68 30.44 5.76
CA ALA C 218 16.90 30.20 4.35
C ALA C 218 17.82 28.99 4.14
N THR C 219 17.62 28.31 3.02
CA THR C 219 18.45 27.19 2.66
C THR C 219 19.58 27.69 1.81
N ARG C 220 20.80 27.61 2.30
CA ARG C 220 21.87 28.26 1.59
C ARG C 220 22.92 27.21 1.28
N SER C 221 23.82 27.55 0.36
CA SER C 221 24.98 26.74 0.06
C SER C 221 25.78 26.55 1.32
N LYS C 222 26.49 25.44 1.42
CA LYS C 222 27.40 25.34 2.56
C LYS C 222 28.63 26.17 2.27
N VAL C 223 29.02 26.94 3.27
CA VAL C 223 30.30 27.63 3.25
C VAL C 223 31.05 27.29 4.52
N LYS C 224 32.28 26.79 4.32
CA LYS C 224 33.08 26.20 5.38
C LYS C 224 32.26 25.17 6.15
N GLY C 225 31.43 24.42 5.45
CA GLY C 225 30.69 23.33 6.06
C GLY C 225 29.44 23.73 6.77
N LEU C 226 29.24 25.03 6.87
CA LEU C 226 28.08 25.48 7.58
C LEU C 226 27.08 26.06 6.63
N SER C 227 25.81 25.90 6.98
CA SER C 227 24.75 26.43 6.15
C SER C 227 24.11 27.68 6.73
N GLY C 228 24.19 27.83 8.05
CA GLY C 228 23.69 29.00 8.76
C GLY C 228 24.64 30.16 8.57
N ARG C 229 24.22 31.35 9.01
CA ARG C 229 25.05 32.53 8.85
C ARG C 229 25.10 33.43 10.08
N MET C 230 26.15 34.24 10.13
CA MET C 230 26.34 35.17 11.21
C MET C 230 26.33 36.54 10.56
N GLU C 231 25.58 37.50 11.10
CA GLU C 231 25.60 38.88 10.57
C GLU C 231 25.85 39.88 11.68
N PHE C 232 26.89 40.67 11.52
CA PHE C 232 27.40 41.53 12.60
C PHE C 232 27.06 42.98 12.38
N PHE C 233 26.93 43.77 13.46
CA PHE C 233 26.48 45.18 13.37
C PHE C 233 27.33 46.10 14.23
N TRP C 234 27.42 47.39 13.91
CA TRP C 234 28.21 48.24 14.80
C TRP C 234 27.74 49.68 14.92
N THR C 235 27.96 50.29 16.07
CA THR C 235 27.65 51.69 16.24
C THR C 235 28.63 52.39 17.17
N ILE C 236 28.69 53.71 17.07
CA ILE C 236 29.52 54.48 17.98
C ILE C 236 28.68 54.95 19.15
N LEU C 237 29.14 54.68 20.35
CA LEU C 237 28.40 55.02 21.55
C LEU C 237 29.09 56.21 22.13
N LYS C 238 28.37 57.32 22.06
CA LYS C 238 28.76 58.63 22.54
C LYS C 238 29.01 58.71 24.06
N PRO C 239 29.96 59.58 24.49
CA PRO C 239 30.16 59.67 25.93
C PRO C 239 28.84 59.98 26.62
N ASN C 240 28.55 59.23 27.66
CA ASN C 240 27.36 59.36 28.51
C ASN C 240 26.10 58.86 27.89
N ASP C 241 26.25 58.17 26.78
CA ASP C 241 25.09 57.55 26.19
C ASP C 241 25.09 56.10 26.56
N ALA C 242 23.91 55.50 26.66
CA ALA C 242 23.82 54.10 26.97
C ALA C 242 23.12 53.36 25.86
N ILE C 243 23.60 52.17 25.57
CA ILE C 243 22.98 51.28 24.62
C ILE C 243 22.18 50.16 25.28
N ASN C 244 21.00 49.81 24.77
CA ASN C 244 20.19 48.80 25.44
C ASN C 244 19.81 47.67 24.50
N PHE C 245 20.18 46.44 24.86
CA PHE C 245 19.84 45.23 24.11
C PHE C 245 18.65 44.46 24.71
N GLU C 246 17.71 44.05 23.86
CA GLU C 246 16.65 43.13 24.25
C GLU C 246 16.51 42.13 23.16
N SER C 247 16.60 40.86 23.56
CA SER C 247 16.49 39.80 22.59
C SER C 247 15.88 38.57 23.20
N ASN C 248 15.88 37.51 22.43
CA ASN C 248 14.87 36.53 22.61
C ASN C 248 15.37 35.16 22.07
N GLY C 249 16.57 35.22 21.48
CA GLY C 249 17.21 34.10 20.84
C GLY C 249 18.10 34.66 19.72
N ASN C 250 18.95 33.84 19.11
CA ASN C 250 19.74 34.25 17.96
C ASN C 250 20.56 35.49 18.20
N PHE C 251 20.74 35.83 19.47
CA PHE C 251 21.47 37.02 19.85
C PHE C 251 22.93 36.67 20.09
N ILE C 252 23.82 37.36 19.38
CA ILE C 252 25.25 37.29 19.62
C ILE C 252 25.70 38.57 20.29
N ALA C 253 25.90 38.51 21.62
CA ALA C 253 26.08 39.68 22.54
C ALA C 253 27.51 40.23 22.58
N PRO C 254 27.69 41.52 22.90
CA PRO C 254 29.12 41.83 22.99
C PRO C 254 29.69 41.47 24.35
N GLU C 255 31.03 41.38 24.43
CA GLU C 255 31.73 41.39 25.72
C GLU C 255 32.69 42.54 25.73
N TYR C 256 33.53 42.66 24.70
CA TYR C 256 34.49 43.78 24.63
C TYR C 256 34.11 44.84 23.63
N ALA C 257 34.49 46.09 23.93
CA ALA C 257 34.24 47.23 23.06
C ALA C 257 35.56 47.97 22.82
N TYR C 258 35.60 49.01 21.99
CA TYR C 258 36.89 49.69 21.83
C TYR C 258 36.73 51.17 22.03
N LYS C 259 37.57 51.76 22.89
CA LYS C 259 37.61 53.20 23.12
C LYS C 259 38.51 53.95 22.12
N ILE C 260 37.98 54.97 21.45
CA ILE C 260 38.82 55.71 20.51
C ILE C 260 39.69 56.64 21.29
N VAL C 261 40.98 56.41 21.26
CA VAL C 261 41.81 57.00 22.27
C VAL C 261 42.70 58.06 21.68
N LYS C 262 43.02 57.89 20.40
CA LYS C 262 43.66 58.98 19.69
C LYS C 262 43.23 58.96 18.22
N LYS C 263 42.74 60.10 17.72
CA LYS C 263 42.39 60.23 16.31
C LYS C 263 43.49 60.99 15.56
N GLY C 264 43.48 60.91 14.23
CA GLY C 264 44.51 61.56 13.46
C GLY C 264 44.71 61.08 12.03
N ASP C 265 45.77 61.58 11.40
CA ASP C 265 46.13 61.16 10.07
C ASP C 265 46.47 59.70 10.04
N SER C 266 45.93 58.99 9.06
CA SER C 266 46.26 57.60 8.84
C SER C 266 45.52 57.07 7.63
N THR C 267 45.90 55.87 7.20
CA THR C 267 45.22 55.21 6.09
C THR C 267 45.27 53.69 6.29
N ILE C 268 44.37 52.96 5.63
CA ILE C 268 44.52 51.52 5.49
C ILE C 268 45.19 51.30 4.17
N MET C 269 46.38 50.72 4.25
CA MET C 269 47.20 50.54 3.07
C MET C 269 47.11 49.09 2.58
N LYS C 270 46.74 48.90 1.30
CA LYS C 270 46.73 47.55 0.73
C LYS C 270 48.13 47.15 0.27
N SER C 271 48.68 46.11 0.87
CA SER C 271 50.02 45.64 0.48
C SER C 271 50.30 44.25 0.94
N GLU C 272 51.07 43.52 0.14
CA GLU C 272 51.42 42.14 0.48
C GLU C 272 52.65 42.09 1.37
N LEU C 273 53.49 43.11 1.24
CA LEU C 273 54.77 43.17 1.93
C LEU C 273 54.65 43.00 3.44
N GLU C 274 55.82 42.85 4.09
CA GLU C 274 55.87 42.79 5.55
C GLU C 274 56.84 43.81 6.16
N TYR C 275 56.97 43.75 7.49
CA TYR C 275 57.68 44.79 8.25
C TYR C 275 59.19 44.80 8.09
N GLY C 276 59.74 45.92 7.64
CA GLY C 276 61.14 45.96 7.26
C GLY C 276 62.14 46.36 8.32
N ASN C 277 61.65 46.59 9.53
CA ASN C 277 62.50 47.02 10.62
C ASN C 277 63.24 48.27 10.23
N CYS C 278 62.55 49.15 9.51
CA CYS C 278 63.17 50.41 9.10
C CYS C 278 62.33 51.65 9.48
N ASN C 279 62.64 52.77 8.86
CA ASN C 279 61.91 53.99 9.15
C ASN C 279 62.10 55.01 8.03
N THR C 280 61.02 55.66 7.62
CA THR C 280 61.11 56.80 6.70
C THR C 280 60.13 57.89 7.05
N LYS C 281 60.11 58.92 6.22
CA LYS C 281 59.15 59.99 6.39
C LYS C 281 58.09 59.90 5.28
N CYS C 282 58.24 58.90 4.41
CA CYS C 282 57.29 58.60 3.32
C CYS C 282 57.19 57.10 3.00
N GLN C 283 55.97 56.57 3.02
CA GLN C 283 55.75 55.15 2.79
C GLN C 283 54.77 54.86 1.64
N THR C 284 55.02 53.79 0.90
CA THR C 284 54.30 53.40 -0.31
C THR C 284 53.96 51.92 -0.22
N PRO C 285 52.85 51.46 -0.84
CA PRO C 285 52.50 50.03 -0.76
C PRO C 285 53.57 49.11 -1.39
N MET C 286 54.52 49.70 -2.08
CA MET C 286 55.57 48.95 -2.74
C MET C 286 56.92 49.10 -2.04
N GLY C 287 57.08 50.17 -1.26
CA GLY C 287 58.30 50.37 -0.50
C GLY C 287 58.46 51.81 -0.04
N ALA C 288 59.41 52.06 0.87
CA ALA C 288 59.57 53.40 1.41
C ALA C 288 60.36 54.28 0.44
N ILE C 289 60.16 55.59 0.53
CA ILE C 289 60.89 56.51 -0.33
C ILE C 289 61.80 57.39 0.50
N ASN C 290 63.01 57.58 -0.03
CA ASN C 290 63.97 58.54 0.50
C ASN C 290 64.46 59.44 -0.63
N SER C 291 63.89 60.65 -0.71
CA SER C 291 64.21 61.58 -1.79
C SER C 291 63.86 63.02 -1.48
N SER C 292 64.60 63.93 -2.12
CA SER C 292 64.34 65.37 -2.00
C SER C 292 63.61 65.84 -3.25
N MET C 293 63.69 65.04 -4.31
CA MET C 293 63.01 65.31 -5.58
C MET C 293 61.54 65.74 -5.39
N PRO C 294 61.06 66.64 -6.27
CA PRO C 294 59.67 67.09 -6.22
C PRO C 294 58.68 66.09 -6.83
N PHE C 295 59.17 65.11 -7.57
CA PHE C 295 58.30 64.17 -8.26
C PHE C 295 58.75 62.72 -8.07
N HIS C 296 57.79 61.80 -7.97
CA HIS C 296 58.11 60.39 -7.98
C HIS C 296 57.10 59.65 -8.87
N ASN C 297 57.35 58.36 -9.14
CA ASN C 297 56.41 57.58 -9.95
C ASN C 297 56.15 56.20 -9.36
N ILE C 298 56.31 56.05 -8.06
CA ILE C 298 56.24 54.74 -7.44
C ILE C 298 54.82 54.19 -7.40
N HIS C 299 53.91 54.91 -6.75
CA HIS C 299 52.54 54.46 -6.48
C HIS C 299 51.74 55.67 -5.96
N PRO C 300 50.54 55.92 -6.50
CA PRO C 300 49.80 57.16 -6.20
C PRO C 300 49.31 57.27 -4.75
N LEU C 301 49.16 56.14 -4.09
CA LEU C 301 48.57 56.08 -2.75
C LEU C 301 49.61 56.09 -1.66
N THR C 302 50.01 57.27 -1.19
CA THR C 302 51.11 57.36 -0.22
C THR C 302 50.70 57.92 1.16
N ILE C 303 51.52 57.66 2.17
CA ILE C 303 51.27 58.30 3.46
C ILE C 303 52.55 58.89 4.00
N GLY C 304 52.42 60.05 4.63
CA GLY C 304 53.57 60.79 5.16
C GLY C 304 53.95 61.99 4.32
N GLU C 305 55.08 62.60 4.68
CA GLU C 305 55.58 63.81 4.00
C GLU C 305 56.23 63.46 2.65
N CYS C 306 55.45 63.53 1.56
CA CYS C 306 55.84 62.96 0.27
C CYS C 306 55.98 63.85 -0.98
N PRO C 307 56.84 63.43 -1.94
CA PRO C 307 56.92 63.96 -3.30
C PRO C 307 55.62 63.78 -4.09
N LYS C 308 55.39 64.61 -5.10
CA LYS C 308 54.15 64.54 -5.86
C LYS C 308 54.18 63.46 -6.92
N TYR C 309 53.16 62.62 -6.94
CA TYR C 309 53.10 61.51 -7.89
C TYR C 309 52.79 61.97 -9.33
N VAL C 310 53.52 61.40 -10.29
CA VAL C 310 53.18 61.57 -11.70
C VAL C 310 53.41 60.26 -12.44
N LYS C 311 52.83 60.16 -13.63
CA LYS C 311 52.88 58.92 -14.40
C LYS C 311 54.03 58.88 -15.38
N SER C 312 54.92 59.87 -15.32
CA SER C 312 56.05 59.98 -16.26
C SER C 312 57.21 59.01 -16.04
N ASN C 313 57.88 58.70 -17.16
CA ASN C 313 59.06 57.85 -17.15
C ASN C 313 60.34 58.64 -16.91
N ARG C 314 60.34 59.92 -17.27
CA ARG C 314 61.54 60.72 -17.18
C ARG C 314 61.21 62.20 -16.99
N LEU C 315 61.86 62.84 -16.03
CA LEU C 315 61.72 64.29 -15.91
C LEU C 315 63.05 64.98 -15.61
N VAL C 316 63.67 65.52 -16.65
CA VAL C 316 64.97 66.18 -16.48
C VAL C 316 64.93 67.59 -17.00
N LEU C 317 65.38 68.52 -16.16
CA LEU C 317 65.44 69.94 -16.47
C LEU C 317 66.79 70.35 -17.04
N ALA C 318 66.78 71.40 -17.86
CA ALA C 318 68.01 72.01 -18.36
C ALA C 318 68.35 73.28 -17.58
N THR C 319 69.54 73.31 -16.99
CA THR C 319 70.00 74.47 -16.24
C THR C 319 71.11 75.20 -16.97
N GLY C 320 72.03 74.43 -17.54
CA GLY C 320 73.13 74.98 -18.31
C GLY C 320 72.74 75.27 -19.74
N LEU C 321 73.72 75.46 -20.61
CA LEU C 321 73.45 75.75 -22.00
C LEU C 321 73.88 74.63 -22.95
N ARG C 322 73.46 74.74 -24.21
CA ARG C 322 73.64 73.69 -25.21
C ARG C 322 75.10 73.27 -25.35
N ASN C 323 75.33 71.96 -25.42
CA ASN C 323 76.66 71.39 -25.50
C ASN C 323 77.03 71.23 -26.98
N SER C 324 78.33 71.36 -27.29
CA SER C 324 78.85 71.52 -28.65
C SER C 324 78.15 70.69 -29.73
N PRO C 325 77.84 71.33 -30.88
CA PRO C 325 77.02 70.81 -31.99
C PRO C 325 77.28 69.34 -32.33
N ASP D 2 -18.30 -83.77 42.18
CA ASP D 2 -19.07 -82.93 41.27
C ASP D 2 -18.56 -81.48 41.33
N PRO D 3 -18.26 -80.89 40.16
CA PRO D 3 -17.92 -79.46 40.12
C PRO D 3 -19.10 -78.48 40.14
N GLY D 4 -19.15 -77.61 41.14
CA GLY D 4 -20.15 -76.56 41.20
C GLY D 4 -19.63 -75.52 40.23
N ASP D 5 -20.49 -74.65 39.68
CA ASP D 5 -20.07 -73.75 38.60
C ASP D 5 -18.85 -72.93 38.98
N GLN D 6 -17.99 -72.69 37.97
CA GLN D 6 -16.68 -72.08 38.17
C GLN D 6 -16.38 -70.96 37.18
N ILE D 7 -15.65 -69.94 37.63
CA ILE D 7 -15.15 -68.90 36.73
C ILE D 7 -13.71 -68.46 37.05
N CYS D 8 -12.87 -68.33 36.02
CA CYS D 8 -11.48 -67.98 36.20
C CYS D 8 -11.04 -66.76 35.40
N ILE D 9 -10.03 -66.07 35.93
CA ILE D 9 -9.45 -64.90 35.30
C ILE D 9 -8.02 -65.18 34.85
N GLY D 10 -7.70 -64.85 33.60
CA GLY D 10 -6.36 -65.12 33.11
C GLY D 10 -5.85 -64.13 32.08
N TYR D 11 -4.64 -64.37 31.59
CA TYR D 11 -4.01 -63.47 30.65
C TYR D 11 -3.42 -64.19 29.44
N HIS D 12 -3.09 -63.42 28.41
CA HIS D 12 -2.63 -63.98 27.14
C HIS D 12 -1.26 -64.65 27.19
N ALA D 13 -1.05 -65.63 26.32
CA ALA D 13 0.25 -66.21 26.07
C ALA D 13 0.31 -66.69 24.61
N ASN D 14 1.52 -66.94 24.11
CA ASN D 14 1.69 -67.41 22.73
C ASN D 14 3.04 -68.07 22.51
N ASN D 15 3.53 -68.03 21.28
CA ASN D 15 4.73 -68.73 20.85
CA ASN D 15 4.77 -68.75 21.01
C ASN D 15 5.94 -67.81 20.69
N SER D 16 5.84 -66.60 21.22
CA SER D 16 6.85 -65.56 21.00
C SER D 16 8.05 -65.67 21.96
N THR D 17 9.25 -65.62 21.39
CA THR D 17 10.49 -65.63 22.16
C THR D 17 11.23 -64.30 22.09
N GLU D 18 10.50 -63.23 21.76
CA GLU D 18 11.06 -61.88 21.87
C GLU D 18 11.51 -61.61 23.31
N GLN D 19 12.73 -61.12 23.47
CA GLN D 19 13.27 -60.86 24.79
C GLN D 19 13.57 -59.39 24.92
N VAL D 20 13.14 -58.80 26.03
CA VAL D 20 13.48 -57.44 26.32
C VAL D 20 14.35 -57.42 27.56
N ASP D 21 14.74 -56.23 27.98
CA ASP D 21 15.52 -56.05 29.19
C ASP D 21 14.76 -55.11 30.13
N THR D 22 15.20 -55.05 31.39
CA THR D 22 14.63 -54.16 32.39
C THR D 22 15.77 -53.80 33.31
N ILE D 23 15.66 -52.75 34.11
CA ILE D 23 16.77 -52.39 34.98
C ILE D 23 17.22 -53.51 35.92
N MET D 24 16.29 -54.40 36.29
CA MET D 24 16.56 -55.43 37.29
C MET D 24 16.69 -56.83 36.69
N GLU D 25 16.26 -56.99 35.44
CA GLU D 25 16.16 -58.31 34.86
C GLU D 25 16.53 -58.28 33.38
N LYS D 26 17.39 -59.21 32.95
CA LYS D 26 17.79 -59.24 31.54
C LYS D 26 17.16 -60.37 30.72
N ASN D 27 16.98 -60.14 29.43
CA ASN D 27 16.49 -61.18 28.48
C ASN D 27 15.11 -61.75 28.86
N VAL D 28 14.23 -60.89 29.39
CA VAL D 28 12.86 -61.26 29.76
C VAL D 28 11.97 -61.53 28.55
N THR D 29 11.47 -62.75 28.44
CA THR D 29 10.66 -63.12 27.29
C THR D 29 9.21 -62.67 27.46
N VAL D 30 8.70 -61.97 26.46
CA VAL D 30 7.36 -61.37 26.57
C VAL D 30 6.51 -61.74 25.37
N THR D 31 5.23 -61.40 25.46
CA THR D 31 4.27 -61.77 24.43
C THR D 31 4.50 -60.97 23.17
N HIS D 32 4.63 -59.66 23.34
CA HIS D 32 4.87 -58.76 22.21
C HIS D 32 6.03 -57.75 22.45
N ALA D 33 6.78 -57.50 21.38
CA ALA D 33 7.90 -56.56 21.43
C ALA D 33 7.81 -55.53 20.30
N GLN D 34 8.66 -54.51 20.41
CA GLN D 34 8.74 -53.40 19.48
C GLN D 34 10.19 -52.95 19.33
N ASP D 35 10.86 -53.32 18.24
CA ASP D 35 12.22 -52.78 18.01
C ASP D 35 12.16 -51.35 17.50
N ILE D 36 13.01 -50.47 18.01
CA ILE D 36 13.03 -49.08 17.55
C ILE D 36 14.38 -48.64 16.93
N LEU D 37 15.32 -49.56 16.81
CA LEU D 37 16.62 -49.24 16.23
C LEU D 37 16.88 -49.87 14.87
N GLU D 38 17.12 -49.04 13.87
CA GLU D 38 17.44 -49.52 12.53
C GLU D 38 18.95 -49.76 12.45
N LYS D 39 19.36 -50.95 12.00
CA LYS D 39 20.77 -51.27 12.03
C LYS D 39 21.36 -51.55 10.67
N LYS D 40 20.53 -51.70 9.63
CA LYS D 40 21.07 -52.05 8.31
C LYS D 40 20.98 -50.90 7.31
N HIS D 41 22.06 -50.71 6.54
CA HIS D 41 22.10 -49.76 5.44
C HIS D 41 22.56 -50.46 4.18
N ASN D 42 22.69 -49.73 3.08
CA ASN D 42 22.97 -50.38 1.80
C ASN D 42 24.39 -50.21 1.22
N GLY D 43 25.35 -49.80 2.03
CA GLY D 43 26.73 -49.68 1.59
C GLY D 43 26.99 -48.88 0.34
N LYS D 44 26.03 -48.08 -0.07
CA LYS D 44 26.16 -47.33 -1.30
C LYS D 44 25.88 -45.83 -1.17
N LEU D 45 26.52 -45.03 -2.03
CA LEU D 45 26.24 -43.59 -2.11
C LEU D 45 25.15 -43.25 -3.12
N CYS D 46 24.05 -42.66 -2.66
CA CYS D 46 22.91 -42.45 -3.53
C CYS D 46 22.55 -41.02 -3.87
N ASP D 47 21.61 -40.91 -4.78
CA ASP D 47 20.96 -39.66 -4.97
C ASP D 47 20.19 -39.40 -3.67
N LEU D 48 19.85 -38.12 -3.44
CA LEU D 48 19.09 -37.67 -2.29
C LEU D 48 17.81 -37.05 -2.78
N ASP D 49 16.71 -37.77 -2.59
CA ASP D 49 15.48 -37.50 -3.34
C ASP D 49 15.90 -37.40 -4.79
N GLY D 50 15.66 -36.28 -5.42
CA GLY D 50 16.07 -36.16 -6.80
C GLY D 50 17.55 -36.20 -7.19
N VAL D 51 18.41 -35.66 -6.35
CA VAL D 51 19.69 -35.14 -6.86
C VAL D 51 20.92 -35.99 -6.64
N LYS D 52 21.72 -36.08 -7.70
CA LYS D 52 22.94 -36.88 -7.64
C LYS D 52 24.02 -36.03 -6.94
N PRO D 53 24.70 -36.64 -5.96
CA PRO D 53 25.80 -36.01 -5.24
C PRO D 53 26.95 -35.74 -6.12
N LEU D 54 27.72 -34.69 -5.86
CA LEU D 54 29.01 -34.50 -6.51
C LEU D 54 30.06 -35.38 -5.86
N ILE D 55 30.55 -36.36 -6.60
CA ILE D 55 31.66 -37.16 -6.10
C ILE D 55 33.00 -36.88 -6.78
N LEU D 56 33.85 -36.12 -6.07
CA LEU D 56 35.24 -35.89 -6.47
C LEU D 56 35.86 -37.27 -6.29
N ARG D 57 36.61 -37.75 -7.25
CA ARG D 57 37.05 -39.12 -7.08
C ARG D 57 38.37 -39.09 -6.34
N ASP D 58 39.43 -38.82 -7.06
CA ASP D 58 40.76 -38.78 -6.50
C ASP D 58 41.07 -37.32 -6.40
N CYS D 59 39.99 -36.53 -6.47
CA CYS D 59 40.11 -35.10 -6.26
C CYS D 59 39.80 -34.57 -4.84
N SER D 60 40.48 -33.46 -4.54
CA SER D 60 40.19 -32.59 -3.41
C SER D 60 39.44 -31.33 -3.82
N VAL D 61 38.79 -30.69 -2.86
CA VAL D 61 38.10 -29.41 -3.13
C VAL D 61 39.11 -28.40 -3.63
N ALA D 62 40.30 -28.37 -3.08
CA ALA D 62 41.24 -27.41 -3.62
C ALA D 62 41.52 -27.73 -5.07
N GLY D 63 41.75 -29.00 -5.39
CA GLY D 63 42.05 -29.43 -6.75
C GLY D 63 40.98 -29.18 -7.82
N TRP D 64 39.74 -29.44 -7.45
CA TRP D 64 38.63 -29.04 -8.30
C TRP D 64 38.65 -27.54 -8.67
N LEU D 65 38.43 -26.69 -7.69
CA LEU D 65 38.16 -25.29 -7.93
C LEU D 65 39.35 -24.60 -8.61
N LEU D 66 40.56 -25.03 -8.29
CA LEU D 66 41.71 -24.27 -8.73
C LEU D 66 42.04 -24.73 -10.13
N GLY D 67 41.55 -25.92 -10.48
CA GLY D 67 41.77 -26.46 -11.81
C GLY D 67 43.00 -27.27 -12.09
N ASN D 68 43.17 -28.31 -11.29
CA ASN D 68 44.19 -29.32 -11.58
C ASN D 68 43.96 -29.99 -12.92
N PRO D 69 45.05 -30.10 -13.74
CA PRO D 69 44.94 -30.85 -14.99
C PRO D 69 44.29 -32.23 -14.80
N MET D 70 44.63 -32.95 -13.75
CA MET D 70 44.07 -34.29 -13.58
C MET D 70 42.60 -34.31 -13.08
N CYS D 71 42.04 -33.13 -12.93
CA CYS D 71 40.71 -33.03 -12.34
C CYS D 71 39.65 -32.57 -13.34
N ASP D 72 39.97 -32.72 -14.63
CA ASP D 72 39.24 -32.12 -15.72
C ASP D 72 37.84 -32.68 -15.79
N GLU D 73 37.64 -33.87 -15.25
CA GLU D 73 36.31 -34.47 -15.19
C GLU D 73 35.31 -33.52 -14.55
N PHE D 74 35.82 -32.58 -13.77
CA PHE D 74 34.94 -31.69 -13.00
C PHE D 74 34.97 -30.30 -13.52
N ILE D 75 35.12 -30.12 -14.83
CA ILE D 75 35.26 -28.75 -15.30
C ILE D 75 33.91 -28.06 -15.21
N ASN D 76 32.80 -28.76 -15.44
CA ASN D 76 31.54 -28.06 -15.24
C ASN D 76 30.38 -28.82 -14.60
N VAL D 77 30.44 -28.94 -13.30
CA VAL D 77 29.57 -29.80 -12.57
C VAL D 77 28.14 -29.35 -12.62
N PRO D 78 27.22 -30.29 -12.58
CA PRO D 78 25.82 -29.98 -12.34
C PRO D 78 25.60 -29.55 -10.94
N GLU D 79 24.44 -28.97 -10.68
CA GLU D 79 23.93 -28.72 -9.34
C GLU D 79 23.89 -30.05 -8.56
N TRP D 80 24.35 -30.00 -7.32
CA TRP D 80 24.47 -31.18 -6.49
C TRP D 80 23.64 -31.18 -5.22
N SER D 81 23.62 -32.33 -4.55
CA SER D 81 22.91 -32.44 -3.30
C SER D 81 23.88 -32.43 -2.12
N TYR D 82 25.07 -32.97 -2.30
CA TYR D 82 26.10 -32.95 -1.26
C TYR D 82 27.43 -33.38 -1.81
N ILE D 83 28.53 -32.85 -1.32
CA ILE D 83 29.78 -33.19 -1.97
C ILE D 83 30.36 -34.37 -1.26
N VAL D 84 31.05 -35.25 -1.98
CA VAL D 84 31.79 -36.34 -1.36
C VAL D 84 33.27 -36.26 -1.71
N GLU D 85 34.13 -36.28 -0.69
CA GLU D 85 35.58 -36.17 -0.83
C GLU D 85 36.25 -37.32 -0.11
N LYS D 86 37.31 -37.92 -0.67
CA LYS D 86 38.04 -38.99 0.06
C LYS D 86 38.87 -38.40 1.19
N ALA D 87 39.40 -39.24 2.06
CA ALA D 87 40.02 -38.74 3.28
C ALA D 87 41.38 -38.14 3.01
N ASN D 88 42.10 -38.65 2.02
CA ASN D 88 43.35 -37.99 1.62
C ASN D 88 43.56 -38.02 0.13
N PRO D 89 42.80 -37.23 -0.63
CA PRO D 89 42.87 -37.21 -2.09
C PRO D 89 44.26 -36.94 -2.64
N VAL D 90 44.54 -37.57 -3.76
CA VAL D 90 45.85 -37.49 -4.43
C VAL D 90 46.11 -36.16 -5.22
N ASN D 91 45.04 -35.67 -5.85
CA ASN D 91 45.09 -34.50 -6.69
C ASN D 91 44.69 -33.26 -5.93
N ASP D 92 45.67 -32.71 -5.24
CA ASP D 92 45.46 -31.50 -4.49
C ASP D 92 46.15 -30.39 -5.21
N LEU D 93 47.12 -29.77 -4.53
CA LEU D 93 47.85 -28.71 -5.21
C LEU D 93 49.01 -29.32 -5.93
N CYS D 94 48.88 -29.48 -7.23
CA CYS D 94 49.93 -30.16 -7.97
C CYS D 94 51.30 -29.46 -7.82
N TYR D 95 51.32 -28.14 -7.90
CA TYR D 95 52.54 -27.41 -7.64
C TYR D 95 52.53 -27.09 -6.17
N PRO D 96 53.61 -27.48 -5.44
CA PRO D 96 53.58 -27.43 -3.98
C PRO D 96 53.49 -26.02 -3.33
N GLY D 97 52.57 -25.94 -2.39
CA GLY D 97 52.39 -24.72 -1.64
C GLY D 97 51.16 -24.87 -0.77
N ASP D 98 50.38 -23.78 -0.73
CA ASP D 98 49.34 -23.61 0.24
C ASP D 98 48.05 -22.94 -0.32
N PHE D 99 46.92 -23.33 0.27
CA PHE D 99 45.61 -22.74 0.00
C PHE D 99 45.22 -22.02 1.27
N ASN D 100 45.23 -20.69 1.20
CA ASN D 100 45.05 -19.83 2.35
C ASN D 100 43.63 -19.86 2.89
N ASP D 101 43.45 -19.83 4.20
CA ASP D 101 42.11 -19.94 4.76
C ASP D 101 41.23 -21.03 4.13
N TYR D 102 41.88 -22.10 3.70
CA TYR D 102 41.23 -23.17 3.01
C TYR D 102 40.14 -23.90 3.80
N GLU D 103 40.31 -24.04 5.11
CA GLU D 103 39.31 -24.81 5.84
C GLU D 103 38.04 -24.02 5.81
N GLU D 104 38.13 -22.71 6.04
CA GLU D 104 36.97 -21.84 6.08
C GLU D 104 36.22 -21.85 4.76
N LEU D 105 36.97 -21.97 3.66
CA LEU D 105 36.38 -21.92 2.34
C LEU D 105 35.54 -23.11 2.12
N LYS D 106 36.08 -24.23 2.49
CA LYS D 106 35.34 -25.46 2.49
C LYS D 106 34.05 -25.24 3.29
N HIS D 107 34.06 -24.29 4.19
CA HIS D 107 32.93 -24.23 5.06
C HIS D 107 31.75 -23.73 4.33
N LEU D 108 32.00 -22.76 3.47
CA LEU D 108 30.98 -22.12 2.65
C LEU D 108 30.26 -23.11 1.72
N LEU D 109 31.07 -24.08 1.25
CA LEU D 109 30.68 -25.07 0.27
C LEU D 109 29.59 -25.95 0.80
N SER D 110 29.52 -26.02 2.11
CA SER D 110 28.55 -26.84 2.74
C SER D 110 27.18 -26.23 2.67
N ARG D 111 27.10 -24.98 2.20
CA ARG D 111 25.80 -24.33 2.02
C ARG D 111 25.54 -23.90 0.57
N ILE D 112 26.35 -24.39 -0.34
CA ILE D 112 26.29 -24.02 -1.73
C ILE D 112 25.89 -25.28 -2.48
N ASN D 113 24.97 -25.18 -3.43
CA ASN D 113 24.58 -26.38 -4.18
C ASN D 113 25.03 -26.28 -5.60
N HIS D 114 25.44 -25.10 -6.04
CA HIS D 114 25.79 -24.98 -7.45
C HIS D 114 26.70 -23.81 -7.75
N PHE D 115 27.68 -23.96 -8.62
CA PHE D 115 28.41 -22.79 -9.09
C PHE D 115 28.05 -22.55 -10.55
N GLU D 116 28.56 -21.43 -11.09
CA GLU D 116 28.57 -21.23 -12.52
C GLU D 116 29.85 -20.56 -12.93
N LYS D 117 30.81 -21.34 -13.37
CA LYS D 117 32.13 -20.81 -13.72
C LYS D 117 32.00 -19.62 -14.70
N ILE D 118 32.64 -18.48 -14.47
CA ILE D 118 32.69 -17.46 -15.52
C ILE D 118 34.05 -16.88 -15.74
N GLN D 119 34.38 -16.53 -16.98
CA GLN D 119 35.64 -15.87 -17.26
C GLN D 119 35.61 -14.42 -16.82
N ILE D 120 36.59 -13.98 -16.05
CA ILE D 120 36.58 -12.58 -15.65
C ILE D 120 37.81 -11.80 -16.11
N ILE D 121 38.83 -12.51 -16.59
CA ILE D 121 39.99 -11.90 -17.26
C ILE D 121 40.49 -12.89 -18.32
N PRO D 122 40.24 -12.59 -19.61
CA PRO D 122 40.53 -13.42 -20.78
C PRO D 122 41.99 -13.76 -20.92
N LYS D 123 42.34 -15.02 -21.11
CA LYS D 123 43.76 -15.41 -21.20
C LYS D 123 44.45 -14.66 -22.37
N SER D 124 43.67 -14.43 -23.42
CA SER D 124 44.07 -13.68 -24.62
C SER D 124 44.35 -12.21 -24.32
N SER D 125 43.82 -11.74 -23.21
CA SER D 125 43.95 -10.36 -22.89
C SER D 125 45.37 -10.05 -22.44
N TRP D 126 46.15 -11.09 -22.15
CA TRP D 126 47.54 -10.87 -21.71
C TRP D 126 48.45 -10.56 -22.90
N SER D 127 48.37 -9.33 -23.39
CA SER D 127 49.03 -8.97 -24.63
C SER D 127 50.54 -8.68 -24.50
N SER D 128 51.00 -8.19 -23.35
CA SER D 128 52.42 -7.83 -23.23
C SER D 128 53.23 -8.76 -22.29
N HIS D 129 52.62 -9.89 -21.95
CA HIS D 129 53.27 -10.94 -21.18
C HIS D 129 53.09 -12.31 -21.82
N GLU D 130 53.73 -13.31 -21.24
CA GLU D 130 53.65 -14.67 -21.76
C GLU D 130 52.67 -15.60 -21.00
N ALA D 131 51.46 -15.80 -21.51
CA ALA D 131 50.53 -16.71 -20.82
C ALA D 131 50.97 -18.16 -20.97
N SER D 132 51.69 -18.48 -22.05
CA SER D 132 51.88 -19.89 -22.42
C SER D 132 53.24 -20.51 -22.06
N LEU D 133 54.02 -19.88 -21.19
CA LEU D 133 55.28 -20.47 -20.77
C LEU D 133 55.11 -20.94 -19.34
N GLY D 134 53.96 -20.60 -18.79
CA GLY D 134 53.67 -20.83 -17.39
C GLY D 134 53.29 -22.26 -17.10
N VAL D 135 54.27 -23.12 -17.19
CA VAL D 135 53.93 -24.52 -17.21
C VAL D 135 54.89 -25.37 -16.38
N SER D 136 54.39 -26.33 -15.61
CA SER D 136 55.33 -27.11 -14.83
C SER D 136 55.13 -28.57 -14.80
N SER D 137 56.28 -29.21 -14.62
CA SER D 137 56.48 -30.63 -14.47
C SER D 137 55.85 -31.23 -13.21
N ALA D 138 55.54 -30.40 -12.23
CA ALA D 138 54.76 -30.86 -11.08
C ALA D 138 53.28 -31.05 -11.46
N CYS D 139 52.94 -30.40 -12.58
CA CYS D 139 51.56 -30.19 -12.99
C CYS D 139 51.14 -30.80 -14.33
N PRO D 140 51.38 -32.10 -14.47
CA PRO D 140 51.41 -32.84 -15.72
C PRO D 140 50.04 -33.13 -16.26
N TYR D 141 49.77 -32.87 -17.53
CA TYR D 141 48.47 -33.27 -18.06
C TYR D 141 48.54 -34.73 -18.29
N GLN D 142 49.07 -35.17 -19.41
CA GLN D 142 49.31 -36.59 -19.49
C GLN D 142 50.69 -36.64 -20.05
N GLY D 143 51.66 -36.50 -19.15
CA GLY D 143 53.03 -36.43 -19.61
C GLY D 143 53.39 -35.08 -20.19
N LYS D 144 52.44 -34.44 -20.87
CA LYS D 144 52.62 -33.04 -21.27
C LYS D 144 52.65 -32.26 -19.97
N SER D 145 53.70 -31.48 -19.72
CA SER D 145 53.69 -30.82 -18.44
C SER D 145 52.76 -29.65 -18.64
N SER D 146 52.00 -29.26 -17.62
CA SER D 146 50.89 -28.34 -17.82
C SER D 146 50.78 -27.33 -16.66
N PHE D 147 49.56 -26.95 -16.31
CA PHE D 147 49.35 -26.06 -15.18
C PHE D 147 47.90 -26.17 -14.72
N PHE D 148 47.57 -25.54 -13.59
CA PHE D 148 46.18 -25.34 -13.25
C PHE D 148 45.39 -24.72 -14.40
N ARG D 149 44.11 -25.03 -14.54
CA ARG D 149 43.39 -24.38 -15.63
C ARG D 149 42.72 -22.99 -15.29
N ASN D 150 42.22 -22.78 -14.09
CA ASN D 150 41.46 -21.57 -13.81
C ASN D 150 42.31 -20.38 -13.49
N VAL D 151 43.61 -20.51 -13.49
CA VAL D 151 44.45 -19.36 -13.20
C VAL D 151 45.41 -19.29 -14.31
N VAL D 152 46.30 -18.30 -14.34
CA VAL D 152 47.33 -18.20 -15.39
C VAL D 152 48.66 -17.69 -14.88
N TRP D 153 49.75 -18.42 -15.09
CA TRP D 153 51.07 -18.02 -14.58
C TRP D 153 51.85 -17.08 -15.52
N LEU D 154 51.62 -15.77 -15.40
CA LEU D 154 52.27 -14.83 -16.30
C LEU D 154 53.79 -14.85 -16.21
N ILE D 155 54.52 -14.58 -17.32
CA ILE D 155 56.00 -14.61 -17.32
C ILE D 155 56.50 -13.48 -18.16
N LYS D 156 57.74 -13.02 -17.98
CA LYS D 156 58.22 -11.84 -18.73
C LYS D 156 58.25 -12.14 -20.21
N LYS D 157 58.02 -11.11 -21.02
CA LYS D 157 58.02 -11.21 -22.48
C LYS D 157 59.11 -10.30 -23.06
N ASP D 158 59.78 -10.77 -24.10
CA ASP D 158 61.07 -10.22 -24.51
C ASP D 158 61.98 -10.26 -23.30
N SER D 159 62.41 -9.11 -22.81
CA SER D 159 63.20 -9.16 -21.62
C SER D 159 62.47 -8.64 -20.40
N THR D 160 61.32 -8.01 -20.58
CA THR D 160 60.72 -7.30 -19.46
C THR D 160 59.32 -7.77 -19.00
N TYR D 161 58.91 -7.35 -17.79
CA TYR D 161 57.62 -7.65 -17.17
C TYR D 161 57.06 -6.32 -16.70
N PRO D 162 56.25 -5.69 -17.56
CA PRO D 162 55.64 -4.38 -17.30
C PRO D 162 54.49 -4.49 -16.31
N THR D 163 54.23 -3.40 -15.59
CA THR D 163 53.23 -3.41 -14.51
C THR D 163 51.81 -3.69 -14.93
N ILE D 164 51.26 -4.78 -14.40
CA ILE D 164 49.87 -5.17 -14.56
C ILE D 164 48.87 -4.34 -13.75
N LYS D 165 47.86 -3.83 -14.41
CA LYS D 165 46.75 -3.20 -13.73
C LYS D 165 45.44 -3.71 -14.33
N ARG D 166 44.75 -4.60 -13.62
CA ARG D 166 43.64 -5.29 -14.22
C ARG D 166 42.46 -5.34 -13.27
N SER D 167 41.24 -5.31 -13.81
CA SER D 167 40.07 -5.31 -12.94
C SER D 167 38.79 -5.97 -13.45
N TYR D 168 37.92 -6.41 -12.53
CA TYR D 168 36.65 -7.00 -12.95
C TYR D 168 35.56 -6.55 -12.04
N ASN D 169 34.43 -6.04 -12.56
CA ASN D 169 33.32 -5.57 -11.70
C ASN D 169 32.11 -6.55 -11.72
N ASN D 170 31.78 -7.17 -10.58
CA ASN D 170 30.71 -8.16 -10.53
C ASN D 170 29.36 -7.58 -10.85
N THR D 171 28.97 -7.64 -12.10
CA THR D 171 27.66 -7.11 -12.47
C THR D 171 26.57 -8.17 -12.37
N ASN D 172 26.81 -9.24 -11.64
CA ASN D 172 25.79 -10.28 -11.54
C ASN D 172 24.97 -10.02 -10.33
N GLN D 173 23.82 -10.69 -10.17
CA GLN D 173 23.04 -10.52 -8.94
C GLN D 173 23.52 -11.43 -7.84
N GLU D 174 24.36 -12.41 -8.15
CA GLU D 174 24.78 -13.33 -7.12
C GLU D 174 26.24 -13.09 -6.75
N ASP D 175 26.71 -13.71 -5.67
CA ASP D 175 28.11 -13.57 -5.21
C ASP D 175 29.16 -14.35 -6.03
N LEU D 176 30.37 -13.77 -6.10
CA LEU D 176 31.45 -14.34 -6.90
C LEU D 176 32.65 -14.88 -6.12
N LEU D 177 32.86 -16.20 -6.10
CA LEU D 177 34.09 -16.69 -5.53
C LEU D 177 35.24 -16.50 -6.51
N VAL D 178 36.24 -15.73 -6.14
CA VAL D 178 37.40 -15.45 -6.98
C VAL D 178 38.64 -16.05 -6.30
N LEU D 179 39.60 -16.56 -7.10
CA LEU D 179 40.88 -17.17 -6.68
C LEU D 179 42.08 -16.57 -7.43
N TRP D 180 43.24 -16.50 -6.78
CA TRP D 180 44.51 -16.02 -7.36
C TRP D 180 45.71 -16.49 -6.55
N GLY D 181 46.91 -16.04 -6.90
CA GLY D 181 48.06 -16.56 -6.18
C GLY D 181 49.41 -15.94 -6.49
N ILE D 182 50.38 -16.32 -5.67
CA ILE D 182 51.72 -15.79 -5.80
C ILE D 182 52.76 -16.93 -5.81
N HIS D 183 53.83 -16.72 -6.59
CA HIS D 183 54.91 -17.68 -6.78
C HIS D 183 56.15 -17.17 -6.12
N HIS D 184 56.68 -18.03 -5.24
CA HIS D 184 57.85 -17.84 -4.43
C HIS D 184 59.05 -18.58 -5.01
N PRO D 185 59.99 -17.88 -5.66
CA PRO D 185 61.21 -18.47 -6.25
C PRO D 185 62.29 -18.96 -5.27
N ASN D 186 63.35 -19.55 -5.82
CA ASN D 186 64.40 -20.15 -4.98
C ASN D 186 65.56 -19.27 -4.74
N ASP D 187 65.85 -18.40 -5.66
CA ASP D 187 66.88 -17.42 -5.43
C ASP D 187 66.69 -16.26 -6.39
N ALA D 188 67.53 -15.25 -6.19
CA ALA D 188 67.45 -14.00 -6.92
C ALA D 188 67.53 -14.29 -8.39
N ALA D 189 68.38 -15.25 -8.72
CA ALA D 189 68.56 -15.63 -10.12
C ALA D 189 67.27 -16.13 -10.79
N GLU D 190 66.58 -17.07 -10.13
CA GLU D 190 65.33 -17.60 -10.68
C GLU D 190 64.34 -16.46 -10.83
N GLN D 191 64.28 -15.58 -9.84
CA GLN D 191 63.34 -14.48 -9.84
C GLN D 191 63.56 -13.65 -11.10
N THR D 192 64.81 -13.26 -11.33
CA THR D 192 65.14 -12.40 -12.46
C THR D 192 65.04 -13.09 -13.83
N LYS D 193 65.29 -14.38 -13.89
CA LYS D 193 65.02 -15.11 -15.11
C LYS D 193 63.56 -15.03 -15.44
N LEU D 194 62.72 -15.38 -14.48
CA LEU D 194 61.29 -15.47 -14.73
C LEU D 194 60.51 -14.15 -14.93
N TYR D 195 60.84 -13.12 -14.16
CA TYR D 195 60.03 -11.91 -14.14
C TYR D 195 60.84 -10.65 -14.37
N GLN D 196 62.15 -10.81 -14.55
CA GLN D 196 63.10 -9.70 -14.74
C GLN D 196 63.28 -8.76 -13.53
N ASN D 197 62.19 -8.15 -13.09
CA ASN D 197 62.26 -7.25 -11.95
C ASN D 197 62.67 -7.97 -10.70
N PRO D 198 63.61 -7.40 -9.95
CA PRO D 198 64.04 -8.17 -8.80
C PRO D 198 63.12 -7.96 -7.59
N THR D 199 62.56 -6.76 -7.46
CA THR D 199 61.69 -6.49 -6.33
C THR D 199 60.23 -6.30 -6.74
N THR D 200 59.36 -7.17 -6.23
CA THR D 200 58.02 -7.25 -6.80
C THR D 200 56.90 -7.34 -5.78
N TYR D 201 55.67 -7.17 -6.25
CA TYR D 201 54.51 -7.18 -5.35
C TYR D 201 53.23 -7.54 -6.06
N ILE D 202 52.22 -7.94 -5.27
CA ILE D 202 50.87 -8.14 -5.78
C ILE D 202 49.84 -7.51 -4.90
N SER D 203 49.18 -6.45 -5.40
CA SER D 203 48.09 -5.75 -4.68
C SER D 203 46.69 -6.18 -5.13
N VAL D 204 45.78 -6.34 -4.19
CA VAL D 204 44.42 -6.81 -4.47
C VAL D 204 43.38 -6.05 -3.66
N GLY D 205 42.44 -5.39 -4.34
CA GLY D 205 41.46 -4.56 -3.67
C GLY D 205 40.01 -4.94 -3.90
N THR D 206 39.20 -4.81 -2.87
CA THR D 206 37.74 -5.00 -2.88
C THR D 206 37.15 -3.75 -2.16
N SER D 207 35.84 -3.75 -1.93
CA SER D 207 35.29 -2.78 -1.06
C SER D 207 35.78 -3.17 0.33
N THR D 208 36.17 -4.44 0.50
CA THR D 208 36.70 -4.90 1.80
C THR D 208 38.13 -5.48 1.74
N LEU D 209 38.67 -5.73 0.57
CA LEU D 209 39.99 -6.34 0.60
C LEU D 209 41.02 -5.23 0.63
N ASN D 210 42.10 -5.41 1.37
CA ASN D 210 43.24 -4.51 1.19
C ASN D 210 44.50 -5.29 1.45
N GLN D 211 44.98 -5.94 0.40
CA GLN D 211 46.02 -6.92 0.47
C GLN D 211 47.21 -6.52 -0.40
N ARG D 212 48.40 -6.63 0.16
CA ARG D 212 49.60 -6.46 -0.64
C ARG D 212 50.57 -7.55 -0.33
N LEU D 213 50.74 -8.52 -1.24
CA LEU D 213 51.62 -9.68 -1.06
C LEU D 213 53.01 -9.50 -1.66
N VAL D 214 54.01 -10.08 -1.01
CA VAL D 214 55.35 -10.09 -1.62
C VAL D 214 55.98 -11.47 -1.60
N PRO D 215 56.64 -11.82 -2.71
CA PRO D 215 57.35 -13.08 -2.84
C PRO D 215 58.36 -13.22 -1.78
N ARG D 216 58.56 -14.46 -1.40
CA ARG D 216 59.28 -14.75 -0.18
C ARG D 216 60.43 -15.72 -0.53
N ILE D 217 61.55 -15.16 -0.99
CA ILE D 217 62.64 -16.01 -1.43
C ILE D 217 63.32 -16.73 -0.23
N ALA D 218 63.58 -18.02 -0.41
CA ALA D 218 64.11 -18.92 0.62
C ALA D 218 64.68 -20.16 -0.03
N THR D 219 65.61 -20.80 0.64
CA THR D 219 66.15 -22.05 0.14
C THR D 219 65.38 -23.23 0.74
N ARG D 220 64.70 -24.01 -0.10
CA ARG D 220 63.78 -25.06 0.40
C ARG D 220 63.99 -26.53 -0.10
N SER D 221 63.37 -27.47 0.62
CA SER D 221 63.31 -28.87 0.19
C SER D 221 62.67 -28.97 -1.17
N LYS D 222 63.03 -30.00 -1.90
CA LYS D 222 62.35 -30.27 -3.14
C LYS D 222 61.08 -31.02 -2.82
N VAL D 223 59.99 -30.58 -3.44
CA VAL D 223 58.74 -31.32 -3.36
C VAL D 223 58.33 -31.60 -4.77
N LYS D 224 58.05 -32.87 -5.09
CA LYS D 224 57.79 -33.25 -6.47
C LYS D 224 58.91 -32.64 -7.34
N GLY D 225 60.13 -32.66 -6.87
CA GLY D 225 61.24 -32.26 -7.69
C GLY D 225 61.45 -30.79 -7.80
N LEU D 226 60.53 -30.04 -7.23
CA LEU D 226 60.59 -28.57 -7.26
C LEU D 226 60.89 -27.97 -5.90
N SER D 227 61.53 -26.82 -5.89
CA SER D 227 61.82 -26.19 -4.62
C SER D 227 60.97 -24.97 -4.35
N GLY D 228 60.45 -24.37 -5.43
CA GLY D 228 59.60 -23.19 -5.35
C GLY D 228 58.21 -23.52 -4.86
N ARG D 229 57.44 -22.47 -4.54
CA ARG D 229 56.09 -22.67 -4.01
C ARG D 229 55.01 -21.72 -4.61
N MET D 230 53.77 -22.18 -4.57
CA MET D 230 52.64 -21.46 -5.11
C MET D 230 51.74 -21.28 -3.91
N GLU D 231 51.25 -20.07 -3.65
CA GLU D 231 50.35 -19.86 -2.53
C GLU D 231 49.11 -19.18 -3.01
N PHE D 232 47.99 -19.84 -2.78
CA PHE D 232 46.77 -19.39 -3.43
C PHE D 232 45.87 -18.76 -2.40
N PHE D 233 45.07 -17.77 -2.84
CA PHE D 233 44.21 -16.91 -2.02
C PHE D 233 42.82 -16.78 -2.60
N TRP D 234 41.81 -16.46 -1.80
CA TRP D 234 40.47 -16.36 -2.37
C TRP D 234 39.54 -15.35 -1.72
N THR D 235 38.61 -14.79 -2.46
CA THR D 235 37.69 -13.87 -1.81
C THR D 235 36.26 -14.02 -2.32
N ILE D 236 35.27 -13.46 -1.64
CA ILE D 236 33.93 -13.34 -2.21
C ILE D 236 33.80 -11.93 -2.70
N LEU D 237 33.32 -11.76 -3.93
CA LEU D 237 33.15 -10.42 -4.50
C LEU D 237 31.68 -10.19 -4.48
N LYS D 238 31.30 -9.20 -3.70
CA LYS D 238 29.90 -8.83 -3.52
C LYS D 238 29.19 -8.30 -4.78
N PRO D 239 27.88 -8.58 -4.88
CA PRO D 239 27.18 -8.08 -6.06
C PRO D 239 27.32 -6.59 -6.09
N ASN D 240 27.74 -6.18 -7.28
CA ASN D 240 27.94 -4.82 -7.72
C ASN D 240 29.20 -4.19 -7.11
N ASP D 241 30.09 -5.06 -6.62
CA ASP D 241 31.42 -4.64 -6.15
C ASP D 241 32.48 -5.00 -7.13
N ALA D 242 33.55 -4.21 -7.18
CA ALA D 242 34.66 -4.52 -8.08
C ALA D 242 36.02 -4.91 -7.38
N ILE D 243 36.72 -5.87 -7.99
CA ILE D 243 38.06 -6.31 -7.62
C ILE D 243 39.16 -5.81 -8.59
N ASN D 244 40.30 -5.35 -8.08
CA ASN D 244 41.37 -4.78 -8.92
C ASN D 244 42.76 -5.31 -8.63
N PHE D 245 43.44 -5.92 -9.60
CA PHE D 245 44.81 -6.41 -9.35
C PHE D 245 45.85 -5.47 -9.93
N GLU D 246 46.95 -5.32 -9.23
CA GLU D 246 48.14 -4.67 -9.78
C GLU D 246 49.36 -5.50 -9.40
N SER D 247 50.27 -5.80 -10.32
CA SER D 247 51.47 -6.49 -9.93
C SER D 247 52.67 -6.18 -10.82
N ASN D 248 53.72 -6.96 -10.64
CA ASN D 248 55.02 -6.49 -11.03
C ASN D 248 55.95 -7.70 -11.17
N GLY D 249 55.38 -8.85 -10.88
CA GLY D 249 56.11 -10.11 -10.91
C GLY D 249 55.42 -11.13 -10.06
N ASN D 250 55.78 -12.41 -10.20
CA ASN D 250 55.25 -13.46 -9.32
C ASN D 250 53.71 -13.58 -9.23
N PHE D 251 53.01 -13.08 -10.25
CA PHE D 251 51.55 -13.05 -10.23
C PHE D 251 50.94 -14.27 -10.84
N ILE D 252 50.08 -14.96 -10.11
CA ILE D 252 49.28 -16.04 -10.68
C ILE D 252 47.89 -15.45 -10.77
N ALA D 253 47.54 -15.05 -12.01
CA ALA D 253 46.36 -14.23 -12.37
C ALA D 253 45.09 -15.09 -12.55
N PRO D 254 43.91 -14.52 -12.34
CA PRO D 254 42.85 -15.48 -12.63
C PRO D 254 42.39 -15.45 -14.09
N GLU D 255 41.66 -16.48 -14.50
CA GLU D 255 40.89 -16.37 -15.72
C GLU D 255 39.45 -16.63 -15.27
N TYR D 256 39.19 -17.74 -14.59
CA TYR D 256 37.79 -18.04 -14.24
C TYR D 256 37.43 -17.84 -12.75
N ALA D 257 36.17 -17.50 -12.51
CA ALA D 257 35.63 -17.27 -11.16
C ALA D 257 34.40 -18.14 -10.93
N TYR D 258 33.73 -18.09 -9.81
CA TYR D 258 32.55 -18.92 -9.64
C TYR D 258 31.40 -18.12 -9.07
N LYS D 259 30.23 -18.15 -9.68
CA LYS D 259 29.09 -17.50 -9.08
C LYS D 259 28.33 -18.47 -8.14
N ILE D 260 28.08 -18.09 -6.89
CA ILE D 260 27.32 -18.97 -5.99
C ILE D 260 25.92 -18.82 -6.44
N VAL D 261 25.31 -19.87 -6.94
CA VAL D 261 24.10 -19.66 -7.75
C VAL D 261 22.85 -20.36 -7.20
N LYS D 262 23.08 -21.32 -6.34
CA LYS D 262 21.99 -21.89 -5.57
C LYS D 262 22.58 -22.17 -4.20
N LYS D 263 21.95 -21.71 -3.13
CA LYS D 263 22.41 -22.07 -1.79
C LYS D 263 21.43 -23.07 -1.20
N GLY D 264 21.80 -23.71 -0.11
CA GLY D 264 20.91 -24.66 0.54
C GLY D 264 21.62 -25.61 1.47
N ASP D 265 20.88 -26.60 1.96
CA ASP D 265 21.45 -27.69 2.75
C ASP D 265 22.44 -28.48 1.91
N SER D 266 23.56 -28.82 2.52
CA SER D 266 24.57 -29.63 1.86
C SER D 266 25.61 -29.94 2.88
N THR D 267 26.51 -30.84 2.57
CA THR D 267 27.60 -31.12 3.49
C THR D 267 28.79 -31.45 2.65
N ILE D 268 29.99 -31.32 3.19
CA ILE D 268 31.08 -32.01 2.55
C ILE D 268 31.19 -33.29 3.34
N MET D 269 30.94 -34.40 2.64
CA MET D 269 30.94 -35.69 3.28
C MET D 269 32.19 -36.42 2.92
N LYS D 270 32.93 -36.79 3.96
CA LYS D 270 34.14 -37.59 3.84
C LYS D 270 33.69 -39.02 3.68
N SER D 271 34.16 -39.67 2.62
CA SER D 271 33.84 -41.07 2.42
C SER D 271 34.77 -41.59 1.37
N GLU D 272 35.12 -42.87 1.43
CA GLU D 272 36.00 -43.45 0.40
C GLU D 272 35.18 -43.88 -0.80
N LEU D 273 33.90 -44.16 -0.57
CA LEU D 273 32.98 -44.72 -1.55
C LEU D 273 32.93 -43.94 -2.85
N GLU D 274 32.25 -44.52 -3.84
CA GLU D 274 32.04 -43.96 -5.17
C GLU D 274 30.55 -44.04 -5.49
N TYR D 275 30.14 -43.66 -6.70
CA TYR D 275 28.71 -43.52 -7.00
C TYR D 275 27.91 -44.83 -7.08
N GLY D 276 26.85 -44.93 -6.28
CA GLY D 276 26.12 -46.17 -6.14
C GLY D 276 24.92 -46.37 -7.04
N ASN D 277 24.64 -45.38 -7.87
CA ASN D 277 23.52 -45.43 -8.81
C ASN D 277 22.18 -45.78 -8.18
N CYS D 278 21.91 -45.27 -6.99
CA CYS D 278 20.63 -45.51 -6.36
C CYS D 278 20.01 -44.19 -5.90
N ASN D 279 19.06 -44.29 -5.00
CA ASN D 279 18.41 -43.10 -4.48
C ASN D 279 17.77 -43.27 -3.12
N THR D 280 17.96 -42.27 -2.24
CA THR D 280 17.28 -42.25 -0.95
C THR D 280 16.81 -40.91 -0.47
N LYS D 281 16.25 -40.98 0.73
CA LYS D 281 15.84 -39.82 1.50
C LYS D 281 16.79 -39.72 2.69
N CYS D 282 17.71 -40.68 2.81
CA CYS D 282 18.69 -40.59 3.85
C CYS D 282 20.03 -41.18 3.44
N GLN D 283 21.09 -40.39 3.57
CA GLN D 283 22.43 -40.82 3.20
C GLN D 283 23.44 -40.62 4.34
N THR D 284 24.36 -41.58 4.43
CA THR D 284 25.39 -41.77 5.46
C THR D 284 26.70 -41.95 4.72
N PRO D 285 27.83 -41.53 5.29
CA PRO D 285 29.06 -41.76 4.52
C PRO D 285 29.41 -43.25 4.36
N MET D 286 28.66 -44.13 5.03
CA MET D 286 28.85 -45.55 4.85
C MET D 286 27.75 -46.28 4.10
N GLY D 287 26.61 -45.63 3.90
CA GLY D 287 25.58 -46.20 3.05
C GLY D 287 24.25 -45.49 3.25
N ALA D 288 23.29 -45.71 2.38
CA ALA D 288 22.01 -45.05 2.56
C ALA D 288 21.12 -45.88 3.49
N ILE D 289 20.20 -45.22 4.18
CA ILE D 289 19.27 -45.90 5.11
C ILE D 289 17.88 -45.73 4.54
N ASN D 290 17.09 -46.78 4.57
CA ASN D 290 15.70 -46.69 4.17
C ASN D 290 14.91 -47.30 5.29
N SER D 291 14.35 -46.49 6.18
CA SER D 291 13.76 -47.07 7.37
C SER D 291 12.66 -46.20 8.03
N SER D 292 11.79 -46.86 8.79
CA SER D 292 10.69 -46.18 9.48
C SER D 292 11.01 -45.94 10.97
N MET D 293 11.97 -46.71 11.46
CA MET D 293 12.52 -46.58 12.81
C MET D 293 12.85 -45.14 13.27
N PRO D 294 12.68 -44.88 14.56
CA PRO D 294 13.10 -43.58 15.05
C PRO D 294 14.61 -43.49 15.24
N PHE D 295 15.27 -44.63 15.29
CA PHE D 295 16.69 -44.66 15.63
C PHE D 295 17.54 -45.52 14.71
N HIS D 296 18.76 -45.06 14.44
CA HIS D 296 19.69 -45.90 13.73
C HIS D 296 21.03 -45.89 14.43
N ASN D 297 21.94 -46.77 14.03
CA ASN D 297 23.27 -46.81 14.63
C ASN D 297 24.38 -46.90 13.55
N ILE D 298 24.07 -46.39 12.37
CA ILE D 298 24.97 -46.55 11.23
C ILE D 298 26.20 -45.66 11.37
N HIS D 299 25.99 -44.35 11.40
CA HIS D 299 27.06 -43.35 11.41
C HIS D 299 26.43 -42.00 11.72
N PRO D 300 27.00 -41.23 12.69
CA PRO D 300 26.38 -39.98 13.16
C PRO D 300 26.35 -38.87 12.11
N LEU D 301 27.19 -38.90 11.08
CA LEU D 301 27.14 -37.81 10.13
C LEU D 301 26.21 -38.10 8.94
N THR D 302 24.93 -37.81 9.08
CA THR D 302 23.97 -38.19 8.05
C THR D 302 23.39 -36.93 7.43
N ILE D 303 22.83 -37.06 6.22
CA ILE D 303 22.12 -35.98 5.52
C ILE D 303 20.77 -36.40 4.99
N GLY D 304 19.76 -35.54 5.09
CA GLY D 304 18.43 -35.94 4.64
C GLY D 304 17.47 -36.29 5.77
N GLU D 305 16.30 -36.81 5.40
CA GLU D 305 15.26 -37.16 6.36
C GLU D 305 15.64 -38.43 7.13
N CYS D 306 16.27 -38.24 8.29
CA CYS D 306 16.89 -39.37 8.99
C CYS D 306 16.38 -39.66 10.40
N PRO D 307 16.46 -40.93 10.79
CA PRO D 307 16.33 -41.34 12.20
C PRO D 307 17.48 -40.75 13.04
N LYS D 308 17.29 -40.68 14.34
CA LYS D 308 18.30 -40.07 15.20
C LYS D 308 19.40 -41.05 15.59
N TYR D 309 20.66 -40.62 15.43
CA TYR D 309 21.78 -41.51 15.71
C TYR D 309 21.89 -41.80 17.23
N VAL D 310 22.10 -43.06 17.59
CA VAL D 310 22.41 -43.39 18.97
C VAL D 310 23.51 -44.42 18.86
N LYS D 311 24.19 -44.71 19.96
CA LYS D 311 25.28 -45.68 19.90
C LYS D 311 24.91 -47.11 20.24
N SER D 312 23.62 -47.43 20.43
CA SER D 312 23.23 -48.77 20.89
C SER D 312 23.40 -49.95 19.92
N ASN D 313 23.59 -51.12 20.52
CA ASN D 313 23.60 -52.41 19.85
C ASN D 313 22.17 -52.92 19.79
N ARG D 314 21.37 -52.44 20.74
CA ARG D 314 19.98 -52.85 20.89
C ARG D 314 19.08 -51.75 21.46
N LEU D 315 17.91 -51.54 20.85
CA LEU D 315 16.92 -50.71 21.50
C LEU D 315 15.60 -51.35 21.27
N VAL D 316 15.11 -52.12 22.24
CA VAL D 316 13.85 -52.79 22.01
C VAL D 316 12.90 -52.53 23.17
N LEU D 317 11.69 -52.14 22.85
CA LEU D 317 10.64 -51.86 23.82
C LEU D 317 9.80 -53.10 24.16
N ALA D 318 9.20 -53.13 25.35
CA ALA D 318 8.24 -54.17 25.73
C ALA D 318 6.82 -53.64 25.59
N THR D 319 5.99 -54.29 24.78
CA THR D 319 4.62 -53.81 24.58
C THR D 319 3.53 -54.72 25.15
N GLY D 320 3.70 -56.02 24.95
CA GLY D 320 2.81 -57.05 25.46
C GLY D 320 3.19 -57.46 26.87
N LEU D 321 2.70 -58.60 27.33
CA LEU D 321 3.06 -59.03 28.68
C LEU D 321 3.96 -60.25 28.69
N ARG D 322 4.47 -60.53 29.89
CA ARG D 322 5.44 -61.56 30.15
C ARG D 322 4.93 -62.92 29.66
N ASN D 323 5.73 -63.67 28.91
CA ASN D 323 5.25 -64.95 28.43
C ASN D 323 5.68 -66.10 29.31
N SER D 324 4.76 -67.04 29.48
CA SER D 324 4.85 -68.17 30.41
C SER D 324 6.19 -68.90 30.34
N PRO D 325 6.73 -69.24 31.53
CA PRO D 325 8.07 -69.82 31.76
C PRO D 325 8.52 -70.86 30.73
N ASP E 2 -7.58 -70.08 74.91
CA ASP E 2 -6.66 -71.07 74.34
C ASP E 2 -6.10 -70.60 72.99
N PRO E 3 -4.76 -70.64 72.84
CA PRO E 3 -4.06 -70.42 71.58
C PRO E 3 -4.00 -71.62 70.62
N GLY E 4 -4.60 -71.48 69.44
CA GLY E 4 -4.49 -72.46 68.38
C GLY E 4 -3.18 -72.22 67.66
N ASP E 5 -2.64 -73.23 66.97
CA ASP E 5 -1.33 -73.10 66.31
C ASP E 5 -1.25 -71.86 65.40
N GLN E 6 -0.04 -71.29 65.26
CA GLN E 6 0.18 -70.03 64.53
C GLN E 6 1.33 -70.02 63.53
N ILE E 7 1.17 -69.21 62.47
CA ILE E 7 2.23 -68.92 61.51
C ILE E 7 2.26 -67.42 61.15
N CYS E 8 3.47 -66.85 61.14
CA CYS E 8 3.61 -65.42 60.88
C CYS E 8 4.57 -65.10 59.73
N ILE E 9 4.28 -64.01 59.02
CA ILE E 9 5.15 -63.54 57.94
C ILE E 9 5.76 -62.21 58.33
N GLY E 10 7.09 -62.11 58.26
CA GLY E 10 7.76 -60.87 58.61
C GLY E 10 9.05 -60.67 57.84
N TYR E 11 9.73 -59.57 58.12
CA TYR E 11 10.90 -59.19 57.34
C TYR E 11 12.09 -58.83 58.24
N HIS E 12 13.27 -58.73 57.63
CA HIS E 12 14.52 -58.53 58.37
C HIS E 12 14.60 -57.16 59.07
N ALA E 13 15.36 -57.12 60.17
CA ALA E 13 15.75 -55.84 60.79
C ALA E 13 17.07 -56.02 61.54
N ASN E 14 17.74 -54.92 61.86
CA ASN E 14 19.00 -55.01 62.61
C ASN E 14 19.44 -53.72 63.26
N ASN E 15 20.76 -53.64 63.44
CA ASN E 15 21.45 -52.57 64.12
CA ASN E 15 21.34 -52.50 64.13
C ASN E 15 22.12 -51.59 63.17
N SER E 16 21.59 -51.44 61.96
CA SER E 16 22.15 -50.57 60.93
C SER E 16 21.69 -49.11 61.04
N THR E 17 22.64 -48.17 60.95
CA THR E 17 22.29 -46.75 60.90
C THR E 17 22.59 -46.03 59.57
N GLU E 18 22.77 -46.82 58.50
CA GLU E 18 22.84 -46.27 57.14
C GLU E 18 21.59 -45.53 56.71
N GLN E 19 21.78 -44.34 56.15
CA GLN E 19 20.68 -43.55 55.68
C GLN E 19 20.78 -43.29 54.19
N VAL E 20 19.67 -43.44 53.49
CA VAL E 20 19.63 -43.09 52.09
C VAL E 20 18.64 -41.96 51.85
N ASP E 21 18.53 -41.53 50.61
CA ASP E 21 17.55 -40.52 50.26
C ASP E 21 16.62 -41.09 49.20
N THR E 22 15.49 -40.44 48.97
CA THR E 22 14.55 -40.88 47.96
C THR E 22 13.89 -39.62 47.42
N ILE E 23 13.23 -39.71 46.28
CA ILE E 23 12.60 -38.54 45.65
C ILE E 23 11.63 -37.84 46.62
N MET E 24 11.08 -38.58 47.58
CA MET E 24 10.07 -38.09 48.52
C MET E 24 10.54 -37.97 49.97
N GLU E 25 11.63 -38.64 50.32
CA GLU E 25 12.04 -38.74 51.71
C GLU E 25 13.55 -38.68 51.84
N LYS E 26 14.07 -37.87 52.76
CA LYS E 26 15.51 -37.80 52.91
C LYS E 26 15.95 -38.51 54.19
N ASN E 27 17.19 -39.02 54.22
CA ASN E 27 17.76 -39.62 55.44
C ASN E 27 16.97 -40.84 56.01
N VAL E 28 16.43 -41.68 55.11
CA VAL E 28 15.74 -42.94 55.45
C VAL E 28 16.70 -44.01 55.90
N THR E 29 16.54 -44.50 57.12
CA THR E 29 17.46 -45.52 57.62
C THR E 29 17.00 -46.90 57.13
N VAL E 30 17.94 -47.66 56.57
CA VAL E 30 17.64 -48.93 55.91
C VAL E 30 18.50 -50.05 56.45
N THR E 31 18.19 -51.25 56.00
CA THR E 31 18.89 -52.41 56.49
C THR E 31 20.30 -52.48 55.93
N HIS E 32 20.43 -52.39 54.60
CA HIS E 32 21.75 -52.38 53.98
C HIS E 32 21.89 -51.29 52.91
N ALA E 33 23.04 -50.61 52.87
CA ALA E 33 23.27 -49.59 51.85
C ALA E 33 24.62 -49.80 51.19
N GLN E 34 24.85 -49.11 50.07
CA GLN E 34 26.10 -49.20 49.32
C GLN E 34 26.51 -47.86 48.75
N ASP E 35 27.58 -47.29 49.29
CA ASP E 35 28.18 -46.05 48.80
C ASP E 35 28.93 -46.29 47.48
N ILE E 36 28.72 -45.40 46.50
CA ILE E 36 29.45 -45.56 45.25
C ILE E 36 30.36 -44.38 44.95
N LEU E 37 30.42 -43.43 45.87
CA LEU E 37 31.27 -42.26 45.69
C LEU E 37 32.53 -42.25 46.56
N GLU E 38 33.66 -42.19 45.87
CA GLU E 38 34.97 -42.12 46.48
C GLU E 38 35.30 -40.67 46.82
N LYS E 39 35.66 -40.41 48.07
CA LYS E 39 35.88 -39.02 48.44
C LYS E 39 37.30 -38.73 48.90
N LYS E 40 38.10 -39.77 49.11
CA LYS E 40 39.41 -39.58 49.71
C LYS E 40 40.55 -39.75 48.70
N HIS E 41 41.54 -38.87 48.72
CA HIS E 41 42.75 -39.07 47.93
C HIS E 41 43.96 -38.84 48.83
N ASN E 42 45.15 -39.00 48.29
CA ASN E 42 46.35 -39.00 49.12
C ASN E 42 47.27 -37.77 49.01
N GLY E 43 46.77 -36.65 48.50
CA GLY E 43 47.55 -35.42 48.46
C GLY E 43 48.95 -35.40 47.86
N LYS E 44 49.33 -36.41 47.09
CA LYS E 44 50.69 -36.48 46.55
C LYS E 44 50.78 -36.69 45.02
N LEU E 45 51.90 -36.28 44.41
CA LEU E 45 52.14 -36.59 43.00
C LEU E 45 52.92 -37.89 42.86
N CYS E 46 52.32 -38.88 42.22
CA CYS E 46 52.92 -40.20 42.17
C CYS E 46 53.39 -40.69 40.82
N ASP E 47 54.14 -41.78 40.86
CA ASP E 47 54.45 -42.47 39.65
C ASP E 47 53.18 -43.07 39.13
N LEU E 48 53.20 -43.39 37.86
CA LEU E 48 52.05 -43.97 37.19
C LEU E 48 52.34 -45.38 36.71
N ASP E 49 51.81 -46.36 37.45
CA ASP E 49 52.35 -47.71 37.41
C ASP E 49 53.84 -47.53 37.56
N GLY E 50 54.58 -47.92 36.55
CA GLY E 50 56.02 -47.76 36.57
C GLY E 50 56.59 -46.34 36.65
N VAL E 51 55.89 -45.39 36.05
CA VAL E 51 56.59 -44.20 35.57
C VAL E 51 56.53 -42.90 36.41
N LYS E 52 57.70 -42.29 36.60
CA LYS E 52 57.81 -41.02 37.31
C LYS E 52 57.48 -39.87 36.38
N PRO E 53 56.56 -38.99 36.78
CA PRO E 53 56.26 -37.82 35.96
C PRO E 53 57.42 -36.82 35.84
N LEU E 54 57.47 -36.11 34.73
CA LEU E 54 58.34 -34.97 34.59
C LEU E 54 57.75 -33.82 35.38
N ILE E 55 58.40 -33.53 36.51
CA ILE E 55 58.00 -32.39 37.28
C ILE E 55 59.00 -31.26 37.18
N LEU E 56 58.61 -30.30 36.36
CA LEU E 56 59.28 -29.01 36.22
C LEU E 56 59.03 -28.26 37.52
N ARG E 57 60.06 -27.67 38.09
CA ARG E 57 59.74 -27.20 39.40
C ARG E 57 59.26 -25.79 39.21
N ASP E 58 60.22 -24.89 39.09
CA ASP E 58 59.95 -23.48 38.90
C ASP E 58 60.21 -23.18 37.46
N CYS E 59 60.23 -24.23 36.66
CA CYS E 59 60.31 -24.05 35.21
C CYS E 59 58.96 -24.11 34.45
N SER E 60 58.98 -23.47 33.30
CA SER E 60 57.93 -23.64 32.30
C SER E 60 58.34 -24.53 31.15
N VAL E 61 57.35 -25.00 30.39
CA VAL E 61 57.62 -25.80 29.21
C VAL E 61 58.53 -25.00 28.29
N ALA E 62 58.35 -23.71 28.19
CA ALA E 62 59.23 -22.95 27.35
C ALA E 62 60.67 -22.92 27.87
N GLY E 63 60.84 -22.70 29.17
CA GLY E 63 62.17 -22.60 29.80
C GLY E 63 63.00 -23.87 29.71
N TRP E 64 62.30 -24.96 29.92
CA TRP E 64 62.87 -26.23 29.63
C TRP E 64 63.39 -26.35 28.16
N LEU E 65 62.51 -26.17 27.17
CA LEU E 65 62.87 -26.51 25.79
C LEU E 65 63.94 -25.61 25.18
N LEU E 66 63.97 -24.36 25.56
CA LEU E 66 64.98 -23.52 24.95
C LEU E 66 66.20 -23.71 25.80
N GLY E 67 65.98 -24.09 27.07
CA GLY E 67 67.09 -24.27 27.95
C GLY E 67 67.50 -23.01 28.67
N ASN E 68 66.59 -22.46 29.46
CA ASN E 68 66.92 -21.40 30.42
C ASN E 68 68.05 -21.89 31.33
N PRO E 69 69.12 -21.08 31.52
CA PRO E 69 70.22 -21.44 32.44
C PRO E 69 69.72 -21.90 33.82
N MET E 70 68.65 -21.29 34.32
CA MET E 70 68.10 -21.64 35.63
C MET E 70 67.34 -22.98 35.60
N CYS E 71 67.31 -23.61 34.45
CA CYS E 71 66.55 -24.83 34.29
C CYS E 71 67.40 -26.08 34.10
N ASP E 72 68.66 -26.00 34.52
CA ASP E 72 69.61 -26.99 34.05
C ASP E 72 69.25 -28.37 34.58
N GLU E 73 68.50 -28.42 35.67
CA GLU E 73 68.01 -29.70 36.23
C GLU E 73 67.34 -30.52 35.17
N PHE E 74 66.91 -29.87 34.09
CA PHE E 74 66.20 -30.59 33.05
C PHE E 74 66.94 -30.66 31.76
N ILE E 75 68.27 -30.68 31.76
CA ILE E 75 69.00 -30.61 30.49
C ILE E 75 68.81 -31.89 29.67
N ASN E 76 68.74 -33.06 30.30
CA ASN E 76 68.49 -34.29 29.53
C ASN E 76 67.54 -35.31 30.17
N VAL E 77 66.24 -35.02 30.21
CA VAL E 77 65.31 -35.83 31.00
C VAL E 77 65.11 -37.27 30.53
N PRO E 78 64.78 -38.13 31.46
CA PRO E 78 64.30 -39.48 31.17
C PRO E 78 62.89 -39.43 30.67
N GLU E 79 62.44 -40.52 30.05
CA GLU E 79 61.04 -40.73 29.67
C GLU E 79 60.07 -40.57 30.88
N TRP E 80 58.91 -39.95 30.63
CA TRP E 80 57.88 -39.65 31.61
C TRP E 80 56.50 -40.25 31.37
N SER E 81 55.61 -40.06 32.33
CA SER E 81 54.23 -40.49 32.18
C SER E 81 53.29 -39.30 31.93
N TYR E 82 53.61 -38.14 32.51
CA TYR E 82 52.82 -36.93 32.32
C TYR E 82 53.58 -35.72 32.88
N ILE E 83 53.41 -34.56 32.30
CA ILE E 83 54.27 -33.48 32.72
C ILE E 83 53.47 -32.73 33.75
N VAL E 84 54.15 -32.23 34.77
CA VAL E 84 53.55 -31.32 35.73
C VAL E 84 54.29 -30.00 35.67
N GLU E 85 53.50 -28.94 35.49
CA GLU E 85 53.95 -27.55 35.38
C GLU E 85 53.15 -26.76 36.39
N LYS E 86 53.80 -25.84 37.11
CA LYS E 86 53.07 -24.96 38.04
C LYS E 86 52.18 -23.90 37.32
N ALA E 87 51.27 -23.26 38.04
CA ALA E 87 50.28 -22.41 37.42
C ALA E 87 50.89 -21.12 36.96
N ASN E 88 51.90 -20.64 37.65
CA ASN E 88 52.57 -19.45 37.16
C ASN E 88 54.07 -19.57 37.32
N PRO E 89 54.71 -20.35 36.47
CA PRO E 89 56.15 -20.65 36.54
C PRO E 89 57.01 -19.44 36.48
N VAL E 90 58.07 -19.46 37.24
CA VAL E 90 59.01 -18.37 37.32
C VAL E 90 60.09 -18.26 36.20
N ASN E 91 60.68 -19.39 35.83
CA ASN E 91 61.76 -19.39 34.83
C ASN E 91 61.24 -19.76 33.47
N ASP E 92 60.72 -18.74 32.75
CA ASP E 92 60.16 -18.86 31.41
C ASP E 92 61.15 -18.37 30.37
N LEU E 93 60.82 -17.29 29.65
CA LEU E 93 61.79 -16.73 28.70
C LEU E 93 62.62 -15.69 29.45
N CYS E 94 63.82 -16.05 29.86
CA CYS E 94 64.58 -15.12 30.70
C CYS E 94 64.87 -13.76 30.00
N TYR E 95 65.29 -13.81 28.73
CA TYR E 95 65.42 -12.60 27.94
C TYR E 95 64.07 -12.50 27.32
N PRO E 96 63.39 -11.36 27.54
CA PRO E 96 61.96 -11.14 27.27
C PRO E 96 61.61 -11.13 25.79
N GLY E 97 60.52 -11.80 25.48
CA GLY E 97 60.02 -11.78 24.12
C GLY E 97 58.87 -12.76 24.06
N ASP E 98 58.77 -13.49 22.96
CA ASP E 98 57.58 -14.26 22.72
C ASP E 98 57.95 -15.60 22.11
N PHE E 99 57.16 -16.60 22.48
CA PHE E 99 57.30 -17.95 21.95
C PHE E 99 56.08 -18.30 21.15
N ASN E 100 56.26 -18.31 19.85
CA ASN E 100 55.21 -18.36 18.87
C ASN E 100 54.38 -19.65 18.83
N ASP E 101 53.07 -19.54 18.72
CA ASP E 101 52.22 -20.74 18.72
C ASP E 101 52.52 -21.76 19.84
N TYR E 102 52.91 -21.19 20.97
CA TYR E 102 53.29 -21.91 22.16
C TYR E 102 52.19 -22.80 22.73
N GLU E 103 50.93 -22.41 22.66
CA GLU E 103 49.87 -23.23 23.24
C GLU E 103 49.69 -24.47 22.39
N GLU E 104 49.77 -24.30 21.08
CA GLU E 104 49.63 -25.43 20.18
C GLU E 104 50.77 -26.42 20.38
N LEU E 105 51.94 -25.90 20.73
CA LEU E 105 53.08 -26.77 20.99
C LEU E 105 52.87 -27.56 22.24
N LYS E 106 52.42 -26.89 23.29
CA LYS E 106 52.09 -27.56 24.54
C LYS E 106 51.12 -28.69 24.25
N HIS E 107 50.39 -28.53 23.15
CA HIS E 107 49.37 -29.51 22.83
C HIS E 107 49.99 -30.76 22.34
N LEU E 108 51.05 -30.62 21.55
CA LEU E 108 51.83 -31.74 20.99
C LEU E 108 52.48 -32.57 22.08
N LEU E 109 52.89 -31.86 23.12
CA LEU E 109 53.56 -32.45 24.26
C LEU E 109 52.66 -33.41 25.00
N SER E 110 51.36 -33.24 24.85
CA SER E 110 50.44 -34.09 25.59
C SER E 110 50.36 -35.46 25.01
N ARG E 111 51.00 -35.66 23.86
CA ARG E 111 50.99 -36.99 23.25
C ARG E 111 52.43 -37.52 23.07
N ILE E 112 53.37 -36.87 23.73
CA ILE E 112 54.77 -37.19 23.62
C ILE E 112 55.21 -37.69 25.00
N ASN E 113 55.95 -38.80 25.04
CA ASN E 113 56.44 -39.31 26.31
C ASN E 113 57.92 -39.21 26.41
N HIS E 114 58.61 -38.96 25.30
CA HIS E 114 60.07 -38.87 25.41
C HIS E 114 60.76 -38.07 24.35
N PHE E 115 61.76 -37.30 24.70
CA PHE E 115 62.54 -36.59 23.71
C PHE E 115 63.92 -37.21 23.61
N GLU E 116 64.72 -36.77 22.65
CA GLU E 116 66.16 -37.06 22.62
C GLU E 116 66.93 -35.89 22.05
N LYS E 117 67.48 -35.07 22.92
CA LYS E 117 68.18 -33.86 22.45
C LYS E 117 69.32 -34.24 21.47
N ILE E 118 69.35 -33.68 20.26
CA ILE E 118 70.51 -33.91 19.39
C ILE E 118 71.05 -32.65 18.81
N GLN E 119 72.36 -32.60 18.64
CA GLN E 119 73.00 -31.43 18.03
C GLN E 119 72.81 -31.38 16.51
N ILE E 120 72.32 -30.25 15.97
CA ILE E 120 72.13 -30.19 14.53
C ILE E 120 72.96 -29.08 13.89
N ILE E 121 73.51 -28.18 14.69
CA ILE E 121 74.47 -27.20 14.19
C ILE E 121 75.48 -26.94 15.35
N PRO E 122 76.68 -27.50 15.22
CA PRO E 122 77.75 -27.49 16.24
C PRO E 122 78.14 -26.09 16.62
N LYS E 123 78.18 -25.75 17.91
CA LYS E 123 78.48 -24.38 18.29
C LYS E 123 79.87 -23.90 17.81
N SER E 124 80.79 -24.85 17.69
CA SER E 124 82.14 -24.60 17.21
C SER E 124 82.16 -24.24 15.74
N SER E 125 81.08 -24.56 15.06
CA SER E 125 81.08 -24.41 13.64
C SER E 125 81.03 -22.96 13.20
N TRP E 126 80.62 -22.07 14.08
CA TRP E 126 80.47 -20.65 13.69
C TRP E 126 81.84 -19.99 13.62
N SER E 127 82.55 -20.28 12.53
CA SER E 127 83.94 -19.91 12.37
C SER E 127 84.16 -18.42 12.03
N SER E 128 83.21 -17.84 11.31
CA SER E 128 83.41 -16.48 10.84
C SER E 128 82.49 -15.44 11.57
N HIS E 129 81.89 -15.87 12.69
CA HIS E 129 81.13 -15.01 13.60
C HIS E 129 81.56 -15.18 15.06
N GLU E 130 81.07 -14.33 15.95
CA GLU E 130 81.34 -14.49 17.36
C GLU E 130 80.16 -15.16 18.14
N ALA E 131 80.27 -16.48 18.35
CA ALA E 131 79.22 -17.20 19.08
C ALA E 131 79.27 -16.82 20.55
N SER E 132 80.44 -16.42 21.02
CA SER E 132 80.65 -16.38 22.45
C SER E 132 80.45 -15.03 23.12
N LEU E 133 79.83 -14.08 22.44
CA LEU E 133 79.64 -12.79 23.07
C LEU E 133 78.19 -12.69 23.37
N GLY E 134 77.46 -13.66 22.84
CA GLY E 134 76.01 -13.61 22.86
C GLY E 134 75.37 -13.92 24.18
N VAL E 135 75.52 -12.99 25.12
CA VAL E 135 75.18 -13.27 26.49
C VAL E 135 74.44 -12.10 27.20
N SER E 136 73.39 -12.37 27.98
CA SER E 136 72.74 -11.26 28.68
C SER E 136 72.47 -11.47 30.13
N SER E 137 72.50 -10.32 30.81
CA SER E 137 72.22 -10.12 32.21
C SER E 137 70.76 -10.41 32.53
N ALA E 138 69.93 -10.52 31.49
CA ALA E 138 68.56 -10.97 31.67
C ALA E 138 68.55 -12.45 31.96
N CYS E 139 69.65 -13.09 31.55
CA CYS E 139 69.77 -14.55 31.47
C CYS E 139 70.89 -15.17 32.32
N PRO E 140 70.88 -14.89 33.60
CA PRO E 140 71.99 -15.07 34.52
C PRO E 140 72.18 -16.51 34.98
N TYR E 141 73.40 -17.05 34.92
CA TYR E 141 73.60 -18.39 35.47
C TYR E 141 73.72 -18.28 36.97
N GLN E 142 74.88 -17.92 37.48
CA GLN E 142 74.83 -17.71 38.91
C GLN E 142 75.53 -16.41 39.08
N GLY E 143 74.77 -15.36 38.81
CA GLY E 143 75.31 -14.00 38.79
C GLY E 143 76.16 -13.79 37.54
N LYS E 144 76.68 -14.90 36.99
CA LYS E 144 77.32 -14.89 35.68
C LYS E 144 76.22 -14.63 34.66
N SER E 145 76.39 -13.66 33.77
CA SER E 145 75.30 -13.45 32.84
C SER E 145 75.51 -14.46 31.72
N SER E 146 74.44 -14.99 31.14
CA SER E 146 74.64 -16.11 30.24
C SER E 146 73.61 -16.02 29.11
N PHE E 147 73.09 -17.16 28.66
CA PHE E 147 72.08 -17.19 27.62
C PHE E 147 71.32 -18.50 27.66
N PHE E 148 70.22 -18.62 26.92
CA PHE E 148 69.59 -19.91 26.65
C PHE E 148 70.61 -20.93 26.16
N ARG E 149 70.51 -22.21 26.51
CA ARG E 149 71.57 -23.14 26.06
C ARG E 149 71.38 -23.86 24.67
N ASN E 150 70.16 -24.12 24.25
CA ASN E 150 69.97 -24.88 23.04
C ASN E 150 69.95 -24.00 21.82
N VAL E 151 70.10 -22.69 22.00
CA VAL E 151 70.14 -21.82 20.84
C VAL E 151 71.39 -20.98 20.95
N VAL E 152 71.76 -20.27 19.89
CA VAL E 152 73.03 -19.52 19.91
C VAL E 152 72.88 -18.09 19.37
N TRP E 153 73.28 -17.08 20.12
CA TRP E 153 73.13 -15.70 19.69
C TRP E 153 74.36 -15.21 18.93
N LEU E 154 74.40 -15.44 17.64
CA LEU E 154 75.57 -15.02 16.87
C LEU E 154 75.77 -13.50 16.84
N ILE E 155 77.01 -13.04 16.76
CA ILE E 155 77.33 -11.61 16.73
C ILE E 155 78.44 -11.33 15.73
N LYS E 156 78.55 -10.11 15.23
CA LYS E 156 79.56 -9.81 14.22
C LYS E 156 80.96 -10.05 14.75
N LYS E 157 81.85 -10.45 13.86
CA LYS E 157 83.24 -10.74 14.18
C LYS E 157 84.12 -9.79 13.40
N ASP E 158 85.22 -9.37 14.02
CA ASP E 158 85.99 -8.21 13.54
C ASP E 158 85.01 -7.07 13.39
N SER E 159 84.81 -6.63 12.17
CA SER E 159 83.80 -5.61 12.01
C SER E 159 82.58 -6.10 11.26
N THR E 160 82.64 -7.29 10.67
CA THR E 160 81.59 -7.71 9.73
C THR E 160 80.78 -8.97 10.11
N TYR E 161 79.64 -9.16 9.46
CA TYR E 161 78.76 -10.32 9.68
C TYR E 161 78.37 -10.84 8.30
N PRO E 162 79.14 -11.81 7.80
CA PRO E 162 78.93 -12.35 6.45
C PRO E 162 77.70 -13.25 6.39
N THR E 163 77.07 -13.39 5.22
CA THR E 163 75.82 -14.14 5.11
C THR E 163 75.83 -15.62 5.49
N ILE E 164 75.08 -15.96 6.55
CA ILE E 164 74.93 -17.33 7.04
C ILE E 164 74.02 -18.21 6.18
N LYS E 165 74.56 -19.36 5.80
CA LYS E 165 73.83 -20.41 5.11
C LYS E 165 74.14 -21.78 5.76
N ARG E 166 73.18 -22.35 6.46
CA ARG E 166 73.42 -23.56 7.21
C ARG E 166 72.22 -24.42 6.99
N SER E 167 72.37 -25.72 6.83
CA SER E 167 71.16 -26.56 6.74
C SER E 167 71.46 -27.91 7.38
N TYR E 168 70.40 -28.56 7.86
CA TYR E 168 70.48 -29.84 8.51
C TYR E 168 69.41 -30.74 7.97
N ASN E 169 69.80 -31.96 7.54
CA ASN E 169 68.85 -32.92 6.96
C ASN E 169 68.56 -34.00 7.99
N ASN E 170 67.31 -34.06 8.47
CA ASN E 170 66.85 -35.03 9.46
C ASN E 170 66.94 -36.39 8.93
N THR E 171 68.06 -37.08 9.16
CA THR E 171 68.21 -38.44 8.68
C THR E 171 67.73 -39.50 9.67
N ASN E 172 66.99 -39.17 10.71
CA ASN E 172 66.51 -40.18 11.66
C ASN E 172 65.19 -40.63 11.19
N GLN E 173 64.65 -41.69 11.78
CA GLN E 173 63.31 -42.18 11.42
C GLN E 173 62.20 -41.57 12.26
N GLU E 174 62.51 -40.61 13.12
CA GLU E 174 61.45 -39.99 13.87
C GLU E 174 61.42 -38.49 13.56
N ASP E 175 60.38 -37.81 14.05
CA ASP E 175 60.23 -36.39 13.82
C ASP E 175 61.15 -35.51 14.69
N LEU E 176 61.57 -34.40 14.12
CA LEU E 176 62.48 -33.52 14.81
C LEU E 176 61.80 -32.22 15.22
N LEU E 177 61.61 -31.98 16.52
CA LEU E 177 61.18 -30.65 16.92
C LEU E 177 62.39 -29.70 16.90
N VAL E 178 62.32 -28.67 16.08
CA VAL E 178 63.40 -27.69 15.95
C VAL E 178 62.92 -26.25 16.37
N LEU E 179 63.81 -25.50 17.05
CA LEU E 179 63.57 -24.13 17.54
C LEU E 179 64.63 -23.11 17.13
N TRP E 180 64.21 -21.86 16.90
CA TRP E 180 65.13 -20.75 16.61
C TRP E 180 64.50 -19.39 16.85
N GLY E 181 65.20 -18.32 16.53
CA GLY E 181 64.63 -17.05 16.89
C GLY E 181 65.28 -15.78 16.40
N ILE E 182 64.57 -14.70 16.62
CA ILE E 182 65.02 -13.47 16.08
C ILE E 182 65.12 -12.46 17.17
N HIS E 183 66.13 -11.60 17.03
CA HIS E 183 66.36 -10.57 18.00
C HIS E 183 66.07 -9.24 17.42
N HIS E 184 65.17 -8.51 18.09
CA HIS E 184 64.67 -7.20 17.74
C HIS E 184 65.34 -6.13 18.59
N PRO E 185 66.31 -5.37 18.05
CA PRO E 185 66.96 -4.31 18.83
C PRO E 185 66.07 -3.05 19.12
N ASN E 186 66.68 -2.10 19.82
CA ASN E 186 66.02 -0.88 20.30
C ASN E 186 66.14 0.26 19.37
N ASP E 187 67.23 0.26 18.62
CA ASP E 187 67.46 1.34 17.70
C ASP E 187 68.52 0.99 16.69
N ALA E 188 68.75 1.89 15.74
CA ALA E 188 69.71 1.67 14.68
C ALA E 188 71.10 1.49 15.22
N ALA E 189 71.42 2.31 16.23
CA ALA E 189 72.74 2.29 16.86
C ALA E 189 73.07 0.94 17.43
N GLU E 190 72.10 0.36 18.14
CA GLU E 190 72.25 -0.98 18.69
C GLU E 190 72.42 -2.00 17.56
N GLN E 191 71.60 -1.90 16.54
CA GLN E 191 71.60 -2.87 15.47
C GLN E 191 72.97 -2.96 14.84
N THR E 192 73.51 -1.81 14.46
CA THR E 192 74.79 -1.74 13.77
C THR E 192 75.99 -2.12 14.65
N LYS E 193 75.91 -1.86 15.94
CA LYS E 193 76.91 -2.35 16.85
C LYS E 193 76.94 -3.87 16.86
N LEU E 194 75.78 -4.50 17.00
CA LEU E 194 75.75 -5.97 17.14
C LEU E 194 76.02 -6.78 15.87
N TYR E 195 75.46 -6.33 14.76
CA TYR E 195 75.42 -7.14 13.56
C TYR E 195 75.96 -6.43 12.33
N GLN E 196 76.39 -5.18 12.50
CA GLN E 196 76.95 -4.39 11.41
C GLN E 196 76.00 -4.04 10.26
N ASN E 197 75.51 -5.05 9.57
CA ASN E 197 74.56 -4.80 8.51
C ASN E 197 73.29 -4.20 9.08
N PRO E 198 72.78 -3.13 8.46
CA PRO E 198 71.59 -2.44 9.00
C PRO E 198 70.27 -3.05 8.53
N THR E 199 70.24 -3.54 7.31
CA THR E 199 69.03 -4.12 6.82
C THR E 199 69.26 -5.62 6.73
N THR E 200 68.47 -6.37 7.50
CA THR E 200 68.76 -7.76 7.77
C THR E 200 67.55 -8.68 7.70
N TYR E 201 67.79 -9.98 7.64
CA TYR E 201 66.72 -10.96 7.50
C TYR E 201 67.08 -12.36 8.00
N ILE E 202 66.02 -13.15 8.23
CA ILE E 202 66.14 -14.56 8.52
C ILE E 202 65.12 -15.34 7.72
N SER E 203 65.61 -16.11 6.73
CA SER E 203 64.82 -17.05 5.91
C SER E 203 64.98 -18.50 6.38
N VAL E 204 63.87 -19.25 6.39
CA VAL E 204 63.83 -20.62 6.89
C VAL E 204 62.93 -21.58 6.09
N GLY E 205 63.54 -22.63 5.51
CA GLY E 205 62.82 -23.54 4.66
C GLY E 205 62.78 -25.02 4.97
N THR E 206 61.60 -25.58 4.72
CA THR E 206 61.23 -26.97 4.92
C THR E 206 60.55 -27.47 3.61
N SER E 207 60.05 -28.70 3.61
CA SER E 207 59.18 -29.12 2.56
C SER E 207 57.85 -28.45 2.81
N THR E 208 57.61 -28.00 4.05
CA THR E 208 56.35 -27.29 4.35
C THR E 208 56.52 -25.84 4.87
N LEU E 209 57.72 -25.45 5.25
CA LEU E 209 57.91 -24.08 5.73
C LEU E 209 58.24 -23.18 4.55
N ASN E 210 57.85 -21.91 4.66
CA ASN E 210 58.32 -20.87 3.74
C ASN E 210 58.33 -19.60 4.55
N GLN E 211 59.41 -19.34 5.26
CA GLN E 211 59.35 -18.27 6.23
C GLN E 211 60.42 -17.23 6.02
N ARG E 212 60.01 -15.96 6.03
CA ARG E 212 61.03 -14.93 6.02
C ARG E 212 60.75 -13.92 7.10
N LEU E 213 61.58 -13.96 8.16
CA LEU E 213 61.52 -13.07 9.33
C LEU E 213 62.43 -11.86 9.19
N VAL E 214 61.93 -10.72 9.68
CA VAL E 214 62.66 -9.44 9.75
C VAL E 214 62.56 -8.73 11.09
N PRO E 215 63.69 -8.24 11.60
CA PRO E 215 63.67 -7.50 12.87
C PRO E 215 62.85 -6.22 12.81
N ARG E 216 62.31 -5.86 13.94
CA ARG E 216 61.32 -4.81 14.08
C ARG E 216 61.82 -3.78 15.09
N ILE E 217 62.58 -2.81 14.61
CA ILE E 217 63.14 -1.82 15.50
C ILE E 217 62.02 -0.89 16.08
N ALA E 218 62.06 -0.68 17.39
CA ALA E 218 61.05 0.08 18.12
C ALA E 218 61.54 0.50 19.50
N THR E 219 60.94 1.55 20.02
CA THR E 219 61.28 1.97 21.35
C THR E 219 60.31 1.37 22.40
N ARG E 220 60.81 0.50 23.28
CA ARG E 220 59.91 -0.22 24.19
C ARG E 220 60.20 -0.08 25.71
N SER E 221 59.18 -0.39 26.52
CA SER E 221 59.31 -0.40 27.96
C SER E 221 60.41 -1.34 28.32
N LYS E 222 61.13 -1.06 29.39
CA LYS E 222 62.12 -2.02 29.83
C LYS E 222 61.42 -3.16 30.53
N VAL E 223 61.86 -4.37 30.16
CA VAL E 223 61.46 -5.58 30.84
C VAL E 223 62.72 -6.18 31.30
N LYS E 224 62.83 -6.46 32.60
CA LYS E 224 64.06 -6.94 33.22
C LYS E 224 65.25 -6.07 32.84
N GLY E 225 65.06 -4.77 32.78
CA GLY E 225 66.19 -3.90 32.57
C GLY E 225 66.65 -3.80 31.14
N LEU E 226 66.05 -4.61 30.27
CA LEU E 226 66.34 -4.59 28.84
C LEU E 226 65.19 -4.03 28.04
N SER E 227 65.49 -3.37 26.92
CA SER E 227 64.41 -2.86 26.08
C SER E 227 64.21 -3.65 24.80
N GLY E 228 65.25 -4.39 24.39
CA GLY E 228 65.24 -5.23 23.21
C GLY E 228 64.41 -6.48 23.47
N ARG E 229 64.12 -7.26 22.43
CA ARG E 229 63.33 -8.49 22.61
C ARG E 229 63.86 -9.69 21.80
N MET E 230 63.45 -10.89 22.19
CA MET E 230 63.84 -12.11 21.51
C MET E 230 62.50 -12.74 21.04
N GLU E 231 62.41 -13.27 19.83
CA GLU E 231 61.18 -13.96 19.45
C GLU E 231 61.50 -15.31 18.88
N PHE E 232 60.93 -16.34 19.48
CA PHE E 232 61.30 -17.70 19.14
C PHE E 232 60.18 -18.37 18.36
N PHE E 233 60.56 -19.32 17.48
CA PHE E 233 59.68 -20.06 16.52
C PHE E 233 59.97 -21.59 16.49
N TRP E 234 59.09 -22.40 15.92
CA TRP E 234 59.36 -23.81 15.89
C TRP E 234 58.78 -24.64 14.76
N THR E 235 59.37 -25.78 14.43
CA THR E 235 58.69 -26.67 13.50
C THR E 235 58.92 -28.16 13.78
N ILE E 236 58.09 -29.04 13.24
CA ILE E 236 58.37 -30.48 13.28
C ILE E 236 59.09 -30.78 11.99
N LEU E 237 60.25 -31.42 12.03
CA LEU E 237 60.95 -31.65 10.78
C LEU E 237 60.72 -33.09 10.49
N LYS E 238 60.00 -33.29 9.41
CA LYS E 238 59.61 -34.60 8.98
C LYS E 238 60.80 -35.53 8.65
N PRO E 239 60.60 -36.84 8.86
CA PRO E 239 61.68 -37.77 8.60
C PRO E 239 62.12 -37.66 7.19
N ASN E 240 63.44 -37.54 7.04
CA ASN E 240 64.15 -37.52 5.77
C ASN E 240 64.01 -36.23 5.07
N ASP E 241 63.53 -35.22 5.79
CA ASP E 241 63.39 -33.85 5.27
C ASP E 241 64.47 -32.96 5.77
N ALA E 242 64.82 -31.94 5.00
CA ALA E 242 65.82 -30.97 5.42
C ALA E 242 65.27 -29.50 5.70
N ILE E 243 65.87 -28.86 6.72
CA ILE E 243 65.67 -27.44 7.05
C ILE E 243 66.91 -26.54 6.71
N ASN E 244 66.71 -25.38 6.11
CA ASN E 244 67.81 -24.50 5.67
C ASN E 244 67.70 -23.06 6.22
N PHE E 245 68.67 -22.61 6.98
CA PHE E 245 68.67 -21.25 7.51
C PHE E 245 69.60 -20.34 6.68
N GLU E 246 69.09 -19.16 6.38
CA GLU E 246 69.92 -18.16 5.74
C GLU E 246 69.68 -16.92 6.54
N SER E 247 70.74 -16.22 6.92
CA SER E 247 70.51 -14.98 7.61
C SER E 247 71.63 -13.96 7.42
N ASN E 248 71.53 -12.84 8.11
CA ASN E 248 72.19 -11.64 7.67
C ASN E 248 72.35 -10.69 8.85
N GLY E 249 71.78 -11.13 9.96
CA GLY E 249 71.80 -10.43 11.23
C GLY E 249 70.60 -10.84 12.08
N ASN E 250 70.66 -10.51 13.38
CA ASN E 250 69.57 -10.76 14.33
C ASN E 250 69.11 -12.24 14.43
N PHE E 251 70.00 -13.15 14.05
CA PHE E 251 69.70 -14.56 14.07
C PHE E 251 70.14 -15.21 15.35
N ILE E 252 69.19 -15.91 15.99
CA ILE E 252 69.42 -16.78 17.15
C ILE E 252 69.35 -18.20 16.58
N ALA E 253 70.52 -18.81 16.36
CA ALA E 253 70.64 -20.07 15.58
C ALA E 253 70.36 -21.31 16.41
N PRO E 254 70.03 -22.45 15.80
CA PRO E 254 69.97 -23.54 16.78
C PRO E 254 71.34 -24.18 17.04
N GLU E 255 71.41 -24.97 18.11
CA GLU E 255 72.45 -25.97 18.19
C GLU E 255 71.78 -27.32 18.42
N TYR E 256 70.96 -27.44 19.46
CA TYR E 256 70.35 -28.73 19.82
C TYR E 256 68.88 -28.77 19.43
N ALA E 257 68.39 -29.95 19.09
CA ALA E 257 67.00 -30.19 18.66
C ALA E 257 66.30 -31.29 19.44
N TYR E 258 65.06 -31.66 19.15
CA TYR E 258 64.49 -32.80 19.88
C TYR E 258 63.86 -33.82 18.94
N LYS E 259 64.28 -35.08 19.09
CA LYS E 259 63.65 -36.16 18.34
C LYS E 259 62.45 -36.71 19.13
N ILE E 260 61.28 -36.71 18.52
CA ILE E 260 60.09 -37.16 19.21
C ILE E 260 60.13 -38.68 19.20
N VAL E 261 60.34 -39.27 20.33
CA VAL E 261 60.82 -40.66 20.32
C VAL E 261 60.01 -41.70 21.11
N LYS E 262 58.98 -41.27 21.79
CA LYS E 262 57.99 -42.22 22.24
C LYS E 262 56.70 -41.40 22.33
N LYS E 263 55.65 -41.82 21.65
CA LYS E 263 54.37 -41.15 21.77
C LYS E 263 53.41 -41.98 22.61
N GLY E 264 52.30 -41.40 23.08
CA GLY E 264 51.34 -42.12 23.88
C GLY E 264 50.44 -41.21 24.69
N ASP E 265 49.69 -41.78 25.62
CA ASP E 265 48.92 -40.99 26.58
C ASP E 265 49.88 -40.16 27.45
N SER E 266 49.46 -38.93 27.72
CA SER E 266 50.14 -38.03 28.63
C SER E 266 49.26 -36.82 28.71
N THR E 267 49.52 -35.94 29.68
CA THR E 267 48.84 -34.66 29.73
C THR E 267 49.79 -33.68 30.35
N ILE E 268 49.52 -32.39 30.17
CA ILE E 268 50.18 -31.41 30.99
C ILE E 268 49.24 -31.08 32.15
N MET E 269 49.76 -31.34 33.34
CA MET E 269 49.03 -31.17 34.57
C MET E 269 49.53 -29.92 35.24
N LYS E 270 48.58 -29.04 35.47
CA LYS E 270 48.78 -27.82 36.24
C LYS E 270 48.61 -28.24 37.66
N SER E 271 49.65 -28.07 38.48
CA SER E 271 49.52 -28.43 39.88
C SER E 271 50.64 -27.76 40.62
N GLU E 272 50.41 -27.35 41.86
CA GLU E 272 51.47 -26.67 42.63
C GLU E 272 52.38 -27.66 43.30
N LEU E 273 51.87 -28.88 43.49
CA LEU E 273 52.56 -29.97 44.19
C LEU E 273 53.96 -30.28 43.62
N GLU E 274 54.69 -31.15 44.33
CA GLU E 274 56.01 -31.69 43.92
C GLU E 274 56.00 -33.23 43.96
N TYR E 275 57.16 -33.83 43.74
CA TYR E 275 57.21 -35.30 43.64
C TYR E 275 56.93 -36.02 44.97
N GLY E 276 55.89 -36.86 44.99
CA GLY E 276 55.44 -37.49 46.23
C GLY E 276 56.01 -38.86 46.60
N ASN E 277 56.87 -39.37 45.73
CA ASN E 277 57.53 -40.66 45.91
C ASN E 277 56.59 -41.84 46.10
N CYS E 278 55.49 -41.89 45.37
CA CYS E 278 54.61 -43.05 45.46
C CYS E 278 54.25 -43.61 44.06
N ASN E 279 53.15 -44.32 44.02
CA ASN E 279 52.74 -44.90 42.79
C ASN E 279 51.24 -45.10 42.77
N THR E 280 50.63 -44.84 41.62
CA THR E 280 49.23 -45.14 41.45
C THR E 280 48.87 -45.70 40.14
N LYS E 281 47.58 -45.98 40.03
CA LYS E 281 46.98 -46.34 38.76
C LYS E 281 46.03 -45.19 38.40
N CYS E 282 45.98 -44.21 39.29
CA CYS E 282 45.15 -43.03 39.12
C CYS E 282 45.75 -41.78 39.81
N GLN E 283 45.99 -40.73 39.03
CA GLN E 283 46.59 -39.50 39.51
C GLN E 283 45.70 -38.32 39.19
N THR E 284 45.69 -37.34 40.09
CA THR E 284 44.84 -36.17 40.06
C THR E 284 45.74 -35.00 40.33
N PRO E 285 45.46 -33.82 39.81
CA PRO E 285 46.32 -32.69 40.23
C PRO E 285 46.24 -32.33 41.73
N MET E 286 45.39 -33.00 42.50
CA MET E 286 45.25 -32.75 43.94
C MET E 286 45.94 -33.80 44.82
N GLY E 287 46.08 -35.01 44.29
CA GLY E 287 46.73 -36.13 44.95
C GLY E 287 46.25 -37.40 44.25
N ALA E 288 46.86 -38.55 44.53
CA ALA E 288 46.47 -39.79 43.86
C ALA E 288 45.24 -40.49 44.47
N ILE E 289 44.56 -41.33 43.68
CA ILE E 289 43.42 -42.11 44.17
C ILE E 289 43.74 -43.62 44.06
N ASN E 290 43.39 -44.41 45.08
CA ASN E 290 43.45 -45.88 45.02
C ASN E 290 42.11 -46.40 45.56
N SER E 291 41.21 -46.77 44.65
CA SER E 291 39.82 -47.08 45.02
C SER E 291 39.08 -47.99 44.02
N SER E 292 38.05 -48.68 44.49
CA SER E 292 37.28 -49.55 43.63
C SER E 292 35.97 -48.89 43.21
N MET E 293 35.61 -47.85 43.96
CA MET E 293 34.41 -47.05 43.65
C MET E 293 34.26 -46.67 42.17
N PRO E 294 33.01 -46.66 41.71
CA PRO E 294 32.73 -46.22 40.35
C PRO E 294 32.76 -44.70 40.21
N PHE E 295 32.74 -44.00 41.34
CA PHE E 295 32.68 -42.55 41.31
C PHE E 295 33.59 -41.86 42.29
N HIS E 296 34.17 -40.75 41.86
CA HIS E 296 34.90 -39.90 42.79
C HIS E 296 34.55 -38.45 42.59
N ASN E 297 34.95 -37.57 43.50
CA ASN E 297 34.69 -36.15 43.32
C ASN E 297 35.91 -35.26 43.63
N ILE E 298 37.09 -35.82 43.42
CA ILE E 298 38.33 -35.17 43.78
C ILE E 298 38.60 -34.02 42.82
N HIS E 299 38.66 -34.32 41.53
CA HIS E 299 39.05 -33.32 40.55
C HIS E 299 38.70 -33.81 39.13
N PRO E 300 38.10 -32.95 38.29
CA PRO E 300 37.63 -33.47 37.00
C PRO E 300 38.76 -33.91 36.03
N LEU E 301 39.97 -33.36 36.18
CA LEU E 301 41.07 -33.70 35.27
C LEU E 301 42.00 -34.77 35.80
N THR E 302 41.75 -36.05 35.54
CA THR E 302 42.54 -37.13 36.10
C THR E 302 43.24 -37.88 34.94
N ILE E 303 44.32 -38.60 35.23
CA ILE E 303 45.08 -39.43 34.27
C ILE E 303 45.29 -40.84 34.80
N GLY E 304 45.16 -41.87 33.96
CA GLY E 304 45.30 -43.26 34.38
C GLY E 304 43.94 -43.93 34.57
N GLU E 305 43.88 -45.19 35.04
CA GLU E 305 42.60 -45.89 35.18
C GLU E 305 41.77 -45.39 36.35
N CYS E 306 40.85 -44.46 36.10
CA CYS E 306 40.15 -43.74 37.15
C CYS E 306 38.63 -43.89 37.15
N PRO E 307 38.02 -43.75 38.33
CA PRO E 307 36.56 -43.61 38.43
C PRO E 307 36.06 -42.32 37.77
N LYS E 308 34.78 -42.30 37.42
CA LYS E 308 34.23 -41.18 36.66
C LYS E 308 33.91 -40.01 37.59
N TYR E 309 34.36 -38.80 37.23
CA TYR E 309 34.15 -37.63 38.07
C TYR E 309 32.70 -37.20 38.14
N VAL E 310 32.22 -36.84 39.32
CA VAL E 310 30.91 -36.21 39.43
C VAL E 310 31.05 -35.10 40.46
N LYS E 311 30.12 -34.15 40.50
CA LYS E 311 30.28 -33.03 41.42
C LYS E 311 29.59 -33.21 42.76
N SER E 312 28.97 -34.36 43.00
CA SER E 312 28.23 -34.58 44.25
C SER E 312 29.08 -34.83 45.50
N ASN E 313 28.57 -34.36 46.64
CA ASN E 313 29.16 -34.68 47.93
C ASN E 313 28.54 -35.88 48.64
N ARG E 314 27.82 -36.72 47.89
CA ARG E 314 27.15 -37.89 48.45
C ARG E 314 26.41 -38.65 47.34
N LEU E 315 26.75 -39.94 47.19
CA LEU E 315 26.01 -40.83 46.31
C LEU E 315 25.93 -42.16 46.99
N VAL E 316 24.82 -42.44 47.64
CA VAL E 316 24.70 -43.67 48.39
C VAL E 316 23.46 -44.41 47.94
N LEU E 317 23.64 -45.68 47.60
CA LEU E 317 22.55 -46.54 47.17
C LEU E 317 21.87 -47.31 48.32
N ALA E 318 20.57 -47.54 48.17
CA ALA E 318 19.85 -48.39 49.10
C ALA E 318 19.70 -49.73 48.44
N THR E 319 20.23 -50.75 49.10
CA THR E 319 20.21 -52.12 48.64
C THR E 319 19.35 -53.03 49.50
N GLY E 320 19.44 -52.81 50.81
CA GLY E 320 18.71 -53.59 51.78
C GLY E 320 17.30 -53.09 51.91
N LEU E 321 16.61 -53.45 52.99
CA LEU E 321 15.24 -53.00 53.11
C LEU E 321 15.07 -52.01 54.26
N ARG E 322 13.91 -51.35 54.29
CA ARG E 322 13.63 -50.26 55.23
C ARG E 322 13.81 -50.71 56.66
N ASN E 323 14.49 -49.93 57.51
CA ASN E 323 14.65 -50.37 58.91
C ASN E 323 13.57 -49.83 59.82
N SER E 324 13.17 -50.66 60.78
CA SER E 324 11.97 -50.44 61.58
C SER E 324 11.78 -49.00 62.05
N PRO E 325 10.57 -48.45 61.83
CA PRO E 325 10.17 -47.05 62.09
C PRO E 325 10.72 -46.50 63.40
N ASP F 2 76.10 103.29 -61.52
CA ASP F 2 76.38 101.92 -61.94
C ASP F 2 75.64 100.92 -61.04
N PRO F 3 74.84 99.99 -61.61
CA PRO F 3 74.41 98.92 -60.69
C PRO F 3 75.43 97.79 -60.54
N GLY F 4 75.97 97.63 -59.34
CA GLY F 4 76.87 96.53 -59.00
C GLY F 4 76.07 95.29 -58.67
N ASP F 5 76.67 94.10 -58.80
CA ASP F 5 75.95 92.84 -58.60
C ASP F 5 75.28 92.78 -57.21
N GLN F 6 74.13 92.09 -57.16
CA GLN F 6 73.25 92.11 -55.99
C GLN F 6 72.76 90.71 -55.56
N ILE F 7 72.57 90.52 -54.25
CA ILE F 7 71.96 89.29 -53.73
C ILE F 7 70.99 89.62 -52.58
N CYS F 8 69.81 88.97 -52.57
CA CYS F 8 68.77 89.28 -51.60
C CYS F 8 68.27 88.09 -50.74
N ILE F 9 67.77 88.39 -49.55
CA ILE F 9 67.22 87.38 -48.64
C ILE F 9 65.69 87.52 -48.52
N GLY F 10 64.96 86.43 -48.77
CA GLY F 10 63.50 86.46 -48.70
C GLY F 10 62.78 85.16 -48.35
N TYR F 11 61.44 85.21 -48.31
CA TYR F 11 60.63 84.08 -47.85
C TYR F 11 59.43 83.78 -48.76
N HIS F 12 58.81 82.62 -48.56
CA HIS F 12 57.68 82.13 -49.37
C HIS F 12 56.35 82.92 -49.20
N ALA F 13 55.52 82.90 -50.24
CA ALA F 13 54.14 83.41 -50.19
C ALA F 13 53.29 82.69 -51.23
N ASN F 14 51.97 82.81 -51.14
CA ASN F 14 51.08 82.13 -52.09
C ASN F 14 49.66 82.71 -52.15
N ASN F 15 48.70 81.88 -52.55
CA ASN F 15 47.30 82.31 -52.69
CA ASN F 15 47.31 82.31 -52.67
C ASN F 15 46.38 81.67 -51.65
N SER F 16 46.93 81.33 -50.49
CA SER F 16 46.19 80.77 -49.35
C SER F 16 45.58 81.85 -48.41
N THR F 17 44.29 81.72 -48.07
CA THR F 17 43.68 82.63 -47.08
C THR F 17 43.29 81.92 -45.78
N GLU F 18 44.01 80.84 -45.47
CA GLU F 18 43.87 80.14 -44.19
C GLU F 18 44.10 81.08 -43.01
N GLN F 19 43.22 81.00 -42.01
CA GLN F 19 43.36 81.85 -40.82
C GLN F 19 43.57 81.07 -39.51
N VAL F 20 44.56 81.50 -38.74
CA VAL F 20 44.79 80.95 -37.42
C VAL F 20 44.57 82.03 -36.36
N ASP F 21 44.75 81.65 -35.09
CA ASP F 21 44.65 82.61 -33.99
C ASP F 21 45.93 82.58 -33.15
N THR F 22 46.10 83.60 -32.32
CA THR F 22 47.28 83.69 -31.46
C THR F 22 46.90 84.40 -30.16
N ILE F 23 47.76 84.31 -29.15
CA ILE F 23 47.49 84.95 -27.86
C ILE F 23 47.23 86.47 -27.96
N MET F 24 47.82 87.13 -28.96
CA MET F 24 47.74 88.60 -29.09
C MET F 24 46.96 89.11 -30.32
N GLU F 25 46.73 88.22 -31.29
CA GLU F 25 46.10 88.61 -32.57
C GLU F 25 45.12 87.55 -33.08
N LYS F 26 43.95 88.00 -33.53
CA LYS F 26 42.94 87.09 -34.07
C LYS F 26 42.93 87.14 -35.60
N ASN F 27 42.56 86.02 -36.23
CA ASN F 27 42.35 85.95 -37.68
C ASN F 27 43.60 86.30 -38.52
N VAL F 28 44.77 85.89 -38.05
CA VAL F 28 46.02 86.09 -38.81
C VAL F 28 46.07 85.15 -40.00
N THR F 29 46.12 85.71 -41.21
CA THR F 29 46.13 84.88 -42.41
C THR F 29 47.53 84.32 -42.69
N VAL F 30 47.61 83.01 -42.94
CA VAL F 30 48.90 82.35 -43.06
C VAL F 30 49.09 81.46 -44.30
N THR F 31 50.33 81.04 -44.51
CA THR F 31 50.74 80.31 -45.70
C THR F 31 50.23 78.88 -45.74
N HIS F 32 50.53 78.12 -44.67
CA HIS F 32 50.05 76.75 -44.56
C HIS F 32 49.45 76.56 -43.18
N ALA F 33 48.33 75.84 -43.14
CA ALA F 33 47.61 75.60 -41.90
C ALA F 33 47.32 74.13 -41.76
N GLN F 34 46.85 73.73 -40.58
CA GLN F 34 46.53 72.33 -40.34
C GLN F 34 45.27 72.27 -39.47
N ASP F 35 44.13 71.94 -40.08
CA ASP F 35 42.89 71.76 -39.34
C ASP F 35 42.99 70.45 -38.58
N ILE F 36 42.73 70.47 -37.27
CA ILE F 36 42.83 69.23 -36.51
C ILE F 36 41.56 68.83 -35.78
N LEU F 37 40.47 69.56 -35.98
CA LEU F 37 39.22 69.18 -35.33
C LEU F 37 38.25 68.58 -36.32
N GLU F 38 37.87 67.33 -36.06
CA GLU F 38 36.89 66.64 -36.88
C GLU F 38 35.45 66.95 -36.43
N LYS F 39 34.63 67.43 -37.36
CA LYS F 39 33.29 67.88 -37.01
C LYS F 39 32.16 67.13 -37.74
N LYS F 40 32.52 66.19 -38.61
CA LYS F 40 31.49 65.51 -39.40
C LYS F 40 31.32 64.05 -38.96
N HIS F 41 30.07 63.63 -38.82
CA HIS F 41 29.74 62.22 -38.57
C HIS F 41 28.69 61.70 -39.57
N ASN F 42 28.36 60.42 -39.52
CA ASN F 42 27.50 59.86 -40.55
C ASN F 42 26.07 59.54 -40.14
N GLY F 43 25.63 60.14 -39.04
CA GLY F 43 24.25 60.05 -38.57
C GLY F 43 23.63 58.66 -38.43
N LYS F 44 24.45 57.62 -38.47
CA LYS F 44 23.94 56.25 -38.38
C LYS F 44 24.67 55.32 -37.40
N LEU F 45 24.00 54.25 -37.01
CA LEU F 45 24.60 53.24 -36.15
C LEU F 45 25.32 52.13 -36.94
N CYS F 46 26.63 51.98 -36.74
CA CYS F 46 27.42 51.02 -37.49
C CYS F 46 27.96 49.86 -36.69
N ASP F 47 28.52 48.88 -37.37
CA ASP F 47 29.26 47.83 -36.71
C ASP F 47 30.53 48.44 -36.13
N LEU F 48 31.13 47.73 -35.19
CA LEU F 48 32.40 48.16 -34.64
C LEU F 48 33.40 47.08 -35.08
N ASP F 49 34.14 47.41 -36.14
CA ASP F 49 34.81 46.40 -36.97
C ASP F 49 33.86 45.26 -37.28
N GLY F 50 34.22 44.05 -36.86
CA GLY F 50 33.43 42.89 -37.21
C GLY F 50 31.96 42.89 -36.80
N VAL F 51 31.67 43.48 -35.65
CA VAL F 51 30.48 43.11 -34.90
C VAL F 51 29.30 44.10 -34.96
N LYS F 52 28.10 43.53 -35.12
CA LYS F 52 26.86 44.30 -35.13
C LYS F 52 26.46 44.61 -33.71
N PRO F 53 26.14 45.89 -33.41
CA PRO F 53 25.63 46.26 -32.09
C PRO F 53 24.26 45.68 -31.83
N LEU F 54 24.00 45.32 -30.58
CA LEU F 54 22.68 44.89 -30.20
C LEU F 54 21.78 46.09 -30.11
N ILE F 55 20.86 46.22 -31.06
CA ILE F 55 19.91 47.30 -30.98
C ILE F 55 18.54 46.82 -30.58
N LEU F 56 18.19 47.09 -29.34
CA LEU F 56 16.84 46.92 -28.84
C LEU F 56 16.01 47.99 -29.54
N ARG F 57 14.84 47.65 -30.02
CA ARG F 57 14.13 48.66 -30.75
C ARG F 57 13.34 49.51 -29.75
N ASP F 58 12.18 48.99 -29.37
CA ASP F 58 11.31 49.62 -28.41
C ASP F 58 11.37 48.87 -27.11
N CYS F 59 12.41 48.07 -26.94
CA CYS F 59 12.64 47.41 -25.66
C CYS F 59 13.65 48.08 -24.73
N SER F 60 13.42 47.81 -23.45
CA SER F 60 14.37 48.12 -22.41
C SER F 60 15.17 46.88 -22.05
N VAL F 61 16.29 47.11 -21.39
CA VAL F 61 17.13 46.07 -20.92
C VAL F 61 16.29 45.20 -20.01
N ALA F 62 15.43 45.80 -19.21
CA ALA F 62 14.61 44.98 -18.34
C ALA F 62 13.68 44.12 -19.15
N GLY F 63 13.04 44.72 -20.16
CA GLY F 63 12.08 44.02 -21.03
C GLY F 63 12.65 42.88 -21.82
N TRP F 64 13.84 43.13 -22.36
CA TRP F 64 14.66 42.11 -22.99
C TRP F 64 14.86 40.95 -22.03
N LEU F 65 15.54 41.17 -20.91
CA LEU F 65 15.96 40.06 -20.07
C LEU F 65 14.82 39.26 -19.40
N LEU F 66 13.72 39.90 -19.07
CA LEU F 66 12.68 39.19 -18.34
C LEU F 66 11.84 38.43 -19.31
N GLY F 67 11.89 38.85 -20.59
CA GLY F 67 11.13 38.22 -21.65
C GLY F 67 9.72 38.74 -21.81
N ASN F 68 9.59 40.07 -21.97
CA ASN F 68 8.33 40.70 -22.37
C ASN F 68 7.89 40.15 -23.70
N PRO F 69 6.64 39.66 -23.83
CA PRO F 69 6.16 39.21 -25.14
C PRO F 69 6.42 40.19 -26.29
N MET F 70 6.33 41.48 -26.06
CA MET F 70 6.59 42.41 -27.16
C MET F 70 8.09 42.55 -27.53
N CYS F 71 8.91 41.79 -26.84
CA CYS F 71 10.36 41.92 -26.97
C CYS F 71 10.94 40.70 -27.67
N ASP F 72 10.09 39.96 -28.37
CA ASP F 72 10.44 38.61 -28.80
C ASP F 72 11.58 38.58 -29.80
N GLU F 73 11.77 39.67 -30.54
CA GLU F 73 12.91 39.81 -31.47
C GLU F 73 14.25 39.46 -30.86
N PHE F 74 14.34 39.55 -29.54
CA PHE F 74 15.62 39.45 -28.88
C PHE F 74 15.74 38.19 -28.08
N ILE F 75 14.99 37.17 -28.49
CA ILE F 75 14.84 36.00 -27.66
C ILE F 75 16.14 35.20 -27.57
N ASN F 76 16.99 35.26 -28.59
CA ASN F 76 18.32 34.67 -28.52
C ASN F 76 19.40 35.45 -29.27
N VAL F 77 19.85 36.58 -28.76
CA VAL F 77 20.71 37.45 -29.55
C VAL F 77 22.11 36.88 -29.76
N PRO F 78 22.73 37.21 -30.89
CA PRO F 78 24.14 36.87 -31.13
C PRO F 78 25.04 37.78 -30.31
N GLU F 79 26.32 37.41 -30.19
CA GLU F 79 27.30 38.28 -29.55
C GLU F 79 27.28 39.72 -30.13
N TRP F 80 27.41 40.71 -29.25
CA TRP F 80 27.33 42.10 -29.66
C TRP F 80 28.63 42.83 -29.39
N SER F 81 28.68 44.03 -29.93
CA SER F 81 29.81 44.89 -29.75
C SER F 81 29.48 45.92 -28.70
N TYR F 82 28.20 46.34 -28.66
CA TYR F 82 27.70 47.28 -27.66
C TYR F 82 26.19 47.41 -27.78
N ILE F 83 25.47 47.68 -26.71
CA ILE F 83 24.01 47.72 -26.79
C ILE F 83 23.48 49.16 -26.97
N VAL F 84 22.43 49.34 -27.77
CA VAL F 84 21.81 50.67 -27.89
C VAL F 84 20.35 50.65 -27.45
N GLU F 85 20.03 51.53 -26.52
CA GLU F 85 18.70 51.60 -25.93
C GLU F 85 18.14 53.01 -26.07
N LYS F 86 16.86 53.11 -26.41
CA LYS F 86 16.28 54.43 -26.56
C LYS F 86 16.13 55.04 -25.18
N ALA F 87 15.84 56.34 -25.17
CA ALA F 87 15.88 57.14 -23.96
C ALA F 87 14.71 56.84 -23.07
N ASN F 88 13.60 56.47 -23.66
CA ASN F 88 12.46 56.04 -22.86
C ASN F 88 11.75 54.93 -23.57
N PRO F 89 12.29 53.72 -23.54
CA PRO F 89 11.68 52.63 -24.31
C PRO F 89 10.24 52.38 -23.90
N VAL F 90 9.40 52.00 -24.86
CA VAL F 90 8.00 51.80 -24.55
C VAL F 90 7.67 50.47 -23.84
N ASN F 91 8.38 49.39 -24.20
CA ASN F 91 8.17 48.08 -23.58
C ASN F 91 9.13 47.74 -22.44
N ASP F 92 8.78 48.12 -21.22
CA ASP F 92 9.57 47.82 -20.06
C ASP F 92 8.89 46.70 -19.33
N LEU F 93 8.40 46.93 -18.11
CA LEU F 93 7.73 45.84 -17.41
C LEU F 93 6.25 45.86 -17.72
N CYS F 94 5.80 44.95 -18.59
CA CYS F 94 4.40 44.98 -19.04
C CYS F 94 3.40 44.84 -17.86
N TYR F 95 3.75 44.07 -16.84
CA TYR F 95 3.00 44.06 -15.62
C TYR F 95 3.71 45.03 -14.78
N PRO F 96 2.99 46.04 -14.24
CA PRO F 96 3.66 47.18 -13.59
C PRO F 96 4.42 46.84 -12.29
N GLY F 97 5.63 47.35 -12.16
CA GLY F 97 6.37 47.15 -10.93
C GLY F 97 7.81 47.67 -11.00
N ASP F 98 8.72 46.91 -10.42
CA ASP F 98 10.08 47.37 -10.17
C ASP F 98 11.13 46.27 -10.37
N PHE F 99 12.31 46.69 -10.84
CA PHE F 99 13.45 45.81 -11.07
C PHE F 99 14.57 46.20 -10.11
N ASN F 100 14.84 45.35 -9.12
CA ASN F 100 15.74 45.72 -8.05
C ASN F 100 17.22 45.86 -8.43
N ASP F 101 17.91 46.84 -7.89
CA ASP F 101 19.32 47.08 -8.19
C ASP F 101 19.63 47.03 -9.69
N TYR F 102 18.63 47.50 -10.42
CA TYR F 102 18.62 47.50 -11.88
C TYR F 102 19.76 48.34 -12.48
N GLU F 103 20.14 49.41 -11.83
CA GLU F 103 21.19 50.22 -12.40
C GLU F 103 22.51 49.45 -12.34
N GLU F 104 22.75 48.76 -11.23
CA GLU F 104 23.98 48.00 -11.06
C GLU F 104 24.10 46.87 -12.07
N LEU F 105 22.97 46.27 -12.44
CA LEU F 105 22.92 45.18 -13.43
C LEU F 105 23.23 45.60 -14.87
N LYS F 106 22.70 46.75 -15.24
CA LYS F 106 23.03 47.42 -16.50
C LYS F 106 24.55 47.67 -16.54
N HIS F 107 25.10 47.95 -15.37
CA HIS F 107 26.52 48.22 -15.27
C HIS F 107 27.30 46.93 -15.47
N LEU F 108 26.72 45.82 -15.02
CA LEU F 108 27.33 44.53 -15.28
C LEU F 108 27.37 44.30 -16.78
N LEU F 109 26.32 44.76 -17.47
CA LEU F 109 26.21 44.56 -18.91
C LEU F 109 27.26 45.30 -19.71
N SER F 110 27.84 46.36 -19.18
CA SER F 110 28.84 47.06 -19.96
C SER F 110 30.11 46.23 -20.01
N ARG F 111 30.12 45.09 -19.34
CA ARG F 111 31.30 44.22 -19.30
C ARG F 111 31.03 42.84 -19.95
N ILE F 112 29.88 42.75 -20.61
CA ILE F 112 29.41 41.52 -21.21
C ILE F 112 29.20 41.75 -22.70
N ASN F 113 29.59 40.74 -23.49
CA ASN F 113 29.37 40.71 -24.93
C ASN F 113 28.44 39.62 -25.43
N HIS F 114 28.20 38.56 -24.66
CA HIS F 114 27.29 37.50 -25.11
C HIS F 114 26.68 36.68 -23.98
N PHE F 115 25.41 36.29 -24.15
CA PHE F 115 24.74 35.34 -23.24
C PHE F 115 24.45 34.00 -23.93
N GLU F 116 24.07 33.00 -23.14
CA GLU F 116 23.45 31.81 -23.68
C GLU F 116 22.30 31.34 -22.81
N LYS F 117 21.09 31.74 -23.16
CA LYS F 117 19.92 31.41 -22.37
C LYS F 117 19.89 29.88 -22.10
N ILE F 118 19.73 29.42 -20.87
CA ILE F 118 19.56 27.98 -20.65
C ILE F 118 18.37 27.72 -19.76
N GLN F 119 17.71 26.60 -19.93
CA GLN F 119 16.54 26.33 -19.10
C GLN F 119 16.95 25.82 -17.77
N ILE F 120 16.44 26.34 -16.68
CA ILE F 120 16.87 25.75 -15.42
C ILE F 120 15.72 25.18 -14.62
N ILE F 121 14.50 25.57 -14.91
CA ILE F 121 13.38 24.85 -14.32
C ILE F 121 12.22 24.85 -15.31
N PRO F 122 12.07 23.74 -16.03
CA PRO F 122 11.10 23.54 -17.11
C PRO F 122 9.70 23.78 -16.60
N LYS F 123 8.96 24.60 -17.33
CA LYS F 123 7.62 25.01 -16.94
C LYS F 123 6.72 23.77 -16.67
N SER F 124 7.03 22.68 -17.35
CA SER F 124 6.33 21.43 -17.12
C SER F 124 6.58 20.79 -15.74
N SER F 125 7.69 21.14 -15.09
CA SER F 125 8.15 20.44 -13.85
C SER F 125 7.35 20.75 -12.56
N TRP F 126 6.48 21.75 -12.62
CA TRP F 126 5.60 22.12 -11.51
C TRP F 126 4.42 21.13 -11.34
N SER F 127 4.65 20.04 -10.64
CA SER F 127 3.64 18.98 -10.55
C SER F 127 2.47 19.32 -9.61
N SER F 128 2.74 20.07 -8.56
CA SER F 128 1.70 20.31 -7.56
C SER F 128 1.20 21.75 -7.53
N HIS F 129 1.52 22.52 -8.58
CA HIS F 129 0.96 23.86 -8.76
C HIS F 129 0.45 24.08 -10.19
N GLU F 130 -0.21 25.20 -10.45
CA GLU F 130 -0.63 25.51 -11.83
C GLU F 130 0.28 26.51 -12.58
N ALA F 131 1.21 26.00 -13.38
CA ALA F 131 2.11 26.90 -14.09
C ALA F 131 1.41 27.68 -15.22
N SER F 132 0.31 27.15 -15.74
CA SER F 132 -0.25 27.68 -16.99
C SER F 132 -1.45 28.61 -16.85
N LEU F 133 -1.68 29.13 -15.65
CA LEU F 133 -2.81 30.03 -15.42
C LEU F 133 -2.25 31.43 -15.22
N GLY F 134 -0.93 31.54 -15.29
CA GLY F 134 -0.27 32.80 -14.96
C GLY F 134 -0.30 33.92 -15.96
N VAL F 135 -1.46 34.50 -16.19
CA VAL F 135 -1.57 35.38 -17.33
C VAL F 135 -2.35 36.71 -17.08
N SER F 136 -1.83 37.82 -17.63
CA SER F 136 -2.46 39.13 -17.48
C SER F 136 -2.69 39.85 -18.78
N SER F 137 -3.75 40.64 -18.79
CA SER F 137 -4.15 41.46 -19.92
C SER F 137 -3.19 42.59 -20.24
N ALA F 138 -2.35 42.89 -19.26
CA ALA F 138 -1.32 43.90 -19.41
C ALA F 138 -0.17 43.43 -20.30
N CYS F 139 -0.10 42.11 -20.44
CA CYS F 139 1.06 41.46 -21.02
C CYS F 139 0.70 40.68 -22.27
N PRO F 140 0.06 41.36 -23.22
CA PRO F 140 -0.67 40.67 -24.28
C PRO F 140 0.24 40.10 -25.35
N TYR F 141 0.09 38.84 -25.74
CA TYR F 141 0.94 38.45 -26.85
C TYR F 141 0.31 38.95 -28.12
N GLN F 142 -0.66 38.22 -28.64
CA GLN F 142 -1.36 38.72 -29.80
C GLN F 142 -2.82 38.57 -29.47
N GLY F 143 -3.33 39.61 -28.81
CA GLY F 143 -4.73 39.68 -28.41
C GLY F 143 -5.10 38.85 -27.21
N LYS F 144 -4.78 37.56 -27.25
CA LYS F 144 -4.81 36.74 -26.06
C LYS F 144 -3.75 37.21 -25.07
N SER F 145 -4.14 37.28 -23.81
CA SER F 145 -3.28 37.76 -22.77
C SER F 145 -2.21 36.74 -22.35
N SER F 146 -1.07 37.21 -21.85
CA SER F 146 0.14 36.38 -21.67
C SER F 146 0.85 36.63 -20.35
N PHE F 147 2.16 36.61 -20.42
CA PHE F 147 2.99 37.00 -19.31
C PHE F 147 4.38 37.16 -19.87
N PHE F 148 5.32 37.58 -19.04
CA PHE F 148 6.73 37.40 -19.35
C PHE F 148 7.03 35.97 -19.80
N ARG F 149 8.03 35.82 -20.64
CA ARG F 149 8.36 34.49 -21.15
C ARG F 149 9.40 33.70 -20.29
N ASN F 150 10.32 34.39 -19.61
CA ASN F 150 11.38 33.70 -18.87
C ASN F 150 11.10 33.43 -17.39
N VAL F 151 9.97 33.86 -16.87
CA VAL F 151 9.71 33.61 -15.47
C VAL F 151 8.36 32.98 -15.42
N VAL F 152 7.93 32.46 -14.28
CA VAL F 152 6.64 31.81 -14.28
C VAL F 152 5.74 32.16 -13.13
N TRP F 153 4.56 32.60 -13.42
CA TRP F 153 3.66 33.02 -12.38
C TRP F 153 2.82 31.82 -11.88
N LEU F 154 3.34 31.05 -10.95
CA LEU F 154 2.59 29.91 -10.39
C LEU F 154 1.32 30.29 -9.61
N ILE F 155 0.29 29.45 -9.66
CA ILE F 155 -0.94 29.71 -8.93
C ILE F 155 -1.45 28.37 -8.37
N LYS F 156 -2.35 28.42 -7.39
CA LYS F 156 -2.83 27.21 -6.71
C LYS F 156 -3.49 26.19 -7.61
N LYS F 157 -3.33 24.94 -7.22
CA LYS F 157 -3.83 23.80 -7.96
C LYS F 157 -4.85 23.09 -7.07
N ASP F 158 -5.92 22.61 -7.69
CA ASP F 158 -7.08 22.18 -6.94
C ASP F 158 -7.43 23.30 -5.99
N SER F 159 -7.42 23.05 -4.70
CA SER F 159 -7.77 24.16 -3.84
C SER F 159 -6.57 24.71 -3.09
N THR F 160 -5.44 23.99 -3.12
CA THR F 160 -4.29 24.39 -2.31
C THR F 160 -2.94 24.68 -3.02
N TYR F 161 -2.07 25.38 -2.28
CA TYR F 161 -0.76 25.79 -2.73
C TYR F 161 0.19 25.28 -1.69
N PRO F 162 0.74 24.10 -1.94
CA PRO F 162 1.66 23.40 -1.02
C PRO F 162 3.06 24.03 -1.03
N THR F 163 3.79 23.96 0.08
CA THR F 163 5.08 24.67 0.15
C THR F 163 6.10 24.20 -0.90
N ILE F 164 6.53 25.09 -1.78
CA ILE F 164 7.59 24.85 -2.77
C ILE F 164 9.01 24.78 -2.20
N LYS F 165 9.71 23.71 -2.55
CA LYS F 165 11.13 23.59 -2.26
C LYS F 165 11.84 23.13 -3.49
N ARG F 166 12.61 24.01 -4.10
CA ARG F 166 13.23 23.80 -5.39
C ARG F 166 14.61 24.38 -5.42
N SER F 167 15.55 23.77 -6.14
CA SER F 167 16.90 24.35 -6.17
C SER F 167 17.61 24.00 -7.46
N TYR F 168 18.57 24.80 -7.86
CA TYR F 168 19.27 24.55 -9.11
C TYR F 168 20.77 24.74 -8.93
N ASN F 169 21.55 23.78 -9.40
CA ASN F 169 22.98 23.85 -9.24
C ASN F 169 23.68 24.18 -10.57
N ASN F 170 24.35 25.34 -10.63
CA ASN F 170 25.13 25.74 -11.80
C ASN F 170 26.31 24.81 -12.02
N THR F 171 26.07 23.86 -12.92
CA THR F 171 27.02 22.86 -13.37
C THR F 171 27.86 23.36 -14.55
N ASN F 172 27.78 24.65 -14.85
CA ASN F 172 28.52 25.23 -15.98
C ASN F 172 29.84 25.86 -15.63
N GLN F 173 30.62 26.15 -16.67
CA GLN F 173 31.94 26.74 -16.56
C GLN F 173 31.89 28.22 -16.44
N GLU F 174 30.73 28.76 -16.77
CA GLU F 174 30.57 30.20 -16.85
C GLU F 174 29.58 30.68 -15.79
N ASP F 175 29.52 31.99 -15.59
CA ASP F 175 28.57 32.61 -14.64
C ASP F 175 27.12 32.66 -15.07
N LEU F 176 26.22 32.58 -14.11
CA LEU F 176 24.79 32.57 -14.38
C LEU F 176 24.02 33.79 -13.87
N LEU F 177 23.56 34.65 -14.75
CA LEU F 177 22.65 35.69 -14.30
C LEU F 177 21.27 35.05 -14.07
N VAL F 178 20.71 35.12 -12.89
CA VAL F 178 19.38 34.52 -12.69
C VAL F 178 18.32 35.56 -12.20
N LEU F 179 17.08 35.53 -12.70
CA LEU F 179 16.07 36.53 -12.29
C LEU F 179 14.78 35.89 -11.77
N TRP F 180 14.14 36.49 -10.80
CA TRP F 180 12.90 35.96 -10.28
C TRP F 180 12.10 37.09 -9.66
N GLY F 181 11.00 36.75 -8.97
CA GLY F 181 10.19 37.83 -8.44
C GLY F 181 9.03 37.48 -7.54
N ILE F 182 8.45 38.55 -7.03
CA ILE F 182 7.38 38.47 -6.07
C ILE F 182 6.17 39.27 -6.53
N HIS F 183 5.01 38.74 -6.18
CA HIS F 183 3.78 39.40 -6.60
C HIS F 183 3.07 40.05 -5.42
N HIS F 184 2.91 41.37 -5.51
CA HIS F 184 2.27 42.16 -4.46
C HIS F 184 0.83 42.43 -4.86
N PRO F 185 -0.11 41.70 -4.25
CA PRO F 185 -1.54 41.81 -4.53
C PRO F 185 -2.22 43.05 -3.95
N ASN F 186 -3.52 43.16 -4.19
CA ASN F 186 -4.24 44.31 -3.72
C ASN F 186 -4.97 44.12 -2.41
N ASP F 187 -5.43 42.92 -2.11
CA ASP F 187 -6.09 42.75 -0.83
C ASP F 187 -6.15 41.30 -0.30
N ALA F 188 -6.73 41.13 0.88
CA ALA F 188 -6.76 39.84 1.51
C ALA F 188 -7.45 38.81 0.61
N ALA F 189 -8.57 39.18 0.00
CA ALA F 189 -9.32 38.28 -0.88
C ALA F 189 -8.54 37.83 -2.12
N GLU F 190 -7.92 38.79 -2.79
CA GLU F 190 -7.09 38.48 -3.94
C GLU F 190 -6.00 37.50 -3.63
N GLN F 191 -5.31 37.73 -2.51
CA GLN F 191 -4.17 36.93 -2.09
C GLN F 191 -4.57 35.47 -1.95
N THR F 192 -5.59 35.24 -1.14
CA THR F 192 -6.11 33.89 -0.88
C THR F 192 -6.86 33.28 -2.09
N LYS F 193 -7.42 34.12 -2.96
CA LYS F 193 -7.98 33.64 -4.21
C LYS F 193 -6.90 32.95 -5.04
N LEU F 194 -5.77 33.64 -5.23
CA LEU F 194 -4.70 33.14 -6.07
C LEU F 194 -3.85 32.05 -5.45
N TYR F 195 -3.55 32.17 -4.16
CA TYR F 195 -2.53 31.32 -3.55
C TYR F 195 -3.01 30.51 -2.34
N GLN F 196 -4.28 30.67 -1.99
CA GLN F 196 -4.91 29.95 -0.87
C GLN F 196 -4.40 30.34 0.53
N ASN F 197 -3.11 30.20 0.75
CA ASN F 197 -2.52 30.63 2.02
C ASN F 197 -2.53 32.15 2.18
N PRO F 198 -2.93 32.63 3.36
CA PRO F 198 -3.08 34.08 3.55
C PRO F 198 -1.77 34.75 3.92
N THR F 199 -0.91 34.02 4.64
CA THR F 199 0.39 34.55 5.07
C THR F 199 1.49 33.79 4.35
N THR F 200 2.32 34.53 3.61
CA THR F 200 3.29 33.95 2.68
C THR F 200 4.69 34.55 2.66
N TYR F 201 5.62 33.83 2.02
CA TYR F 201 7.01 34.27 1.94
C TYR F 201 7.78 33.62 0.79
N ILE F 202 8.89 34.24 0.39
CA ILE F 202 9.83 33.61 -0.53
C ILE F 202 11.24 33.77 -0.02
N SER F 203 11.88 32.66 0.33
CA SER F 203 13.29 32.64 0.72
C SER F 203 14.14 32.22 -0.46
N VAL F 204 15.29 32.85 -0.60
CA VAL F 204 16.23 32.50 -1.65
C VAL F 204 17.66 32.53 -1.15
N GLY F 205 18.34 31.36 -1.22
CA GLY F 205 19.68 31.24 -0.68
C GLY F 205 20.78 30.75 -1.58
N THR F 206 21.97 31.36 -1.43
CA THR F 206 23.19 31.08 -2.20
C THR F 206 24.35 30.89 -1.21
N SER F 207 25.57 30.73 -1.70
CA SER F 207 26.74 30.79 -0.84
C SER F 207 26.91 32.23 -0.41
N THR F 208 26.37 33.18 -1.16
CA THR F 208 26.52 34.57 -0.77
C THR F 208 25.18 35.28 -0.52
N LEU F 209 24.06 34.72 -0.99
CA LEU F 209 22.73 35.31 -0.78
C LEU F 209 22.15 34.86 0.55
N ASN F 210 21.31 35.70 1.12
CA ASN F 210 20.49 35.31 2.26
C ASN F 210 19.24 36.18 2.27
N GLN F 211 18.23 35.78 1.51
CA GLN F 211 17.11 36.66 1.23
C GLN F 211 15.78 36.08 1.69
N ARG F 212 14.95 36.92 2.30
CA ARG F 212 13.59 36.54 2.53
C ARG F 212 12.61 37.66 2.19
N LEU F 213 11.88 37.45 1.10
CA LEU F 213 10.90 38.40 0.61
C LEU F 213 9.52 38.08 1.17
N VAL F 214 8.76 39.14 1.51
CA VAL F 214 7.37 38.95 1.95
C VAL F 214 6.47 39.89 1.15
N PRO F 215 5.32 39.38 0.64
CA PRO F 215 4.34 40.15 -0.14
C PRO F 215 3.76 41.30 0.62
N ARG F 216 3.47 42.36 -0.12
CA ARG F 216 3.22 43.66 0.46
C ARG F 216 1.91 44.34 0.00
N ILE F 217 0.84 44.06 0.74
CA ILE F 217 -0.51 44.57 0.40
C ILE F 217 -0.74 46.09 0.58
N ALA F 218 -1.27 46.72 -0.46
CA ALA F 218 -1.47 48.16 -0.43
C ALA F 218 -2.47 48.60 -1.48
N THR F 219 -3.16 49.70 -1.19
CA THR F 219 -4.07 50.24 -2.17
C THR F 219 -3.32 51.26 -3.03
N ARG F 220 -3.18 50.93 -4.30
CA ARG F 220 -2.36 51.75 -5.16
C ARG F 220 -3.20 52.22 -6.37
N SER F 221 -2.69 53.28 -7.00
CA SER F 221 -3.23 53.79 -8.23
C SER F 221 -3.22 52.71 -9.29
N LYS F 222 -4.12 52.76 -10.26
CA LYS F 222 -4.00 51.83 -11.38
C LYS F 222 -2.91 52.29 -12.35
N VAL F 223 -2.04 51.34 -12.71
CA VAL F 223 -1.04 51.55 -13.75
C VAL F 223 -1.26 50.48 -14.77
N LYS F 224 -1.42 50.89 -16.04
CA LYS F 224 -1.83 50.00 -17.11
C LYS F 224 -3.03 49.19 -16.63
N GLY F 225 -3.96 49.83 -15.96
CA GLY F 225 -5.20 49.18 -15.64
C GLY F 225 -5.15 48.26 -14.47
N LEU F 226 -3.96 48.03 -13.96
CA LEU F 226 -3.83 47.13 -12.82
C LEU F 226 -3.43 47.84 -11.56
N SER F 227 -3.85 47.33 -10.42
CA SER F 227 -3.46 47.97 -9.16
C SER F 227 -2.34 47.24 -8.46
N GLY F 228 -2.22 45.94 -8.74
CA GLY F 228 -1.19 45.07 -8.18
C GLY F 228 0.18 45.32 -8.77
N ARG F 229 1.22 44.74 -8.16
CA ARG F 229 2.56 44.98 -8.68
C ARG F 229 3.41 43.72 -8.72
N MET F 230 4.44 43.79 -9.55
CA MET F 230 5.38 42.71 -9.71
C MET F 230 6.71 43.31 -9.29
N GLU F 231 7.50 42.60 -8.48
CA GLU F 231 8.84 43.08 -8.14
C GLU F 231 9.92 42.00 -8.40
N PHE F 232 10.92 42.34 -9.21
CA PHE F 232 11.88 41.34 -9.70
C PHE F 232 13.23 41.52 -9.02
N PHE F 233 13.99 40.41 -8.95
CA PHE F 233 15.28 40.32 -8.23
C PHE F 233 16.29 39.60 -9.06
N TRP F 234 17.57 39.78 -8.78
CA TRP F 234 18.55 39.03 -9.52
C TRP F 234 19.84 38.68 -8.82
N THR F 235 20.48 37.60 -9.26
CA THR F 235 21.79 37.32 -8.72
C THR F 235 22.75 36.74 -9.73
N ILE F 236 24.05 36.84 -9.45
CA ILE F 236 25.04 36.12 -10.26
C ILE F 236 25.39 34.84 -9.53
N LEU F 237 25.18 33.72 -10.19
CA LEU F 237 25.38 32.41 -9.56
C LEU F 237 26.67 31.84 -10.08
N LYS F 238 27.61 31.72 -9.17
CA LYS F 238 28.95 31.23 -9.43
C LYS F 238 29.05 29.77 -9.89
N PRO F 239 30.11 29.45 -10.69
CA PRO F 239 30.31 28.06 -11.07
C PRO F 239 30.35 27.16 -9.83
N ASN F 240 29.56 26.10 -9.93
CA ASN F 240 29.38 25.07 -8.91
C ASN F 240 28.57 25.48 -7.72
N ASP F 241 27.92 26.63 -7.83
CA ASP F 241 27.11 27.10 -6.71
C ASP F 241 25.67 26.77 -6.96
N ALA F 242 24.90 26.60 -5.87
CA ALA F 242 23.49 26.33 -5.99
C ALA F 242 22.61 27.45 -5.40
N ILE F 243 21.51 27.75 -6.09
CA ILE F 243 20.50 28.66 -5.58
C ILE F 243 19.29 27.81 -5.11
N ASN F 244 18.66 28.15 -3.99
CA ASN F 244 17.53 27.39 -3.46
C ASN F 244 16.31 28.25 -3.17
N PHE F 245 15.18 27.95 -3.83
CA PHE F 245 13.93 28.66 -3.59
C PHE F 245 12.96 27.91 -2.68
N GLU F 246 12.39 28.64 -1.73
CA GLU F 246 11.27 28.14 -0.96
C GLU F 246 10.22 29.22 -0.86
N SER F 247 9.01 28.89 -1.24
CA SER F 247 7.96 29.84 -1.12
C SER F 247 6.62 29.23 -0.85
N ASN F 248 5.60 30.05 -0.95
CA ASN F 248 4.41 29.80 -0.22
C ASN F 248 3.23 30.58 -0.83
N GLY F 249 3.57 31.37 -1.85
CA GLY F 249 2.62 32.20 -2.57
C GLY F 249 3.34 33.40 -3.18
N ASN F 250 2.70 34.08 -4.14
CA ASN F 250 3.29 35.29 -4.70
C ASN F 250 4.69 35.11 -5.31
N PHE F 251 5.05 33.86 -5.62
CA PHE F 251 6.35 33.50 -6.20
C PHE F 251 6.31 33.48 -7.73
N ILE F 252 7.17 34.30 -8.31
CA ILE F 252 7.38 34.38 -9.75
C ILE F 252 8.70 33.71 -9.97
N ALA F 253 8.58 32.45 -10.42
CA ALA F 253 9.63 31.42 -10.48
C ALA F 253 10.49 31.60 -11.72
N PRO F 254 11.78 31.20 -11.71
CA PRO F 254 12.44 31.30 -13.03
C PRO F 254 12.24 30.04 -13.91
N GLU F 255 12.44 30.20 -15.23
CA GLU F 255 12.61 29.09 -16.17
C GLU F 255 13.98 29.22 -16.87
N TYR F 256 14.26 30.36 -17.48
CA TYR F 256 15.54 30.54 -18.17
C TYR F 256 16.49 31.46 -17.42
N ALA F 257 17.77 31.20 -17.63
CA ALA F 257 18.85 31.94 -17.02
C ALA F 257 19.80 32.44 -18.09
N TYR F 258 20.87 33.12 -17.73
CA TYR F 258 21.81 33.54 -18.75
C TYR F 258 23.21 33.15 -18.39
N LYS F 259 23.92 32.45 -19.26
CA LYS F 259 25.33 32.15 -19.09
C LYS F 259 26.16 33.29 -19.67
N ILE F 260 27.03 33.89 -18.88
CA ILE F 260 27.88 34.94 -19.42
C ILE F 260 28.96 34.28 -20.20
N VAL F 261 28.96 34.51 -21.49
CA VAL F 261 29.67 33.67 -22.43
C VAL F 261 30.91 34.32 -23.00
N LYS F 262 30.87 35.64 -23.12
CA LYS F 262 32.06 36.38 -23.45
C LYS F 262 31.99 37.70 -22.71
N LYS F 263 33.06 38.02 -21.98
CA LYS F 263 33.18 39.31 -21.31
C LYS F 263 34.13 40.21 -22.10
N GLY F 264 34.06 41.51 -21.86
CA GLY F 264 34.91 42.45 -22.59
C GLY F 264 34.44 43.90 -22.61
N ASP F 265 35.12 44.73 -23.39
CA ASP F 265 34.70 46.14 -23.58
C ASP F 265 33.35 46.24 -24.24
N SER F 266 32.53 47.15 -23.74
CA SER F 266 31.23 47.42 -24.36
C SER F 266 30.56 48.56 -23.62
N THR F 267 29.47 49.05 -24.15
CA THR F 267 28.75 50.10 -23.46
C THR F 267 27.29 49.98 -23.72
N ILE F 268 26.49 50.56 -22.84
CA ILE F 268 25.12 50.83 -23.18
C ILE F 268 25.09 52.27 -23.67
N MET F 269 24.73 52.41 -24.94
CA MET F 269 24.69 53.69 -25.61
C MET F 269 23.25 54.15 -25.71
N LYS F 270 22.98 55.34 -25.15
CA LYS F 270 21.67 55.96 -25.23
C LYS F 270 21.48 56.71 -26.55
N SER F 271 20.56 56.23 -27.39
CA SER F 271 20.33 56.86 -28.68
C SER F 271 19.04 56.44 -29.33
N GLU F 272 18.41 57.34 -30.08
CA GLU F 272 17.15 57.04 -30.79
C GLU F 272 17.35 56.39 -32.13
N LEU F 273 18.52 56.64 -32.71
CA LEU F 273 18.83 56.16 -34.06
C LEU F 273 18.64 54.66 -34.17
N GLU F 274 18.68 54.16 -35.40
CA GLU F 274 18.65 52.72 -35.64
C GLU F 274 19.76 52.25 -36.59
N TYR F 275 19.72 50.98 -37.01
CA TYR F 275 20.87 50.37 -37.69
C TYR F 275 21.16 50.93 -39.08
N GLY F 276 22.41 51.37 -39.29
CA GLY F 276 22.83 52.03 -40.51
C GLY F 276 23.48 51.20 -41.60
N ASN F 277 23.67 49.90 -41.37
CA ASN F 277 24.29 48.99 -42.35
C ASN F 277 25.63 49.45 -42.85
N CYS F 278 26.45 49.98 -41.96
CA CYS F 278 27.78 50.44 -42.33
C CYS F 278 28.82 49.78 -41.42
N ASN F 279 30.01 50.38 -41.31
CA ASN F 279 31.02 49.85 -40.39
C ASN F 279 32.05 50.94 -40.04
N THR F 280 32.40 51.07 -38.76
CA THR F 280 33.50 51.98 -38.35
C THR F 280 34.39 51.50 -37.25
N LYS F 281 35.36 52.33 -36.90
CA LYS F 281 36.25 52.04 -35.81
C LYS F 281 35.96 52.95 -34.62
N CYS F 282 35.02 53.88 -34.82
CA CYS F 282 34.62 54.77 -33.74
C CYS F 282 33.14 55.16 -33.87
N GLN F 283 32.36 54.93 -32.81
CA GLN F 283 30.92 55.19 -32.83
C GLN F 283 30.47 56.24 -31.78
N THR F 284 29.44 57.00 -32.14
CA THR F 284 28.92 58.12 -31.34
C THR F 284 27.42 57.89 -31.25
N PRO F 285 26.78 58.27 -30.14
CA PRO F 285 25.32 58.10 -29.99
C PRO F 285 24.54 58.87 -31.05
N MET F 286 25.26 59.70 -31.79
CA MET F 286 24.68 60.48 -32.87
C MET F 286 25.04 60.00 -34.29
N GLY F 287 26.12 59.23 -34.42
CA GLY F 287 26.49 58.64 -35.70
C GLY F 287 27.96 58.30 -35.65
N ALA F 288 28.48 57.51 -36.60
CA ALA F 288 29.87 57.08 -36.55
C ALA F 288 30.87 58.11 -37.12
N ILE F 289 32.12 57.99 -36.71
CA ILE F 289 33.20 58.85 -37.18
C ILE F 289 34.22 58.07 -38.00
N ASN F 290 34.67 58.67 -39.09
CA ASN F 290 35.77 58.16 -39.88
C ASN F 290 36.77 59.27 -40.05
N SER F 291 37.82 59.26 -39.24
CA SER F 291 38.77 60.37 -39.29
C SER F 291 40.13 60.04 -38.70
N SER F 292 41.12 60.79 -39.17
CA SER F 292 42.48 60.62 -38.70
C SER F 292 42.83 61.68 -37.65
N MET F 293 42.06 62.77 -37.67
CA MET F 293 42.20 63.91 -36.76
C MET F 293 42.40 63.56 -35.28
N PRO F 294 43.17 64.38 -34.56
CA PRO F 294 43.41 64.13 -33.13
C PRO F 294 42.24 64.58 -32.26
N PHE F 295 41.34 65.38 -32.82
CA PHE F 295 40.24 65.92 -32.05
C PHE F 295 38.91 65.85 -32.78
N HIS F 296 37.85 65.59 -32.03
CA HIS F 296 36.53 65.69 -32.60
C HIS F 296 35.66 66.43 -31.61
N ASN F 297 34.47 66.86 -32.02
CA ASN F 297 33.59 67.56 -31.11
C ASN F 297 32.14 67.12 -31.22
N ILE F 298 31.93 65.87 -31.64
CA ILE F 298 30.57 65.40 -31.92
C ILE F 298 29.77 65.19 -30.62
N HIS F 299 30.27 64.32 -29.75
CA HIS F 299 29.55 63.86 -28.57
C HIS F 299 30.57 63.13 -27.71
N PRO F 300 30.63 63.45 -26.40
CA PRO F 300 31.73 62.98 -25.55
C PRO F 300 31.69 61.49 -25.25
N LEU F 301 30.54 60.83 -25.38
CA LEU F 301 30.40 59.40 -25.01
C LEU F 301 30.57 58.43 -26.18
N THR F 302 31.81 58.02 -26.42
CA THR F 302 32.15 57.23 -27.60
C THR F 302 32.63 55.83 -27.23
N ILE F 303 32.57 54.90 -28.19
CA ILE F 303 33.12 53.55 -28.02
C ILE F 303 34.01 53.24 -29.21
N GLY F 304 35.15 52.59 -28.97
CA GLY F 304 36.07 52.28 -30.06
C GLY F 304 37.33 53.15 -30.14
N GLU F 305 38.08 52.99 -31.22
CA GLU F 305 39.34 53.72 -31.43
C GLU F 305 39.10 55.19 -31.84
N CYS F 306 39.13 56.10 -30.87
CA CYS F 306 38.58 57.44 -31.10
C CYS F 306 39.49 58.68 -30.94
N PRO F 307 39.17 59.77 -31.67
CA PRO F 307 39.77 61.10 -31.44
C PRO F 307 39.40 61.61 -30.06
N LYS F 308 40.21 62.48 -29.47
CA LYS F 308 39.92 62.92 -28.13
C LYS F 308 38.90 64.03 -28.15
N TYR F 309 37.83 63.86 -27.38
CA TYR F 309 36.72 64.79 -27.40
C TYR F 309 37.10 66.16 -26.82
N VAL F 310 36.64 67.23 -27.46
CA VAL F 310 36.73 68.59 -26.90
C VAL F 310 35.46 69.35 -27.23
N LYS F 311 35.21 70.46 -26.55
CA LYS F 311 33.94 71.18 -26.75
C LYS F 311 33.97 72.36 -27.73
N SER F 312 35.10 72.59 -28.39
CA SER F 312 35.32 73.76 -29.27
C SER F 312 34.64 73.76 -30.64
N ASN F 313 34.41 74.96 -31.15
CA ASN F 313 33.85 75.12 -32.47
C ASN F 313 34.95 75.07 -33.53
N ARG F 314 36.18 75.38 -33.13
CA ARG F 314 37.28 75.49 -34.07
C ARG F 314 38.64 75.14 -33.47
N LEU F 315 39.42 74.29 -34.15
CA LEU F 315 40.84 74.13 -33.80
C LEU F 315 41.78 73.97 -34.99
N VAL F 316 42.49 75.05 -35.30
CA VAL F 316 43.40 75.13 -36.44
C VAL F 316 44.84 75.52 -36.08
N LEU F 317 45.79 74.73 -36.58
CA LEU F 317 47.22 75.01 -36.40
C LEU F 317 47.84 75.84 -37.51
N ALA F 318 48.90 76.57 -37.17
CA ALA F 318 49.72 77.25 -38.16
C ALA F 318 51.01 76.46 -38.40
N THR F 319 51.24 76.06 -39.65
CA THR F 319 52.43 75.30 -40.01
C THR F 319 53.41 76.14 -40.82
N GLY F 320 52.88 76.94 -41.75
CA GLY F 320 53.67 77.86 -42.54
C GLY F 320 53.88 79.18 -41.82
N LEU F 321 54.31 80.21 -42.56
CA LEU F 321 54.54 81.53 -41.98
C LEU F 321 53.54 82.57 -42.50
N ARG F 322 53.56 83.76 -41.90
CA ARG F 322 52.55 84.80 -42.17
C ARG F 322 52.42 85.11 -43.66
N ASN F 323 51.21 85.18 -44.16
CA ASN F 323 51.04 85.36 -45.60
C ASN F 323 50.90 86.79 -46.09
N SER F 324 51.54 87.02 -47.23
CA SER F 324 51.66 88.32 -47.91
C SER F 324 50.33 89.07 -48.08
N PRO F 325 50.36 90.41 -47.85
CA PRO F 325 49.25 91.36 -47.77
C PRO F 325 47.92 90.87 -48.36
N ASP G 2 64.56 49.44 -106.80
CA ASP G 2 64.70 47.99 -106.86
C ASP G 2 63.91 47.36 -105.70
N PRO G 3 63.01 46.40 -105.99
CA PRO G 3 62.46 45.65 -104.86
C PRO G 3 63.38 44.51 -104.41
N GLY G 4 63.87 44.56 -103.17
CA GLY G 4 64.67 43.46 -102.67
C GLY G 4 63.74 42.34 -102.29
N ASP G 5 64.24 41.10 -102.36
CA ASP G 5 63.42 39.90 -102.14
C ASP G 5 62.73 39.88 -100.76
N GLN G 6 61.57 39.23 -100.70
CA GLN G 6 60.73 39.25 -99.50
C GLN G 6 60.21 37.87 -99.10
N ILE G 7 60.09 37.64 -97.78
CA ILE G 7 59.41 36.45 -97.28
C ILE G 7 58.58 36.83 -96.03
N CYS G 8 57.32 36.37 -95.98
CA CYS G 8 56.37 36.74 -94.89
C CYS G 8 55.67 35.57 -94.17
N ILE G 9 55.20 35.82 -92.94
CA ILE G 9 54.49 34.82 -92.15
C ILE G 9 52.98 35.13 -91.98
N GLY G 10 52.14 34.13 -92.29
CA GLY G 10 50.69 34.27 -92.19
C GLY G 10 49.95 32.96 -91.88
N TYR G 11 48.62 33.00 -91.82
CA TYR G 11 47.82 31.84 -91.41
C TYR G 11 46.62 31.58 -92.35
N HIS G 12 46.01 30.39 -92.24
CA HIS G 12 44.90 30.00 -93.13
C HIS G 12 43.58 30.76 -92.91
N ALA G 13 42.77 30.89 -93.95
CA ALA G 13 41.40 31.44 -93.83
C ALA G 13 40.47 30.89 -94.90
N ASN G 14 39.16 31.11 -94.72
CA ASN G 14 38.15 30.69 -95.69
C ASN G 14 36.81 31.42 -95.50
N ASN G 15 35.71 30.79 -95.93
CA ASN G 15 34.38 31.38 -95.81
CA ASN G 15 34.39 31.40 -95.79
C ASN G 15 33.47 30.62 -94.83
N SER G 16 34.06 30.14 -93.73
CA SER G 16 33.32 29.39 -92.71
C SER G 16 32.66 30.35 -91.70
N THR G 17 31.37 30.14 -91.42
CA THR G 17 30.70 30.96 -90.40
C THR G 17 30.30 30.13 -89.16
N GLU G 18 31.04 29.04 -88.93
CA GLU G 18 30.95 28.23 -87.70
C GLU G 18 31.28 29.04 -86.44
N GLN G 19 30.46 28.91 -85.39
CA GLN G 19 30.71 29.62 -84.14
C GLN G 19 30.94 28.71 -82.92
N VAL G 20 31.99 29.03 -82.16
CA VAL G 20 32.27 28.34 -80.92
C VAL G 20 32.09 29.33 -79.76
N ASP G 21 32.27 28.86 -78.53
CA ASP G 21 32.20 29.71 -77.35
C ASP G 21 33.51 29.59 -76.60
N THR G 22 33.77 30.51 -75.68
CA THR G 22 35.02 30.49 -74.96
C THR G 22 34.83 31.06 -73.56
N ILE G 23 35.80 30.85 -72.66
CA ILE G 23 35.70 31.38 -71.31
C ILE G 23 35.45 32.90 -71.22
N MET G 24 35.97 33.63 -72.21
CA MET G 24 35.91 35.10 -72.18
C MET G 24 35.10 35.74 -73.30
N GLU G 25 34.79 34.97 -74.34
CA GLU G 25 34.18 35.54 -75.53
C GLU G 25 33.13 34.59 -76.13
N LYS G 26 31.95 35.13 -76.49
CA LYS G 26 30.89 34.32 -77.13
C LYS G 26 30.73 34.53 -78.65
N ASN G 27 30.30 33.46 -79.32
CA ASN G 27 30.00 33.48 -80.76
C ASN G 27 31.19 33.86 -81.63
N VAL G 28 32.38 33.46 -81.21
CA VAL G 28 33.59 33.68 -82.00
C VAL G 28 33.62 32.75 -83.21
N THR G 29 33.66 33.34 -84.41
CA THR G 29 33.63 32.56 -85.63
C THR G 29 35.01 32.00 -85.96
N VAL G 30 35.05 30.71 -86.30
CA VAL G 30 36.33 30.02 -86.48
C VAL G 30 36.43 29.29 -87.84
N THR G 31 37.64 28.83 -88.14
CA THR G 31 37.93 28.25 -89.44
C THR G 31 37.25 26.88 -89.61
N HIS G 32 37.49 26.00 -88.64
CA HIS G 32 36.86 24.68 -88.65
C HIS G 32 36.26 24.34 -87.29
N ALA G 33 35.09 23.69 -87.29
CA ALA G 33 34.40 23.35 -86.05
C ALA G 33 34.07 21.86 -85.95
N GLN G 34 33.68 21.45 -84.75
CA GLN G 34 33.35 20.06 -84.43
C GLN G 34 32.15 19.98 -83.47
N ASP G 35 30.96 19.64 -83.99
CA ASP G 35 29.82 19.41 -83.11
C ASP G 35 30.03 18.07 -82.44
N ILE G 36 29.88 18.02 -81.12
CA ILE G 36 30.10 16.77 -80.44
C ILE G 36 28.86 16.29 -79.70
N LEU G 37 27.76 17.01 -79.83
CA LEU G 37 26.54 16.59 -79.17
C LEU G 37 25.50 16.06 -80.16
N GLU G 38 25.10 14.82 -79.92
CA GLU G 38 24.08 14.17 -80.71
C GLU G 38 22.72 14.60 -80.18
N LYS G 39 21.85 15.11 -81.05
CA LYS G 39 20.56 15.65 -80.57
C LYS G 39 19.35 14.95 -81.15
N LYS G 40 19.58 14.07 -82.12
CA LYS G 40 18.52 13.39 -82.87
C LYS G 40 18.48 11.88 -82.57
N HIS G 41 17.27 11.35 -82.44
CA HIS G 41 17.08 9.91 -82.29
C HIS G 41 16.08 9.45 -83.35
N ASN G 42 15.25 8.43 -83.08
CA ASN G 42 14.38 7.93 -84.14
C ASN G 42 12.96 7.58 -83.72
N GLY G 43 12.57 7.98 -82.53
CA GLY G 43 11.22 7.76 -82.06
C GLY G 43 10.67 6.35 -82.07
N LYS G 44 11.55 5.37 -82.17
CA LYS G 44 11.11 3.98 -82.21
C LYS G 44 11.82 3.14 -81.17
N LEU G 45 11.14 2.06 -80.78
CA LEU G 45 11.72 1.03 -79.91
C LEU G 45 12.30 -0.15 -80.71
N CYS G 46 13.60 -0.34 -80.62
CA CYS G 46 14.24 -1.35 -81.44
C CYS G 46 14.83 -2.53 -80.69
N ASP G 47 15.26 -3.53 -81.47
CA ASP G 47 16.01 -4.65 -80.93
C ASP G 47 17.31 -4.11 -80.38
N LEU G 48 17.94 -4.90 -79.52
CA LEU G 48 19.23 -4.50 -79.00
C LEU G 48 20.21 -5.57 -79.49
N ASP G 49 21.01 -5.19 -80.48
CA ASP G 49 21.68 -6.16 -81.35
C ASP G 49 20.67 -7.19 -81.85
N GLY G 50 20.92 -8.46 -81.55
CA GLY G 50 20.00 -9.49 -82.00
C GLY G 50 18.56 -9.44 -81.46
N VAL G 51 18.41 -9.01 -80.20
CA VAL G 51 17.23 -9.38 -79.40
C VAL G 51 16.13 -8.34 -79.15
N LYS G 52 14.90 -8.81 -79.28
CA LYS G 52 13.72 -7.97 -79.10
C LYS G 52 13.37 -7.76 -77.67
N PRO G 53 13.10 -6.49 -77.32
CA PRO G 53 12.59 -6.14 -76.00
C PRO G 53 11.19 -6.67 -75.79
N LEU G 54 10.89 -7.10 -74.57
CA LEU G 54 9.55 -7.46 -74.18
C LEU G 54 8.77 -6.21 -73.97
N ILE G 55 7.84 -5.95 -74.87
CA ILE G 55 6.98 -4.79 -74.77
C ILE G 55 5.60 -5.17 -74.32
N LEU G 56 5.30 -4.94 -73.05
CA LEU G 56 3.95 -5.10 -72.53
C LEU G 56 3.19 -3.95 -73.16
N ARG G 57 2.06 -4.20 -73.74
CA ARG G 57 1.46 -3.04 -74.36
C ARG G 57 0.57 -2.42 -73.31
N ASP G 58 -0.62 -2.97 -73.13
CA ASP G 58 -1.56 -2.43 -72.16
C ASP G 58 -1.56 -3.26 -70.91
N CYS G 59 -0.51 -4.07 -70.77
CA CYS G 59 -0.27 -4.80 -69.53
C CYS G 59 0.74 -4.19 -68.58
N SER G 60 0.57 -4.53 -67.31
CA SER G 60 1.55 -4.29 -66.25
C SER G 60 2.39 -5.52 -65.93
N VAL G 61 3.50 -5.30 -65.25
CA VAL G 61 4.34 -6.40 -64.84
C VAL G 61 3.53 -7.30 -63.91
N ALA G 62 2.75 -6.72 -63.02
CA ALA G 62 1.96 -7.56 -62.15
C ALA G 62 1.00 -8.37 -62.97
N GLY G 63 0.35 -7.75 -63.95
CA GLY G 63 -0.64 -8.44 -64.78
C GLY G 63 -0.15 -9.63 -65.60
N TRP G 64 1.02 -9.46 -66.17
CA TRP G 64 1.80 -10.52 -66.83
C TRP G 64 2.06 -11.71 -65.90
N LEU G 65 2.77 -11.48 -64.80
CA LEU G 65 3.28 -12.57 -63.99
C LEU G 65 2.17 -13.35 -63.34
N LEU G 66 1.10 -12.69 -62.97
CA LEU G 66 0.03 -13.41 -62.32
C LEU G 66 -0.86 -14.00 -63.36
N GLY G 67 -0.85 -13.43 -64.56
CA GLY G 67 -1.68 -13.96 -65.64
C GLY G 67 -3.08 -13.40 -65.73
N ASN G 68 -3.20 -12.08 -65.87
CA ASN G 68 -4.48 -11.46 -66.25
C ASN G 68 -4.99 -11.98 -67.60
N PRO G 69 -6.26 -12.43 -67.68
CA PRO G 69 -6.78 -12.87 -68.97
C PRO G 69 -6.57 -11.91 -70.14
N MET G 70 -6.67 -10.61 -69.94
CA MET G 70 -6.47 -9.73 -71.08
C MET G 70 -4.98 -9.62 -71.42
N CYS G 71 -4.14 -10.38 -70.72
CA CYS G 71 -2.70 -10.27 -70.93
C CYS G 71 -2.18 -11.52 -71.64
N ASP G 72 -3.09 -12.29 -72.23
CA ASP G 72 -2.76 -13.62 -72.73
C ASP G 72 -1.76 -13.48 -73.86
N GLU G 73 -1.68 -12.28 -74.45
CA GLU G 73 -0.68 -11.97 -75.46
C GLU G 73 0.72 -12.36 -75.01
N PHE G 74 0.87 -12.45 -73.70
CA PHE G 74 2.15 -12.71 -73.09
C PHE G 74 2.28 -14.01 -72.31
N ILE G 75 1.61 -15.12 -72.69
CA ILE G 75 1.71 -16.34 -71.84
C ILE G 75 3.04 -17.07 -71.97
N ASN G 76 3.69 -17.04 -73.12
CA ASN G 76 4.98 -17.70 -73.21
C ASN G 76 6.06 -16.86 -73.87
N VAL G 77 6.50 -15.80 -73.24
CA VAL G 77 7.38 -14.90 -73.95
C VAL G 77 8.79 -15.50 -74.10
N PRO G 78 9.47 -15.19 -75.21
CA PRO G 78 10.86 -15.50 -75.55
C PRO G 78 11.84 -14.77 -74.69
N GLU G 79 13.10 -15.18 -74.70
CA GLU G 79 14.14 -14.41 -74.04
C GLU G 79 14.19 -12.96 -74.57
N TRP G 80 14.35 -11.99 -73.66
CA TRP G 80 14.37 -10.53 -73.97
C TRP G 80 15.67 -9.83 -73.62
N SER G 81 15.79 -8.60 -74.11
CA SER G 81 16.94 -7.77 -73.84
C SER G 81 16.59 -6.72 -72.79
N TYR G 82 15.35 -6.29 -72.79
CA TYR G 82 14.86 -5.31 -71.81
C TYR G 82 13.34 -5.24 -71.85
N ILE G 83 12.71 -4.94 -70.73
CA ILE G 83 11.24 -4.92 -70.71
C ILE G 83 10.81 -3.47 -70.90
N VAL G 84 9.75 -3.21 -71.67
CA VAL G 84 9.19 -1.86 -71.73
C VAL G 84 7.73 -1.86 -71.29
N GLU G 85 7.44 -0.99 -70.32
CA GLU G 85 6.14 -0.91 -69.66
C GLU G 85 5.54 0.49 -69.75
N LYS G 86 4.24 0.58 -70.03
CA LYS G 86 3.69 1.92 -70.11
C LYS G 86 3.62 2.58 -68.71
N ALA G 87 3.36 3.87 -68.66
CA ALA G 87 3.45 4.63 -67.41
C ALA G 87 2.24 4.37 -66.52
N ASN G 88 1.11 4.10 -67.13
CA ASN G 88 -0.02 3.66 -66.35
C ASN G 88 -0.84 2.62 -67.06
N PRO G 89 -0.31 1.40 -67.14
CA PRO G 89 -0.94 0.28 -67.85
C PRO G 89 -2.33 0.01 -67.34
N VAL G 90 -3.22 -0.29 -68.26
CA VAL G 90 -4.63 -0.44 -67.99
C VAL G 90 -5.03 -1.76 -67.36
N ASN G 91 -4.34 -2.82 -67.77
CA ASN G 91 -4.56 -4.19 -67.28
C ASN G 91 -3.57 -4.62 -66.20
N ASP G 92 -3.90 -4.33 -64.96
CA ASP G 92 -3.07 -4.74 -63.85
C ASP G 92 -3.67 -5.92 -63.15
N LEU G 93 -4.12 -5.73 -61.91
CA LEU G 93 -4.81 -6.79 -61.19
C LEU G 93 -6.31 -6.69 -61.42
N CYS G 94 -6.85 -7.48 -62.33
CA CYS G 94 -8.28 -7.37 -62.67
C CYS G 94 -9.24 -7.58 -61.46
N TYR G 95 -8.91 -8.47 -60.52
CA TYR G 95 -9.65 -8.50 -59.27
C TYR G 95 -8.84 -7.63 -58.42
N PRO G 96 -9.47 -6.61 -57.83
CA PRO G 96 -8.70 -5.57 -57.17
C PRO G 96 -8.00 -6.03 -55.90
N GLY G 97 -6.76 -5.59 -55.80
CA GLY G 97 -6.02 -5.80 -54.59
C GLY G 97 -4.62 -5.22 -54.71
N ASP G 98 -3.69 -5.91 -54.10
CA ASP G 98 -2.38 -5.36 -53.86
C ASP G 98 -1.44 -6.53 -54.07
N PHE G 99 -0.25 -6.19 -54.56
CA PHE G 99 0.87 -7.09 -54.80
C PHE G 99 1.96 -6.67 -53.81
N ASN G 100 2.21 -7.53 -52.83
CA ASN G 100 3.16 -7.28 -51.77
C ASN G 100 4.62 -7.19 -52.23
N ASP G 101 5.38 -6.27 -51.68
CA ASP G 101 6.78 -6.05 -52.07
C ASP G 101 7.03 -5.99 -53.56
N TYR G 102 6.06 -5.50 -54.28
CA TYR G 102 6.10 -5.44 -55.73
C TYR G 102 7.25 -4.61 -56.33
N GLU G 103 7.68 -3.55 -55.66
CA GLU G 103 8.76 -2.75 -56.23
C GLU G 103 10.04 -3.50 -56.14
N GLU G 104 10.21 -4.29 -55.09
CA GLU G 104 11.40 -5.14 -54.94
C GLU G 104 11.42 -6.26 -55.98
N LEU G 105 10.25 -6.76 -56.38
CA LEU G 105 10.14 -7.79 -57.42
C LEU G 105 10.51 -7.23 -58.76
N LYS G 106 10.01 -6.05 -59.10
CA LYS G 106 10.49 -5.39 -60.31
C LYS G 106 12.01 -5.29 -60.35
N HIS G 107 12.62 -5.15 -59.19
CA HIS G 107 14.03 -4.92 -59.19
C HIS G 107 14.74 -6.21 -59.58
N LEU G 108 14.16 -7.34 -59.20
CA LEU G 108 14.70 -8.61 -59.67
C LEU G 108 14.60 -8.66 -61.17
N LEU G 109 13.52 -8.11 -61.72
CA LEU G 109 13.31 -8.25 -63.15
C LEU G 109 14.42 -7.59 -63.92
N SER G 110 15.09 -6.62 -63.32
CA SER G 110 16.11 -5.90 -64.06
C SER G 110 17.37 -6.73 -64.26
N ARG G 111 17.37 -7.92 -63.68
CA ARG G 111 18.51 -8.85 -63.81
C ARG G 111 18.19 -10.16 -64.51
N ILE G 112 17.01 -10.25 -65.10
CA ILE G 112 16.49 -11.45 -65.70
C ILE G 112 16.21 -11.21 -67.18
N ASN G 113 16.61 -12.19 -68.01
CA ASN G 113 16.40 -12.15 -69.46
C ASN G 113 15.40 -13.14 -69.93
N HIS G 114 15.17 -14.20 -69.16
CA HIS G 114 14.20 -15.17 -69.59
C HIS G 114 13.59 -16.02 -68.45
N PHE G 115 12.27 -16.25 -68.49
CA PHE G 115 11.60 -17.16 -67.52
C PHE G 115 11.15 -18.39 -68.26
N GLU G 116 10.91 -19.48 -67.55
CA GLU G 116 10.26 -20.64 -68.13
C GLU G 116 9.23 -21.32 -67.23
N LYS G 117 7.97 -21.00 -67.42
CA LYS G 117 6.87 -21.47 -66.59
C LYS G 117 6.88 -22.97 -66.31
N ILE G 118 6.63 -23.38 -65.07
CA ILE G 118 6.36 -24.80 -64.80
C ILE G 118 5.18 -25.03 -63.89
N GLN G 119 4.46 -26.10 -64.07
CA GLN G 119 3.37 -26.37 -63.16
C GLN G 119 3.95 -26.92 -61.87
N ILE G 120 3.52 -26.45 -60.69
CA ILE G 120 4.02 -27.01 -59.44
C ILE G 120 2.89 -27.55 -58.56
N ILE G 121 1.65 -27.15 -58.82
CA ILE G 121 0.53 -27.88 -58.20
C ILE G 121 -0.66 -27.87 -59.16
N PRO G 122 -0.92 -29.01 -59.81
CA PRO G 122 -1.90 -29.23 -60.87
C PRO G 122 -3.31 -28.86 -60.48
N LYS G 123 -3.98 -28.01 -61.29
CA LYS G 123 -5.32 -27.52 -60.98
C LYS G 123 -6.24 -28.71 -60.76
N SER G 124 -5.92 -29.78 -61.47
CA SER G 124 -6.65 -31.03 -61.38
C SER G 124 -6.50 -31.69 -60.02
N SER G 125 -5.44 -31.36 -59.29
CA SER G 125 -5.14 -32.12 -58.08
C SER G 125 -6.00 -31.82 -56.88
N TRP G 126 -6.77 -30.75 -56.88
CA TRP G 126 -7.59 -30.38 -55.71
C TRP G 126 -8.85 -31.26 -55.53
N SER G 127 -8.68 -32.46 -54.98
CA SER G 127 -9.77 -33.42 -54.89
C SER G 127 -10.83 -33.04 -53.86
N SER G 128 -10.41 -32.33 -52.81
CA SER G 128 -11.25 -32.08 -51.67
C SER G 128 -11.76 -30.63 -51.51
N HIS G 129 -11.54 -29.83 -52.53
CA HIS G 129 -12.05 -28.47 -52.62
C HIS G 129 -12.62 -28.26 -54.01
N GLU G 130 -13.19 -27.10 -54.30
CA GLU G 130 -13.64 -26.79 -55.67
C GLU G 130 -12.71 -25.83 -56.45
N ALA G 131 -11.82 -26.35 -57.28
CA ALA G 131 -10.90 -25.49 -58.00
C ALA G 131 -11.60 -24.62 -59.06
N SER G 132 -12.76 -25.05 -59.53
CA SER G 132 -13.35 -24.51 -60.77
C SER G 132 -14.45 -23.48 -60.63
N LEU G 133 -14.57 -22.89 -59.44
CA LEU G 133 -15.60 -21.90 -59.21
C LEU G 133 -15.02 -20.50 -59.02
N GLY G 134 -13.70 -20.42 -58.95
CA GLY G 134 -13.08 -19.16 -58.63
C GLY G 134 -13.07 -18.19 -59.78
N VAL G 135 -14.22 -17.65 -60.11
CA VAL G 135 -14.33 -16.89 -61.34
C VAL G 135 -15.04 -15.59 -61.03
N SER G 136 -14.52 -14.47 -61.51
CA SER G 136 -15.18 -13.21 -61.19
C SER G 136 -15.43 -12.34 -62.43
N SER G 137 -16.51 -11.59 -62.36
CA SER G 137 -16.88 -10.71 -63.45
C SER G 137 -15.89 -9.58 -63.62
N ALA G 138 -15.13 -9.29 -62.58
CA ALA G 138 -14.09 -8.27 -62.68
C ALA G 138 -12.99 -8.75 -63.65
N CYS G 139 -12.95 -10.07 -63.82
CA CYS G 139 -11.85 -10.71 -64.49
C CYS G 139 -12.28 -11.42 -65.74
N PRO G 140 -12.91 -10.66 -66.64
CA PRO G 140 -13.67 -11.23 -67.74
C PRO G 140 -12.75 -11.75 -68.81
N TYR G 141 -12.94 -12.96 -69.31
CA TYR G 141 -12.12 -13.42 -70.43
C TYR G 141 -12.61 -12.73 -71.69
N GLN G 142 -13.68 -13.27 -72.26
CA GLN G 142 -14.36 -12.57 -73.32
C GLN G 142 -15.85 -12.69 -73.04
N GLY G 143 -16.32 -11.74 -72.23
CA GLY G 143 -17.70 -11.69 -71.78
C GLY G 143 -18.09 -12.69 -70.70
N LYS G 144 -17.94 -13.99 -70.95
CA LYS G 144 -18.07 -14.99 -69.89
C LYS G 144 -16.87 -14.78 -68.98
N SER G 145 -17.12 -14.70 -67.68
CA SER G 145 -16.08 -14.34 -66.69
C SER G 145 -15.10 -15.43 -66.25
N SER G 146 -13.95 -14.96 -65.77
CA SER G 146 -12.73 -15.75 -65.54
C SER G 146 -11.98 -15.44 -64.24
N PHE G 147 -10.65 -15.60 -64.30
CA PHE G 147 -9.73 -15.28 -63.19
C PHE G 147 -8.28 -15.20 -63.71
N PHE G 148 -7.33 -14.82 -62.84
CA PHE G 148 -5.90 -15.01 -63.11
C PHE G 148 -5.59 -16.44 -63.57
N ARG G 149 -4.65 -16.63 -64.49
CA ARG G 149 -4.43 -17.99 -65.00
C ARG G 149 -3.40 -18.80 -64.17
N ASN G 150 -2.41 -18.13 -63.60
CA ASN G 150 -1.37 -18.86 -62.92
C ASN G 150 -1.71 -19.16 -61.48
N VAL G 151 -2.82 -18.69 -60.94
CA VAL G 151 -3.12 -19.07 -59.57
C VAL G 151 -4.55 -19.59 -59.47
N VAL G 152 -4.95 -20.20 -58.36
CA VAL G 152 -6.29 -20.81 -58.34
C VAL G 152 -7.14 -20.49 -57.12
N TRP G 153 -8.34 -20.03 -57.35
CA TRP G 153 -9.20 -19.66 -56.27
C TRP G 153 -10.08 -20.83 -55.77
N LEU G 154 -9.55 -21.60 -54.83
CA LEU G 154 -10.28 -22.74 -54.27
C LEU G 154 -11.53 -22.36 -53.50
N ILE G 155 -12.51 -23.25 -53.41
CA ILE G 155 -13.74 -22.96 -52.70
C ILE G 155 -14.24 -24.20 -52.00
N LYS G 156 -15.08 -24.08 -51.00
CA LYS G 156 -15.56 -25.25 -50.26
C LYS G 156 -16.38 -26.19 -51.12
N LYS G 157 -16.23 -27.47 -50.80
CA LYS G 157 -16.87 -28.57 -51.53
C LYS G 157 -17.94 -29.25 -50.66
N ASP G 158 -19.05 -29.58 -51.29
CA ASP G 158 -20.26 -29.93 -50.55
C ASP G 158 -20.53 -28.87 -49.51
N SER G 159 -20.40 -29.28 -48.27
CA SER G 159 -20.64 -28.29 -47.27
C SER G 159 -19.37 -27.82 -46.58
N THR G 160 -18.25 -28.52 -46.79
CA THR G 160 -17.01 -28.21 -46.04
C THR G 160 -15.75 -27.84 -46.86
N TYR G 161 -14.74 -27.36 -46.15
CA TYR G 161 -13.43 -27.02 -46.71
C TYR G 161 -12.41 -27.65 -45.75
N PRO G 162 -11.95 -28.86 -46.05
CA PRO G 162 -10.99 -29.54 -45.17
C PRO G 162 -9.60 -28.92 -45.30
N THR G 163 -8.75 -29.09 -44.29
CA THR G 163 -7.46 -28.42 -44.30
C THR G 163 -6.47 -28.81 -45.41
N ILE G 164 -6.10 -27.82 -46.24
CA ILE G 164 -5.06 -27.98 -47.24
C ILE G 164 -3.66 -28.08 -46.64
N LYS G 165 -2.95 -29.16 -46.97
CA LYS G 165 -1.54 -29.35 -46.64
C LYS G 165 -0.87 -29.81 -47.91
N ARG G 166 -0.13 -28.93 -48.58
CA ARG G 166 0.43 -29.25 -49.88
C ARG G 166 1.82 -28.68 -49.98
N SER G 167 2.72 -29.38 -50.66
CA SER G 167 4.08 -28.85 -50.74
C SER G 167 4.83 -29.27 -51.97
N TYR G 168 5.79 -28.45 -52.39
CA TYR G 168 6.53 -28.67 -53.61
C TYR G 168 8.02 -28.46 -53.41
N ASN G 169 8.81 -29.42 -53.88
CA ASN G 169 10.25 -29.38 -53.73
C ASN G 169 10.92 -29.00 -55.04
N ASN G 170 11.57 -27.83 -55.10
CA ASN G 170 12.28 -27.40 -56.31
C ASN G 170 13.42 -28.34 -56.65
N THR G 171 13.11 -29.28 -57.52
CA THR G 171 14.01 -30.31 -58.00
C THR G 171 14.82 -29.82 -59.18
N ASN G 172 14.79 -28.53 -59.47
CA ASN G 172 15.42 -28.01 -60.68
C ASN G 172 16.76 -27.35 -60.46
N GLN G 173 17.45 -27.01 -61.55
CA GLN G 173 18.75 -26.36 -61.46
C GLN G 173 18.72 -24.93 -61.10
N GLU G 174 17.57 -24.35 -61.38
CA GLU G 174 17.41 -22.92 -61.37
C GLU G 174 16.56 -22.41 -60.20
N ASP G 175 16.58 -21.10 -60.02
CA ASP G 175 15.76 -20.47 -59.01
C ASP G 175 14.30 -20.46 -59.46
N LEU G 176 13.35 -20.59 -58.53
CA LEU G 176 11.93 -20.59 -58.87
C LEU G 176 11.17 -19.36 -58.31
N LEU G 177 10.78 -18.39 -59.12
CA LEU G 177 9.89 -17.37 -58.58
C LEU G 177 8.46 -17.91 -58.34
N VAL G 178 7.98 -17.97 -57.11
CA VAL G 178 6.66 -18.57 -56.87
C VAL G 178 5.65 -17.57 -56.32
N LEU G 179 4.39 -17.56 -56.83
CA LEU G 179 3.36 -16.57 -56.42
C LEU G 179 2.06 -17.17 -55.90
N TRP G 180 1.42 -16.52 -54.95
CA TRP G 180 0.16 -17.01 -54.37
C TRP G 180 -0.62 -15.86 -53.75
N GLY G 181 -1.71 -16.19 -53.05
CA GLY G 181 -2.49 -15.12 -52.50
C GLY G 181 -3.60 -15.44 -51.53
N ILE G 182 -4.11 -14.37 -50.95
CA ILE G 182 -5.11 -14.48 -49.90
C ILE G 182 -6.27 -13.62 -50.28
N HIS G 183 -7.48 -14.12 -49.93
CA HIS G 183 -8.72 -13.44 -50.31
C HIS G 183 -9.39 -12.92 -49.07
N HIS G 184 -9.59 -11.59 -49.08
CA HIS G 184 -10.17 -10.79 -48.00
C HIS G 184 -11.64 -10.50 -48.38
N PRO G 185 -12.62 -11.22 -47.77
CA PRO G 185 -14.05 -11.07 -48.06
C PRO G 185 -14.67 -9.81 -47.45
N ASN G 186 -15.96 -9.62 -47.72
CA ASN G 186 -16.62 -8.40 -47.33
C ASN G 186 -17.26 -8.55 -45.99
N ASP G 187 -17.74 -9.72 -45.67
CA ASP G 187 -18.30 -9.92 -44.34
C ASP G 187 -18.40 -11.38 -43.93
N ALA G 188 -18.70 -11.62 -42.67
CA ALA G 188 -18.72 -12.97 -42.13
C ALA G 188 -19.69 -13.87 -42.89
N ALA G 189 -20.75 -13.32 -43.48
CA ALA G 189 -21.65 -14.15 -44.31
C ALA G 189 -20.93 -14.71 -45.58
N GLU G 190 -20.23 -13.83 -46.31
CA GLU G 190 -19.49 -14.23 -47.50
C GLU G 190 -18.42 -15.25 -47.10
N GLN G 191 -17.72 -14.96 -46.00
CA GLN G 191 -16.66 -15.82 -45.52
C GLN G 191 -17.21 -17.20 -45.30
N THR G 192 -18.30 -17.32 -44.53
CA THR G 192 -18.83 -18.65 -44.30
C THR G 192 -19.42 -19.22 -45.59
N LYS G 193 -19.95 -18.39 -46.50
CA LYS G 193 -20.44 -18.95 -47.76
C LYS G 193 -19.38 -19.67 -48.61
N LEU G 194 -18.24 -19.02 -48.81
CA LEU G 194 -17.15 -19.52 -49.66
C LEU G 194 -16.28 -20.62 -49.02
N TYR G 195 -15.97 -20.50 -47.73
CA TYR G 195 -14.97 -21.37 -47.12
C TYR G 195 -15.52 -22.12 -45.92
N GLN G 196 -16.79 -21.86 -45.62
CA GLN G 196 -17.44 -22.55 -44.53
C GLN G 196 -16.89 -22.30 -43.13
N ASN G 197 -15.62 -22.58 -42.88
CA ASN G 197 -15.04 -22.29 -41.56
C ASN G 197 -14.96 -20.80 -41.34
N PRO G 198 -15.30 -20.33 -40.13
CA PRO G 198 -15.37 -18.90 -39.91
C PRO G 198 -14.01 -18.27 -39.58
N THR G 199 -13.11 -18.98 -38.92
CA THR G 199 -11.80 -18.40 -38.63
C THR G 199 -10.66 -19.12 -39.37
N THR G 200 -9.95 -18.39 -40.23
CA THR G 200 -9.06 -19.03 -41.20
C THR G 200 -7.66 -18.45 -41.30
N TYR G 201 -6.77 -19.15 -41.99
CA TYR G 201 -5.39 -18.71 -42.10
C TYR G 201 -4.65 -19.29 -43.28
N ILE G 202 -3.51 -18.68 -43.62
CA ILE G 202 -2.60 -19.27 -44.59
C ILE G 202 -1.15 -19.28 -44.09
N SER G 203 -0.62 -20.48 -43.81
CA SER G 203 0.79 -20.61 -43.44
C SER G 203 1.62 -21.03 -44.67
N VAL G 204 2.82 -20.44 -44.79
CA VAL G 204 3.74 -20.70 -45.88
C VAL G 204 5.17 -20.77 -45.45
N GLY G 205 5.80 -21.95 -45.63
CA GLY G 205 7.16 -22.14 -45.16
C GLY G 205 8.20 -22.57 -46.16
N THR G 206 9.41 -22.03 -46.01
CA THR G 206 10.61 -22.31 -46.82
C THR G 206 11.81 -22.57 -45.87
N SER G 207 13.02 -22.70 -46.41
CA SER G 207 14.17 -22.68 -45.54
C SER G 207 14.38 -21.25 -45.03
N THR G 208 13.85 -20.23 -45.71
CA THR G 208 14.00 -18.88 -45.17
C THR G 208 12.64 -18.13 -44.92
N LEU G 209 11.53 -18.66 -45.42
CA LEU G 209 10.23 -18.04 -45.20
C LEU G 209 9.61 -18.55 -43.91
N ASN G 210 8.82 -17.73 -43.24
CA ASN G 210 8.01 -18.20 -42.10
C ASN G 210 6.74 -17.37 -42.01
N GLN G 211 5.70 -17.73 -42.72
CA GLN G 211 4.60 -16.78 -42.89
C GLN G 211 3.23 -17.30 -42.41
N ARG G 212 2.47 -16.49 -41.67
CA ARG G 212 1.10 -16.89 -41.39
C ARG G 212 0.16 -15.75 -41.63
N LEU G 213 -0.57 -15.79 -42.77
CA LEU G 213 -1.47 -14.73 -43.23
C LEU G 213 -2.87 -15.03 -42.75
N VAL G 214 -3.59 -13.96 -42.38
CA VAL G 214 -5.00 -14.06 -41.99
C VAL G 214 -5.84 -12.98 -42.64
N PRO G 215 -7.00 -13.37 -43.19
CA PRO G 215 -7.97 -12.49 -43.84
C PRO G 215 -8.54 -11.39 -42.95
N ARG G 216 -8.85 -10.29 -43.61
CA ARG G 216 -9.15 -9.03 -42.98
C ARG G 216 -10.50 -8.58 -43.50
N ILE G 217 -11.55 -9.02 -42.80
CA ILE G 217 -12.90 -8.68 -43.22
C ILE G 217 -13.15 -7.18 -42.96
N ALA G 218 -13.70 -6.49 -43.95
CA ALA G 218 -13.90 -5.03 -43.86
C ALA G 218 -14.95 -4.53 -44.85
N THR G 219 -15.63 -3.43 -44.52
CA THR G 219 -16.58 -2.84 -45.46
C THR G 219 -15.86 -1.76 -46.28
N ARG G 220 -15.74 -1.99 -47.58
CA ARG G 220 -14.91 -1.11 -48.42
C ARG G 220 -15.70 -0.54 -49.60
N SER G 221 -15.19 0.54 -50.18
CA SER G 221 -15.79 1.10 -51.39
C SER G 221 -15.75 0.07 -52.49
N LYS G 222 -16.71 0.08 -53.42
CA LYS G 222 -16.63 -0.84 -54.57
C LYS G 222 -15.61 -0.37 -55.60
N VAL G 223 -14.78 -1.33 -56.06
CA VAL G 223 -13.87 -1.16 -57.18
C VAL G 223 -14.10 -2.26 -58.20
N LYS G 224 -14.31 -1.84 -59.45
CA LYS G 224 -14.77 -2.68 -60.55
C LYS G 224 -15.97 -3.49 -60.08
N GLY G 225 -16.81 -2.84 -59.29
CA GLY G 225 -18.06 -3.44 -58.87
C GLY G 225 -17.97 -4.40 -57.72
N LEU G 226 -16.75 -4.70 -57.29
CA LEU G 226 -16.55 -5.61 -56.16
C LEU G 226 -16.00 -4.81 -54.99
N SER G 227 -16.35 -5.24 -53.78
CA SER G 227 -15.85 -4.59 -52.59
C SER G 227 -14.76 -5.41 -51.94
N GLY G 228 -14.75 -6.71 -52.22
CA GLY G 228 -13.75 -7.58 -51.64
C GLY G 228 -12.39 -7.33 -52.25
N ARG G 229 -11.34 -7.91 -51.64
CA ARG G 229 -9.99 -7.70 -52.13
C ARG G 229 -9.12 -8.94 -52.20
N MET G 230 -8.13 -8.85 -53.07
CA MET G 230 -7.18 -9.91 -53.32
C MET G 230 -5.78 -9.40 -52.98
N GLU G 231 -5.03 -10.18 -52.22
CA GLU G 231 -3.66 -9.77 -51.93
C GLU G 231 -2.71 -10.97 -52.22
N PHE G 232 -1.73 -10.67 -53.07
CA PHE G 232 -0.81 -11.64 -53.66
C PHE G 232 0.53 -11.45 -53.01
N PHE G 233 1.28 -12.56 -52.91
CA PHE G 233 2.61 -12.64 -52.24
C PHE G 233 3.56 -13.46 -53.05
N TRP G 234 4.87 -13.27 -52.87
CA TRP G 234 5.83 -14.01 -53.67
C TRP G 234 7.14 -14.35 -53.05
N THR G 235 7.75 -15.45 -53.49
CA THR G 235 9.13 -15.71 -53.06
C THR G 235 10.04 -16.34 -54.09
N ILE G 236 11.36 -16.21 -53.92
CA ILE G 236 12.27 -16.94 -54.81
C ILE G 236 12.63 -18.22 -54.11
N LEU G 237 12.43 -19.36 -54.77
CA LEU G 237 12.63 -20.64 -54.14
C LEU G 237 13.90 -21.22 -54.61
N LYS G 238 14.80 -21.33 -53.65
CA LYS G 238 16.15 -21.85 -53.87
C LYS G 238 16.22 -23.31 -54.33
N PRO G 239 17.20 -23.61 -55.18
CA PRO G 239 17.41 -24.98 -55.67
C PRO G 239 17.63 -25.95 -54.54
N ASN G 240 16.85 -27.01 -54.63
CA ASN G 240 16.81 -28.14 -53.72
C ASN G 240 16.05 -27.76 -52.45
N ASP G 241 15.30 -26.65 -52.51
CA ASP G 241 14.47 -26.21 -51.37
C ASP G 241 13.01 -26.53 -51.56
N ALA G 242 12.27 -26.74 -50.47
CA ALA G 242 10.83 -26.98 -50.59
C ALA G 242 9.94 -25.89 -49.92
N ILE G 243 8.86 -25.50 -50.61
CA ILE G 243 7.82 -24.63 -50.06
C ILE G 243 6.54 -25.42 -49.69
N ASN G 244 5.97 -25.20 -48.51
CA ASN G 244 4.81 -25.99 -48.04
C ASN G 244 3.65 -25.09 -47.67
N PHE G 245 2.49 -25.27 -48.27
CA PHE G 245 1.32 -24.47 -47.92
C PHE G 245 0.41 -25.24 -46.95
N GLU G 246 -0.06 -24.54 -45.92
CA GLU G 246 -1.13 -25.07 -45.08
C GLU G 246 -2.17 -23.97 -45.01
N SER G 247 -3.42 -24.31 -45.32
CA SER G 247 -4.43 -23.30 -45.16
C SER G 247 -5.76 -23.99 -44.92
N ASN G 248 -6.79 -23.16 -44.91
CA ASN G 248 -8.02 -23.44 -44.18
C ASN G 248 -9.22 -22.60 -44.73
N GLY G 249 -8.92 -21.75 -45.70
CA GLY G 249 -9.87 -20.85 -46.33
C GLY G 249 -9.17 -19.65 -46.97
N ASN G 250 -9.84 -18.90 -47.84
CA ASN G 250 -9.25 -17.68 -48.42
C ASN G 250 -7.84 -17.89 -49.06
N PHE G 251 -7.53 -19.14 -49.34
CA PHE G 251 -6.26 -19.50 -49.94
C PHE G 251 -6.42 -19.47 -51.44
N ILE G 252 -5.59 -18.62 -52.07
CA ILE G 252 -5.44 -18.49 -53.53
C ILE G 252 -4.12 -19.09 -53.85
N ALA G 253 -4.22 -20.32 -54.39
CA ALA G 253 -3.17 -21.34 -54.54
C ALA G 253 -2.24 -21.06 -55.70
N PRO G 254 -1.01 -21.59 -55.72
CA PRO G 254 -0.40 -21.45 -57.05
C PRO G 254 -0.78 -22.66 -57.90
N GLU G 255 -0.64 -22.52 -59.22
CA GLU G 255 -0.61 -23.67 -60.12
C GLU G 255 0.73 -23.60 -60.86
N TYR G 256 1.00 -22.47 -61.52
CA TYR G 256 2.23 -22.32 -62.30
C TYR G 256 3.19 -21.43 -61.54
N ALA G 257 4.48 -21.68 -61.72
CA ALA G 257 5.57 -20.97 -61.06
C ALA G 257 6.50 -20.47 -62.18
N TYR G 258 7.63 -19.83 -61.93
CA TYR G 258 8.54 -19.47 -63.05
C TYR G 258 9.99 -19.84 -62.80
N LYS G 259 10.65 -20.55 -63.70
CA LYS G 259 12.09 -20.82 -63.53
C LYS G 259 12.88 -19.60 -64.00
N ILE G 260 13.73 -19.05 -63.15
CA ILE G 260 14.51 -17.90 -63.61
C ILE G 260 15.66 -18.48 -64.41
N VAL G 261 15.59 -18.29 -65.72
CA VAL G 261 16.35 -19.11 -66.67
C VAL G 261 17.48 -18.43 -67.44
N LYS G 262 17.45 -17.11 -67.59
CA LYS G 262 18.67 -16.45 -68.00
C LYS G 262 18.79 -15.06 -67.36
N LYS G 263 19.92 -14.81 -66.70
CA LYS G 263 20.19 -13.53 -66.08
C LYS G 263 21.17 -12.66 -66.89
N GLY G 264 21.19 -11.37 -66.58
CA GLY G 264 22.06 -10.39 -67.24
C GLY G 264 21.63 -8.94 -67.09
N ASP G 265 22.33 -8.06 -67.80
CA ASP G 265 21.95 -6.66 -67.91
C ASP G 265 20.60 -6.63 -68.58
N SER G 266 19.72 -5.78 -68.07
CA SER G 266 18.45 -5.50 -68.69
C SER G 266 17.82 -4.47 -67.79
N THR G 267 16.76 -3.86 -68.25
CA THR G 267 16.10 -2.88 -67.45
C THR G 267 14.60 -2.89 -67.70
N ILE G 268 13.82 -2.39 -66.73
CA ILE G 268 12.46 -2.06 -67.08
C ILE G 268 12.42 -0.60 -67.43
N MET G 269 12.13 -0.34 -68.69
CA MET G 269 12.09 1.01 -69.23
C MET G 269 10.66 1.44 -69.33
N LYS G 270 10.39 2.62 -68.78
CA LYS G 270 9.09 3.28 -68.89
C LYS G 270 8.94 4.08 -70.20
N SER G 271 8.00 3.71 -71.06
CA SER G 271 7.78 4.48 -72.29
C SER G 271 6.46 4.17 -72.96
N GLU G 272 5.86 5.17 -73.59
CA GLU G 272 4.53 4.99 -74.19
C GLU G 272 4.59 4.33 -75.57
N LEU G 273 5.75 4.47 -76.22
CA LEU G 273 6.02 3.98 -77.57
C LEU G 273 5.78 2.50 -77.77
N GLU G 274 5.84 2.09 -79.03
CA GLU G 274 5.84 0.67 -79.38
C GLU G 274 6.94 0.25 -80.37
N TYR G 275 6.84 -1.00 -80.81
CA TYR G 275 7.93 -1.64 -81.51
C TYR G 275 8.22 -1.09 -82.89
N GLY G 276 9.48 -0.75 -83.12
CA GLY G 276 9.90 -0.12 -84.36
C GLY G 276 10.42 -1.01 -85.48
N ASN G 277 10.51 -2.32 -85.22
CA ASN G 277 10.99 -3.29 -86.20
C ASN G 277 12.33 -2.90 -86.78
N CYS G 278 13.20 -2.38 -85.94
CA CYS G 278 14.55 -2.02 -86.36
C CYS G 278 15.53 -2.61 -85.37
N ASN G 279 16.74 -2.07 -85.34
CA ASN G 279 17.76 -2.54 -84.42
C ASN G 279 18.88 -1.53 -84.13
N THR G 280 19.25 -1.41 -82.84
CA THR G 280 20.37 -0.54 -82.43
C THR G 280 21.33 -1.09 -81.39
N LYS G 281 22.31 -0.24 -81.09
CA LYS G 281 23.29 -0.51 -80.06
C LYS G 281 23.00 0.42 -78.90
N CYS G 282 21.99 1.27 -79.08
CA CYS G 282 21.57 2.21 -78.05
C CYS G 282 20.07 2.48 -78.10
N GLN G 283 19.38 2.29 -76.98
CA GLN G 283 17.94 2.53 -76.90
C GLN G 283 17.61 3.54 -75.79
N THR G 284 16.60 4.36 -76.04
CA THR G 284 16.15 5.48 -75.19
C THR G 284 14.65 5.31 -75.08
N PRO G 285 14.01 5.66 -73.95
CA PRO G 285 12.55 5.51 -73.98
C PRO G 285 11.80 6.41 -74.99
N MET G 286 12.50 7.34 -75.65
CA MET G 286 11.88 8.16 -76.68
C MET G 286 12.28 7.79 -78.08
N GLY G 287 13.37 7.03 -78.20
CA GLY G 287 13.79 6.42 -79.47
C GLY G 287 15.22 5.92 -79.51
N ALA G 288 15.59 5.15 -80.52
CA ALA G 288 16.94 4.62 -80.58
C ALA G 288 17.96 5.63 -81.11
N ILE G 289 19.23 5.46 -80.76
CA ILE G 289 20.29 6.33 -81.21
C ILE G 289 21.26 5.59 -82.10
N ASN G 290 21.65 6.23 -83.19
CA ASN G 290 22.75 5.76 -84.01
C ASN G 290 23.65 6.97 -84.23
N SER G 291 24.75 7.00 -83.47
CA SER G 291 25.60 8.18 -83.48
C SER G 291 27.00 7.83 -83.10
N SER G 292 27.95 8.63 -83.58
CA SER G 292 29.33 8.38 -83.22
C SER G 292 29.84 9.37 -82.17
N MET G 293 29.21 10.53 -82.13
CA MET G 293 29.51 11.59 -81.18
C MET G 293 29.61 11.08 -79.73
N PRO G 294 30.47 11.73 -78.90
CA PRO G 294 30.70 11.35 -77.49
C PRO G 294 29.60 11.77 -76.52
N PHE G 295 28.71 12.64 -76.95
CA PHE G 295 27.69 13.18 -76.07
C PHE G 295 26.31 13.22 -76.74
N HIS G 296 25.27 12.91 -75.98
CA HIS G 296 23.94 13.04 -76.52
C HIS G 296 23.10 13.75 -75.50
N ASN G 297 21.91 14.18 -75.88
CA ASN G 297 21.05 14.79 -74.88
C ASN G 297 19.60 14.39 -74.95
N ILE G 298 19.34 13.19 -75.42
CA ILE G 298 17.97 12.78 -75.63
C ILE G 298 17.32 12.53 -74.27
N HIS G 299 17.88 11.63 -73.49
CA HIS G 299 17.22 11.16 -72.29
C HIS G 299 18.22 10.40 -71.40
N PRO G 300 18.26 10.69 -70.10
CA PRO G 300 19.33 10.11 -69.29
C PRO G 300 19.21 8.62 -69.06
N LEU G 301 18.02 8.03 -69.18
CA LEU G 301 17.87 6.61 -68.87
C LEU G 301 18.04 5.73 -70.11
N THR G 302 19.27 5.36 -70.43
CA THR G 302 19.54 4.65 -71.67
C THR G 302 20.02 3.24 -71.36
N ILE G 303 19.86 2.34 -72.32
CA ILE G 303 20.33 0.97 -72.24
C ILE G 303 21.11 0.71 -73.49
N GLY G 304 22.23 0.01 -73.36
CA GLY G 304 23.06 -0.27 -74.52
C GLY G 304 24.32 0.59 -74.62
N GLU G 305 25.07 0.41 -75.69
CA GLU G 305 26.34 1.11 -75.85
C GLU G 305 26.11 2.54 -76.26
N CYS G 306 26.12 3.44 -75.29
CA CYS G 306 25.64 4.78 -75.53
C CYS G 306 26.66 5.89 -75.32
N PRO G 307 26.50 7.00 -76.06
CA PRO G 307 27.24 8.23 -75.78
C PRO G 307 26.89 8.74 -74.39
N LYS G 308 27.76 9.49 -73.74
CA LYS G 308 27.51 9.95 -72.38
C LYS G 308 26.58 11.14 -72.37
N TYR G 309 25.53 11.05 -71.54
CA TYR G 309 24.42 12.04 -71.50
C TYR G 309 24.82 13.40 -70.94
N VAL G 310 24.31 14.48 -71.52
CA VAL G 310 24.50 15.79 -70.91
C VAL G 310 23.20 16.55 -71.07
N LYS G 311 23.02 17.64 -70.33
CA LYS G 311 21.77 18.40 -70.40
C LYS G 311 21.79 19.63 -71.29
N SER G 312 22.92 19.86 -71.96
CA SER G 312 23.16 21.05 -72.78
C SER G 312 22.52 21.05 -74.18
N ASN G 313 22.28 22.24 -74.72
CA ASN G 313 21.81 22.40 -76.11
C ASN G 313 22.94 22.53 -77.14
N ARG G 314 24.14 22.85 -76.66
CA ARG G 314 25.24 23.12 -77.57
C ARG G 314 26.52 22.52 -77.02
N LEU G 315 27.22 21.74 -77.84
CA LEU G 315 28.56 21.30 -77.50
C LEU G 315 29.43 21.31 -78.73
N VAL G 316 30.22 22.37 -78.88
CA VAL G 316 31.04 22.55 -80.07
C VAL G 316 32.51 22.75 -79.75
N LEU G 317 33.36 21.96 -80.39
CA LEU G 317 34.78 22.19 -80.25
C LEU G 317 35.26 23.13 -81.35
N ALA G 318 36.34 23.85 -81.08
CA ALA G 318 37.02 24.62 -82.10
C ALA G 318 38.23 23.81 -82.55
N THR G 319 38.27 23.49 -83.84
CA THR G 319 39.34 22.68 -84.41
C THR G 319 40.30 23.51 -85.27
N GLY G 320 39.74 24.42 -86.06
CA GLY G 320 40.54 25.33 -86.87
C GLY G 320 40.95 26.54 -86.03
N LEU G 321 41.40 27.60 -86.68
CA LEU G 321 41.81 28.81 -85.97
C LEU G 321 40.86 29.97 -86.26
N ARG G 322 41.00 31.09 -85.53
CA ARG G 322 40.02 32.18 -85.62
C ARG G 322 39.79 32.64 -87.04
N ASN G 323 38.53 32.82 -87.40
CA ASN G 323 38.24 33.22 -88.76
C ASN G 323 38.19 34.75 -88.70
N SER G 324 38.89 35.40 -89.63
CA SER G 324 39.16 36.84 -89.60
C SER G 324 37.96 37.71 -89.26
N PRO G 325 38.18 38.69 -88.35
CA PRO G 325 37.17 39.58 -87.75
C PRO G 325 36.09 40.08 -88.73
N ASP H 2 70.39 67.13 -76.09
CA ASP H 2 69.04 67.43 -76.53
C ASP H 2 68.12 66.22 -76.29
N PRO H 3 66.97 66.44 -75.61
CA PRO H 3 65.96 65.37 -75.57
C PRO H 3 65.09 65.33 -76.82
N GLY H 4 65.12 64.24 -77.57
CA GLY H 4 64.24 64.10 -78.71
C GLY H 4 62.88 63.69 -78.16
N ASP H 5 61.81 63.99 -78.89
CA ASP H 5 60.45 63.74 -78.40
C ASP H 5 60.24 62.26 -78.03
N GLN H 6 59.39 62.02 -77.03
CA GLN H 6 59.25 60.67 -76.48
C GLN H 6 57.80 60.23 -76.28
N ILE H 7 57.55 58.92 -76.42
CA ILE H 7 56.25 58.35 -76.10
C ILE H 7 56.43 57.02 -75.34
N CYS H 8 55.67 56.85 -74.25
CA CYS H 8 55.78 55.68 -73.37
C CYS H 8 54.43 54.95 -73.16
N ILE H 9 54.52 53.66 -72.87
CA ILE H 9 53.34 52.82 -72.60
C ILE H 9 53.28 52.39 -71.12
N GLY H 10 52.13 52.60 -70.48
CA GLY H 10 51.96 52.25 -69.07
C GLY H 10 50.54 51.85 -68.64
N TYR H 11 50.38 51.56 -67.35
CA TYR H 11 49.11 51.04 -66.83
C TYR H 11 48.65 51.71 -65.52
N HIS H 12 47.39 51.50 -65.15
CA HIS H 12 46.80 52.13 -63.95
C HIS H 12 47.31 51.62 -62.58
N ALA H 13 47.30 52.51 -61.59
CA ALA H 13 47.54 52.16 -60.19
C ALA H 13 46.87 53.15 -59.25
N ASN H 14 46.77 52.78 -57.97
CA ASN H 14 46.17 53.63 -56.95
C ASN H 14 46.62 53.20 -55.55
N ASN H 15 45.80 53.49 -54.53
CA ASN H 15 46.13 53.14 -53.16
CA ASN H 15 46.15 53.13 -53.17
C ASN H 15 45.25 52.03 -52.59
N SER H 16 44.89 51.06 -53.44
CA SER H 16 44.11 49.91 -53.01
C SER H 16 45.00 48.80 -52.46
N THR H 17 44.67 48.29 -51.27
CA THR H 17 45.41 47.15 -50.74
C THR H 17 44.53 45.88 -50.58
N GLU H 18 43.46 45.82 -51.36
CA GLU H 18 42.61 44.62 -51.46
C GLU H 18 43.46 43.42 -51.93
N GLN H 19 43.33 42.25 -51.30
CA GLN H 19 44.14 41.08 -51.69
C GLN H 19 43.29 39.91 -52.20
N VAL H 20 43.70 39.35 -53.35
CA VAL H 20 43.04 38.17 -53.93
C VAL H 20 44.00 36.98 -53.92
N ASP H 21 43.51 35.83 -54.39
CA ASP H 21 44.34 34.62 -54.50
C ASP H 21 44.39 34.04 -55.90
N THR H 22 45.39 33.19 -56.14
CA THR H 22 45.62 32.55 -57.43
C THR H 22 46.21 31.17 -57.26
N ILE H 23 46.16 30.35 -58.31
CA ILE H 23 46.66 28.98 -58.25
C ILE H 23 48.12 28.87 -57.75
N MET H 24 48.91 29.90 -58.01
CA MET H 24 50.33 29.86 -57.70
C MET H 24 50.77 30.87 -56.63
N GLU H 25 49.90 31.83 -56.32
CA GLU H 25 50.29 32.90 -55.42
C GLU H 25 49.17 33.36 -54.48
N LYS H 26 49.49 33.53 -53.21
CA LYS H 26 48.56 34.07 -52.21
C LYS H 26 48.85 35.53 -51.86
N ASN H 27 47.78 36.24 -51.48
CA ASN H 27 47.82 37.62 -51.02
C ASN H 27 48.36 38.61 -52.06
N VAL H 28 48.02 38.35 -53.31
CA VAL H 28 48.34 39.23 -54.43
C VAL H 28 47.46 40.47 -54.39
N THR H 29 48.08 41.63 -54.22
CA THR H 29 47.36 42.89 -54.11
C THR H 29 46.95 43.44 -55.47
N VAL H 30 45.70 43.86 -55.59
CA VAL H 30 45.21 44.28 -56.91
C VAL H 30 44.56 45.67 -56.87
N THR H 31 44.34 46.22 -58.05
CA THR H 31 43.84 47.59 -58.18
C THR H 31 42.39 47.65 -57.79
N HIS H 32 41.61 46.77 -58.41
CA HIS H 32 40.19 46.67 -58.12
C HIS H 32 39.81 45.22 -57.88
N ALA H 33 38.93 45.02 -56.90
CA ALA H 33 38.52 43.68 -56.50
C ALA H 33 37.01 43.54 -56.55
N GLN H 34 36.55 42.30 -56.46
CA GLN H 34 35.12 42.02 -56.51
C GLN H 34 34.71 40.88 -55.57
N ASP H 35 34.12 41.24 -54.44
CA ASP H 35 33.57 40.24 -53.52
C ASP H 35 32.27 39.70 -54.07
N ILE H 36 32.16 38.38 -54.11
CA ILE H 36 30.94 37.78 -54.59
C ILE H 36 30.32 36.84 -53.55
N LEU H 37 30.89 36.77 -52.35
CA LEU H 37 30.30 35.91 -51.33
C LEU H 37 29.55 36.74 -50.31
N GLU H 38 28.25 36.47 -50.22
CA GLU H 38 27.39 37.15 -49.25
C GLU H 38 27.48 36.40 -47.94
N LYS H 39 27.81 37.09 -46.85
CA LYS H 39 28.03 36.42 -45.57
C LYS H 39 27.06 36.87 -44.50
N LYS H 40 26.23 37.88 -44.80
CA LYS H 40 25.38 38.55 -43.80
C LYS H 40 23.91 38.18 -43.93
N HIS H 41 23.25 37.91 -42.82
CA HIS H 41 21.80 37.70 -42.85
C HIS H 41 21.14 38.52 -41.77
N ASN H 42 19.82 38.49 -41.68
CA ASN H 42 19.12 39.38 -40.74
C ASN H 42 18.58 38.72 -39.48
N GLY H 43 19.02 37.50 -39.21
CA GLY H 43 18.64 36.78 -38.00
C GLY H 43 17.16 36.66 -37.70
N LYS H 44 16.32 36.88 -38.70
CA LYS H 44 14.88 36.87 -38.50
C LYS H 44 14.10 36.00 -39.46
N LEU H 45 12.92 35.59 -39.02
CA LEU H 45 11.96 34.93 -39.91
C LEU H 45 10.96 35.91 -40.55
N CYS H 46 10.98 35.99 -41.88
CA CYS H 46 10.15 36.94 -42.59
C CYS H 46 9.07 36.32 -43.45
N ASP H 47 8.20 37.19 -43.98
CA ASP H 47 7.24 36.78 -45.00
C ASP H 47 8.04 36.46 -46.26
N LEU H 48 7.44 35.70 -47.15
CA LEU H 48 8.09 35.32 -48.40
C LEU H 48 7.30 35.85 -49.57
N ASP H 49 7.85 36.85 -50.27
CA ASP H 49 7.06 37.68 -51.16
C ASP H 49 5.88 38.12 -50.31
N GLY H 50 4.67 37.85 -50.75
CA GLY H 50 3.49 38.21 -49.97
C GLY H 50 3.24 37.55 -48.59
N VAL H 51 3.65 36.29 -48.45
CA VAL H 51 3.01 35.40 -47.47
C VAL H 51 3.77 35.05 -46.17
N LYS H 52 3.02 35.04 -45.07
CA LYS H 52 3.54 34.76 -43.73
C LYS H 52 3.67 33.26 -43.57
N PRO H 53 4.82 32.81 -43.04
CA PRO H 53 4.99 31.40 -42.73
C PRO H 53 4.08 30.96 -41.59
N LEU H 54 3.61 29.70 -41.65
CA LEU H 54 2.97 29.08 -40.50
C LEU H 54 4.10 28.76 -39.58
N ILE H 55 4.18 29.50 -38.47
CA ILE H 55 5.19 29.26 -37.43
C ILE H 55 4.55 28.63 -36.22
N LEU H 56 4.64 27.30 -36.15
CA LEU H 56 4.20 26.56 -34.98
C LEU H 56 5.23 26.91 -33.93
N ARG H 57 4.82 27.29 -32.73
CA ARG H 57 5.86 27.78 -31.84
C ARG H 57 6.39 26.60 -31.05
N ASP H 58 5.65 26.21 -30.02
CA ASP H 58 6.05 25.08 -29.19
C ASP H 58 5.19 23.92 -29.59
N CYS H 59 4.55 24.04 -30.75
CA CYS H 59 3.80 22.93 -31.32
C CYS H 59 4.58 22.13 -32.32
N SER H 60 4.21 20.87 -32.42
CA SER H 60 4.66 20.00 -33.50
C SER H 60 3.61 19.83 -34.55
N VAL H 61 4.02 19.37 -35.72
CA VAL H 61 3.06 19.13 -36.77
C VAL H 61 2.01 18.12 -36.30
N ALA H 62 2.41 17.14 -35.51
CA ALA H 62 1.41 16.18 -35.07
C ALA H 62 0.33 16.87 -34.23
N GLY H 63 0.75 17.68 -33.25
CA GLY H 63 -0.15 18.42 -32.34
C GLY H 63 -1.10 19.45 -33.00
N TRP H 64 -0.56 20.19 -33.97
CA TRP H 64 -1.40 21.01 -34.82
C TRP H 64 -2.48 20.14 -35.52
N LEU H 65 -2.11 19.13 -36.29
CA LEU H 65 -3.12 18.50 -37.13
C LEU H 65 -4.21 17.78 -36.34
N LEU H 66 -3.83 17.20 -35.21
CA LEU H 66 -4.77 16.43 -34.42
C LEU H 66 -5.57 17.32 -33.47
N GLY H 67 -4.98 18.43 -33.06
CA GLY H 67 -5.63 19.30 -32.11
C GLY H 67 -5.31 19.09 -30.65
N ASN H 68 -4.02 19.17 -30.30
CA ASN H 68 -3.62 19.30 -28.91
C ASN H 68 -4.17 20.55 -28.26
N PRO H 69 -4.91 20.41 -27.14
CA PRO H 69 -5.49 21.59 -26.53
C PRO H 69 -4.51 22.73 -26.34
N MET H 70 -3.26 22.47 -25.98
CA MET H 70 -2.34 23.59 -25.79
C MET H 70 -1.91 24.19 -27.14
N CYS H 71 -2.45 23.63 -28.21
CA CYS H 71 -2.08 24.08 -29.55
C CYS H 71 -3.22 24.83 -30.22
N ASP H 72 -4.17 25.29 -29.40
CA ASP H 72 -5.42 25.87 -29.88
C ASP H 72 -5.04 27.15 -30.59
N GLU H 73 -3.88 27.71 -30.24
CA GLU H 73 -3.33 28.87 -30.96
C GLU H 73 -3.42 28.72 -32.49
N PHE H 74 -3.53 27.48 -32.95
CA PHE H 74 -3.53 27.15 -34.38
C PHE H 74 -4.80 26.53 -34.92
N ILE H 75 -5.98 26.78 -34.35
CA ILE H 75 -7.13 25.99 -34.81
C ILE H 75 -7.61 26.30 -36.22
N ASN H 76 -7.50 27.55 -36.68
CA ASN H 76 -7.92 27.83 -38.05
C ASN H 76 -6.97 28.70 -38.86
N VAL H 77 -5.82 28.14 -39.22
CA VAL H 77 -4.73 28.92 -39.80
C VAL H 77 -4.95 29.38 -41.24
N PRO H 78 -4.37 30.52 -41.58
CA PRO H 78 -4.34 31.09 -42.93
C PRO H 78 -3.46 30.33 -43.87
N GLU H 79 -3.62 30.56 -45.16
CA GLU H 79 -2.68 30.07 -46.15
C GLU H 79 -1.23 30.51 -45.86
N TRP H 80 -0.28 29.57 -46.04
CA TRP H 80 1.14 29.82 -45.75
C TRP H 80 2.08 29.68 -46.95
N SER H 81 3.32 30.11 -46.74
CA SER H 81 4.36 29.94 -47.72
C SER H 81 5.31 28.80 -47.30
N TYR H 82 5.51 28.64 -45.99
CA TYR H 82 6.38 27.57 -45.47
C TYR H 82 6.13 27.35 -44.01
N ILE H 83 6.27 26.11 -43.54
CA ILE H 83 5.93 25.88 -42.15
C ILE H 83 7.24 25.92 -41.38
N VAL H 84 7.26 26.50 -40.19
CA VAL H 84 8.47 26.44 -39.37
C VAL H 84 8.14 25.70 -38.09
N GLU H 85 8.94 24.69 -37.78
CA GLU H 85 8.73 23.87 -36.60
C GLU H 85 9.97 23.93 -35.78
N LYS H 86 9.86 24.05 -34.45
CA LYS H 86 11.10 24.04 -33.68
C LYS H 86 11.70 22.65 -33.66
N ALA H 87 12.95 22.55 -33.21
CA ALA H 87 13.68 21.31 -33.32
C ALA H 87 13.13 20.33 -32.30
N ASN H 88 12.61 20.82 -31.18
CA ASN H 88 11.95 19.91 -30.26
C ASN H 88 10.75 20.45 -29.57
N PRO H 89 9.65 20.52 -30.30
CA PRO H 89 8.37 21.02 -29.81
C PRO H 89 7.92 20.25 -28.60
N VAL H 90 7.33 20.95 -27.65
CA VAL H 90 6.86 20.44 -26.37
C VAL H 90 5.47 19.83 -26.47
N ASN H 91 4.67 20.50 -27.29
CA ASN H 91 3.29 20.13 -27.50
C ASN H 91 3.14 19.26 -28.76
N ASP H 92 3.42 18.00 -28.53
CA ASP H 92 3.27 16.97 -29.49
C ASP H 92 2.02 16.25 -29.10
N LEU H 93 2.15 14.97 -28.81
CA LEU H 93 1.00 14.17 -28.43
C LEU H 93 0.79 14.27 -26.92
N CYS H 94 -0.22 15.06 -26.52
CA CYS H 94 -0.44 15.30 -25.10
C CYS H 94 -0.70 13.97 -24.37
N TYR H 95 -1.45 13.08 -25.00
CA TYR H 95 -1.62 11.75 -24.47
C TYR H 95 -0.52 10.95 -25.09
N PRO H 96 0.27 10.23 -24.29
CA PRO H 96 1.43 9.55 -24.87
C PRO H 96 1.05 8.41 -25.83
N GLY H 97 1.73 8.43 -26.97
CA GLY H 97 1.54 7.38 -27.94
C GLY H 97 2.32 7.72 -29.20
N ASP H 98 1.75 7.34 -30.33
CA ASP H 98 2.51 7.30 -31.55
C ASP H 98 1.64 7.67 -32.72
N PHE H 99 2.34 8.28 -33.70
CA PHE H 99 1.79 8.72 -34.98
C PHE H 99 2.39 7.91 -36.10
N ASN H 100 1.50 7.18 -36.77
CA ASN H 100 1.80 6.25 -37.84
C ASN H 100 2.31 6.90 -39.10
N ASP H 101 3.33 6.37 -39.73
CA ASP H 101 3.88 6.96 -40.96
C ASP H 101 4.05 8.48 -40.90
N TYR H 102 4.37 8.97 -39.74
CA TYR H 102 4.43 10.40 -39.56
C TYR H 102 5.43 11.11 -40.49
N GLU H 103 6.55 10.48 -40.80
CA GLU H 103 7.54 11.15 -41.61
C GLU H 103 7.01 11.31 -42.99
N GLU H 104 6.32 10.30 -43.50
CA GLU H 104 5.71 10.40 -44.83
C GLU H 104 4.62 11.46 -44.87
N LEU H 105 3.93 11.67 -43.75
CA LEU H 105 2.87 12.70 -43.71
C LEU H 105 3.47 14.09 -43.74
N LYS H 106 4.48 14.29 -42.94
CA LYS H 106 5.25 15.53 -42.97
C LYS H 106 5.77 15.81 -44.36
N HIS H 107 6.00 14.78 -45.13
CA HIS H 107 6.57 15.05 -46.44
C HIS H 107 5.52 15.69 -47.37
N LEU H 108 4.26 15.24 -47.25
CA LEU H 108 3.14 15.79 -48.01
C LEU H 108 2.93 17.24 -47.70
N LEU H 109 3.28 17.60 -46.47
CA LEU H 109 3.02 18.94 -46.01
C LEU H 109 3.86 19.90 -46.79
N SER H 110 4.97 19.44 -47.31
CA SER H 110 5.85 20.30 -48.09
C SER H 110 5.31 20.61 -49.47
N ARG H 111 4.15 20.05 -49.82
CA ARG H 111 3.51 20.33 -51.10
C ARG H 111 2.15 21.00 -50.94
N ILE H 112 1.81 21.37 -49.71
CA ILE H 112 0.50 21.90 -49.38
C ILE H 112 0.71 23.31 -48.83
N ASN H 113 -0.16 24.23 -49.26
CA ASN H 113 -0.13 25.62 -48.79
C ASN H 113 -1.32 25.98 -47.94
N HIS H 114 -2.39 25.20 -47.99
CA HIS H 114 -3.55 25.52 -47.16
C HIS H 114 -4.49 24.33 -46.91
N PHE H 115 -5.00 24.22 -45.69
CA PHE H 115 -6.02 23.24 -45.32
C PHE H 115 -7.33 23.96 -45.08
N GLU H 116 -8.42 23.23 -44.96
CA GLU H 116 -9.68 23.78 -44.47
C GLU H 116 -10.55 22.76 -43.76
N LYS H 117 -10.54 22.75 -42.44
CA LYS H 117 -11.25 21.74 -41.67
C LYS H 117 -12.71 21.47 -42.12
N ILE H 118 -13.15 20.22 -42.21
CA ILE H 118 -14.60 20.03 -42.30
C ILE H 118 -15.03 18.93 -41.39
N GLN H 119 -16.22 19.03 -40.86
CA GLN H 119 -16.77 18.00 -40.01
C GLN H 119 -17.29 16.88 -40.85
N ILE H 120 -16.86 15.64 -40.55
CA ILE H 120 -17.29 14.41 -41.28
C ILE H 120 -18.00 13.36 -40.41
N ILE H 121 -17.82 13.41 -39.10
CA ILE H 121 -18.69 12.63 -38.24
C ILE H 121 -18.90 13.44 -36.94
N PRO H 122 -20.10 14.03 -36.83
CA PRO H 122 -20.52 14.96 -35.79
C PRO H 122 -20.42 14.35 -34.39
N LYS H 123 -19.74 15.03 -33.46
CA LYS H 123 -19.55 14.50 -32.12
C LYS H 123 -20.90 14.13 -31.49
N SER H 124 -21.92 14.88 -31.91
CA SER H 124 -23.31 14.67 -31.50
C SER H 124 -23.93 13.37 -32.04
N SER H 125 -23.35 12.86 -33.13
CA SER H 125 -24.03 11.81 -33.86
C SER H 125 -24.00 10.47 -33.14
N TRP H 126 -23.11 10.38 -32.15
CA TRP H 126 -22.92 9.15 -31.39
C TRP H 126 -24.01 8.87 -30.34
N SER H 127 -25.15 8.38 -30.78
CA SER H 127 -26.32 8.27 -29.89
C SER H 127 -26.19 7.13 -28.89
N SER H 128 -25.51 6.09 -29.35
CA SER H 128 -25.45 4.81 -28.66
C SER H 128 -24.12 4.49 -27.98
N HIS H 129 -23.23 5.48 -27.92
CA HIS H 129 -21.99 5.44 -27.17
C HIS H 129 -21.80 6.72 -26.37
N GLU H 130 -20.80 6.77 -25.49
CA GLU H 130 -20.53 8.03 -24.77
C GLU H 130 -19.33 8.86 -25.29
N ALA H 131 -19.65 9.89 -26.08
CA ALA H 131 -18.62 10.74 -26.67
C ALA H 131 -17.93 11.64 -25.64
N SER H 132 -18.60 11.89 -24.52
CA SER H 132 -18.19 12.98 -23.63
C SER H 132 -17.41 12.59 -22.39
N LEU H 133 -16.90 11.36 -22.36
CA LEU H 133 -16.17 10.91 -21.19
C LEU H 133 -14.71 10.85 -21.55
N GLY H 134 -14.41 10.99 -22.82
CA GLY H 134 -13.06 10.77 -23.28
C GLY H 134 -12.06 11.85 -23.00
N VAL H 135 -11.69 11.99 -21.73
CA VAL H 135 -10.88 13.13 -21.32
C VAL H 135 -9.85 12.66 -20.33
N SER H 136 -8.61 13.10 -20.48
CA SER H 136 -7.57 12.67 -19.55
C SER H 136 -6.75 13.83 -19.00
N SER H 137 -6.19 13.62 -17.81
CA SER H 137 -5.34 14.61 -17.18
C SER H 137 -4.06 14.84 -17.97
N ALA H 138 -3.69 13.91 -18.83
CA ALA H 138 -2.50 14.07 -19.65
C ALA H 138 -2.73 15.18 -20.64
N CYS H 139 -4.02 15.43 -20.86
CA CYS H 139 -4.45 16.29 -21.93
C CYS H 139 -5.20 17.51 -21.46
N PRO H 140 -4.57 18.27 -20.56
CA PRO H 140 -5.27 19.29 -19.78
C PRO H 140 -5.61 20.53 -20.60
N TYR H 141 -6.84 21.04 -20.54
CA TYR H 141 -7.06 22.29 -21.25
C TYR H 141 -6.42 23.38 -20.43
N GLN H 142 -7.13 23.83 -19.42
CA GLN H 142 -6.58 24.77 -18.46
C GLN H 142 -6.97 24.23 -17.09
N GLY H 143 -6.11 23.39 -16.55
CA GLY H 143 -6.39 22.78 -15.27
C GLY H 143 -7.48 21.73 -15.30
N LYS H 144 -8.67 22.08 -15.82
CA LYS H 144 -9.69 21.08 -16.13
C LYS H 144 -9.17 20.26 -17.32
N SER H 145 -9.19 18.94 -17.19
CA SER H 145 -8.62 18.07 -18.21
C SER H 145 -9.53 17.86 -19.43
N SER H 146 -8.88 17.56 -20.55
CA SER H 146 -9.47 17.58 -21.89
C SER H 146 -8.98 16.42 -22.75
N PHE H 147 -8.91 16.66 -24.06
CA PHE H 147 -8.41 15.70 -25.04
C PHE H 147 -8.07 16.43 -26.30
N PHE H 148 -7.49 15.71 -27.26
CA PHE H 148 -7.37 16.18 -28.63
C PHE H 148 -8.72 16.73 -29.11
N ARG H 149 -8.69 17.74 -29.95
CA ARG H 149 -9.98 18.24 -30.37
C ARG H 149 -10.56 17.52 -31.62
N ASN H 150 -9.72 17.12 -32.57
CA ASN H 150 -10.30 16.65 -33.80
C ASN H 150 -10.66 15.18 -33.81
N VAL H 151 -10.36 14.44 -32.75
CA VAL H 151 -10.73 13.03 -32.79
C VAL H 151 -11.57 12.74 -31.57
N VAL H 152 -12.25 11.61 -31.48
CA VAL H 152 -13.10 11.43 -30.30
C VAL H 152 -13.01 10.08 -29.62
N TRP H 153 -12.70 10.12 -28.33
CA TRP H 153 -12.52 8.95 -27.52
C TRP H 153 -13.91 8.44 -27.06
N LEU H 154 -14.53 7.60 -27.86
CA LEU H 154 -15.85 7.04 -27.50
C LEU H 154 -15.76 6.12 -26.28
N ILE H 155 -16.85 5.95 -25.54
CA ILE H 155 -16.83 5.02 -24.41
C ILE H 155 -18.18 4.33 -24.26
N LYS H 156 -18.21 3.17 -23.62
CA LYS H 156 -19.44 2.36 -23.51
C LYS H 156 -20.56 3.07 -22.81
N LYS H 157 -21.79 2.79 -23.22
CA LYS H 157 -22.98 3.47 -22.67
C LYS H 157 -23.88 2.51 -21.89
N ASP H 158 -24.44 3.00 -20.79
CA ASP H 158 -24.96 2.11 -19.77
C ASP H 158 -23.85 1.11 -19.50
N SER H 159 -24.10 -0.14 -19.82
CA SER H 159 -23.01 -1.07 -19.64
C SER H 159 -22.43 -1.59 -20.92
N THR H 160 -23.02 -1.30 -22.09
CA THR H 160 -22.55 -1.95 -23.34
C THR H 160 -21.98 -1.02 -24.46
N TYR H 161 -21.29 -1.61 -25.43
CA TYR H 161 -20.72 -0.90 -26.56
C TYR H 161 -21.06 -1.69 -27.80
N PRO H 162 -22.18 -1.36 -28.45
CA PRO H 162 -22.57 -2.08 -29.68
C PRO H 162 -21.70 -1.73 -30.89
N THR H 163 -21.68 -2.61 -31.87
CA THR H 163 -20.80 -2.40 -33.00
C THR H 163 -21.09 -1.12 -33.81
N ILE H 164 -20.08 -0.25 -33.87
CA ILE H 164 -20.12 0.93 -34.70
C ILE H 164 -19.97 0.57 -36.19
N LYS H 165 -20.87 1.11 -37.01
CA LYS H 165 -20.77 1.04 -38.48
C LYS H 165 -21.04 2.44 -38.99
N ARG H 166 -19.99 3.15 -39.39
CA ARG H 166 -20.15 4.55 -39.74
C ARG H 166 -19.31 4.84 -40.98
N SER H 167 -19.79 5.67 -41.89
CA SER H 167 -18.98 5.95 -43.08
C SER H 167 -19.26 7.34 -43.67
N TYR H 168 -18.26 7.88 -44.35
CA TYR H 168 -18.31 9.20 -44.87
C TYR H 168 -17.80 9.26 -46.31
N ASN H 169 -18.61 9.87 -47.19
CA ASN H 169 -18.31 9.96 -48.62
C ASN H 169 -17.85 11.35 -48.99
N ASN H 170 -16.61 11.46 -49.48
CA ASN H 170 -16.03 12.73 -49.87
C ASN H 170 -16.70 13.29 -51.07
N THR H 171 -17.72 14.10 -50.85
CA THR H 171 -18.47 14.72 -51.91
C THR H 171 -17.80 16.01 -52.35
N ASN H 172 -16.59 16.25 -51.90
CA ASN H 172 -15.92 17.51 -52.19
C ASN H 172 -15.01 17.37 -53.38
N GLN H 173 -14.48 18.50 -53.85
CA GLN H 173 -13.59 18.54 -54.99
C GLN H 173 -12.18 18.24 -54.69
N GLU H 174 -11.81 18.37 -53.42
CA GLU H 174 -10.39 18.28 -53.03
C GLU H 174 -10.05 17.03 -52.24
N ASP H 175 -8.75 16.79 -52.11
CA ASP H 175 -8.28 15.63 -51.38
C ASP H 175 -8.49 15.84 -49.85
N LEU H 176 -8.79 14.76 -49.14
CA LEU H 176 -9.11 14.81 -47.73
C LEU H 176 -8.06 14.14 -46.82
N LEU H 177 -7.31 14.90 -46.04
CA LEU H 177 -6.48 14.27 -45.02
C LEU H 177 -7.35 13.87 -43.84
N VAL H 178 -7.46 12.60 -43.56
CA VAL H 178 -8.33 12.13 -42.48
C VAL H 178 -7.48 11.46 -41.38
N LEU H 179 -7.77 11.70 -40.09
CA LEU H 179 -7.00 11.15 -38.96
C LEU H 179 -7.89 10.38 -38.01
N TRP H 180 -7.38 9.28 -37.45
CA TRP H 180 -8.13 8.50 -36.45
C TRP H 180 -7.17 7.73 -35.57
N GLY H 181 -7.66 6.87 -34.70
CA GLY H 181 -6.74 6.20 -33.79
C GLY H 181 -7.23 5.06 -32.91
N ILE H 182 -6.27 4.45 -32.25
CA ILE H 182 -6.60 3.32 -31.44
C ILE H 182 -6.02 3.50 -30.06
N HIS H 183 -6.76 2.96 -29.08
CA HIS H 183 -6.39 3.05 -27.68
C HIS H 183 -5.92 1.73 -27.18
N HIS H 184 -4.68 1.72 -26.69
CA HIS H 184 -4.04 0.53 -26.17
C HIS H 184 -4.13 0.56 -24.65
N PRO H 185 -5.06 -0.21 -24.04
CA PRO H 185 -5.24 -0.19 -22.58
C PRO H 185 -4.12 -0.83 -21.80
N ASN H 186 -4.23 -0.76 -20.46
CA ASN H 186 -3.17 -1.21 -19.54
C ASN H 186 -3.30 -2.63 -19.04
N ASP H 187 -4.51 -3.12 -18.93
CA ASP H 187 -4.76 -4.49 -18.55
C ASP H 187 -6.16 -4.87 -18.97
N ALA H 188 -6.50 -6.14 -18.86
CA ALA H 188 -7.79 -6.64 -19.33
C ALA H 188 -8.93 -5.94 -18.64
N ALA H 189 -8.77 -5.66 -17.36
CA ALA H 189 -9.81 -4.97 -16.60
C ALA H 189 -10.11 -3.57 -17.15
N GLU H 190 -9.07 -2.78 -17.43
CA GLU H 190 -9.27 -1.43 -17.97
C GLU H 190 -10.03 -1.51 -19.30
N GLN H 191 -9.67 -2.50 -20.12
CA GLN H 191 -10.32 -2.75 -21.41
C GLN H 191 -11.77 -3.03 -21.18
N THR H 192 -12.11 -3.95 -20.27
CA THR H 192 -13.55 -4.16 -20.07
C THR H 192 -14.25 -2.98 -19.37
N LYS H 193 -13.56 -2.25 -18.51
CA LYS H 193 -14.18 -1.08 -17.86
C LYS H 193 -14.65 -0.01 -18.85
N LEU H 194 -13.77 0.42 -19.74
CA LEU H 194 -14.08 1.48 -20.69
C LEU H 194 -15.00 1.05 -21.87
N TYR H 195 -14.81 -0.18 -22.35
CA TYR H 195 -15.43 -0.61 -23.60
C TYR H 195 -16.29 -1.85 -23.47
N GLN H 196 -16.35 -2.44 -22.29
CA GLN H 196 -17.18 -3.64 -22.04
C GLN H 196 -16.79 -4.95 -22.73
N ASN H 197 -16.79 -4.99 -24.06
CA ASN H 197 -16.34 -6.17 -24.78
C ASN H 197 -14.85 -6.35 -24.58
N PRO H 198 -14.41 -7.61 -24.39
CA PRO H 198 -13.01 -7.95 -24.09
C PRO H 198 -12.14 -8.13 -25.33
N THR H 199 -12.69 -8.61 -26.45
CA THR H 199 -11.89 -8.77 -27.69
C THR H 199 -12.33 -7.82 -28.81
N THR H 200 -11.46 -6.90 -29.24
CA THR H 200 -11.95 -5.86 -30.15
C THR H 200 -11.03 -5.58 -31.35
N TYR H 201 -11.55 -4.79 -32.28
CA TYR H 201 -10.90 -4.47 -33.55
C TYR H 201 -11.35 -3.15 -34.15
N ILE H 202 -10.56 -2.63 -35.09
CA ILE H 202 -11.03 -1.47 -35.83
C ILE H 202 -10.81 -1.70 -37.32
N SER H 203 -11.88 -1.85 -38.09
CA SER H 203 -11.77 -1.97 -39.54
C SER H 203 -12.00 -0.60 -40.19
N VAL H 204 -11.21 -0.32 -41.21
CA VAL H 204 -11.24 0.91 -41.94
C VAL H 204 -11.07 0.66 -43.42
N GLY H 205 -12.06 0.96 -44.25
CA GLY H 205 -11.95 0.67 -45.66
C GLY H 205 -12.13 1.86 -46.58
N THR H 206 -11.32 1.90 -47.63
CA THR H 206 -11.31 2.95 -48.65
C THR H 206 -11.40 2.20 -50.02
N SER H 207 -11.24 2.89 -51.14
CA SER H 207 -11.05 2.14 -52.35
C SER H 207 -9.65 1.52 -52.31
N THR H 208 -8.71 2.12 -51.58
CA THR H 208 -7.35 1.59 -51.58
C THR H 208 -6.84 1.15 -50.18
N LEU H 209 -7.56 1.49 -49.11
CA LEU H 209 -7.18 1.05 -47.79
C LEU H 209 -7.89 -0.26 -47.49
N ASN H 210 -7.26 -1.17 -46.74
CA ASN H 210 -7.96 -2.33 -46.20
C ASN H 210 -7.29 -2.67 -44.93
N GLN H 211 -7.74 -2.12 -43.81
CA GLN H 211 -6.96 -2.17 -42.58
C GLN H 211 -7.71 -2.78 -41.39
N ARG H 212 -7.11 -3.70 -40.62
CA ARG H 212 -7.81 -4.12 -39.40
C ARG H 212 -6.92 -4.12 -38.20
N LEU H 213 -7.10 -3.10 -37.33
CA LEU H 213 -6.28 -2.79 -36.14
C LEU H 213 -6.81 -3.52 -34.91
N VAL H 214 -5.90 -3.99 -34.06
CA VAL H 214 -6.28 -4.59 -32.77
C VAL H 214 -5.48 -3.99 -31.59
N PRO H 215 -6.18 -3.65 -30.49
CA PRO H 215 -5.53 -3.08 -29.31
C PRO H 215 -4.53 -4.04 -28.74
N ARG H 216 -3.46 -3.51 -28.18
CA ARG H 216 -2.31 -4.30 -27.84
C ARG H 216 -2.05 -4.11 -26.36
N ILE H 217 -2.66 -4.97 -25.54
CA ILE H 217 -2.53 -4.84 -24.10
C ILE H 217 -1.11 -5.20 -23.65
N ALA H 218 -0.55 -4.34 -22.81
CA ALA H 218 0.83 -4.47 -22.35
C ALA H 218 1.10 -3.66 -21.08
N THR H 219 2.05 -4.13 -20.30
CA THR H 219 2.47 -3.40 -19.12
C THR H 219 3.62 -2.45 -19.43
N ARG H 220 3.35 -1.17 -19.30
CA ARG H 220 4.33 -0.18 -19.74
C ARG H 220 4.68 0.77 -18.60
N SER H 221 5.82 1.44 -18.75
CA SER H 221 6.25 2.52 -17.85
C SER H 221 5.23 3.65 -17.86
N LYS H 222 5.07 4.40 -16.79
CA LYS H 222 4.19 5.57 -16.89
C LYS H 222 4.89 6.70 -17.63
N VAL H 223 4.15 7.36 -18.53
CA VAL H 223 4.61 8.56 -19.19
C VAL H 223 3.53 9.64 -19.05
N LYS H 224 3.94 10.80 -18.53
CA LYS H 224 2.99 11.83 -18.09
C LYS H 224 1.94 11.19 -17.19
N GLY H 225 2.38 10.30 -16.33
CA GLY H 225 1.50 9.72 -15.33
C GLY H 225 0.59 8.63 -15.85
N LEU H 226 0.57 8.41 -17.17
CA LEU H 226 -0.29 7.38 -17.72
C LEU H 226 0.55 6.25 -18.25
N SER H 227 0.01 5.04 -18.25
CA SER H 227 0.75 3.91 -18.86
C SER H 227 0.13 3.42 -20.16
N GLY H 228 -1.14 3.71 -20.39
CA GLY H 228 -1.82 3.29 -21.61
C GLY H 228 -1.30 4.11 -22.78
N ARG H 229 -1.63 3.71 -24.00
CA ARG H 229 -1.12 4.46 -25.16
C ARG H 229 -2.12 4.70 -26.25
N MET H 230 -1.88 5.76 -27.02
CA MET H 230 -2.77 6.17 -28.10
C MET H 230 -1.94 6.10 -29.40
N GLU H 231 -2.49 5.47 -30.44
CA GLU H 231 -1.77 5.37 -31.72
C GLU H 231 -2.66 5.84 -32.89
N PHE H 232 -2.14 6.76 -33.69
CA PHE H 232 -3.01 7.37 -34.70
C PHE H 232 -2.67 6.88 -36.07
N PHE H 233 -3.65 6.99 -36.97
CA PHE H 233 -3.54 6.50 -38.34
C PHE H 233 -4.15 7.48 -39.33
N TRP H 234 -3.74 7.46 -40.60
CA TRP H 234 -4.27 8.40 -41.55
C TRP H 234 -4.29 8.01 -43.00
N THR H 235 -5.20 8.58 -43.77
CA THR H 235 -5.27 8.36 -45.22
C THR H 235 -5.66 9.62 -46.02
N ILE H 236 -5.37 9.64 -47.32
CA ILE H 236 -5.90 10.73 -48.14
C ILE H 236 -7.16 10.20 -48.78
N LEU H 237 -8.28 10.89 -48.66
CA LEU H 237 -9.50 10.30 -49.17
C LEU H 237 -9.69 10.97 -50.48
N LYS H 238 -9.59 10.16 -51.54
CA LYS H 238 -9.75 10.60 -52.91
C LYS H 238 -11.15 11.14 -53.19
N PRO H 239 -11.25 12.19 -54.03
CA PRO H 239 -12.57 12.74 -54.34
C PRO H 239 -13.52 11.70 -54.94
N ASN H 240 -14.70 11.70 -54.34
CA ASN H 240 -15.83 10.86 -54.65
C ASN H 240 -15.62 9.44 -54.14
N ASP H 241 -14.63 9.27 -53.24
CA ASP H 241 -14.32 8.00 -52.55
C ASP H 241 -14.88 7.99 -51.16
N ALA H 242 -15.33 6.85 -50.67
CA ALA H 242 -15.90 6.80 -49.30
C ALA H 242 -15.06 5.97 -48.28
N ILE H 243 -14.90 6.49 -47.06
CA ILE H 243 -14.20 5.75 -46.00
C ILE H 243 -15.19 5.17 -44.98
N ASN H 244 -15.02 3.91 -44.59
CA ASN H 244 -15.98 3.27 -43.70
C ASN H 244 -15.33 2.70 -42.46
N PHE H 245 -15.79 3.12 -41.28
CA PHE H 245 -15.30 2.57 -40.01
C PHE H 245 -16.24 1.52 -39.46
N GLU H 246 -15.64 0.45 -38.93
CA GLU H 246 -16.35 -0.53 -38.12
C GLU H 246 -15.49 -0.84 -36.93
N SER H 247 -16.06 -0.76 -35.73
CA SER H 247 -15.30 -1.17 -34.57
C SER H 247 -16.23 -1.55 -33.45
N ASN H 248 -15.65 -1.86 -32.29
CA ASN H 248 -16.43 -2.45 -31.21
C ASN H 248 -15.69 -2.20 -29.88
N GLY H 249 -14.76 -1.24 -29.93
CA GLY H 249 -13.99 -0.83 -28.76
C GLY H 249 -12.69 -0.16 -29.19
N ASN H 250 -11.99 0.48 -28.25
CA ASN H 250 -10.65 1.07 -28.47
C ASN H 250 -10.54 1.94 -29.72
N PHE H 251 -11.71 2.37 -30.20
CA PHE H 251 -11.84 3.22 -31.37
C PHE H 251 -11.86 4.65 -30.93
N ILE H 252 -10.97 5.42 -31.56
CA ILE H 252 -10.94 6.86 -31.48
C ILE H 252 -11.41 7.37 -32.84
N ALA H 253 -12.67 7.84 -32.92
CA ALA H 253 -13.31 8.19 -34.19
C ALA H 253 -12.82 9.53 -34.66
N PRO H 254 -12.94 9.83 -35.94
CA PRO H 254 -12.66 11.23 -36.20
C PRO H 254 -13.93 11.99 -36.02
N GLU H 255 -13.81 13.32 -35.89
CA GLU H 255 -14.91 14.27 -36.08
C GLU H 255 -14.47 15.21 -37.20
N TYR H 256 -13.29 15.81 -37.05
CA TYR H 256 -12.84 16.76 -38.06
C TYR H 256 -11.77 16.21 -38.94
N ALA H 257 -11.80 16.64 -40.18
CA ALA H 257 -10.92 16.20 -41.25
C ALA H 257 -10.18 17.40 -41.88
N TYR H 258 -9.42 17.25 -42.95
CA TYR H 258 -8.87 18.44 -43.66
C TYR H 258 -9.01 18.40 -45.20
N LYS H 259 -9.58 19.44 -45.80
CA LYS H 259 -9.64 19.54 -47.28
C LYS H 259 -8.34 20.14 -47.76
N ILE H 260 -7.60 19.40 -48.58
CA ILE H 260 -6.30 19.91 -49.01
C ILE H 260 -6.59 20.98 -50.05
N VAL H 261 -6.34 22.24 -49.71
CA VAL H 261 -6.97 23.32 -50.46
C VAL H 261 -6.04 24.18 -51.29
N LYS H 262 -4.76 24.20 -50.95
CA LYS H 262 -3.82 24.71 -51.94
C LYS H 262 -2.51 24.00 -51.92
N LYS H 263 -2.09 23.52 -53.09
CA LYS H 263 -0.79 22.86 -53.23
C LYS H 263 0.23 23.83 -53.81
N GLY H 264 1.52 23.50 -53.73
CA GLY H 264 2.55 24.37 -54.25
C GLY H 264 3.94 24.17 -53.66
N ASP H 265 4.84 25.07 -54.05
CA ASP H 265 6.18 25.13 -53.50
C ASP H 265 6.02 25.40 -52.01
N SER H 266 6.80 24.69 -51.19
CA SER H 266 6.82 24.88 -49.75
C SER H 266 7.83 23.96 -49.07
N THR H 267 8.08 24.21 -47.80
CA THR H 267 8.98 23.39 -46.99
C THR H 267 8.56 23.32 -45.53
N ILE H 268 8.97 22.28 -44.81
CA ILE H 268 8.91 22.45 -43.37
C ILE H 268 10.34 22.74 -42.95
N MET H 269 10.55 23.94 -42.45
CA MET H 269 11.87 24.41 -42.10
C MET H 269 12.03 24.30 -40.59
N LYS H 270 13.08 23.60 -40.17
CA LYS H 270 13.45 23.49 -38.77
C LYS H 270 14.23 24.69 -38.29
N SER H 271 13.70 25.42 -37.31
CA SER H 271 14.43 26.56 -36.75
C SER H 271 13.88 27.00 -35.40
N GLU H 272 14.77 27.48 -34.54
CA GLU H 272 14.39 27.89 -33.20
C GLU H 272 13.81 29.27 -33.21
N LEU H 273 14.18 30.02 -34.24
CA LEU H 273 13.85 31.44 -34.41
C LEU H 273 12.39 31.79 -34.30
N GLU H 274 12.13 33.10 -34.25
CA GLU H 274 10.77 33.59 -34.20
C GLU H 274 10.44 34.62 -35.31
N TYR H 275 9.20 35.08 -35.32
CA TYR H 275 8.74 35.92 -36.41
C TYR H 275 9.29 37.36 -36.36
N GLY H 276 9.86 37.80 -37.49
CA GLY H 276 10.44 39.14 -37.61
C GLY H 276 9.60 40.27 -38.23
N ASN H 277 8.39 39.95 -38.67
CA ASN H 277 7.51 40.95 -39.27
C ASN H 277 8.12 41.72 -40.44
N CYS H 278 8.88 41.02 -41.26
CA CYS H 278 9.50 41.61 -42.43
C CYS H 278 9.15 40.83 -43.72
N ASN H 279 9.97 40.98 -44.75
CA ASN H 279 9.73 40.22 -45.95
C ASN H 279 10.98 40.10 -46.82
N THR H 280 11.23 38.89 -47.34
CA THR H 280 12.29 38.65 -48.34
C THR H 280 11.82 37.71 -49.42
N LYS H 281 12.73 37.47 -50.37
CA LYS H 281 12.51 36.47 -51.43
C LYS H 281 13.44 35.29 -51.17
N CYS H 282 14.17 35.39 -50.06
CA CYS H 282 15.11 34.38 -49.63
C CYS H 282 15.15 34.26 -48.12
N GLN H 283 14.89 33.04 -47.63
CA GLN H 283 14.86 32.74 -46.20
C GLN H 283 15.81 31.59 -45.84
N THR H 284 16.40 31.64 -44.64
CA THR H 284 17.37 30.67 -44.13
C THR H 284 16.88 30.37 -42.75
N PRO H 285 17.05 29.13 -42.23
CA PRO H 285 16.66 28.84 -40.82
C PRO H 285 17.45 29.66 -39.78
N MET H 286 18.45 30.42 -40.22
CA MET H 286 19.22 31.26 -39.35
C MET H 286 18.91 32.74 -39.53
N GLY H 287 18.33 33.08 -40.68
CA GLY H 287 17.82 34.43 -40.95
C GLY H 287 17.57 34.71 -42.42
N ALA H 288 16.87 35.81 -42.74
CA ALA H 288 16.58 36.12 -44.14
C ALA H 288 17.76 36.79 -44.85
N ILE H 289 17.79 36.65 -46.17
CA ILE H 289 18.84 37.23 -47.00
C ILE H 289 18.27 38.27 -47.95
N ASN H 290 19.01 39.36 -48.09
CA ASN H 290 18.78 40.39 -49.09
C ASN H 290 20.14 40.69 -49.72
N SER H 291 20.36 40.17 -50.93
CA SER H 291 21.68 40.26 -51.54
C SER H 291 21.64 40.14 -53.06
N SER H 292 22.65 40.74 -53.72
CA SER H 292 22.79 40.65 -55.17
C SER H 292 23.89 39.65 -55.56
N MET H 293 24.77 39.33 -54.60
CA MET H 293 25.82 38.35 -54.77
C MET H 293 25.33 37.02 -55.37
N PRO H 294 26.18 36.34 -56.15
CA PRO H 294 25.82 35.01 -56.68
C PRO H 294 25.98 33.87 -55.67
N PHE H 295 26.67 34.14 -54.57
CA PHE H 295 27.00 33.10 -53.60
C PHE H 295 26.75 33.51 -52.13
N HIS H 296 26.24 32.59 -51.33
CA HIS H 296 26.11 32.89 -49.94
C HIS H 296 26.68 31.73 -49.18
N ASN H 297 26.91 31.91 -47.88
CA ASN H 297 27.44 30.82 -47.08
C ASN H 297 26.77 30.68 -45.72
N ILE H 298 25.51 31.07 -45.64
CA ILE H 298 24.77 31.05 -44.41
C ILE H 298 24.35 29.64 -44.00
N HIS H 299 23.56 29.01 -44.85
CA HIS H 299 22.93 27.77 -44.48
C HIS H 299 22.41 27.11 -45.76
N PRO H 300 22.74 25.83 -45.97
CA PRO H 300 22.43 25.20 -47.25
C PRO H 300 20.94 25.02 -47.45
N LEU H 301 20.14 25.04 -46.38
CA LEU H 301 18.71 24.78 -46.53
C LEU H 301 17.87 26.04 -46.70
N THR H 302 17.73 26.50 -47.93
CA THR H 302 17.05 27.75 -48.16
C THR H 302 15.77 27.58 -48.96
N ILE H 303 14.85 28.50 -48.74
CA ILE H 303 13.64 28.54 -49.52
C ILE H 303 13.52 29.92 -50.11
N GLY H 304 13.10 29.96 -51.37
CA GLY H 304 12.96 31.20 -52.11
C GLY H 304 14.06 31.48 -53.10
N GLU H 305 13.99 32.64 -53.72
CA GLU H 305 14.93 33.04 -54.74
C GLU H 305 16.26 33.48 -54.11
N CYS H 306 17.21 32.54 -54.08
CA CYS H 306 18.44 32.66 -53.30
C CYS H 306 19.73 32.56 -54.10
N PRO H 307 20.83 33.16 -53.58
CA PRO H 307 22.14 32.85 -54.13
C PRO H 307 22.48 31.37 -53.93
N LYS H 308 23.37 30.80 -54.75
CA LYS H 308 23.72 29.39 -54.56
C LYS H 308 24.79 29.20 -53.47
N TYR H 309 24.49 28.28 -52.55
CA TYR H 309 25.25 28.04 -51.31
C TYR H 309 26.64 27.44 -51.50
N VAL H 310 27.60 27.91 -50.70
CA VAL H 310 28.91 27.30 -50.67
C VAL H 310 29.46 27.25 -49.26
N LYS H 311 30.52 26.47 -49.06
CA LYS H 311 31.16 26.31 -47.74
C LYS H 311 32.42 27.16 -47.57
N SER H 312 32.65 28.07 -48.51
CA SER H 312 33.84 28.94 -48.48
C SER H 312 33.77 30.15 -47.51
N ASN H 313 34.95 30.56 -47.01
CA ASN H 313 35.09 31.75 -46.17
C ASN H 313 35.30 33.01 -46.98
N ARG H 314 35.80 32.82 -48.20
CA ARG H 314 36.21 33.89 -49.08
C ARG H 314 35.90 33.57 -50.54
N LEU H 315 35.28 34.49 -51.25
CA LEU H 315 35.20 34.36 -52.69
C LEU H 315 35.43 35.73 -53.30
N VAL H 316 36.67 35.99 -53.68
CA VAL H 316 36.99 37.32 -54.16
C VAL H 316 37.54 37.24 -55.53
N LEU H 317 36.94 38.01 -56.42
CA LEU H 317 37.41 38.04 -57.78
C LEU H 317 38.41 39.18 -57.91
N ALA H 318 39.33 39.03 -58.85
CA ALA H 318 40.21 40.11 -59.22
C ALA H 318 39.69 40.70 -60.54
N THR H 319 39.40 42.00 -60.52
CA THR H 319 38.88 42.69 -61.70
C THR H 319 39.89 43.63 -62.34
N GLY H 320 40.64 44.34 -61.50
CA GLY H 320 41.70 45.23 -61.95
C GLY H 320 43.01 44.48 -62.18
N LEU H 321 44.12 45.21 -62.26
CA LEU H 321 45.42 44.58 -62.47
C LEU H 321 46.30 44.72 -61.22
N ARG H 322 47.42 44.00 -61.22
CA ARG H 322 48.29 43.92 -60.04
C ARG H 322 48.65 45.28 -59.55
N ASN H 323 48.59 45.45 -58.23
CA ASN H 323 48.87 46.75 -57.64
C ASN H 323 50.33 46.89 -57.22
N SER H 324 50.82 48.12 -57.40
CA SER H 324 52.23 48.52 -57.27
C SER H 324 52.97 47.96 -56.05
N PRO H 325 54.20 47.45 -56.26
CA PRO H 325 55.03 46.76 -55.26
C PRO H 325 55.06 47.43 -53.88
N ASP I 2 88.05 38.66 -84.49
CA ASP I 2 88.09 38.69 -83.03
C ASP I 2 86.81 38.31 -82.30
N PRO I 3 86.95 37.41 -81.31
CA PRO I 3 85.82 37.13 -80.40
C PRO I 3 85.66 38.22 -79.36
N GLY I 4 84.53 38.92 -79.41
CA GLY I 4 84.20 39.89 -78.39
C GLY I 4 83.65 39.07 -77.24
N ASP I 5 83.73 39.61 -76.03
CA ASP I 5 83.32 38.90 -74.84
C ASP I 5 81.87 38.40 -74.94
N GLN I 6 81.55 37.31 -74.26
CA GLN I 6 80.26 36.64 -74.45
C GLN I 6 79.53 36.34 -73.14
N ILE I 7 78.21 36.47 -73.17
CA ILE I 7 77.36 36.01 -72.07
C ILE I 7 76.06 35.44 -72.67
N CYS I 8 75.65 34.25 -72.21
CA CYS I 8 74.46 33.56 -72.74
C CYS I 8 73.44 33.17 -71.65
N ILE I 9 72.19 33.02 -72.06
CA ILE I 9 71.12 32.61 -71.15
C ILE I 9 70.70 31.18 -71.48
N GLY I 10 70.68 30.31 -70.46
CA GLY I 10 70.32 28.91 -70.64
C GLY I 10 69.66 28.26 -69.43
N TYR I 11 69.32 26.97 -69.54
CA TYR I 11 68.56 26.28 -68.49
C TYR I 11 69.15 24.92 -68.10
N HIS I 12 68.68 24.39 -66.96
CA HIS I 12 69.17 23.13 -66.39
C HIS I 12 68.78 21.85 -67.16
N ALA I 13 69.62 20.82 -67.07
CA ALA I 13 69.31 19.46 -67.55
C ALA I 13 70.12 18.40 -66.81
N ASN I 14 69.73 17.13 -66.96
CA ASN I 14 70.43 16.00 -66.33
C ASN I 14 70.13 14.67 -67.04
N ASN I 15 70.26 13.54 -66.34
CA ASN I 15 70.06 12.24 -66.98
CA ASN I 15 70.09 12.22 -66.95
C ASN I 15 68.76 11.54 -66.59
N SER I 16 67.74 12.34 -66.29
CA SER I 16 66.43 11.84 -65.83
C SER I 16 65.46 11.45 -66.96
N THR I 17 64.87 10.27 -66.84
CA THR I 17 63.84 9.81 -67.78
C THR I 17 62.43 9.68 -67.15
N GLU I 18 62.17 10.48 -66.11
CA GLU I 18 60.82 10.68 -65.54
C GLU I 18 59.82 11.17 -66.59
N GLN I 19 58.64 10.54 -66.65
CA GLN I 19 57.62 10.96 -67.62
C GLN I 19 56.34 11.48 -66.94
N VAL I 20 55.85 12.64 -67.37
CA VAL I 20 54.59 13.18 -66.88
C VAL I 20 53.56 13.21 -68.02
N ASP I 21 52.34 13.66 -67.72
CA ASP I 21 51.31 13.78 -68.75
C ASP I 21 50.74 15.20 -68.77
N THR I 22 50.09 15.53 -69.89
CA THR I 22 49.54 16.85 -70.07
C THR I 22 48.29 16.77 -70.94
N ILE I 23 47.48 17.83 -70.98
CA ILE I 23 46.24 17.82 -71.76
C ILE I 23 46.47 17.54 -73.25
N MET I 24 47.62 17.96 -73.74
CA MET I 24 47.91 17.88 -75.17
C MET I 24 49.04 16.94 -75.53
N GLU I 25 49.83 16.53 -74.55
CA GLU I 25 51.03 15.77 -74.87
C GLU I 25 51.25 14.65 -73.84
N LYS I 26 51.50 13.44 -74.32
CA LYS I 26 51.72 12.30 -73.42
C LYS I 26 53.18 11.84 -73.33
N ASN I 27 53.56 11.29 -72.18
CA ASN I 27 54.88 10.70 -71.99
C ASN I 27 56.03 11.68 -72.21
N VAL I 28 55.77 12.93 -71.87
CA VAL I 28 56.78 13.97 -71.95
C VAL I 28 57.82 13.82 -70.85
N THR I 29 59.08 13.67 -71.25
CA THR I 29 60.17 13.44 -70.32
C THR I 29 60.61 14.70 -69.58
N VAL I 30 60.77 14.60 -68.25
CA VAL I 30 61.05 15.79 -67.44
C VAL I 30 62.25 15.64 -66.49
N THR I 31 62.72 16.78 -65.97
CA THR I 31 63.92 16.84 -65.13
C THR I 31 63.62 16.29 -63.75
N HIS I 32 62.55 16.83 -63.15
CA HIS I 32 62.08 16.37 -61.85
C HIS I 32 60.58 16.08 -61.93
N ALA I 33 60.19 14.97 -61.31
CA ALA I 33 58.79 14.57 -61.30
C ALA I 33 58.36 14.33 -59.86
N GLN I 34 57.05 14.19 -59.67
CA GLN I 34 56.50 14.02 -58.34
C GLN I 34 55.34 13.03 -58.31
N ASP I 35 55.61 11.83 -57.79
CA ASP I 35 54.57 10.84 -57.59
C ASP I 35 53.75 11.31 -56.40
N ILE I 36 52.44 11.34 -56.55
CA ILE I 36 51.60 11.71 -55.43
C ILE I 36 50.58 10.61 -55.12
N LEU I 37 50.68 9.50 -55.84
CA LEU I 37 49.77 8.39 -55.62
C LEU I 37 50.44 7.22 -54.94
N GLU I 38 49.92 6.88 -53.76
CA GLU I 38 50.39 5.72 -53.00
C GLU I 38 49.68 4.46 -53.45
N LYS I 39 50.43 3.42 -53.83
CA LYS I 39 49.78 2.23 -54.37
C LYS I 39 50.05 0.95 -53.56
N LYS I 40 50.93 1.06 -52.54
CA LYS I 40 51.41 -0.10 -51.75
C LYS I 40 50.86 -0.12 -50.33
N HIS I 41 50.40 -1.28 -49.88
CA HIS I 41 49.98 -1.46 -48.50
C HIS I 41 50.60 -2.70 -47.90
N ASN I 42 50.33 -2.97 -46.63
CA ASN I 42 51.05 -4.04 -45.94
C ASN I 42 50.24 -5.32 -45.72
N GLY I 43 49.11 -5.45 -46.40
CA GLY I 43 48.32 -6.67 -46.35
C GLY I 43 47.90 -7.21 -44.99
N LYS I 44 47.97 -6.38 -43.95
CA LYS I 44 47.67 -6.81 -42.58
C LYS I 44 46.62 -5.94 -41.91
N LEU I 45 45.95 -6.53 -40.92
CA LEU I 45 45.05 -5.79 -40.03
C LEU I 45 45.75 -5.36 -38.73
N CYS I 46 45.91 -4.06 -38.52
CA CYS I 46 46.70 -3.56 -37.40
C CYS I 46 45.92 -2.81 -36.36
N ASP I 47 46.61 -2.45 -35.28
CA ASP I 47 46.09 -1.53 -34.29
C ASP I 47 45.89 -0.13 -34.90
N LEU I 48 45.02 0.67 -34.28
CA LEU I 48 44.82 2.02 -34.77
C LEU I 48 45.25 2.96 -33.64
N ASP I 49 46.40 3.60 -33.82
CA ASP I 49 47.17 4.18 -32.71
C ASP I 49 47.35 3.15 -31.61
N GLY I 50 46.90 3.47 -30.42
CA GLY I 50 47.01 2.52 -29.33
C GLY I 50 46.24 1.23 -29.56
N VAL I 51 45.13 1.33 -30.27
CA VAL I 51 44.04 0.37 -30.11
C VAL I 51 43.85 -0.75 -31.17
N LYS I 52 43.70 -1.96 -30.64
CA LYS I 52 43.45 -3.16 -31.42
C LYS I 52 41.99 -3.27 -31.75
N PRO I 53 41.67 -3.61 -33.00
CA PRO I 53 40.33 -3.87 -33.53
C PRO I 53 39.67 -5.10 -32.92
N LEU I 54 38.34 -5.10 -32.77
CA LEU I 54 37.68 -6.34 -32.44
C LEU I 54 37.64 -7.17 -33.71
N ILE I 55 38.46 -8.22 -33.79
CA ILE I 55 38.47 -9.08 -34.97
C ILE I 55 37.74 -10.37 -34.68
N LEU I 56 36.46 -10.40 -35.06
CA LEU I 56 35.64 -11.60 -34.98
C LEU I 56 36.18 -12.48 -36.08
N ARG I 57 36.45 -13.73 -35.79
CA ARG I 57 37.07 -14.47 -36.85
C ARG I 57 35.97 -15.13 -37.64
N ASP I 58 35.45 -16.23 -37.15
CA ASP I 58 34.42 -16.89 -37.88
C ASP I 58 33.14 -16.57 -37.19
N CYS I 59 33.16 -15.56 -36.34
CA CYS I 59 31.91 -15.16 -35.71
C CYS I 59 31.22 -13.99 -36.42
N SER I 60 29.89 -13.97 -36.33
CA SER I 60 29.14 -12.82 -36.79
C SER I 60 28.65 -11.99 -35.65
N VAL I 61 28.30 -10.76 -35.96
CA VAL I 61 27.79 -9.87 -34.96
C VAL I 61 26.56 -10.42 -34.31
N ALA I 62 25.67 -11.05 -35.05
CA ALA I 62 24.52 -11.58 -34.35
C ALA I 62 24.97 -12.60 -33.32
N GLY I 63 25.84 -13.50 -33.75
CA GLY I 63 26.39 -14.58 -32.94
C GLY I 63 27.21 -14.13 -31.72
N TRP I 64 27.98 -13.08 -31.91
CA TRP I 64 28.66 -12.46 -30.81
C TRP I 64 27.64 -12.02 -29.74
N LEU I 65 26.76 -11.08 -30.06
CA LEU I 65 25.98 -10.46 -29.01
C LEU I 65 25.01 -11.43 -28.31
N LEU I 66 24.42 -12.37 -29.04
CA LEU I 66 23.41 -13.25 -28.45
C LEU I 66 24.08 -14.35 -27.73
N GLY I 67 25.34 -14.61 -28.08
CA GLY I 67 26.12 -15.66 -27.45
C GLY I 67 26.04 -17.05 -28.05
N ASN I 68 26.38 -17.20 -29.33
CA ASN I 68 26.54 -18.54 -29.88
C ASN I 68 27.62 -19.25 -29.10
N PRO I 69 27.38 -20.49 -28.63
CA PRO I 69 28.42 -21.24 -27.96
C PRO I 69 29.75 -21.29 -28.70
N MET I 70 29.73 -21.41 -30.01
CA MET I 70 30.97 -21.49 -30.75
C MET I 70 31.68 -20.16 -30.81
N CYS I 71 31.12 -19.18 -30.13
CA CYS I 71 31.64 -17.81 -30.20
C CYS I 71 32.30 -17.37 -28.90
N ASP I 72 32.63 -18.35 -28.04
CA ASP I 72 33.01 -18.09 -26.64
C ASP I 72 34.28 -17.31 -26.55
N GLU I 73 35.13 -17.42 -27.57
CA GLU I 73 36.36 -16.62 -27.67
C GLU I 73 36.16 -15.11 -27.43
N PHE I 74 34.89 -14.69 -27.48
CA PHE I 74 34.48 -13.28 -27.35
C PHE I 74 33.58 -12.93 -26.17
N ILE I 75 33.62 -13.64 -25.04
CA ILE I 75 32.60 -13.33 -24.04
C ILE I 75 32.81 -12.00 -23.29
N ASN I 76 34.07 -11.60 -23.08
CA ASN I 76 34.33 -10.35 -22.39
C ASN I 76 35.29 -9.44 -23.12
N VAL I 77 34.87 -8.86 -24.22
CA VAL I 77 35.82 -8.14 -25.05
C VAL I 77 36.23 -6.79 -24.46
N PRO I 78 37.49 -6.39 -24.73
CA PRO I 78 38.06 -5.08 -24.39
C PRO I 78 37.50 -3.96 -25.22
N GLU I 79 37.67 -2.71 -24.80
CA GLU I 79 37.30 -1.58 -25.65
C GLU I 79 38.08 -1.64 -26.99
N TRP I 80 37.39 -1.36 -28.12
CA TRP I 80 37.99 -1.47 -29.46
C TRP I 80 38.08 -0.19 -30.26
N SER I 81 38.81 -0.28 -31.37
CA SER I 81 39.02 0.84 -32.27
C SER I 81 38.16 0.73 -33.52
N TYR I 82 37.91 -0.49 -33.99
CA TYR I 82 37.02 -0.78 -35.13
C TYR I 82 36.74 -2.27 -35.20
N ILE I 83 35.57 -2.66 -35.68
CA ILE I 83 35.22 -4.08 -35.65
C ILE I 83 35.58 -4.64 -36.99
N VAL I 84 36.10 -5.88 -37.08
CA VAL I 84 36.31 -6.53 -38.38
C VAL I 84 35.49 -7.83 -38.47
N GLU I 85 34.70 -7.94 -39.53
CA GLU I 85 33.82 -9.09 -39.74
C GLU I 85 34.05 -9.67 -41.12
N LYS I 86 34.14 -11.01 -41.21
CA LYS I 86 34.31 -11.68 -42.50
C LYS I 86 32.99 -11.62 -43.25
N ALA I 87 33.02 -11.94 -44.55
CA ALA I 87 31.88 -11.67 -45.41
C ALA I 87 30.71 -12.64 -45.25
N ASN I 88 31.00 -13.89 -44.93
CA ASN I 88 29.92 -14.84 -44.63
C ASN I 88 30.33 -15.74 -43.51
N PRO I 89 30.40 -15.18 -42.29
CA PRO I 89 30.89 -15.88 -41.11
C PRO I 89 30.05 -17.09 -40.86
N VAL I 90 30.68 -18.16 -40.40
CA VAL I 90 30.04 -19.47 -40.24
C VAL I 90 29.15 -19.55 -38.97
N ASN I 91 29.56 -18.81 -37.96
CA ASN I 91 28.86 -18.75 -36.69
C ASN I 91 27.90 -17.55 -36.55
N ASP I 92 26.68 -17.73 -37.04
CA ASP I 92 25.64 -16.74 -36.87
C ASP I 92 24.68 -17.24 -35.81
N LEU I 93 23.42 -17.49 -36.18
CA LEU I 93 22.44 -17.98 -35.23
C LEU I 93 22.43 -19.50 -35.33
N CYS I 94 23.08 -20.15 -34.37
CA CYS I 94 23.21 -21.61 -34.36
C CYS I 94 21.84 -22.33 -34.33
N TYR I 95 20.87 -21.84 -33.55
CA TYR I 95 19.50 -22.33 -33.72
C TYR I 95 18.93 -21.40 -34.76
N PRO I 96 18.38 -21.97 -35.84
CA PRO I 96 17.95 -21.23 -37.03
C PRO I 96 16.76 -20.31 -36.81
N GLY I 97 16.94 -19.11 -37.30
CA GLY I 97 15.89 -18.13 -37.23
C GLY I 97 16.41 -16.82 -37.80
N ASP I 98 15.96 -15.72 -37.19
CA ASP I 98 16.10 -14.41 -37.80
C ASP I 98 16.37 -13.39 -36.72
N PHE I 99 17.17 -12.39 -37.07
CA PHE I 99 17.44 -11.27 -36.19
C PHE I 99 16.85 -9.95 -36.72
N ASN I 100 15.86 -9.47 -35.99
CA ASN I 100 15.04 -8.31 -36.32
C ASN I 100 15.75 -6.95 -36.36
N ASP I 101 15.44 -6.14 -37.35
CA ASP I 101 16.11 -4.84 -37.52
C ASP I 101 17.62 -4.92 -37.35
N TYR I 102 18.20 -6.04 -37.68
CA TYR I 102 19.62 -6.30 -37.47
C TYR I 102 20.57 -5.30 -38.14
N GLU I 103 20.20 -4.82 -39.33
CA GLU I 103 21.06 -3.92 -40.07
C GLU I 103 21.22 -2.63 -39.32
N GLU I 104 20.11 -2.18 -38.77
CA GLU I 104 20.04 -0.97 -37.94
C GLU I 104 20.83 -1.12 -36.62
N LEU I 105 20.88 -2.34 -36.09
CA LEU I 105 21.59 -2.65 -34.85
C LEU I 105 23.08 -2.58 -35.11
N LYS I 106 23.49 -3.08 -36.25
CA LYS I 106 24.86 -2.87 -36.70
C LYS I 106 25.18 -1.40 -36.80
N HIS I 107 24.17 -0.61 -37.07
CA HIS I 107 24.49 0.74 -37.34
C HIS I 107 24.86 1.42 -36.02
N LEU I 108 24.17 1.04 -34.97
CA LEU I 108 24.48 1.57 -33.66
C LEU I 108 25.91 1.21 -33.32
N LEU I 109 26.27 -0.02 -33.66
CA LEU I 109 27.51 -0.61 -33.25
C LEU I 109 28.69 0.17 -33.81
N SER I 110 28.44 0.90 -34.88
CA SER I 110 29.45 1.73 -35.53
C SER I 110 29.67 3.07 -34.80
N ARG I 111 28.92 3.27 -33.72
CA ARG I 111 29.10 4.45 -32.84
C ARG I 111 29.55 4.07 -31.42
N ILE I 112 29.84 2.79 -31.22
CA ILE I 112 30.10 2.22 -29.92
C ILE I 112 31.51 1.64 -29.92
N ASN I 113 32.26 1.88 -28.86
CA ASN I 113 33.61 1.33 -28.73
C ASN I 113 33.70 0.31 -27.62
N HIS I 114 32.74 0.30 -26.70
CA HIS I 114 32.76 -0.73 -25.66
C HIS I 114 31.42 -1.07 -24.96
N PHE I 115 31.21 -2.36 -24.71
CA PHE I 115 30.07 -2.86 -23.94
C PHE I 115 30.63 -3.39 -22.62
N GLU I 116 29.77 -3.58 -21.64
CA GLU I 116 30.11 -4.24 -20.38
C GLU I 116 28.92 -5.04 -19.91
N LYS I 117 28.95 -6.33 -20.19
CA LYS I 117 27.80 -7.23 -19.98
C LYS I 117 27.20 -7.11 -18.57
N ILE I 118 25.89 -7.02 -18.40
CA ILE I 118 25.35 -7.11 -17.03
C ILE I 118 24.18 -8.04 -16.89
N GLN I 119 24.05 -8.72 -15.78
CA GLN I 119 22.92 -9.63 -15.63
C GLN I 119 21.68 -8.89 -15.24
N ILE I 120 20.56 -9.12 -15.91
CA ILE I 120 19.33 -8.42 -15.49
C ILE I 120 18.13 -9.31 -15.13
N ILE I 121 18.16 -10.58 -15.52
CA ILE I 121 17.22 -11.53 -14.96
C ILE I 121 17.89 -12.88 -14.82
N PRO I 122 18.35 -13.16 -13.59
CA PRO I 122 19.18 -14.31 -13.26
C PRO I 122 18.55 -15.67 -13.63
N LYS I 123 19.35 -16.48 -14.32
CA LYS I 123 18.85 -17.75 -14.79
C LYS I 123 18.28 -18.54 -13.64
N SER I 124 18.92 -18.34 -12.50
CA SER I 124 18.57 -18.98 -11.24
C SER I 124 17.18 -18.56 -10.69
N SER I 125 16.67 -17.45 -11.21
CA SER I 125 15.45 -16.81 -10.69
C SER I 125 14.11 -17.37 -11.15
N TRP I 126 14.09 -18.21 -12.18
CA TRP I 126 12.80 -18.72 -12.69
C TRP I 126 12.18 -19.85 -11.80
N SER I 127 11.48 -19.46 -10.75
CA SER I 127 10.98 -20.40 -9.76
C SER I 127 9.86 -21.28 -10.28
N SER I 128 9.10 -20.78 -11.24
CA SER I 128 7.94 -21.52 -11.66
C SER I 128 7.95 -22.08 -13.11
N HIS I 129 9.10 -21.96 -13.78
CA HIS I 129 9.29 -22.56 -15.09
C HIS I 129 10.63 -23.30 -15.19
N GLU I 130 10.87 -24.03 -16.27
CA GLU I 130 12.14 -24.73 -16.39
C GLU I 130 13.25 -24.04 -17.22
N ALA I 131 14.18 -23.39 -16.53
CA ALA I 131 15.26 -22.68 -17.22
C ALA I 131 16.30 -23.55 -17.91
N SER I 132 16.50 -24.79 -17.46
CA SER I 132 17.67 -25.61 -17.90
C SER I 132 17.43 -26.73 -18.91
N LEU I 133 16.29 -26.70 -19.58
CA LEU I 133 15.96 -27.71 -20.56
C LEU I 133 16.09 -27.04 -21.92
N GLY I 134 16.35 -25.74 -21.91
CA GLY I 134 16.39 -25.00 -23.17
C GLY I 134 17.65 -25.20 -23.99
N VAL I 135 17.83 -26.40 -24.54
CA VAL I 135 19.09 -26.78 -25.14
C VAL I 135 18.84 -27.52 -26.44
N SER I 136 19.55 -27.21 -27.51
CA SER I 136 19.32 -27.95 -28.74
C SER I 136 20.65 -28.35 -29.35
N SER I 137 20.61 -29.47 -30.08
CA SER I 137 21.76 -29.99 -30.78
C SER I 137 22.26 -29.07 -31.92
N ALA I 138 21.39 -28.19 -32.40
CA ALA I 138 21.81 -27.24 -33.42
C ALA I 138 22.79 -26.27 -32.80
N CYS I 139 22.72 -26.18 -31.47
CA CYS I 139 23.48 -25.23 -30.69
C CYS I 139 24.47 -25.92 -29.79
N PRO I 140 25.37 -26.73 -30.39
CA PRO I 140 26.22 -27.73 -29.75
C PRO I 140 27.40 -27.09 -29.05
N TYR I 141 27.69 -27.39 -27.78
CA TYR I 141 28.89 -26.80 -27.20
C TYR I 141 30.12 -27.53 -27.72
N GLN I 142 30.42 -28.66 -27.13
CA GLN I 142 31.45 -29.53 -27.68
C GLN I 142 30.84 -30.89 -27.61
N GLY I 143 30.13 -31.28 -28.66
CA GLY I 143 29.43 -32.57 -28.68
C GLY I 143 28.16 -32.64 -27.84
N LYS I 144 28.22 -32.32 -26.54
CA LYS I 144 27.03 -32.11 -25.70
C LYS I 144 26.29 -30.88 -26.18
N SER I 145 24.97 -30.96 -26.29
CA SER I 145 24.23 -29.84 -26.84
C SER I 145 23.95 -28.73 -25.83
N SER I 146 23.81 -27.51 -26.34
CA SER I 146 23.82 -26.29 -25.54
C SER I 146 22.73 -25.35 -26.02
N PHE I 147 22.99 -24.03 -25.93
CA PHE I 147 22.12 -22.96 -26.45
C PHE I 147 22.90 -21.67 -26.52
N PHE I 148 22.33 -20.62 -27.11
CA PHE I 148 22.84 -19.26 -26.96
C PHE I 148 23.04 -18.99 -25.49
N ARG I 149 24.09 -18.26 -25.10
CA ARG I 149 24.35 -18.10 -23.66
C ARG I 149 23.58 -16.97 -22.97
N ASN I 150 23.39 -15.85 -23.67
CA ASN I 150 22.80 -14.65 -23.09
C ASN I 150 21.30 -14.61 -23.11
N VAL I 151 20.63 -15.64 -23.60
CA VAL I 151 19.18 -15.69 -23.48
C VAL I 151 18.78 -17.02 -22.86
N VAL I 152 17.53 -17.20 -22.46
CA VAL I 152 17.15 -18.46 -21.83
C VAL I 152 15.85 -18.99 -22.31
N TRP I 153 15.89 -20.21 -22.81
CA TRP I 153 14.77 -20.88 -23.41
C TRP I 153 13.95 -21.57 -22.30
N LEU I 154 12.97 -20.88 -21.71
CA LEU I 154 12.09 -21.45 -20.67
C LEU I 154 11.14 -22.58 -21.12
N ILE I 155 10.73 -23.47 -20.23
CA ILE I 155 9.86 -24.60 -20.60
C ILE I 155 8.82 -24.83 -19.55
N LYS I 156 7.70 -25.46 -19.84
CA LYS I 156 6.70 -25.71 -18.82
C LYS I 156 7.23 -26.60 -17.72
N LYS I 157 6.73 -26.39 -16.50
CA LYS I 157 7.18 -27.11 -15.31
C LYS I 157 6.09 -27.97 -14.69
N ASP I 158 6.48 -29.14 -14.19
CA ASP I 158 5.52 -30.20 -13.86
C ASP I 158 4.68 -30.36 -15.09
N SER I 159 3.41 -29.98 -14.99
CA SER I 159 2.65 -30.05 -16.20
C SER I 159 2.32 -28.71 -16.78
N THR I 160 2.53 -27.62 -16.04
CA THR I 160 2.03 -26.30 -16.49
C THR I 160 3.04 -25.14 -16.69
N TYR I 161 2.58 -24.07 -17.35
CA TYR I 161 3.39 -22.86 -17.62
C TYR I 161 2.58 -21.64 -17.23
N PRO I 162 2.76 -21.19 -15.99
CA PRO I 162 2.05 -20.04 -15.41
C PRO I 162 2.54 -18.74 -16.02
N THR I 163 1.70 -17.72 -16.00
CA THR I 163 2.06 -16.50 -16.67
C THR I 163 3.26 -15.78 -16.08
N ILE I 164 4.29 -15.57 -16.90
CA ILE I 164 5.44 -14.73 -16.58
C ILE I 164 5.15 -13.24 -16.56
N LYS I 165 5.47 -12.57 -15.44
CA LYS I 165 5.39 -11.09 -15.28
C LYS I 165 6.69 -10.64 -14.64
N ARG I 166 7.60 -10.11 -15.42
CA ARG I 166 8.94 -9.84 -14.92
C ARG I 166 9.39 -8.53 -15.49
N SER I 167 10.14 -7.74 -14.71
CA SER I 167 10.53 -6.45 -15.23
C SER I 167 11.85 -5.97 -14.64
N TYR I 168 12.58 -5.17 -15.40
CA TYR I 168 13.88 -4.71 -14.99
C TYR I 168 14.04 -3.21 -15.16
N ASN I 169 14.61 -2.54 -14.16
CA ASN I 169 14.78 -1.10 -14.22
C ASN I 169 16.22 -0.64 -14.37
N ASN I 170 16.58 -0.01 -15.48
CA ASN I 170 17.94 0.47 -15.70
C ASN I 170 18.35 1.56 -14.76
N THR I 171 18.99 1.16 -13.68
CA THR I 171 19.51 2.11 -12.71
C THR I 171 20.96 2.54 -12.96
N ASN I 172 21.51 2.23 -14.12
CA ASN I 172 22.88 2.57 -14.45
C ASN I 172 22.90 3.90 -15.16
N GLN I 173 24.11 4.42 -15.40
CA GLN I 173 24.24 5.71 -16.08
C GLN I 173 24.08 5.61 -17.56
N GLU I 174 24.28 4.41 -18.06
CA GLU I 174 24.40 4.23 -19.50
C GLU I 174 23.21 3.53 -20.17
N ASP I 175 23.21 3.62 -21.48
CA ASP I 175 22.15 3.05 -22.26
C ASP I 175 22.24 1.51 -22.25
N LEU I 176 21.09 0.85 -22.34
CA LEU I 176 21.09 -0.61 -22.29
C LEU I 176 20.61 -1.29 -23.56
N LEU I 177 21.52 -1.96 -24.28
CA LEU I 177 21.13 -2.84 -25.37
C LEU I 177 20.57 -4.15 -24.84
N VAL I 178 19.29 -4.38 -25.03
CA VAL I 178 18.67 -5.55 -24.45
C VAL I 178 18.19 -6.47 -25.58
N LEU I 179 18.42 -7.80 -25.49
CA LEU I 179 18.04 -8.75 -26.55
C LEU I 179 17.13 -9.82 -26.00
N TRP I 180 16.18 -10.28 -26.80
CA TRP I 180 15.25 -11.34 -26.38
C TRP I 180 14.64 -12.07 -27.58
N GLY I 181 13.69 -12.96 -27.36
CA GLY I 181 13.17 -13.67 -28.53
C GLY I 181 11.97 -14.58 -28.40
N ILE I 182 11.45 -14.98 -29.55
CA ILE I 182 10.26 -15.79 -29.53
C ILE I 182 10.52 -17.02 -30.34
N HIS I 183 9.95 -18.12 -29.87
CA HIS I 183 10.17 -19.40 -30.48
C HIS I 183 8.91 -19.81 -31.21
N HIS I 184 9.09 -20.13 -32.50
CA HIS I 184 8.05 -20.56 -33.44
C HIS I 184 8.11 -22.07 -33.60
N PRO I 185 7.14 -22.79 -33.02
CA PRO I 185 7.10 -24.27 -33.08
C PRO I 185 6.65 -24.85 -34.43
N ASN I 186 6.67 -26.18 -34.50
CA ASN I 186 6.40 -26.90 -35.72
C ASN I 186 4.96 -27.29 -35.88
N ASP I 187 4.28 -27.52 -34.79
CA ASP I 187 2.89 -27.92 -34.85
C ASP I 187 2.19 -27.74 -33.54
N ALA I 188 0.90 -28.02 -33.49
CA ALA I 188 0.13 -27.78 -32.27
C ALA I 188 0.69 -28.60 -31.15
N ALA I 189 1.06 -29.84 -31.45
CA ALA I 189 1.61 -30.71 -30.42
C ALA I 189 2.93 -30.20 -29.80
N GLU I 190 3.90 -29.78 -30.62
CA GLU I 190 5.16 -29.30 -30.04
C GLU I 190 4.88 -28.11 -29.11
N GLN I 191 3.97 -27.23 -29.53
CA GLN I 191 3.59 -26.05 -28.75
C GLN I 191 3.03 -26.52 -27.44
N THR I 192 2.08 -27.46 -27.46
CA THR I 192 1.52 -27.92 -26.18
C THR I 192 2.53 -28.79 -25.38
N LYS I 193 3.39 -29.54 -26.05
CA LYS I 193 4.44 -30.27 -25.33
C LYS I 193 5.37 -29.37 -24.51
N LEU I 194 5.85 -28.30 -25.14
CA LEU I 194 6.81 -27.40 -24.51
C LEU I 194 6.21 -26.36 -23.54
N TYR I 195 5.02 -25.87 -23.86
CA TYR I 195 4.47 -24.73 -23.17
C TYR I 195 3.11 -25.01 -22.62
N GLN I 196 2.64 -26.23 -22.80
CA GLN I 196 1.35 -26.63 -22.25
C GLN I 196 0.14 -25.83 -22.77
N ASN I 197 0.16 -24.51 -22.63
CA ASN I 197 -0.90 -23.67 -23.20
C ASN I 197 -0.94 -23.66 -24.72
N PRO I 198 -2.14 -23.77 -25.29
CA PRO I 198 -2.12 -23.91 -26.73
C PRO I 198 -2.00 -22.56 -27.45
N THR I 199 -2.49 -21.47 -26.84
CA THR I 199 -2.43 -20.11 -27.41
C THR I 199 -1.57 -19.07 -26.67
N THR I 200 -0.55 -18.49 -27.32
CA THR I 200 0.38 -17.66 -26.53
C THR I 200 0.81 -16.29 -27.10
N TYR I 201 1.56 -15.56 -26.27
CA TYR I 201 2.05 -14.23 -26.60
C TYR I 201 3.27 -13.82 -25.77
N ILE I 202 3.96 -12.82 -26.28
CA ILE I 202 5.01 -12.15 -25.53
C ILE I 202 4.77 -10.65 -25.59
N SER I 203 4.39 -10.01 -24.48
CA SER I 203 4.30 -8.56 -24.51
C SER I 203 5.57 -7.93 -23.88
N VAL I 204 5.99 -6.79 -24.43
CA VAL I 204 7.16 -6.05 -23.99
C VAL I 204 6.95 -4.53 -23.92
N GLY I 205 7.12 -3.92 -22.75
CA GLY I 205 6.90 -2.49 -22.62
C GLY I 205 8.08 -1.67 -22.12
N THR I 206 8.25 -0.50 -22.71
CA THR I 206 9.29 0.48 -22.40
C THR I 206 8.55 1.84 -22.21
N SER I 207 9.29 2.94 -22.16
CA SER I 207 8.68 4.23 -22.34
C SER I 207 8.27 4.45 -23.81
N THR I 208 8.95 3.79 -24.73
CA THR I 208 8.66 3.99 -26.15
C THR I 208 8.23 2.69 -26.87
N LEU I 209 8.48 1.52 -26.27
CA LEU I 209 8.09 0.23 -26.86
C LEU I 209 6.66 -0.16 -26.49
N ASN I 210 5.96 -0.85 -27.39
CA ASN I 210 4.67 -1.40 -27.06
C ASN I 210 4.43 -2.61 -27.93
N GLN I 211 4.94 -3.77 -27.54
CA GLN I 211 5.03 -4.90 -28.46
C GLN I 211 4.35 -6.17 -27.97
N ARG I 212 3.55 -6.81 -28.81
CA ARG I 212 2.96 -8.07 -28.41
C ARG I 212 3.10 -9.03 -29.52
N LEU I 213 4.02 -10.00 -29.35
CA LEU I 213 4.36 -11.02 -30.35
C LEU I 213 3.56 -12.27 -30.13
N VAL I 214 3.19 -12.92 -31.23
CA VAL I 214 2.55 -14.24 -31.16
C VAL I 214 3.26 -15.22 -32.11
N PRO I 215 3.55 -16.45 -31.64
CA PRO I 215 4.18 -17.50 -32.41
C PRO I 215 3.37 -17.98 -33.59
N ARG I 216 4.12 -18.38 -34.60
CA ARG I 216 3.63 -18.62 -35.93
C ARG I 216 3.93 -20.08 -36.27
N ILE I 217 2.93 -20.93 -36.00
CA ILE I 217 3.07 -22.33 -36.35
C ILE I 217 3.07 -22.47 -37.89
N ALA I 218 4.04 -23.21 -38.40
CA ALA I 218 4.23 -23.34 -39.82
C ALA I 218 5.07 -24.61 -40.12
N THR I 219 4.82 -25.20 -41.27
CA THR I 219 5.57 -26.36 -41.70
C THR I 219 6.72 -25.94 -42.60
N ARG I 220 7.93 -26.13 -42.11
CA ARG I 220 9.08 -25.58 -42.81
C ARG I 220 10.11 -26.62 -43.17
N SER I 221 10.99 -26.23 -44.09
CA SER I 221 12.15 -27.03 -44.44
C SER I 221 13.01 -27.24 -43.20
N LYS I 222 13.73 -28.34 -43.07
CA LYS I 222 14.66 -28.43 -41.95
C LYS I 222 15.95 -27.67 -42.25
N VAL I 223 16.41 -26.94 -41.25
CA VAL I 223 17.73 -26.33 -41.28
C VAL I 223 18.51 -26.71 -40.05
N LYS I 224 19.72 -27.19 -40.31
CA LYS I 224 20.56 -27.83 -39.32
C LYS I 224 19.76 -28.90 -38.59
N GLY I 225 18.89 -29.57 -39.34
CA GLY I 225 18.14 -30.68 -38.79
C GLY I 225 16.92 -30.34 -37.96
N LEU I 226 16.72 -29.04 -37.72
CA LEU I 226 15.57 -28.59 -36.94
C LEU I 226 14.63 -27.88 -37.86
N SER I 227 13.33 -27.92 -37.58
CA SER I 227 12.39 -27.18 -38.44
C SER I 227 11.83 -25.95 -37.81
N GLY I 228 11.86 -25.89 -36.50
CA GLY I 228 11.36 -24.73 -35.78
C GLY I 228 12.32 -23.57 -35.93
N ARG I 229 11.87 -22.39 -35.49
CA ARG I 229 12.65 -21.19 -35.66
C ARG I 229 12.68 -20.30 -34.44
N MET I 230 13.73 -19.50 -34.40
CA MET I 230 13.96 -18.55 -33.31
C MET I 230 14.07 -17.15 -33.92
N GLU I 231 13.37 -16.20 -33.35
CA GLU I 231 13.40 -14.82 -33.80
C GLU I 231 13.70 -13.85 -32.62
N PHE I 232 14.79 -13.12 -32.76
CA PHE I 232 15.34 -12.31 -31.68
C PHE I 232 15.08 -10.86 -31.96
N PHE I 233 14.93 -10.08 -30.87
CA PHE I 233 14.51 -8.68 -30.91
C PHE I 233 15.35 -7.81 -29.99
N TRP I 234 15.39 -6.51 -30.17
CA TRP I 234 16.23 -5.68 -29.31
C TRP I 234 15.72 -4.30 -29.10
N THR I 235 16.09 -3.70 -27.98
CA THR I 235 15.78 -2.27 -27.75
C THR I 235 16.87 -1.54 -26.97
N ILE I 236 16.97 -0.23 -27.09
CA ILE I 236 17.89 0.51 -26.24
C ILE I 236 17.07 0.98 -25.05
N LEU I 237 17.57 0.68 -23.85
CA LEU I 237 16.84 0.95 -22.63
C LEU I 237 17.53 2.11 -22.02
N LYS I 238 16.80 3.22 -22.07
CA LYS I 238 17.23 4.49 -21.57
C LYS I 238 17.42 4.50 -20.06
N PRO I 239 18.41 5.27 -19.57
CA PRO I 239 18.58 5.32 -18.13
C PRO I 239 17.31 5.79 -17.44
N ASN I 240 16.97 5.02 -16.41
CA ASN I 240 15.86 5.21 -15.51
C ASN I 240 14.56 4.82 -16.18
N ASP I 241 14.68 4.13 -17.30
CA ASP I 241 13.52 3.54 -17.92
C ASP I 241 13.51 2.06 -17.58
N ALA I 242 12.33 1.49 -17.39
CA ALA I 242 12.22 0.07 -17.07
C ALA I 242 11.46 -0.72 -18.16
N ILE I 243 11.95 -1.93 -18.45
CA ILE I 243 11.30 -2.82 -19.39
C ILE I 243 10.54 -3.97 -18.72
N ASN I 244 9.31 -4.29 -19.13
CA ASN I 244 8.58 -5.36 -18.43
C ASN I 244 8.02 -6.41 -19.39
N PHE I 245 8.37 -7.67 -19.17
CA PHE I 245 7.93 -8.78 -19.99
C PHE I 245 6.69 -9.48 -19.37
N GLU I 246 5.75 -9.84 -20.22
CA GLU I 246 4.65 -10.72 -19.82
C GLU I 246 4.53 -11.76 -20.90
N SER I 247 4.52 -13.03 -20.53
CA SER I 247 4.36 -14.03 -21.54
C SER I 247 3.70 -15.25 -20.98
N ASN I 248 3.57 -16.29 -21.80
CA ASN I 248 2.68 -17.40 -21.44
C ASN I 248 3.01 -18.73 -22.30
N GLY I 249 4.16 -18.65 -22.98
CA GLY I 249 4.71 -19.71 -23.81
C GLY I 249 5.69 -19.09 -24.81
N ASN I 250 6.51 -19.90 -25.48
CA ASN I 250 7.41 -19.42 -26.55
C ASN I 250 8.27 -18.19 -26.22
N PHE I 251 8.44 -17.92 -24.94
CA PHE I 251 9.25 -16.80 -24.49
C PHE I 251 10.67 -17.25 -24.28
N ILE I 252 11.59 -16.57 -24.96
CA ILE I 252 13.04 -16.70 -24.82
C ILE I 252 13.52 -15.47 -24.05
N ALA I 253 13.83 -15.68 -22.77
CA ALA I 253 14.05 -14.60 -21.80
C ALA I 253 15.43 -14.02 -21.85
N PRO I 254 15.60 -12.79 -21.41
CA PRO I 254 17.01 -12.41 -21.37
C PRO I 254 17.66 -12.89 -20.07
N GLU I 255 18.99 -13.01 -20.03
CA GLU I 255 19.63 -13.11 -18.74
C GLU I 255 20.59 -11.94 -18.71
N TYR I 256 21.45 -11.87 -19.73
CA TYR I 256 22.46 -10.81 -19.76
C TYR I 256 22.12 -9.73 -20.77
N ALA I 257 22.54 -8.51 -20.50
CA ALA I 257 22.28 -7.32 -21.31
C ALA I 257 23.61 -6.65 -21.65
N TYR I 258 23.64 -5.47 -22.26
CA TYR I 258 24.91 -4.74 -22.49
C TYR I 258 24.87 -3.23 -22.15
N LYS I 259 25.83 -2.74 -21.35
CA LYS I 259 25.90 -1.29 -21.06
C LYS I 259 26.67 -0.55 -22.15
N ILE I 260 26.07 0.40 -22.83
CA ILE I 260 26.89 1.05 -23.86
C ILE I 260 27.82 2.00 -23.13
N VAL I 261 29.08 1.63 -23.12
CA VAL I 261 30.01 2.19 -22.17
C VAL I 261 31.05 3.11 -22.82
N LYS I 262 31.31 2.94 -24.11
CA LYS I 262 32.09 3.97 -24.80
C LYS I 262 31.58 4.18 -26.19
N LYS I 263 31.19 5.42 -26.51
CA LYS I 263 30.82 5.74 -27.88
C LYS I 263 31.94 6.48 -28.59
N GLY I 264 31.88 6.52 -29.93
CA GLY I 264 32.91 7.17 -30.71
C GLY I 264 32.99 6.84 -32.19
N ASP I 265 34.05 7.34 -32.81
CA ASP I 265 34.36 7.02 -34.20
C ASP I 265 34.62 5.52 -34.28
N SER I 266 34.04 4.86 -35.28
CA SER I 266 34.34 3.44 -35.50
C SER I 266 33.60 2.94 -36.73
N THR I 267 33.94 1.73 -37.15
CA THR I 267 33.26 1.09 -38.25
C THR I 267 33.16 -0.42 -38.09
N ILE I 268 32.20 -1.03 -38.79
CA ILE I 268 32.32 -2.46 -38.97
C ILE I 268 32.99 -2.62 -40.35
N MET I 269 34.20 -3.16 -40.34
CA MET I 269 34.95 -3.33 -41.56
C MET I 269 34.90 -4.75 -42.04
N LYS I 270 34.48 -4.92 -43.29
CA LYS I 270 34.47 -6.22 -43.93
C LYS I 270 35.86 -6.57 -44.47
N SER I 271 36.42 -7.68 -43.99
CA SER I 271 37.72 -8.13 -44.50
C SER I 271 37.94 -9.59 -44.17
N GLU I 272 38.64 -10.28 -45.06
CA GLU I 272 38.96 -11.70 -44.88
C GLU I 272 40.21 -11.87 -44.03
N LEU I 273 41.03 -10.81 -44.05
CA LEU I 273 42.32 -10.79 -43.37
C LEU I 273 42.27 -11.10 -41.90
N GLU I 274 43.47 -11.23 -41.33
CA GLU I 274 43.63 -11.48 -39.92
C GLU I 274 44.58 -10.45 -39.26
N TYR I 275 44.81 -10.64 -37.98
CA TYR I 275 45.56 -9.67 -37.19
C TYR I 275 47.07 -9.65 -37.46
N GLY I 276 47.62 -8.46 -37.71
CA GLY I 276 49.05 -8.37 -38.03
C GLY I 276 49.98 -8.05 -36.86
N ASN I 277 49.40 -7.86 -35.68
CA ASN I 277 50.17 -7.52 -34.49
C ASN I 277 51.04 -6.29 -34.75
N CYS I 278 50.48 -5.32 -35.46
CA CYS I 278 51.18 -4.11 -35.82
C CYS I 278 50.44 -2.83 -35.41
N ASN I 279 50.75 -1.72 -36.06
CA ASN I 279 50.07 -0.45 -35.78
C ASN I 279 50.14 0.61 -36.90
N THR I 280 49.00 1.25 -37.21
CA THR I 280 49.00 2.42 -38.10
C THR I 280 48.05 3.53 -37.74
N LYS I 281 48.04 4.55 -38.59
CA LYS I 281 47.11 5.64 -38.46
C LYS I 281 46.11 5.59 -39.62
N CYS I 282 46.26 4.58 -40.47
CA CYS I 282 45.32 4.36 -41.58
C CYS I 282 45.15 2.89 -41.84
N GLN I 283 43.91 2.44 -41.84
CA GLN I 283 43.61 1.05 -42.06
C GLN I 283 42.65 0.82 -43.26
N THR I 284 42.87 -0.26 -44.00
CA THR I 284 42.15 -0.58 -45.22
C THR I 284 41.75 -2.00 -45.01
N PRO I 285 40.59 -2.44 -45.53
CA PRO I 285 40.24 -3.87 -45.37
C PRO I 285 41.20 -4.81 -46.14
N MET I 286 42.09 -4.23 -46.94
CA MET I 286 43.05 -5.02 -47.69
C MET I 286 44.44 -4.95 -47.12
N GLY I 287 44.70 -3.93 -46.31
CA GLY I 287 45.94 -3.82 -45.56
C GLY I 287 46.17 -2.41 -45.05
N ALA I 288 47.08 -2.22 -44.10
CA ALA I 288 47.27 -0.90 -43.53
C ALA I 288 48.09 -0.02 -44.45
N ILE I 289 47.91 1.29 -44.35
CA ILE I 289 48.64 2.20 -45.21
C ILE I 289 49.58 3.05 -44.39
N ASN I 290 50.79 3.21 -44.92
CA ASN I 290 51.75 4.16 -44.38
C ASN I 290 52.34 4.99 -45.51
N SER I 291 51.92 6.25 -45.60
CA SER I 291 52.30 7.09 -46.73
C SER I 291 52.23 8.57 -46.38
N SER I 292 53.01 9.38 -47.08
CA SER I 292 53.00 10.82 -46.90
C SER I 292 52.19 11.44 -48.02
N MET I 293 52.07 10.67 -49.11
CA MET I 293 51.28 10.99 -50.29
C MET I 293 49.85 11.44 -49.98
N PRO I 294 49.32 12.35 -50.82
CA PRO I 294 47.94 12.85 -50.70
C PRO I 294 46.87 11.93 -51.25
N PHE I 295 47.27 10.99 -52.08
CA PHE I 295 46.30 10.16 -52.78
C PHE I 295 46.68 8.68 -52.76
N HIS I 296 45.69 7.82 -52.62
CA HIS I 296 45.95 6.42 -52.70
C HIS I 296 44.90 5.79 -53.60
N ASN I 297 45.10 4.52 -53.96
CA ASN I 297 44.12 3.81 -54.79
C ASN I 297 43.79 2.40 -54.34
N ILE I 298 44.05 2.13 -53.07
CA ILE I 298 43.97 0.79 -52.52
C ILE I 298 42.54 0.34 -52.39
N HIS I 299 41.77 1.10 -51.61
CA HIS I 299 40.42 0.70 -51.29
C HIS I 299 39.64 1.88 -50.74
N PRO I 300 38.41 2.09 -51.22
CA PRO I 300 37.76 3.34 -50.82
C PRO I 300 37.35 3.37 -49.35
N LEU I 301 37.14 2.22 -48.69
CA LEU I 301 36.63 2.24 -47.33
C LEU I 301 37.76 2.19 -46.31
N THR I 302 38.20 3.37 -45.88
CA THR I 302 39.35 3.47 -45.00
C THR I 302 38.92 3.95 -43.63
N ILE I 303 39.72 3.67 -42.62
CA ILE I 303 39.49 4.19 -41.30
C ILE I 303 40.79 4.74 -40.78
N GLY I 304 40.75 5.86 -40.10
CA GLY I 304 41.95 6.49 -39.60
C GLY I 304 42.36 7.71 -40.41
N GLU I 305 43.52 8.26 -40.07
CA GLU I 305 44.06 9.45 -40.72
C GLU I 305 44.67 9.09 -42.08
N CYS I 306 43.88 9.24 -43.14
CA CYS I 306 44.24 8.66 -44.43
C CYS I 306 44.37 9.62 -45.59
N PRO I 307 45.20 9.26 -46.58
CA PRO I 307 45.20 9.97 -47.86
C PRO I 307 43.84 9.87 -48.57
N LYS I 308 43.51 10.81 -49.45
CA LYS I 308 42.20 10.77 -50.13
C LYS I 308 42.21 9.82 -51.31
N TYR I 309 41.19 8.97 -51.35
CA TYR I 309 41.09 7.88 -52.33
C TYR I 309 40.82 8.37 -53.75
N VAL I 310 41.50 7.78 -54.72
CA VAL I 310 41.18 8.04 -56.10
C VAL I 310 41.21 6.73 -56.84
N LYS I 311 40.60 6.68 -58.02
CA LYS I 311 40.52 5.45 -58.81
C LYS I 311 41.59 5.32 -59.87
N SER I 312 42.56 6.23 -59.88
CA SER I 312 43.63 6.30 -60.91
C SER I 312 44.79 5.29 -60.78
N ASN I 313 45.38 4.94 -61.92
CA ASN I 313 46.56 4.07 -61.91
C ASN I 313 47.83 4.87 -61.73
N ARG I 314 47.76 6.14 -62.08
CA ARG I 314 48.96 6.94 -62.08
C ARG I 314 48.61 8.39 -61.75
N LEU I 315 49.39 8.99 -60.86
CA LEU I 315 49.28 10.41 -60.60
C LEU I 315 50.66 11.01 -60.43
N VAL I 316 51.19 11.65 -61.48
CA VAL I 316 52.53 12.21 -61.41
C VAL I 316 52.56 13.67 -61.74
N LEU I 317 53.15 14.45 -60.83
CA LEU I 317 53.29 15.87 -61.07
C LEU I 317 54.62 16.16 -61.76
N ALA I 318 54.64 17.23 -62.54
CA ALA I 318 55.89 17.71 -63.12
C ALA I 318 56.36 18.91 -62.31
N THR I 319 57.56 18.78 -61.75
CA THR I 319 58.13 19.84 -60.91
C THR I 319 59.30 20.54 -61.58
N GLY I 320 60.15 19.77 -62.26
CA GLY I 320 61.27 20.34 -63.00
C GLY I 320 60.83 20.81 -64.38
N LEU I 321 61.78 21.04 -65.28
CA LEU I 321 61.43 21.50 -66.62
C LEU I 321 61.69 20.42 -67.66
N ARG I 322 61.24 20.67 -68.88
CA ARG I 322 61.28 19.68 -69.96
C ARG I 322 62.69 19.15 -70.11
N ASN I 323 62.79 17.83 -70.22
CA ASN I 323 64.08 17.18 -70.32
C ASN I 323 64.39 17.04 -71.80
N SER I 324 65.67 17.12 -72.14
CA SER I 324 66.15 17.26 -73.52
C SER I 324 65.37 16.41 -74.52
N PRO I 325 64.99 17.03 -75.66
CA PRO I 325 64.09 16.49 -76.69
C PRO I 325 64.30 15.00 -76.99
N ASP J 2 -97.27 -33.83 60.47
CA ASP J 2 -97.59 -32.41 60.33
C ASP J 2 -96.35 -31.58 60.01
N PRO J 3 -96.39 -30.79 58.93
CA PRO J 3 -95.33 -29.78 58.78
C PRO J 3 -95.66 -28.52 59.61
N GLY J 4 -94.82 -28.18 60.59
CA GLY J 4 -95.02 -26.97 61.38
C GLY J 4 -94.54 -25.75 60.62
N ASP J 5 -95.06 -24.57 60.97
CA ASP J 5 -94.73 -23.35 60.24
C ASP J 5 -93.21 -23.13 60.18
N GLN J 6 -92.76 -22.51 59.09
CA GLN J 6 -91.34 -22.45 58.77
C GLN J 6 -90.81 -21.05 58.42
N ILE J 7 -89.55 -20.79 58.76
CA ILE J 7 -88.87 -19.56 58.39
C ILE J 7 -87.45 -19.94 57.93
N CYS J 8 -87.03 -19.35 56.82
CA CYS J 8 -85.76 -19.75 56.18
C CYS J 8 -84.77 -18.62 55.92
N ILE J 9 -83.49 -18.98 55.84
CA ILE J 9 -82.42 -18.02 55.52
C ILE J 9 -81.82 -18.28 54.13
N GLY J 10 -81.82 -17.25 53.29
CA GLY J 10 -81.27 -17.35 51.95
C GLY J 10 -80.75 -16.01 51.42
N TYR J 11 -80.17 -16.03 50.22
CA TYR J 11 -79.52 -14.85 49.66
C TYR J 11 -79.87 -14.60 48.19
N HIS J 12 -79.48 -13.43 47.71
CA HIS J 12 -79.78 -12.99 46.34
C HIS J 12 -79.07 -13.80 45.25
N ALA J 13 -79.72 -13.90 44.10
CA ALA J 13 -79.12 -14.43 42.88
C ALA J 13 -79.84 -13.82 41.68
N ASN J 14 -79.25 -13.94 40.49
CA ASN J 14 -79.88 -13.43 39.27
C ASN J 14 -79.29 -14.04 38.01
N ASN J 15 -79.39 -13.30 36.90
CA ASN J 15 -78.95 -13.79 35.60
CA ASN J 15 -78.95 -13.80 35.60
C ASN J 15 -77.63 -13.15 35.14
N SER J 16 -76.76 -12.83 36.09
CA SER J 16 -75.47 -12.18 35.80
C SER J 16 -74.33 -13.14 35.44
N THR J 17 -73.62 -12.83 34.36
CA THR J 17 -72.41 -13.57 34.00
C THR J 17 -71.13 -12.73 34.07
N GLU J 18 -71.16 -11.67 34.88
CA GLU J 18 -69.96 -10.89 35.21
C GLU J 18 -68.94 -11.82 35.89
N GLN J 19 -67.68 -11.83 35.42
CA GLN J 19 -66.66 -12.67 36.07
C GLN J 19 -65.48 -11.87 36.62
N VAL J 20 -65.14 -12.16 37.87
CA VAL J 20 -64.00 -11.58 38.55
C VAL J 20 -62.93 -12.60 38.88
N ASP J 21 -61.83 -12.14 39.47
CA ASP J 21 -60.75 -13.03 39.87
C ASP J 21 -60.36 -12.89 41.36
N THR J 22 -59.63 -13.88 41.85
CA THR J 22 -59.12 -13.86 43.22
C THR J 22 -57.79 -14.61 43.31
N ILE J 23 -57.10 -14.48 44.43
CA ILE J 23 -55.80 -15.13 44.65
C ILE J 23 -55.82 -16.66 44.45
N MET J 24 -56.99 -17.26 44.64
CA MET J 24 -57.13 -18.72 44.58
C MET J 24 -57.97 -19.25 43.40
N GLU J 25 -58.73 -18.38 42.74
CA GLU J 25 -59.66 -18.80 41.67
C GLU J 25 -59.78 -17.82 40.49
N LYS J 26 -59.80 -18.36 39.28
CA LYS J 26 -59.98 -17.53 38.09
C LYS J 26 -61.42 -17.67 37.60
N ASN J 27 -61.92 -16.62 36.94
CA ASN J 27 -63.24 -16.64 36.27
C ASN J 27 -64.46 -16.91 37.17
N VAL J 28 -64.45 -16.37 38.40
CA VAL J 28 -65.57 -16.48 39.32
C VAL J 28 -66.77 -15.61 38.91
N THR J 29 -67.90 -16.24 38.64
CA THR J 29 -69.10 -15.51 38.21
C THR J 29 -69.83 -14.90 39.39
N VAL J 30 -70.17 -13.62 39.28
CA VAL J 30 -70.77 -12.90 40.41
C VAL J 30 -72.05 -12.14 40.04
N THR J 31 -72.73 -11.65 41.08
CA THR J 31 -74.01 -10.94 40.94
C THR J 31 -73.81 -9.55 40.35
N HIS J 32 -72.93 -8.78 40.98
CA HIS J 32 -72.56 -7.46 40.49
C HIS J 32 -71.06 -7.30 40.44
N ALA J 33 -70.60 -6.65 39.38
CA ALA J 33 -69.19 -6.39 39.18
C ALA J 33 -68.98 -4.92 38.90
N GLN J 34 -67.73 -4.50 38.92
CA GLN J 34 -67.36 -3.11 38.71
C GLN J 34 -66.07 -3.00 37.89
N ASP J 35 -66.20 -2.61 36.63
CA ASP J 35 -65.01 -2.35 35.82
C ASP J 35 -64.45 -1.01 36.25
N ILE J 36 -63.13 -0.99 36.49
CA ILE J 36 -62.46 0.24 36.89
C ILE J 36 -61.36 0.58 35.89
N LEU J 37 -61.26 -0.18 34.81
CA LEU J 37 -60.24 0.07 33.79
C LEU J 37 -60.79 0.69 32.51
N GLU J 38 -60.30 1.88 32.19
CA GLU J 38 -60.69 2.58 30.96
C GLU J 38 -59.81 2.13 29.78
N LYS J 39 -60.40 1.70 28.67
CA LYS J 39 -59.60 1.21 27.54
C LYS J 39 -59.77 1.98 26.24
N LYS J 40 -60.74 2.90 26.19
CA LYS J 40 -61.12 3.55 24.95
C LYS J 40 -60.76 5.05 24.89
N HIS J 41 -60.21 5.50 23.77
CA HIS J 41 -59.90 6.92 23.60
C HIS J 41 -60.52 7.50 22.35
N ASN J 42 -60.38 8.81 22.13
CA ASN J 42 -61.13 9.43 21.03
C ASN J 42 -60.29 9.79 19.80
N GLY J 43 -59.09 9.24 19.73
CA GLY J 43 -58.22 9.40 18.57
C GLY J 43 -57.93 10.79 18.02
N LYS J 44 -58.22 11.83 18.80
CA LYS J 44 -57.99 13.22 18.36
C LYS J 44 -57.21 14.09 19.35
N LEU J 45 -56.63 15.16 18.84
CA LEU J 45 -55.99 16.16 19.68
C LEU J 45 -56.99 17.25 20.02
N CYS J 46 -57.25 17.43 21.30
CA CYS J 46 -58.29 18.36 21.73
C CYS J 46 -57.71 19.53 22.54
N ASP J 47 -58.55 20.53 22.84
CA ASP J 47 -58.17 21.59 23.78
C ASP J 47 -57.99 21.05 25.20
N LEU J 48 -57.33 21.82 26.05
CA LEU J 48 -57.21 21.43 27.45
C LEU J 48 -57.98 22.46 28.26
N ASP J 49 -59.14 22.03 28.76
CA ASP J 49 -60.16 22.96 29.22
C ASP J 49 -60.34 24.00 28.14
N GLY J 50 -60.04 25.24 28.50
CA GLY J 50 -60.14 26.32 27.54
C GLY J 50 -59.20 26.27 26.35
N VAL J 51 -57.99 25.75 26.55
CA VAL J 51 -56.89 26.14 25.68
C VAL J 51 -56.52 25.16 24.57
N LYS J 52 -56.36 25.71 23.38
CA LYS J 52 -55.91 24.99 22.19
C LYS J 52 -54.39 24.84 22.20
N PRO J 53 -53.89 23.61 21.94
CA PRO J 53 -52.46 23.34 21.86
C PRO J 53 -51.75 24.03 20.69
N LEU J 54 -50.50 24.42 20.88
CA LEU J 54 -49.69 24.88 19.77
C LEU J 54 -49.33 23.67 18.98
N ILE J 55 -49.89 23.54 17.79
CA ILE J 55 -49.50 22.42 16.94
C ILE J 55 -48.59 22.90 15.85
N LEU J 56 -47.29 22.63 16.05
CA LEU J 56 -46.30 22.89 15.04
C LEU J 56 -46.70 21.93 14.01
N ARG J 57 -46.81 22.32 12.77
CA ARG J 57 -47.31 21.30 11.90
C ARG J 57 -46.09 20.49 11.50
N ASP J 58 -45.35 21.01 10.54
CA ASP J 58 -44.19 20.32 10.03
C ASP J 58 -42.90 20.96 10.53
N CYS J 59 -43.03 21.76 11.58
CA CYS J 59 -41.86 22.36 12.20
C CYS J 59 -41.31 21.57 13.36
N SER J 60 -40.03 21.82 13.61
CA SER J 60 -39.42 21.46 14.86
C SER J 60 -39.42 22.73 15.70
N VAL J 61 -39.17 22.57 16.99
CA VAL J 61 -39.10 23.71 17.87
C VAL J 61 -38.02 24.66 17.39
N ALA J 62 -36.91 24.11 16.93
CA ALA J 62 -35.78 24.92 16.49
C ALA J 62 -36.19 25.83 15.38
N GLY J 63 -36.95 25.28 14.43
CA GLY J 63 -37.45 26.03 13.29
C GLY J 63 -38.42 27.15 13.63
N TRP J 64 -39.35 26.84 14.51
CA TRP J 64 -40.27 27.82 15.06
C TRP J 64 -39.45 28.96 15.68
N LEU J 65 -38.62 28.64 16.65
CA LEU J 65 -37.96 29.71 17.39
C LEU J 65 -36.99 30.54 16.54
N LEU J 66 -36.36 29.93 15.56
CA LEU J 66 -35.42 30.69 14.74
C LEU J 66 -36.13 31.42 13.62
N GLY J 67 -37.30 30.92 13.24
CA GLY J 67 -38.05 31.53 12.16
C GLY J 67 -37.70 31.04 10.76
N ASN J 68 -37.76 29.74 10.58
CA ASN J 68 -37.62 29.13 9.27
C ASN J 68 -38.66 29.62 8.28
N PRO J 69 -38.21 30.00 7.08
CA PRO J 69 -39.09 30.37 5.96
C PRO J 69 -40.23 29.39 5.66
N MET J 70 -39.98 28.08 5.71
CA MET J 70 -41.03 27.09 5.45
C MET J 70 -41.99 26.95 6.67
N CYS J 71 -41.77 27.76 7.70
CA CYS J 71 -42.53 27.62 8.93
C CYS J 71 -43.46 28.78 9.25
N ASP J 72 -43.75 29.64 8.28
CA ASP J 72 -44.29 30.98 8.63
C ASP J 72 -45.58 31.05 9.41
N GLU J 73 -46.36 29.98 9.41
CA GLU J 73 -47.65 30.00 10.09
C GLU J 73 -47.56 30.59 11.50
N PHE J 74 -46.36 30.62 12.08
CA PHE J 74 -46.19 30.96 13.48
C PHE J 74 -45.56 32.34 13.61
N ILE J 75 -46.38 33.38 13.63
CA ILE J 75 -45.80 34.70 13.67
C ILE J 75 -46.23 35.48 14.92
N ASN J 76 -47.49 35.32 15.34
CA ASN J 76 -47.97 35.92 16.60
C ASN J 76 -48.84 34.94 17.36
N VAL J 77 -48.22 33.95 17.98
CA VAL J 77 -48.97 32.84 18.56
C VAL J 77 -49.78 33.20 19.80
N PRO J 78 -50.95 32.56 19.95
CA PRO J 78 -51.76 32.66 21.16
C PRO J 78 -51.21 31.77 22.27
N GLU J 79 -51.57 32.01 23.53
CA GLU J 79 -51.16 31.13 24.63
C GLU J 79 -51.60 29.69 24.37
N TRP J 80 -50.73 28.73 24.71
CA TRP J 80 -51.02 27.32 24.45
C TRP J 80 -51.10 26.54 25.73
N SER J 81 -51.58 25.31 25.62
CA SER J 81 -51.73 24.42 26.77
C SER J 81 -50.63 23.39 26.81
N TYR J 82 -50.23 22.97 25.61
CA TYR J 82 -49.15 22.01 25.43
C TYR J 82 -48.75 22.03 23.96
N ILE J 83 -47.48 21.76 23.68
CA ILE J 83 -47.01 21.84 22.30
C ILE J 83 -47.05 20.45 21.67
N VAL J 84 -47.34 20.39 20.38
CA VAL J 84 -47.25 19.13 19.69
C VAL J 84 -46.19 19.20 18.60
N GLU J 85 -45.24 18.27 18.68
CA GLU J 85 -44.15 18.19 17.72
C GLU J 85 -44.11 16.80 17.11
N LYS J 86 -43.95 16.69 15.80
CA LYS J 86 -43.87 15.36 15.22
C LYS J 86 -42.55 14.74 15.59
N ALA J 87 -42.41 13.44 15.34
CA ALA J 87 -41.28 12.67 15.82
C ALA J 87 -40.03 12.98 15.04
N ASN J 88 -40.21 13.30 13.76
CA ASN J 88 -39.10 13.78 12.94
C ASN J 88 -39.49 14.85 11.94
N PRO J 89 -39.60 16.12 12.41
CA PRO J 89 -40.06 17.27 11.63
C PRO J 89 -39.26 17.51 10.37
N VAL J 90 -39.97 17.91 9.33
CA VAL J 90 -39.38 18.11 8.03
C VAL J 90 -38.65 19.45 7.89
N ASN J 91 -39.25 20.50 8.43
CA ASN J 91 -38.64 21.81 8.37
C ASN J 91 -37.99 22.21 9.72
N ASP J 92 -36.74 21.80 9.87
CA ASP J 92 -35.96 22.10 11.05
C ASP J 92 -35.06 23.26 10.72
N LEU J 93 -33.76 23.02 10.71
CA LEU J 93 -32.83 24.07 10.32
C LEU J 93 -32.62 24.05 8.85
N CYS J 94 -33.32 24.93 8.15
CA CYS J 94 -33.33 24.92 6.69
C CYS J 94 -31.91 25.00 6.12
N TYR J 95 -31.05 25.78 6.78
CA TYR J 95 -29.62 25.77 6.53
C TYR J 95 -29.01 24.87 7.53
N PRO J 96 -28.16 23.94 7.10
CA PRO J 96 -27.65 22.91 8.02
C PRO J 96 -26.74 23.45 9.13
N GLY J 97 -26.97 22.94 10.33
CA GLY J 97 -26.07 23.24 11.44
C GLY J 97 -26.60 22.67 12.73
N ASP J 98 -26.37 23.39 13.82
CA ASP J 98 -26.59 22.83 15.15
C ASP J 98 -27.12 23.87 16.11
N PHE J 99 -27.95 23.42 17.05
CA PHE J 99 -28.52 24.28 18.08
C PHE J 99 -27.91 23.82 19.38
N ASN J 100 -27.04 24.64 19.94
CA ASN J 100 -26.28 24.27 21.12
C ASN J 100 -27.18 24.13 22.35
N ASP J 101 -26.95 23.14 23.20
CA ASP J 101 -27.79 22.93 24.38
C ASP J 101 -29.27 22.91 24.08
N TYR J 102 -29.62 22.33 22.95
CA TYR J 102 -30.99 22.32 22.47
C TYR J 102 -31.97 21.62 23.40
N GLU J 103 -31.56 20.53 24.01
CA GLU J 103 -32.50 19.78 24.84
C GLU J 103 -32.89 20.61 26.06
N GLU J 104 -31.92 21.29 26.65
CA GLU J 104 -32.16 22.15 27.83
C GLU J 104 -33.08 23.34 27.53
N LEU J 105 -33.00 23.82 26.31
CA LEU J 105 -33.87 24.89 25.83
C LEU J 105 -35.30 24.35 25.65
N LYS J 106 -35.42 23.13 25.13
CA LYS J 106 -36.70 22.44 25.09
C LYS J 106 -37.25 22.21 26.48
N HIS J 107 -36.36 22.05 27.44
CA HIS J 107 -36.84 21.77 28.78
C HIS J 107 -37.54 22.96 29.30
N LEU J 108 -36.98 24.14 29.00
CA LEU J 108 -37.64 25.37 29.37
C LEU J 108 -39.01 25.53 28.72
N LEU J 109 -39.17 25.12 27.47
CA LEU J 109 -40.46 25.37 26.83
C LEU J 109 -41.58 24.55 27.48
N SER J 110 -41.16 23.48 28.15
CA SER J 110 -42.12 22.61 28.77
C SER J 110 -42.68 23.25 30.04
N ARG J 111 -42.12 24.40 30.40
CA ARG J 111 -42.55 25.11 31.59
C ARG J 111 -43.12 26.47 31.22
N ILE J 112 -43.39 26.66 29.93
CA ILE J 112 -43.84 27.95 29.44
C ILE J 112 -45.16 27.78 28.70
N ASN J 113 -46.09 28.71 28.89
CA ASN J 113 -47.37 28.66 28.20
C ASN J 113 -47.52 29.76 27.19
N HIS J 114 -46.72 30.82 27.28
CA HIS J 114 -46.85 31.90 26.28
C HIS J 114 -45.62 32.83 26.07
N PHE J 115 -45.31 33.11 24.80
CA PHE J 115 -44.26 34.06 24.43
C PHE J 115 -44.88 35.34 23.90
N GLU J 116 -44.08 36.37 23.81
CA GLU J 116 -44.47 37.54 23.05
C GLU J 116 -43.23 38.13 22.36
N LYS J 117 -43.06 37.78 21.09
CA LYS J 117 -41.88 38.17 20.32
C LYS J 117 -41.66 39.68 20.31
N ILE J 118 -40.45 40.15 20.63
CA ILE J 118 -40.19 41.58 20.50
C ILE J 118 -38.92 41.92 19.73
N GLN J 119 -38.94 43.02 19.00
CA GLN J 119 -37.75 43.38 18.25
C GLN J 119 -36.70 44.01 19.15
N ILE J 120 -35.46 43.51 19.12
CA ILE J 120 -34.44 44.13 19.96
C ILE J 120 -33.24 44.67 19.19
N ILE J 121 -33.03 44.24 17.95
CA ILE J 121 -32.03 44.91 17.12
C ILE J 121 -32.52 44.88 15.69
N PRO J 122 -33.06 46.02 15.23
CA PRO J 122 -33.74 46.25 13.94
C PRO J 122 -32.85 45.92 12.77
N LYS J 123 -33.30 45.07 11.86
CA LYS J 123 -32.44 44.63 10.76
C LYS J 123 -31.85 45.85 10.06
N SER J 124 -32.65 46.91 10.03
CA SER J 124 -32.27 48.16 9.41
C SER J 124 -31.13 48.90 10.11
N SER J 125 -30.87 48.55 11.37
CA SER J 125 -29.91 49.29 12.19
C SER J 125 -28.42 49.07 11.84
N TRP J 126 -28.12 48.04 11.06
CA TRP J 126 -26.75 47.74 10.69
C TRP J 126 -26.26 48.69 9.60
N SER J 127 -25.76 49.86 9.99
CA SER J 127 -25.45 50.89 9.01
C SER J 127 -24.18 50.62 8.24
N SER J 128 -23.22 49.94 8.85
CA SER J 128 -21.91 49.74 8.23
C SER J 128 -21.58 48.30 7.78
N HIS J 129 -22.59 47.42 7.79
CA HIS J 129 -22.44 46.07 7.23
C HIS J 129 -23.59 45.77 6.27
N GLU J 130 -23.47 44.68 5.53
CA GLU J 130 -24.52 44.42 4.57
C GLU J 130 -25.50 43.43 5.20
N ALA J 131 -26.57 43.97 5.80
CA ALA J 131 -27.57 43.17 6.49
C ALA J 131 -28.38 42.29 5.53
N SER J 132 -28.47 42.74 4.29
CA SER J 132 -29.43 42.21 3.36
C SER J 132 -28.78 41.27 2.34
N LEU J 133 -27.59 40.76 2.65
CA LEU J 133 -26.87 39.87 1.75
C LEU J 133 -26.82 38.40 2.14
N GLY J 134 -27.25 38.13 3.37
CA GLY J 134 -27.14 36.82 4.03
C GLY J 134 -28.14 35.75 3.69
N VAL J 135 -27.99 35.18 2.52
CA VAL J 135 -29.06 34.39 2.00
C VAL J 135 -28.61 33.07 1.36
N SER J 136 -29.41 32.04 1.56
CA SER J 136 -29.11 30.76 0.98
C SER J 136 -30.31 30.29 0.25
N SER J 137 -30.05 29.52 -0.81
CA SER J 137 -31.03 28.84 -1.61
C SER J 137 -31.67 27.71 -0.79
N ALA J 138 -31.00 27.37 0.32
CA ALA J 138 -31.49 26.37 1.26
C ALA J 138 -32.69 26.86 1.98
N CYS J 139 -32.75 28.18 2.04
CA CYS J 139 -33.68 28.89 2.89
C CYS J 139 -34.61 29.84 2.15
N PRO J 140 -35.33 29.34 1.13
CA PRO J 140 -36.04 30.22 0.19
C PRO J 140 -37.32 30.77 0.80
N TYR J 141 -37.47 32.07 0.78
CA TYR J 141 -38.70 32.59 1.33
C TYR J 141 -39.79 32.54 0.30
N GLN J 142 -39.90 33.58 -0.51
CA GLN J 142 -40.89 33.55 -1.56
C GLN J 142 -40.28 33.96 -2.87
N GLY J 143 -39.83 32.95 -3.61
CA GLY J 143 -39.21 33.19 -4.89
C GLY J 143 -37.80 33.69 -4.80
N LYS J 144 -37.59 34.75 -4.02
CA LYS J 144 -36.25 35.14 -3.57
C LYS J 144 -35.61 34.13 -2.57
N SER J 145 -34.33 33.88 -2.72
CA SER J 145 -33.71 32.99 -1.78
C SER J 145 -33.51 33.85 -0.52
N SER J 146 -33.54 33.21 0.66
CA SER J 146 -33.62 33.94 1.94
C SER J 146 -32.76 33.32 3.08
N PHE J 147 -33.26 33.40 4.31
CA PHE J 147 -32.59 32.87 5.52
C PHE J 147 -33.63 32.70 6.63
N PHE J 148 -33.21 32.21 7.80
CA PHE J 148 -34.01 32.30 9.03
C PHE J 148 -34.52 33.75 9.19
N ARG J 149 -35.72 33.94 9.75
CA ARG J 149 -36.29 35.29 9.84
C ARG J 149 -35.86 36.15 11.05
N ASN J 150 -35.69 35.51 12.21
CA ASN J 150 -35.49 36.24 13.44
C ASN J 150 -34.05 36.52 13.73
N VAL J 151 -33.17 36.12 12.84
CA VAL J 151 -31.76 36.39 13.05
C VAL J 151 -31.21 37.06 11.81
N VAL J 152 -30.03 37.64 11.85
CA VAL J 152 -29.54 38.33 10.67
C VAL J 152 -28.13 38.00 10.30
N TRP J 153 -27.91 37.46 9.11
CA TRP J 153 -26.56 37.04 8.72
C TRP J 153 -25.73 38.14 8.07
N LEU J 154 -25.10 38.97 8.86
CA LEU J 154 -24.36 40.10 8.33
C LEU J 154 -23.20 39.72 7.41
N ILE J 155 -22.83 40.62 6.52
CA ILE J 155 -21.74 40.35 5.57
C ILE J 155 -20.94 41.62 5.30
N LYS J 156 -19.69 41.50 4.85
CA LYS J 156 -18.84 42.67 4.66
C LYS J 156 -19.42 43.65 3.66
N LYS J 157 -19.17 44.93 3.87
CA LYS J 157 -19.69 46.01 3.05
C LYS J 157 -18.52 46.74 2.39
N ASP J 158 -18.69 47.16 1.15
CA ASP J 158 -17.56 47.62 0.33
C ASP J 158 -16.44 46.60 0.36
N SER J 159 -15.32 46.99 0.94
CA SER J 159 -14.26 46.01 1.04
C SER J 159 -14.03 45.54 2.47
N THR J 160 -14.66 46.18 3.45
CA THR J 160 -14.37 45.81 4.85
C THR J 160 -15.54 45.36 5.73
N TYR J 161 -15.19 44.72 6.85
CA TYR J 161 -16.13 44.28 7.87
C TYR J 161 -15.51 44.82 9.12
N PRO J 162 -15.93 46.05 9.50
CA PRO J 162 -15.39 46.79 10.65
C PRO J 162 -15.89 46.18 11.96
N THR J 163 -15.14 46.38 13.03
CA THR J 163 -15.47 45.71 14.29
C THR J 163 -16.84 46.03 14.84
N ILE J 164 -17.71 45.03 14.94
CA ILE J 164 -19.04 45.22 15.55
C ILE J 164 -19.02 45.33 17.09
N LYS J 165 -19.61 46.40 17.62
CA LYS J 165 -19.86 46.53 19.08
C LYS J 165 -21.29 46.98 19.32
N ARG J 166 -22.17 46.05 19.72
CA ARG J 166 -23.60 46.32 19.84
C ARG J 166 -24.08 45.65 21.08
N SER J 167 -25.00 46.27 21.80
CA SER J 167 -25.49 45.67 23.02
C SER J 167 -26.90 46.09 23.33
N TYR J 168 -27.65 45.24 24.04
CA TYR J 168 -29.08 45.48 24.33
C TYR J 168 -29.48 45.24 25.77
N ASN J 169 -30.25 46.17 26.33
CA ASN J 169 -30.61 46.09 27.74
C ASN J 169 -32.08 45.68 27.97
N ASN J 170 -32.32 44.53 28.58
CA ASN J 170 -33.70 44.10 28.85
C ASN J 170 -34.37 45.02 29.82
N THR J 171 -35.07 46.02 29.32
CA THR J 171 -35.77 46.94 30.18
C THR J 171 -37.21 46.50 30.46
N ASN J 172 -37.55 45.25 30.14
CA ASN J 172 -38.88 44.73 30.42
C ASN J 172 -38.93 44.09 31.79
N GLN J 173 -40.11 43.72 32.27
CA GLN J 173 -40.25 43.11 33.62
C GLN J 173 -40.04 41.61 33.58
N GLU J 174 -40.15 41.07 32.38
CA GLU J 174 -40.19 39.63 32.17
C GLU J 174 -38.90 39.12 31.53
N ASP J 175 -38.70 37.79 31.56
CA ASP J 175 -37.47 37.20 31.00
C ASP J 175 -37.37 37.17 29.48
N LEU J 176 -36.14 37.39 29.01
CA LEU J 176 -35.86 37.49 27.60
C LEU J 176 -35.00 36.33 27.08
N LEU J 177 -35.61 35.47 26.26
CA LEU J 177 -34.89 34.46 25.52
C LEU J 177 -34.26 35.09 24.29
N VAL J 178 -32.95 35.07 24.20
CA VAL J 178 -32.22 35.63 23.07
C VAL J 178 -31.46 34.49 22.36
N LEU J 179 -31.44 34.51 21.03
CA LEU J 179 -30.77 33.50 20.19
C LEU J 179 -29.78 34.17 19.25
N TRP J 180 -28.66 33.52 18.97
CA TRP J 180 -27.74 34.09 17.98
C TRP J 180 -26.97 32.95 17.37
N GLY J 181 -25.95 33.25 16.58
CA GLY J 181 -25.25 32.17 15.93
C GLY J 181 -23.98 32.55 15.18
N ILE J 182 -23.25 31.50 14.80
CA ILE J 182 -21.97 31.68 14.16
C ILE J 182 -21.90 30.86 12.87
N HIS J 183 -21.20 31.40 11.88
CA HIS J 183 -21.14 30.71 10.61
C HIS J 183 -19.78 30.09 10.32
N HIS J 184 -19.80 28.77 10.11
CA HIS J 184 -18.60 27.98 9.88
C HIS J 184 -18.36 27.71 8.42
N PRO J 185 -17.40 28.45 7.81
CA PRO J 185 -17.11 28.34 6.38
C PRO J 185 -16.40 27.06 5.95
N ASN J 186 -16.24 26.91 4.63
CA ASN J 186 -15.61 25.72 4.07
C ASN J 186 -14.14 25.89 3.79
N ASP J 187 -13.70 27.10 3.53
CA ASP J 187 -12.29 27.30 3.23
C ASP J 187 -11.84 28.73 3.46
N ALA J 188 -10.55 28.93 3.30
CA ALA J 188 -9.93 30.22 3.52
C ALA J 188 -10.47 31.24 2.59
N ALA J 189 -10.63 30.87 1.32
CA ALA J 189 -11.18 31.77 0.31
C ALA J 189 -12.64 32.18 0.61
N GLU J 190 -13.49 31.24 1.01
CA GLU J 190 -14.89 31.59 1.34
C GLU J 190 -14.93 32.62 2.46
N GLN J 191 -14.14 32.40 3.51
CA GLN J 191 -14.11 33.26 4.70
C GLN J 191 -13.77 34.67 4.36
N THR J 192 -12.65 34.79 3.67
CA THR J 192 -12.14 36.09 3.32
C THR J 192 -13.04 36.79 2.29
N LYS J 193 -13.80 36.03 1.49
CA LYS J 193 -14.84 36.62 0.63
C LYS J 193 -16.05 37.19 1.38
N LEU J 194 -16.61 36.44 2.32
CA LEU J 194 -17.84 36.86 3.01
C LEU J 194 -17.63 37.95 4.05
N TYR J 195 -16.49 37.85 4.74
CA TYR J 195 -16.23 38.65 5.92
C TYR J 195 -14.93 39.47 5.89
N GLN J 196 -14.14 39.29 4.84
CA GLN J 196 -12.86 39.99 4.61
C GLN J 196 -11.69 39.64 5.56
N ASN J 197 -11.84 39.87 6.87
CA ASN J 197 -10.83 39.48 7.85
C ASN J 197 -10.68 37.98 7.96
N PRO J 198 -9.43 37.46 7.95
CA PRO J 198 -9.27 35.99 7.91
C PRO J 198 -9.38 35.33 9.28
N THR J 199 -9.01 36.01 10.36
CA THR J 199 -9.18 35.41 11.67
C THR J 199 -10.24 36.18 12.48
N THR J 200 -11.30 35.48 12.88
CA THR J 200 -12.49 36.17 13.41
C THR J 200 -13.05 35.58 14.72
N TYR J 201 -13.98 36.31 15.33
CA TYR J 201 -14.57 35.86 16.59
C TYR J 201 -15.92 36.57 16.87
N ILE J 202 -16.67 35.96 17.79
CA ILE J 202 -17.88 36.51 18.35
C ILE J 202 -17.80 36.35 19.84
N SER J 203 -17.65 37.45 20.57
CA SER J 203 -17.68 37.44 22.02
C SER J 203 -19.04 37.90 22.53
N VAL J 204 -19.54 37.26 23.58
CA VAL J 204 -20.86 37.56 24.16
C VAL J 204 -20.84 37.65 25.69
N GLY J 205 -21.23 38.82 26.21
CA GLY J 205 -21.22 39.09 27.63
C GLY J 205 -22.54 39.53 28.26
N THR J 206 -22.77 38.99 29.45
CA THR J 206 -23.92 39.20 30.29
C THR J 206 -23.33 39.59 31.64
N SER J 207 -24.17 39.65 32.66
CA SER J 207 -23.69 39.63 34.01
C SER J 207 -23.17 38.22 34.35
N THR J 208 -23.68 37.23 33.60
CA THR J 208 -23.33 35.84 33.87
C THR J 208 -22.67 35.12 32.70
N LEU J 209 -22.77 35.67 31.50
CA LEU J 209 -22.18 35.00 30.35
C LEU J 209 -20.73 35.48 30.20
N ASN J 210 -19.86 34.61 29.70
CA ASN J 210 -18.53 35.02 29.26
C ASN J 210 -18.09 34.09 28.16
N GLN J 211 -18.54 34.41 26.95
CA GLN J 211 -18.45 33.47 25.85
C GLN J 211 -17.64 34.07 24.72
N ARG J 212 -16.66 33.33 24.21
CA ARG J 212 -15.94 33.78 23.03
C ARG J 212 -15.79 32.70 22.02
N LEU J 213 -16.55 32.84 20.94
CA LEU J 213 -16.62 31.89 19.84
C LEU J 213 -15.67 32.20 18.70
N VAL J 214 -15.16 31.11 18.11
CA VAL J 214 -14.37 31.15 16.87
C VAL J 214 -14.92 30.14 15.85
N PRO J 215 -15.09 30.57 14.57
CA PRO J 215 -15.54 29.76 13.44
C PRO J 215 -14.55 28.68 13.19
N ARG J 216 -15.05 27.54 12.74
CA ARG J 216 -14.31 26.29 12.80
C ARG J 216 -14.26 25.59 11.41
N ILE J 217 -13.22 25.93 10.65
CA ILE J 217 -13.04 25.44 9.26
C ILE J 217 -12.68 23.95 9.06
N ALA J 218 -13.45 23.31 8.19
CA ALA J 218 -13.31 21.88 7.94
C ALA J 218 -14.00 21.51 6.61
N THR J 219 -13.55 20.41 6.02
CA THR J 219 -14.15 19.91 4.80
C THR J 219 -15.22 18.89 5.16
N ARG J 220 -16.48 19.21 4.85
CA ARG J 220 -17.62 18.39 5.28
C ARG J 220 -18.50 17.95 4.12
N SER J 221 -19.30 16.93 4.40
CA SER J 221 -20.31 16.44 3.46
C SER J 221 -21.30 17.53 3.05
N LYS J 222 -21.86 17.44 1.87
CA LYS J 222 -22.92 18.37 1.52
C LYS J 222 -24.17 17.86 2.18
N VAL J 223 -24.90 18.75 2.82
CA VAL J 223 -26.23 18.42 3.33
C VAL J 223 -27.22 19.49 2.91
N LYS J 224 -28.32 19.08 2.27
CA LYS J 224 -29.26 20.02 1.61
C LYS J 224 -28.48 20.95 0.72
N GLY J 225 -27.45 20.37 0.09
CA GLY J 225 -26.61 21.00 -0.91
C GLY J 225 -25.45 21.89 -0.53
N LEU J 226 -25.32 22.19 0.76
CA LEU J 226 -24.26 23.07 1.29
C LEU J 226 -23.31 22.29 2.19
N SER J 227 -22.08 22.77 2.30
CA SER J 227 -21.14 22.12 3.21
C SER J 227 -20.82 22.87 4.48
N GLY J 228 -21.03 24.19 4.47
CA GLY J 228 -20.78 24.98 5.66
C GLY J 228 -21.82 24.76 6.75
N ARG J 229 -21.54 25.24 7.95
CA ARG J 229 -22.47 25.00 9.04
C ARG J 229 -22.77 26.22 9.89
N MET J 230 -23.96 26.17 10.44
CA MET J 230 -24.43 27.24 11.26
C MET J 230 -24.61 26.63 12.64
N GLU J 231 -24.12 27.35 13.66
CA GLU J 231 -24.26 26.88 15.02
C GLU J 231 -24.88 28.01 15.84
N PHE J 232 -26.00 27.67 16.45
CA PHE J 232 -26.83 28.65 17.07
C PHE J 232 -26.63 28.54 18.59
N PHE J 233 -26.74 29.66 19.30
CA PHE J 233 -26.48 29.73 20.74
C PHE J 233 -27.57 30.58 21.38
N TRP J 234 -27.85 30.37 22.67
CA TRP J 234 -28.95 31.10 23.31
C TRP J 234 -28.77 31.34 24.78
N THR J 235 -29.37 32.41 25.27
CA THR J 235 -29.31 32.70 26.71
C THR J 235 -30.62 33.28 27.19
N ILE J 236 -30.89 33.20 28.49
CA ILE J 236 -32.02 33.94 29.06
C ILE J 236 -31.42 35.20 29.63
N LEU J 237 -31.96 36.36 29.25
CA LEU J 237 -31.41 37.65 29.69
C LEU J 237 -32.32 38.16 30.78
N LYS J 238 -31.78 38.22 31.99
CA LYS J 238 -32.54 38.69 33.15
C LYS J 238 -32.95 40.17 33.03
N PRO J 239 -34.13 40.52 33.58
CA PRO J 239 -34.56 41.91 33.56
C PRO J 239 -33.51 42.83 34.15
N ASN J 240 -33.28 43.92 33.43
CA ASN J 240 -32.34 44.97 33.75
C ASN J 240 -30.86 44.62 33.50
N ASP J 241 -30.60 43.49 32.86
CA ASP J 241 -29.22 43.11 32.48
C ASP J 241 -28.95 43.34 30.99
N ALA J 242 -27.70 43.54 30.60
CA ALA J 242 -27.41 43.73 29.18
C ALA J 242 -26.59 42.59 28.59
N ILE J 243 -26.95 42.18 27.38
CA ILE J 243 -26.13 41.27 26.61
C ILE J 243 -25.40 42.12 25.56
N ASN J 244 -24.09 41.89 25.40
CA ASN J 244 -23.28 42.73 24.51
C ASN J 244 -22.54 41.85 23.55
N PHE J 245 -22.77 42.01 22.24
CA PHE J 245 -22.04 41.23 21.25
C PHE J 245 -20.90 42.06 20.67
N GLU J 246 -19.75 41.45 20.47
CA GLU J 246 -18.66 42.08 19.74
C GLU J 246 -18.13 41.10 18.70
N SER J 247 -18.00 41.57 17.46
CA SER J 247 -17.55 40.70 16.39
C SER J 247 -16.74 41.29 15.25
N ASN J 248 -16.51 40.45 14.26
CA ASN J 248 -15.35 40.64 13.43
C ASN J 248 -15.51 39.86 12.10
N GLY J 249 -16.61 39.11 12.05
CA GLY J 249 -16.89 38.24 10.93
C GLY J 249 -17.77 37.13 11.46
N ASN J 250 -18.29 36.27 10.59
CA ASN J 250 -18.98 35.02 10.93
C ASN J 250 -20.07 35.11 11.99
N PHE J 251 -20.46 36.37 12.27
CA PHE J 251 -21.48 36.71 13.26
C PHE J 251 -22.84 36.83 12.63
N ILE J 252 -23.76 36.05 13.20
CA ILE J 252 -25.20 36.04 12.96
C ILE J 252 -25.86 36.66 14.13
N ALA J 253 -26.31 37.92 13.97
CA ALA J 253 -26.86 38.76 15.06
C ALA J 253 -28.35 38.45 15.28
N PRO J 254 -28.89 38.78 16.45
CA PRO J 254 -30.34 38.63 16.59
C PRO J 254 -31.07 39.83 16.06
N GLU J 255 -32.36 39.64 15.81
CA GLU J 255 -33.26 40.76 15.61
C GLU J 255 -34.40 40.62 16.58
N TYR J 256 -35.02 39.47 16.61
CA TYR J 256 -36.14 39.30 17.52
C TYR J 256 -35.74 38.39 18.65
N ALA J 257 -36.33 38.65 19.81
CA ALA J 257 -36.10 37.87 21.03
C ALA J 257 -37.46 37.48 21.61
N TYR J 258 -37.50 36.73 22.70
CA TYR J 258 -38.79 36.36 23.23
C TYR J 258 -38.96 36.73 24.73
N LYS J 259 -40.04 37.43 25.08
CA LYS J 259 -40.30 37.66 26.49
C LYS J 259 -41.10 36.49 27.01
N ILE J 260 -40.58 35.86 28.05
CA ILE J 260 -41.29 34.75 28.65
C ILE J 260 -42.35 35.35 29.55
N VAL J 261 -43.61 35.10 29.19
CA VAL J 261 -44.75 35.85 29.72
C VAL J 261 -45.70 35.11 30.64
N LYS J 262 -45.84 33.81 30.45
CA LYS J 262 -46.55 32.96 31.41
C LYS J 262 -45.96 31.56 31.57
N LYS J 263 -45.69 31.14 32.80
CA LYS J 263 -45.25 29.78 33.03
C LYS J 263 -46.41 28.90 33.50
N GLY J 264 -46.18 27.59 33.55
CA GLY J 264 -47.15 26.64 34.05
C GLY J 264 -46.80 25.26 33.56
N ASP J 265 -47.60 24.29 33.91
CA ASP J 265 -47.42 22.95 33.37
C ASP J 265 -47.69 22.99 31.89
N SER J 266 -46.89 22.23 31.16
CA SER J 266 -47.09 22.01 29.74
C SER J 266 -46.09 20.95 29.40
N THR J 267 -46.20 20.40 28.22
CA THR J 267 -45.23 19.42 27.78
C THR J 267 -45.12 19.51 26.28
N ILE J 268 -43.97 19.11 25.75
CA ILE J 268 -43.88 18.94 24.32
C ILE J 268 -44.27 17.51 24.04
N MET J 269 -45.40 17.36 23.36
CA MET J 269 -45.98 16.05 23.11
C MET J 269 -45.62 15.56 21.75
N LYS J 270 -44.98 14.41 21.74
CA LYS J 270 -44.58 13.75 20.52
C LYS J 270 -45.77 12.95 20.04
N SER J 271 -46.27 13.35 18.87
CA SER J 271 -47.46 12.77 18.26
C SER J 271 -47.56 13.13 16.81
N GLU J 272 -48.09 12.21 16.01
CA GLU J 272 -48.25 12.48 14.60
C GLU J 272 -49.55 13.18 14.29
N LEU J 273 -50.52 12.95 15.15
CA LEU J 273 -51.89 13.42 14.95
C LEU J 273 -51.97 14.96 14.73
N GLU J 274 -53.14 15.46 14.32
CA GLU J 274 -53.39 16.92 14.33
C GLU J 274 -54.72 17.36 14.95
N TYR J 275 -55.04 18.64 14.80
CA TYR J 275 -56.10 19.25 15.59
C TYR J 275 -57.49 18.72 15.23
N GLY J 276 -58.17 18.16 16.24
CA GLY J 276 -59.47 17.52 16.07
C GLY J 276 -60.68 18.39 16.39
N ASN J 277 -60.43 19.62 16.81
CA ASN J 277 -61.49 20.57 17.17
C ASN J 277 -62.47 20.11 18.23
N CYS J 278 -61.98 19.45 19.28
CA CYS J 278 -62.85 19.03 20.37
C CYS J 278 -62.27 19.59 21.65
N ASN J 279 -62.65 19.01 22.78
CA ASN J 279 -62.10 19.45 24.06
C ASN J 279 -62.19 18.40 25.17
N THR J 280 -61.12 18.23 25.94
CA THR J 280 -61.17 17.41 27.16
C THR J 280 -60.36 18.04 28.26
N LYS J 281 -60.33 17.34 29.38
CA LYS J 281 -59.53 17.77 30.51
C LYS J 281 -58.38 16.78 30.62
N CYS J 282 -58.34 15.86 29.67
CA CYS J 282 -57.29 14.86 29.60
C CYS J 282 -56.89 14.56 28.18
N GLN J 283 -55.61 14.74 27.87
CA GLN J 283 -55.09 14.47 26.52
C GLN J 283 -53.93 13.47 26.52
N THR J 284 -53.88 12.66 25.46
CA THR J 284 -52.93 11.57 25.28
C THR J 284 -52.35 11.65 23.87
N PRO J 285 -51.11 11.19 23.67
CA PRO J 285 -50.53 11.17 22.32
C PRO J 285 -51.31 10.30 21.29
N MET J 286 -52.33 9.58 21.73
CA MET J 286 -53.11 8.78 20.82
C MET J 286 -54.51 9.37 20.60
N GLY J 287 -54.96 10.18 21.56
CA GLY J 287 -56.24 10.86 21.49
C GLY J 287 -56.67 11.28 22.88
N ALA J 288 -57.73 12.08 23.00
CA ALA J 288 -58.17 12.53 24.32
C ALA J 288 -58.98 11.46 25.02
N ILE J 289 -59.00 11.55 26.35
CA ILE J 289 -59.75 10.64 27.21
C ILE J 289 -60.83 11.42 27.97
N ASN J 290 -62.01 10.84 28.05
CA ASN J 290 -63.09 11.37 28.88
C ASN J 290 -63.70 10.24 29.71
N SER J 291 -63.32 10.15 30.97
CA SER J 291 -63.73 9.01 31.80
C SER J 291 -63.68 9.28 33.32
N SER J 292 -64.52 8.54 34.05
CA SER J 292 -64.58 8.62 35.51
C SER J 292 -63.85 7.46 36.17
N MET J 293 -63.55 6.40 35.40
CA MET J 293 -62.73 5.31 35.89
C MET J 293 -61.50 5.82 36.62
N PRO J 294 -61.05 5.12 37.66
CA PRO J 294 -59.82 5.50 38.35
C PRO J 294 -58.58 5.07 37.57
N PHE J 295 -58.76 4.22 36.55
CA PHE J 295 -57.67 3.63 35.79
C PHE J 295 -57.86 3.67 34.27
N HIS J 296 -56.76 3.89 33.56
CA HIS J 296 -56.75 3.74 32.12
C HIS J 296 -55.47 3.01 31.73
N ASN J 297 -55.37 2.58 30.49
CA ASN J 297 -54.16 1.92 30.03
C ASN J 297 -53.68 2.36 28.65
N ILE J 298 -54.03 3.57 28.26
CA ILE J 298 -53.82 4.07 26.89
C ILE J 298 -52.35 4.33 26.56
N HIS J 299 -51.75 5.21 27.34
CA HIS J 299 -50.41 5.70 27.04
C HIS J 299 -49.93 6.41 28.29
N PRO J 300 -48.70 6.13 28.71
CA PRO J 300 -48.23 6.68 29.98
C PRO J 300 -47.99 8.19 29.98
N LEU J 301 -47.75 8.79 28.82
CA LEU J 301 -47.39 10.22 28.80
C LEU J 301 -48.61 11.12 28.57
N THR J 302 -49.27 11.54 29.65
CA THR J 302 -50.52 12.30 29.48
C THR J 302 -50.45 13.70 30.06
N ILE J 303 -51.34 14.60 29.60
CA ILE J 303 -51.45 15.92 30.21
C ILE J 303 -52.92 16.26 30.51
N GLY J 304 -53.14 16.90 31.65
CA GLY J 304 -54.48 17.25 32.12
C GLY J 304 -54.93 16.34 33.27
N GLU J 305 -56.19 16.49 33.66
CA GLU J 305 -56.77 15.73 34.77
C GLU J 305 -57.10 14.28 34.39
N CYS J 306 -56.21 13.33 34.71
CA CYS J 306 -56.37 11.98 34.16
C CYS J 306 -56.56 10.82 35.16
N PRO J 307 -57.26 9.76 34.73
CA PRO J 307 -57.25 8.51 35.48
C PRO J 307 -55.82 7.98 35.51
N LYS J 308 -55.47 7.16 36.49
CA LYS J 308 -54.07 6.71 36.59
C LYS J 308 -53.74 5.51 35.70
N TYR J 309 -52.63 5.64 34.96
CA TYR J 309 -52.19 4.61 34.03
C TYR J 309 -51.71 3.31 34.70
N VAL J 310 -52.10 2.17 34.14
CA VAL J 310 -51.55 0.86 34.51
C VAL J 310 -51.42 0.07 33.25
N LYS J 311 -50.67 -1.02 33.30
CA LYS J 311 -50.37 -1.74 32.08
C LYS J 311 -51.32 -2.87 31.75
N SER J 312 -52.35 -3.01 32.57
CA SER J 312 -53.26 -4.15 32.49
C SER J 312 -54.31 -4.14 31.36
N ASN J 313 -54.68 -5.33 30.89
CA ASN J 313 -55.77 -5.46 29.93
C ASN J 313 -57.16 -5.66 30.55
N ARG J 314 -57.26 -5.56 31.87
CA ARG J 314 -58.53 -5.75 32.60
C ARG J 314 -58.33 -5.63 34.11
N LEU J 315 -59.17 -4.81 34.75
CA LEU J 315 -59.21 -4.68 36.20
C LEU J 315 -60.67 -4.60 36.65
N VAL J 316 -61.18 -5.69 37.21
CA VAL J 316 -62.58 -5.79 37.61
C VAL J 316 -62.77 -6.13 39.09
N LEU J 317 -63.61 -5.34 39.75
CA LEU J 317 -63.91 -5.56 41.15
C LEU J 317 -65.13 -6.46 41.33
N ALA J 318 -65.18 -7.18 42.46
CA ALA J 318 -66.38 -7.92 42.80
C ALA J 318 -67.15 -7.12 43.83
N THR J 319 -68.39 -6.77 43.51
CA THR J 319 -69.22 -5.99 44.44
C THR J 319 -70.39 -6.79 45.01
N GLY J 320 -71.04 -7.59 44.16
CA GLY J 320 -72.15 -8.45 44.58
C GLY J 320 -71.63 -9.74 45.17
N LEU J 321 -72.49 -10.76 45.30
CA LEU J 321 -72.05 -12.03 45.89
C LEU J 321 -71.98 -13.15 44.85
N ARG J 322 -71.37 -14.27 45.24
CA ARG J 322 -71.10 -15.37 44.30
C ARG J 322 -72.37 -15.85 43.60
N ASN J 323 -72.30 -15.96 42.27
CA ASN J 323 -73.44 -16.31 41.43
C ASN J 323 -73.58 -17.78 41.04
N SER J 324 -74.82 -18.19 40.82
CA SER J 324 -75.24 -19.57 40.63
C SER J 324 -74.32 -20.43 39.74
N PRO J 325 -73.97 -21.63 40.22
CA PRO J 325 -72.99 -22.54 39.58
C PRO J 325 -73.49 -23.26 38.32
N ASP K 2 -73.90 -50.98 75.01
CA ASP K 2 -73.27 -50.99 73.70
C ASP K 2 -72.84 -49.58 73.25
N PRO K 3 -71.60 -49.45 72.77
CA PRO K 3 -71.19 -48.19 72.12
C PRO K 3 -71.79 -48.14 70.73
N GLY K 4 -72.60 -47.11 70.47
CA GLY K 4 -73.22 -46.98 69.18
C GLY K 4 -72.19 -46.55 68.16
N ASP K 5 -72.47 -46.84 66.90
CA ASP K 5 -71.53 -46.60 65.82
C ASP K 5 -71.07 -45.15 65.82
N GLN K 6 -69.83 -44.92 65.42
CA GLN K 6 -69.24 -43.59 65.54
C GLN K 6 -68.59 -43.14 64.23
N ILE K 7 -68.66 -41.84 63.97
CA ILE K 7 -67.99 -41.25 62.83
C ILE K 7 -67.28 -39.97 63.27
N CYS K 8 -66.01 -39.86 62.86
CA CYS K 8 -65.17 -38.74 63.29
C CYS K 8 -64.52 -37.99 62.13
N ILE K 9 -64.23 -36.72 62.38
CA ILE K 9 -63.57 -35.86 61.40
C ILE K 9 -62.16 -35.48 61.88
N GLY K 10 -61.17 -35.68 60.99
CA GLY K 10 -59.78 -35.36 61.30
C GLY K 10 -58.99 -34.98 60.05
N TYR K 11 -57.70 -34.68 60.22
CA TYR K 11 -56.89 -34.17 59.11
C TYR K 11 -55.53 -34.86 59.00
N HIS K 12 -54.86 -34.64 57.87
CA HIS K 12 -53.57 -35.27 57.62
C HIS K 12 -52.49 -34.70 58.55
N ALA K 13 -51.50 -35.52 58.85
CA ALA K 13 -50.30 -35.09 59.54
C ALA K 13 -49.20 -36.06 59.15
N ASN K 14 -47.95 -35.72 59.45
CA ASN K 14 -46.86 -36.64 59.16
C ASN K 14 -45.60 -36.34 59.95
N ASN K 15 -44.46 -36.74 59.39
CA ASN K 15 -43.17 -36.65 60.07
CA ASN K 15 -43.18 -36.64 60.09
C ASN K 15 -42.32 -35.46 59.60
N SER K 16 -42.99 -34.46 59.00
CA SER K 16 -42.32 -33.28 58.42
C SER K 16 -42.05 -32.13 59.41
N THR K 17 -40.83 -31.60 59.37
CA THR K 17 -40.45 -30.44 60.20
C THR K 17 -40.13 -29.11 59.48
N GLU K 18 -40.68 -28.90 58.29
CA GLU K 18 -40.58 -27.61 57.56
C GLU K 18 -41.15 -26.45 58.40
N GLN K 19 -40.43 -25.33 58.50
CA GLN K 19 -40.91 -24.17 59.27
C GLN K 19 -41.12 -22.86 58.51
N VAL K 20 -42.35 -22.63 58.07
CA VAL K 20 -42.69 -21.36 57.43
C VAL K 20 -42.83 -20.22 58.44
N ASP K 21 -43.11 -19.03 57.94
CA ASP K 21 -43.40 -17.88 58.80
C ASP K 21 -44.73 -17.26 58.40
N THR K 22 -45.26 -16.43 59.29
CA THR K 22 -46.52 -15.72 59.09
C THR K 22 -46.47 -14.36 59.79
N ILE K 23 -47.43 -13.50 59.46
CA ILE K 23 -47.52 -12.16 60.01
C ILE K 23 -47.57 -12.10 61.56
N MET K 24 -48.06 -13.17 62.19
CA MET K 24 -48.25 -13.19 63.64
C MET K 24 -47.35 -14.20 64.40
N GLU K 25 -46.75 -15.14 63.69
CA GLU K 25 -45.96 -16.21 64.32
C GLU K 25 -44.74 -16.60 63.50
N LYS K 26 -43.62 -16.80 64.19
CA LYS K 26 -42.39 -17.23 63.53
C LYS K 26 -42.21 -18.74 63.77
N ASN K 27 -41.56 -19.43 62.83
CA ASN K 27 -41.18 -20.84 63.00
C ASN K 27 -42.36 -21.82 63.20
N VAL K 28 -43.48 -21.57 62.52
CA VAL K 28 -44.61 -22.49 62.54
C VAL K 28 -44.31 -23.75 61.70
N THR K 29 -44.32 -24.91 62.35
CA THR K 29 -44.00 -26.17 61.67
C THR K 29 -45.19 -26.75 60.90
N VAL K 30 -44.96 -27.14 59.65
CA VAL K 30 -46.04 -27.58 58.76
C VAL K 30 -45.82 -28.91 58.02
N THR K 31 -46.89 -29.37 57.37
CA THR K 31 -46.93 -30.66 56.67
C THR K 31 -46.19 -30.69 55.32
N HIS K 32 -46.53 -29.74 54.44
CA HIS K 32 -45.87 -29.64 53.13
C HIS K 32 -45.40 -28.23 52.79
N ALA K 33 -44.22 -28.13 52.17
CA ALA K 33 -43.68 -26.83 51.83
C ALA K 33 -43.23 -26.70 50.36
N GLN K 34 -42.96 -25.46 49.99
CA GLN K 34 -42.53 -25.00 48.66
C GLN K 34 -41.45 -23.93 48.80
N ASP K 35 -40.19 -24.30 48.57
CA ASP K 35 -39.12 -23.31 48.55
C ASP K 35 -39.16 -22.55 47.24
N ILE K 36 -39.05 -21.23 47.29
CA ILE K 36 -39.05 -20.45 46.05
C ILE K 36 -37.77 -19.62 45.84
N LEU K 37 -36.81 -19.72 46.77
CA LEU K 37 -35.55 -18.99 46.64
C LEU K 37 -34.34 -19.86 46.29
N GLU K 38 -33.73 -19.54 45.15
CA GLU K 38 -32.51 -20.19 44.66
C GLU K 38 -31.26 -19.51 45.23
N LYS K 39 -30.35 -20.26 45.83
CA LYS K 39 -29.18 -19.62 46.45
C LYS K 39 -27.84 -20.06 45.89
N LYS K 40 -27.84 -21.06 45.01
CA LYS K 40 -26.60 -21.69 44.57
C LYS K 40 -26.23 -21.38 43.10
N HIS K 41 -24.96 -21.01 42.86
CA HIS K 41 -24.47 -20.75 41.51
C HIS K 41 -23.23 -21.57 41.19
N ASN K 42 -22.78 -21.55 39.93
CA ASN K 42 -21.72 -22.48 39.55
C ASN K 42 -20.33 -21.90 39.33
N GLY K 43 -20.08 -20.69 39.82
CA GLY K 43 -18.75 -20.10 39.76
C GLY K 43 -18.01 -20.04 38.42
N LYS K 44 -18.72 -20.24 37.31
CA LYS K 44 -18.09 -20.25 35.98
C LYS K 44 -18.78 -19.31 34.98
N LEU K 45 -18.02 -18.89 33.98
CA LEU K 45 -18.57 -18.10 32.90
C LEU K 45 -18.95 -19.01 31.74
N CYS K 46 -20.24 -19.07 31.41
CA CYS K 46 -20.70 -20.03 30.43
C CYS K 46 -21.21 -19.36 29.15
N ASP K 47 -21.48 -20.15 28.13
CA ASP K 47 -22.16 -19.63 26.96
C ASP K 47 -23.58 -19.23 27.36
N LEU K 48 -24.23 -18.44 26.51
CA LEU K 48 -25.62 -18.08 26.73
C LEU K 48 -26.41 -18.69 25.59
N ASP K 49 -27.14 -19.76 25.92
CA ASP K 49 -27.64 -20.68 24.92
C ASP K 49 -26.51 -21.07 24.00
N GLY K 50 -26.67 -20.78 22.72
CA GLY K 50 -25.65 -21.12 21.75
C GLY K 50 -24.30 -20.45 21.94
N VAL K 51 -24.30 -19.20 22.42
CA VAL K 51 -23.18 -18.29 22.14
C VAL K 51 -22.16 -18.05 23.24
N LYS K 52 -20.88 -18.15 22.85
CA LYS K 52 -19.74 -17.91 23.73
C LYS K 52 -19.39 -16.42 23.85
N PRO K 53 -19.21 -15.94 25.10
CA PRO K 53 -18.81 -14.58 25.46
C PRO K 53 -17.39 -14.19 25.04
N LEU K 54 -17.23 -12.91 24.72
CA LEU K 54 -15.90 -12.31 24.52
C LEU K 54 -15.24 -12.08 25.85
N ILE K 55 -14.19 -12.83 26.12
CA ILE K 55 -13.47 -12.54 27.34
C ILE K 55 -12.14 -11.86 27.03
N LEU K 56 -12.12 -10.55 27.27
CA LEU K 56 -10.89 -9.81 27.21
C LEU K 56 -10.15 -10.39 28.39
N ARG K 57 -8.90 -10.73 28.24
CA ARG K 57 -8.29 -11.36 29.39
C ARG K 57 -7.82 -10.23 30.25
N ASP K 58 -6.69 -9.67 29.87
CA ASP K 58 -6.12 -8.56 30.60
C ASP K 58 -6.31 -7.26 29.82
N CYS K 59 -7.24 -7.25 28.87
CA CYS K 59 -7.60 -6.02 28.16
C CYS K 59 -8.77 -5.21 28.68
N SER K 60 -8.69 -3.93 28.34
CA SER K 60 -9.80 -3.01 28.43
C SER K 60 -10.42 -2.92 27.05
N VAL K 61 -11.66 -2.45 26.98
CA VAL K 61 -12.33 -2.30 25.70
C VAL K 61 -11.55 -1.35 24.81
N ALA K 62 -10.99 -0.32 25.41
CA ALA K 62 -10.21 0.64 24.65
C ALA K 62 -8.99 -0.01 24.02
N GLY K 63 -8.28 -0.83 24.79
CA GLY K 63 -7.10 -1.51 24.30
C GLY K 63 -7.37 -2.46 23.14
N TRP K 64 -8.45 -3.22 23.28
CA TRP K 64 -8.96 -4.06 22.21
C TRP K 64 -9.22 -3.20 20.98
N LEU K 65 -10.08 -2.20 21.10
CA LEU K 65 -10.55 -1.52 19.90
C LEU K 65 -9.42 -0.81 19.16
N LEU K 66 -8.47 -0.26 19.88
CA LEU K 66 -7.38 0.48 19.27
C LEU K 66 -6.24 -0.41 18.77
N GLY K 67 -6.16 -1.64 19.29
CA GLY K 67 -5.08 -2.55 18.90
C GLY K 67 -3.80 -2.39 19.72
N ASN K 68 -3.93 -2.49 21.03
CA ASN K 68 -2.77 -2.60 21.90
C ASN K 68 -1.96 -3.87 21.66
N PRO K 69 -0.65 -3.73 21.43
CA PRO K 69 0.26 -4.86 21.24
C PRO K 69 0.22 -5.95 22.32
N MET K 70 0.12 -5.66 23.62
CA MET K 70 0.06 -6.75 24.62
C MET K 70 -1.32 -7.46 24.63
N CYS K 71 -2.22 -7.09 23.72
CA CYS K 71 -3.57 -7.62 23.75
C CYS K 71 -3.86 -8.59 22.61
N ASP K 72 -3.05 -8.49 21.56
CA ASP K 72 -3.34 -9.03 20.22
C ASP K 72 -4.36 -10.16 20.04
N GLU K 73 -4.67 -10.91 21.09
CA GLU K 73 -5.54 -12.08 20.95
C GLU K 73 -6.80 -11.81 20.12
N PHE K 74 -7.15 -10.54 19.93
CA PHE K 74 -8.47 -10.19 19.40
C PHE K 74 -8.50 -9.76 17.95
N ILE K 75 -7.65 -10.34 17.12
CA ILE K 75 -7.52 -9.84 15.76
C ILE K 75 -8.71 -10.20 14.82
N ASN K 76 -9.30 -11.40 14.97
CA ASN K 76 -10.50 -11.78 14.17
C ASN K 76 -11.61 -12.39 14.98
N VAL K 77 -12.29 -11.56 15.77
CA VAL K 77 -13.22 -12.05 16.77
C VAL K 77 -14.52 -12.60 16.22
N PRO K 78 -15.05 -13.64 16.86
CA PRO K 78 -16.37 -14.22 16.59
C PRO K 78 -17.50 -13.39 17.17
N GLU K 79 -18.74 -13.64 16.74
CA GLU K 79 -19.92 -13.08 17.40
C GLU K 79 -19.97 -13.52 18.88
N TRP K 80 -20.39 -12.59 19.72
CA TRP K 80 -20.48 -12.80 21.14
C TRP K 80 -21.90 -12.66 21.67
N SER K 81 -22.08 -13.05 22.92
CA SER K 81 -23.35 -12.93 23.59
C SER K 81 -23.26 -11.76 24.53
N TYR K 82 -22.08 -11.62 25.14
CA TYR K 82 -21.77 -10.52 26.07
C TYR K 82 -20.28 -10.43 26.32
N ILE K 83 -19.79 -9.25 26.63
CA ILE K 83 -18.37 -9.03 26.87
C ILE K 83 -18.04 -9.10 28.38
N VAL K 84 -16.87 -9.61 28.70
CA VAL K 84 -16.39 -9.64 30.06
C VAL K 84 -15.13 -8.81 30.20
N GLU K 85 -15.14 -7.87 31.15
CA GLU K 85 -13.97 -7.03 31.38
C GLU K 85 -13.59 -7.05 32.83
N LYS K 86 -12.30 -7.21 33.11
CA LYS K 86 -11.90 -7.21 34.49
C LYS K 86 -12.06 -5.80 35.01
N ALA K 87 -11.98 -5.65 36.32
CA ALA K 87 -12.34 -4.41 36.98
C ALA K 87 -11.30 -3.36 36.74
N ASN K 88 -10.05 -3.82 36.61
CA ASN K 88 -8.94 -2.96 36.30
C ASN K 88 -7.91 -3.60 35.37
N PRO K 89 -8.22 -3.67 34.07
CA PRO K 89 -7.36 -4.33 33.10
C PRO K 89 -5.97 -3.75 33.11
N VAL K 90 -4.97 -4.59 32.87
CA VAL K 90 -3.61 -4.12 32.93
C VAL K 90 -3.23 -3.39 31.64
N ASN K 91 -3.68 -3.94 30.53
CA ASN K 91 -3.35 -3.39 29.24
C ASN K 91 -4.45 -2.52 28.64
N ASP K 92 -4.38 -1.24 29.00
CA ASP K 92 -5.33 -0.25 28.56
C ASP K 92 -4.72 0.50 27.39
N LEU K 93 -4.40 1.77 27.57
CA LEU K 93 -3.69 2.51 26.52
C LEU K 93 -2.17 2.40 26.72
N CYS K 94 -1.51 1.58 25.90
CA CYS K 94 -0.08 1.33 26.11
C CYS K 94 0.73 2.66 26.13
N TYR K 95 0.38 3.60 25.25
CA TYR K 95 0.95 4.94 25.32
C TYR K 95 -0.06 5.72 26.11
N PRO K 96 0.39 6.43 27.15
CA PRO K 96 -0.55 7.05 28.08
C PRO K 96 -1.38 8.21 27.47
N GLY K 97 -2.67 8.22 27.78
CA GLY K 97 -3.52 9.33 27.36
C GLY K 97 -4.98 9.08 27.71
N ASP K 98 -5.87 9.47 26.81
CA ASP K 98 -7.30 9.53 27.12
C ASP K 98 -8.17 9.19 25.96
N PHE K 99 -9.32 8.62 26.30
CA PHE K 99 -10.29 8.19 25.30
C PHE K 99 -11.57 9.00 25.45
N ASN K 100 -11.87 9.82 24.45
CA ASN K 100 -13.00 10.73 24.49
C ASN K 100 -14.35 10.05 24.48
N ASP K 101 -15.28 10.54 25.30
CA ASP K 101 -16.63 9.98 25.41
C ASP K 101 -16.62 8.47 25.54
N TYR K 102 -15.62 7.96 26.25
CA TYR K 102 -15.43 6.53 26.33
C TYR K 102 -16.62 5.82 26.94
N GLU K 103 -17.21 6.41 27.96
CA GLU K 103 -18.29 5.74 28.64
C GLU K 103 -19.50 5.59 27.72
N GLU K 104 -19.81 6.61 26.91
CA GLU K 104 -20.94 6.54 25.93
C GLU K 104 -20.73 5.52 24.81
N LEU K 105 -19.46 5.31 24.45
CA LEU K 105 -19.07 4.31 23.46
C LEU K 105 -19.26 2.92 24.05
N LYS K 106 -18.86 2.74 25.30
CA LYS K 106 -19.10 1.47 26.01
C LYS K 106 -20.59 1.15 26.04
N HIS K 107 -21.41 2.19 26.06
CA HIS K 107 -22.85 1.98 26.12
C HIS K 107 -23.31 1.43 24.81
N LEU K 108 -22.66 1.90 23.75
CA LEU K 108 -22.94 1.42 22.42
C LEU K 108 -22.64 -0.06 22.27
N LEU K 109 -21.54 -0.48 22.88
CA LEU K 109 -21.03 -1.83 22.70
C LEU K 109 -21.95 -2.81 23.34
N SER K 110 -22.68 -2.31 24.32
CA SER K 110 -23.59 -3.12 25.07
C SER K 110 -24.84 -3.42 24.28
N ARG K 111 -24.92 -2.84 23.09
CA ARG K 111 -26.09 -3.02 22.23
C ARG K 111 -25.62 -3.71 20.96
N ILE K 112 -24.38 -4.15 20.97
CA ILE K 112 -23.73 -4.72 19.81
C ILE K 112 -23.28 -6.16 20.11
N ASN K 113 -23.49 -7.04 19.11
CA ASN K 113 -23.07 -8.44 19.18
C ASN K 113 -21.97 -8.76 18.20
N HIS K 114 -21.77 -7.95 17.17
CA HIS K 114 -20.70 -8.32 16.26
C HIS K 114 -20.08 -7.19 15.44
N PHE K 115 -18.76 -7.16 15.38
CA PHE K 115 -18.04 -6.24 14.50
C PHE K 115 -17.45 -7.00 13.35
N GLU K 116 -17.01 -6.29 12.33
CA GLU K 116 -16.20 -6.91 11.32
C GLU K 116 -15.11 -5.93 10.87
N LYS K 117 -13.93 -6.06 11.47
CA LYS K 117 -12.85 -5.10 11.21
C LYS K 117 -12.57 -4.97 9.73
N ILE K 118 -12.55 -3.74 9.22
CA ILE K 118 -12.17 -3.52 7.84
C ILE K 118 -11.11 -2.45 7.65
N GLN K 119 -10.28 -2.67 6.65
CA GLN K 119 -9.27 -1.71 6.27
C GLN K 119 -9.93 -0.57 5.53
N ILE K 120 -9.67 0.67 5.94
CA ILE K 120 -10.24 1.78 5.18
C ILE K 120 -9.14 2.72 4.70
N ILE K 121 -7.99 2.74 5.35
CA ILE K 121 -6.92 3.56 4.80
C ILE K 121 -5.59 2.89 5.05
N PRO K 122 -5.07 2.24 3.99
CA PRO K 122 -3.88 1.38 3.97
C PRO K 122 -2.62 2.06 4.41
N LYS K 123 -1.93 1.45 5.38
CA LYS K 123 -0.75 2.06 5.95
C LYS K 123 0.28 2.44 4.83
N SER K 124 0.28 1.62 3.78
CA SER K 124 1.14 1.84 2.63
C SER K 124 0.78 3.12 1.87
N SER K 125 -0.43 3.64 2.09
CA SER K 125 -0.89 4.75 1.26
C SER K 125 -0.26 6.11 1.59
N TRP K 126 0.32 6.26 2.77
CA TRP K 126 0.93 7.55 3.17
C TRP K 126 2.27 7.80 2.46
N SER K 127 2.19 8.30 1.23
CA SER K 127 3.34 8.40 0.35
C SER K 127 4.30 9.51 0.72
N SER K 128 3.76 10.58 1.28
CA SER K 128 4.53 11.80 1.53
C SER K 128 4.82 12.15 3.03
N HIS K 129 4.54 11.20 3.90
CA HIS K 129 4.87 11.28 5.30
C HIS K 129 5.54 9.99 5.67
N GLU K 130 6.15 9.92 6.85
CA GLU K 130 6.85 8.70 7.24
C GLU K 130 5.94 7.87 8.14
N ALA K 131 5.22 6.88 7.59
CA ALA K 131 4.27 6.12 8.41
C ALA K 131 4.94 5.26 9.50
N SER K 132 6.18 4.85 9.24
CA SER K 132 6.74 3.75 10.00
C SER K 132 7.66 4.21 11.11
N LEU K 133 7.56 5.47 11.48
CA LEU K 133 8.38 6.03 12.54
C LEU K 133 7.56 6.26 13.80
N GLY K 134 6.26 6.04 13.70
CA GLY K 134 5.32 6.32 14.78
C GLY K 134 5.30 5.26 15.87
N VAL K 135 6.38 5.24 16.61
CA VAL K 135 6.70 4.08 17.38
C VAL K 135 7.26 4.33 18.81
N SER K 136 6.79 3.59 19.81
CA SER K 136 7.30 3.81 21.14
C SER K 136 7.73 2.55 21.86
N SER K 137 8.66 2.74 22.82
CA SER K 137 9.08 1.69 23.73
C SER K 137 7.96 1.31 24.71
N ALA K 138 6.98 2.20 24.84
CA ALA K 138 5.84 1.94 25.69
C ALA K 138 5.01 0.83 25.12
N CYS K 139 5.17 0.66 23.81
CA CYS K 139 4.31 -0.15 22.97
C CYS K 139 4.99 -1.30 22.22
N PRO K 140 5.74 -2.20 22.91
CA PRO K 140 6.59 -3.07 22.12
C PRO K 140 5.77 -4.15 21.47
N TYR K 141 5.94 -4.33 20.17
CA TYR K 141 5.21 -5.41 19.58
C TYR K 141 5.94 -6.71 19.80
N GLN K 142 6.86 -7.01 18.89
CA GLN K 142 7.62 -8.22 19.07
C GLN K 142 9.09 -7.88 18.88
N GLY K 143 9.72 -7.55 19.99
CA GLY K 143 11.13 -7.21 20.02
C GLY K 143 11.51 -5.83 19.55
N LYS K 144 11.11 -5.46 18.35
CA LYS K 144 11.13 -4.04 18.01
C LYS K 144 9.96 -3.33 18.69
N SER K 145 10.17 -2.05 18.94
CA SER K 145 9.21 -1.18 19.57
C SER K 145 8.14 -0.74 18.54
N SER K 146 6.94 -0.45 19.03
CA SER K 146 5.81 -0.30 18.12
C SER K 146 4.78 0.82 18.50
N PHE K 147 3.50 0.54 18.24
CA PHE K 147 2.38 1.46 18.57
C PHE K 147 1.07 0.66 18.55
N PHE K 148 -0.05 1.31 18.84
CA PHE K 148 -1.36 0.73 18.53
C PHE K 148 -1.36 0.18 17.10
N ARG K 149 -2.14 -0.86 16.84
CA ARG K 149 -2.18 -1.45 15.49
C ARG K 149 -3.17 -0.81 14.50
N ASN K 150 -4.35 -0.43 14.97
CA ASN K 150 -5.42 -0.02 14.08
C ASN K 150 -5.32 1.44 13.75
N VAL K 151 -4.33 2.14 14.29
CA VAL K 151 -4.16 3.56 13.99
C VAL K 151 -2.73 3.79 13.52
N VAL K 152 -2.41 4.96 12.96
CA VAL K 152 -1.05 5.18 12.48
C VAL K 152 -0.49 6.52 12.88
N TRP K 153 0.62 6.52 13.56
CA TRP K 153 1.22 7.75 14.03
C TRP K 153 2.13 8.41 12.95
N LEU K 154 1.53 9.13 12.02
CA LEU K 154 2.32 9.77 10.95
C LEU K 154 3.33 10.81 11.38
N ILE K 155 4.45 10.85 10.69
CA ILE K 155 5.57 11.73 11.02
C ILE K 155 6.23 12.36 9.80
N LYS K 156 6.91 13.48 9.99
CA LYS K 156 7.52 14.24 8.89
C LYS K 156 8.56 13.47 8.09
N LYS K 157 8.65 13.78 6.79
CA LYS K 157 9.54 13.10 5.86
C LYS K 157 10.58 14.05 5.25
N ASP K 158 11.82 13.59 5.11
CA ASP K 158 12.91 14.51 4.76
C ASP K 158 12.98 15.71 5.70
N SER K 159 12.66 16.89 5.22
CA SER K 159 12.61 18.00 6.18
C SER K 159 11.21 18.46 6.52
N THR K 160 10.22 18.01 5.75
CA THR K 160 8.88 18.60 5.79
C THR K 160 7.70 17.70 6.20
N TYR K 161 6.57 18.32 6.51
CA TYR K 161 5.32 17.64 6.79
C TYR K 161 4.26 18.39 6.01
N PRO K 162 3.98 17.98 4.77
CA PRO K 162 3.02 18.66 3.90
C PRO K 162 1.59 18.41 4.36
N THR K 163 0.68 19.32 4.02
CA THR K 163 -0.69 19.22 4.53
C THR K 163 -1.44 17.99 4.10
N ILE K 164 -1.87 17.18 5.06
CA ILE K 164 -2.68 16.00 4.81
C ILE K 164 -4.16 16.28 4.50
N LYS K 165 -4.64 15.76 3.38
CA LYS K 165 -6.07 15.79 3.03
C LYS K 165 -6.53 14.42 2.55
N ARG K 166 -7.28 13.71 3.39
CA ARG K 166 -7.65 12.33 3.10
C ARG K 166 -9.10 12.13 3.47
N SER K 167 -9.82 11.32 2.73
CA SER K 167 -11.21 11.16 3.09
C SER K 167 -11.74 9.80 2.69
N TYR K 168 -12.70 9.26 3.44
CA TYR K 168 -13.21 7.90 3.20
C TYR K 168 -14.74 7.83 3.17
N ASN K 169 -15.27 7.21 2.12
CA ASN K 169 -16.70 7.18 1.92
C ASN K 169 -17.21 5.81 2.30
N ASN K 170 -18.05 5.74 3.32
CA ASN K 170 -18.62 4.46 3.74
C ASN K 170 -19.59 3.93 2.71
N THR K 171 -19.10 3.12 1.79
CA THR K 171 -19.93 2.51 0.75
C THR K 171 -20.51 1.16 1.17
N ASN K 172 -20.41 0.85 2.46
CA ASN K 172 -20.94 -0.40 2.97
C ASN K 172 -22.39 -0.17 3.40
N GLN K 173 -23.13 -1.24 3.65
CA GLN K 173 -24.55 -1.10 3.98
C GLN K 173 -24.81 -0.76 5.44
N GLU K 174 -23.79 -1.03 6.26
CA GLU K 174 -23.88 -0.97 7.71
C GLU K 174 -23.10 0.21 8.31
N ASP K 175 -23.34 0.50 9.60
CA ASP K 175 -22.67 1.63 10.28
C ASP K 175 -21.21 1.40 10.59
N LEU K 176 -20.40 2.44 10.46
CA LEU K 176 -18.96 2.28 10.63
C LEU K 176 -18.38 3.03 11.82
N LEU K 177 -18.00 2.31 12.87
CA LEU K 177 -17.30 2.91 13.98
C LEU K 177 -15.88 3.22 13.55
N VAL K 178 -15.49 4.48 13.64
CA VAL K 178 -14.17 4.94 13.22
C VAL K 178 -13.40 5.51 14.40
N LEU K 179 -12.09 5.25 14.51
CA LEU K 179 -11.36 5.86 15.61
C LEU K 179 -10.15 6.60 15.04
N TRP K 180 -9.73 7.70 15.67
CA TRP K 180 -8.53 8.44 15.22
C TRP K 180 -7.97 9.18 16.43
N GLY K 181 -6.97 10.03 16.23
CA GLY K 181 -6.40 10.64 17.42
C GLY K 181 -5.36 11.72 17.27
N ILE K 182 -5.05 12.34 18.40
CA ILE K 182 -4.10 13.42 18.34
C ILE K 182 -3.01 13.29 19.41
N HIS K 183 -1.83 13.74 19.02
CA HIS K 183 -0.68 13.66 19.88
C HIS K 183 -0.28 15.00 20.47
N HIS K 184 -0.24 15.01 21.80
CA HIS K 184 0.09 16.15 22.63
C HIS K 184 1.54 16.08 23.12
N PRO K 185 2.47 16.84 22.50
CA PRO K 185 3.87 16.82 22.90
C PRO K 185 4.26 17.45 24.26
N ASN K 186 5.56 17.38 24.56
CA ASN K 186 6.07 17.84 25.84
C ASN K 186 6.61 19.22 25.76
N ASP K 187 7.08 19.62 24.59
CA ASP K 187 7.54 21.00 24.41
C ASP K 187 7.64 21.43 22.96
N ALA K 188 8.06 22.67 22.79
CA ALA K 188 8.21 23.27 21.48
C ALA K 188 9.22 22.50 20.66
N ALA K 189 10.31 22.08 21.29
CA ALA K 189 11.37 21.31 20.60
C ALA K 189 10.94 19.91 20.05
N GLU K 190 10.23 19.10 20.84
CA GLU K 190 9.71 17.79 20.41
C GLU K 190 8.73 17.98 19.24
N GLN K 191 7.85 18.96 19.38
CA GLN K 191 6.84 19.23 18.38
C GLN K 191 7.48 19.50 17.04
N THR K 192 8.43 20.41 17.04
CA THR K 192 9.08 20.81 15.81
C THR K 192 9.98 19.67 15.25
N LYS K 193 10.54 18.81 16.12
CA LYS K 193 11.29 17.59 15.70
C LYS K 193 10.37 16.55 15.05
N LEU K 194 9.21 16.29 15.65
CA LEU K 194 8.31 15.28 15.12
C LEU K 194 7.60 15.76 13.88
N TYR K 195 7.20 17.03 13.83
CA TYR K 195 6.32 17.51 12.76
C TYR K 195 6.77 18.71 11.96
N GLN K 196 7.89 19.31 12.34
CA GLN K 196 8.42 20.46 11.60
C GLN K 196 7.52 21.78 11.69
N ASN K 197 6.26 21.71 11.30
CA ASN K 197 5.36 22.85 11.48
C ASN K 197 5.12 23.06 12.98
N PRO K 198 5.26 24.30 13.49
CA PRO K 198 5.19 24.57 14.94
C PRO K 198 3.74 24.78 15.45
N THR K 199 2.88 25.31 14.61
CA THR K 199 1.47 25.41 14.98
C THR K 199 0.60 24.49 14.10
N THR K 200 -0.11 23.57 14.74
CA THR K 200 -0.75 22.48 13.99
C THR K 200 -2.22 22.21 14.40
N TYR K 201 -2.91 21.39 13.60
CA TYR K 201 -4.32 21.07 13.85
C TYR K 201 -4.79 19.77 13.16
N ILE K 202 -5.96 19.29 13.58
CA ILE K 202 -6.68 18.19 12.90
C ILE K 202 -8.17 18.50 12.71
N SER K 203 -8.61 18.66 11.47
CA SER K 203 -10.02 18.86 11.20
C SER K 203 -10.67 17.55 10.84
N VAL K 204 -11.89 17.35 11.29
CA VAL K 204 -12.63 16.15 10.97
C VAL K 204 -14.07 16.51 10.63
N GLY K 205 -14.47 16.18 9.40
CA GLY K 205 -15.78 16.51 8.89
C GLY K 205 -16.58 15.30 8.47
N THR K 206 -17.87 15.36 8.76
CA THR K 206 -18.85 14.32 8.44
C THR K 206 -20.00 15.05 7.77
N SER K 207 -21.13 14.39 7.57
CA SER K 207 -22.35 15.12 7.32
C SER K 207 -22.78 15.75 8.64
N THR K 208 -22.33 15.17 9.75
CA THR K 208 -22.76 15.70 11.04
C THR K 208 -21.62 16.18 11.93
N LEU K 209 -20.38 15.82 11.62
CA LEU K 209 -19.26 16.23 12.49
C LEU K 209 -18.74 17.58 12.05
N ASN K 210 -18.26 18.38 12.99
CA ASN K 210 -17.55 19.60 12.63
C ASN K 210 -16.55 19.88 13.75
N GLN K 211 -15.39 19.27 13.62
CA GLN K 211 -14.39 19.22 14.67
C GLN K 211 -13.08 19.84 14.21
N ARG K 212 -12.46 20.67 15.04
CA ARG K 212 -11.11 21.11 14.75
C ARG K 212 -10.26 21.03 16.00
N LEU K 213 -9.40 20.02 16.06
CA LEU K 213 -8.53 19.80 17.23
C LEU K 213 -7.13 20.37 17.09
N VAL K 214 -6.63 20.85 18.21
CA VAL K 214 -5.27 21.34 18.31
C VAL K 214 -4.60 20.73 19.49
N PRO K 215 -3.34 20.31 19.31
CA PRO K 215 -2.45 19.77 20.34
C PRO K 215 -2.24 20.75 21.46
N ARG K 216 -2.04 20.20 22.65
CA ARG K 216 -2.11 20.94 23.89
C ARG K 216 -0.84 20.72 24.78
N ILE K 217 0.19 21.53 24.54
CA ILE K 217 1.45 21.37 25.26
C ILE K 217 1.36 21.73 26.76
N ALA K 218 1.94 20.86 27.59
CA ALA K 218 1.92 21.00 29.04
C ALA K 218 3.04 20.15 29.65
N THR K 219 3.51 20.52 30.84
CA THR K 219 4.50 19.67 31.53
C THR K 219 3.81 18.71 32.49
N ARG K 220 3.95 17.42 32.20
CA ARG K 220 3.17 16.43 32.92
C ARG K 220 4.07 15.43 33.61
N SER K 221 3.50 14.79 34.62
CA SER K 221 4.18 13.71 35.33
C SER K 221 4.48 12.59 34.32
N LYS K 222 5.55 11.82 34.55
CA LYS K 222 5.75 10.65 33.72
C LYS K 222 4.82 9.55 34.17
N VAL K 223 4.17 8.96 33.17
CA VAL K 223 3.34 7.78 33.34
C VAL K 223 3.71 6.75 32.28
N LYS K 224 4.04 5.53 32.72
CA LYS K 224 4.59 4.44 31.91
C LYS K 224 5.81 4.93 31.13
N GLY K 225 6.57 5.82 31.78
CA GLY K 225 7.82 6.39 31.29
C GLY K 225 7.81 7.59 30.35
N LEU K 226 6.65 7.98 29.88
CA LEU K 226 6.58 9.13 28.98
C LEU K 226 5.80 10.28 29.61
N SER K 227 6.10 11.49 29.17
CA SER K 227 5.40 12.63 29.69
C SER K 227 4.35 13.14 28.72
N GLY K 228 4.48 12.81 27.44
CA GLY K 228 3.52 13.21 26.41
C GLY K 228 2.21 12.43 26.50
N ARG K 229 1.19 12.83 25.77
CA ARG K 229 -0.08 12.09 25.85
C ARG K 229 -0.79 11.88 24.51
N MET K 230 -1.63 10.87 24.50
CA MET K 230 -2.35 10.53 23.30
C MET K 230 -3.84 10.69 23.63
N GLU K 231 -4.58 11.32 22.74
CA GLU K 231 -6.01 11.45 22.99
C GLU K 231 -6.78 10.96 21.76
N PHE K 232 -7.64 9.99 22.03
CA PHE K 232 -8.27 9.27 20.96
C PHE K 232 -9.69 9.74 20.93
N PHE K 233 -10.27 9.73 19.73
CA PHE K 233 -11.60 10.26 19.45
C PHE K 233 -12.34 9.29 18.57
N TRP K 234 -13.66 9.34 18.56
CA TRP K 234 -14.39 8.38 17.73
C TRP K 234 -15.70 8.84 17.13
N THR K 235 -16.10 8.27 16.02
CA THR K 235 -17.42 8.55 15.50
C THR K 235 -18.11 7.43 14.76
N ILE K 236 -19.43 7.51 14.64
CA ILE K 236 -20.14 6.57 13.77
C ILE K 236 -20.32 7.20 12.38
N LEU K 237 -19.94 6.48 11.34
CA LEU K 237 -20.02 7.00 9.99
C LEU K 237 -21.16 6.31 9.34
N LYS K 238 -22.22 7.07 9.08
CA LYS K 238 -23.42 6.56 8.45
C LYS K 238 -23.14 6.06 7.01
N PRO K 239 -23.84 4.99 6.60
CA PRO K 239 -23.71 4.48 5.24
C PRO K 239 -24.00 5.58 4.24
N ASN K 240 -23.12 5.68 3.25
CA ASN K 240 -23.14 6.65 2.17
C ASN K 240 -22.66 8.02 2.62
N ASP K 241 -22.11 8.14 3.83
CA ASP K 241 -21.48 9.39 4.24
C ASP K 241 -19.96 9.36 4.22
N ALA K 242 -19.31 10.50 4.03
CA ALA K 242 -17.84 10.48 4.03
C ALA K 242 -17.26 11.23 5.22
N ILE K 243 -16.22 10.67 5.83
CA ILE K 243 -15.46 11.35 6.85
C ILE K 243 -14.19 11.86 6.17
N ASN K 244 -13.82 13.12 6.41
CA ASN K 244 -12.67 13.69 5.70
C ASN K 244 -11.69 14.29 6.70
N PHE K 245 -10.45 13.80 6.75
CA PHE K 245 -9.44 14.35 7.66
C PHE K 245 -8.53 15.36 6.96
N GLU K 246 -8.21 16.44 7.67
CA GLU K 246 -7.16 17.35 7.25
C GLU K 246 -6.20 17.71 8.38
N SER K 247 -4.91 17.56 8.15
CA SER K 247 -3.96 17.90 9.19
C SER K 247 -2.60 18.37 8.72
N ASN K 248 -1.73 18.50 9.70
CA ASN K 248 -0.65 19.43 9.59
C ASN K 248 0.43 19.05 10.57
N GLY K 249 0.10 18.05 11.38
CA GLY K 249 0.98 17.53 12.44
C GLY K 249 0.18 16.89 13.59
N ASN K 250 0.85 16.15 14.47
CA ASN K 250 0.20 15.55 15.66
C ASN K 250 -1.06 14.68 15.37
N PHE K 251 -1.19 14.26 14.09
CA PHE K 251 -2.31 13.43 13.62
C PHE K 251 -1.99 11.94 13.70
N ILE K 252 -2.84 11.22 14.41
CA ILE K 252 -2.84 9.78 14.52
C ILE K 252 -4.02 9.26 13.76
N ALA K 253 -3.74 8.78 12.55
CA ALA K 253 -4.72 8.47 11.49
C ALA K 253 -5.34 7.12 11.71
N PRO K 254 -6.49 6.88 11.09
CA PRO K 254 -6.93 5.48 11.14
C PRO K 254 -6.33 4.61 10.03
N GLU K 255 -6.33 3.31 10.31
CA GLU K 255 -6.13 2.30 9.30
C GLU K 255 -7.33 1.39 9.30
N TYR K 256 -7.67 0.82 10.45
CA TYR K 256 -8.82 -0.05 10.48
C TYR K 256 -9.99 0.55 11.21
N ALA K 257 -11.19 0.28 10.73
CA ALA K 257 -12.42 0.76 11.33
C ALA K 257 -13.32 -0.44 11.56
N TYR K 258 -14.47 -0.32 12.21
CA TYR K 258 -15.25 -1.55 12.46
C TYR K 258 -16.68 -1.46 11.93
N LYS K 259 -17.14 -2.46 11.16
CA LYS K 259 -18.55 -2.45 10.73
C LYS K 259 -19.46 -3.06 11.78
N ILE K 260 -20.50 -2.34 12.19
CA ILE K 260 -21.46 -2.88 13.13
C ILE K 260 -22.37 -3.83 12.35
N VAL K 261 -22.32 -5.10 12.72
CA VAL K 261 -22.84 -6.18 11.89
C VAL K 261 -24.11 -6.87 12.44
N LYS K 262 -24.26 -6.93 13.76
CA LYS K 262 -25.51 -7.34 14.41
C LYS K 262 -25.76 -6.65 15.76
N LYS K 263 -26.96 -6.08 15.95
CA LYS K 263 -27.33 -5.54 17.27
C LYS K 263 -28.23 -6.51 18.04
N GLY K 264 -28.44 -6.22 19.33
CA GLY K 264 -29.29 -6.99 20.21
C GLY K 264 -28.95 -6.66 21.65
N ASP K 265 -29.57 -7.38 22.60
CA ASP K 265 -29.19 -7.30 24.02
C ASP K 265 -27.79 -7.88 24.25
N SER K 266 -27.08 -7.25 25.17
CA SER K 266 -25.77 -7.73 25.58
C SER K 266 -25.32 -6.82 26.70
N THR K 267 -24.21 -7.15 27.32
CA THR K 267 -23.66 -6.30 28.37
C THR K 267 -22.14 -6.35 28.39
N ILE K 268 -21.51 -5.32 28.93
CA ILE K 268 -20.12 -5.44 29.28
C ILE K 268 -20.16 -5.85 30.75
N MET K 269 -19.74 -7.08 31.02
CA MET K 269 -19.87 -7.61 32.36
C MET K 269 -18.54 -7.58 33.15
N LYS K 270 -18.59 -6.89 34.28
CA LYS K 270 -17.43 -6.77 35.18
C LYS K 270 -17.31 -8.04 36.00
N SER K 271 -16.19 -8.74 35.80
CA SER K 271 -15.92 -10.02 36.47
C SER K 271 -14.46 -10.45 36.39
N GLU K 272 -13.98 -11.14 37.42
CA GLU K 272 -12.59 -11.57 37.41
C GLU K 272 -12.38 -12.92 36.75
N LEU K 273 -13.37 -13.80 36.87
CA LEU K 273 -13.28 -15.18 36.37
C LEU K 273 -13.01 -15.31 34.87
N GLU K 274 -12.76 -16.54 34.42
CA GLU K 274 -12.66 -16.86 33.00
C GLU K 274 -13.51 -18.07 32.55
N TYR K 275 -13.24 -18.53 31.34
CA TYR K 275 -14.15 -19.41 30.66
C TYR K 275 -14.26 -20.80 31.30
N GLY K 276 -15.49 -21.20 31.64
CA GLY K 276 -15.74 -22.45 32.33
C GLY K 276 -16.12 -23.61 31.43
N ASN K 277 -16.19 -23.34 30.13
CA ASN K 277 -16.59 -24.34 29.12
C ASN K 277 -17.90 -25.04 29.37
N CYS K 278 -18.90 -24.29 29.82
CA CYS K 278 -20.22 -24.84 30.08
C CYS K 278 -21.26 -24.05 29.30
N ASN K 279 -22.51 -24.12 29.75
CA ASN K 279 -23.59 -23.37 29.12
C ASN K 279 -24.76 -23.18 30.05
N THR K 280 -25.33 -21.97 30.07
CA THR K 280 -26.59 -21.73 30.75
C THR K 280 -27.50 -20.82 29.97
N LYS K 281 -28.66 -20.55 30.54
CA LYS K 281 -29.57 -19.59 29.94
C LYS K 281 -29.57 -18.38 30.85
N CYS K 282 -28.75 -18.46 31.90
CA CYS K 282 -28.59 -17.39 32.86
C CYS K 282 -27.18 -17.28 33.39
N GLN K 283 -26.56 -16.11 33.24
CA GLN K 283 -25.19 -15.89 33.73
C GLN K 283 -25.13 -14.70 34.70
N THR K 284 -24.20 -14.79 35.65
CA THR K 284 -24.00 -13.85 36.74
C THR K 284 -22.51 -13.53 36.80
N PRO K 285 -22.13 -12.33 37.27
CA PRO K 285 -20.70 -12.01 37.43
C PRO K 285 -19.96 -12.91 38.43
N MET K 286 -20.69 -13.76 39.15
CA MET K 286 -20.07 -14.69 40.06
C MET K 286 -20.13 -16.13 39.55
N GLY K 287 -21.07 -16.41 38.64
CA GLY K 287 -21.17 -17.73 38.02
C GLY K 287 -22.54 -17.96 37.43
N ALA K 288 -22.76 -19.02 36.67
CA ALA K 288 -24.08 -19.24 36.06
C ALA K 288 -25.06 -19.83 37.07
N ILE K 289 -26.34 -19.60 36.80
CA ILE K 289 -27.43 -20.09 37.63
C ILE K 289 -28.20 -21.13 36.81
N ASN K 290 -28.57 -22.24 37.44
CA ASN K 290 -29.47 -23.21 36.82
C ASN K 290 -30.56 -23.56 37.82
N SER K 291 -31.75 -23.01 37.59
CA SER K 291 -32.80 -23.13 38.59
C SER K 291 -34.20 -23.01 38.01
N SER K 292 -35.14 -23.62 38.71
CA SER K 292 -36.55 -23.58 38.33
C SER K 292 -37.28 -22.55 39.21
N MET K 293 -36.65 -22.21 40.33
CA MET K 293 -37.14 -21.17 41.23
C MET K 293 -37.54 -19.89 40.51
N PRO K 294 -38.58 -19.20 41.01
CA PRO K 294 -38.98 -17.90 40.45
C PRO K 294 -38.08 -16.78 40.97
N PHE K 295 -37.30 -17.09 42.01
CA PHE K 295 -36.48 -16.13 42.76
C PHE K 295 -35.04 -16.61 42.99
N HIS K 296 -34.08 -15.69 42.95
CA HIS K 296 -32.70 -16.00 43.35
C HIS K 296 -32.11 -14.87 44.21
N ASN K 297 -30.94 -15.07 44.82
CA ASN K 297 -30.34 -14.00 45.62
C ASN K 297 -28.83 -13.86 45.36
N ILE K 298 -28.39 -14.22 44.17
CA ILE K 298 -26.95 -14.27 43.87
C ILE K 298 -26.27 -12.92 43.72
N HIS K 299 -26.73 -12.15 42.73
CA HIS K 299 -26.14 -10.89 42.28
C HIS K 299 -27.11 -10.21 41.31
N PRO K 300 -27.38 -8.90 41.50
CA PRO K 300 -28.48 -8.24 40.79
C PRO K 300 -28.30 -8.05 39.29
N LEU K 301 -27.07 -8.03 38.78
CA LEU K 301 -26.82 -7.77 37.36
C LEU K 301 -26.69 -9.04 36.56
N THR K 302 -27.80 -9.50 36.03
CA THR K 302 -27.79 -10.78 35.33
C THR K 302 -28.14 -10.56 33.86
N ILE K 303 -27.69 -11.51 33.03
CA ILE K 303 -28.02 -11.49 31.60
C ILE K 303 -28.54 -12.86 31.20
N GLY K 304 -29.56 -12.87 30.36
CA GLY K 304 -30.19 -14.10 29.94
C GLY K 304 -31.50 -14.30 30.69
N GLU K 305 -32.11 -15.48 30.47
CA GLU K 305 -33.40 -15.82 31.06
C GLU K 305 -33.30 -16.25 32.53
N CYS K 306 -33.58 -15.32 33.45
CA CYS K 306 -33.27 -15.51 34.88
C CYS K 306 -34.42 -15.49 35.90
N PRO K 307 -34.21 -16.14 37.05
CA PRO K 307 -35.11 -15.95 38.19
C PRO K 307 -35.03 -14.50 38.63
N LYS K 308 -36.07 -13.96 39.26
CA LYS K 308 -36.03 -12.56 39.64
C LYS K 308 -35.34 -12.33 40.99
N TYR K 309 -34.35 -11.44 41.00
CA TYR K 309 -33.50 -11.17 42.15
C TYR K 309 -34.24 -10.52 43.32
N VAL K 310 -33.91 -10.98 44.52
CA VAL K 310 -34.32 -10.30 45.75
C VAL K 310 -33.18 -10.33 46.74
N LYS K 311 -33.25 -9.48 47.76
CA LYS K 311 -32.14 -9.31 48.70
C LYS K 311 -32.28 -10.22 49.91
N SER K 312 -33.25 -11.13 49.89
CA SER K 312 -33.54 -12.03 51.01
C SER K 312 -32.60 -13.23 51.24
N ASN K 313 -32.47 -13.63 52.51
CA ASN K 313 -31.73 -14.83 52.85
C ASN K 313 -32.62 -16.08 52.80
N ARG K 314 -33.93 -15.90 52.97
CA ARG K 314 -34.86 -17.02 53.03
C ARG K 314 -36.24 -16.65 52.48
N LEU K 315 -36.81 -17.47 51.63
CA LEU K 315 -38.20 -17.28 51.20
C LEU K 315 -38.94 -18.62 51.04
N VAL K 316 -39.81 -18.96 52.00
CA VAL K 316 -40.52 -20.26 51.98
C VAL K 316 -42.04 -20.17 52.02
N LEU K 317 -42.71 -20.88 51.10
CA LEU K 317 -44.17 -20.92 51.06
C LEU K 317 -44.78 -22.09 51.85
N ALA K 318 -46.02 -21.90 52.32
CA ALA K 318 -46.77 -22.97 52.97
C ALA K 318 -47.81 -23.60 52.04
N THR K 319 -47.71 -24.91 51.81
CA THR K 319 -48.67 -25.61 50.96
C THR K 319 -49.59 -26.59 51.71
N GLY K 320 -49.02 -27.36 52.63
CA GLY K 320 -49.78 -28.29 53.46
C GLY K 320 -50.37 -27.60 54.67
N LEU K 321 -50.82 -28.35 55.67
CA LEU K 321 -51.37 -27.68 56.85
C LEU K 321 -50.50 -27.90 58.10
N ARG K 322 -50.83 -27.16 59.16
CA ARG K 322 -50.03 -27.07 60.38
C ARG K 322 -49.70 -28.42 61.01
N ASN K 323 -48.44 -28.59 61.41
CA ASN K 323 -48.02 -29.86 61.98
C ASN K 323 -48.16 -29.84 63.50
N SER K 324 -48.72 -30.94 64.03
CA SER K 324 -49.08 -31.07 65.45
C SER K 324 -47.94 -30.69 66.40
N PRO K 325 -48.28 -29.91 67.45
CA PRO K 325 -47.35 -29.28 68.40
C PRO K 325 -46.17 -30.16 68.81
N ASP L 2 -86.10 -23.29 90.47
CA ASP L 2 -84.70 -23.11 90.85
C ASP L 2 -83.93 -22.39 89.75
N PRO L 3 -83.19 -21.33 90.12
CA PRO L 3 -82.29 -20.78 89.10
C PRO L 3 -81.08 -21.69 88.97
N GLY L 4 -80.88 -22.26 87.79
CA GLY L 4 -79.72 -23.11 87.61
C GLY L 4 -78.53 -22.20 87.46
N ASP L 5 -77.37 -22.72 87.83
CA ASP L 5 -76.13 -21.95 87.82
C ASP L 5 -75.88 -21.40 86.41
N GLN L 6 -75.25 -20.24 86.30
CA GLN L 6 -75.09 -19.62 85.00
C GLN L 6 -73.63 -19.23 84.77
N ILE L 7 -73.18 -19.39 83.52
CA ILE L 7 -71.82 -19.02 83.12
C ILE L 7 -71.86 -18.31 81.77
N CYS L 8 -71.11 -17.21 81.68
CA CYS L 8 -71.16 -16.39 80.49
C CYS L 8 -69.80 -16.14 79.85
N ILE L 9 -69.81 -15.92 78.54
CA ILE L 9 -68.60 -15.56 77.81
C ILE L 9 -68.71 -14.11 77.34
N GLY L 10 -67.73 -13.30 77.69
CA GLY L 10 -67.71 -11.90 77.31
C GLY L 10 -66.30 -11.36 77.19
N TYR L 11 -66.19 -10.09 76.82
CA TYR L 11 -64.89 -9.48 76.53
C TYR L 11 -64.71 -8.11 77.17
N HIS L 12 -63.47 -7.62 77.15
CA HIS L 12 -63.12 -6.38 77.81
C HIS L 12 -63.77 -5.14 77.17
N ALA L 13 -63.97 -4.12 77.99
CA ALA L 13 -64.37 -2.79 77.52
C ALA L 13 -63.88 -1.76 78.53
N ASN L 14 -63.90 -0.49 78.16
CA ASN L 14 -63.48 0.58 79.07
C ASN L 14 -64.00 1.95 78.64
N ASN L 15 -63.29 3.01 79.01
CA ASN L 15 -63.67 4.38 78.70
CA ASN L 15 -63.71 4.36 78.66
C ASN L 15 -62.81 4.99 77.60
N SER L 16 -62.19 4.15 76.77
CA SER L 16 -61.29 4.62 75.71
C SER L 16 -62.00 4.98 74.39
N THR L 17 -61.70 6.16 73.87
CA THR L 17 -62.23 6.59 72.58
C THR L 17 -61.16 6.77 71.48
N GLU L 18 -60.04 6.05 71.60
CA GLU L 18 -59.04 5.97 70.53
C GLU L 18 -59.70 5.48 69.25
N GLN L 19 -59.43 6.14 68.12
CA GLN L 19 -60.01 5.72 66.84
C GLN L 19 -58.98 5.30 65.79
N VAL L 20 -59.20 4.13 65.20
CA VAL L 20 -58.38 3.65 64.09
C VAL L 20 -59.23 3.51 62.84
N ASP L 21 -58.63 3.11 61.73
CA ASP L 21 -59.37 2.85 60.49
C ASP L 21 -59.10 1.45 59.97
N THR L 22 -59.93 1.02 59.04
CA THR L 22 -59.81 -0.30 58.41
C THR L 22 -60.25 -0.19 56.96
N ILE L 23 -59.99 -1.21 56.16
CA ILE L 23 -60.34 -1.21 54.74
C ILE L 23 -61.84 -0.94 54.46
N MET L 24 -62.70 -1.29 55.41
CA MET L 24 -64.16 -1.19 55.23
C MET L 24 -64.89 -0.15 56.09
N GLU L 25 -64.25 0.38 57.14
CA GLU L 25 -64.93 1.31 58.06
C GLU L 25 -64.05 2.45 58.53
N LYS L 26 -64.66 3.63 58.60
CA LYS L 26 -63.95 4.83 59.07
C LYS L 26 -64.21 5.07 60.55
N ASN L 27 -63.20 5.59 61.24
CA ASN L 27 -63.35 6.07 62.62
C ASN L 27 -63.85 5.03 63.63
N VAL L 28 -63.37 3.80 63.50
CA VAL L 28 -63.73 2.76 64.46
C VAL L 28 -63.07 2.96 65.82
N THR L 29 -63.89 3.10 66.86
CA THR L 29 -63.43 3.34 68.21
C THR L 29 -62.99 2.05 68.91
N VAL L 30 -61.82 2.08 69.52
CA VAL L 30 -61.23 0.86 70.07
C VAL L 30 -60.77 0.97 71.52
N THR L 31 -60.44 -0.19 72.10
CA THR L 31 -60.05 -0.31 73.50
C THR L 31 -58.66 0.22 73.81
N HIS L 32 -57.67 -0.28 73.07
CA HIS L 32 -56.29 0.20 73.20
C HIS L 32 -55.70 0.52 71.82
N ALA L 33 -54.94 1.61 71.73
CA ALA L 33 -54.33 1.99 70.46
C ALA L 33 -52.83 2.32 70.55
N GLN L 34 -52.21 2.39 69.37
CA GLN L 34 -50.78 2.71 69.19
C GLN L 34 -50.49 3.59 67.96
N ASP L 35 -50.09 4.84 68.21
CA ASP L 35 -49.63 5.74 67.15
C ASP L 35 -48.21 5.34 66.71
N ILE L 36 -47.98 5.30 65.39
CA ILE L 36 -46.65 4.96 64.87
C ILE L 36 -46.02 6.09 64.02
N LEU L 37 -46.69 7.24 63.95
CA LEU L 37 -46.16 8.39 63.19
C LEU L 37 -45.67 9.55 64.06
N GLU L 38 -44.38 9.90 63.95
CA GLU L 38 -43.79 11.04 64.68
C GLU L 38 -44.00 12.35 63.91
N LYS L 39 -44.53 13.37 64.57
CA LYS L 39 -44.86 14.62 63.89
C LYS L 39 -44.09 15.80 64.48
N LYS L 40 -43.34 15.55 65.55
CA LYS L 40 -42.73 16.61 66.36
C LYS L 40 -41.20 16.68 66.25
N HIS L 41 -40.65 17.90 66.05
CA HIS L 41 -39.19 18.12 66.04
C HIS L 41 -38.75 19.26 66.96
N ASN L 42 -37.45 19.50 67.09
CA ASN L 42 -36.98 20.45 68.10
C ASN L 42 -36.50 21.81 67.55
N GLY L 43 -36.87 22.12 66.30
CA GLY L 43 -36.57 23.41 65.68
C GLY L 43 -35.13 23.90 65.70
N LYS L 44 -34.18 23.02 66.05
CA LYS L 44 -32.78 23.41 66.15
C LYS L 44 -31.80 22.49 65.42
N LEU L 45 -30.62 23.03 65.11
CA LEU L 45 -29.55 22.24 64.55
C LEU L 45 -28.64 21.72 65.66
N CYS L 46 -28.55 20.41 65.79
CA CYS L 46 -27.82 19.83 66.91
C CYS L 46 -26.55 19.10 66.50
N ASP L 47 -25.73 18.71 67.47
CA ASP L 47 -24.63 17.81 67.14
C ASP L 47 -25.18 16.47 66.71
N LEU L 48 -24.37 15.70 66.02
CA LEU L 48 -24.79 14.37 65.60
C LEU L 48 -23.88 13.43 66.36
N ASP L 49 -24.46 12.81 67.39
CA ASP L 49 -23.71 12.18 68.46
C ASP L 49 -22.67 13.16 69.00
N GLY L 50 -21.40 12.75 69.00
CA GLY L 50 -20.31 13.58 69.48
C GLY L 50 -20.10 14.88 68.73
N VAL L 51 -20.38 14.86 67.43
CA VAL L 51 -19.76 15.80 66.49
C VAL L 51 -20.64 17.00 66.11
N LYS L 52 -20.05 18.18 66.19
CA LYS L 52 -20.71 19.43 65.84
C LYS L 52 -20.72 19.66 64.35
N PRO L 53 -21.90 20.02 63.79
CA PRO L 53 -21.93 20.34 62.36
C PRO L 53 -21.12 21.59 62.00
N LEU L 54 -20.52 21.58 60.82
CA LEU L 54 -19.89 22.78 60.29
C LEU L 54 -20.97 23.73 59.81
N ILE L 55 -21.19 24.82 60.53
CA ILE L 55 -22.16 25.75 60.03
C ILE L 55 -21.51 26.98 59.46
N LEU L 56 -21.49 27.01 58.14
CA LEU L 56 -21.08 28.18 57.40
C LEU L 56 -22.16 29.15 57.73
N ARG L 57 -21.81 30.37 58.02
CA ARG L 57 -22.88 31.24 58.39
C ARG L 57 -23.38 31.84 57.09
N ASP L 58 -22.65 32.84 56.63
CA ASP L 58 -23.03 33.57 55.44
C ASP L 58 -22.13 33.19 54.27
N CYS L 59 -21.40 32.09 54.41
CA CYS L 59 -20.56 31.62 53.32
C CYS L 59 -21.17 30.59 52.43
N SER L 60 -20.63 30.56 51.22
CA SER L 60 -20.83 29.44 50.30
C SER L 60 -19.62 28.53 50.42
N VAL L 61 -19.76 27.31 49.95
CA VAL L 61 -18.65 26.37 49.98
C VAL L 61 -17.46 26.93 49.19
N ALA L 62 -17.77 27.65 48.10
CA ALA L 62 -16.71 28.22 47.29
C ALA L 62 -15.85 29.20 48.07
N GLY L 63 -16.54 30.11 48.76
CA GLY L 63 -15.92 31.15 49.56
C GLY L 63 -15.10 30.63 50.72
N TRP L 64 -15.65 29.60 51.36
CA TRP L 64 -14.94 28.87 52.38
C TRP L 64 -13.62 28.42 51.77
N LEU L 65 -13.67 27.62 50.70
CA LEU L 65 -12.43 27.00 50.21
C LEU L 65 -11.42 27.99 49.66
N LEU L 66 -11.90 29.02 49.01
CA LEU L 66 -11.00 29.92 48.34
C LEU L 66 -10.40 30.91 49.30
N GLY L 67 -11.10 31.13 50.41
CA GLY L 67 -10.63 32.09 51.37
C GLY L 67 -11.22 33.46 51.08
N ASN L 68 -12.54 33.52 51.06
CA ASN L 68 -13.20 34.81 51.02
C ASN L 68 -12.89 35.61 52.27
N PRO L 69 -12.41 36.85 52.08
CA PRO L 69 -12.15 37.82 53.13
C PRO L 69 -13.35 38.06 54.06
N MET L 70 -14.57 38.06 53.53
CA MET L 70 -15.80 38.26 54.31
C MET L 70 -16.24 36.97 55.07
N CYS L 71 -15.44 35.91 54.99
CA CYS L 71 -15.81 34.62 55.56
C CYS L 71 -14.91 34.15 56.71
N ASP L 72 -14.17 35.07 57.30
CA ASP L 72 -12.92 34.67 57.96
C ASP L 72 -13.00 33.62 59.05
N GLU L 73 -14.18 33.43 59.62
CA GLU L 73 -14.36 32.46 60.69
C GLU L 73 -13.77 31.06 60.42
N PHE L 74 -13.55 30.72 59.16
CA PHE L 74 -13.27 29.34 58.83
C PHE L 74 -11.86 29.06 58.43
N ILE L 75 -10.90 29.28 59.31
CA ILE L 75 -9.55 29.10 58.81
C ILE L 75 -8.89 27.79 59.32
N ASN L 76 -9.20 27.33 60.53
CA ASN L 76 -8.67 26.02 61.02
C ASN L 76 -9.72 25.09 61.63
N VAL L 77 -10.64 24.62 60.79
CA VAL L 77 -11.82 23.94 61.28
C VAL L 77 -11.58 22.52 61.75
N PRO L 78 -12.34 22.10 62.77
CA PRO L 78 -12.40 20.73 63.34
C PRO L 78 -13.21 19.76 62.51
N GLU L 79 -13.06 18.44 62.74
CA GLU L 79 -13.90 17.44 62.09
C GLU L 79 -15.39 17.72 62.29
N TRP L 80 -16.16 17.51 61.23
CA TRP L 80 -17.59 17.80 61.25
C TRP L 80 -18.43 16.56 61.03
N SER L 81 -19.72 16.74 61.25
CA SER L 81 -20.64 15.65 61.07
C SER L 81 -21.37 15.84 59.77
N TYR L 82 -21.63 17.11 59.45
CA TYR L 82 -22.29 17.48 58.21
C TYR L 82 -22.20 18.98 58.00
N ILE L 83 -22.17 19.43 56.75
CA ILE L 83 -22.03 20.86 56.50
C ILE L 83 -23.40 21.50 56.33
N VAL L 84 -23.57 22.70 56.86
CA VAL L 84 -24.80 23.43 56.66
C VAL L 84 -24.52 24.71 55.89
N GLU L 85 -25.26 24.87 54.79
CA GLU L 85 -25.10 26.02 53.92
C GLU L 85 -26.46 26.63 53.73
N LYS L 86 -26.53 27.96 53.78
CA LYS L 86 -27.81 28.60 53.57
C LYS L 86 -28.11 28.45 52.11
N ALA L 87 -29.35 28.72 51.73
CA ALA L 87 -29.80 28.43 50.39
C ALA L 87 -29.21 29.44 49.42
N ASN L 88 -28.96 30.65 49.90
CA ASN L 88 -28.35 31.65 49.04
C ASN L 88 -27.35 32.52 49.80
N PRO L 89 -26.15 31.98 50.02
CA PRO L 89 -25.13 32.64 50.83
C PRO L 89 -24.80 34.02 50.31
N VAL L 90 -24.53 34.94 51.23
CA VAL L 90 -24.23 36.29 50.84
C VAL L 90 -22.77 36.43 50.37
N ASN L 91 -21.87 35.79 51.09
CA ASN L 91 -20.46 35.87 50.75
C ASN L 91 -19.95 34.63 49.97
N ASP L 92 -20.10 34.70 48.66
CA ASP L 92 -19.69 33.67 47.72
C ASP L 92 -18.35 34.03 47.15
N LEU L 93 -18.31 34.33 45.86
CA LEU L 93 -17.11 34.80 45.17
C LEU L 93 -17.07 36.32 45.21
N CYS L 94 -16.26 36.84 46.12
CA CYS L 94 -16.19 38.28 46.34
C CYS L 94 -15.78 39.05 45.07
N TYR L 95 -14.84 38.52 44.30
CA TYR L 95 -14.56 39.04 42.98
C TYR L 95 -15.43 38.21 42.09
N PRO L 96 -16.21 38.83 41.19
CA PRO L 96 -17.19 38.06 40.43
C PRO L 96 -16.62 37.03 39.42
N GLY L 97 -17.17 35.83 39.41
CA GLY L 97 -16.76 34.86 38.40
C GLY L 97 -17.36 33.49 38.62
N ASP L 98 -16.60 32.44 38.32
CA ASP L 98 -17.17 31.10 38.28
C ASP L 98 -16.26 29.99 38.78
N PHE L 99 -16.89 28.99 39.36
CA PHE L 99 -16.19 27.83 39.92
C PHE L 99 -16.52 26.59 39.10
N ASN L 100 -15.50 26.11 38.41
CA ASN L 100 -15.60 25.03 37.44
C ASN L 100 -16.01 23.65 37.99
N ASP L 101 -16.89 22.92 37.30
CA ASP L 101 -17.34 21.62 37.82
C ASP L 101 -17.76 21.67 39.29
N TYR L 102 -18.41 22.77 39.66
CA TYR L 102 -18.68 23.07 41.08
C TYR L 102 -19.55 22.03 41.79
N GLU L 103 -20.58 21.55 41.14
CA GLU L 103 -21.52 20.67 41.79
C GLU L 103 -20.86 19.37 42.11
N GLU L 104 -20.01 18.89 41.21
CA GLU L 104 -19.24 17.65 41.40
C GLU L 104 -18.25 17.73 42.56
N LEU L 105 -17.75 18.92 42.82
CA LEU L 105 -16.88 19.14 43.96
C LEU L 105 -17.68 19.12 45.25
N LYS L 106 -18.84 19.74 45.26
CA LYS L 106 -19.78 19.65 46.40
C LYS L 106 -20.11 18.20 46.67
N HIS L 107 -20.13 17.40 45.63
CA HIS L 107 -20.45 16.00 45.85
C HIS L 107 -19.31 15.36 46.61
N LEU L 108 -18.09 15.76 46.28
CA LEU L 108 -16.92 15.25 46.96
C LEU L 108 -16.95 15.58 48.44
N LEU L 109 -17.44 16.77 48.77
CA LEU L 109 -17.42 17.21 50.14
C LEU L 109 -18.42 16.43 50.97
N SER L 110 -19.44 15.91 50.31
CA SER L 110 -20.49 15.19 51.00
C SER L 110 -20.03 13.83 51.40
N ARG L 111 -18.79 13.51 51.06
CA ARG L 111 -18.20 12.23 51.40
C ARG L 111 -16.99 12.45 52.31
N ILE L 112 -16.82 13.68 52.78
CA ILE L 112 -15.65 14.08 53.56
C ILE L 112 -16.06 14.62 54.93
N ASN L 113 -15.30 14.26 55.97
CA ASN L 113 -15.56 14.75 57.31
C ASN L 113 -14.46 15.66 57.82
N HIS L 114 -13.27 15.62 57.21
CA HIS L 114 -12.20 16.49 57.70
C HIS L 114 -11.09 16.82 56.70
N PHE L 115 -10.70 18.10 56.64
CA PHE L 115 -9.56 18.59 55.87
C PHE L 115 -8.43 18.99 56.76
N GLU L 116 -7.30 19.25 56.14
CA GLU L 116 -6.24 19.96 56.84
C GLU L 116 -5.47 20.91 55.91
N LYS L 117 -5.84 22.19 55.92
CA LYS L 117 -5.24 23.20 55.02
C LYS L 117 -3.73 23.12 55.17
N ILE L 118 -2.98 23.02 54.08
CA ILE L 118 -1.54 23.11 54.22
C ILE L 118 -0.94 24.04 53.19
N GLN L 119 0.15 24.69 53.55
CA GLN L 119 0.80 25.56 52.59
C GLN L 119 1.59 24.76 51.58
N ILE L 120 1.40 25.02 50.28
CA ILE L 120 2.15 24.27 49.29
C ILE L 120 3.00 25.16 48.37
N ILE L 121 2.69 26.43 48.24
CA ILE L 121 3.60 27.31 47.52
C ILE L 121 3.52 28.67 48.20
N PRO L 122 4.51 28.97 49.07
CA PRO L 122 4.56 30.16 49.92
C PRO L 122 4.52 31.45 49.14
N LYS L 123 3.63 32.35 49.53
CA LYS L 123 3.41 33.59 48.80
C LYS L 123 4.75 34.34 48.61
N SER L 124 5.59 34.21 49.62
CA SER L 124 6.91 34.82 49.64
C SER L 124 7.88 34.32 48.58
N SER L 125 7.57 33.16 47.99
CA SER L 125 8.48 32.48 47.07
C SER L 125 8.57 33.03 45.64
N TRP L 126 7.56 33.80 45.22
CA TRP L 126 7.51 34.36 43.85
C TRP L 126 8.51 35.53 43.71
N SER L 127 9.77 35.22 43.43
CA SER L 127 10.82 36.24 43.49
C SER L 127 10.78 37.25 42.38
N SER L 128 10.24 36.83 41.23
CA SER L 128 10.27 37.61 39.97
C SER L 128 8.94 38.21 39.49
N HIS L 129 7.92 38.17 40.33
CA HIS L 129 6.65 38.80 40.04
C HIS L 129 6.16 39.64 41.22
N GLU L 130 5.10 40.41 41.00
CA GLU L 130 4.58 41.20 42.08
C GLU L 130 3.39 40.45 42.67
N ALA L 131 3.63 39.66 43.71
CA ALA L 131 2.54 38.88 44.33
C ALA L 131 1.52 39.78 45.08
N SER L 132 2.00 40.93 45.50
CA SER L 132 1.33 41.69 46.52
C SER L 132 0.48 42.84 45.98
N LEU L 133 0.18 42.79 44.67
CA LEU L 133 -0.67 43.78 44.00
C LEU L 133 -2.01 43.21 43.64
N GLY L 134 -2.16 41.90 43.80
CA GLY L 134 -3.35 41.20 43.36
C GLY L 134 -4.53 41.46 44.28
N VAL L 135 -5.04 42.67 44.18
CA VAL L 135 -5.94 43.16 45.16
C VAL L 135 -7.11 43.90 44.52
N SER L 136 -8.32 43.63 45.01
CA SER L 136 -9.48 44.31 44.47
C SER L 136 -10.31 44.84 45.57
N SER L 137 -11.01 45.94 45.29
CA SER L 137 -11.92 46.58 46.23
C SER L 137 -13.17 45.75 46.50
N ALA L 138 -13.42 44.75 45.65
CA ALA L 138 -14.55 43.86 45.89
C ALA L 138 -14.28 42.95 47.06
N CYS L 139 -12.99 42.80 47.35
CA CYS L 139 -12.48 41.80 48.26
C CYS L 139 -11.70 42.34 49.46
N PRO L 140 -12.28 43.24 50.27
CA PRO L 140 -11.54 44.03 51.24
C PRO L 140 -11.24 43.21 52.46
N TYR L 141 -10.00 43.16 52.90
CA TYR L 141 -9.74 42.41 54.12
C TYR L 141 -10.06 43.25 55.34
N GLN L 142 -9.09 44.04 55.74
CA GLN L 142 -9.36 44.99 56.79
C GLN L 142 -8.84 46.35 56.47
N GLY L 143 -9.73 47.18 55.96
CA GLY L 143 -9.39 48.53 55.64
C GLY L 143 -8.62 48.65 54.35
N LYS L 144 -7.56 47.86 54.21
CA LYS L 144 -6.91 47.65 52.91
C LYS L 144 -7.77 46.77 51.98
N SER L 145 -7.76 47.07 50.68
CA SER L 145 -8.52 46.24 49.75
C SER L 145 -7.68 45.01 49.48
N SER L 146 -8.32 43.88 49.17
CA SER L 146 -7.56 42.63 49.13
C SER L 146 -8.02 41.63 48.04
N PHE L 147 -7.90 40.35 48.36
CA PHE L 147 -8.31 39.28 47.46
C PHE L 147 -8.62 38.04 48.28
N PHE L 148 -9.12 36.99 47.64
CA PHE L 148 -9.20 35.68 48.28
C PHE L 148 -7.88 35.37 49.00
N ARG L 149 -7.96 34.65 50.11
CA ARG L 149 -6.75 34.41 50.90
C ARG L 149 -5.90 33.18 50.52
N ASN L 150 -6.53 32.10 50.04
CA ASN L 150 -5.77 30.86 49.84
C ASN L 150 -5.12 30.82 48.48
N VAL L 151 -5.39 31.83 47.63
CA VAL L 151 -4.81 31.87 46.30
C VAL L 151 -4.09 33.20 46.02
N VAL L 152 -3.26 33.29 44.99
CA VAL L 152 -2.54 34.54 44.77
C VAL L 152 -2.57 35.05 43.35
N TRP L 153 -3.03 36.29 43.22
CA TRP L 153 -3.19 36.97 41.95
C TRP L 153 -1.89 37.69 41.52
N LEU L 154 -1.01 36.96 40.85
CA LEU L 154 0.29 37.53 40.44
C LEU L 154 0.23 38.63 39.42
N ILE L 155 1.20 39.57 39.48
CA ILE L 155 1.24 40.72 38.56
C ILE L 155 2.66 41.06 38.08
N LYS L 156 2.74 41.72 36.93
CA LYS L 156 4.00 42.04 36.29
C LYS L 156 4.86 42.90 37.15
N LYS L 157 6.16 42.68 37.03
CA LYS L 157 7.17 43.36 37.83
C LYS L 157 8.14 44.15 36.95
N ASP L 158 8.57 45.31 37.44
CA ASP L 158 9.24 46.29 36.58
C ASP L 158 8.39 46.52 35.34
N SER L 159 8.90 46.16 34.17
CA SER L 159 8.00 46.24 33.04
C SER L 159 7.64 44.85 32.57
N THR L 160 8.29 43.81 33.09
CA THR L 160 8.10 42.49 32.48
C THR L 160 7.47 41.42 33.39
N TYR L 161 6.97 40.36 32.76
CA TYR L 161 6.38 39.21 33.42
C TYR L 161 7.02 38.00 32.80
N PRO L 162 8.10 37.51 33.42
CA PRO L 162 8.87 36.37 32.91
C PRO L 162 8.08 35.06 33.06
N THR L 163 8.36 34.07 32.21
CA THR L 163 7.53 32.87 32.20
C THR L 163 7.58 32.07 33.48
N ILE L 164 6.44 31.88 34.11
CA ILE L 164 6.31 31.07 35.31
C ILE L 164 6.41 29.56 35.10
N LYS L 165 7.32 28.91 35.83
CA LYS L 165 7.42 27.45 35.85
C LYS L 165 7.56 26.96 37.27
N ARG L 166 6.47 26.43 37.83
CA ARG L 166 6.44 26.05 39.24
C ARG L 166 5.72 24.76 39.35
N SER L 167 6.22 23.89 40.20
CA SER L 167 5.63 22.58 40.31
C SER L 167 5.75 22.07 41.72
N TYR L 168 4.77 21.27 42.12
CA TYR L 168 4.69 20.79 43.49
C TYR L 168 4.33 19.34 43.65
N ASN L 169 5.13 18.65 44.44
CA ASN L 169 5.03 17.21 44.54
C ASN L 169 4.33 16.86 45.83
N ASN L 170 3.16 16.21 45.75
CA ASN L 170 2.43 15.75 46.93
C ASN L 170 3.18 14.63 47.58
N THR L 171 4.02 14.96 48.54
CA THR L 171 4.78 13.96 49.27
C THR L 171 4.04 13.53 50.52
N ASN L 172 2.78 13.87 50.64
CA ASN L 172 2.02 13.50 51.84
C ASN L 172 1.36 12.18 51.57
N GLN L 173 0.77 11.58 52.59
CA GLN L 173 0.19 10.25 52.47
C GLN L 173 -1.20 10.24 51.87
N GLU L 174 -1.84 11.39 51.94
CA GLU L 174 -3.25 11.56 51.66
C GLU L 174 -3.59 12.37 50.39
N ASP L 175 -4.86 12.37 49.98
CA ASP L 175 -5.25 13.17 48.80
C ASP L 175 -5.25 14.70 49.04
N LEU L 176 -4.80 15.39 48.00
CA LEU L 176 -4.65 16.83 48.06
C LEU L 176 -5.63 17.50 47.09
N LEU L 177 -6.63 18.18 47.64
CA LEU L 177 -7.51 19.01 46.85
C LEU L 177 -6.73 20.24 46.56
N VAL L 178 -6.50 20.55 45.29
CA VAL L 178 -5.75 21.74 44.91
C VAL L 178 -6.69 22.68 44.14
N LEU L 179 -6.57 24.00 44.36
CA LEU L 179 -7.36 24.99 43.61
C LEU L 179 -6.41 26.02 42.98
N TRP L 180 -6.78 26.53 41.80
CA TRP L 180 -6.04 27.61 41.10
C TRP L 180 -7.05 28.32 40.22
N GLY L 181 -6.63 29.30 39.40
CA GLY L 181 -7.62 30.02 38.60
C GLY L 181 -7.12 31.01 37.58
N ILE L 182 -8.00 31.49 36.71
CA ILE L 182 -7.56 32.39 35.67
C ILE L 182 -8.37 33.66 35.63
N HIS L 183 -7.72 34.74 35.22
CA HIS L 183 -8.35 36.05 35.18
C HIS L 183 -8.67 36.54 33.77
N HIS L 184 -9.94 36.86 33.54
CA HIS L 184 -10.43 37.34 32.25
C HIS L 184 -10.61 38.87 32.23
N PRO L 185 -9.69 39.62 31.60
CA PRO L 185 -9.77 41.10 31.59
C PRO L 185 -10.90 41.68 30.72
N ASN L 186 -10.99 43.01 30.73
CA ASN L 186 -12.01 43.69 29.92
C ASN L 186 -11.53 44.21 28.59
N ASP L 187 -10.24 44.48 28.44
CA ASP L 187 -9.76 44.92 27.14
C ASP L 187 -8.28 44.75 26.97
N ALA L 188 -7.81 45.06 25.77
CA ALA L 188 -6.42 44.88 25.41
C ALA L 188 -5.49 45.67 26.29
N ALA L 189 -5.89 46.90 26.61
CA ALA L 189 -5.12 47.76 27.52
C ALA L 189 -5.02 47.23 28.98
N GLU L 190 -6.12 46.74 29.54
CA GLU L 190 -6.11 46.22 30.90
C GLU L 190 -5.13 45.06 30.96
N GLN L 191 -5.25 44.17 29.97
CA GLN L 191 -4.45 42.96 29.89
C GLN L 191 -3.01 43.34 29.86
N THR L 192 -2.66 44.25 28.98
CA THR L 192 -1.26 44.59 28.88
C THR L 192 -0.79 45.37 30.17
N LYS L 193 -1.72 46.10 30.83
CA LYS L 193 -1.41 46.79 32.10
C LYS L 193 -1.05 45.86 33.24
N LEU L 194 -1.85 44.83 33.43
CA LEU L 194 -1.63 43.89 34.50
C LEU L 194 -0.44 42.95 34.20
N TYR L 195 -0.32 42.57 32.93
CA TYR L 195 0.57 41.48 32.60
C TYR L 195 1.66 41.68 31.54
N GLN L 196 1.70 42.83 30.89
CA GLN L 196 2.71 43.15 29.88
C GLN L 196 2.62 42.33 28.55
N ASN L 197 2.74 41.00 28.64
CA ASN L 197 2.54 40.12 27.49
C ASN L 197 1.07 40.09 27.09
N PRO L 198 0.77 40.25 25.79
CA PRO L 198 -0.62 40.32 25.28
C PRO L 198 -1.27 38.98 24.94
N THR L 199 -0.54 37.98 24.45
CA THR L 199 -1.20 36.70 24.26
C THR L 199 -0.64 35.64 25.21
N THR L 200 -1.53 35.09 26.06
CA THR L 200 -1.13 34.29 27.23
C THR L 200 -1.91 32.96 27.44
N TYR L 201 -1.42 32.16 28.40
CA TYR L 201 -1.94 30.83 28.68
C TYR L 201 -1.61 30.36 30.08
N ILE L 202 -2.34 29.35 30.56
CA ILE L 202 -1.97 28.68 31.79
C ILE L 202 -2.03 27.20 31.57
N SER L 203 -0.85 26.56 31.59
CA SER L 203 -0.77 25.13 31.43
C SER L 203 -0.67 24.47 32.81
N VAL L 204 -1.42 23.39 32.96
CA VAL L 204 -1.49 22.66 34.20
C VAL L 204 -1.42 21.15 33.91
N GLY L 205 -0.40 20.50 34.44
CA GLY L 205 -0.19 19.09 34.21
C GLY L 205 -0.05 18.26 35.48
N THR L 206 -0.64 17.08 35.44
CA THR L 206 -0.66 16.10 36.53
C THR L 206 -0.09 14.84 35.93
N SER L 207 -0.18 13.72 36.62
CA SER L 207 0.01 12.46 35.94
C SER L 207 -1.24 12.23 35.08
N THR L 208 -2.35 12.88 35.45
CA THR L 208 -3.60 12.69 34.70
C THR L 208 -4.20 13.96 34.09
N LEU L 209 -3.74 15.13 34.51
CA LEU L 209 -4.32 16.36 33.96
C LEU L 209 -3.56 16.67 32.67
N ASN L 210 -4.24 17.29 31.70
CA ASN L 210 -3.55 17.86 30.56
C ASN L 210 -4.36 19.05 30.11
N GLN L 211 -4.10 20.17 30.76
CA GLN L 211 -4.92 21.37 30.63
C GLN L 211 -4.12 22.61 30.20
N ARG L 212 -4.64 23.31 29.20
CA ARG L 212 -4.09 24.60 28.81
C ARG L 212 -5.18 25.61 28.65
N LEU L 213 -5.23 26.57 29.58
CA LEU L 213 -6.20 27.66 29.61
C LEU L 213 -5.67 28.94 28.98
N VAL L 214 -6.61 29.64 28.34
CA VAL L 214 -6.40 30.99 27.82
C VAL L 214 -7.57 31.91 28.27
N PRO L 215 -7.24 33.13 28.73
CA PRO L 215 -8.17 34.17 29.15
C PRO L 215 -9.07 34.56 28.03
N ARG L 216 -10.29 34.96 28.36
CA ARG L 216 -11.34 35.12 27.37
C ARG L 216 -11.96 36.53 27.44
N ILE L 217 -11.34 37.47 26.72
CA ILE L 217 -11.77 38.88 26.74
C ILE L 217 -13.12 39.21 26.03
N ALA L 218 -13.95 40.00 26.72
CA ALA L 218 -15.28 40.31 26.27
C ALA L 218 -15.79 41.57 26.98
N THR L 219 -16.82 42.18 26.41
CA THR L 219 -17.49 43.28 27.08
C THR L 219 -18.63 42.73 27.94
N ARG L 220 -18.50 42.83 29.27
CA ARG L 220 -19.48 42.20 30.16
C ARG L 220 -20.10 43.25 31.04
N SER L 221 -21.28 42.94 31.54
CA SER L 221 -22.01 43.78 32.49
C SER L 221 -21.25 43.99 33.83
N LYS L 222 -21.43 45.13 34.49
CA LYS L 222 -20.82 45.22 35.82
C LYS L 222 -21.59 44.41 36.79
N VAL L 223 -20.84 43.62 37.56
CA VAL L 223 -21.40 42.90 38.67
C VAL L 223 -20.55 43.13 39.90
N LYS L 224 -21.17 43.58 40.99
CA LYS L 224 -20.47 44.04 42.21
C LYS L 224 -19.39 45.05 41.87
N GLY L 225 -19.69 45.90 40.89
CA GLY L 225 -18.84 47.01 40.46
C GLY L 225 -17.74 46.69 39.47
N LEU L 226 -17.55 45.39 39.18
CA LEU L 226 -16.50 44.96 38.26
C LEU L 226 -17.10 44.36 36.99
N SER L 227 -16.38 44.49 35.88
CA SER L 227 -16.82 43.91 34.62
C SER L 227 -16.01 42.66 34.24
N GLY L 228 -14.82 42.56 34.82
CA GLY L 228 -13.93 41.43 34.62
C GLY L 228 -14.40 40.17 35.34
N ARG L 229 -13.75 39.04 35.07
CA ARG L 229 -14.14 37.79 35.74
C ARG L 229 -13.02 36.89 36.23
N MET L 230 -13.37 36.06 37.20
CA MET L 230 -12.43 35.13 37.75
C MET L 230 -13.01 33.73 37.50
N GLU L 231 -12.22 32.78 37.02
CA GLU L 231 -12.73 31.41 36.86
C GLU L 231 -11.73 30.46 37.49
N PHE L 232 -12.24 29.71 38.46
CA PHE L 232 -11.39 28.92 39.34
C PHE L 232 -11.55 27.48 38.94
N PHE L 233 -10.47 26.71 39.12
CA PHE L 233 -10.37 25.33 38.67
C PHE L 233 -9.80 24.52 39.79
N TRP L 234 -10.04 23.22 39.77
CA TRP L 234 -9.57 22.36 40.83
C TRP L 234 -9.26 20.96 40.48
N THR L 235 -8.33 20.34 41.20
CA THR L 235 -8.05 18.90 41.02
C THR L 235 -7.63 18.14 42.25
N ILE L 236 -7.79 16.81 42.25
CA ILE L 236 -7.23 16.04 43.36
C ILE L 236 -5.85 15.51 42.97
N LEU L 237 -4.84 15.76 43.79
CA LEU L 237 -3.50 15.39 43.40
C LEU L 237 -3.23 14.17 44.21
N LYS L 238 -3.10 13.05 43.50
CA LYS L 238 -2.83 11.75 44.09
C LYS L 238 -1.48 11.76 44.82
N PRO L 239 -1.38 10.97 45.89
CA PRO L 239 -0.11 10.86 46.62
C PRO L 239 1.02 10.44 45.68
N ASN L 240 2.13 11.15 45.81
CA ASN L 240 3.36 10.93 45.05
C ASN L 240 3.30 11.45 43.62
N ASP L 241 2.23 12.17 43.29
CA ASP L 241 2.11 12.81 41.97
C ASP L 241 2.41 14.28 42.08
N ALA L 242 2.87 14.91 41.01
CA ALA L 242 3.12 16.35 41.10
C ALA L 242 2.21 17.20 40.20
N ILE L 243 1.77 18.35 40.67
CA ILE L 243 1.11 19.24 39.74
C ILE L 243 2.11 20.35 39.35
N ASN L 244 2.20 20.69 38.05
CA ASN L 244 3.18 21.66 37.56
C ASN L 244 2.53 22.77 36.79
N PHE L 245 2.65 24.01 37.25
CA PHE L 245 2.08 25.11 36.51
C PHE L 245 3.11 25.86 35.66
N GLU L 246 2.68 26.20 34.46
CA GLU L 246 3.44 27.11 33.60
C GLU L 246 2.54 28.18 33.04
N SER L 247 2.94 29.44 33.24
CA SER L 247 2.20 30.56 32.69
C SER L 247 2.93 31.82 32.37
N ASN L 248 2.16 32.81 31.96
CA ASN L 248 2.59 33.87 31.10
C ASN L 248 1.77 35.13 31.27
N GLY L 249 0.75 35.03 32.11
CA GLY L 249 -0.14 36.12 32.44
C GLY L 249 -1.46 35.53 32.88
N ASN L 250 -2.32 36.33 33.53
CA ASN L 250 -3.67 35.92 33.93
C ASN L 250 -3.79 34.70 34.86
N PHE L 251 -2.66 34.39 35.54
CA PHE L 251 -2.51 33.20 36.41
C PHE L 251 -2.87 33.53 37.81
N ILE L 252 -3.82 32.78 38.39
CA ILE L 252 -4.12 32.91 39.82
C ILE L 252 -3.62 31.64 40.46
N ALA L 253 -2.46 31.79 41.12
CA ALA L 253 -1.66 30.66 41.64
C ALA L 253 -2.14 30.21 43.00
N PRO L 254 -1.84 28.96 43.36
CA PRO L 254 -2.15 28.66 44.75
C PRO L 254 -1.06 29.08 45.77
N GLU L 255 -1.51 29.12 47.01
CA GLU L 255 -0.65 29.11 48.19
C GLU L 255 -1.03 27.93 49.07
N TYR L 256 -2.32 27.83 49.42
CA TYR L 256 -2.81 26.75 50.28
C TYR L 256 -3.65 25.71 49.55
N ALA L 257 -3.50 24.45 49.96
CA ALA L 257 -4.22 23.29 49.41
C ALA L 257 -4.86 22.49 50.54
N TYR L 258 -5.69 21.50 50.29
CA TYR L 258 -6.31 20.81 51.43
C TYR L 258 -6.07 19.32 51.44
N LYS L 259 -5.57 18.75 52.54
CA LYS L 259 -5.41 17.28 52.64
C LYS L 259 -6.67 16.61 53.13
N ILE L 260 -7.16 15.66 52.35
CA ILE L 260 -8.34 14.94 52.73
C ILE L 260 -7.97 13.89 53.77
N VAL L 261 -8.55 14.07 54.95
CA VAL L 261 -8.08 13.40 56.16
C VAL L 261 -9.07 12.37 56.73
N LYS L 262 -10.36 12.58 56.54
CA LYS L 262 -11.33 11.54 56.87
C LYS L 262 -12.55 11.56 55.98
N LYS L 263 -12.92 10.39 55.47
CA LYS L 263 -14.14 10.25 54.72
C LYS L 263 -15.25 9.64 55.59
N GLY L 264 -16.47 9.60 55.07
CA GLY L 264 -17.59 8.96 55.75
C GLY L 264 -18.90 9.46 55.18
N ASP L 265 -20.03 9.02 55.73
CA ASP L 265 -21.33 9.65 55.40
C ASP L 265 -21.34 11.05 55.95
N SER L 266 -21.93 11.93 55.16
CA SER L 266 -22.09 13.32 55.53
C SER L 266 -22.94 13.91 54.44
N THR L 267 -23.36 15.15 54.65
CA THR L 267 -24.09 15.84 53.63
C THR L 267 -23.86 17.34 53.75
N ILE L 268 -24.08 18.06 52.67
CA ILE L 268 -24.18 19.50 52.77
C ILE L 268 -25.67 19.76 52.92
N MET L 269 -26.07 20.29 54.07
CA MET L 269 -27.49 20.46 54.35
C MET L 269 -27.96 21.89 54.15
N LYS L 270 -28.96 22.03 53.31
CA LYS L 270 -29.55 23.34 53.05
C LYS L 270 -30.55 23.67 54.13
N SER L 271 -30.26 24.72 54.89
CA SER L 271 -31.12 25.13 55.99
C SER L 271 -30.82 26.56 56.42
N GLU L 272 -31.82 27.30 56.86
CA GLU L 272 -31.55 28.68 57.26
C GLU L 272 -31.12 28.84 58.72
N LEU L 273 -31.60 27.94 59.57
CA LEU L 273 -31.32 27.99 61.00
C LEU L 273 -29.83 27.97 61.29
N GLU L 274 -29.47 28.19 62.56
CA GLU L 274 -28.09 28.03 63.00
C GLU L 274 -27.98 27.15 64.26
N TYR L 275 -26.82 27.21 64.92
CA TYR L 275 -26.47 26.24 65.93
C TYR L 275 -27.32 26.33 67.21
N GLY L 276 -27.96 25.22 67.58
CA GLY L 276 -28.88 25.17 68.71
C GLY L 276 -28.31 24.69 70.03
N ASN L 277 -27.03 24.33 70.02
CA ASN L 277 -26.33 23.82 71.20
C ASN L 277 -26.95 22.62 71.91
N CYS L 278 -27.47 21.68 71.14
CA CYS L 278 -28.07 20.47 71.69
C CYS L 278 -27.37 19.25 71.10
N ASN L 279 -28.05 18.11 71.11
CA ASN L 279 -27.48 16.90 70.57
C ASN L 279 -28.59 15.91 70.19
N THR L 280 -28.49 15.29 69.02
CA THR L 280 -29.37 14.15 68.70
C THR L 280 -28.66 13.10 67.90
N LYS L 281 -29.42 12.08 67.56
CA LYS L 281 -28.95 10.99 66.74
C LYS L 281 -29.68 11.11 65.41
N CYS L 282 -30.51 12.15 65.31
CA CYS L 282 -31.22 12.41 64.09
C CYS L 282 -31.43 13.89 63.86
N GLN L 283 -30.99 14.39 62.71
CA GLN L 283 -31.13 15.82 62.36
C GLN L 283 -31.86 16.02 61.01
N THR L 284 -32.63 17.11 60.94
CA THR L 284 -33.50 17.44 59.80
C THR L 284 -33.19 18.89 59.49
N PRO L 285 -33.38 19.32 58.24
CA PRO L 285 -33.20 20.75 57.91
C PRO L 285 -34.15 21.69 58.68
N MET L 286 -35.10 21.11 59.41
CA MET L 286 -36.08 21.88 60.18
C MET L 286 -35.84 21.85 61.68
N GLY L 287 -35.13 20.84 62.17
CA GLY L 287 -34.77 20.72 63.57
C GLY L 287 -34.48 19.25 63.86
N ALA L 288 -33.95 18.92 65.04
CA ALA L 288 -33.65 17.53 65.35
C ALA L 288 -34.87 16.75 65.81
N ILE L 289 -34.79 15.44 65.63
CA ILE L 289 -35.84 14.52 66.04
C ILE L 289 -35.29 13.65 67.18
N ASN L 290 -36.09 13.45 68.22
CA ASN L 290 -35.78 12.49 69.27
C ASN L 290 -37.07 11.68 69.50
N SER L 291 -37.09 10.43 69.01
CA SER L 291 -38.34 9.67 68.98
C SER L 291 -38.16 8.13 68.94
N SER L 292 -39.19 7.42 69.42
CA SER L 292 -39.19 5.95 69.39
C SER L 292 -40.00 5.42 68.21
N MET L 293 -40.89 6.27 67.67
CA MET L 293 -41.68 5.95 66.48
C MET L 293 -40.89 5.37 65.31
N PRO L 294 -41.53 4.46 64.57
CA PRO L 294 -40.94 3.86 63.35
C PRO L 294 -41.06 4.79 62.13
N PHE L 295 -41.91 5.81 62.24
CA PHE L 295 -42.20 6.68 61.11
C PHE L 295 -42.18 8.15 61.50
N HIS L 296 -41.71 9.01 60.60
CA HIS L 296 -41.85 10.44 60.81
C HIS L 296 -42.30 11.09 59.52
N ASN L 297 -42.73 12.34 59.60
CA ASN L 297 -43.22 13.05 58.42
C ASN L 297 -42.72 14.49 58.35
N ILE L 298 -41.57 14.73 58.94
CA ILE L 298 -41.02 16.08 59.07
C ILE L 298 -40.52 16.64 57.74
N HIS L 299 -39.54 15.94 57.18
CA HIS L 299 -38.79 16.40 56.04
C HIS L 299 -38.00 15.19 55.52
N PRO L 300 -38.05 14.94 54.22
CA PRO L 300 -37.50 13.69 53.66
C PRO L 300 -35.98 13.60 53.70
N LEU L 301 -35.29 14.73 53.75
CA LEU L 301 -33.83 14.71 53.70
C LEU L 301 -33.15 14.72 55.06
N THR L 302 -32.98 13.54 55.66
CA THR L 302 -32.40 13.51 57.01
C THR L 302 -31.09 12.75 57.09
N ILE L 303 -30.36 13.03 58.17
CA ILE L 303 -29.09 12.37 58.47
C ILE L 303 -29.02 11.82 59.87
N GLY L 304 -28.42 10.65 60.00
CA GLY L 304 -28.28 9.96 61.27
C GLY L 304 -29.25 8.80 61.36
N GLU L 305 -29.31 8.17 62.53
CA GLU L 305 -30.21 7.03 62.75
C GLU L 305 -31.66 7.53 62.98
N CYS L 306 -32.47 7.49 61.91
CA CYS L 306 -33.80 8.12 61.89
C CYS L 306 -34.97 7.16 61.63
N PRO L 307 -36.16 7.49 62.14
CA PRO L 307 -37.35 6.77 61.69
C PRO L 307 -37.54 6.98 60.19
N LYS L 308 -38.23 6.09 59.48
CA LYS L 308 -38.37 6.25 58.02
C LYS L 308 -39.48 7.20 57.60
N TYR L 309 -39.15 8.16 56.74
CA TYR L 309 -40.07 9.22 56.35
C TYR L 309 -41.25 8.69 55.52
N VAL L 310 -42.44 9.20 55.82
CA VAL L 310 -43.63 8.99 54.99
C VAL L 310 -44.42 10.29 54.92
N LYS L 311 -45.33 10.39 53.94
CA LYS L 311 -46.03 11.65 53.68
C LYS L 311 -47.36 11.80 54.37
N SER L 312 -47.73 10.80 55.17
CA SER L 312 -49.04 10.76 55.84
C SER L 312 -49.20 11.70 57.05
N ASN L 313 -50.44 12.13 57.31
CA ASN L 313 -50.73 12.92 58.50
C ASN L 313 -51.06 12.06 59.71
N ARG L 314 -51.47 10.82 59.48
CA ARG L 314 -51.92 9.99 60.58
C ARG L 314 -51.62 8.51 60.37
N LEU L 315 -51.01 7.88 61.36
CA LEU L 315 -50.84 6.44 61.35
C LEU L 315 -51.12 5.83 62.70
N VAL L 316 -52.31 5.23 62.83
CA VAL L 316 -52.72 4.65 64.11
C VAL L 316 -53.08 3.16 63.97
N LEU L 317 -52.48 2.36 64.84
CA LEU L 317 -52.72 0.93 64.93
C LEU L 317 -53.79 0.53 65.93
N ALA L 318 -54.43 -0.61 65.70
CA ALA L 318 -55.32 -1.20 66.71
C ALA L 318 -54.62 -2.34 67.45
N THR L 319 -54.50 -2.19 68.77
CA THR L 319 -53.88 -3.22 69.62
C THR L 319 -54.95 -3.89 70.51
N GLY L 320 -55.86 -3.09 71.06
CA GLY L 320 -56.97 -3.60 71.86
C GLY L 320 -58.12 -3.99 70.95
N LEU L 321 -59.31 -4.19 71.50
CA LEU L 321 -60.43 -4.57 70.63
C LEU L 321 -61.49 -3.47 70.56
N ARG L 322 -62.46 -3.67 69.67
CA ARG L 322 -63.49 -2.67 69.40
C ARG L 322 -64.24 -2.27 70.67
N ASN L 323 -64.41 -0.97 70.89
CA ASN L 323 -65.09 -0.50 72.10
C ASN L 323 -66.58 -0.31 71.85
N SER L 324 -67.36 -0.69 72.86
CA SER L 324 -68.82 -0.76 72.76
C SER L 324 -69.48 0.47 72.17
N PRO L 325 -70.37 0.24 71.17
CA PRO L 325 -71.07 1.28 70.39
C PRO L 325 -71.68 2.39 71.26
N ASP M 2 -89.65 -104.39 34.19
CA ASP M 2 -88.27 -104.56 33.70
C ASP M 2 -87.45 -103.29 33.83
N PRO M 3 -86.12 -103.43 33.83
CA PRO M 3 -85.35 -102.21 33.58
C PRO M 3 -85.48 -102.04 32.07
N GLY M 4 -86.05 -100.94 31.60
CA GLY M 4 -86.32 -100.88 30.19
C GLY M 4 -85.11 -100.65 29.33
N ASP M 5 -85.20 -101.18 28.10
CA ASP M 5 -84.12 -101.12 27.13
C ASP M 5 -83.70 -99.69 26.88
N GLN M 6 -82.45 -99.48 26.50
CA GLN M 6 -81.93 -98.14 26.37
C GLN M 6 -81.30 -97.88 25.02
N ILE M 7 -81.48 -96.66 24.54
CA ILE M 7 -80.81 -96.19 23.34
C ILE M 7 -80.37 -94.76 23.65
N CYS M 8 -79.11 -94.46 23.35
CA CYS M 8 -78.54 -93.17 23.70
C CYS M 8 -77.90 -92.52 22.47
N ILE M 9 -77.83 -91.20 22.47
CA ILE M 9 -77.19 -90.48 21.38
C ILE M 9 -75.91 -89.84 21.91
N GLY M 10 -74.78 -90.09 21.24
CA GLY M 10 -73.50 -89.60 21.71
C GLY M 10 -72.46 -89.30 20.63
N TYR M 11 -71.26 -88.92 21.06
CA TYR M 11 -70.22 -88.50 20.11
C TYR M 11 -68.83 -89.11 20.36
N HIS M 12 -67.97 -88.95 19.36
CA HIS M 12 -66.61 -89.50 19.32
C HIS M 12 -65.67 -88.81 20.32
N ALA M 13 -64.69 -89.55 20.84
CA ALA M 13 -63.60 -88.96 21.63
C ALA M 13 -62.36 -89.86 21.61
N ASN M 14 -61.21 -89.32 22.02
CA ASN M 14 -59.97 -90.09 22.07
C ASN M 14 -58.87 -89.45 22.93
N ASN M 15 -57.62 -89.76 22.63
CA ASN M 15 -56.49 -89.24 23.42
CA ASN M 15 -56.48 -89.27 23.40
C ASN M 15 -55.65 -88.20 22.68
N SER M 16 -56.29 -87.43 21.80
CA SER M 16 -55.61 -86.36 21.07
C SER M 16 -55.61 -85.04 21.86
N THR M 17 -54.45 -84.41 21.97
CA THR M 17 -54.36 -83.09 22.61
C THR M 17 -54.00 -81.97 21.62
N GLU M 18 -54.31 -82.17 20.34
CA GLU M 18 -54.19 -81.10 19.33
C GLU M 18 -55.06 -79.90 19.70
N GLN M 19 -54.48 -78.70 19.61
CA GLN M 19 -55.19 -77.46 19.98
C GLN M 19 -55.42 -76.44 18.85
N VAL M 20 -56.65 -75.96 18.77
CA VAL M 20 -57.02 -74.88 17.86
C VAL M 20 -57.47 -73.66 18.68
N ASP M 21 -57.80 -72.56 18.01
CA ASP M 21 -58.30 -71.37 18.70
C ASP M 21 -59.62 -70.87 18.12
N THR M 22 -60.32 -69.99 18.85
CA THR M 22 -61.57 -69.42 18.35
C THR M 22 -61.69 -67.98 18.91
N ILE M 23 -62.54 -67.16 18.30
CA ILE M 23 -62.74 -65.76 18.69
C ILE M 23 -63.13 -65.57 20.17
N MET M 24 -63.78 -66.59 20.73
CA MET M 24 -64.30 -66.51 22.09
C MET M 24 -63.52 -67.43 23.04
N GLU M 25 -62.78 -68.39 22.50
CA GLU M 25 -62.04 -69.35 23.33
C GLU M 25 -60.67 -69.76 22.74
N LYS M 26 -59.64 -69.76 23.58
CA LYS M 26 -58.28 -70.18 23.19
C LYS M 26 -57.87 -71.57 23.70
N ASN M 27 -56.99 -72.23 22.94
CA ASN M 27 -56.40 -73.54 23.29
C ASN M 27 -57.41 -74.68 23.48
N VAL M 28 -58.48 -74.66 22.71
CA VAL M 28 -59.48 -75.74 22.77
C VAL M 28 -58.97 -77.04 22.13
N THR M 29 -58.96 -78.11 22.94
CA THR M 29 -58.46 -79.41 22.52
C THR M 29 -59.48 -80.17 21.68
N VAL M 30 -59.03 -80.72 20.55
CA VAL M 30 -59.93 -81.33 19.58
C VAL M 30 -59.55 -82.75 19.16
N THR M 31 -60.49 -83.38 18.45
CA THR M 31 -60.37 -84.77 18.04
C THR M 31 -59.34 -84.93 16.93
N HIS M 32 -59.51 -84.13 15.88
CA HIS M 32 -58.60 -84.10 14.74
C HIS M 32 -58.19 -82.66 14.44
N ALA M 33 -56.93 -82.47 14.05
CA ALA M 33 -56.45 -81.14 13.73
C ALA M 33 -55.81 -81.12 12.34
N GLN M 34 -55.58 -79.91 11.84
CA GLN M 34 -55.03 -79.68 10.52
C GLN M 34 -54.08 -78.46 10.56
N ASP M 35 -52.77 -78.70 10.61
CA ASP M 35 -51.83 -77.58 10.53
C ASP M 35 -51.70 -77.22 9.04
N ILE M 36 -51.81 -75.93 8.71
CA ILE M 36 -51.75 -75.46 7.32
C ILE M 36 -50.60 -74.47 7.04
N LEU M 37 -49.77 -74.24 8.06
CA LEU M 37 -48.63 -73.33 7.96
C LEU M 37 -47.31 -74.09 7.84
N GLU M 38 -46.62 -73.84 6.74
CA GLU M 38 -45.31 -74.43 6.50
C GLU M 38 -44.21 -73.57 7.09
N LYS M 39 -43.34 -74.17 7.91
CA LYS M 39 -42.29 -73.41 8.56
C LYS M 39 -40.88 -73.91 8.19
N LYS M 40 -40.79 -74.97 7.39
CA LYS M 40 -39.48 -75.48 7.02
C LYS M 40 -39.07 -75.18 5.59
N HIS M 41 -37.82 -74.77 5.48
CA HIS M 41 -37.12 -74.56 4.23
C HIS M 41 -35.84 -75.38 4.25
N ASN M 42 -35.14 -75.45 3.12
CA ASN M 42 -33.98 -76.34 3.03
C ASN M 42 -32.62 -75.64 3.03
N GLY M 43 -32.60 -74.37 3.43
CA GLY M 43 -31.38 -73.59 3.58
C GLY M 43 -30.41 -73.48 2.41
N LYS M 44 -30.83 -73.88 1.22
CA LYS M 44 -29.95 -73.83 0.07
C LYS M 44 -30.58 -73.19 -1.16
N LEU M 45 -29.72 -72.73 -2.07
CA LEU M 45 -30.15 -72.20 -3.34
C LEU M 45 -30.20 -73.33 -4.36
N CYS M 46 -31.40 -73.66 -4.83
CA CYS M 46 -31.58 -74.81 -5.73
C CYS M 46 -32.12 -74.46 -7.12
N ASP M 47 -32.14 -75.44 -8.00
CA ASP M 47 -32.78 -75.30 -9.31
C ASP M 47 -34.28 -75.10 -9.24
N LEU M 48 -34.83 -74.62 -10.34
CA LEU M 48 -36.26 -74.50 -10.48
C LEU M 48 -36.63 -75.44 -11.60
N ASP M 49 -37.15 -76.62 -11.26
CA ASP M 49 -37.16 -77.75 -12.19
C ASP M 49 -35.82 -77.93 -12.88
N GLY M 50 -35.83 -77.85 -14.21
CA GLY M 50 -34.63 -78.05 -15.01
C GLY M 50 -33.48 -77.10 -14.73
N VAL M 51 -33.79 -75.86 -14.37
CA VAL M 51 -32.84 -74.75 -14.55
C VAL M 51 -32.08 -74.28 -13.29
N LYS M 52 -30.77 -74.16 -13.44
CA LYS M 52 -29.88 -73.63 -12.41
C LYS M 52 -29.85 -72.11 -12.45
N PRO M 53 -29.96 -71.46 -11.28
CA PRO M 53 -29.85 -70.01 -11.16
C PRO M 53 -28.46 -69.49 -11.51
N LEU M 54 -28.39 -68.29 -12.09
CA LEU M 54 -27.10 -67.63 -12.24
C LEU M 54 -26.72 -67.05 -10.88
N ILE M 55 -25.73 -67.65 -10.22
CA ILE M 55 -25.24 -67.14 -8.96
C ILE M 55 -23.88 -66.47 -9.10
N LEU M 56 -23.92 -65.14 -9.12
CA LEU M 56 -22.72 -64.31 -9.09
C LEU M 56 -22.09 -64.47 -7.73
N ARG M 57 -20.78 -64.56 -7.66
CA ARG M 57 -20.21 -64.85 -6.35
C ARG M 57 -20.04 -63.56 -5.56
N ASP M 58 -18.95 -62.85 -5.79
CA ASP M 58 -18.77 -61.55 -5.14
C ASP M 58 -18.96 -60.43 -6.15
N CYS M 59 -19.61 -60.75 -7.27
CA CYS M 59 -19.97 -59.72 -8.24
C CYS M 59 -21.38 -59.17 -8.11
N SER M 60 -21.48 -57.93 -8.55
CA SER M 60 -22.73 -57.25 -8.75
C SER M 60 -23.10 -57.34 -10.23
N VAL M 61 -24.33 -57.01 -10.57
CA VAL M 61 -24.79 -57.06 -11.96
C VAL M 61 -23.92 -56.20 -12.90
N ALA M 62 -23.50 -55.04 -12.42
CA ALA M 62 -22.63 -54.17 -13.22
C ALA M 62 -21.25 -54.78 -13.53
N GLY M 63 -20.60 -55.36 -12.52
CA GLY M 63 -19.31 -56.01 -12.69
C GLY M 63 -19.33 -57.17 -13.67
N TRP M 64 -20.39 -57.97 -13.58
CA TRP M 64 -20.67 -58.99 -14.56
C TRP M 64 -20.82 -58.38 -15.97
N LEU M 65 -21.80 -57.51 -16.17
CA LEU M 65 -22.14 -57.10 -17.52
C LEU M 65 -21.04 -56.33 -18.21
N LEU M 66 -20.26 -55.57 -17.45
CA LEU M 66 -19.22 -54.73 -18.04
C LEU M 66 -17.95 -55.54 -18.26
N GLY M 67 -17.78 -56.61 -17.49
CA GLY M 67 -16.59 -57.43 -17.60
C GLY M 67 -15.49 -56.96 -16.68
N ASN M 68 -15.80 -56.85 -15.39
CA ASN M 68 -14.78 -56.63 -14.39
C ASN M 68 -13.80 -57.77 -14.47
N PRO M 69 -12.50 -57.45 -14.49
CA PRO M 69 -11.42 -58.46 -14.46
C PRO M 69 -11.61 -59.52 -13.36
N MET M 70 -12.11 -59.12 -12.20
CA MET M 70 -12.34 -60.03 -11.07
C MET M 70 -13.63 -60.88 -11.24
N CYS M 71 -14.34 -60.67 -12.34
CA CYS M 71 -15.65 -61.29 -12.56
C CYS M 71 -15.65 -62.36 -13.68
N ASP M 72 -14.47 -62.86 -14.05
CA ASP M 72 -14.33 -63.59 -15.31
C ASP M 72 -15.18 -64.81 -15.40
N GLU M 73 -15.50 -65.36 -14.23
CA GLU M 73 -16.28 -66.59 -14.12
C GLU M 73 -17.56 -66.59 -14.96
N PHE M 74 -18.01 -65.40 -15.33
CA PHE M 74 -19.31 -65.24 -15.96
C PHE M 74 -19.13 -64.84 -17.41
N ILE M 75 -18.08 -65.37 -18.04
CA ILE M 75 -17.71 -64.95 -19.38
C ILE M 75 -18.72 -65.41 -20.44
N ASN M 76 -19.24 -66.62 -20.29
CA ASN M 76 -20.28 -67.16 -21.17
C ASN M 76 -21.34 -67.96 -20.42
N VAL M 77 -22.23 -67.25 -19.75
CA VAL M 77 -23.16 -67.90 -18.82
C VAL M 77 -24.22 -68.73 -19.52
N PRO M 78 -24.63 -69.83 -18.86
CA PRO M 78 -25.77 -70.63 -19.29
C PRO M 78 -27.08 -69.95 -18.94
N GLU M 79 -28.18 -70.37 -19.56
CA GLU M 79 -29.51 -69.87 -19.22
C GLU M 79 -29.87 -70.09 -17.73
N TRP M 80 -30.56 -69.11 -17.15
CA TRP M 80 -30.94 -69.16 -15.75
C TRP M 80 -32.46 -69.14 -15.48
N SER M 81 -32.81 -69.40 -14.23
CA SER M 81 -34.19 -69.37 -13.76
C SER M 81 -34.40 -68.11 -12.90
N TYR M 82 -33.34 -67.71 -12.21
CA TYR M 82 -33.34 -66.51 -11.39
C TYR M 82 -31.90 -66.20 -10.99
N ILE M 83 -31.57 -64.93 -10.83
CA ILE M 83 -30.20 -64.52 -10.52
C ILE M 83 -30.05 -64.27 -9.01
N VAL M 84 -28.88 -64.59 -8.44
CA VAL M 84 -28.61 -64.28 -7.03
C VAL M 84 -27.45 -63.33 -6.78
N GLU M 85 -27.73 -62.26 -6.04
CA GLU M 85 -26.73 -61.23 -5.73
C GLU M 85 -26.65 -61.01 -4.23
N LYS M 86 -25.43 -60.88 -3.71
CA LYS M 86 -25.22 -60.61 -2.30
C LYS M 86 -25.69 -59.19 -1.99
N ALA M 87 -25.81 -58.87 -0.71
CA ALA M 87 -26.40 -57.60 -0.30
C ALA M 87 -25.40 -56.50 -0.56
N ASN M 88 -24.14 -56.87 -0.45
CA ASN M 88 -23.02 -55.99 -0.78
C ASN M 88 -21.85 -56.69 -1.46
N PRO M 89 -21.99 -56.95 -2.77
CA PRO M 89 -20.94 -57.59 -3.55
C PRO M 89 -19.65 -56.78 -3.51
N VAL M 90 -18.51 -57.46 -3.46
CA VAL M 90 -17.23 -56.81 -3.33
C VAL M 90 -16.72 -56.22 -4.64
N ASN M 91 -16.99 -56.95 -5.72
CA ASN M 91 -16.54 -56.57 -7.06
C ASN M 91 -17.61 -55.86 -7.89
N ASP M 92 -17.70 -54.54 -7.74
CA ASP M 92 -18.64 -53.74 -8.53
C ASP M 92 -17.84 -53.11 -9.68
N LEU M 93 -17.67 -51.81 -9.63
CA LEU M 93 -16.88 -51.10 -10.64
C LEU M 93 -15.41 -51.04 -10.19
N CYS M 94 -14.52 -51.79 -10.83
CA CYS M 94 -13.14 -51.75 -10.35
C CYS M 94 -12.54 -50.33 -10.48
N TYR M 95 -12.82 -49.64 -11.59
CA TYR M 95 -12.45 -48.23 -11.70
C TYR M 95 -13.62 -47.45 -11.19
N PRO M 96 -13.38 -46.57 -10.21
CA PRO M 96 -14.47 -45.90 -9.50
C PRO M 96 -15.32 -44.96 -10.36
N GLY M 97 -16.63 -45.09 -10.22
CA GLY M 97 -17.55 -44.20 -10.91
C GLY M 97 -18.97 -44.65 -10.67
N ASP M 98 -19.80 -44.53 -11.71
CA ASP M 98 -21.23 -44.69 -11.56
C ASP M 98 -21.87 -45.28 -12.83
N PHE M 99 -22.98 -45.98 -12.62
CA PHE M 99 -23.71 -46.68 -13.67
C PHE M 99 -25.08 -46.08 -13.92
N ASN M 100 -25.28 -45.54 -15.12
CA ASN M 100 -26.52 -44.81 -15.41
C ASN M 100 -27.80 -45.66 -15.42
N ASP M 101 -28.88 -45.11 -14.86
CA ASP M 101 -30.19 -45.78 -14.79
C ASP M 101 -30.08 -47.23 -14.34
N TYR M 102 -29.09 -47.53 -13.50
CA TYR M 102 -28.75 -48.91 -13.12
C TYR M 102 -29.93 -49.68 -12.51
N GLU M 103 -30.77 -48.98 -11.76
CA GLU M 103 -31.92 -49.63 -11.17
C GLU M 103 -32.89 -50.04 -12.28
N GLU M 104 -33.09 -49.15 -13.25
CA GLU M 104 -33.99 -49.44 -14.37
C GLU M 104 -33.53 -50.61 -15.29
N LEU M 105 -32.21 -50.78 -15.42
CA LEU M 105 -31.63 -51.89 -16.19
C LEU M 105 -31.83 -53.23 -15.50
N LYS M 106 -31.60 -53.25 -14.19
CA LYS M 106 -31.85 -54.42 -13.36
C LYS M 106 -33.29 -54.90 -13.51
N HIS M 107 -34.20 -53.96 -13.72
CA HIS M 107 -35.61 -54.29 -13.79
C HIS M 107 -35.86 -55.13 -15.03
N LEU M 108 -35.14 -54.81 -16.09
CA LEU M 108 -35.18 -55.59 -17.31
C LEU M 108 -34.66 -57.01 -17.09
N LEU M 109 -33.69 -57.17 -16.18
CA LEU M 109 -33.06 -58.48 -15.95
C LEU M 109 -34.02 -59.50 -15.40
N SER M 110 -35.06 -59.03 -14.71
CA SER M 110 -36.04 -59.91 -14.09
C SER M 110 -36.97 -60.52 -15.13
N ARG M 111 -36.79 -60.12 -16.38
CA ARG M 111 -37.59 -60.67 -17.48
C ARG M 111 -36.72 -61.39 -18.48
N ILE M 112 -35.46 -61.60 -18.13
CA ILE M 112 -34.54 -62.19 -19.09
C ILE M 112 -33.96 -63.50 -18.54
N ASN M 113 -33.90 -64.50 -19.40
CA ASN M 113 -33.36 -65.80 -19.02
C ASN M 113 -32.06 -66.10 -19.73
N HIS M 114 -31.76 -65.42 -20.82
CA HIS M 114 -30.50 -65.71 -21.50
C HIS M 114 -29.97 -64.57 -22.36
N PHE M 115 -28.66 -64.32 -22.26
CA PHE M 115 -27.97 -63.38 -23.15
C PHE M 115 -27.08 -64.15 -24.11
N GLU M 116 -26.58 -63.47 -25.12
CA GLU M 116 -25.55 -64.02 -25.97
C GLU M 116 -24.52 -62.95 -26.32
N LYS M 117 -23.41 -62.93 -25.58
CA LYS M 117 -22.34 -61.94 -25.77
C LYS M 117 -21.91 -61.96 -27.23
N ILE M 118 -21.93 -60.81 -27.90
CA ILE M 118 -21.40 -60.77 -29.26
C ILE M 118 -20.51 -59.56 -29.47
N GLN M 119 -19.47 -59.71 -30.29
CA GLN M 119 -18.61 -58.60 -30.64
C GLN M 119 -19.28 -57.68 -31.65
N ILE M 120 -19.34 -56.38 -31.36
CA ILE M 120 -19.97 -55.43 -32.29
C ILE M 120 -18.99 -54.37 -32.78
N ILE M 121 -17.88 -54.20 -32.06
CA ILE M 121 -16.80 -53.35 -32.59
C ILE M 121 -15.45 -53.90 -32.13
N PRO M 122 -14.77 -54.63 -33.03
CA PRO M 122 -13.52 -55.35 -32.74
C PRO M 122 -12.38 -54.47 -32.25
N LYS M 123 -11.78 -54.86 -31.13
CA LYS M 123 -10.77 -54.04 -30.48
C LYS M 123 -9.60 -53.67 -31.41
N SER M 124 -9.22 -54.57 -32.29
CA SER M 124 -8.13 -54.30 -33.21
C SER M 124 -8.45 -53.25 -34.27
N SER M 125 -9.75 -52.99 -34.49
CA SER M 125 -10.19 -52.13 -35.61
C SER M 125 -9.92 -50.63 -35.41
N TRP M 126 -9.55 -50.24 -34.18
CA TRP M 126 -9.21 -48.86 -33.84
C TRP M 126 -7.82 -48.50 -34.39
N SER M 127 -7.77 -48.15 -35.68
CA SER M 127 -6.51 -47.97 -36.38
C SER M 127 -5.75 -46.70 -36.06
N SER M 128 -6.46 -45.60 -35.83
CA SER M 128 -5.78 -44.31 -35.69
C SER M 128 -5.79 -43.77 -34.26
N HIS M 129 -6.21 -44.63 -33.33
CA HIS M 129 -6.12 -44.35 -31.90
C HIS M 129 -5.43 -45.56 -31.25
N GLU M 130 -5.04 -45.43 -29.99
CA GLU M 130 -4.42 -46.53 -29.24
C GLU M 130 -5.38 -47.28 -28.30
N ALA M 131 -5.83 -48.45 -28.72
CA ALA M 131 -6.76 -49.25 -27.93
C ALA M 131 -6.12 -49.84 -26.68
N SER M 132 -4.81 -50.01 -26.72
CA SER M 132 -4.17 -50.94 -25.81
C SER M 132 -3.53 -50.32 -24.57
N LEU M 133 -3.81 -49.05 -24.32
CA LEU M 133 -3.20 -48.37 -23.19
C LEU M 133 -4.23 -48.04 -22.12
N GLY M 134 -5.50 -48.33 -22.40
CA GLY M 134 -6.57 -47.98 -21.49
C GLY M 134 -6.58 -48.91 -20.30
N VAL M 135 -5.58 -48.74 -19.45
CA VAL M 135 -5.27 -49.71 -18.42
C VAL M 135 -4.99 -49.00 -17.10
N SER M 136 -5.57 -49.48 -16.00
CA SER M 136 -5.30 -48.90 -14.70
C SER M 136 -5.06 -49.93 -13.60
N SER M 137 -4.31 -49.51 -12.59
CA SER M 137 -4.05 -50.34 -11.43
C SER M 137 -5.26 -50.64 -10.56
N ALA M 138 -6.35 -49.90 -10.72
CA ALA M 138 -7.56 -50.19 -9.99
C ALA M 138 -8.23 -51.47 -10.48
N CYS M 139 -7.85 -51.89 -11.69
CA CYS M 139 -8.54 -52.95 -12.45
C CYS M 139 -7.67 -54.18 -12.77
N PRO M 140 -7.07 -54.80 -11.74
CA PRO M 140 -5.96 -55.72 -11.96
C PRO M 140 -6.42 -57.06 -12.49
N TYR M 141 -5.83 -57.52 -13.59
CA TYR M 141 -6.17 -58.85 -14.11
C TYR M 141 -5.38 -59.97 -13.44
N GLN M 142 -4.14 -60.20 -13.87
CA GLN M 142 -3.38 -61.17 -13.14
C GLN M 142 -2.13 -60.49 -12.71
N GLY M 143 -2.21 -59.78 -11.60
CA GLY M 143 -1.07 -59.06 -11.08
C GLY M 143 -0.75 -57.85 -11.91
N LYS M 144 -0.60 -58.10 -13.21
CA LYS M 144 -0.47 -57.07 -14.22
C LYS M 144 -1.82 -56.32 -14.24
N SER M 145 -1.78 -54.99 -14.26
CA SER M 145 -2.98 -54.16 -14.19
C SER M 145 -3.72 -53.99 -15.51
N SER M 146 -5.04 -53.84 -15.43
CA SER M 146 -5.90 -53.97 -16.60
C SER M 146 -7.13 -53.04 -16.68
N PHE M 147 -8.20 -53.58 -17.25
CA PHE M 147 -9.45 -52.82 -17.41
C PHE M 147 -10.67 -53.77 -17.65
N PHE M 148 -11.87 -53.20 -17.64
CA PHE M 148 -13.07 -53.88 -18.07
C PHE M 148 -12.88 -54.57 -19.38
N ARG M 149 -13.54 -55.72 -19.54
CA ARG M 149 -13.37 -56.50 -20.75
C ARG M 149 -14.30 -56.16 -21.92
N ASN M 150 -15.53 -55.75 -21.63
CA ASN M 150 -16.47 -55.59 -22.73
C ASN M 150 -16.42 -54.20 -23.30
N VAL M 151 -15.60 -53.34 -22.70
CA VAL M 151 -15.40 -51.98 -23.21
C VAL M 151 -13.93 -51.63 -23.41
N VAL M 152 -13.69 -50.53 -24.12
CA VAL M 152 -12.33 -50.13 -24.49
C VAL M 152 -12.02 -48.67 -24.17
N TRP M 153 -10.96 -48.45 -23.40
CA TRP M 153 -10.58 -47.10 -23.02
C TRP M 153 -9.64 -46.51 -24.08
N LEU M 154 -10.19 -45.96 -25.15
CA LEU M 154 -9.36 -45.42 -26.23
C LEU M 154 -8.47 -44.27 -25.77
N ILE M 155 -7.28 -44.15 -26.36
CA ILE M 155 -6.31 -43.12 -25.99
C ILE M 155 -5.61 -42.58 -27.25
N LYS M 156 -5.06 -41.37 -27.21
CA LYS M 156 -4.47 -40.76 -28.41
C LYS M 156 -3.29 -41.55 -28.94
N LYS M 157 -3.11 -41.53 -30.26
CA LYS M 157 -2.04 -42.30 -30.92
C LYS M 157 -1.02 -41.34 -31.50
N ASP M 158 0.26 -41.67 -31.34
CA ASP M 158 1.32 -40.67 -31.51
C ASP M 158 1.04 -39.40 -30.70
N SER M 159 0.76 -38.32 -31.41
CA SER M 159 0.45 -37.09 -30.70
C SER M 159 -1.02 -36.71 -30.73
N THR M 160 -1.81 -37.36 -31.59
CA THR M 160 -3.16 -36.87 -31.88
C THR M 160 -4.37 -37.77 -31.53
N TYR M 161 -5.55 -37.16 -31.45
CA TYR M 161 -6.81 -37.88 -31.24
C TYR M 161 -7.85 -37.29 -32.19
N PRO M 162 -7.99 -37.87 -33.40
CA PRO M 162 -8.93 -37.44 -34.46
C PRO M 162 -10.40 -37.80 -34.21
N THR M 163 -11.34 -37.04 -34.77
CA THR M 163 -12.73 -37.28 -34.44
C THR M 163 -13.20 -38.70 -34.84
N ILE M 164 -13.59 -39.49 -33.84
CA ILE M 164 -14.18 -40.82 -34.06
C ILE M 164 -15.62 -40.77 -34.61
N LYS M 165 -15.86 -41.43 -35.73
CA LYS M 165 -17.21 -41.60 -36.27
C LYS M 165 -17.37 -43.08 -36.60
N ARG M 166 -18.15 -43.78 -35.77
CA ARG M 166 -18.31 -45.22 -35.84
C ARG M 166 -19.74 -45.65 -35.61
N SER M 167 -20.22 -46.66 -36.33
CA SER M 167 -21.60 -47.10 -36.08
C SER M 167 -21.77 -48.57 -36.39
N TYR M 168 -22.74 -49.20 -35.72
CA TYR M 168 -23.04 -50.62 -35.83
C TYR M 168 -24.53 -50.86 -36.03
N ASN M 169 -24.88 -51.66 -37.02
CA ASN M 169 -26.26 -51.90 -37.38
C ASN M 169 -26.67 -53.27 -36.85
N ASN M 170 -27.68 -53.28 -35.98
CA ASN M 170 -28.21 -54.54 -35.42
C ASN M 170 -28.89 -55.32 -36.54
N THR M 171 -28.14 -56.25 -37.12
CA THR M 171 -28.64 -57.11 -38.18
C THR M 171 -29.23 -58.41 -37.64
N ASN M 172 -29.40 -58.51 -36.33
CA ASN M 172 -29.96 -59.71 -35.73
C ASN M 172 -31.46 -59.56 -35.57
N GLN M 173 -32.13 -60.67 -35.28
CA GLN M 173 -33.58 -60.67 -35.10
C GLN M 173 -34.03 -60.36 -33.67
N GLU M 174 -33.08 -60.38 -32.75
CA GLU M 174 -33.38 -60.20 -31.34
C GLU M 174 -32.85 -58.87 -30.79
N ASP M 175 -33.28 -58.51 -29.58
CA ASP M 175 -32.83 -57.26 -28.98
C ASP M 175 -31.38 -57.30 -28.49
N LEU M 176 -30.72 -56.15 -28.60
CA LEU M 176 -29.32 -55.98 -28.24
C LEU M 176 -29.16 -54.99 -27.08
N LEU M 177 -28.70 -55.41 -25.91
CA LEU M 177 -28.28 -54.46 -24.87
C LEU M 177 -26.87 -53.93 -25.15
N VAL M 178 -26.71 -52.62 -25.26
CA VAL M 178 -25.39 -52.04 -25.55
C VAL M 178 -24.86 -51.29 -24.33
N LEU M 179 -23.56 -51.39 -24.08
CA LEU M 179 -22.99 -50.63 -22.97
C LEU M 179 -21.79 -49.81 -23.43
N TRP M 180 -21.65 -48.61 -22.87
CA TRP M 180 -20.49 -47.79 -23.15
C TRP M 180 -20.28 -46.78 -22.03
N GLY M 181 -19.37 -45.83 -22.22
CA GLY M 181 -19.08 -44.92 -21.14
C GLY M 181 -18.15 -43.77 -21.45
N ILE M 182 -18.03 -42.89 -20.46
CA ILE M 182 -17.23 -41.69 -20.55
C ILE M 182 -16.30 -41.61 -19.35
N HIS M 183 -15.10 -41.07 -19.59
CA HIS M 183 -14.09 -40.92 -18.54
C HIS M 183 -13.91 -39.46 -18.11
N HIS M 184 -14.07 -39.22 -16.81
CA HIS M 184 -13.97 -37.90 -16.19
C HIS M 184 -12.59 -37.64 -15.55
N PRO M 185 -11.74 -36.82 -16.22
CA PRO M 185 -10.39 -36.52 -15.74
C PRO M 185 -10.30 -35.59 -14.52
N ASN M 186 -9.08 -35.41 -14.02
CA ASN M 186 -8.83 -34.67 -12.80
C ASN M 186 -8.47 -33.23 -13.08
N ASP M 187 -7.81 -33.00 -14.21
CA ASP M 187 -7.46 -31.65 -14.64
C ASP M 187 -7.11 -31.53 -16.13
N ALA M 188 -6.88 -30.30 -16.58
CA ALA M 188 -6.58 -30.01 -17.98
C ALA M 188 -5.32 -30.71 -18.45
N ALA M 189 -4.31 -30.77 -17.60
CA ALA M 189 -3.07 -31.44 -17.97
C ALA M 189 -3.28 -32.93 -18.28
N GLU M 190 -4.02 -33.62 -17.40
CA GLU M 190 -4.43 -35.01 -17.58
C GLU M 190 -5.29 -35.17 -18.81
N GLN M 191 -6.24 -34.26 -18.99
CA GLN M 191 -7.12 -34.30 -20.14
C GLN M 191 -6.32 -34.26 -21.45
N THR M 192 -5.42 -33.28 -21.54
CA THR M 192 -4.60 -33.13 -22.74
C THR M 192 -3.56 -34.27 -22.83
N LYS M 193 -3.11 -34.79 -21.68
CA LYS M 193 -2.18 -35.95 -21.63
C LYS M 193 -2.76 -37.19 -22.29
N LEU M 194 -3.99 -37.52 -21.93
CA LEU M 194 -4.67 -38.67 -22.48
C LEU M 194 -5.21 -38.44 -23.89
N TYR M 195 -5.77 -37.27 -24.14
CA TYR M 195 -6.55 -37.13 -25.35
C TYR M 195 -6.15 -35.96 -26.24
N GLN M 196 -5.13 -35.22 -25.83
CA GLN M 196 -4.63 -34.11 -26.67
C GLN M 196 -5.65 -32.98 -26.86
N ASN M 197 -6.82 -33.29 -27.41
CA ASN M 197 -7.84 -32.26 -27.50
C ASN M 197 -8.32 -31.84 -26.11
N PRO M 198 -8.44 -30.52 -25.88
CA PRO M 198 -8.82 -29.96 -24.60
C PRO M 198 -10.32 -29.87 -24.45
N THR M 199 -11.03 -29.66 -25.56
CA THR M 199 -12.48 -29.58 -25.49
C THR M 199 -13.09 -30.80 -26.17
N THR M 200 -13.81 -31.61 -25.41
CA THR M 200 -14.25 -32.91 -25.90
C THR M 200 -15.72 -33.24 -25.59
N TYR M 201 -16.25 -34.25 -26.30
CA TYR M 201 -17.66 -34.61 -26.17
C TYR M 201 -17.91 -36.02 -26.69
N ILE M 202 -19.06 -36.60 -26.35
CA ILE M 202 -19.48 -37.88 -26.94
C ILE M 202 -20.96 -37.87 -27.38
N SER M 203 -21.23 -38.00 -28.69
CA SER M 203 -22.61 -38.10 -29.19
C SER M 203 -23.00 -39.54 -29.52
N VAL M 204 -24.24 -39.92 -29.22
CA VAL M 204 -24.75 -41.26 -29.51
C VAL M 204 -26.17 -41.20 -30.03
N GLY M 205 -26.39 -41.68 -31.25
CA GLY M 205 -27.70 -41.59 -31.87
C GLY M 205 -28.28 -42.92 -32.32
N THR M 206 -29.58 -43.09 -32.07
CA THR M 206 -30.34 -44.30 -32.40
C THR M 206 -31.60 -43.79 -33.13
N SER M 207 -32.60 -44.61 -33.40
CA SER M 207 -33.86 -44.06 -33.83
C SER M 207 -34.54 -43.37 -32.64
N THR M 208 -34.21 -43.79 -31.41
CA THR M 208 -34.86 -43.21 -30.22
C THR M 208 -33.86 -42.53 -29.28
N LEU M 209 -32.57 -42.75 -29.45
CA LEU M 209 -31.60 -42.07 -28.59
C LEU M 209 -31.21 -40.72 -29.18
N ASN M 210 -30.94 -39.75 -28.30
CA ASN M 210 -30.36 -38.49 -28.72
C ASN M 210 -29.58 -37.93 -27.54
N GLN M 211 -28.34 -38.37 -27.42
CA GLN M 211 -27.54 -38.11 -26.24
C GLN M 211 -26.23 -37.42 -26.63
N ARG M 212 -25.85 -36.38 -25.91
CA ARG M 212 -24.52 -35.81 -26.09
C ARG M 212 -23.86 -35.61 -24.72
N LEU M 213 -22.87 -36.45 -24.42
CA LEU M 213 -22.20 -36.39 -23.13
C LEU M 213 -20.99 -35.45 -23.17
N VAL M 214 -20.76 -34.76 -22.07
CA VAL M 214 -19.57 -33.96 -21.95
C VAL M 214 -18.93 -34.32 -20.65
N PRO M 215 -17.61 -34.53 -20.67
CA PRO M 215 -16.75 -34.80 -19.51
C PRO M 215 -16.72 -33.67 -18.48
N ARG M 216 -16.57 -34.09 -17.23
CA ARG M 216 -16.81 -33.21 -16.11
C ARG M 216 -15.60 -33.22 -15.14
N ILE M 217 -14.63 -32.34 -15.39
CA ILE M 217 -13.43 -32.30 -14.55
C ILE M 217 -13.79 -31.83 -13.14
N ALA M 218 -13.23 -32.49 -12.14
CA ALA M 218 -13.54 -32.15 -10.76
C ALA M 218 -12.44 -32.64 -9.83
N THR M 219 -12.23 -31.92 -8.73
CA THR M 219 -11.24 -32.36 -7.77
C THR M 219 -11.96 -33.24 -6.74
N ARG M 220 -11.59 -34.53 -6.70
CA ARG M 220 -12.31 -35.52 -5.89
C ARG M 220 -11.41 -36.26 -4.91
N SER M 221 -12.02 -36.83 -3.87
CA SER M 221 -11.32 -37.75 -2.94
C SER M 221 -10.84 -38.97 -3.72
N LYS M 222 -9.75 -39.60 -3.29
CA LYS M 222 -9.31 -40.83 -3.95
C LYS M 222 -10.17 -42.00 -3.53
N VAL M 223 -10.61 -42.78 -4.51
CA VAL M 223 -11.31 -44.04 -4.24
C VAL M 223 -10.62 -45.18 -4.98
N LYS M 224 -10.25 -46.22 -4.23
CA LYS M 224 -9.36 -47.27 -4.73
C LYS M 224 -8.10 -46.64 -5.35
N GLY M 225 -7.59 -45.59 -4.72
CA GLY M 225 -6.34 -44.98 -5.11
C GLY M 225 -6.40 -44.03 -6.29
N LEU M 226 -7.55 -43.95 -6.94
CA LEU M 226 -7.72 -43.09 -8.11
C LEU M 226 -8.61 -41.91 -7.83
N SER M 227 -8.40 -40.82 -8.55
CA SER M 227 -9.28 -39.66 -8.38
C SER M 227 -10.23 -39.43 -9.57
N GLY M 228 -9.88 -39.93 -10.74
CA GLY M 228 -10.72 -39.78 -11.91
C GLY M 228 -11.93 -40.68 -11.76
N ARG M 229 -12.91 -40.51 -12.63
CA ARG M 229 -14.12 -41.32 -12.54
C ARG M 229 -14.62 -41.82 -13.88
N MET M 230 -15.37 -42.90 -13.83
CA MET M 230 -15.93 -43.51 -15.03
C MET M 230 -17.43 -43.52 -14.90
N GLU M 231 -18.15 -43.13 -15.94
CA GLU M 231 -19.60 -43.16 -15.84
C GLU M 231 -20.13 -43.95 -17.00
N PHE M 232 -20.90 -44.99 -16.68
CA PHE M 232 -21.32 -45.95 -17.69
C PHE M 232 -22.78 -45.76 -18.02
N PHE M 233 -23.12 -46.05 -19.29
CA PHE M 233 -24.44 -45.80 -19.89
C PHE M 233 -24.91 -47.00 -20.70
N TRP M 234 -26.21 -47.05 -20.99
CA TRP M 234 -26.73 -48.14 -21.79
C TRP M 234 -27.95 -47.82 -22.64
N THR M 235 -28.18 -48.62 -23.67
CA THR M 235 -29.44 -48.54 -24.42
C THR M 235 -29.88 -49.91 -24.93
N ILE M 236 -31.17 -50.05 -25.24
CA ILE M 236 -31.63 -51.26 -25.94
C ILE M 236 -31.73 -50.93 -27.43
N LEU M 237 -31.09 -51.75 -28.27
CA LEU M 237 -31.03 -51.48 -29.68
C LEU M 237 -31.98 -52.38 -30.42
N LYS M 238 -32.98 -51.75 -31.04
CA LYS M 238 -34.05 -52.44 -31.78
C LYS M 238 -33.49 -53.26 -32.95
N PRO M 239 -34.09 -54.43 -33.27
CA PRO M 239 -33.61 -55.17 -34.44
C PRO M 239 -33.74 -54.29 -35.67
N ASN M 240 -32.67 -54.25 -36.48
CA ASN M 240 -32.61 -53.48 -37.72
C ASN M 240 -32.45 -51.97 -37.47
N ASP M 241 -32.13 -51.62 -36.23
CA ASP M 241 -31.83 -50.24 -35.87
C ASP M 241 -30.32 -50.04 -35.67
N ALA M 242 -29.79 -48.85 -35.94
CA ALA M 242 -28.35 -48.64 -35.80
C ALA M 242 -27.99 -47.63 -34.73
N ILE M 243 -26.93 -47.94 -33.98
CA ILE M 243 -26.40 -47.00 -33.02
C ILE M 243 -25.13 -46.34 -33.60
N ASN M 244 -25.03 -45.03 -33.46
CA ASN M 244 -23.95 -44.25 -34.07
C ASN M 244 -23.18 -43.45 -33.02
N PHE M 245 -21.88 -43.67 -32.90
CA PHE M 245 -21.06 -42.87 -31.98
C PHE M 245 -20.23 -41.81 -32.70
N GLU M 246 -20.17 -40.60 -32.13
CA GLU M 246 -19.18 -39.62 -32.58
C GLU M 246 -18.51 -38.99 -31.39
N SER M 247 -17.19 -39.11 -31.33
CA SER M 247 -16.44 -38.56 -30.20
C SER M 247 -15.05 -38.07 -30.56
N ASN M 248 -14.33 -37.72 -29.51
CA ASN M 248 -13.29 -36.72 -29.61
C ASN M 248 -12.37 -36.80 -28.41
N GLY M 249 -12.74 -37.69 -27.51
CA GLY M 249 -12.01 -37.90 -26.28
C GLY M 249 -12.93 -38.45 -25.21
N ASN M 250 -12.30 -38.95 -24.12
CA ASN M 250 -13.00 -39.43 -22.93
C ASN M 250 -14.07 -40.49 -23.27
N PHE M 251 -13.92 -41.08 -24.46
CA PHE M 251 -14.83 -42.08 -24.96
C PHE M 251 -14.36 -43.42 -24.55
N ILE M 252 -15.23 -44.14 -23.84
CA ILE M 252 -15.02 -45.55 -23.51
C ILE M 252 -15.98 -46.38 -24.34
N ALA M 253 -15.42 -46.95 -25.42
CA ALA M 253 -16.18 -47.55 -26.50
C ALA M 253 -16.60 -48.98 -26.20
N PRO M 254 -17.63 -49.46 -26.91
CA PRO M 254 -17.93 -50.87 -26.71
C PRO M 254 -17.05 -51.74 -27.58
N GLU M 255 -16.94 -53.01 -27.20
CA GLU M 255 -16.49 -54.06 -28.09
C GLU M 255 -17.63 -55.05 -28.12
N TYR M 256 -18.07 -55.46 -26.94
CA TYR M 256 -19.12 -56.47 -26.83
C TYR M 256 -20.48 -55.93 -26.40
N ALA M 257 -21.53 -56.58 -26.86
CA ALA M 257 -22.90 -56.24 -26.55
C ALA M 257 -23.62 -57.52 -26.08
N TYR M 258 -24.91 -57.46 -25.79
CA TYR M 258 -25.63 -58.66 -25.41
C TYR M 258 -26.88 -58.90 -26.24
N LYS M 259 -27.00 -60.10 -26.83
CA LYS M 259 -28.26 -60.48 -27.49
C LYS M 259 -29.20 -61.08 -26.48
N ILE M 260 -30.38 -60.48 -26.35
CA ILE M 260 -31.42 -61.02 -25.48
C ILE M 260 -32.03 -62.18 -26.21
N VAL M 261 -31.90 -63.39 -25.66
CA VAL M 261 -32.14 -64.56 -26.48
C VAL M 261 -33.44 -65.28 -26.10
N LYS M 262 -33.83 -65.21 -24.83
CA LYS M 262 -35.22 -65.54 -24.50
C LYS M 262 -35.69 -64.82 -23.23
N LYS M 263 -36.90 -64.28 -23.29
CA LYS M 263 -37.50 -63.61 -22.13
C LYS M 263 -38.40 -64.57 -21.36
N GLY M 264 -38.78 -64.20 -20.14
CA GLY M 264 -39.62 -65.03 -19.30
C GLY M 264 -39.56 -64.67 -17.83
N ASP M 265 -40.19 -65.50 -16.99
CA ASP M 265 -40.14 -65.31 -15.54
C ASP M 265 -38.73 -65.45 -14.97
N SER M 266 -38.38 -64.55 -14.05
CA SER M 266 -37.13 -64.59 -13.31
C SER M 266 -37.10 -63.41 -12.34
N THR M 267 -36.11 -63.41 -11.44
CA THR M 267 -35.93 -62.29 -10.54
C THR M 267 -34.47 -62.12 -10.20
N ILE M 268 -34.08 -60.93 -9.74
CA ILE M 268 -32.78 -60.79 -9.09
C ILE M 268 -33.04 -60.89 -7.59
N MET M 269 -32.53 -61.98 -7.00
CA MET M 269 -32.78 -62.32 -5.61
C MET M 269 -31.65 -61.90 -4.68
N LYS M 270 -31.99 -61.13 -3.66
CA LYS M 270 -30.99 -60.74 -2.67
C LYS M 270 -30.82 -61.88 -1.70
N SER M 271 -29.63 -62.48 -1.67
CA SER M 271 -29.39 -63.65 -0.81
C SER M 271 -27.90 -63.94 -0.60
N GLU M 272 -27.53 -64.43 0.59
CA GLU M 272 -26.13 -64.71 0.86
C GLU M 272 -25.64 -66.13 0.54
N LEU M 273 -26.54 -67.11 0.60
CA LEU M 273 -26.20 -68.53 0.41
C LEU M 273 -25.56 -68.88 -0.93
N GLU M 274 -25.13 -70.13 -1.06
CA GLU M 274 -24.65 -70.66 -2.34
C GLU M 274 -25.37 -71.93 -2.78
N TYR M 275 -24.86 -72.51 -3.86
CA TYR M 275 -25.53 -73.57 -4.60
C TYR M 275 -25.57 -74.90 -3.86
N GLY M 276 -26.77 -75.46 -3.71
CA GLY M 276 -26.95 -76.65 -2.92
C GLY M 276 -26.92 -77.95 -3.71
N ASN M 277 -26.74 -77.84 -5.03
CA ASN M 277 -26.73 -79.00 -5.93
C ASN M 277 -28.02 -79.80 -5.79
N CYS M 278 -29.12 -79.07 -5.64
CA CYS M 278 -30.42 -79.68 -5.46
C CYS M 278 -31.44 -79.13 -6.46
N ASN M 279 -32.72 -79.28 -6.13
CA ASN M 279 -33.82 -78.76 -6.97
C ASN M 279 -35.13 -78.59 -6.20
N THR M 280 -35.86 -77.50 -6.46
CA THR M 280 -37.24 -77.36 -5.98
C THR M 280 -38.16 -76.73 -7.01
N LYS M 281 -39.42 -76.56 -6.60
CA LYS M 281 -40.43 -75.87 -7.40
C LYS M 281 -40.81 -74.57 -6.69
N CYS M 282 -40.17 -74.32 -5.53
CA CYS M 282 -40.37 -73.11 -4.76
C CYS M 282 -39.07 -72.70 -4.05
N GLN M 283 -38.61 -71.48 -4.29
CA GLN M 283 -37.35 -71.01 -3.71
C GLN M 283 -37.51 -69.75 -2.87
N THR M 284 -36.71 -69.65 -1.81
CA THR M 284 -36.74 -68.51 -0.90
C THR M 284 -35.29 -68.10 -0.70
N PRO M 285 -35.02 -66.79 -0.53
CA PRO M 285 -33.65 -66.28 -0.31
C PRO M 285 -33.01 -66.84 0.96
N MET M 286 -33.79 -67.56 1.76
CA MET M 286 -33.27 -68.18 2.97
C MET M 286 -33.14 -69.68 2.77
N GLY M 287 -33.85 -70.24 1.79
CA GLY M 287 -33.75 -71.64 1.43
C GLY M 287 -34.96 -72.08 0.61
N ALA M 288 -34.93 -73.26 0.01
CA ALA M 288 -36.06 -73.73 -0.81
C ALA M 288 -37.20 -74.37 0.00
N ILE M 289 -38.38 -74.46 -0.61
CA ILE M 289 -39.53 -75.10 0.05
C ILE M 289 -39.94 -76.42 -0.60
N ASN M 290 -40.25 -77.36 0.28
CA ASN M 290 -40.85 -78.64 -0.07
C ASN M 290 -42.09 -78.80 0.80
N SER M 291 -43.24 -78.42 0.25
CA SER M 291 -44.45 -78.39 1.05
C SER M 291 -45.74 -78.42 0.23
N SER M 292 -46.79 -78.96 0.84
CA SER M 292 -48.13 -78.98 0.23
C SER M 292 -49.01 -77.91 0.84
N MET M 293 -48.60 -77.44 2.02
CA MET M 293 -49.31 -76.38 2.74
C MET M 293 -49.67 -75.22 1.82
N PRO M 294 -50.84 -74.60 2.06
CA PRO M 294 -51.23 -73.42 1.29
C PRO M 294 -50.57 -72.12 1.78
N PHE M 295 -50.00 -72.14 2.99
CA PHE M 295 -49.45 -70.94 3.61
C PHE M 295 -48.07 -71.19 4.18
N HIS M 296 -47.19 -70.20 4.08
CA HIS M 296 -45.89 -70.27 4.74
C HIS M 296 -45.53 -68.96 5.41
N ASN M 297 -44.46 -68.98 6.19
CA ASN M 297 -43.99 -67.78 6.89
C ASN M 297 -42.48 -67.55 6.81
N ILE M 298 -41.84 -68.10 5.78
CA ILE M 298 -40.38 -68.06 5.70
C ILE M 298 -39.89 -66.67 5.29
N HIS M 299 -40.33 -66.21 4.10
CA HIS M 299 -39.84 -65.01 3.44
C HIS M 299 -40.77 -64.60 2.27
N PRO M 300 -41.16 -63.30 2.19
CA PRO M 300 -42.17 -62.76 1.26
C PRO M 300 -41.80 -62.74 -0.23
N LEU M 301 -40.50 -62.77 -0.52
CA LEU M 301 -40.00 -62.74 -1.89
C LEU M 301 -39.74 -64.16 -2.40
N THR M 302 -40.75 -64.76 -3.03
CA THR M 302 -40.64 -66.15 -3.48
C THR M 302 -40.69 -66.21 -5.00
N ILE M 303 -40.12 -67.26 -5.57
CA ILE M 303 -40.19 -67.49 -7.00
C ILE M 303 -40.61 -68.94 -7.23
N GLY M 304 -41.48 -69.15 -8.21
CA GLY M 304 -41.96 -70.48 -8.51
C GLY M 304 -43.36 -70.73 -7.95
N GLU M 305 -43.79 -71.98 -8.04
CA GLU M 305 -45.10 -72.39 -7.57
C GLU M 305 -45.09 -72.51 -6.04
N CYS M 306 -45.51 -71.45 -5.34
CA CYS M 306 -45.34 -71.35 -3.88
C CYS M 306 -46.59 -71.20 -3.04
N PRO M 307 -46.52 -71.65 -1.78
CA PRO M 307 -47.56 -71.32 -0.81
C PRO M 307 -47.57 -69.81 -0.63
N LYS M 308 -48.70 -69.25 -0.23
CA LYS M 308 -48.79 -67.79 -0.06
C LYS M 308 -48.27 -67.34 1.32
N TYR M 309 -47.41 -66.32 1.33
CA TYR M 309 -46.74 -65.82 2.53
C TYR M 309 -47.64 -65.05 3.50
N VAL M 310 -47.46 -65.33 4.79
CA VAL M 310 -48.07 -64.55 5.86
C VAL M 310 -47.13 -64.41 7.08
N LYS M 311 -47.46 -63.45 7.95
CA LYS M 311 -46.60 -63.09 9.10
C LYS M 311 -46.93 -63.79 10.41
N SER M 312 -47.86 -64.74 10.38
CA SER M 312 -48.29 -65.43 11.59
C SER M 312 -47.25 -66.42 12.13
N ASN M 313 -47.26 -66.62 13.44
CA ASN M 313 -46.40 -67.62 14.07
C ASN M 313 -47.09 -68.98 14.05
N ARG M 314 -48.42 -68.96 13.96
CA ARG M 314 -49.26 -70.16 14.05
C ARG M 314 -50.56 -70.06 13.25
N LEU M 315 -50.88 -71.08 12.46
CA LEU M 315 -52.23 -71.20 11.88
C LEU M 315 -52.73 -72.65 11.86
N VAL M 316 -53.60 -72.99 12.81
CA VAL M 316 -54.14 -74.34 12.93
C VAL M 316 -55.66 -74.38 12.88
N LEU M 317 -56.16 -75.23 12.00
CA LEU M 317 -57.58 -75.45 11.78
C LEU M 317 -58.11 -76.60 12.65
N ALA M 318 -59.40 -76.57 12.95
CA ALA M 318 -60.08 -77.70 13.60
C ALA M 318 -60.89 -78.54 12.60
N THR M 319 -60.61 -79.84 12.53
CA THR M 319 -61.34 -80.73 11.64
C THR M 319 -62.29 -81.64 12.45
N GLY M 320 -61.82 -82.13 13.59
CA GLY M 320 -62.67 -82.91 14.48
C GLY M 320 -63.44 -82.00 15.43
N LEU M 321 -64.03 -82.55 16.49
CA LEU M 321 -64.79 -81.72 17.45
C LEU M 321 -64.11 -81.73 18.84
N ARG M 322 -64.66 -80.92 19.76
CA ARG M 322 -64.06 -80.72 21.08
C ARG M 322 -63.74 -82.02 21.81
N ASN M 323 -62.52 -82.08 22.35
CA ASN M 323 -61.98 -83.27 23.01
C ASN M 323 -62.13 -83.31 24.55
N SER M 324 -62.23 -84.54 25.06
CA SER M 324 -62.58 -84.90 26.44
C SER M 324 -61.97 -84.02 27.55
N PRO M 325 -62.78 -83.70 28.58
CA PRO M 325 -62.48 -82.79 29.70
C PRO M 325 -61.05 -82.87 30.21
N ASP N 2 -104.53 -74.50 45.27
CA ASP N 2 -103.14 -74.25 45.62
C ASP N 2 -102.21 -74.38 44.41
N PRO N 3 -101.32 -73.39 44.24
CA PRO N 3 -100.22 -73.33 43.26
C PRO N 3 -99.07 -74.23 43.66
N GLY N 4 -98.62 -75.12 42.78
CA GLY N 4 -97.47 -75.92 43.12
C GLY N 4 -96.31 -74.96 42.99
N ASP N 5 -95.24 -75.21 43.74
CA ASP N 5 -94.10 -74.29 43.82
C ASP N 5 -93.54 -73.96 42.44
N GLN N 6 -92.94 -72.78 42.32
CA GLN N 6 -92.54 -72.32 41.00
C GLN N 6 -91.07 -71.92 40.99
N ILE N 7 -90.43 -72.22 39.86
CA ILE N 7 -89.06 -71.82 39.60
C ILE N 7 -88.95 -71.39 38.14
N CYS N 8 -88.30 -70.25 37.90
CA CYS N 8 -88.21 -69.71 36.55
C CYS N 8 -86.76 -69.44 36.15
N ILE N 9 -86.49 -69.52 34.85
CA ILE N 9 -85.18 -69.19 34.32
C ILE N 9 -85.37 -67.90 33.51
N GLY N 10 -84.59 -66.86 33.83
CA GLY N 10 -84.75 -65.56 33.19
C GLY N 10 -83.48 -64.73 33.09
N TYR N 11 -83.61 -63.50 32.61
CA TYR N 11 -82.43 -62.66 32.38
C TYR N 11 -82.53 -61.25 32.95
N HIS N 12 -81.36 -60.60 33.06
CA HIS N 12 -81.26 -59.26 33.61
C HIS N 12 -81.82 -58.21 32.63
N ALA N 13 -82.33 -57.11 33.16
CA ALA N 13 -82.70 -55.95 32.34
C ALA N 13 -82.66 -54.68 33.21
N ASN N 14 -82.72 -53.52 32.58
CA ASN N 14 -82.73 -52.26 33.34
C ASN N 14 -83.24 -51.03 32.59
N ASN N 15 -82.81 -49.85 33.05
CA ASN N 15 -83.28 -48.58 32.48
CA ASN N 15 -83.27 -48.56 32.50
C ASN N 15 -82.25 -47.94 31.55
N SER N 16 -81.35 -48.75 31.00
CA SER N 16 -80.30 -48.28 30.09
C SER N 16 -80.83 -48.19 28.67
N THR N 17 -80.55 -47.06 28.01
CA THR N 17 -80.93 -46.88 26.61
C THR N 17 -79.73 -46.82 25.63
N GLU N 18 -78.61 -47.42 26.03
CA GLU N 18 -77.43 -47.63 25.17
C GLU N 18 -77.72 -48.53 23.94
N GLN N 19 -77.26 -48.11 22.76
CA GLN N 19 -77.49 -48.83 21.50
C GLN N 19 -76.26 -49.34 20.75
N VAL N 20 -76.32 -50.60 20.32
CA VAL N 20 -75.32 -51.19 19.44
C VAL N 20 -76.01 -51.53 18.11
N ASP N 21 -75.27 -52.03 17.12
CA ASP N 21 -75.87 -52.41 15.84
C ASP N 21 -75.54 -53.85 15.45
N THR N 22 -76.28 -54.40 14.47
CA THR N 22 -76.01 -55.75 13.97
C THR N 22 -76.34 -55.86 12.46
N ILE N 23 -75.79 -56.88 11.80
CA ILE N 23 -75.97 -57.11 10.36
C ILE N 23 -77.42 -57.21 9.90
N MET N 24 -78.30 -57.65 10.79
CA MET N 24 -79.70 -57.84 10.41
C MET N 24 -80.59 -56.81 11.10
N GLU N 25 -80.11 -56.19 12.17
CA GLU N 25 -80.94 -55.19 12.84
C GLU N 25 -80.13 -54.03 13.46
N LYS N 26 -80.63 -52.81 13.26
CA LYS N 26 -80.05 -51.56 13.78
C LYS N 26 -80.78 -50.98 15.01
N ASN N 27 -80.07 -50.17 15.79
CA ASN N 27 -80.62 -49.46 16.95
C ASN N 27 -81.12 -50.39 18.06
N VAL N 28 -80.46 -51.52 18.21
CA VAL N 28 -80.77 -52.48 19.27
C VAL N 28 -80.29 -51.98 20.64
N THR N 29 -81.22 -51.85 21.59
CA THR N 29 -80.93 -51.36 22.94
C THR N 29 -80.34 -52.44 23.87
N VAL N 30 -79.27 -52.11 24.61
CA VAL N 30 -78.58 -53.13 25.40
C VAL N 30 -78.36 -52.82 26.88
N THR N 31 -77.97 -53.85 27.63
CA THR N 31 -77.79 -53.81 29.07
C THR N 31 -76.51 -53.08 29.49
N HIS N 32 -75.40 -53.54 28.93
CA HIS N 32 -74.09 -52.93 29.13
C HIS N 32 -73.46 -52.71 27.76
N ALA N 33 -72.80 -51.58 27.57
CA ALA N 33 -72.14 -51.29 26.30
C ALA N 33 -70.70 -50.85 26.52
N GLN N 34 -69.93 -50.82 25.45
CA GLN N 34 -68.52 -50.42 25.51
C GLN N 34 -68.14 -49.62 24.25
N ASP N 35 -68.01 -48.31 24.40
CA ASP N 35 -67.55 -47.44 23.31
C ASP N 35 -66.04 -47.60 23.17
N ILE N 36 -65.58 -47.77 21.93
CA ILE N 36 -64.15 -47.97 21.69
C ILE N 36 -63.53 -46.92 20.77
N LEU N 37 -64.33 -45.93 20.38
CA LEU N 37 -63.86 -44.87 19.49
C LEU N 37 -63.60 -43.57 20.24
N GLU N 38 -62.35 -43.12 20.17
CA GLU N 38 -61.95 -41.87 20.79
C GLU N 38 -62.23 -40.75 19.79
N LYS N 39 -62.94 -39.71 20.22
CA LYS N 39 -63.29 -38.60 19.32
C LYS N 39 -62.76 -37.25 19.82
N LYS N 40 -62.12 -37.27 20.99
CA LYS N 40 -61.70 -36.04 21.65
C LYS N 40 -60.20 -35.81 21.59
N HIS N 41 -59.79 -34.59 21.22
CA HIS N 41 -58.39 -34.17 21.34
C HIS N 41 -58.33 -32.80 22.03
N ASN N 42 -57.11 -32.36 22.33
CA ASN N 42 -56.95 -31.16 23.14
C ASN N 42 -56.49 -29.91 22.39
N GLY N 43 -56.55 -29.96 21.05
CA GLY N 43 -56.22 -28.83 20.20
C GLY N 43 -54.86 -28.15 20.36
N LYS N 44 -53.90 -28.82 21.00
CA LYS N 44 -52.63 -28.17 21.28
C LYS N 44 -51.45 -29.01 20.83
N LEU N 45 -50.33 -28.34 20.59
CA LEU N 45 -49.07 -29.00 20.29
C LEU N 45 -48.30 -29.19 21.60
N CYS N 46 -48.10 -30.45 21.98
CA CYS N 46 -47.46 -30.76 23.25
C CYS N 46 -46.15 -31.48 23.06
N ASP N 47 -45.43 -31.66 24.16
CA ASP N 47 -44.25 -32.50 24.19
C ASP N 47 -44.58 -33.97 23.98
N LEU N 48 -43.57 -34.76 23.66
CA LEU N 48 -43.76 -36.20 23.54
C LEU N 48 -42.91 -36.84 24.63
N ASP N 49 -43.55 -37.29 25.71
CA ASP N 49 -42.85 -37.57 26.96
C ASP N 49 -41.95 -36.41 27.35
N GLY N 50 -40.65 -36.68 27.48
CA GLY N 50 -39.68 -35.66 27.85
C GLY N 50 -39.53 -34.47 26.92
N VAL N 51 -39.69 -34.69 25.62
CA VAL N 51 -39.11 -33.81 24.59
C VAL N 51 -40.06 -32.82 23.91
N LYS N 52 -39.61 -31.57 23.79
CA LYS N 52 -40.36 -30.49 23.12
C LYS N 52 -40.19 -30.54 21.62
N PRO N 53 -41.30 -30.39 20.86
CA PRO N 53 -41.18 -30.32 19.39
C PRO N 53 -40.46 -29.08 18.88
N LEU N 54 -39.71 -29.22 17.79
CA LEU N 54 -39.19 -28.07 17.09
C LEU N 54 -40.33 -27.50 16.27
N ILE N 55 -40.88 -26.37 16.70
CA ILE N 55 -41.93 -25.72 15.91
C ILE N 55 -41.43 -24.44 15.27
N LEU N 56 -41.15 -24.51 13.97
CA LEU N 56 -40.83 -23.36 13.15
C LEU N 56 -42.11 -22.54 13.01
N ARG N 57 -42.02 -21.22 13.14
CA ARG N 57 -43.26 -20.47 13.13
C ARG N 57 -43.70 -20.18 11.71
N ASP N 58 -43.18 -19.10 11.12
CA ASP N 58 -43.52 -18.80 9.73
C ASP N 58 -42.33 -19.09 8.82
N CYS N 59 -41.39 -19.87 9.34
CA CYS N 59 -40.27 -20.33 8.54
C CYS N 59 -40.53 -21.72 7.97
N SER N 60 -39.88 -21.99 6.84
CA SER N 60 -39.85 -23.32 6.24
C SER N 60 -38.56 -24.01 6.62
N VAL N 61 -38.47 -25.31 6.37
CA VAL N 61 -37.26 -26.04 6.70
C VAL N 61 -36.04 -25.41 6.03
N ALA N 62 -36.21 -24.93 4.80
CA ALA N 62 -35.11 -24.30 4.08
C ALA N 62 -34.58 -23.03 4.76
N GLY N 63 -35.46 -22.11 5.14
CA GLY N 63 -35.09 -20.88 5.82
C GLY N 63 -34.36 -21.12 7.13
N TRP N 64 -34.84 -22.11 7.86
CA TRP N 64 -34.14 -22.57 9.03
C TRP N 64 -32.71 -22.94 8.63
N LEU N 65 -32.56 -23.92 7.74
CA LEU N 65 -31.23 -24.47 7.48
C LEU N 65 -30.23 -23.52 6.85
N LEU N 66 -30.70 -22.66 5.97
CA LEU N 66 -29.77 -21.84 5.21
C LEU N 66 -29.39 -20.63 6.02
N GLY N 67 -30.28 -20.25 6.94
CA GLY N 67 -30.11 -19.03 7.72
C GLY N 67 -30.76 -17.82 7.07
N ASN N 68 -32.05 -17.95 6.79
CA ASN N 68 -32.86 -16.80 6.41
C ASN N 68 -32.76 -15.77 7.53
N PRO N 69 -32.48 -14.51 7.18
CA PRO N 69 -32.45 -13.42 8.16
C PRO N 69 -33.69 -13.36 9.09
N MET N 70 -34.88 -13.64 8.55
CA MET N 70 -36.13 -13.61 9.32
C MET N 70 -36.37 -14.85 10.20
N CYS N 71 -35.44 -15.78 10.19
CA CYS N 71 -35.61 -17.08 10.84
C CYS N 71 -34.70 -17.32 12.07
N ASP N 72 -34.11 -16.27 12.63
CA ASP N 72 -33.02 -16.43 13.59
C ASP N 72 -33.39 -17.15 14.86
N GLU N 73 -34.68 -17.20 15.18
CA GLU N 73 -35.14 -17.91 16.39
C GLU N 73 -34.54 -19.31 16.51
N PHE N 74 -34.07 -19.85 15.38
CA PHE N 74 -33.63 -21.23 15.32
C PHE N 74 -32.11 -21.34 15.15
N ILE N 75 -31.39 -20.44 15.82
CA ILE N 75 -29.94 -20.33 15.67
C ILE N 75 -29.11 -21.49 16.27
N ASN N 76 -29.47 -22.00 17.45
CA ASN N 76 -28.82 -23.20 18.02
C ASN N 76 -29.82 -24.12 18.72
N VAL N 77 -30.64 -24.82 17.94
CA VAL N 77 -31.77 -25.54 18.51
C VAL N 77 -31.30 -26.73 19.32
N PRO N 78 -32.00 -27.01 20.44
CA PRO N 78 -31.83 -28.23 21.24
C PRO N 78 -32.55 -29.38 20.54
N GLU N 79 -32.29 -30.61 20.95
CA GLU N 79 -32.99 -31.77 20.39
C GLU N 79 -34.53 -31.68 20.43
N TRP N 80 -35.16 -32.20 19.37
CA TRP N 80 -36.61 -32.20 19.20
C TRP N 80 -37.19 -33.61 19.12
N SER N 81 -38.52 -33.68 19.20
CA SER N 81 -39.24 -34.94 19.11
C SER N 81 -39.92 -35.08 17.74
N TYR N 82 -40.39 -33.96 17.20
CA TYR N 82 -41.01 -33.94 15.89
C TYR N 82 -41.06 -32.48 15.44
N ILE N 83 -40.95 -32.24 14.15
CA ILE N 83 -40.86 -30.89 13.64
C ILE N 83 -42.23 -30.41 13.14
N VAL N 84 -42.57 -29.13 13.37
CA VAL N 84 -43.81 -28.56 12.79
C VAL N 84 -43.61 -27.36 11.86
N GLU N 85 -44.19 -27.48 10.66
CA GLU N 85 -44.10 -26.50 9.59
C GLU N 85 -45.50 -26.10 9.16
N LYS N 86 -45.73 -24.82 8.96
CA LYS N 86 -47.05 -24.39 8.49
C LYS N 86 -47.26 -24.77 7.03
N ALA N 87 -48.48 -24.58 6.53
CA ALA N 87 -48.84 -25.10 5.21
C ALA N 87 -48.20 -24.29 4.10
N ASN N 88 -48.03 -22.99 4.35
CA ASN N 88 -47.32 -22.09 3.44
C ASN N 88 -46.49 -21.10 4.24
N PRO N 89 -45.35 -21.55 4.80
CA PRO N 89 -44.57 -20.64 5.64
C PRO N 89 -44.20 -19.41 4.86
N VAL N 90 -44.25 -18.27 5.50
CA VAL N 90 -44.11 -17.01 4.81
C VAL N 90 -42.66 -16.74 4.48
N ASN N 91 -41.75 -17.14 5.36
CA ASN N 91 -40.34 -16.90 5.16
C ASN N 91 -39.59 -18.11 4.59
N ASP N 92 -39.60 -18.27 3.27
CA ASP N 92 -38.88 -19.38 2.67
C ASP N 92 -37.54 -18.83 2.16
N LEU N 93 -37.36 -18.80 0.85
CA LEU N 93 -36.13 -18.25 0.30
C LEU N 93 -36.30 -16.74 0.07
N CYS N 94 -35.70 -15.95 0.94
CA CYS N 94 -35.84 -14.51 0.83
C CYS N 94 -35.29 -13.98 -0.53
N TYR N 95 -34.18 -14.52 -1.01
CA TYR N 95 -33.73 -14.24 -2.37
C TYR N 95 -34.31 -15.35 -3.22
N PRO N 96 -35.02 -14.99 -4.28
CA PRO N 96 -35.81 -15.96 -5.05
C PRO N 96 -34.96 -17.03 -5.76
N GLY N 97 -35.39 -18.28 -5.63
CA GLY N 97 -34.73 -19.33 -6.35
C GLY N 97 -35.26 -20.67 -5.95
N ASP N 98 -34.36 -21.63 -5.87
CA ASP N 98 -34.77 -23.00 -5.72
C ASP N 98 -33.77 -23.83 -4.91
N PHE N 99 -34.35 -24.84 -4.27
CA PHE N 99 -33.63 -25.79 -3.44
C PHE N 99 -33.70 -27.18 -4.05
N ASN N 100 -32.55 -27.69 -4.48
CA ASN N 100 -32.43 -28.96 -5.21
C ASN N 100 -32.76 -30.25 -4.41
N ASP N 101 -33.46 -31.19 -5.03
CA ASP N 101 -33.83 -32.47 -4.37
C ASP N 101 -34.42 -32.26 -2.98
N TYR N 102 -35.13 -31.15 -2.79
CA TYR N 102 -35.61 -30.69 -1.49
C TYR N 102 -36.49 -31.68 -0.73
N GLU N 103 -37.33 -32.40 -1.47
CA GLU N 103 -38.25 -33.34 -0.84
C GLU N 103 -37.47 -34.47 -0.24
N GLU N 104 -36.46 -34.92 -0.96
CA GLU N 104 -35.53 -35.97 -0.52
C GLU N 104 -34.72 -35.58 0.73
N LEU N 105 -34.45 -34.28 0.89
CA LEU N 105 -33.78 -33.73 2.06
C LEU N 105 -34.70 -33.70 3.28
N LYS N 106 -35.94 -33.24 3.09
CA LYS N 106 -36.95 -33.28 4.17
C LYS N 106 -37.14 -34.67 4.69
N HIS N 107 -36.95 -35.63 3.81
CA HIS N 107 -37.16 -37.02 4.15
C HIS N 107 -36.14 -37.47 5.17
N LEU N 108 -34.91 -37.01 5.02
CA LEU N 108 -33.85 -37.30 5.96
C LEU N 108 -34.18 -36.75 7.34
N LEU N 109 -34.87 -35.61 7.39
CA LEU N 109 -35.13 -34.95 8.67
C LEU N 109 -36.03 -35.76 9.59
N SER N 110 -36.86 -36.61 8.98
CA SER N 110 -37.80 -37.43 9.72
C SER N 110 -37.08 -38.59 10.44
N ARG N 111 -35.77 -38.67 10.24
CA ARG N 111 -34.95 -39.67 10.93
C ARG N 111 -33.93 -38.97 11.80
N ILE N 112 -34.06 -37.66 11.94
CA ILE N 112 -33.02 -36.92 12.65
C ILE N 112 -33.63 -36.16 13.84
N ASN N 113 -32.94 -36.19 14.98
CA ASN N 113 -33.41 -35.49 16.16
C ASN N 113 -32.54 -34.31 16.55
N HIS N 114 -31.30 -34.27 16.06
CA HIS N 114 -30.40 -33.22 16.51
C HIS N 114 -29.29 -32.86 15.52
N PHE N 115 -29.07 -31.56 15.32
CA PHE N 115 -27.95 -31.06 14.51
C PHE N 115 -26.94 -30.39 15.40
N GLU N 116 -25.77 -30.16 14.86
CA GLU N 116 -24.81 -29.32 15.53
C GLU N 116 -24.07 -28.42 14.53
N LYS N 117 -24.55 -27.20 14.35
CA LYS N 117 -24.00 -26.24 13.38
C LYS N 117 -22.50 -26.09 13.62
N ILE N 118 -21.68 -26.31 12.59
CA ILE N 118 -20.26 -26.02 12.76
C ILE N 118 -19.70 -25.24 11.59
N GLN N 119 -18.72 -24.39 11.89
CA GLN N 119 -18.02 -23.63 10.88
C GLN N 119 -16.99 -24.47 10.11
N ILE N 120 -17.08 -24.48 8.79
CA ILE N 120 -16.16 -25.29 7.98
C ILE N 120 -15.34 -24.45 6.99
N ILE N 121 -15.81 -23.26 6.67
CA ILE N 121 -14.99 -22.30 5.94
C ILE N 121 -15.29 -20.90 6.42
N PRO N 122 -14.40 -20.37 7.27
CA PRO N 122 -14.51 -19.10 7.99
C PRO N 122 -14.67 -17.91 7.04
N LYS N 123 -15.70 -17.08 7.30
CA LYS N 123 -16.00 -15.95 6.44
C LYS N 123 -14.80 -15.00 6.19
N SER N 124 -13.94 -14.85 7.22
CA SER N 124 -12.72 -14.03 7.15
C SER N 124 -11.61 -14.61 6.28
N SER N 125 -11.69 -15.91 5.98
CA SER N 125 -10.61 -16.63 5.30
C SER N 125 -10.51 -16.29 3.79
N TRP N 126 -11.55 -15.67 3.26
CA TRP N 126 -11.55 -15.32 1.84
C TRP N 126 -10.65 -14.12 1.58
N SER N 127 -9.35 -14.39 1.42
CA SER N 127 -8.33 -13.34 1.31
C SER N 127 -8.26 -12.60 -0.04
N SER N 128 -8.55 -13.29 -1.13
CA SER N 128 -8.40 -12.71 -2.47
C SER N 128 -9.74 -12.44 -3.23
N HIS N 129 -10.84 -12.55 -2.48
CA HIS N 129 -12.19 -12.20 -2.94
C HIS N 129 -12.85 -11.29 -1.90
N GLU N 130 -14.01 -10.75 -2.24
CA GLU N 130 -14.77 -9.96 -1.29
C GLU N 130 -15.97 -10.74 -0.70
N ALA N 131 -15.79 -11.28 0.50
CA ALA N 131 -16.86 -12.05 1.14
C ALA N 131 -18.02 -11.17 1.60
N SER N 132 -17.72 -9.91 1.89
CA SER N 132 -18.63 -9.08 2.69
C SER N 132 -19.55 -8.11 1.96
N LEU N 133 -19.69 -8.29 0.64
CA LEU N 133 -20.57 -7.44 -0.17
C LEU N 133 -21.79 -8.20 -0.69
N GLY N 134 -21.86 -9.50 -0.40
CA GLY N 134 -22.89 -10.36 -0.96
C GLY N 134 -24.22 -10.13 -0.28
N VAL N 135 -24.83 -8.99 -0.60
CA VAL N 135 -25.97 -8.51 0.15
C VAL N 135 -27.04 -7.93 -0.80
N SER N 136 -28.31 -8.27 -0.57
CA SER N 136 -29.41 -7.67 -1.35
C SER N 136 -30.57 -7.26 -0.46
N SER N 137 -31.36 -6.30 -0.95
CA SER N 137 -32.53 -5.84 -0.19
C SER N 137 -33.64 -6.89 -0.09
N ALA N 138 -33.60 -7.94 -0.89
CA ALA N 138 -34.65 -8.95 -0.75
C ALA N 138 -34.54 -9.69 0.57
N CYS N 139 -33.34 -9.65 1.18
CA CYS N 139 -32.98 -10.47 2.36
C CYS N 139 -32.66 -9.67 3.63
N PRO N 140 -33.61 -8.83 4.09
CA PRO N 140 -33.33 -7.78 5.06
C PRO N 140 -33.14 -8.31 6.43
N TYR N 141 -32.04 -7.96 7.06
CA TYR N 141 -31.80 -8.37 8.43
C TYR N 141 -32.49 -7.49 9.45
N GLN N 142 -31.84 -6.38 9.80
CA GLN N 142 -32.54 -5.48 10.68
C GLN N 142 -32.43 -4.12 10.06
N GLY N 143 -33.30 -3.86 9.08
CA GLY N 143 -33.31 -2.61 8.34
C GLY N 143 -32.17 -2.48 7.35
N LYS N 144 -30.96 -2.69 7.85
CA LYS N 144 -29.77 -2.84 7.02
C LYS N 144 -30.04 -4.11 6.23
N SER N 145 -29.81 -4.10 4.91
CA SER N 145 -30.11 -5.26 4.06
C SER N 145 -29.03 -6.32 4.09
N SER N 146 -29.44 -7.57 3.93
CA SER N 146 -28.52 -8.66 4.17
C SER N 146 -28.66 -9.86 3.25
N PHE N 147 -28.38 -11.02 3.83
CA PHE N 147 -28.35 -12.29 3.12
C PHE N 147 -28.49 -13.47 4.07
N PHE N 148 -28.61 -14.67 3.51
CA PHE N 148 -28.53 -15.92 4.25
C PHE N 148 -27.34 -15.95 5.18
N ARG N 149 -27.51 -16.61 6.32
CA ARG N 149 -26.48 -16.65 7.34
C ARG N 149 -25.43 -17.73 7.24
N ASN N 150 -25.84 -18.90 6.76
CA ASN N 150 -24.94 -20.05 6.80
C ASN N 150 -24.11 -20.20 5.52
N VAL N 151 -24.37 -19.35 4.54
CA VAL N 151 -23.61 -19.35 3.30
C VAL N 151 -23.07 -17.95 2.96
N VAL N 152 -22.14 -17.89 2.01
CA VAL N 152 -21.45 -16.62 1.68
C VAL N 152 -21.42 -16.28 0.19
N TRP N 153 -21.96 -15.11 -0.16
CA TRP N 153 -22.01 -14.68 -1.54
C TRP N 153 -20.78 -13.88 -1.97
N LEU N 154 -19.74 -14.61 -2.36
CA LEU N 154 -18.47 -14.03 -2.79
C LEU N 154 -18.58 -13.14 -4.03
N ILE N 155 -17.71 -12.12 -4.10
CA ILE N 155 -17.71 -11.18 -5.21
C ILE N 155 -16.26 -10.81 -5.55
N LYS N 156 -16.00 -10.32 -6.76
CA LYS N 156 -14.64 -10.04 -7.19
C LYS N 156 -13.97 -9.00 -6.32
N LYS N 157 -12.66 -9.13 -6.14
CA LYS N 157 -11.91 -8.21 -5.28
C LYS N 157 -10.94 -7.38 -6.12
N ASP N 158 -10.86 -6.08 -5.84
CA ASP N 158 -10.26 -5.12 -6.79
C ASP N 158 -10.92 -5.23 -8.19
N SER N 159 -10.19 -5.76 -9.16
CA SER N 159 -10.78 -5.96 -10.47
C SER N 159 -11.09 -7.42 -10.74
N THR N 160 -10.57 -8.28 -9.86
CA THR N 160 -10.44 -9.70 -10.18
C THR N 160 -11.18 -10.76 -9.34
N TYR N 161 -11.42 -11.91 -9.95
CA TYR N 161 -12.00 -13.06 -9.29
C TYR N 161 -11.18 -14.24 -9.72
N PRO N 162 -10.11 -14.55 -8.97
CA PRO N 162 -9.18 -15.67 -9.23
C PRO N 162 -9.78 -17.04 -8.87
N THR N 163 -9.28 -18.09 -9.50
CA THR N 163 -9.87 -19.40 -9.31
C THR N 163 -9.84 -19.90 -7.84
N ILE N 164 -11.02 -20.11 -7.28
CA ILE N 164 -11.17 -20.68 -5.95
C ILE N 164 -10.87 -22.18 -5.91
N LYS N 165 -9.95 -22.58 -5.03
CA LYS N 165 -9.69 -23.99 -4.76
C LYS N 165 -9.63 -24.17 -3.26
N ARG N 166 -10.72 -24.67 -2.69
CA ARG N 166 -10.92 -24.78 -1.26
C ARG N 166 -11.54 -26.12 -0.95
N SER N 167 -11.14 -26.71 0.16
CA SER N 167 -11.64 -28.04 0.49
C SER N 167 -11.72 -28.23 1.96
N TYR N 168 -12.61 -29.12 2.39
CA TYR N 168 -12.83 -29.37 3.81
C TYR N 168 -12.89 -30.84 4.10
N ASN N 169 -12.13 -31.28 5.10
CA ASN N 169 -12.09 -32.70 5.43
C ASN N 169 -12.86 -32.96 6.73
N ASN N 170 -13.94 -33.74 6.64
CA ASN N 170 -14.76 -34.09 7.81
C ASN N 170 -14.00 -34.93 8.80
N THR N 171 -13.39 -34.28 9.79
CA THR N 171 -12.66 -34.97 10.83
C THR N 171 -13.50 -35.33 12.07
N ASN N 172 -14.82 -35.23 11.95
CA ASN N 172 -15.70 -35.56 13.06
C ASN N 172 -16.12 -37.02 12.98
N GLN N 173 -16.75 -37.52 14.03
CA GLN N 173 -17.16 -38.94 14.08
C GLN N 173 -18.50 -39.16 13.40
N GLU N 174 -19.23 -38.08 13.19
CA GLU N 174 -20.58 -38.19 12.66
C GLU N 174 -20.75 -37.64 11.23
N ASP N 175 -21.90 -37.92 10.64
CA ASP N 175 -22.20 -37.44 9.30
C ASP N 175 -22.45 -35.91 9.29
N LEU N 176 -22.08 -35.27 8.19
CA LEU N 176 -22.19 -33.81 8.02
C LEU N 176 -23.16 -33.40 6.91
N LEU N 177 -24.28 -32.73 7.21
CA LEU N 177 -25.07 -32.12 6.12
C LEU N 177 -24.44 -30.79 5.67
N VAL N 178 -24.04 -30.70 4.40
CA VAL N 178 -23.38 -29.50 3.88
C VAL N 178 -24.26 -28.80 2.83
N LEU N 179 -24.31 -27.47 2.86
CA LEU N 179 -25.09 -26.73 1.87
C LEU N 179 -24.25 -25.66 1.17
N TRP N 180 -24.55 -25.44 -0.11
CA TRP N 180 -23.89 -24.39 -0.89
C TRP N 180 -24.80 -24.01 -2.06
N GLY N 181 -24.33 -23.14 -2.94
CA GLY N 181 -25.22 -22.65 -3.98
C GLY N 181 -24.63 -21.84 -5.12
N ILE N 182 -25.46 -21.60 -6.12
CA ILE N 182 -25.04 -20.94 -7.33
C ILE N 182 -25.96 -19.77 -7.69
N HIS N 183 -25.38 -18.71 -8.21
CA HIS N 183 -26.17 -17.52 -8.53
C HIS N 183 -26.35 -17.39 -10.03
N HIS N 184 -27.60 -17.31 -10.47
CA HIS N 184 -27.96 -17.17 -11.87
C HIS N 184 -28.26 -15.70 -12.16
N PRO N 185 -27.30 -14.98 -12.77
CA PRO N 185 -27.49 -13.56 -13.07
C PRO N 185 -28.46 -13.28 -14.23
N ASN N 186 -28.71 -12.00 -14.51
CA ASN N 186 -29.71 -11.59 -15.50
C ASN N 186 -29.14 -11.36 -16.88
N ASP N 187 -27.90 -10.91 -16.95
CA ASP N 187 -27.28 -10.63 -18.24
C ASP N 187 -25.77 -10.59 -18.22
N ALA N 188 -25.19 -10.38 -19.39
CA ALA N 188 -23.75 -10.37 -19.59
C ALA N 188 -23.06 -9.32 -18.75
N ALA N 189 -23.69 -8.15 -18.65
CA ALA N 189 -23.17 -7.04 -17.87
C ALA N 189 -23.08 -7.31 -16.38
N GLU N 190 -24.19 -7.79 -15.82
CA GLU N 190 -24.28 -8.09 -14.39
C GLU N 190 -23.23 -9.12 -14.01
N GLN N 191 -23.12 -10.15 -14.84
CA GLN N 191 -22.17 -11.24 -14.66
C GLN N 191 -20.74 -10.70 -14.59
N THR N 192 -20.36 -9.86 -15.54
CA THR N 192 -19.01 -9.30 -15.51
C THR N 192 -18.86 -8.27 -14.37
N LYS N 193 -19.95 -7.59 -14.00
CA LYS N 193 -19.92 -6.64 -12.87
C LYS N 193 -19.57 -7.32 -11.57
N LEU N 194 -20.26 -8.40 -11.29
CA LEU N 194 -20.07 -9.12 -10.05
C LEU N 194 -18.78 -9.97 -10.02
N TYR N 195 -18.44 -10.60 -11.14
CA TYR N 195 -17.40 -11.61 -11.10
C TYR N 195 -16.26 -11.45 -12.13
N GLN N 196 -16.33 -10.39 -12.94
CA GLN N 196 -15.33 -10.12 -13.98
C GLN N 196 -15.31 -11.14 -15.13
N ASN N 197 -15.05 -12.41 -14.83
CA ASN N 197 -15.02 -13.46 -15.85
C ASN N 197 -16.35 -13.70 -16.56
N PRO N 198 -16.31 -13.83 -17.90
CA PRO N 198 -17.57 -13.92 -18.62
C PRO N 198 -18.09 -15.35 -18.59
N THR N 199 -17.17 -16.32 -18.61
CA THR N 199 -17.51 -17.76 -18.57
C THR N 199 -17.04 -18.44 -17.27
N THR N 200 -17.99 -19.01 -16.52
CA THR N 200 -17.72 -19.49 -15.17
C THR N 200 -18.29 -20.88 -14.89
N TYR N 201 -17.88 -21.50 -13.78
CA TYR N 201 -18.34 -22.85 -13.45
C TYR N 201 -18.21 -23.10 -11.96
N ILE N 202 -18.88 -24.13 -11.46
CA ILE N 202 -18.68 -24.57 -10.08
C ILE N 202 -18.50 -26.09 -9.99
N SER N 203 -17.29 -26.53 -9.62
CA SER N 203 -17.05 -27.95 -9.42
C SER N 203 -17.04 -28.29 -7.91
N VAL N 204 -17.64 -29.42 -7.58
CA VAL N 204 -17.75 -29.93 -6.22
C VAL N 204 -17.44 -31.42 -6.22
N GLY N 205 -16.40 -31.83 -5.51
CA GLY N 205 -16.01 -33.23 -5.56
C GLY N 205 -15.96 -33.86 -4.20
N THR N 206 -16.43 -35.10 -4.09
CA THR N 206 -16.47 -35.84 -2.84
C THR N 206 -15.85 -37.21 -3.20
N SER N 207 -15.89 -38.17 -2.29
CA SER N 207 -15.60 -39.56 -2.66
C SER N 207 -16.77 -40.12 -3.47
N THR N 208 -17.95 -39.54 -3.30
CA THR N 208 -19.15 -40.04 -3.99
C THR N 208 -19.78 -39.00 -4.93
N LEU N 209 -19.45 -37.73 -4.74
CA LEU N 209 -19.99 -36.69 -5.59
C LEU N 209 -19.07 -36.40 -6.77
N ASN N 210 -19.67 -36.03 -7.90
CA ASN N 210 -18.92 -35.53 -9.06
C ASN N 210 -19.83 -34.56 -9.81
N GLN N 211 -19.82 -33.30 -9.39
CA GLN N 211 -20.78 -32.32 -9.85
C GLN N 211 -20.06 -31.12 -10.47
N ARG N 212 -20.53 -30.66 -11.64
CA ARG N 212 -20.01 -29.41 -12.18
C ARG N 212 -21.16 -28.52 -12.61
N LEU N 213 -21.38 -27.46 -11.86
CA LEU N 213 -22.49 -26.54 -12.12
C LEU N 213 -22.06 -25.37 -13.03
N VAL N 214 -22.96 -25.00 -13.95
CA VAL N 214 -22.75 -23.83 -14.78
C VAL N 214 -24.01 -23.00 -14.65
N PRO N 215 -23.82 -21.68 -14.43
CA PRO N 215 -24.80 -20.61 -14.30
C PRO N 215 -25.59 -20.40 -15.57
N ARG N 216 -26.84 -20.00 -15.39
CA ARG N 216 -27.82 -20.05 -16.45
C ARG N 216 -28.52 -18.70 -16.66
N ILE N 217 -27.93 -17.85 -17.51
CA ILE N 217 -28.47 -16.51 -17.75
C ILE N 217 -29.79 -16.54 -18.50
N ALA N 218 -30.76 -15.79 -18.00
CA ALA N 218 -32.08 -15.77 -18.61
C ALA N 218 -32.88 -14.53 -18.17
N THR N 219 -33.81 -14.11 -19.01
CA THR N 219 -34.68 -12.98 -18.72
C THR N 219 -35.96 -13.42 -18.02
N ARG N 220 -36.10 -13.01 -16.75
CA ARG N 220 -37.17 -13.51 -15.88
C ARG N 220 -38.05 -12.40 -15.27
N SER N 221 -39.28 -12.76 -14.85
CA SER N 221 -40.13 -11.84 -14.09
C SER N 221 -39.50 -11.43 -12.76
N LYS N 222 -39.82 -10.25 -12.25
CA LYS N 222 -39.32 -9.87 -10.95
C LYS N 222 -40.12 -10.62 -9.88
N VAL N 223 -39.43 -11.18 -8.90
CA VAL N 223 -40.06 -11.79 -7.72
C VAL N 223 -39.45 -11.22 -6.45
N LYS N 224 -40.29 -10.74 -5.53
CA LYS N 224 -39.81 -9.97 -4.39
C LYS N 224 -38.87 -8.84 -4.85
N GLY N 225 -39.23 -8.21 -5.97
CA GLY N 225 -38.49 -7.07 -6.48
C GLY N 225 -37.24 -7.45 -7.23
N LEU N 226 -36.90 -8.74 -7.23
CA LEU N 226 -35.67 -9.18 -7.86
C LEU N 226 -35.82 -10.07 -9.09
N SER N 227 -34.85 -9.97 -9.99
CA SER N 227 -34.93 -10.75 -11.21
C SER N 227 -33.95 -11.92 -11.27
N GLY N 228 -32.85 -11.84 -10.52
CA GLY N 228 -31.89 -12.92 -10.49
C GLY N 228 -32.41 -14.11 -9.70
N ARG N 229 -31.71 -15.22 -9.75
CA ARG N 229 -32.12 -16.40 -9.00
C ARG N 229 -30.96 -17.08 -8.31
N MET N 230 -31.29 -17.81 -7.26
CA MET N 230 -30.32 -18.55 -6.48
C MET N 230 -30.67 -20.03 -6.49
N GLU N 231 -29.73 -20.93 -6.69
CA GLU N 231 -30.13 -22.32 -6.62
C GLU N 231 -29.23 -23.04 -5.66
N PHE N 232 -29.83 -23.67 -4.65
CA PHE N 232 -29.05 -24.25 -3.56
C PHE N 232 -29.00 -25.78 -3.60
N PHE N 233 -27.90 -26.30 -3.09
CA PHE N 233 -27.56 -27.73 -3.16
C PHE N 233 -27.08 -28.24 -1.82
N TRP N 234 -27.11 -29.55 -1.67
CA TRP N 234 -26.68 -30.21 -0.44
C TRP N 234 -26.10 -31.57 -0.72
N THR N 235 -25.26 -32.05 0.18
CA THR N 235 -24.75 -33.43 0.12
C THR N 235 -24.56 -33.96 1.54
N ILE N 236 -24.46 -35.28 1.72
CA ILE N 236 -24.06 -35.80 3.03
C ILE N 236 -22.58 -36.17 2.99
N LEU N 237 -21.79 -35.67 3.95
CA LEU N 237 -20.34 -35.90 3.97
C LEU N 237 -19.98 -36.91 5.03
N LYS N 238 -19.50 -38.07 4.56
CA LYS N 238 -19.10 -39.20 5.39
C LYS N 238 -17.92 -38.85 6.32
N PRO N 239 -17.86 -39.44 7.53
CA PRO N 239 -16.71 -39.20 8.41
C PRO N 239 -15.38 -39.55 7.75
N ASN N 240 -14.42 -38.62 7.86
CA ASN N 240 -13.06 -38.74 7.31
C ASN N 240 -13.03 -38.53 5.80
N ASP N 241 -14.13 -38.04 5.25
CA ASP N 241 -14.22 -37.73 3.82
C ASP N 241 -14.11 -36.20 3.59
N ALA N 242 -13.58 -35.80 2.43
CA ALA N 242 -13.44 -34.36 2.13
C ALA N 242 -14.24 -33.88 0.92
N ILE N 243 -14.84 -32.71 1.06
CA ILE N 243 -15.51 -32.07 -0.07
C ILE N 243 -14.61 -30.94 -0.61
N ASN N 244 -14.50 -30.86 -1.94
CA ASN N 244 -13.60 -29.92 -2.59
C ASN N 244 -14.34 -29.04 -3.59
N PHE N 245 -14.34 -27.72 -3.39
CA PHE N 245 -14.95 -26.80 -4.35
C PHE N 245 -13.90 -26.16 -5.25
N GLU N 246 -14.18 -26.09 -6.54
CA GLU N 246 -13.36 -25.26 -7.39
C GLU N 246 -14.31 -24.45 -8.25
N SER N 247 -14.16 -23.12 -8.21
CA SER N 247 -15.02 -22.27 -8.98
C SER N 247 -14.33 -21.00 -9.44
N ASN N 248 -15.16 -20.12 -10.00
CA ASN N 248 -14.66 -19.16 -10.97
C ASN N 248 -15.58 -17.95 -11.05
N GLY N 249 -16.69 -18.03 -10.32
CA GLY N 249 -17.71 -17.00 -10.30
C GLY N 249 -19.02 -17.63 -9.91
N ASN N 250 -20.01 -16.80 -9.58
CA ASN N 250 -21.38 -17.23 -9.25
C ASN N 250 -21.41 -18.26 -8.15
N PHE N 251 -20.32 -18.30 -7.37
CA PHE N 251 -20.16 -19.26 -6.27
C PHE N 251 -20.69 -18.68 -5.02
N ILE N 252 -21.62 -19.40 -4.42
CA ILE N 252 -22.16 -19.15 -3.08
C ILE N 252 -21.63 -20.22 -2.14
N ALA N 253 -20.63 -19.84 -1.35
CA ALA N 253 -19.81 -20.76 -0.58
C ALA N 253 -20.45 -21.16 0.74
N PRO N 254 -20.00 -22.27 1.33
CA PRO N 254 -20.52 -22.43 2.68
C PRO N 254 -19.68 -21.65 3.70
N GLU N 255 -20.26 -21.49 4.88
CA GLU N 255 -19.48 -21.20 6.07
C GLU N 255 -19.79 -22.32 7.04
N TYR N 256 -21.08 -22.55 7.28
CA TYR N 256 -21.53 -23.55 8.25
C TYR N 256 -22.10 -24.83 7.65
N ALA N 257 -21.93 -25.94 8.36
CA ALA N 257 -22.48 -27.24 7.97
C ALA N 257 -23.27 -27.80 9.17
N TYR N 258 -23.85 -28.97 9.04
CA TYR N 258 -24.56 -29.55 10.19
C TYR N 258 -24.07 -30.94 10.51
N LYS N 259 -23.70 -31.16 11.77
CA LYS N 259 -23.38 -32.50 12.26
C LYS N 259 -24.64 -33.20 12.70
N ILE N 260 -24.92 -34.36 12.14
CA ILE N 260 -26.08 -35.14 12.58
C ILE N 260 -25.66 -35.79 13.88
N VAL N 261 -26.24 -35.41 15.00
CA VAL N 261 -25.66 -35.73 16.30
C VAL N 261 -26.51 -36.78 17.01
N LYS N 262 -27.81 -36.80 16.71
CA LYS N 262 -28.59 -37.95 17.11
C LYS N 262 -29.73 -38.25 16.15
N LYS N 263 -29.82 -39.51 15.73
CA LYS N 263 -30.93 -39.99 14.89
C LYS N 263 -31.98 -40.73 15.72
N GLY N 264 -33.13 -40.97 15.12
CA GLY N 264 -34.22 -41.66 15.81
C GLY N 264 -35.54 -41.42 15.12
N ASP N 265 -36.63 -41.85 15.74
CA ASP N 265 -37.98 -41.58 15.25
C ASP N 265 -38.31 -40.08 15.25
N SER N 266 -38.99 -39.62 14.20
CA SER N 266 -39.50 -38.25 14.11
C SER N 266 -40.32 -38.05 12.83
N THR N 267 -40.99 -36.90 12.72
CA THR N 267 -41.73 -36.53 11.52
C THR N 267 -41.71 -35.01 11.37
N ILE N 268 -41.92 -34.52 10.15
CA ILE N 268 -42.19 -33.10 9.94
C ILE N 268 -43.68 -33.01 9.86
N MET N 269 -44.30 -32.35 10.82
CA MET N 269 -45.75 -32.35 10.89
C MET N 269 -46.33 -31.06 10.35
N LYS N 270 -47.18 -31.16 9.33
CA LYS N 270 -47.85 -29.99 8.79
C LYS N 270 -49.02 -29.70 9.70
N SER N 271 -48.99 -28.54 10.34
CA SER N 271 -50.03 -28.14 11.28
C SER N 271 -49.98 -26.62 11.50
N GLU N 272 -51.14 -26.02 11.71
CA GLU N 272 -51.19 -24.57 11.85
C GLU N 272 -50.96 -24.09 13.29
N LEU N 273 -51.30 -24.96 14.24
CA LEU N 273 -51.30 -24.65 15.68
C LEU N 273 -49.97 -24.14 16.26
N GLU N 274 -49.99 -23.74 17.54
CA GLU N 274 -48.77 -23.39 18.27
C GLU N 274 -48.62 -24.17 19.59
N TYR N 275 -47.59 -23.83 20.38
CA TYR N 275 -47.21 -24.64 21.55
C TYR N 275 -48.16 -24.50 22.75
N GLY N 276 -48.67 -25.62 23.24
CA GLY N 276 -49.68 -25.63 24.28
C GLY N 276 -49.17 -25.75 25.70
N ASN N 277 -47.84 -25.83 25.87
CA ASN N 277 -47.18 -25.99 27.17
C ASN N 277 -47.65 -27.18 27.99
N CYS N 278 -47.95 -28.30 27.34
CA CYS N 278 -48.42 -29.49 28.01
C CYS N 278 -47.55 -30.67 27.63
N ASN N 279 -48.09 -31.87 27.76
CA ASN N 279 -47.38 -33.09 27.39
C ASN N 279 -48.32 -34.27 27.12
N THR N 280 -48.03 -35.04 26.07
CA THR N 280 -48.71 -36.31 25.85
C THR N 280 -47.74 -37.36 25.32
N LYS N 281 -48.29 -38.54 25.07
CA LYS N 281 -47.57 -39.65 24.46
C LYS N 281 -48.16 -39.90 23.07
N CYS N 282 -49.14 -39.07 22.71
CA CYS N 282 -49.76 -39.17 21.39
C CYS N 282 -50.17 -37.79 20.88
N GLN N 283 -49.66 -37.41 19.71
CA GLN N 283 -49.90 -36.09 19.13
C GLN N 283 -50.52 -36.17 17.72
N THR N 284 -51.37 -35.21 17.39
CA THR N 284 -52.06 -35.19 16.09
C THR N 284 -51.92 -33.76 15.56
N PRO N 285 -51.86 -33.57 14.23
CA PRO N 285 -51.77 -32.21 13.66
C PRO N 285 -52.97 -31.34 14.00
N MET N 286 -54.00 -31.93 14.61
CA MET N 286 -55.15 -31.17 15.04
C MET N 286 -55.12 -31.01 16.55
N GLY N 287 -54.38 -31.87 17.24
CA GLY N 287 -54.23 -31.77 18.69
C GLY N 287 -53.74 -33.04 19.36
N ALA N 288 -53.40 -32.99 20.64
CA ALA N 288 -52.88 -34.17 21.35
C ALA N 288 -54.00 -35.12 21.79
N ILE N 289 -53.65 -36.38 21.99
CA ILE N 289 -54.59 -37.37 22.48
C ILE N 289 -54.19 -37.96 23.85
N ASN N 290 -55.19 -38.08 24.73
CA ASN N 290 -55.06 -38.78 25.99
C ASN N 290 -56.24 -39.75 26.12
N SER N 291 -55.96 -41.01 25.80
CA SER N 291 -57.01 -42.02 25.72
C SER N 291 -56.47 -43.44 25.86
N SER N 292 -57.32 -44.33 26.37
CA SER N 292 -57.00 -45.74 26.49
C SER N 292 -57.69 -46.51 25.37
N MET N 293 -58.71 -45.88 24.78
CA MET N 293 -59.42 -46.44 23.63
C MET N 293 -58.46 -47.01 22.60
N PRO N 294 -58.89 -48.09 21.94
CA PRO N 294 -58.11 -48.74 20.88
C PRO N 294 -58.25 -48.04 19.54
N PHE N 295 -59.25 -47.18 19.39
CA PHE N 295 -59.52 -46.54 18.10
C PHE N 295 -59.80 -45.05 18.22
N HIS N 296 -59.35 -44.29 17.22
CA HIS N 296 -59.67 -42.88 17.10
C HIS N 296 -60.04 -42.51 15.66
N ASN N 297 -60.59 -41.31 15.47
CA ASN N 297 -61.01 -40.84 14.16
C ASN N 297 -60.60 -39.41 13.88
N ILE N 298 -59.56 -38.95 14.56
CA ILE N 298 -59.18 -37.55 14.50
C ILE N 298 -58.52 -37.17 13.16
N HIS N 299 -57.37 -37.79 12.91
CA HIS N 299 -56.47 -37.44 11.81
C HIS N 299 -55.42 -38.54 11.68
N PRO N 300 -55.20 -39.04 10.45
CA PRO N 300 -54.39 -40.24 10.18
C PRO N 300 -52.89 -40.09 10.42
N LEU N 301 -52.37 -38.87 10.43
CA LEU N 301 -50.93 -38.66 10.59
C LEU N 301 -50.56 -38.41 12.04
N THR N 302 -50.27 -39.49 12.78
CA THR N 302 -49.96 -39.34 14.21
C THR N 302 -48.52 -39.77 14.47
N ILE N 303 -47.96 -39.25 15.55
CA ILE N 303 -46.62 -39.65 15.95
C ILE N 303 -46.65 -39.98 17.44
N GLY N 304 -45.94 -41.05 17.81
CA GLY N 304 -45.90 -41.54 19.18
C GLY N 304 -46.79 -42.77 19.29
N GLU N 305 -46.90 -43.33 20.49
CA GLU N 305 -47.71 -44.54 20.67
C GLU N 305 -49.21 -44.21 20.77
N CYS N 306 -49.92 -44.39 19.65
CA CYS N 306 -51.29 -43.90 19.46
C CYS N 306 -52.35 -44.97 19.19
N PRO N 307 -53.62 -44.64 19.52
CA PRO N 307 -54.74 -45.49 19.07
C PRO N 307 -54.77 -45.55 17.55
N LYS N 308 -55.35 -46.60 16.99
CA LYS N 308 -55.38 -46.74 15.53
C LYS N 308 -56.54 -45.96 14.88
N TYR N 309 -56.19 -45.17 13.86
CA TYR N 309 -57.13 -44.29 13.16
C TYR N 309 -58.15 -45.02 12.27
N VAL N 310 -59.40 -44.55 12.29
CA VAL N 310 -60.42 -44.95 11.31
C VAL N 310 -61.35 -43.80 10.93
N LYS N 311 -62.07 -43.99 9.83
CA LYS N 311 -62.90 -42.94 9.26
C LYS N 311 -64.34 -43.00 9.75
N SER N 312 -64.60 -43.89 10.70
CA SER N 312 -65.95 -44.08 11.23
C SER N 312 -66.36 -42.98 12.22
N ASN N 313 -67.65 -42.68 12.31
CA ASN N 313 -68.15 -41.75 13.32
C ASN N 313 -68.51 -42.42 14.65
N ARG N 314 -68.78 -43.73 14.60
CA ARG N 314 -69.29 -44.45 15.77
C ARG N 314 -68.82 -45.90 15.80
N LEU N 315 -68.34 -46.36 16.95
CA LEU N 315 -68.04 -47.78 17.15
C LEU N 315 -68.45 -48.27 18.54
N VAL N 316 -69.56 -49.00 18.61
CA VAL N 316 -70.07 -49.48 19.89
C VAL N 316 -70.23 -51.00 19.98
N LEU N 317 -69.64 -51.56 21.03
CA LEU N 317 -69.71 -52.99 21.34
C LEU N 317 -70.84 -53.34 22.28
N ALA N 318 -71.32 -54.59 22.21
CA ALA N 318 -72.26 -55.09 23.19
C ALA N 318 -71.56 -56.01 24.22
N THR N 319 -71.65 -55.65 25.50
CA THR N 319 -71.06 -56.48 26.55
C THR N 319 -72.20 -57.15 27.33
N GLY N 320 -73.28 -56.41 27.57
CA GLY N 320 -74.47 -56.97 28.20
C GLY N 320 -75.39 -57.62 27.17
N LEU N 321 -76.61 -57.93 27.55
CA LEU N 321 -77.55 -58.56 26.63
C LEU N 321 -78.73 -57.64 26.29
N ARG N 322 -79.55 -58.10 25.34
CA ARG N 322 -80.62 -57.32 24.73
C ARG N 322 -81.53 -56.71 25.79
N ASN N 323 -81.79 -55.41 25.69
CA ASN N 323 -82.63 -54.73 26.68
C ASN N 323 -84.07 -54.67 26.17
N SER N 324 -85.02 -54.71 27.11
CA SER N 324 -86.46 -54.92 26.83
C SER N 324 -86.97 -54.18 25.58
N PRO N 325 -87.76 -54.91 24.75
CA PRO N 325 -88.24 -54.50 23.42
C PRO N 325 -88.71 -53.05 23.31
N ASP O 2 -111.31 -92.16 18.29
CA ASP O 2 -111.57 -90.82 17.77
C ASP O 2 -110.31 -90.21 17.15
N PRO O 3 -110.37 -89.77 15.88
CA PRO O 3 -109.24 -88.99 15.36
C PRO O 3 -109.33 -87.53 15.81
N GLY O 4 -108.34 -87.06 16.57
CA GLY O 4 -108.32 -85.67 17.01
C GLY O 4 -107.83 -84.64 16.00
N ASP O 5 -108.29 -83.41 16.19
CA ASP O 5 -107.96 -82.26 15.33
C ASP O 5 -106.46 -82.02 15.22
N GLN O 6 -106.05 -81.43 14.10
CA GLN O 6 -104.62 -81.28 13.82
C GLN O 6 -104.24 -79.84 13.47
N ILE O 7 -103.07 -79.42 13.93
CA ILE O 7 -102.49 -78.13 13.55
C ILE O 7 -100.98 -78.32 13.33
N CYS O 8 -100.47 -77.79 12.22
CA CYS O 8 -99.06 -77.98 11.90
C CYS O 8 -98.33 -76.67 11.57
N ILE O 9 -97.02 -76.66 11.83
CA ILE O 9 -96.18 -75.51 11.50
C ILE O 9 -95.23 -75.94 10.37
N GLY O 10 -95.20 -75.16 9.29
CA GLY O 10 -94.41 -75.49 8.11
C GLY O 10 -93.92 -74.27 7.34
N TYR O 11 -93.29 -74.49 6.19
CA TYR O 11 -92.71 -73.37 5.44
C TYR O 11 -93.08 -73.37 3.95
N HIS O 12 -92.83 -72.23 3.30
CA HIS O 12 -93.12 -72.06 1.89
C HIS O 12 -92.16 -72.89 1.03
N ALA O 13 -92.64 -73.33 -0.13
CA ALA O 13 -91.78 -73.93 -1.14
C ALA O 13 -92.43 -73.73 -2.51
N ASN O 14 -91.65 -73.95 -3.57
CA ASN O 14 -92.17 -73.82 -4.91
C ASN O 14 -91.30 -74.54 -5.95
N ASN O 15 -91.37 -74.10 -7.20
CA ASN O 15 -90.59 -74.74 -8.27
CA ASN O 15 -90.65 -74.71 -8.31
C ASN O 15 -89.45 -73.87 -8.76
N SER O 16 -88.85 -73.12 -7.84
CA SER O 16 -87.69 -72.27 -8.15
C SER O 16 -86.37 -73.06 -8.03
N THR O 17 -85.52 -72.95 -9.06
CA THR O 17 -84.19 -73.59 -9.01
C THR O 17 -83.02 -72.58 -8.98
N GLU O 18 -83.26 -71.37 -8.48
CA GLU O 18 -82.19 -70.39 -8.21
C GLU O 18 -81.16 -70.97 -7.24
N GLN O 19 -79.86 -70.83 -7.53
CA GLN O 19 -78.81 -71.38 -6.69
C GLN O 19 -77.87 -70.37 -6.05
N VAL O 20 -77.65 -70.52 -4.74
CA VAL O 20 -76.69 -69.73 -3.99
C VAL O 20 -75.57 -70.64 -3.44
N ASP O 21 -74.61 -70.04 -2.72
CA ASP O 21 -73.51 -70.80 -2.11
C ASP O 21 -73.41 -70.59 -0.61
N THR O 22 -72.63 -71.45 0.04
CA THR O 22 -72.42 -71.35 1.48
C THR O 22 -70.98 -71.81 1.76
N ILE O 23 -70.44 -71.44 2.92
CA ILE O 23 -69.08 -71.80 3.29
C ILE O 23 -68.85 -73.32 3.29
N MET O 24 -69.91 -74.09 3.52
CA MET O 24 -69.79 -75.56 3.60
C MET O 24 -70.50 -76.28 2.45
N GLU O 25 -71.38 -75.59 1.74
CA GLU O 25 -72.19 -76.25 0.71
C GLU O 25 -72.37 -75.38 -0.53
N LYS O 26 -72.15 -75.98 -1.69
CA LYS O 26 -72.30 -75.30 -2.99
C LYS O 26 -73.57 -75.72 -3.75
N ASN O 27 -74.04 -74.81 -4.60
CA ASN O 27 -75.18 -75.06 -5.50
C ASN O 27 -76.48 -75.36 -4.73
N VAL O 28 -76.64 -74.71 -3.59
CA VAL O 28 -77.85 -74.81 -2.77
C VAL O 28 -79.05 -74.06 -3.37
N THR O 29 -80.14 -74.78 -3.60
CA THR O 29 -81.36 -74.27 -4.24
C THR O 29 -82.26 -73.45 -3.31
N VAL O 30 -82.74 -72.29 -3.77
CA VAL O 30 -83.53 -71.40 -2.91
C VAL O 30 -84.87 -70.91 -3.50
N THR O 31 -85.71 -70.35 -2.64
CA THR O 31 -87.05 -69.88 -3.00
C THR O 31 -87.00 -68.57 -3.78
N HIS O 32 -86.33 -67.57 -3.21
CA HIS O 32 -86.10 -66.28 -3.86
C HIS O 32 -84.63 -65.92 -3.80
N ALA O 33 -84.11 -65.39 -4.90
CA ALA O 33 -82.71 -64.99 -4.97
C ALA O 33 -82.58 -63.55 -5.50
N GLN O 34 -81.40 -62.98 -5.34
CA GLN O 34 -81.12 -61.63 -5.82
C GLN O 34 -79.67 -61.53 -6.32
N ASP O 35 -79.50 -61.49 -7.63
CA ASP O 35 -78.18 -61.25 -8.23
C ASP O 35 -77.83 -59.77 -8.09
N ILE O 36 -76.60 -59.50 -7.70
CA ILE O 36 -76.14 -58.12 -7.51
C ILE O 36 -74.99 -57.74 -8.47
N LEU O 37 -74.68 -58.66 -9.38
CA LEU O 37 -73.61 -58.46 -10.36
C LEU O 37 -74.15 -58.11 -11.75
N GLU O 38 -73.76 -56.93 -12.23
CA GLU O 38 -74.10 -56.52 -13.58
C GLU O 38 -73.02 -57.05 -14.51
N LYS O 39 -73.42 -57.74 -15.56
CA LYS O 39 -72.44 -58.35 -16.46
C LYS O 39 -72.51 -57.78 -17.88
N LYS O 40 -73.49 -56.91 -18.12
CA LYS O 40 -73.69 -56.39 -19.47
C LYS O 40 -73.28 -54.93 -19.64
N HIS O 41 -72.59 -54.68 -20.75
CA HIS O 41 -72.28 -53.33 -21.19
C HIS O 41 -72.79 -53.15 -22.63
N ASN O 42 -72.80 -51.91 -23.10
CA ASN O 42 -73.47 -51.61 -24.36
C ASN O 42 -72.56 -51.31 -25.56
N GLY O 43 -71.29 -51.70 -25.45
CA GLY O 43 -70.33 -51.62 -26.55
C GLY O 43 -70.14 -50.30 -27.27
N LYS O 44 -70.62 -49.21 -26.68
CA LYS O 44 -70.52 -47.91 -27.31
C LYS O 44 -69.94 -46.89 -26.35
N LEU O 45 -69.34 -45.84 -26.91
CA LEU O 45 -68.90 -44.72 -26.11
C LEU O 45 -70.00 -43.67 -26.13
N CYS O 46 -70.56 -43.36 -24.95
CA CYS O 46 -71.69 -42.44 -24.87
C CYS O 46 -71.38 -41.13 -24.13
N ASP O 47 -72.33 -40.18 -24.19
CA ASP O 47 -72.25 -38.96 -23.40
C ASP O 47 -72.36 -39.27 -21.92
N LEU O 48 -71.93 -38.33 -21.08
CA LEU O 48 -72.05 -38.55 -19.65
C LEU O 48 -73.02 -37.50 -19.12
N ASP O 49 -74.25 -37.93 -18.85
CA ASP O 49 -75.40 -37.03 -18.75
C ASP O 49 -75.37 -36.07 -19.94
N GLY O 50 -75.33 -34.77 -19.64
CA GLY O 50 -75.34 -33.75 -20.67
C GLY O 50 -74.19 -33.78 -21.67
N VAL O 51 -73.00 -34.16 -21.22
CA VAL O 51 -71.78 -33.76 -21.94
C VAL O 51 -71.17 -34.87 -22.81
N LYS O 52 -70.86 -34.50 -24.05
CA LYS O 52 -70.23 -35.37 -25.03
C LYS O 52 -68.71 -35.44 -24.83
N PRO O 53 -68.13 -36.66 -24.92
CA PRO O 53 -66.67 -36.89 -24.83
C PRO O 53 -65.86 -36.32 -25.99
N LEU O 54 -64.65 -35.83 -25.71
CA LEU O 54 -63.71 -35.50 -26.77
C LEU O 54 -63.09 -36.81 -27.24
N ILE O 55 -63.44 -37.26 -28.45
CA ILE O 55 -62.80 -38.45 -28.97
C ILE O 55 -61.77 -38.13 -30.06
N LEU O 56 -60.51 -38.17 -29.67
CA LEU O 56 -59.40 -38.05 -30.61
C LEU O 56 -59.48 -39.32 -31.45
N ARG O 57 -59.36 -39.20 -32.75
CA ARG O 57 -59.56 -40.40 -33.54
C ARG O 57 -58.23 -41.14 -33.62
N ASP O 58 -57.38 -40.73 -34.55
CA ASP O 58 -56.04 -41.32 -34.68
C ASP O 58 -54.99 -40.36 -34.16
N CYS O 59 -55.44 -39.38 -33.37
CA CYS O 59 -54.49 -38.48 -32.73
C CYS O 59 -54.12 -38.87 -31.31
N SER O 60 -52.91 -38.47 -30.95
CA SER O 60 -52.47 -38.51 -29.58
C SER O 60 -52.66 -37.11 -29.03
N VAL O 61 -52.56 -36.96 -27.74
CA VAL O 61 -52.73 -35.65 -27.12
C VAL O 61 -51.75 -34.62 -27.66
N ALA O 62 -50.51 -35.00 -27.88
CA ALA O 62 -49.52 -34.05 -28.40
C ALA O 62 -49.92 -33.51 -29.78
N GLY O 63 -50.34 -34.40 -30.67
CA GLY O 63 -50.77 -34.00 -32.00
C GLY O 63 -51.96 -33.06 -31.96
N TRP O 64 -52.87 -33.35 -31.06
CA TRP O 64 -53.97 -32.45 -30.79
C TRP O 64 -53.37 -31.09 -30.40
N LEU O 65 -52.62 -31.07 -29.30
CA LEU O 65 -52.17 -29.82 -28.73
C LEU O 65 -51.17 -29.03 -29.57
N LEU O 66 -50.26 -29.72 -30.26
CA LEU O 66 -49.24 -28.99 -30.98
C LEU O 66 -49.78 -28.51 -32.29
N GLY O 67 -50.80 -29.19 -32.80
CA GLY O 67 -51.34 -28.86 -34.11
C GLY O 67 -50.66 -29.63 -35.23
N ASN O 68 -50.63 -30.95 -35.10
CA ASN O 68 -50.26 -31.81 -36.21
C ASN O 68 -51.24 -31.50 -37.34
N PRO O 69 -50.71 -31.26 -38.54
CA PRO O 69 -51.53 -31.04 -39.74
C PRO O 69 -52.61 -32.11 -39.92
N MET O 70 -52.29 -33.36 -39.58
CA MET O 70 -53.21 -34.48 -39.72
C MET O 70 -54.30 -34.54 -38.63
N CYS O 71 -54.26 -33.60 -37.70
CA CYS O 71 -55.16 -33.63 -36.55
C CYS O 71 -56.16 -32.48 -36.56
N ASP O 72 -56.34 -31.83 -37.69
CA ASP O 72 -57.03 -30.53 -37.68
C ASP O 72 -58.46 -30.57 -37.21
N GLU O 73 -59.08 -31.75 -37.26
CA GLU O 73 -60.47 -31.89 -36.81
C GLU O 73 -60.73 -31.25 -35.44
N PHE O 74 -59.66 -31.01 -34.69
CA PHE O 74 -59.75 -30.58 -33.30
C PHE O 74 -59.32 -29.12 -33.13
N ILE O 75 -59.65 -28.25 -34.08
CA ILE O 75 -59.13 -26.87 -34.04
C ILE O 75 -59.74 -26.00 -32.94
N ASN O 76 -61.05 -26.09 -32.72
CA ASN O 76 -61.72 -25.40 -31.61
C ASN O 76 -62.79 -26.27 -30.96
N VAL O 77 -62.38 -27.29 -30.19
CA VAL O 77 -63.33 -28.26 -29.66
C VAL O 77 -64.16 -27.64 -28.53
N PRO O 78 -65.43 -28.07 -28.43
CA PRO O 78 -66.30 -27.68 -27.31
C PRO O 78 -65.93 -28.42 -26.03
N GLU O 79 -66.48 -27.98 -24.91
CA GLU O 79 -66.32 -28.65 -23.62
C GLU O 79 -66.65 -30.16 -23.66
N TRP O 80 -65.82 -30.95 -22.96
CA TRP O 80 -65.94 -32.41 -22.94
C TRP O 80 -66.18 -33.03 -21.54
N SER O 81 -66.53 -34.32 -21.53
CA SER O 81 -66.75 -35.06 -20.28
C SER O 81 -65.58 -35.98 -19.94
N TYR O 82 -64.94 -36.47 -21.00
CA TYR O 82 -63.75 -37.30 -20.89
C TYR O 82 -63.15 -37.45 -22.27
N ILE O 83 -61.84 -37.62 -22.33
CA ILE O 83 -61.13 -37.72 -23.61
C ILE O 83 -60.95 -39.19 -23.94
N VAL O 84 -61.04 -39.57 -25.21
CA VAL O 84 -60.73 -40.95 -25.61
C VAL O 84 -59.56 -41.00 -26.61
N GLU O 85 -58.55 -41.80 -26.27
CA GLU O 85 -57.33 -41.93 -27.05
C GLU O 85 -57.08 -43.39 -27.36
N LYS O 86 -56.70 -43.71 -28.58
CA LYS O 86 -56.39 -45.09 -28.90
C LYS O 86 -55.07 -45.49 -28.23
N ALA O 87 -54.75 -46.77 -28.20
CA ALA O 87 -53.60 -47.29 -27.43
C ALA O 87 -52.28 -46.97 -28.12
N ASN O 88 -52.33 -46.91 -29.45
CA ASN O 88 -51.19 -46.49 -30.26
C ASN O 88 -51.62 -45.61 -31.43
N PRO O 89 -51.90 -44.33 -31.15
CA PRO O 89 -52.36 -43.40 -32.19
C PRO O 89 -51.33 -43.35 -33.29
N VAL O 90 -51.80 -43.26 -34.53
CA VAL O 90 -50.88 -43.30 -35.64
C VAL O 90 -50.20 -41.95 -35.78
N ASN O 91 -50.98 -40.90 -35.55
CA ASN O 91 -50.52 -39.51 -35.69
C ASN O 91 -50.08 -38.84 -34.38
N ASP O 92 -48.82 -39.05 -34.01
CA ASP O 92 -48.24 -38.43 -32.83
C ASP O 92 -47.40 -37.25 -33.30
N LEU O 93 -46.09 -37.36 -33.18
CA LEU O 93 -45.20 -36.31 -33.64
C LEU O 93 -44.87 -36.52 -35.10
N CYS O 94 -45.48 -35.75 -36.01
CA CYS O 94 -45.24 -35.99 -37.44
C CYS O 94 -43.75 -35.83 -37.81
N TYR O 95 -43.09 -34.83 -37.22
CA TYR O 95 -41.63 -34.70 -37.28
C TYR O 95 -41.06 -35.34 -36.02
N PRO O 96 -40.04 -36.18 -36.18
CA PRO O 96 -39.50 -37.00 -35.08
C PRO O 96 -38.84 -36.26 -33.91
N GLY O 97 -39.21 -36.68 -32.71
CA GLY O 97 -38.59 -36.22 -31.49
C GLY O 97 -39.34 -36.71 -30.29
N ASP O 98 -39.42 -35.83 -29.31
CA ASP O 98 -39.95 -36.13 -27.99
C ASP O 98 -40.69 -34.92 -27.38
N PHE O 99 -41.62 -35.25 -26.48
CA PHE O 99 -42.42 -34.28 -25.75
C PHE O 99 -42.01 -34.33 -24.28
N ASN O 100 -41.36 -33.29 -23.78
CA ASN O 100 -40.81 -33.32 -22.43
C ASN O 100 -41.88 -33.37 -21.32
N ASP O 101 -41.63 -34.16 -20.27
CA ASP O 101 -42.59 -34.29 -19.17
C ASP O 101 -44.00 -34.57 -19.67
N TYR O 102 -44.11 -35.33 -20.75
CA TYR O 102 -45.41 -35.56 -21.40
C TYR O 102 -46.42 -36.25 -20.46
N GLU O 103 -45.94 -37.14 -19.60
CA GLU O 103 -46.86 -37.84 -18.74
C GLU O 103 -47.47 -36.88 -17.75
N GLU O 104 -46.63 -36.01 -17.20
CA GLU O 104 -47.05 -35.03 -16.22
C GLU O 104 -48.09 -34.04 -16.79
N LEU O 105 -47.97 -33.75 -18.07
CA LEU O 105 -48.90 -32.85 -18.77
C LEU O 105 -50.25 -33.56 -19.00
N LYS O 106 -50.22 -34.82 -19.42
CA LYS O 106 -51.46 -35.62 -19.48
C LYS O 106 -52.19 -35.69 -18.15
N HIS O 107 -51.44 -35.65 -17.05
CA HIS O 107 -52.03 -35.80 -15.74
C HIS O 107 -52.88 -34.59 -15.45
N LEU O 108 -52.37 -33.44 -15.86
CA LEU O 108 -53.10 -32.20 -15.75
C LEU O 108 -54.40 -32.31 -16.56
N LEU O 109 -54.39 -33.07 -17.66
CA LEU O 109 -55.58 -33.20 -18.50
C LEU O 109 -56.79 -33.90 -17.87
N SER O 110 -56.56 -34.76 -16.88
CA SER O 110 -57.67 -35.47 -16.26
C SER O 110 -58.46 -34.52 -15.34
N ARG O 111 -57.98 -33.29 -15.24
CA ARG O 111 -58.60 -32.26 -14.40
C ARG O 111 -59.13 -31.09 -15.22
N ILE O 112 -59.14 -31.24 -16.54
CA ILE O 112 -59.55 -30.14 -17.39
C ILE O 112 -60.71 -30.54 -18.32
N ASN O 113 -61.68 -29.64 -18.43
CA ASN O 113 -62.84 -29.86 -19.28
C ASN O 113 -62.91 -28.96 -20.51
N HIS O 114 -62.17 -27.85 -20.53
CA HIS O 114 -62.22 -26.94 -21.68
C HIS O 114 -60.96 -26.06 -21.85
N PHE O 115 -60.48 -25.92 -23.10
CA PHE O 115 -59.41 -24.99 -23.41
C PHE O 115 -60.02 -23.84 -24.20
N GLU O 116 -59.28 -22.77 -24.36
CA GLU O 116 -59.65 -21.74 -25.30
C GLU O 116 -58.42 -21.22 -26.01
N LYS O 117 -58.16 -21.76 -27.20
CA LYS O 117 -56.96 -21.44 -27.98
C LYS O 117 -56.85 -19.92 -28.14
N ILE O 118 -55.69 -19.35 -27.81
CA ILE O 118 -55.52 -17.94 -28.11
C ILE O 118 -54.18 -17.68 -28.79
N GLN O 119 -54.16 -16.71 -29.68
CA GLN O 119 -52.93 -16.30 -30.33
C GLN O 119 -52.13 -15.46 -29.34
N ILE O 120 -50.85 -15.78 -29.14
CA ILE O 120 -50.07 -14.98 -28.21
C ILE O 120 -48.84 -14.34 -28.86
N ILE O 121 -48.40 -14.89 -29.99
CA ILE O 121 -47.41 -14.24 -30.82
C ILE O 121 -47.67 -14.56 -32.29
N PRO O 122 -48.27 -13.60 -33.02
CA PRO O 122 -48.76 -13.68 -34.40
C PRO O 122 -47.62 -14.09 -35.33
N LYS O 123 -47.81 -15.12 -36.16
CA LYS O 123 -46.74 -15.62 -37.02
C LYS O 123 -46.16 -14.48 -37.88
N SER O 124 -47.03 -13.54 -38.24
CA SER O 124 -46.70 -12.33 -39.02
C SER O 124 -45.77 -11.33 -38.33
N SER O 125 -45.68 -11.43 -37.00
CA SER O 125 -44.92 -10.48 -36.20
C SER O 125 -43.40 -10.70 -36.31
N TRP O 126 -43.00 -11.86 -36.81
CA TRP O 126 -41.57 -12.20 -36.95
C TRP O 126 -40.95 -11.46 -38.14
N SER O 127 -40.59 -10.20 -37.89
CA SER O 127 -40.16 -9.29 -38.95
C SER O 127 -38.74 -9.46 -39.45
N SER O 128 -37.81 -9.78 -38.55
CA SER O 128 -36.40 -9.80 -38.94
C SER O 128 -35.80 -11.22 -39.00
N HIS O 129 -36.69 -12.21 -39.00
CA HIS O 129 -36.37 -13.62 -39.25
C HIS O 129 -37.34 -14.13 -40.31
N GLU O 130 -37.14 -15.35 -40.81
CA GLU O 130 -38.08 -15.91 -41.79
C GLU O 130 -39.13 -16.88 -41.19
N ALA O 131 -40.34 -16.35 -41.02
CA ALA O 131 -41.46 -17.09 -40.41
C ALA O 131 -42.06 -18.24 -41.20
N SER O 132 -41.97 -18.17 -42.52
CA SER O 132 -42.78 -19.05 -43.37
C SER O 132 -42.06 -20.21 -44.11
N LEU O 133 -40.85 -20.54 -43.69
CA LEU O 133 -40.08 -21.60 -44.37
C LEU O 133 -39.94 -22.88 -43.55
N GLY O 134 -40.36 -22.84 -42.29
CA GLY O 134 -40.10 -23.93 -41.34
C GLY O 134 -40.97 -25.15 -41.61
N VAL O 135 -40.62 -25.84 -42.70
CA VAL O 135 -41.49 -26.82 -43.32
C VAL O 135 -40.74 -28.11 -43.72
N SER O 136 -41.35 -29.26 -43.46
CA SER O 136 -40.75 -30.52 -43.86
C SER O 136 -41.75 -31.44 -44.51
N SER O 137 -41.22 -32.33 -45.33
CA SER O 137 -41.99 -33.38 -45.98
C SER O 137 -42.54 -34.42 -44.99
N ALA O 138 -42.02 -34.42 -43.77
CA ALA O 138 -42.53 -35.31 -42.73
C ALA O 138 -43.92 -34.92 -42.27
N CYS O 139 -44.27 -33.65 -42.50
CA CYS O 139 -45.47 -33.06 -41.96
C CYS O 139 -46.47 -32.62 -43.02
N PRO O 140 -46.94 -33.55 -43.86
CA PRO O 140 -47.60 -33.12 -45.08
C PRO O 140 -48.97 -32.59 -44.77
N TYR O 141 -49.30 -31.37 -45.19
CA TYR O 141 -50.64 -30.90 -44.94
C TYR O 141 -51.64 -31.42 -45.96
N GLN O 142 -51.79 -30.71 -47.06
CA GLN O 142 -52.72 -31.21 -48.01
C GLN O 142 -51.88 -31.24 -49.26
N GLY O 143 -51.13 -32.33 -49.41
CA GLY O 143 -50.22 -32.45 -50.54
C GLY O 143 -48.95 -31.62 -50.44
N LYS O 144 -49.12 -30.33 -50.21
CA LYS O 144 -48.02 -29.44 -49.88
C LYS O 144 -47.45 -29.84 -48.51
N SER O 145 -46.13 -29.84 -48.35
CA SER O 145 -45.56 -30.22 -47.06
C SER O 145 -45.67 -29.06 -46.07
N SER O 146 -45.76 -29.38 -44.79
CA SER O 146 -46.14 -28.40 -43.77
C SER O 146 -45.36 -28.51 -42.46
N PHE O 147 -46.04 -28.16 -41.37
CA PHE O 147 -45.47 -28.22 -40.03
C PHE O 147 -46.59 -28.15 -38.99
N PHE O 148 -46.24 -28.36 -37.71
CA PHE O 148 -47.14 -28.09 -36.61
C PHE O 148 -47.76 -26.72 -36.78
N ARG O 149 -49.02 -26.61 -36.39
CA ARG O 149 -49.76 -25.37 -36.57
C ARG O 149 -49.64 -24.37 -35.45
N ASN O 150 -49.56 -24.86 -34.22
CA ASN O 150 -49.61 -23.96 -33.09
C ASN O 150 -48.23 -23.46 -32.71
N VAL O 151 -47.21 -23.94 -33.41
CA VAL O 151 -45.85 -23.42 -33.21
C VAL O 151 -45.29 -22.94 -34.55
N VAL O 152 -44.16 -22.24 -34.48
CA VAL O 152 -43.52 -21.67 -35.65
C VAL O 152 -42.02 -21.97 -35.72
N TRP O 153 -41.58 -22.61 -36.79
CA TRP O 153 -40.18 -22.96 -36.95
C TRP O 153 -39.38 -21.87 -37.67
N LEU O 154 -38.85 -20.93 -36.91
CA LEU O 154 -38.08 -19.81 -37.46
C LEU O 154 -36.81 -20.23 -38.22
N ILE O 155 -36.39 -19.43 -39.21
CA ILE O 155 -35.20 -19.74 -39.98
C ILE O 155 -34.50 -18.39 -40.24
N LYS O 156 -33.21 -18.34 -40.56
CA LYS O 156 -32.52 -17.06 -40.74
C LYS O 156 -33.07 -16.26 -41.90
N LYS O 157 -32.91 -14.95 -41.78
CA LYS O 157 -33.41 -14.00 -42.76
C LYS O 157 -32.28 -13.38 -43.55
N ASP O 158 -32.45 -13.28 -44.87
CA ASP O 158 -31.34 -12.96 -45.75
C ASP O 158 -30.13 -13.86 -45.48
N SER O 159 -29.09 -13.28 -44.87
CA SER O 159 -27.93 -14.09 -44.52
C SER O 159 -27.80 -14.37 -43.01
N THR O 160 -28.59 -13.66 -42.19
CA THR O 160 -28.41 -13.66 -40.74
C THR O 160 -29.60 -14.11 -39.83
N TYR O 161 -29.29 -14.40 -38.56
CA TYR O 161 -30.29 -14.75 -37.55
C TYR O 161 -29.93 -13.96 -36.31
N PRO O 162 -30.56 -12.79 -36.13
CA PRO O 162 -30.34 -11.89 -34.97
C PRO O 162 -30.96 -12.36 -33.66
N THR O 163 -30.38 -11.96 -32.54
CA THR O 163 -30.84 -12.45 -31.25
C THR O 163 -32.30 -12.05 -30.94
N ILE O 164 -33.15 -13.08 -30.78
CA ILE O 164 -34.55 -12.92 -30.37
C ILE O 164 -34.77 -12.52 -28.89
N LYS O 165 -35.52 -11.45 -28.67
CA LYS O 165 -35.98 -11.07 -27.34
C LYS O 165 -37.45 -10.77 -27.42
N ARG O 166 -38.26 -11.70 -26.95
CA ARG O 166 -39.69 -11.62 -27.09
C ARG O 166 -40.33 -12.07 -25.83
N SER O 167 -41.46 -11.48 -25.45
CA SER O 167 -42.10 -11.92 -24.22
C SER O 167 -43.59 -11.73 -24.31
N TYR O 168 -44.33 -12.54 -23.55
CA TYR O 168 -45.79 -12.48 -23.54
C TYR O 168 -46.32 -12.49 -22.14
N ASN O 169 -47.17 -11.51 -21.82
CA ASN O 169 -47.70 -11.36 -20.46
C ASN O 169 -49.17 -11.81 -20.40
N ASN O 170 -49.46 -12.84 -19.58
CA ASN O 170 -50.82 -13.37 -19.37
C ASN O 170 -51.74 -12.41 -18.65
N THR O 171 -52.49 -11.62 -19.40
CA THR O 171 -53.43 -10.68 -18.83
C THR O 171 -54.87 -11.22 -18.68
N ASN O 172 -55.08 -12.53 -18.85
CA ASN O 172 -56.41 -13.09 -18.70
C ASN O 172 -56.61 -13.51 -17.24
N GLN O 173 -57.84 -13.84 -16.84
CA GLN O 173 -58.12 -14.22 -15.45
C GLN O 173 -57.76 -15.66 -15.18
N GLU O 174 -57.56 -16.43 -16.24
CA GLU O 174 -57.36 -17.86 -16.11
C GLU O 174 -55.94 -18.32 -16.49
N ASP O 175 -55.64 -19.57 -16.16
CA ASP O 175 -54.33 -20.12 -16.46
C ASP O 175 -54.06 -20.36 -17.96
N LEU O 176 -52.80 -20.25 -18.34
CA LEU O 176 -52.35 -20.41 -19.73
C LEU O 176 -51.39 -21.58 -19.92
N LEU O 177 -51.79 -22.60 -20.67
CA LEU O 177 -50.84 -23.64 -21.09
C LEU O 177 -50.01 -23.15 -22.29
N VAL O 178 -48.69 -23.13 -22.16
CA VAL O 178 -47.78 -22.63 -23.22
C VAL O 178 -46.89 -23.77 -23.79
N LEU O 179 -46.71 -23.80 -25.11
CA LEU O 179 -45.86 -24.81 -25.76
C LEU O 179 -44.82 -24.24 -26.69
N TRP O 180 -43.65 -24.86 -26.71
CA TRP O 180 -42.59 -24.44 -27.61
C TRP O 180 -41.64 -25.58 -27.82
N GLY O 181 -40.52 -25.30 -28.48
CA GLY O 181 -39.59 -26.37 -28.77
C GLY O 181 -38.26 -25.93 -29.34
N ILE O 182 -37.38 -26.93 -29.39
CA ILE O 182 -36.02 -26.76 -29.81
C ILE O 182 -35.74 -27.76 -30.90
N HIS O 183 -34.92 -27.33 -31.86
CA HIS O 183 -34.59 -28.16 -33.01
C HIS O 183 -33.15 -28.62 -32.95
N HIS O 184 -32.99 -29.94 -33.03
CA HIS O 184 -31.69 -30.62 -33.00
C HIS O 184 -31.20 -31.03 -34.41
N PRO O 185 -30.17 -30.34 -34.93
CA PRO O 185 -29.61 -30.59 -36.27
C PRO O 185 -28.78 -31.87 -36.41
N ASN O 186 -28.40 -32.14 -37.66
CA ASN O 186 -27.66 -33.33 -38.04
C ASN O 186 -26.19 -33.10 -38.12
N ASP O 187 -25.79 -31.88 -38.48
CA ASP O 187 -24.38 -31.55 -38.55
C ASP O 187 -24.13 -30.05 -38.56
N ALA O 188 -22.84 -29.69 -38.56
CA ALA O 188 -22.41 -28.29 -38.51
C ALA O 188 -22.89 -27.48 -39.71
N ALA O 189 -22.88 -28.09 -40.89
CA ALA O 189 -23.35 -27.44 -42.12
C ALA O 189 -24.85 -27.13 -42.11
N GLU O 190 -25.66 -28.10 -41.72
CA GLU O 190 -27.11 -27.90 -41.60
C GLU O 190 -27.41 -26.78 -40.62
N GLN O 191 -26.72 -26.81 -39.49
CA GLN O 191 -26.88 -25.79 -38.45
C GLN O 191 -26.55 -24.39 -38.97
N THR O 192 -25.39 -24.23 -39.60
CA THR O 192 -25.01 -22.93 -40.13
C THR O 192 -25.91 -22.54 -41.32
N LYS O 193 -26.41 -23.52 -42.08
CA LYS O 193 -27.35 -23.20 -43.16
C LYS O 193 -28.65 -22.53 -42.71
N LEU O 194 -29.32 -23.13 -41.75
CA LEU O 194 -30.62 -22.67 -41.29
C LEU O 194 -30.58 -21.43 -40.42
N TYR O 195 -29.57 -21.37 -39.55
CA TYR O 195 -29.54 -20.39 -38.49
C TYR O 195 -28.30 -19.53 -38.49
N GLN O 196 -27.38 -19.79 -39.42
CA GLN O 196 -26.12 -19.02 -39.55
C GLN O 196 -25.16 -19.13 -38.35
N ASN O 197 -25.63 -18.76 -37.16
CA ASN O 197 -24.80 -18.91 -35.96
C ASN O 197 -24.49 -20.36 -35.61
N PRO O 198 -23.23 -20.62 -35.26
CA PRO O 198 -22.78 -21.98 -34.99
C PRO O 198 -23.06 -22.40 -33.55
N THR O 199 -23.01 -21.43 -32.63
CA THR O 199 -23.26 -21.66 -31.21
C THR O 199 -24.57 -21.01 -30.83
N THR O 200 -25.56 -21.80 -30.41
CA THR O 200 -26.90 -21.26 -30.23
C THR O 200 -27.53 -21.74 -28.94
N TYR O 201 -28.61 -21.08 -28.53
CA TYR O 201 -29.25 -21.42 -27.27
C TYR O 201 -30.67 -20.92 -27.28
N ILE O 202 -31.48 -21.42 -26.34
CA ILE O 202 -32.80 -20.85 -26.09
C ILE O 202 -33.07 -20.65 -24.60
N SER O 203 -33.20 -19.40 -24.15
CA SER O 203 -33.57 -19.12 -22.75
C SER O 203 -35.06 -18.77 -22.59
N VAL O 204 -35.69 -19.27 -21.50
CA VAL O 204 -37.11 -19.05 -21.20
C VAL O 204 -37.29 -18.72 -19.72
N GLY O 205 -37.86 -17.54 -19.44
CA GLY O 205 -38.01 -17.07 -18.08
C GLY O 205 -39.44 -16.75 -17.67
N THR O 206 -39.78 -17.14 -16.46
CA THR O 206 -41.10 -16.96 -15.84
C THR O 206 -40.83 -16.43 -14.43
N SER O 207 -41.86 -16.34 -13.60
CA SER O 207 -41.69 -16.20 -12.15
C SER O 207 -41.24 -17.53 -11.55
N THR O 208 -41.54 -18.65 -12.22
CA THR O 208 -41.22 -19.96 -11.65
C THR O 208 -40.19 -20.71 -12.49
N LEU O 209 -40.03 -20.32 -13.74
CA LEU O 209 -39.06 -20.96 -14.62
C LEU O 209 -37.67 -20.32 -14.61
N ASN O 210 -36.65 -21.15 -14.82
CA ASN O 210 -35.31 -20.68 -15.17
C ASN O 210 -34.64 -21.77 -16.00
N GLN O 211 -34.88 -21.71 -17.29
CA GLN O 211 -34.54 -22.76 -18.24
C GLN O 211 -33.61 -22.24 -19.34
N ARG O 212 -32.54 -22.96 -19.61
CA ARG O 212 -31.73 -22.61 -20.77
C ARG O 212 -31.39 -23.83 -21.59
N LEU O 213 -32.01 -23.92 -22.77
CA LEU O 213 -31.83 -25.06 -23.67
C LEU O 213 -30.68 -24.81 -24.64
N VAL O 214 -29.90 -25.87 -24.87
CA VAL O 214 -28.85 -25.84 -25.87
C VAL O 214 -29.09 -27.06 -26.70
N PRO O 215 -29.09 -26.87 -28.03
CA PRO O 215 -29.25 -27.87 -29.11
C PRO O 215 -28.12 -28.90 -29.18
N ARG O 216 -28.49 -30.10 -29.61
CA ARG O 216 -27.67 -31.29 -29.45
C ARG O 216 -27.41 -32.08 -30.75
N ILE O 217 -26.32 -31.73 -31.44
CA ILE O 217 -25.97 -32.36 -32.71
C ILE O 217 -25.53 -33.80 -32.45
N ALA O 218 -26.07 -34.70 -33.26
CA ALA O 218 -25.77 -36.11 -33.13
C ALA O 218 -26.12 -36.75 -34.45
N THR O 219 -25.41 -37.81 -34.80
CA THR O 219 -25.70 -38.51 -36.04
C THR O 219 -26.69 -39.64 -35.73
N ARG O 220 -27.90 -39.54 -36.26
CA ARG O 220 -28.96 -40.47 -35.84
C ARG O 220 -29.57 -41.21 -37.05
N SER O 221 -30.19 -42.36 -36.78
CA SER O 221 -30.93 -43.10 -37.82
C SER O 221 -32.08 -42.27 -38.38
N LYS O 222 -32.50 -42.56 -39.61
CA LYS O 222 -33.66 -41.88 -40.15
C LYS O 222 -34.97 -42.41 -39.52
N VAL O 223 -35.84 -41.47 -39.15
CA VAL O 223 -37.19 -41.79 -38.72
C VAL O 223 -38.15 -40.98 -39.57
N LYS O 224 -39.10 -41.63 -40.22
CA LYS O 224 -39.94 -40.96 -41.22
C LYS O 224 -39.09 -40.17 -42.23
N GLY O 225 -37.95 -40.74 -42.64
CA GLY O 225 -37.10 -40.13 -43.66
C GLY O 225 -36.18 -39.03 -43.17
N LEU O 226 -36.32 -38.67 -41.90
CA LEU O 226 -35.53 -37.60 -41.31
C LEU O 226 -34.56 -38.06 -40.24
N SER O 227 -33.44 -37.37 -40.12
CA SER O 227 -32.51 -37.73 -39.05
C SER O 227 -32.49 -36.69 -37.93
N GLY O 228 -32.91 -35.46 -38.23
CA GLY O 228 -32.95 -34.42 -37.22
C GLY O 228 -34.08 -34.66 -36.23
N ARG O 229 -34.07 -33.91 -35.15
CA ARG O 229 -35.07 -34.11 -34.13
C ARG O 229 -35.61 -32.81 -33.57
N MET O 230 -36.83 -32.89 -33.03
CA MET O 230 -37.52 -31.77 -32.40
C MET O 230 -37.85 -32.09 -30.93
N GLU O 231 -37.63 -31.16 -30.01
CA GLU O 231 -37.97 -31.47 -28.62
C GLU O 231 -38.87 -30.39 -28.02
N PHE O 232 -40.00 -30.84 -27.48
CA PHE O 232 -41.06 -29.94 -27.09
C PHE O 232 -41.16 -29.73 -25.58
N PHE O 233 -41.55 -28.55 -25.14
CA PHE O 233 -41.55 -28.17 -23.72
C PHE O 233 -42.85 -27.43 -23.37
N TRP O 234 -43.20 -27.41 -22.10
CA TRP O 234 -44.44 -26.73 -21.71
C TRP O 234 -44.38 -26.15 -20.32
N THR O 235 -45.22 -25.14 -20.09
CA THR O 235 -45.35 -24.54 -18.78
C THR O 235 -46.77 -24.08 -18.51
N ILE O 236 -47.13 -23.92 -17.24
CA ILE O 236 -48.41 -23.30 -16.91
C ILE O 236 -48.14 -21.86 -16.52
N LEU O 237 -48.81 -20.93 -17.20
CA LEU O 237 -48.53 -19.53 -16.99
C LEU O 237 -49.62 -18.95 -16.14
N LYS O 238 -49.21 -18.53 -14.93
CA LYS O 238 -50.08 -17.92 -13.93
C LYS O 238 -50.69 -16.60 -14.41
N PRO O 239 -51.92 -16.27 -13.99
CA PRO O 239 -52.49 -14.99 -14.40
C PRO O 239 -51.60 -13.84 -14.00
N ASN O 240 -51.36 -12.92 -14.93
CA ASN O 240 -50.61 -11.69 -14.65
C ASN O 240 -49.09 -11.94 -14.53
N ASP O 241 -48.65 -13.13 -14.95
CA ASP O 241 -47.21 -13.49 -15.00
C ASP O 241 -46.73 -13.43 -16.45
N ALA O 242 -45.45 -13.16 -16.68
CA ALA O 242 -44.93 -13.07 -18.05
C ALA O 242 -43.89 -14.12 -18.41
N ILE O 243 -44.03 -14.68 -19.61
CA ILE O 243 -43.03 -15.60 -20.15
C ILE O 243 -42.18 -14.90 -21.21
N ASN O 244 -40.86 -15.08 -21.12
CA ASN O 244 -39.92 -14.39 -22.03
C ASN O 244 -38.93 -15.34 -22.69
N PHE O 245 -38.95 -15.37 -24.03
CA PHE O 245 -38.00 -16.18 -24.77
C PHE O 245 -36.86 -15.30 -25.27
N GLU O 246 -35.64 -15.80 -25.18
CA GLU O 246 -34.51 -15.16 -25.81
C GLU O 246 -33.77 -16.25 -26.56
N SER O 247 -33.52 -16.04 -27.85
CA SER O 247 -32.81 -17.05 -28.61
C SER O 247 -31.93 -16.53 -29.72
N ASN O 248 -31.44 -17.47 -30.50
CA ASN O 248 -30.21 -17.29 -31.22
C ASN O 248 -30.13 -18.29 -32.36
N GLY O 249 -31.10 -19.19 -32.37
CA GLY O 249 -31.17 -20.25 -33.36
C GLY O 249 -31.92 -21.44 -32.76
N ASN O 250 -32.31 -22.38 -33.62
CA ASN O 250 -32.97 -23.63 -33.21
C ASN O 250 -34.19 -23.46 -32.31
N PHE O 251 -34.74 -22.25 -32.33
CA PHE O 251 -35.91 -21.89 -31.55
C PHE O 251 -37.15 -22.12 -32.35
N ILE O 252 -38.04 -22.91 -31.76
CA ILE O 252 -39.38 -23.14 -32.27
C ILE O 252 -40.33 -22.37 -31.37
N ALA O 253 -40.79 -21.21 -31.87
CA ALA O 253 -41.55 -20.25 -31.08
C ALA O 253 -43.02 -20.64 -31.03
N PRO O 254 -43.73 -20.19 -29.99
CA PRO O 254 -45.16 -20.45 -30.05
C PRO O 254 -45.91 -19.37 -30.85
N GLU O 255 -47.12 -19.73 -31.25
CA GLU O 255 -48.08 -18.75 -31.73
C GLU O 255 -49.31 -18.89 -30.87
N TYR O 256 -49.82 -20.11 -30.75
CA TYR O 256 -51.02 -20.33 -29.95
C TYR O 256 -50.73 -20.99 -28.60
N ALA O 257 -51.55 -20.61 -27.63
CA ALA O 257 -51.50 -21.11 -26.27
C ALA O 257 -52.91 -21.56 -25.90
N TYR O 258 -53.11 -22.07 -24.69
CA TYR O 258 -54.44 -22.47 -24.30
C TYR O 258 -54.86 -21.83 -22.99
N LYS O 259 -56.01 -21.15 -23.00
CA LYS O 259 -56.61 -20.68 -21.76
C LYS O 259 -57.45 -21.81 -21.23
N ILE O 260 -57.16 -22.22 -20.01
CA ILE O 260 -57.91 -23.27 -19.35
C ILE O 260 -59.19 -22.62 -18.83
N VAL O 261 -60.34 -23.06 -19.32
CA VAL O 261 -61.55 -22.28 -19.16
C VAL O 261 -62.47 -22.90 -18.12
N LYS O 262 -62.41 -24.22 -17.93
CA LYS O 262 -63.03 -24.76 -16.74
C LYS O 262 -62.40 -26.07 -16.24
N LYS O 263 -62.18 -26.20 -14.94
CA LYS O 263 -61.71 -27.46 -14.38
C LYS O 263 -62.88 -28.30 -13.86
N GLY O 264 -62.60 -29.58 -13.58
CA GLY O 264 -63.60 -30.53 -13.11
C GLY O 264 -63.17 -31.97 -13.32
N ASP O 265 -64.10 -32.90 -13.09
CA ASP O 265 -63.89 -34.32 -13.36
C ASP O 265 -63.69 -34.59 -14.85
N SER O 266 -62.74 -35.47 -15.16
CA SER O 266 -62.52 -35.96 -16.52
C SER O 266 -61.44 -37.02 -16.46
N THR O 267 -61.25 -37.74 -17.55
CA THR O 267 -60.19 -38.72 -17.64
C THR O 267 -59.73 -38.84 -19.08
N ILE O 268 -58.51 -39.31 -19.29
CA ILE O 268 -58.12 -39.78 -20.61
C ILE O 268 -58.33 -41.28 -20.59
N MET O 269 -59.29 -41.73 -21.39
CA MET O 269 -59.71 -43.12 -21.43
C MET O 269 -59.12 -43.84 -22.63
N LYS O 270 -58.44 -44.95 -22.36
CA LYS O 270 -57.88 -45.77 -23.42
C LYS O 270 -58.96 -46.68 -23.97
N SER O 271 -59.26 -46.51 -25.26
CA SER O 271 -60.30 -47.30 -25.89
C SER O 271 -60.22 -47.28 -27.40
N GLU O 272 -60.55 -48.40 -28.02
CA GLU O 272 -60.48 -48.51 -29.47
C GLU O 272 -61.78 -48.04 -30.11
N LEU O 273 -62.86 -48.13 -29.34
CA LEU O 273 -64.21 -47.79 -29.77
C LEU O 273 -64.39 -46.33 -30.25
N GLU O 274 -65.53 -46.04 -30.85
CA GLU O 274 -65.96 -44.65 -31.17
C GLU O 274 -67.37 -44.28 -30.71
N TYR O 275 -67.82 -43.11 -31.15
CA TYR O 275 -69.03 -42.48 -30.63
C TYR O 275 -70.30 -43.22 -31.02
N GLY O 276 -71.09 -43.60 -30.02
CA GLY O 276 -72.29 -44.38 -30.26
C GLY O 276 -73.56 -43.55 -30.36
N ASN O 277 -73.45 -42.23 -30.21
CA ASN O 277 -74.59 -41.30 -30.22
C ASN O 277 -75.67 -41.62 -29.20
N CYS O 278 -75.25 -42.01 -28.00
CA CYS O 278 -76.18 -42.35 -26.93
C CYS O 278 -75.86 -41.54 -25.68
N ASN O 279 -76.30 -41.99 -24.52
CA ASN O 279 -75.97 -41.32 -23.26
C ASN O 279 -76.09 -42.24 -22.02
N THR O 280 -75.13 -42.15 -21.11
CA THR O 280 -75.24 -42.80 -19.81
C THR O 280 -74.66 -41.92 -18.71
N LYS O 281 -74.70 -42.42 -17.48
CA LYS O 281 -74.04 -41.76 -16.36
C LYS O 281 -72.88 -42.65 -15.95
N CYS O 282 -72.69 -43.74 -16.69
CA CYS O 282 -71.56 -44.63 -16.42
C CYS O 282 -70.97 -45.18 -17.70
N GLN O 283 -69.67 -44.92 -17.89
CA GLN O 283 -68.96 -45.32 -19.09
C GLN O 283 -67.76 -46.18 -18.77
N THR O 284 -67.51 -47.13 -19.65
CA THR O 284 -66.43 -48.08 -19.47
C THR O 284 -65.68 -48.11 -20.80
N PRO O 285 -64.35 -48.31 -20.76
CA PRO O 285 -63.58 -48.35 -22.02
C PRO O 285 -64.03 -49.48 -22.96
N MET O 286 -64.93 -50.34 -22.49
CA MET O 286 -65.47 -51.39 -23.32
C MET O 286 -66.91 -51.08 -23.73
N GLY O 287 -67.56 -50.17 -23.00
CA GLY O 287 -68.90 -49.72 -23.34
C GLY O 287 -69.58 -49.05 -22.14
N ALA O 288 -70.72 -48.41 -22.37
CA ALA O 288 -71.41 -47.73 -21.28
C ALA O 288 -72.21 -48.71 -20.45
N ILE O 289 -72.49 -48.37 -19.19
CA ILE O 289 -73.31 -49.24 -18.34
C ILE O 289 -74.63 -48.57 -17.97
N ASN O 290 -75.70 -49.38 -18.00
CA ASN O 290 -77.01 -48.99 -17.49
C ASN O 290 -77.54 -50.05 -16.52
N SER O 291 -77.34 -49.80 -15.23
CA SER O 291 -77.69 -50.79 -14.22
C SER O 291 -77.86 -50.17 -12.83
N SER O 292 -78.68 -50.81 -12.01
CA SER O 292 -78.93 -50.39 -10.62
C SER O 292 -78.14 -51.26 -9.65
N MET O 293 -77.66 -52.40 -10.15
CA MET O 293 -76.80 -53.32 -9.41
C MET O 293 -75.69 -52.57 -8.66
N PRO O 294 -75.30 -53.09 -7.49
CA PRO O 294 -74.18 -52.50 -6.71
C PRO O 294 -72.81 -52.94 -7.23
N PHE O 295 -72.75 -53.97 -8.07
CA PHE O 295 -71.48 -54.54 -8.56
C PHE O 295 -71.46 -54.81 -10.06
N HIS O 296 -70.29 -54.61 -10.68
CA HIS O 296 -70.09 -55.04 -12.07
C HIS O 296 -68.72 -55.73 -12.23
N ASN O 297 -68.51 -56.35 -13.38
CA ASN O 297 -67.26 -57.04 -13.64
C ASN O 297 -66.66 -56.80 -15.03
N ILE O 298 -67.02 -55.66 -15.63
CA ILE O 298 -66.65 -55.35 -17.00
C ILE O 298 -65.18 -54.93 -17.11
N HIS O 299 -64.85 -53.85 -16.40
CA HIS O 299 -63.56 -53.16 -16.52
C HIS O 299 -63.37 -52.16 -15.38
N PRO O 300 -62.19 -52.19 -14.73
CA PRO O 300 -61.86 -51.42 -13.50
C PRO O 300 -61.73 -49.89 -13.68
N LEU O 301 -61.47 -49.40 -14.89
CA LEU O 301 -61.28 -47.96 -15.09
C LEU O 301 -62.55 -47.28 -15.56
N THR O 302 -63.40 -46.86 -14.61
CA THR O 302 -64.70 -46.28 -14.97
C THR O 302 -64.82 -44.82 -14.51
N ILE O 303 -65.67 -44.07 -15.20
CA ILE O 303 -65.96 -42.67 -14.84
C ILE O 303 -67.45 -42.40 -14.82
N GLY O 304 -67.90 -41.59 -13.86
CA GLY O 304 -69.31 -41.30 -13.69
C GLY O 304 -69.87 -42.07 -12.51
N GLU O 305 -71.19 -42.04 -12.34
CA GLU O 305 -71.83 -42.76 -11.24
C GLU O 305 -71.88 -44.26 -11.52
N CYS O 306 -70.89 -45.01 -11.04
CA CYS O 306 -70.76 -46.41 -11.46
C CYS O 306 -70.84 -47.45 -10.35
N PRO O 307 -71.31 -48.65 -10.69
CA PRO O 307 -71.23 -49.81 -9.80
C PRO O 307 -69.78 -50.13 -9.51
N LYS O 308 -69.50 -50.75 -8.37
CA LYS O 308 -68.12 -51.05 -8.00
C LYS O 308 -67.62 -52.35 -8.64
N TYR O 309 -66.46 -52.25 -9.27
CA TYR O 309 -65.85 -53.36 -9.99
C TYR O 309 -65.30 -54.47 -9.10
N VAL O 310 -65.53 -55.71 -9.52
CA VAL O 310 -64.85 -56.87 -8.92
C VAL O 310 -64.47 -57.89 -9.99
N LYS O 311 -63.57 -58.79 -9.63
CA LYS O 311 -62.99 -59.76 -10.56
C LYS O 311 -63.77 -61.06 -10.60
N SER O 312 -64.91 -61.07 -9.91
CA SER O 312 -65.72 -62.27 -9.80
C SER O 312 -66.58 -62.53 -11.02
N ASN O 313 -66.81 -63.80 -11.31
CA ASN O 313 -67.75 -64.20 -12.34
C ASN O 313 -69.14 -64.35 -11.72
N ARG O 314 -69.18 -64.53 -10.40
CA ARG O 314 -70.44 -64.83 -9.73
C ARG O 314 -70.61 -64.24 -8.33
N LEU O 315 -71.71 -63.49 -8.12
CA LEU O 315 -72.18 -63.08 -6.79
C LEU O 315 -73.70 -63.01 -6.69
N VAL O 316 -74.31 -64.05 -6.10
CA VAL O 316 -75.76 -64.10 -5.93
C VAL O 316 -76.10 -64.29 -4.45
N LEU O 317 -76.99 -63.45 -3.93
CA LEU O 317 -77.43 -63.53 -2.55
C LEU O 317 -78.65 -64.43 -2.39
N ALA O 318 -78.80 -65.00 -1.20
CA ALA O 318 -80.01 -65.76 -0.86
C ALA O 318 -80.95 -64.91 -0.02
N THR O 319 -82.19 -64.74 -0.48
CA THR O 319 -83.17 -63.94 0.23
C THR O 319 -84.26 -64.81 0.87
N GLY O 320 -84.70 -65.83 0.16
CA GLY O 320 -85.67 -66.78 0.69
C GLY O 320 -85.00 -67.87 1.50
N LEU O 321 -85.71 -68.95 1.78
CA LEU O 321 -85.13 -70.05 2.56
C LEU O 321 -84.95 -71.29 1.68
N ARG O 322 -84.27 -72.31 2.23
CA ARG O 322 -83.87 -73.48 1.46
C ARG O 322 -85.04 -74.14 0.73
N ASN O 323 -84.82 -74.40 -0.56
CA ASN O 323 -85.80 -74.97 -1.49
C ASN O 323 -85.64 -76.48 -1.61
N SER O 324 -86.72 -77.16 -2.00
CA SER O 324 -86.86 -78.62 -1.91
C SER O 324 -85.60 -79.42 -2.23
N PRO O 325 -85.28 -80.41 -1.38
CA PRO O 325 -84.05 -81.22 -1.36
C PRO O 325 -83.56 -81.64 -2.75
N GLY P 1 -5.94 -46.57 38.24
CA GLY P 1 -4.59 -46.50 38.78
C GLY P 1 -4.09 -47.87 39.19
N LEU P 2 -2.79 -47.97 39.48
CA LEU P 2 -2.10 -49.25 39.72
C LEU P 2 -2.64 -50.09 40.86
N PHE P 3 -3.29 -49.46 41.82
CA PHE P 3 -3.70 -50.17 43.01
C PHE P 3 -5.22 -50.43 43.06
N GLY P 4 -5.93 -49.94 42.02
CA GLY P 4 -7.35 -50.24 41.80
C GLY P 4 -8.38 -49.59 42.71
N ALA P 5 -7.99 -48.51 43.40
CA ALA P 5 -8.89 -47.85 44.34
C ALA P 5 -9.61 -46.65 43.77
N ILE P 6 -8.85 -45.61 43.47
CA ILE P 6 -9.37 -44.42 42.81
C ILE P 6 -9.89 -44.84 41.45
N ALA P 7 -11.12 -44.44 41.14
CA ALA P 7 -11.82 -44.88 39.92
C ALA P 7 -11.74 -46.41 39.80
N GLY P 8 -11.87 -47.10 40.94
CA GLY P 8 -11.86 -48.54 41.00
C GLY P 8 -13.01 -49.12 41.79
N PHE P 9 -12.71 -49.65 42.99
CA PHE P 9 -13.74 -50.23 43.86
C PHE P 9 -14.53 -49.17 44.61
N ILE P 10 -13.92 -48.00 44.80
CA ILE P 10 -14.70 -46.84 45.22
C ILE P 10 -14.99 -46.03 43.97
N GLU P 11 -16.08 -46.33 43.28
CA GLU P 11 -16.38 -45.59 42.07
C GLU P 11 -16.92 -44.22 42.50
N GLY P 12 -16.16 -43.18 42.18
CA GLY P 12 -16.48 -41.83 42.61
C GLY P 12 -15.91 -41.40 43.95
N GLY P 13 -15.54 -40.13 44.04
CA GLY P 13 -15.04 -39.52 45.26
C GLY P 13 -16.08 -38.57 45.80
N TRP P 14 -15.90 -38.16 47.06
CA TRP P 14 -16.93 -37.37 47.76
C TRP P 14 -16.74 -35.87 47.63
N GLN P 15 -17.59 -35.23 46.82
CA GLN P 15 -17.61 -33.77 46.69
C GLN P 15 -17.54 -33.03 48.03
N GLY P 16 -18.03 -33.67 49.08
CA GLY P 16 -18.20 -33.01 50.36
C GLY P 16 -17.07 -33.09 51.38
N MET P 17 -16.04 -33.85 51.09
CA MET P 17 -14.96 -33.96 52.06
C MET P 17 -13.92 -32.91 51.78
N VAL P 18 -14.06 -31.76 52.43
CA VAL P 18 -13.28 -30.59 52.08
C VAL P 18 -11.97 -30.42 52.85
N ASP P 19 -11.90 -31.03 54.03
CA ASP P 19 -10.75 -30.88 54.91
C ASP P 19 -9.64 -31.91 54.78
N GLY P 20 -9.54 -32.56 53.62
CA GLY P 20 -8.52 -33.58 53.43
C GLY P 20 -8.58 -34.30 52.09
N TRP P 21 -7.57 -35.13 51.82
CA TRP P 21 -7.59 -35.91 50.58
C TRP P 21 -8.35 -37.22 50.73
N TYR P 22 -8.13 -37.91 51.84
CA TYR P 22 -8.80 -39.18 52.11
C TYR P 22 -9.58 -39.13 53.41
N GLY P 23 -10.67 -39.90 53.52
CA GLY P 23 -11.40 -39.94 54.77
C GLY P 23 -12.54 -40.93 54.88
N TYR P 24 -13.42 -40.70 55.86
CA TYR P 24 -14.49 -41.64 56.18
C TYR P 24 -15.87 -41.02 56.06
N HIS P 25 -16.88 -41.86 55.80
CA HIS P 25 -18.26 -41.41 55.89
C HIS P 25 -19.11 -42.42 56.67
N HIS P 26 -19.26 -42.13 57.96
CA HIS P 26 -19.97 -42.96 58.92
C HIS P 26 -21.49 -42.77 58.90
N SER P 27 -22.20 -43.76 59.44
CA SER P 27 -23.66 -43.77 59.44
C SER P 27 -24.22 -44.69 60.55
N ASN P 28 -24.54 -44.12 61.71
CA ASN P 28 -25.14 -44.90 62.79
C ASN P 28 -26.54 -44.41 63.14
N GLU P 29 -27.02 -44.72 64.35
CA GLU P 29 -28.34 -44.31 64.80
C GLU P 29 -28.40 -42.79 65.01
N GLN P 30 -27.29 -42.25 65.49
CA GLN P 30 -27.17 -40.82 65.78
C GLN P 30 -27.12 -39.95 64.50
N GLY P 31 -26.94 -40.58 63.34
CA GLY P 31 -26.85 -39.85 62.09
C GLY P 31 -25.68 -40.22 61.19
N SER P 32 -25.29 -39.29 60.32
CA SER P 32 -24.20 -39.53 59.37
C SER P 32 -23.29 -38.30 59.24
N GLY P 33 -22.18 -38.45 58.54
CA GLY P 33 -21.23 -37.36 58.38
C GLY P 33 -19.87 -37.71 57.79
N TYR P 34 -19.07 -36.68 57.54
CA TYR P 34 -17.70 -36.82 57.01
C TYR P 34 -16.60 -36.63 58.06
N ALA P 35 -15.60 -37.50 57.99
CA ALA P 35 -14.45 -37.38 58.86
C ALA P 35 -13.19 -37.74 58.08
N ALA P 36 -12.27 -36.78 57.97
CA ALA P 36 -11.06 -36.99 57.19
C ALA P 36 -9.97 -37.65 58.04
N ASP P 37 -9.26 -38.60 57.45
CA ASP P 37 -8.17 -39.26 58.18
C ASP P 37 -6.97 -38.31 58.28
N LYS P 38 -6.65 -37.90 59.51
CA LYS P 38 -5.63 -36.88 59.72
C LYS P 38 -4.17 -37.31 59.46
N GLU P 39 -3.83 -38.56 59.70
CA GLU P 39 -2.41 -38.97 59.55
C GLU P 39 -2.02 -39.35 58.12
N SER P 40 -2.92 -39.98 57.37
CA SER P 40 -2.60 -40.34 56.00
C SER P 40 -2.64 -39.12 55.08
N THR P 41 -3.57 -38.21 55.35
CA THR P 41 -3.61 -36.96 54.60
C THR P 41 -2.37 -36.15 54.85
N GLN P 42 -1.88 -36.18 56.08
CA GLN P 42 -0.68 -35.43 56.43
C GLN P 42 0.61 -36.06 55.92
N LYS P 43 0.66 -37.39 55.86
CA LYS P 43 1.84 -38.05 55.32
C LYS P 43 1.94 -37.91 53.80
N ALA P 44 0.80 -37.73 53.14
CA ALA P 44 0.82 -37.57 51.69
C ALA P 44 1.24 -36.14 51.34
N ILE P 45 0.80 -35.17 52.14
CA ILE P 45 1.27 -33.80 51.98
C ILE P 45 2.80 -33.68 52.08
N ASP P 46 3.40 -34.40 53.01
CA ASP P 46 4.85 -34.33 53.21
C ASP P 46 5.58 -34.95 52.02
N GLY P 47 5.01 -36.04 51.50
CA GLY P 47 5.56 -36.72 50.34
C GLY P 47 5.47 -35.92 49.04
N VAL P 48 4.41 -35.13 48.88
CA VAL P 48 4.25 -34.31 47.68
C VAL P 48 5.11 -33.06 47.77
N THR P 49 5.12 -32.44 48.94
CA THR P 49 5.96 -31.27 49.17
C THR P 49 7.44 -31.54 49.02
N ASN P 50 7.88 -32.72 49.45
CA ASN P 50 9.27 -33.09 49.26
C ASN P 50 9.59 -33.30 47.78
N LYS P 51 8.64 -33.86 47.04
CA LYS P 51 8.86 -34.11 45.62
C LYS P 51 8.93 -32.81 44.80
N VAL P 52 8.02 -31.87 45.07
CA VAL P 52 8.04 -30.58 44.38
C VAL P 52 9.36 -29.85 44.63
N ASN P 53 9.90 -29.98 45.85
CA ASN P 53 11.17 -29.34 46.16
C ASN P 53 12.37 -30.06 45.58
N SER P 54 12.28 -31.38 45.44
CA SER P 54 13.40 -32.14 44.88
C SER P 54 13.59 -31.86 43.41
N ILE P 55 12.49 -31.51 42.74
CA ILE P 55 12.51 -31.26 41.31
C ILE P 55 13.07 -29.87 41.00
N ILE P 56 12.54 -28.87 41.68
CA ILE P 56 13.07 -27.52 41.58
C ILE P 56 14.54 -27.51 42.00
N ASP P 57 14.87 -28.29 43.03
CA ASP P 57 16.22 -28.32 43.60
C ASP P 57 17.24 -29.01 42.69
N LYS P 58 16.82 -30.03 41.95
CA LYS P 58 17.75 -30.73 41.04
C LYS P 58 18.16 -29.87 39.84
N MET P 59 17.22 -29.06 39.34
CA MET P 59 17.48 -28.14 38.24
C MET P 59 18.10 -26.87 38.79
N ASN P 60 18.76 -27.02 39.94
CA ASN P 60 19.42 -25.95 40.68
C ASN P 60 20.36 -25.18 39.75
N THR P 61 21.47 -25.83 39.41
CA THR P 61 22.31 -25.37 38.32
C THR P 61 22.15 -26.30 37.13
N GLN P 62 22.06 -25.68 35.97
CA GLN P 62 21.80 -26.30 34.68
C GLN P 62 22.31 -25.25 33.69
N PHE P 63 22.62 -25.64 32.45
CA PHE P 63 23.32 -24.75 31.52
C PHE P 63 22.71 -23.36 31.39
N GLU P 64 23.58 -22.36 31.40
CA GLU P 64 23.20 -20.96 31.20
C GLU P 64 23.91 -20.43 29.95
N ALA P 65 23.10 -20.04 28.97
CA ALA P 65 23.60 -19.64 27.67
C ALA P 65 24.37 -18.34 27.71
N VAL P 66 25.46 -18.23 26.95
CA VAL P 66 26.24 -16.99 26.90
C VAL P 66 26.48 -16.41 25.51
N GLY P 67 26.49 -15.10 25.39
CA GLY P 67 26.73 -14.50 24.10
C GLY P 67 28.20 -14.43 23.72
N ARG P 68 28.55 -14.88 22.51
CA ARG P 68 29.90 -14.70 22.02
C ARG P 68 29.86 -14.21 20.56
N GLU P 69 30.75 -13.30 20.18
CA GLU P 69 30.79 -12.95 18.77
C GLU P 69 32.05 -13.26 18.03
N PHE P 70 31.86 -13.76 16.81
CA PHE P 70 32.95 -14.22 15.92
C PHE P 70 32.87 -13.47 14.56
N ASN P 71 34.00 -13.25 13.89
CA ASN P 71 33.97 -12.44 12.68
C ASN P 71 33.68 -13.23 11.39
N ASN P 72 33.94 -12.59 10.24
CA ASN P 72 33.49 -13.17 9.00
C ASN P 72 34.26 -14.43 8.62
N LEU P 73 35.55 -14.49 8.97
CA LEU P 73 36.37 -15.67 8.70
C LEU P 73 36.60 -16.43 9.96
N GLU P 74 35.61 -16.48 10.82
CA GLU P 74 35.67 -17.40 11.92
C GLU P 74 34.39 -18.19 11.84
N ARG P 75 33.96 -18.44 10.62
CA ARG P 75 32.62 -19.01 10.42
C ARG P 75 32.50 -20.35 11.04
N ARG P 76 33.54 -21.14 10.82
CA ARG P 76 33.63 -22.50 11.27
C ARG P 76 33.36 -22.67 12.75
N ILE P 77 34.18 -22.01 13.55
CA ILE P 77 34.17 -22.11 15.01
C ILE P 77 32.97 -21.35 15.59
N GLU P 78 32.49 -20.37 14.82
CA GLU P 78 31.19 -19.74 15.08
C GLU P 78 30.07 -20.76 15.12
N ASN P 79 30.09 -21.67 14.17
CA ASN P 79 29.06 -22.70 14.14
C ASN P 79 29.23 -23.66 15.29
N LEU P 80 30.47 -24.05 15.59
CA LEU P 80 30.78 -24.90 16.74
C LEU P 80 30.08 -24.36 17.94
N ASN P 81 30.24 -23.05 18.13
CA ASN P 81 29.59 -22.31 19.21
C ASN P 81 28.04 -22.40 19.28
N LYS P 82 27.34 -22.23 18.16
CA LYS P 82 25.86 -22.37 18.12
C LYS P 82 25.41 -23.76 18.49
N LYS P 83 26.00 -24.74 17.83
CA LYS P 83 25.58 -26.14 17.98
C LYS P 83 25.82 -26.63 19.43
N MET P 84 26.85 -26.09 20.09
CA MET P 84 27.06 -26.38 21.51
C MET P 84 26.02 -25.81 22.42
N GLU P 85 25.75 -24.51 22.28
CA GLU P 85 24.81 -23.88 23.20
C GLU P 85 23.40 -24.36 22.90
N ASP P 86 23.05 -24.54 21.64
CA ASP P 86 21.80 -25.22 21.34
C ASP P 86 21.73 -26.61 21.93
N GLY P 87 22.77 -27.41 21.68
CA GLY P 87 22.85 -28.77 22.20
C GLY P 87 22.44 -28.87 23.66
N PHE P 88 23.07 -28.06 24.51
CA PHE P 88 22.82 -28.09 25.94
C PHE P 88 21.41 -27.66 26.32
N LEU P 89 20.89 -26.65 25.61
CA LEU P 89 19.53 -26.16 25.84
C LEU P 89 18.57 -27.30 25.61
N ASP P 90 18.88 -28.12 24.61
CA ASP P 90 18.10 -29.30 24.32
C ASP P 90 18.18 -30.37 25.39
N VAL P 91 19.37 -30.66 25.88
CA VAL P 91 19.49 -31.67 26.94
C VAL P 91 18.60 -31.32 28.13
N TRP P 92 18.69 -30.07 28.60
CA TRP P 92 17.92 -29.67 29.77
C TRP P 92 16.43 -29.53 29.50
N THR P 93 16.03 -29.28 28.26
CA THR P 93 14.61 -29.24 27.97
C THR P 93 14.02 -30.64 28.08
N TYR P 94 14.74 -31.61 27.51
CA TYR P 94 14.29 -32.98 27.61
C TYR P 94 14.24 -33.42 29.06
N ASN P 95 15.27 -33.11 29.84
CA ASN P 95 15.33 -33.51 31.24
C ASN P 95 14.18 -32.95 32.09
N ALA P 96 13.77 -31.72 31.80
CA ALA P 96 12.69 -31.11 32.57
C ALA P 96 11.36 -31.75 32.18
N GLU P 97 11.08 -31.80 30.88
CA GLU P 97 9.82 -32.36 30.42
C GLU P 97 9.64 -33.80 30.85
N LEU P 98 10.68 -34.61 30.69
CA LEU P 98 10.55 -36.03 31.04
C LEU P 98 10.48 -36.29 32.54
N LEU P 99 11.10 -35.44 33.37
CA LEU P 99 11.04 -35.70 34.82
C LEU P 99 9.66 -35.45 35.38
N VAL P 100 9.03 -34.39 34.90
CA VAL P 100 7.66 -34.11 35.28
C VAL P 100 6.74 -35.26 34.87
N LEU P 101 6.76 -35.63 33.59
CA LEU P 101 5.93 -36.72 33.10
C LEU P 101 6.07 -37.97 33.95
N MET P 102 7.30 -38.36 34.24
CA MET P 102 7.54 -39.57 35.02
C MET P 102 6.99 -39.40 36.43
N GLU P 103 7.24 -38.26 37.06
CA GLU P 103 6.85 -38.04 38.46
C GLU P 103 5.41 -37.61 38.65
N ASN P 104 4.73 -37.45 37.53
CA ASN P 104 3.30 -37.24 37.58
C ASN P 104 2.61 -38.57 37.79
N GLU P 105 3.07 -39.59 37.06
CA GLU P 105 2.58 -40.95 37.24
C GLU P 105 2.76 -41.45 38.64
N ARG P 106 3.96 -41.27 39.19
CA ARG P 106 4.22 -41.75 40.54
C ARG P 106 3.45 -40.94 41.60
N THR P 107 3.01 -39.73 41.27
CA THR P 107 2.20 -38.94 42.19
C THR P 107 0.77 -39.46 42.24
N LEU P 108 0.18 -39.79 41.10
CA LEU P 108 -1.20 -40.28 41.12
C LEU P 108 -1.32 -41.64 41.78
N ASP P 109 -0.38 -42.54 41.51
CA ASP P 109 -0.46 -43.90 42.06
C ASP P 109 0.06 -43.93 43.49
N PHE P 110 0.49 -42.78 43.98
CA PHE P 110 0.79 -42.66 45.40
C PHE P 110 -0.54 -42.39 46.12
N HIS P 111 -1.34 -41.52 45.54
CA HIS P 111 -2.68 -41.25 46.06
C HIS P 111 -3.54 -42.50 45.95
N ASP P 112 -3.39 -43.21 44.85
CA ASP P 112 -4.10 -44.47 44.63
C ASP P 112 -3.65 -45.54 45.63
N SER P 113 -2.35 -45.70 45.81
CA SER P 113 -1.85 -46.66 46.78
C SER P 113 -2.23 -46.30 48.19
N ASN P 114 -2.49 -45.03 48.45
CA ASN P 114 -2.87 -44.62 49.79
C ASN P 114 -4.33 -44.83 50.16
N VAL P 115 -5.22 -44.55 49.22
CA VAL P 115 -6.65 -44.80 49.43
C VAL P 115 -6.91 -46.28 49.70
N LYS P 116 -6.41 -47.14 48.82
CA LYS P 116 -6.59 -48.57 48.99
C LYS P 116 -5.94 -49.07 50.26
N ASN P 117 -4.94 -48.37 50.75
CA ASN P 117 -4.26 -48.84 51.94
C ASN P 117 -4.92 -48.38 53.22
N LEU P 118 -5.74 -47.36 53.13
CA LEU P 118 -6.52 -46.91 54.28
C LEU P 118 -7.78 -47.75 54.41
N TYR P 119 -8.26 -48.26 53.28
CA TYR P 119 -9.40 -49.19 53.25
C TYR P 119 -9.03 -50.51 53.87
N ASP P 120 -7.75 -50.87 53.78
CA ASP P 120 -7.27 -52.11 54.37
C ASP P 120 -6.85 -51.96 55.82
N LYS P 121 -6.77 -50.72 56.31
CA LYS P 121 -6.51 -50.51 57.73
C LYS P 121 -7.80 -50.77 58.49
N VAL P 122 -8.91 -50.40 57.87
CA VAL P 122 -10.23 -50.59 58.45
C VAL P 122 -10.72 -52.03 58.30
N ARG P 123 -10.49 -52.63 57.14
CA ARG P 123 -10.95 -54.00 56.88
C ARG P 123 -10.27 -55.02 57.79
N LEU P 124 -9.01 -54.77 58.11
CA LEU P 124 -8.26 -55.70 58.96
C LEU P 124 -8.45 -55.41 60.44
N GLN P 125 -9.19 -54.34 60.74
CA GLN P 125 -9.60 -54.05 62.12
C GLN P 125 -10.93 -54.73 62.45
N LEU P 126 -11.91 -54.63 61.54
CA LEU P 126 -13.22 -55.24 61.76
C LEU P 126 -13.24 -56.74 61.55
N ARG P 127 -12.66 -57.23 60.46
CA ARG P 127 -12.71 -58.67 60.16
C ARG P 127 -14.17 -59.13 60.00
N ASP P 128 -14.61 -60.07 60.84
CA ASP P 128 -15.96 -60.64 60.73
C ASP P 128 -17.00 -59.95 61.63
N ASN P 129 -16.61 -58.88 62.31
CA ASN P 129 -17.56 -58.03 63.03
C ASN P 129 -18.34 -57.09 62.10
N ALA P 130 -17.95 -57.10 60.83
CA ALA P 130 -18.61 -56.31 59.78
C ALA P 130 -18.58 -57.06 58.44
N LYS P 131 -19.51 -56.71 57.55
CA LYS P 131 -19.64 -57.32 56.22
C LYS P 131 -19.10 -56.38 55.17
N GLU P 132 -18.19 -56.88 54.35
CA GLU P 132 -17.64 -56.12 53.24
C GLU P 132 -18.70 -56.02 52.13
N LEU P 133 -19.17 -54.80 51.85
CA LEU P 133 -20.23 -54.60 50.87
C LEU P 133 -19.66 -54.63 49.47
N GLY P 134 -18.41 -54.22 49.33
CA GLY P 134 -17.73 -54.28 48.05
C GLY P 134 -17.67 -52.94 47.32
N ASN P 135 -18.47 -51.98 47.78
CA ASN P 135 -18.47 -50.66 47.19
C ASN P 135 -17.54 -49.73 47.96
N GLY P 136 -16.76 -50.34 48.85
CA GLY P 136 -15.78 -49.60 49.61
C GLY P 136 -16.30 -49.28 50.99
N CYS P 137 -17.50 -49.78 51.26
CA CYS P 137 -18.17 -49.55 52.54
C CYS P 137 -18.25 -50.82 53.39
N PHE P 138 -18.38 -50.62 54.69
CA PHE P 138 -18.57 -51.71 55.64
C PHE P 138 -19.94 -51.63 56.32
N GLU P 139 -20.62 -52.76 56.45
CA GLU P 139 -21.89 -52.80 57.17
C GLU P 139 -21.68 -53.66 58.41
N PHE P 140 -21.83 -53.02 59.57
CA PHE P 140 -21.57 -53.64 60.86
C PHE P 140 -22.53 -54.77 61.25
N TYR P 141 -22.00 -55.71 62.03
CA TYR P 141 -22.79 -56.76 62.63
C TYR P 141 -23.17 -56.40 64.07
N HIS P 142 -22.72 -55.24 64.56
CA HIS P 142 -23.16 -54.80 65.88
C HIS P 142 -23.54 -53.31 65.92
N LYS P 143 -23.92 -52.83 67.09
CA LYS P 143 -24.35 -51.46 67.22
C LYS P 143 -23.12 -50.63 67.56
N CYS P 144 -22.91 -49.57 66.79
CA CYS P 144 -21.71 -48.75 66.95
C CYS P 144 -22.03 -47.26 66.94
N ASP P 145 -21.89 -46.62 68.10
CA ASP P 145 -22.18 -45.21 68.20
C ASP P 145 -20.95 -44.38 67.86
N ASN P 146 -21.00 -43.10 68.22
CA ASN P 146 -19.99 -42.14 67.83
C ASN P 146 -18.67 -42.36 68.55
N GLU P 147 -18.71 -42.86 69.78
CA GLU P 147 -17.49 -43.15 70.52
C GLU P 147 -16.87 -44.45 70.06
N CYS P 148 -17.66 -45.24 69.33
CA CYS P 148 -17.16 -46.46 68.74
C CYS P 148 -16.61 -46.23 67.33
N MET P 149 -17.28 -45.36 66.55
CA MET P 149 -16.81 -45.00 65.21
C MET P 149 -15.46 -44.32 65.25
N GLU P 150 -15.28 -43.47 66.26
CA GLU P 150 -14.01 -42.77 66.47
C GLU P 150 -12.87 -43.72 66.74
N SER P 151 -13.16 -44.85 67.40
CA SER P 151 -12.14 -45.84 67.73
C SER P 151 -11.63 -46.58 66.47
N VAL P 152 -12.45 -46.63 65.42
CA VAL P 152 -12.00 -47.20 64.14
C VAL P 152 -11.13 -46.19 63.39
N ARG P 153 -11.49 -44.92 63.55
CA ARG P 153 -10.80 -43.81 62.88
C ARG P 153 -9.36 -43.66 63.36
N ASN P 154 -9.18 -43.52 64.67
CA ASN P 154 -7.84 -43.30 65.24
C ASN P 154 -7.09 -44.63 65.52
N GLY P 155 -7.70 -45.76 65.17
CA GLY P 155 -7.04 -47.06 65.21
C GLY P 155 -7.26 -47.86 66.48
N THR P 156 -8.19 -47.41 67.31
CA THR P 156 -8.44 -47.97 68.63
C THR P 156 -9.39 -49.19 68.63
N TYR P 157 -10.05 -49.43 67.50
CA TYR P 157 -11.14 -50.42 67.44
C TYR P 157 -10.88 -51.74 68.15
N ASP P 158 -11.76 -52.04 69.09
CA ASP P 158 -11.67 -53.22 69.95
C ASP P 158 -12.50 -54.38 69.39
N TYR P 159 -11.82 -55.44 68.95
CA TYR P 159 -12.52 -56.59 68.39
C TYR P 159 -13.19 -57.52 69.42
N PRO P 160 -12.44 -58.05 70.42
CA PRO P 160 -13.10 -58.95 71.38
C PRO P 160 -14.28 -58.33 72.15
N GLN P 161 -14.30 -57.00 72.23
CA GLN P 161 -15.32 -56.30 73.00
C GLN P 161 -16.68 -56.40 72.30
N TYR P 162 -16.67 -56.33 70.98
CA TYR P 162 -17.92 -56.37 70.24
C TYR P 162 -18.16 -57.74 69.61
N SER P 163 -17.17 -58.64 69.71
CA SER P 163 -17.23 -59.93 69.01
C SER P 163 -18.33 -60.90 69.46
N GLU P 164 -18.85 -60.71 70.66
CA GLU P 164 -19.93 -61.58 71.14
C GLU P 164 -21.27 -61.21 70.52
N GLU P 165 -21.57 -59.92 70.51
CA GLU P 165 -22.81 -59.45 69.95
C GLU P 165 -22.83 -59.67 68.44
N ALA P 166 -21.64 -59.68 67.86
CA ALA P 166 -21.47 -59.86 66.43
C ALA P 166 -21.67 -61.30 65.97
N ARG P 167 -21.15 -62.24 66.75
CA ARG P 167 -21.23 -63.66 66.36
C ARG P 167 -22.64 -64.20 66.57
N LEU P 168 -23.43 -63.47 67.33
CA LEU P 168 -24.82 -63.82 67.56
C LEU P 168 -25.68 -63.19 66.46
N LYS P 169 -25.21 -62.07 65.92
CA LYS P 169 -25.92 -61.46 64.80
C LYS P 169 -25.55 -62.10 63.46
N ARG P 170 -24.40 -62.75 63.40
CA ARG P 170 -24.03 -63.49 62.20
C ARG P 170 -24.83 -64.78 62.11
N GLU P 171 -25.06 -65.38 63.27
CA GLU P 171 -25.84 -66.61 63.40
C GLU P 171 -27.34 -66.42 63.14
N GLU P 172 -27.87 -65.24 63.47
CA GLU P 172 -29.28 -64.95 63.22
C GLU P 172 -29.61 -64.75 61.75
N ILE P 173 -28.66 -64.23 60.98
CA ILE P 173 -28.86 -63.95 59.55
C ILE P 173 -28.50 -65.20 58.72
N SER P 174 -27.75 -66.10 59.35
CA SER P 174 -27.51 -67.41 58.78
C SER P 174 -28.83 -68.16 58.66
N SER P 175 -29.70 -67.98 59.66
CA SER P 175 -31.00 -68.66 59.71
C SER P 175 -32.00 -68.20 58.64
N GLY P 176 -31.99 -66.91 58.31
CA GLY P 176 -32.93 -66.37 57.33
C GLY P 176 -34.26 -65.88 57.90
N ARG P 177 -34.23 -65.49 59.19
CA ARG P 177 -35.29 -64.87 60.01
C ARG P 177 -35.56 -65.73 61.25
N GLY Q 1 66.18 91.30 -19.75
CA GLY Q 1 65.92 91.78 -21.09
C GLY Q 1 66.47 90.88 -22.21
N LEU Q 2 65.59 90.09 -22.81
CA LEU Q 2 65.97 89.13 -23.85
C LEU Q 2 66.48 89.77 -25.14
N PHE Q 3 66.03 90.99 -25.42
CA PHE Q 3 66.35 91.67 -26.68
C PHE Q 3 67.39 92.78 -26.49
N GLY Q 4 67.77 93.02 -25.24
CA GLY Q 4 68.88 93.90 -24.91
C GLY Q 4 68.66 95.38 -25.14
N ALA Q 5 67.39 95.77 -25.31
CA ALA Q 5 67.08 97.17 -25.55
C ALA Q 5 66.66 97.87 -24.26
N ILE Q 6 65.55 97.44 -23.67
CA ILE Q 6 65.11 97.93 -22.36
C ILE Q 6 66.10 97.55 -21.25
N ALA Q 7 66.53 98.56 -20.48
CA ALA Q 7 67.56 98.38 -19.46
C ALA Q 7 68.77 97.63 -20.00
N GLY Q 8 69.14 97.95 -21.24
CA GLY Q 8 70.27 97.34 -21.90
C GLY Q 8 71.19 98.41 -22.48
N PHE Q 9 71.19 98.55 -23.80
CA PHE Q 9 72.03 99.57 -24.41
C PHE Q 9 71.40 100.95 -24.24
N ILE Q 10 70.07 101.02 -24.12
CA ILE Q 10 69.42 102.26 -23.66
C ILE Q 10 69.12 102.13 -22.19
N GLU Q 11 70.12 102.41 -21.37
CA GLU Q 11 69.95 102.27 -19.94
C GLU Q 11 69.24 103.49 -19.35
N GLY Q 12 68.11 103.25 -18.68
CA GLY Q 12 67.28 104.32 -18.17
C GLY Q 12 66.21 104.72 -19.16
N GLY Q 13 65.04 105.10 -18.65
CA GLY Q 13 63.94 105.58 -19.48
C GLY Q 13 63.64 107.06 -19.32
N TRP Q 14 62.85 107.62 -20.25
CA TRP Q 14 62.60 109.05 -20.23
C TRP Q 14 61.38 109.35 -19.39
N GLN Q 15 61.65 109.83 -18.18
CA GLN Q 15 60.66 110.28 -17.21
C GLN Q 15 59.61 111.23 -17.81
N GLY Q 16 59.99 111.93 -18.88
CA GLY Q 16 59.15 112.99 -19.40
C GLY Q 16 58.18 112.64 -20.52
N MET Q 17 58.51 111.68 -21.38
CA MET Q 17 57.58 111.32 -22.45
C MET Q 17 56.31 110.70 -21.87
N VAL Q 18 55.35 111.54 -21.49
CA VAL Q 18 54.15 111.08 -20.79
C VAL Q 18 52.94 110.88 -21.72
N ASP Q 19 53.20 110.82 -23.02
CA ASP Q 19 52.12 110.67 -24.00
C ASP Q 19 52.34 109.48 -24.94
N GLY Q 20 53.11 108.49 -24.48
CA GLY Q 20 53.34 107.28 -25.26
C GLY Q 20 54.30 106.31 -24.60
N TRP Q 21 54.35 105.08 -25.12
CA TRP Q 21 55.28 104.07 -24.59
C TRP Q 21 56.65 104.17 -25.27
N TYR Q 22 56.63 104.34 -26.59
CA TYR Q 22 57.86 104.45 -27.37
C TYR Q 22 57.91 105.78 -28.14
N GLY Q 23 59.12 106.32 -28.32
CA GLY Q 23 59.24 107.57 -29.06
C GLY Q 23 60.63 108.11 -29.34
N TYR Q 24 60.66 109.40 -29.65
CA TYR Q 24 61.86 110.10 -30.10
C TYR Q 24 62.22 111.26 -29.19
N HIS Q 25 63.50 111.62 -29.20
CA HIS Q 25 63.97 112.87 -28.60
C HIS Q 25 64.92 113.54 -29.58
N HIS Q 26 64.40 114.46 -30.40
CA HIS Q 26 65.22 115.11 -31.41
C HIS Q 26 66.00 116.26 -30.77
N SER Q 27 67.11 116.62 -31.41
CA SER Q 27 67.99 117.64 -30.87
C SER Q 27 68.82 118.26 -31.99
N ASN Q 28 68.30 119.35 -32.55
CA ASN Q 28 69.02 120.08 -33.58
C ASN Q 28 69.36 121.50 -33.14
N GLU Q 29 69.67 122.37 -34.09
CA GLU Q 29 70.01 123.76 -33.78
C GLU Q 29 68.78 124.56 -33.33
N GLN Q 30 67.61 124.22 -33.88
CA GLN Q 30 66.34 124.88 -33.55
C GLN Q 30 65.84 124.55 -32.14
N GLY Q 31 66.45 123.54 -31.51
CA GLY Q 31 66.07 123.13 -30.17
C GLY Q 31 65.85 121.64 -30.01
N SER Q 32 65.12 121.25 -28.96
CA SER Q 32 64.87 119.83 -28.66
C SER Q 32 63.45 119.57 -28.16
N GLY Q 33 63.13 118.29 -27.97
CA GLY Q 33 61.82 117.88 -27.47
C GLY Q 33 61.54 116.39 -27.53
N TYR Q 34 60.41 115.99 -26.94
CA TYR Q 34 59.95 114.60 -26.94
C TYR Q 34 58.81 114.37 -27.92
N ALA Q 35 58.91 113.31 -28.72
CA ALA Q 35 57.88 112.99 -29.71
C ALA Q 35 57.65 111.49 -29.85
N ALA Q 36 56.43 111.08 -29.57
CA ALA Q 36 56.03 109.66 -29.57
C ALA Q 36 55.60 109.12 -30.94
N ASP Q 37 56.02 107.89 -31.23
CA ASP Q 37 55.64 107.18 -32.46
C ASP Q 37 54.18 106.75 -32.33
N LYS Q 38 53.33 107.22 -33.23
CA LYS Q 38 51.89 107.03 -33.06
C LYS Q 38 51.36 105.60 -33.22
N GLU Q 39 51.91 104.84 -34.16
CA GLU Q 39 51.39 103.50 -34.48
C GLU Q 39 52.02 102.34 -33.71
N SER Q 40 53.30 102.47 -33.35
CA SER Q 40 53.94 101.40 -32.59
C SER Q 40 53.40 101.40 -31.15
N THR Q 41 53.04 102.57 -30.64
CA THR Q 41 52.32 102.68 -29.36
C THR Q 41 50.94 102.03 -29.53
N GLN Q 42 50.39 102.16 -30.73
CA GLN Q 42 49.11 101.55 -31.13
C GLN Q 42 49.20 100.03 -31.37
N LYS Q 43 50.35 99.55 -31.84
CA LYS Q 43 50.54 98.12 -32.05
C LYS Q 43 50.66 97.33 -30.73
N ALA Q 44 51.15 97.99 -29.68
CA ALA Q 44 51.27 97.40 -28.35
C ALA Q 44 49.95 97.46 -27.57
N ILE Q 45 49.21 98.54 -27.80
CA ILE Q 45 47.88 98.71 -27.25
C ILE Q 45 46.97 97.54 -27.67
N ASP Q 46 47.11 97.11 -28.93
CA ASP Q 46 46.30 96.02 -29.47
C ASP Q 46 46.66 94.63 -28.93
N GLY Q 47 47.95 94.35 -28.77
CA GLY Q 47 48.39 93.07 -28.25
C GLY Q 47 48.06 92.87 -26.79
N VAL Q 48 48.11 93.96 -26.03
CA VAL Q 48 47.82 93.93 -24.59
C VAL Q 48 46.32 93.89 -24.35
N THR Q 49 45.56 94.67 -25.11
CA THR Q 49 44.09 94.62 -25.02
C THR Q 49 43.56 93.26 -25.47
N ASN Q 50 44.16 92.67 -26.50
CA ASN Q 50 43.77 91.33 -26.96
C ASN Q 50 44.15 90.23 -25.99
N LYS Q 51 45.30 90.36 -25.34
CA LYS Q 51 45.74 89.34 -24.38
C LYS Q 51 44.86 89.31 -23.12
N VAL Q 52 44.53 90.48 -22.58
CA VAL Q 52 43.67 90.61 -21.40
C VAL Q 52 42.27 90.00 -21.62
N ASN Q 53 41.71 90.25 -22.80
CA ASN Q 53 40.39 89.75 -23.16
C ASN Q 53 40.40 88.28 -23.61
N SER Q 54 41.55 87.80 -24.08
CA SER Q 54 41.76 86.37 -24.36
C SER Q 54 41.81 85.58 -23.05
N ILE Q 55 42.23 86.26 -21.98
CA ILE Q 55 42.34 85.65 -20.66
C ILE Q 55 41.01 85.46 -19.95
N ILE Q 56 40.22 86.53 -19.85
CA ILE Q 56 38.89 86.43 -19.26
C ILE Q 56 38.04 85.41 -20.05
N ASP Q 57 38.22 85.40 -21.37
CA ASP Q 57 37.48 84.48 -22.26
C ASP Q 57 38.00 83.02 -22.22
N LYS Q 58 39.30 82.80 -22.01
CA LYS Q 58 39.80 81.42 -21.88
C LYS Q 58 39.29 80.77 -20.59
N MET Q 59 39.24 81.58 -19.54
CA MET Q 59 38.73 81.17 -18.24
C MET Q 59 37.21 81.36 -18.21
N ASN Q 60 36.59 81.31 -19.39
CA ASN Q 60 35.15 81.46 -19.56
C ASN Q 60 34.39 80.46 -18.72
N THR Q 61 34.55 79.19 -19.05
CA THR Q 61 34.07 78.11 -18.21
C THR Q 61 35.21 77.54 -17.43
N GLN Q 62 34.94 77.31 -16.15
CA GLN Q 62 35.90 76.82 -15.17
C GLN Q 62 35.05 76.26 -14.03
N PHE Q 63 35.57 75.26 -13.32
CA PHE Q 63 34.78 74.56 -12.33
C PHE Q 63 34.08 75.48 -11.33
N GLU Q 64 32.82 75.17 -11.09
CA GLU Q 64 32.01 75.86 -10.10
C GLU Q 64 31.41 74.91 -9.06
N ALA Q 65 31.81 75.08 -7.81
CA ALA Q 65 31.41 74.17 -6.75
C ALA Q 65 29.93 74.26 -6.43
N VAL Q 66 29.32 73.15 -6.04
CA VAL Q 66 27.92 73.09 -5.65
C VAL Q 66 27.81 72.54 -4.25
N GLY Q 67 26.83 72.99 -3.49
CA GLY Q 67 26.68 72.46 -2.15
C GLY Q 67 25.98 71.11 -2.21
N ARG Q 68 26.56 70.11 -1.54
CA ARG Q 68 25.91 68.80 -1.44
C ARG Q 68 25.93 68.30 -0.02
N GLU Q 69 24.81 67.78 0.45
CA GLU Q 69 24.69 67.27 1.82
C GLU Q 69 24.54 65.75 1.87
N PHE Q 70 25.31 65.12 2.75
CA PHE Q 70 25.32 63.67 2.91
C PHE Q 70 25.12 63.34 4.39
N ASN Q 71 24.48 62.21 4.72
CA ASN Q 71 24.22 61.88 6.12
C ASN Q 71 25.41 61.15 6.74
N ASN Q 72 25.24 60.59 7.94
CA ASN Q 72 26.36 60.02 8.69
C ASN Q 72 26.92 58.68 8.14
N LEU Q 73 26.09 57.90 7.48
CA LEU Q 73 26.60 56.67 6.87
C LEU Q 73 26.72 56.90 5.40
N GLU Q 74 27.07 58.11 5.02
CA GLU Q 74 27.46 58.35 3.67
C GLU Q 74 28.81 58.99 3.65
N ARG Q 75 29.65 58.56 4.58
CA ARG Q 75 30.94 59.20 4.75
C ARG Q 75 31.91 59.08 3.62
N ARG Q 76 31.95 57.89 3.03
CA ARG Q 76 32.80 57.60 1.88
C ARG Q 76 32.54 58.57 0.71
N ILE Q 77 31.31 58.63 0.18
CA ILE Q 77 31.06 59.54 -0.96
C ILE Q 77 31.07 61.01 -0.54
N GLU Q 78 30.83 61.26 0.75
CA GLU Q 78 31.10 62.58 1.27
C GLU Q 78 32.56 63.00 1.05
N ASN Q 79 33.49 62.08 1.27
CA ASN Q 79 34.91 62.40 1.14
C ASN Q 79 35.25 62.51 -0.33
N LEU Q 80 34.70 61.57 -1.07
CA LEU Q 80 34.79 61.58 -2.52
C LEU Q 80 34.36 62.94 -3.06
N ASN Q 81 33.15 63.36 -2.68
CA ASN Q 81 32.62 64.63 -3.11
C ASN Q 81 33.54 65.81 -2.81
N LYS Q 82 34.07 65.88 -1.59
CA LYS Q 82 35.04 66.91 -1.25
C LYS Q 82 36.30 66.88 -2.10
N LYS Q 83 36.96 65.71 -2.22
CA LYS Q 83 38.23 65.66 -2.96
C LYS Q 83 38.09 66.06 -4.43
N MET Q 84 36.94 65.78 -5.02
CA MET Q 84 36.69 66.20 -6.40
C MET Q 84 36.58 67.71 -6.51
N GLU Q 85 35.75 68.34 -5.68
CA GLU Q 85 35.56 69.77 -5.80
C GLU Q 85 36.85 70.50 -5.43
N ASP Q 86 37.59 69.99 -4.45
CA ASP Q 86 38.94 70.52 -4.22
C ASP Q 86 39.83 70.39 -5.47
N GLY Q 87 39.92 69.17 -5.99
CA GLY Q 87 40.73 68.89 -7.16
C GLY Q 87 40.60 69.92 -8.26
N PHE Q 88 39.38 70.19 -8.69
CA PHE Q 88 39.20 71.13 -9.77
C PHE Q 88 39.58 72.55 -9.35
N LEU Q 89 39.18 72.97 -8.15
CA LEU Q 89 39.54 74.30 -7.67
C LEU Q 89 41.06 74.45 -7.60
N ASP Q 90 41.75 73.37 -7.25
CA ASP Q 90 43.21 73.40 -7.28
C ASP Q 90 43.75 73.54 -8.70
N VAL Q 91 43.22 72.73 -9.61
CA VAL Q 91 43.65 72.74 -11.00
C VAL Q 91 43.52 74.12 -11.64
N TRP Q 92 42.32 74.69 -11.58
CA TRP Q 92 42.06 75.99 -12.19
C TRP Q 92 42.76 77.14 -11.46
N THR Q 93 43.13 76.93 -10.21
CA THR Q 93 43.94 77.92 -9.50
C THR Q 93 45.35 77.97 -10.10
N TYR Q 94 45.96 76.79 -10.27
CA TYR Q 94 47.27 76.71 -10.91
C TYR Q 94 47.23 77.29 -12.33
N ASN Q 95 46.18 76.99 -13.08
CA ASN Q 95 46.08 77.52 -14.44
C ASN Q 95 46.04 79.05 -14.51
N ALA Q 96 45.39 79.69 -13.55
CA ALA Q 96 45.26 81.14 -13.58
C ALA Q 96 46.57 81.80 -13.21
N GLU Q 97 47.14 81.34 -12.12
CA GLU Q 97 48.41 81.89 -11.64
C GLU Q 97 49.48 81.71 -12.71
N LEU Q 98 49.57 80.51 -13.27
CA LEU Q 98 50.60 80.22 -14.26
C LEU Q 98 50.37 80.96 -15.56
N LEU Q 99 49.11 81.26 -15.89
CA LEU Q 99 48.82 82.02 -17.11
C LEU Q 99 49.31 83.45 -16.99
N VAL Q 100 49.09 84.03 -15.81
CA VAL Q 100 49.58 85.36 -15.51
C VAL Q 100 51.12 85.38 -15.61
N LEU Q 101 51.77 84.47 -14.88
CA LEU Q 101 53.22 84.36 -14.87
C LEU Q 101 53.85 84.26 -16.26
N MET Q 102 53.33 83.36 -17.09
CA MET Q 102 53.87 83.17 -18.43
C MET Q 102 53.64 84.40 -19.29
N GLU Q 103 52.43 84.97 -19.25
CA GLU Q 103 52.12 86.10 -20.11
C GLU Q 103 52.58 87.42 -19.50
N ASN Q 104 53.12 87.36 -18.30
CA ASN Q 104 53.82 88.53 -17.78
C ASN Q 104 55.22 88.60 -18.37
N GLU Q 105 55.93 87.47 -18.39
CA GLU Q 105 57.22 87.41 -19.05
C GLU Q 105 57.07 87.85 -20.50
N ARG Q 106 56.07 87.30 -21.16
CA ARG Q 106 55.79 87.59 -22.57
C ARG Q 106 55.31 89.03 -22.75
N THR Q 107 54.93 89.68 -21.65
CA THR Q 107 54.55 91.09 -21.70
C THR Q 107 55.75 92.05 -21.78
N LEU Q 108 56.74 91.85 -20.92
CA LEU Q 108 57.88 92.75 -20.88
C LEU Q 108 58.77 92.60 -22.11
N ASP Q 109 58.95 91.36 -22.57
CA ASP Q 109 59.82 91.11 -23.70
C ASP Q 109 59.15 91.40 -25.06
N PHE Q 110 57.90 91.84 -25.02
CA PHE Q 110 57.27 92.39 -26.23
C PHE Q 110 57.63 93.86 -26.31
N HIS Q 111 57.58 94.52 -25.14
CA HIS Q 111 57.99 95.90 -25.02
C HIS Q 111 59.50 96.04 -25.31
N ASP Q 112 60.26 95.04 -24.87
CA ASP Q 112 61.69 94.99 -25.16
C ASP Q 112 61.97 94.81 -26.64
N SER Q 113 61.28 93.86 -27.27
CA SER Q 113 61.42 93.60 -28.70
C SER Q 113 60.87 94.75 -29.56
N ASN Q 114 59.96 95.55 -29.02
CA ASN Q 114 59.43 96.69 -29.78
C ASN Q 114 60.39 97.89 -29.84
N VAL Q 115 61.09 98.15 -28.74
CA VAL Q 115 62.13 99.19 -28.73
C VAL Q 115 63.24 98.84 -29.73
N LYS Q 116 63.75 97.62 -29.65
CA LYS Q 116 64.76 97.15 -30.58
C LYS Q 116 64.30 97.10 -32.06
N ASN Q 117 63.00 97.01 -32.31
CA ASN Q 117 62.51 97.02 -33.69
C ASN Q 117 62.25 98.40 -34.30
N LEU Q 118 61.99 99.39 -33.44
CA LEU Q 118 61.79 100.75 -33.92
C LEU Q 118 63.14 101.46 -34.08
N TYR Q 119 64.11 101.04 -33.27
CA TYR Q 119 65.48 101.53 -33.35
C TYR Q 119 66.20 101.06 -34.62
N ASP Q 120 65.87 99.87 -35.09
CA ASP Q 120 66.44 99.32 -36.32
C ASP Q 120 65.64 99.77 -37.55
N LYS Q 121 64.51 100.41 -37.31
CA LYS Q 121 63.73 101.08 -38.35
C LYS Q 121 64.38 102.41 -38.74
N VAL Q 122 64.93 103.11 -37.74
CA VAL Q 122 65.58 104.40 -37.94
C VAL Q 122 67.02 104.21 -38.46
N ARG Q 123 67.73 103.23 -37.92
CA ARG Q 123 69.11 102.97 -38.33
C ARG Q 123 69.22 102.59 -39.80
N LEU Q 124 68.27 101.82 -40.31
CA LEU Q 124 68.30 101.43 -41.71
C LEU Q 124 67.56 102.44 -42.59
N GLN Q 125 67.00 103.49 -41.99
CA GLN Q 125 66.50 104.62 -42.77
C GLN Q 125 67.62 105.64 -43.02
N LEU Q 126 68.38 105.94 -41.96
CA LEU Q 126 69.48 106.90 -42.03
C LEU Q 126 70.77 106.33 -42.66
N ARG Q 127 71.18 105.16 -42.16
CA ARG Q 127 72.45 104.51 -42.53
C ARG Q 127 73.69 105.36 -42.24
N ASP Q 128 74.49 105.64 -43.26
CA ASP Q 128 75.77 106.32 -43.03
C ASP Q 128 75.70 107.84 -43.21
N ASN Q 129 74.50 108.39 -43.37
CA ASN Q 129 74.28 109.83 -43.29
C ASN Q 129 74.31 110.27 -41.82
N ALA Q 130 74.40 109.30 -40.91
CA ALA Q 130 74.44 109.55 -39.47
C ALA Q 130 75.34 108.53 -38.74
N LYS Q 131 75.81 108.90 -37.55
CA LYS Q 131 76.67 108.02 -36.75
C LYS Q 131 75.99 107.38 -35.53
N GLU Q 132 76.09 106.06 -35.44
CA GLU Q 132 75.60 105.32 -34.28
C GLU Q 132 76.56 105.46 -33.09
N LEU Q 133 76.07 106.09 -32.03
CA LEU Q 133 76.89 106.37 -30.85
C LEU Q 133 76.99 105.14 -29.95
N GLY Q 134 75.96 104.30 -30.00
CA GLY Q 134 75.94 103.06 -29.25
C GLY Q 134 75.08 103.14 -27.99
N ASN Q 135 74.72 104.36 -27.59
CA ASN Q 135 73.84 104.56 -26.45
C ASN Q 135 72.40 104.70 -26.91
N GLY Q 136 72.18 104.42 -28.20
CA GLY Q 136 70.84 104.45 -28.75
C GLY Q 136 70.59 105.73 -29.52
N CYS Q 137 71.62 106.56 -29.63
CA CYS Q 137 71.49 107.84 -30.32
C CYS Q 137 72.21 107.82 -31.66
N PHE Q 138 71.73 108.69 -32.55
CA PHE Q 138 72.31 108.88 -33.88
C PHE Q 138 72.96 110.26 -34.01
N GLU Q 139 74.11 110.31 -34.67
CA GLU Q 139 74.82 111.56 -34.92
C GLU Q 139 74.82 111.91 -36.41
N PHE Q 140 74.11 112.97 -36.78
CA PHE Q 140 74.01 113.34 -38.20
C PHE Q 140 75.33 113.84 -38.77
N TYR Q 141 75.55 113.51 -40.04
CA TYR Q 141 76.69 114.05 -40.79
C TYR Q 141 76.26 115.19 -41.71
N HIS Q 142 74.96 115.49 -41.71
CA HIS Q 142 74.44 116.64 -42.45
C HIS Q 142 73.48 117.39 -41.55
N LYS Q 143 72.91 118.48 -42.07
CA LYS Q 143 71.95 119.27 -41.30
C LYS Q 143 70.52 118.79 -41.49
N CYS Q 144 69.82 118.63 -40.37
CA CYS Q 144 68.45 118.14 -40.36
C CYS Q 144 67.62 119.03 -39.42
N ASP Q 145 66.73 119.84 -40.01
CA ASP Q 145 65.85 120.77 -39.27
C ASP Q 145 64.54 120.12 -38.84
N ASN Q 146 63.54 120.93 -38.53
CA ASN Q 146 62.29 120.42 -37.97
C ASN Q 146 61.40 119.64 -38.96
N GLU Q 147 61.44 119.99 -40.24
CA GLU Q 147 60.70 119.22 -41.24
C GLU Q 147 61.42 117.97 -41.75
N CYS Q 148 62.71 117.85 -41.44
CA CYS Q 148 63.48 116.65 -41.76
C CYS Q 148 63.36 115.60 -40.63
N MET Q 149 63.34 116.06 -39.38
CA MET Q 149 63.13 115.17 -38.22
C MET Q 149 61.79 114.47 -38.36
N GLU Q 150 60.81 115.21 -38.88
CA GLU Q 150 59.48 114.69 -39.18
C GLU Q 150 59.50 113.58 -40.22
N SER Q 151 60.43 113.66 -41.17
CA SER Q 151 60.54 112.67 -42.23
C SER Q 151 61.09 111.31 -41.78
N VAL Q 152 61.90 111.28 -40.71
CA VAL Q 152 62.37 110.00 -40.18
C VAL Q 152 61.25 109.35 -39.34
N ARG Q 153 60.42 110.19 -38.70
CA ARG Q 153 59.33 109.73 -37.84
C ARG Q 153 58.26 108.93 -38.59
N ASN Q 154 57.66 109.52 -39.63
CA ASN Q 154 56.60 108.83 -40.38
C ASN Q 154 57.13 107.98 -41.55
N GLY Q 155 58.45 107.96 -41.71
CA GLY Q 155 59.09 107.10 -42.70
C GLY Q 155 59.45 107.78 -44.02
N THR Q 156 59.38 109.11 -44.04
CA THR Q 156 59.58 109.92 -45.25
C THR Q 156 61.06 110.18 -45.56
N TYR Q 157 61.94 109.89 -44.60
CA TYR Q 157 63.38 110.22 -44.71
C TYR Q 157 64.04 109.84 -46.04
N ASP Q 158 64.62 110.83 -46.69
CA ASP Q 158 65.27 110.68 -48.00
C ASP Q 158 66.79 110.51 -47.89
N TYR Q 159 67.31 109.34 -48.25
CA TYR Q 159 68.75 109.09 -48.19
C TYR Q 159 69.55 109.74 -49.33
N PRO Q 160 69.19 109.47 -50.61
CA PRO Q 160 69.98 110.08 -51.71
C PRO Q 160 70.09 111.61 -51.71
N GLN Q 161 69.15 112.29 -51.06
CA GLN Q 161 69.11 113.76 -51.03
C GLN Q 161 70.22 114.38 -50.19
N TYR Q 162 70.51 113.76 -49.05
CA TYR Q 162 71.51 114.29 -48.11
C TYR Q 162 72.83 113.55 -48.22
N SER Q 163 72.86 112.48 -49.00
CA SER Q 163 74.06 111.62 -49.09
C SER Q 163 75.27 112.33 -49.70
N GLU Q 164 75.03 113.43 -50.43
CA GLU Q 164 76.12 114.18 -51.02
C GLU Q 164 76.78 115.09 -49.97
N GLU Q 165 75.96 115.79 -49.19
CA GLU Q 165 76.43 116.69 -48.14
C GLU Q 165 77.06 115.94 -46.96
N ALA Q 166 76.61 114.71 -46.74
CA ALA Q 166 77.09 113.89 -45.63
C ALA Q 166 78.48 113.34 -45.88
N ARG Q 167 78.73 112.89 -47.11
CA ARG Q 167 80.03 112.31 -47.48
C ARG Q 167 81.08 113.41 -47.63
N LEU Q 168 80.63 114.65 -47.68
CA LEU Q 168 81.55 115.77 -47.72
C LEU Q 168 81.95 116.16 -46.29
N LYS Q 169 81.06 115.91 -45.32
CA LYS Q 169 81.36 116.08 -43.88
C LYS Q 169 82.11 114.90 -43.23
N ARG Q 170 82.01 113.72 -43.83
CA ARG Q 170 82.75 112.55 -43.37
C ARG Q 170 84.24 112.56 -43.75
N GLU Q 171 84.54 113.11 -44.93
CA GLU Q 171 85.91 113.30 -45.37
C GLU Q 171 86.64 114.37 -44.56
N GLU Q 172 85.87 115.33 -44.04
CA GLU Q 172 86.37 116.42 -43.20
C GLU Q 172 86.86 115.96 -41.83
N ILE Q 173 86.26 114.89 -41.30
CA ILE Q 173 86.68 114.36 -40.00
C ILE Q 173 87.78 113.32 -40.23
N SER Q 174 87.86 112.81 -41.45
CA SER Q 174 88.90 111.89 -41.93
C SER Q 174 90.32 112.49 -41.98
N SER Q 175 90.42 113.76 -42.39
CA SER Q 175 91.71 114.45 -42.51
C SER Q 175 92.38 114.71 -41.14
N GLY Q 176 91.56 114.95 -40.12
CA GLY Q 176 92.02 115.24 -38.78
C GLY Q 176 90.82 115.75 -38.00
N ARG Q 177 90.54 117.04 -38.19
CA ARG Q 177 89.38 117.83 -37.75
C ARG Q 177 89.90 119.02 -36.92
N GLY R 1 69.47 77.88 -32.41
CA GLY R 1 68.63 78.57 -31.45
C GLY R 1 67.90 79.77 -32.03
N LEU R 2 66.92 80.28 -31.27
CA LEU R 2 66.08 81.39 -31.71
C LEU R 2 66.84 82.71 -31.90
N PHE R 3 67.97 82.86 -31.21
CA PHE R 3 68.72 84.11 -31.29
C PHE R 3 70.00 83.99 -32.12
N GLY R 4 70.31 82.77 -32.57
CA GLY R 4 71.33 82.55 -33.58
C GLY R 4 72.77 82.85 -33.23
N ALA R 5 73.06 83.02 -31.94
CA ALA R 5 74.42 83.35 -31.51
C ALA R 5 75.13 82.07 -31.12
N ILE R 6 74.60 81.37 -30.12
CA ILE R 6 75.10 80.05 -29.75
C ILE R 6 74.90 79.08 -30.92
N ALA R 7 75.98 78.38 -31.30
CA ALA R 7 76.00 77.50 -32.47
C ALA R 7 75.43 78.15 -33.74
N GLY R 8 75.78 79.41 -33.94
CA GLY R 8 75.38 80.16 -35.13
C GLY R 8 76.59 80.81 -35.77
N PHE R 9 76.70 82.12 -35.61
CA PHE R 9 77.85 82.87 -36.12
C PHE R 9 79.07 82.66 -35.22
N ILE R 10 78.84 82.29 -33.97
CA ILE R 10 79.88 81.77 -33.09
C ILE R 10 79.87 80.25 -33.11
N GLU R 11 80.68 79.66 -33.99
CA GLU R 11 80.70 78.22 -34.13
C GLU R 11 81.42 77.59 -32.93
N GLY R 12 80.73 76.77 -32.15
CA GLY R 12 81.42 76.15 -31.03
C GLY R 12 81.54 76.94 -29.74
N GLY R 13 81.57 76.23 -28.62
CA GLY R 13 81.84 76.84 -27.33
C GLY R 13 83.22 76.42 -26.84
N TRP R 14 83.76 77.14 -25.88
CA TRP R 14 85.15 76.95 -25.45
C TRP R 14 85.35 75.95 -24.32
N GLN R 15 85.95 74.80 -24.64
CA GLN R 15 86.37 73.83 -23.62
C GLN R 15 87.04 74.47 -22.41
N GLY R 16 87.69 75.62 -22.60
CA GLY R 16 88.54 76.17 -21.56
C GLY R 16 88.00 77.17 -20.54
N MET R 17 86.78 77.67 -20.71
CA MET R 17 86.26 78.61 -19.72
C MET R 17 85.44 77.85 -18.68
N VAL R 18 86.13 77.33 -17.67
CA VAL R 18 85.53 76.41 -16.70
C VAL R 18 85.07 77.07 -15.38
N ASP R 19 84.94 78.40 -15.38
CA ASP R 19 84.39 79.10 -14.21
C ASP R 19 83.30 80.16 -14.53
N GLY R 20 82.56 79.97 -15.63
CA GLY R 20 81.48 80.86 -16.00
C GLY R 20 80.80 80.42 -17.30
N TRP R 21 79.61 80.96 -17.56
CA TRP R 21 78.87 80.60 -18.77
C TRP R 21 79.24 81.46 -19.97
N TYR R 22 79.37 82.77 -19.74
CA TYR R 22 79.74 83.69 -20.80
C TYR R 22 81.04 84.41 -20.43
N GLY R 23 81.86 84.71 -21.43
CA GLY R 23 83.12 85.40 -21.17
C GLY R 23 83.93 85.78 -22.39
N TYR R 24 85.22 86.02 -22.20
CA TYR R 24 86.10 86.53 -23.23
C TYR R 24 87.30 85.64 -23.53
N HIS R 25 87.84 85.78 -24.74
CA HIS R 25 89.16 85.25 -25.10
C HIS R 25 89.93 86.36 -25.81
N HIS R 26 90.71 87.10 -25.03
CA HIS R 26 91.45 88.23 -25.57
C HIS R 26 92.76 87.74 -26.18
N SER R 27 93.36 88.57 -27.04
CA SER R 27 94.58 88.18 -27.76
C SER R 27 95.36 89.43 -28.18
N ASN R 28 96.34 89.81 -27.35
CA ASN R 28 97.16 90.96 -27.67
C ASN R 28 98.60 90.54 -27.91
N GLU R 29 99.53 91.49 -27.85
CA GLU R 29 100.94 91.17 -28.10
C GLU R 29 101.53 90.41 -26.88
N GLN R 30 101.03 90.71 -25.69
CA GLN R 30 101.47 90.06 -24.43
C GLN R 30 101.02 88.60 -24.30
N GLY R 31 100.09 88.19 -25.16
CA GLY R 31 99.57 86.83 -25.17
C GLY R 31 98.06 86.73 -25.21
N SER R 32 97.51 85.58 -24.81
CA SER R 32 96.07 85.36 -24.82
C SER R 32 95.60 84.57 -23.60
N GLY R 33 94.29 84.43 -23.47
CA GLY R 33 93.70 83.70 -22.36
C GLY R 33 92.19 83.77 -22.24
N TYR R 34 91.65 82.96 -21.33
CA TYR R 34 90.22 82.86 -21.10
C TYR R 34 89.80 83.59 -19.81
N ALA R 35 88.74 84.39 -19.89
CA ALA R 35 88.23 85.11 -18.73
C ALA R 35 86.69 85.25 -18.76
N ALA R 36 86.03 84.73 -17.72
CA ALA R 36 84.57 84.71 -17.65
C ALA R 36 83.97 86.02 -17.12
N ASP R 37 82.87 86.45 -17.73
CA ASP R 37 82.18 87.70 -17.34
C ASP R 37 81.48 87.54 -15.99
N LYS R 38 81.83 88.41 -15.06
CA LYS R 38 81.38 88.29 -13.67
C LYS R 38 79.89 88.46 -13.46
N GLU R 39 79.27 89.36 -14.22
CA GLU R 39 77.86 89.72 -13.99
C GLU R 39 76.81 88.89 -14.72
N SER R 40 77.09 88.49 -15.96
CA SER R 40 76.12 87.71 -16.73
C SER R 40 76.05 86.26 -16.26
N THR R 41 77.17 85.73 -15.79
CA THR R 41 77.17 84.39 -15.18
C THR R 41 76.31 84.38 -13.93
N GLN R 42 76.35 85.49 -13.18
CA GLN R 42 75.55 85.66 -11.97
C GLN R 42 74.07 85.97 -12.24
N LYS R 43 73.80 86.70 -13.33
CA LYS R 43 72.46 87.05 -13.77
C LYS R 43 71.71 85.85 -14.36
N ALA R 44 72.45 84.90 -14.91
CA ALA R 44 71.89 83.66 -15.45
C ALA R 44 71.64 82.65 -14.34
N ILE R 45 72.52 82.67 -13.34
CA ILE R 45 72.37 81.88 -12.13
C ILE R 45 71.03 82.17 -11.45
N ASP R 46 70.65 83.44 -11.40
CA ASP R 46 69.39 83.85 -10.79
C ASP R 46 68.14 83.53 -11.61
N GLY R 47 68.23 83.72 -12.93
CA GLY R 47 67.08 83.47 -13.79
C GLY R 47 66.68 82.02 -13.92
N VAL R 48 67.65 81.11 -13.92
CA VAL R 48 67.38 79.68 -13.99
C VAL R 48 67.08 79.08 -12.60
N THR R 49 67.81 79.52 -11.57
CA THR R 49 67.53 79.05 -10.21
C THR R 49 66.12 79.48 -9.75
N ASN R 50 65.70 80.69 -10.11
CA ASN R 50 64.35 81.12 -9.77
C ASN R 50 63.32 80.30 -10.55
N LYS R 51 63.66 79.90 -11.77
CA LYS R 51 62.73 79.09 -12.55
C LYS R 51 62.55 77.67 -11.99
N VAL R 52 63.64 77.01 -11.59
CA VAL R 52 63.57 75.67 -11.00
C VAL R 52 62.74 75.64 -9.72
N ASN R 53 62.91 76.67 -8.90
CA ASN R 53 62.21 76.75 -7.62
C ASN R 53 60.77 77.19 -7.79
N SER R 54 60.49 77.97 -8.83
CA SER R 54 59.11 78.39 -9.18
C SER R 54 58.33 77.22 -9.78
N ILE R 55 59.06 76.28 -10.37
CA ILE R 55 58.46 75.10 -10.96
C ILE R 55 58.04 74.12 -9.88
N ILE R 56 58.95 73.82 -8.96
CA ILE R 56 58.62 72.98 -7.81
C ILE R 56 57.49 73.62 -6.98
N ASP R 57 57.56 74.94 -6.84
CA ASP R 57 56.61 75.69 -6.01
C ASP R 57 55.22 75.85 -6.67
N LYS R 58 55.14 75.93 -8.00
CA LYS R 58 53.81 76.00 -8.64
C LYS R 58 53.07 74.68 -8.47
N MET R 59 53.84 73.59 -8.47
CA MET R 59 53.30 72.26 -8.21
C MET R 59 53.24 72.02 -6.70
N ASN R 60 53.13 73.11 -5.94
CA ASN R 60 53.05 73.06 -4.49
C ASN R 60 51.91 72.14 -4.04
N THR R 61 50.68 72.56 -4.31
CA THR R 61 49.54 71.68 -4.11
C THR R 61 49.10 71.08 -5.41
N GLN R 62 48.80 69.79 -5.35
CA GLN R 62 48.45 69.00 -6.51
C GLN R 62 47.70 67.78 -5.97
N PHE R 63 46.76 67.25 -6.75
CA PHE R 63 45.88 66.19 -6.27
C PHE R 63 46.60 64.98 -5.63
N GLU R 64 46.02 64.53 -4.51
CA GLU R 64 46.48 63.34 -3.81
C GLU R 64 45.40 62.28 -3.62
N ALA R 65 45.69 61.08 -4.15
CA ALA R 65 44.75 59.97 -4.16
C ALA R 65 44.51 59.38 -2.78
N VAL R 66 43.29 58.94 -2.53
CA VAL R 66 42.96 58.27 -1.27
C VAL R 66 42.36 56.91 -1.55
N GLY R 67 42.68 55.94 -0.72
CA GLY R 67 42.08 54.64 -0.95
C GLY R 67 40.65 54.64 -0.44
N ARG R 68 39.70 54.20 -1.28
CA ARG R 68 38.33 54.03 -0.79
C ARG R 68 37.85 52.67 -1.21
N GLU R 69 37.17 52.01 -0.29
CA GLU R 69 36.70 50.68 -0.59
C GLU R 69 35.22 50.65 -0.69
N PHE R 70 34.74 49.98 -1.75
CA PHE R 70 33.30 49.90 -2.02
C PHE R 70 32.98 48.44 -2.22
N ASN R 71 31.78 48.02 -1.80
CA ASN R 71 31.43 46.62 -1.88
C ASN R 71 30.80 46.22 -3.21
N ASN R 72 30.19 45.03 -3.20
CA ASN R 72 29.78 44.34 -4.43
C ASN R 72 28.61 45.00 -5.19
N LEU R 73 27.72 45.67 -4.46
CA LEU R 73 26.65 46.38 -5.16
C LEU R 73 26.88 47.87 -5.09
N GLU R 74 28.12 48.28 -5.04
CA GLU R 74 28.47 49.67 -5.14
C GLU R 74 29.40 49.90 -6.31
N ARG R 75 29.15 49.17 -7.40
CA ARG R 75 30.04 49.14 -8.55
C ARG R 75 30.12 50.45 -9.30
N ARG R 76 28.98 51.06 -9.51
CA ARG R 76 28.89 52.33 -10.18
C ARG R 76 29.74 53.38 -9.50
N ILE R 77 29.48 53.57 -8.23
CA ILE R 77 30.15 54.63 -7.49
C ILE R 77 31.62 54.22 -7.21
N GLU R 78 31.88 52.90 -7.23
CA GLU R 78 33.24 52.37 -7.25
C GLU R 78 34.01 52.81 -8.48
N ASN R 79 33.35 52.70 -9.61
CA ASN R 79 33.95 53.00 -10.90
C ASN R 79 34.17 54.51 -11.07
N LEU R 80 33.15 55.26 -10.66
CA LEU R 80 33.19 56.73 -10.59
C LEU R 80 34.45 57.16 -9.86
N ASN R 81 34.67 56.59 -8.67
CA ASN R 81 35.87 56.86 -7.91
C ASN R 81 37.15 56.56 -8.71
N LYS R 82 37.21 55.42 -9.41
CA LYS R 82 38.44 55.09 -10.15
C LYS R 82 38.78 56.20 -11.12
N LYS R 83 37.76 56.53 -11.91
CA LYS R 83 37.81 57.54 -12.95
C LYS R 83 38.11 58.95 -12.47
N MET R 84 37.67 59.31 -11.27
CA MET R 84 38.00 60.63 -10.76
C MET R 84 39.48 60.71 -10.46
N GLU R 85 39.97 59.72 -9.72
CA GLU R 85 41.33 59.71 -9.22
C GLU R 85 42.34 59.62 -10.34
N ASP R 86 42.02 58.80 -11.35
CA ASP R 86 42.81 58.79 -12.57
C ASP R 86 42.79 60.13 -13.28
N GLY R 87 41.58 60.63 -13.51
CA GLY R 87 41.36 61.91 -14.16
C GLY R 87 42.31 62.99 -13.70
N PHE R 88 42.40 63.19 -12.40
CA PHE R 88 43.28 64.22 -11.88
C PHE R 88 44.75 63.86 -12.12
N LEU R 89 45.11 62.59 -11.89
CA LEU R 89 46.48 62.17 -12.08
C LEU R 89 46.95 62.41 -13.50
N ASP R 90 46.05 62.20 -14.46
CA ASP R 90 46.39 62.50 -15.84
C ASP R 90 46.63 64.01 -16.02
N VAL R 91 45.72 64.81 -15.48
CA VAL R 91 45.79 66.26 -15.57
C VAL R 91 47.13 66.81 -15.07
N TRP R 92 47.52 66.41 -13.87
CA TRP R 92 48.78 66.86 -13.29
C TRP R 92 50.00 66.18 -13.95
N THR R 93 49.81 65.03 -14.58
CA THR R 93 50.92 64.44 -15.31
C THR R 93 51.24 65.31 -16.51
N TYR R 94 50.21 65.67 -17.28
CA TYR R 94 50.37 66.55 -18.44
C TYR R 94 50.94 67.90 -18.04
N ASN R 95 50.40 68.47 -16.96
CA ASN R 95 50.87 69.75 -16.47
C ASN R 95 52.34 69.72 -16.07
N ALA R 96 52.81 68.61 -15.52
CA ALA R 96 54.19 68.54 -15.07
C ALA R 96 55.11 68.45 -16.26
N GLU R 97 54.83 67.51 -17.13
CA GLU R 97 55.63 67.30 -18.33
C GLU R 97 55.68 68.51 -19.25
N LEU R 98 54.51 69.08 -19.53
CA LEU R 98 54.43 70.18 -20.48
C LEU R 98 55.16 71.38 -19.94
N LEU R 99 55.25 71.50 -18.62
CA LEU R 99 55.97 72.61 -18.01
C LEU R 99 57.48 72.47 -18.16
N VAL R 100 57.98 71.25 -17.97
CA VAL R 100 59.40 70.97 -18.15
C VAL R 100 59.80 71.31 -19.58
N LEU R 101 59.07 70.76 -20.54
CA LEU R 101 59.28 71.02 -21.95
C LEU R 101 59.26 72.50 -22.35
N MET R 102 58.21 73.22 -21.94
CA MET R 102 58.04 74.61 -22.31
C MET R 102 59.13 75.48 -21.72
N GLU R 103 59.50 75.23 -20.46
CA GLU R 103 60.51 76.07 -19.82
C GLU R 103 61.94 75.60 -20.10
N ASN R 104 62.07 74.48 -20.81
CA ASN R 104 63.36 74.07 -21.34
C ASN R 104 63.74 74.85 -22.59
N GLU R 105 62.80 74.98 -23.52
CA GLU R 105 62.98 75.82 -24.70
C GLU R 105 63.33 77.24 -24.28
N ARG R 106 62.58 77.78 -23.33
CA ARG R 106 62.84 79.13 -22.85
C ARG R 106 64.14 79.18 -22.06
N THR R 107 64.65 78.02 -21.64
CA THR R 107 65.95 77.96 -20.95
C THR R 107 67.17 78.10 -21.92
N LEU R 108 67.15 77.36 -23.03
CA LEU R 108 68.25 77.43 -23.99
C LEU R 108 68.29 78.76 -24.72
N ASP R 109 67.13 79.30 -25.05
CA ASP R 109 67.04 80.59 -25.75
C ASP R 109 67.18 81.79 -24.81
N PHE R 110 67.35 81.52 -23.53
CA PHE R 110 67.73 82.57 -22.60
C PHE R 110 69.24 82.72 -22.64
N HIS R 111 69.91 81.57 -22.67
CA HIS R 111 71.35 81.51 -22.82
C HIS R 111 71.82 82.01 -24.19
N ASP R 112 71.04 81.70 -25.21
CA ASP R 112 71.30 82.16 -26.58
C ASP R 112 71.18 83.69 -26.63
N SER R 113 70.12 84.21 -26.02
CA SER R 113 69.90 85.66 -25.95
C SER R 113 70.93 86.41 -25.10
N ASN R 114 71.57 85.73 -24.16
CA ASN R 114 72.58 86.36 -23.32
C ASN R 114 73.95 86.49 -24.01
N VAL R 115 74.30 85.49 -24.81
CA VAL R 115 75.51 85.56 -25.65
C VAL R 115 75.42 86.73 -26.63
N LYS R 116 74.32 86.78 -27.37
CA LYS R 116 74.07 87.87 -28.32
C LYS R 116 73.95 89.24 -27.65
N ASN R 117 73.63 89.27 -26.37
CA ASN R 117 73.52 90.54 -25.67
C ASN R 117 74.86 91.01 -25.11
N LEU R 118 75.76 90.08 -24.85
CA LEU R 118 77.11 90.44 -24.40
C LEU R 118 78.02 90.72 -25.60
N TYR R 119 77.77 90.02 -26.70
CA TYR R 119 78.50 90.25 -27.94
C TYR R 119 78.15 91.62 -28.54
N ASP R 120 76.91 92.06 -28.33
CA ASP R 120 76.47 93.39 -28.77
C ASP R 120 76.79 94.46 -27.72
N LYS R 121 77.23 94.02 -26.53
CA LYS R 121 77.72 94.95 -25.50
C LYS R 121 79.14 95.44 -25.78
N VAL R 122 79.98 94.56 -26.32
CA VAL R 122 81.37 94.91 -26.66
C VAL R 122 81.43 95.69 -27.97
N ARG R 123 80.60 95.31 -28.94
CA ARG R 123 80.55 95.96 -30.24
C ARG R 123 80.14 97.42 -30.18
N LEU R 124 79.25 97.76 -29.26
CA LEU R 124 78.82 99.15 -29.11
C LEU R 124 79.74 99.90 -28.14
N GLN R 125 80.73 99.19 -27.59
CA GLN R 125 81.80 99.82 -26.83
C GLN R 125 82.96 100.25 -27.73
N LEU R 126 83.41 99.32 -28.58
CA LEU R 126 84.54 99.55 -29.46
C LEU R 126 84.16 100.40 -30.69
N ARG R 127 83.06 100.02 -31.34
CA ARG R 127 82.60 100.62 -32.60
C ARG R 127 83.63 100.45 -33.73
N ASP R 128 84.11 101.56 -34.28
CA ASP R 128 85.01 101.51 -35.44
C ASP R 128 86.52 101.56 -35.10
N ASN R 129 86.84 101.52 -33.80
CA ASN R 129 88.22 101.30 -33.36
C ASN R 129 88.61 99.85 -33.53
N ALA R 130 87.65 99.04 -33.97
CA ALA R 130 87.89 97.62 -34.19
C ALA R 130 87.13 97.08 -35.40
N LYS R 131 87.61 95.97 -35.93
CA LYS R 131 86.99 95.31 -37.07
C LYS R 131 86.24 94.06 -36.63
N GLU R 132 84.96 94.00 -36.96
CA GLU R 132 84.15 92.81 -36.67
C GLU R 132 84.52 91.72 -37.69
N LEU R 133 85.06 90.61 -37.20
CA LEU R 133 85.55 89.55 -38.09
C LEU R 133 84.40 88.67 -38.58
N GLY R 134 83.35 88.58 -37.76
CA GLY R 134 82.15 87.85 -38.13
C GLY R 134 82.02 86.47 -37.54
N ASN R 135 83.12 85.92 -37.03
CA ASN R 135 83.07 84.62 -36.37
C ASN R 135 82.94 84.83 -34.87
N GLY R 136 82.64 86.07 -34.48
CA GLY R 136 82.47 86.40 -33.08
C GLY R 136 83.68 87.10 -32.51
N CYS R 137 84.64 87.42 -33.39
CA CYS R 137 85.86 88.10 -32.96
C CYS R 137 85.94 89.54 -33.43
N PHE R 138 86.71 90.33 -32.67
CA PHE R 138 87.02 91.72 -32.98
C PHE R 138 88.53 91.84 -33.26
N GLU R 139 88.92 92.60 -34.29
CA GLU R 139 90.35 92.79 -34.54
C GLU R 139 90.70 94.27 -34.34
N PHE R 140 91.50 94.59 -33.32
CA PHE R 140 91.80 96.00 -33.00
C PHE R 140 92.68 96.69 -34.03
N TYR R 141 92.45 97.98 -34.20
CA TYR R 141 93.29 98.84 -35.04
C TYR R 141 94.29 99.63 -34.20
N HIS R 142 94.25 99.46 -32.88
CA HIS R 142 95.23 100.12 -32.02
C HIS R 142 95.82 99.16 -31.00
N LYS R 143 96.69 99.68 -30.14
CA LYS R 143 97.42 98.86 -29.19
C LYS R 143 96.63 98.72 -27.90
N CYS R 144 96.39 97.48 -27.47
CA CYS R 144 95.57 97.21 -26.28
C CYS R 144 96.22 96.14 -25.37
N ASP R 145 96.74 96.58 -24.22
CA ASP R 145 97.39 95.67 -23.27
C ASP R 145 96.43 95.03 -22.27
N ASN R 146 96.98 94.51 -21.18
CA ASN R 146 96.19 93.75 -20.21
C ASN R 146 95.23 94.58 -19.35
N GLU R 147 95.58 95.83 -18.99
CA GLU R 147 94.60 96.66 -18.28
C GLU R 147 93.63 97.34 -19.24
N CYS R 148 93.92 97.29 -20.53
CA CYS R 148 92.99 97.78 -21.54
C CYS R 148 91.97 96.70 -21.88
N MET R 149 92.43 95.44 -21.94
CA MET R 149 91.53 94.32 -22.16
C MET R 149 90.54 94.28 -20.99
N GLU R 150 91.07 94.58 -19.81
CA GLU R 150 90.26 94.69 -18.59
C GLU R 150 89.25 95.84 -18.61
N SER R 151 89.59 96.93 -19.28
CA SER R 151 88.67 98.07 -19.38
C SER R 151 87.51 97.75 -20.33
N VAL R 152 87.72 96.80 -21.24
CA VAL R 152 86.65 96.32 -22.12
C VAL R 152 85.72 95.34 -21.39
N ARG R 153 86.29 94.54 -20.48
CA ARG R 153 85.52 93.57 -19.71
C ARG R 153 84.52 94.22 -18.75
N ASN R 154 85.02 95.11 -17.90
CA ASN R 154 84.18 95.77 -16.91
C ASN R 154 83.50 97.06 -17.40
N GLY R 155 83.75 97.44 -18.65
CA GLY R 155 83.03 98.57 -19.22
C GLY R 155 83.74 99.91 -19.14
N THR R 156 85.03 99.90 -18.80
CA THR R 156 85.78 101.14 -18.59
C THR R 156 86.33 101.70 -19.92
N TYR R 157 86.27 100.90 -20.98
CA TYR R 157 86.87 101.25 -22.27
C TYR R 157 86.55 102.68 -22.75
N ASP R 158 87.60 103.47 -22.97
CA ASP R 158 87.49 104.88 -23.36
C ASP R 158 87.65 105.06 -24.89
N TYR R 159 86.61 105.55 -25.56
CA TYR R 159 86.67 105.71 -27.03
C TYR R 159 87.47 106.91 -27.56
N PRO R 160 87.18 108.16 -27.11
CA PRO R 160 87.94 109.30 -27.67
C PRO R 160 89.48 109.22 -27.53
N GLN R 161 89.97 108.44 -26.57
CA GLN R 161 91.41 108.34 -26.30
C GLN R 161 92.19 107.58 -27.38
N TYR R 162 91.59 106.51 -27.89
CA TYR R 162 92.25 105.64 -28.86
C TYR R 162 91.81 105.92 -30.30
N SER R 163 90.83 106.78 -30.47
CA SER R 163 90.29 107.07 -31.81
C SER R 163 91.36 107.73 -32.69
N GLU R 164 92.41 108.24 -32.05
CA GLU R 164 93.55 108.85 -32.76
C GLU R 164 94.50 107.83 -33.36
N GLU R 165 94.87 106.84 -32.54
CA GLU R 165 95.76 105.76 -32.96
C GLU R 165 95.04 104.82 -33.93
N ALA R 166 93.73 104.75 -33.78
CA ALA R 166 92.88 103.89 -34.61
C ALA R 166 92.63 104.48 -36.00
N ARG R 167 92.41 105.79 -36.06
CA ARG R 167 92.13 106.45 -37.33
C ARG R 167 93.43 106.63 -38.12
N LEU R 168 94.56 106.47 -37.44
CA LEU R 168 95.86 106.53 -38.11
C LEU R 168 96.26 105.17 -38.68
N LYS R 169 95.80 104.10 -38.02
CA LYS R 169 96.04 102.74 -38.49
C LYS R 169 95.05 102.32 -39.59
N ARG R 170 93.92 103.01 -39.65
CA ARG R 170 92.93 102.78 -40.71
C ARG R 170 93.40 103.35 -42.04
N GLU R 171 94.12 104.47 -41.98
CA GLU R 171 94.75 105.06 -43.16
C GLU R 171 95.94 104.22 -43.68
N GLU R 172 96.61 103.50 -42.78
CA GLU R 172 97.75 102.65 -43.16
C GLU R 172 97.39 101.40 -43.95
N ILE R 173 96.21 100.82 -43.70
CA ILE R 173 95.81 99.62 -44.43
C ILE R 173 95.08 100.09 -45.69
N SER R 174 94.60 101.33 -45.64
CA SER R 174 94.03 101.99 -46.81
C SER R 174 95.06 102.30 -47.91
N SER R 175 96.23 102.80 -47.52
CA SER R 175 97.29 103.21 -48.45
C SER R 175 98.06 102.07 -49.14
N GLY R 176 98.30 100.97 -48.43
CA GLY R 176 99.05 99.86 -49.01
C GLY R 176 99.31 98.69 -48.07
N ARG R 177 99.38 99.00 -46.77
CA ARG R 177 99.44 98.09 -45.60
C ARG R 177 100.75 98.24 -44.85
N GLY S 1 6.13 -60.36 39.61
CA GLY S 1 5.79 -58.96 39.46
C GLY S 1 5.33 -58.31 40.75
N LEU S 2 5.25 -56.98 40.76
CA LEU S 2 4.94 -56.21 41.97
C LEU S 2 3.56 -56.47 42.58
N PHE S 3 2.63 -56.97 41.77
CA PHE S 3 1.26 -57.13 42.22
C PHE S 3 0.85 -58.60 42.46
N GLY S 4 1.77 -59.50 42.16
CA GLY S 4 1.64 -60.92 42.50
C GLY S 4 0.62 -61.71 41.71
N ALA S 5 0.19 -61.16 40.58
CA ALA S 5 -0.81 -61.85 39.78
C ALA S 5 -0.22 -62.64 38.62
N ILE S 6 0.38 -61.93 37.66
CA ILE S 6 1.11 -62.56 36.56
C ILE S 6 2.31 -63.32 37.13
N ALA S 7 2.43 -64.57 36.73
CA ALA S 7 3.43 -65.47 37.29
C ALA S 7 3.37 -65.41 38.80
N GLY S 8 2.15 -65.35 39.34
CA GLY S 8 1.93 -65.32 40.78
C GLY S 8 0.89 -66.32 41.26
N PHE S 9 -0.27 -65.81 41.68
CA PHE S 9 -1.35 -66.68 42.15
C PHE S 9 -2.11 -67.28 40.99
N ILE S 10 -2.03 -66.65 39.82
CA ILE S 10 -2.45 -67.27 38.58
C ILE S 10 -1.23 -67.84 37.86
N GLU S 11 -0.86 -69.06 38.21
CA GLU S 11 0.33 -69.67 37.62
C GLU S 11 0.00 -70.16 36.21
N GLY S 12 0.69 -69.60 35.23
CA GLY S 12 0.44 -69.90 33.84
C GLY S 12 -0.58 -68.97 33.22
N GLY S 13 -0.37 -68.66 31.95
CA GLY S 13 -1.30 -67.87 31.18
C GLY S 13 -1.95 -68.81 30.18
N TRP S 14 -3.06 -68.38 29.60
CA TRP S 14 -3.84 -69.26 28.74
C TRP S 14 -3.48 -69.17 27.27
N GLN S 15 -2.80 -70.21 26.77
CA GLN S 15 -2.53 -70.36 25.34
C GLN S 15 -3.80 -70.11 24.51
N GLY S 16 -4.95 -70.38 25.11
CA GLY S 16 -6.22 -70.35 24.40
C GLY S 16 -6.96 -69.03 24.37
N MET S 17 -6.48 -68.02 25.07
CA MET S 17 -7.18 -66.73 24.99
C MET S 17 -6.50 -65.86 23.97
N VAL S 18 -6.92 -65.98 22.72
CA VAL S 18 -6.19 -65.34 21.63
C VAL S 18 -6.74 -63.98 21.18
N ASP S 19 -7.68 -63.42 21.94
CA ASP S 19 -8.31 -62.17 21.50
C ASP S 19 -8.34 -61.03 22.52
N GLY S 20 -7.38 -61.05 23.43
CA GLY S 20 -7.24 -60.01 24.43
C GLY S 20 -6.08 -60.33 25.34
N TRP S 21 -5.67 -59.35 26.15
CA TRP S 21 -4.58 -59.55 27.08
C TRP S 21 -5.07 -60.16 28.40
N TYR S 22 -6.22 -59.71 28.88
CA TYR S 22 -6.82 -60.25 30.10
C TYR S 22 -8.24 -60.79 29.84
N GLY S 23 -8.66 -61.83 30.55
CA GLY S 23 -10.02 -62.35 30.35
C GLY S 23 -10.52 -63.48 31.26
N TYR S 24 -11.58 -64.16 30.81
CA TYR S 24 -12.25 -65.15 31.66
C TYR S 24 -12.31 -66.56 31.06
N HIS S 25 -12.37 -67.57 31.93
CA HIS S 25 -12.71 -68.92 31.52
C HIS S 25 -13.75 -69.56 32.44
N HIS S 26 -15.02 -69.49 32.03
CA HIS S 26 -16.13 -70.02 32.80
C HIS S 26 -16.35 -71.53 32.56
N SER S 27 -17.05 -72.17 33.49
CA SER S 27 -17.30 -73.60 33.43
C SER S 27 -18.53 -73.93 34.27
N ASN S 28 -19.70 -73.96 33.63
CA ASN S 28 -20.96 -74.26 34.31
C ASN S 28 -21.63 -75.54 33.85
N GLU S 29 -22.95 -75.61 34.03
CA GLU S 29 -23.72 -76.80 33.68
C GLU S 29 -23.76 -77.05 32.17
N GLN S 30 -23.85 -75.96 31.39
CA GLN S 30 -23.91 -76.03 29.94
C GLN S 30 -22.57 -76.34 29.25
N GLY S 31 -21.47 -76.21 29.98
CA GLY S 31 -20.14 -76.38 29.41
C GLY S 31 -19.17 -75.25 29.75
N SER S 32 -18.14 -75.05 28.92
CA SER S 32 -17.12 -74.03 29.20
C SER S 32 -16.63 -73.25 27.96
N GLY S 33 -15.77 -72.26 28.19
CA GLY S 33 -15.19 -71.46 27.12
C GLY S 33 -14.41 -70.23 27.54
N TYR S 34 -13.77 -69.57 26.57
CA TYR S 34 -13.00 -68.34 26.79
C TYR S 34 -13.73 -67.06 26.32
N ALA S 35 -13.70 -66.02 27.15
CA ALA S 35 -14.24 -64.71 26.81
C ALA S 35 -13.38 -63.62 27.44
N ALA S 36 -12.82 -62.74 26.61
CA ALA S 36 -11.86 -61.72 27.06
C ALA S 36 -12.55 -60.46 27.63
N ASP S 37 -11.95 -59.87 28.67
CA ASP S 37 -12.50 -58.66 29.28
C ASP S 37 -12.37 -57.42 28.38
N LYS S 38 -13.51 -56.81 28.08
CA LYS S 38 -13.60 -55.77 27.06
C LYS S 38 -12.89 -54.44 27.33
N GLU S 39 -12.93 -53.93 28.56
CA GLU S 39 -12.40 -52.58 28.81
C GLU S 39 -10.91 -52.55 29.16
N SER S 40 -10.46 -53.55 29.91
CA SER S 40 -9.07 -53.55 30.37
C SER S 40 -8.10 -53.88 29.24
N THR S 41 -8.54 -54.70 28.29
CA THR S 41 -7.70 -54.93 27.13
C THR S 41 -7.57 -53.63 26.36
N GLN S 42 -8.65 -52.87 26.30
CA GLN S 42 -8.60 -51.56 25.65
C GLN S 42 -7.92 -50.51 26.56
N LYS S 43 -8.03 -50.69 27.87
CA LYS S 43 -7.39 -49.78 28.81
C LYS S 43 -5.86 -49.91 28.70
N ALA S 44 -5.41 -51.10 28.32
CA ALA S 44 -3.99 -51.36 28.16
C ALA S 44 -3.42 -50.99 26.78
N ILE S 45 -4.19 -51.22 25.73
CA ILE S 45 -3.74 -50.79 24.42
C ILE S 45 -3.52 -49.29 24.39
N ASP S 46 -4.40 -48.54 25.03
CA ASP S 46 -4.27 -47.08 25.01
C ASP S 46 -3.05 -46.65 25.80
N GLY S 47 -2.80 -47.29 26.93
CA GLY S 47 -1.67 -46.98 27.78
C GLY S 47 -0.33 -47.32 27.16
N VAL S 48 -0.30 -48.37 26.36
CA VAL S 48 0.92 -48.77 25.66
C VAL S 48 1.18 -47.93 24.40
N THR S 49 0.14 -47.68 23.62
CA THR S 49 0.30 -46.83 22.45
C THR S 49 0.69 -45.40 22.83
N ASN S 50 0.15 -44.88 23.92
CA ASN S 50 0.53 -43.55 24.34
C ASN S 50 2.00 -43.49 24.78
N LYS S 51 2.46 -44.54 25.45
CA LYS S 51 3.87 -44.60 25.92
C LYS S 51 4.89 -44.75 24.80
N VAL S 52 4.58 -45.61 23.83
CA VAL S 52 5.45 -45.81 22.68
C VAL S 52 5.61 -44.51 21.90
N ASN S 53 4.52 -43.78 21.75
CA ASN S 53 4.61 -42.54 21.01
C ASN S 53 5.25 -41.46 21.85
N SER S 54 5.10 -41.57 23.16
CA SER S 54 5.69 -40.60 24.06
C SER S 54 7.21 -40.67 24.12
N ILE S 55 7.74 -41.87 23.91
CA ILE S 55 9.18 -42.10 23.94
C ILE S 55 9.81 -41.65 22.62
N ILE S 56 9.18 -42.07 21.52
CA ILE S 56 9.62 -41.67 20.20
C ILE S 56 9.59 -40.17 20.02
N ASP S 57 8.56 -39.53 20.57
CA ASP S 57 8.32 -38.08 20.42
C ASP S 57 9.28 -37.22 21.27
N LYS S 58 9.64 -37.72 22.45
CA LYS S 58 10.57 -37.01 23.33
C LYS S 58 11.97 -36.94 22.69
N MET S 59 12.35 -38.02 22.02
CA MET S 59 13.64 -38.12 21.35
C MET S 59 13.63 -37.57 19.92
N ASN S 60 12.48 -37.04 19.50
CA ASN S 60 12.31 -36.48 18.16
C ASN S 60 13.37 -35.40 17.88
N THR S 61 13.50 -34.40 18.76
CA THR S 61 14.68 -33.53 18.64
C THR S 61 15.77 -33.97 19.64
N GLN S 62 16.98 -34.07 19.10
CA GLN S 62 18.15 -34.63 19.75
C GLN S 62 19.42 -34.21 18.99
N PHE S 63 20.59 -34.10 19.65
CA PHE S 63 21.82 -33.58 19.02
C PHE S 63 22.15 -34.19 17.64
N GLU S 64 22.55 -33.34 16.70
CA GLU S 64 22.98 -33.81 15.39
C GLU S 64 24.38 -33.37 15.02
N ALA S 65 25.24 -34.35 14.80
CA ALA S 65 26.64 -34.07 14.56
C ALA S 65 26.83 -33.41 13.21
N VAL S 66 27.75 -32.46 13.15
CA VAL S 66 28.04 -31.76 11.92
C VAL S 66 29.51 -31.85 11.61
N GLY S 67 29.87 -31.91 10.34
CA GLY S 67 31.28 -31.99 10.03
C GLY S 67 31.97 -30.65 10.08
N ARG S 68 33.09 -30.54 10.80
CA ARG S 68 33.84 -29.29 10.80
C ARG S 68 35.27 -29.70 10.53
N GLU S 69 36.02 -29.01 9.68
CA GLU S 69 37.39 -29.41 9.46
C GLU S 69 38.39 -28.32 9.76
N PHE S 70 39.46 -28.67 10.51
CA PHE S 70 40.49 -27.71 10.99
C PHE S 70 41.97 -28.04 10.60
N ASN S 71 42.85 -27.07 10.38
CA ASN S 71 44.18 -27.41 9.89
C ASN S 71 45.25 -27.73 10.95
N ASN S 72 46.49 -27.80 10.48
CA ASN S 72 47.61 -28.36 11.21
C ASN S 72 47.93 -27.57 12.46
N LEU S 73 47.65 -26.28 12.45
CA LEU S 73 47.83 -25.49 13.66
C LEU S 73 46.51 -25.08 14.29
N GLU S 74 45.52 -25.93 14.19
CA GLU S 74 44.29 -25.68 14.88
C GLU S 74 44.03 -26.90 15.71
N ARG S 75 45.11 -27.42 16.28
CA ARG S 75 45.07 -28.73 16.92
C ARG S 75 44.15 -28.80 18.12
N ARG S 76 44.23 -27.74 18.91
CA ARG S 76 43.39 -27.58 20.07
C ARG S 76 41.89 -27.57 19.78
N ILE S 77 41.45 -26.62 18.95
CA ILE S 77 40.03 -26.49 18.70
C ILE S 77 39.58 -27.61 17.80
N GLU S 78 40.52 -28.21 17.08
CA GLU S 78 40.23 -29.48 16.43
C GLU S 78 39.77 -30.55 17.43
N ASN S 79 40.53 -30.61 18.54
CA ASN S 79 40.28 -31.54 19.67
C ASN S 79 39.09 -31.10 20.51
N LEU S 80 39.00 -29.80 20.80
CA LEU S 80 37.80 -29.26 21.42
C LEU S 80 36.58 -29.72 20.66
N ASN S 81 36.57 -29.48 19.34
CA ASN S 81 35.45 -29.89 18.50
C ASN S 81 35.09 -31.37 18.62
N LYS S 82 36.11 -32.24 18.55
CA LYS S 82 35.86 -33.68 18.64
C LYS S 82 35.19 -34.12 19.94
N LYS S 83 35.74 -33.70 21.09
CA LYS S 83 35.22 -34.13 22.41
C LYS S 83 33.78 -33.64 22.64
N MET S 84 33.45 -32.50 22.03
CA MET S 84 32.11 -31.95 22.13
C MET S 84 31.04 -32.74 21.44
N GLU S 85 31.29 -33.09 20.19
CA GLU S 85 30.28 -33.86 19.47
C GLU S 85 30.23 -35.28 20.06
N ASP S 86 31.39 -35.83 20.41
CA ASP S 86 31.36 -37.08 21.16
C ASP S 86 30.57 -37.01 22.46
N GLY S 87 30.88 -36.02 23.29
CA GLY S 87 30.18 -35.82 24.56
C GLY S 87 28.67 -35.95 24.46
N PHE S 88 28.11 -35.15 23.54
CA PHE S 88 26.67 -35.10 23.29
C PHE S 88 26.11 -36.42 22.77
N LEU S 89 26.86 -37.09 21.87
CA LEU S 89 26.43 -38.38 21.34
C LEU S 89 26.24 -39.36 22.47
N ASP S 90 27.16 -39.33 23.43
CA ASP S 90 27.07 -40.16 24.62
C ASP S 90 25.93 -39.82 25.56
N VAL S 91 25.71 -38.52 25.81
CA VAL S 91 24.56 -38.17 26.64
C VAL S 91 23.27 -38.75 26.03
N TRP S 92 23.03 -38.51 24.74
CA TRP S 92 21.79 -39.01 24.15
C TRP S 92 21.74 -40.50 24.04
N THR S 93 22.89 -41.16 24.02
CA THR S 93 22.81 -42.59 23.95
C THR S 93 22.26 -43.05 25.28
N TYR S 94 22.86 -42.50 26.34
CA TYR S 94 22.47 -42.83 27.69
C TYR S 94 21.01 -42.49 27.98
N ASN S 95 20.56 -41.30 27.57
CA ASN S 95 19.18 -40.89 27.79
C ASN S 95 18.21 -41.85 27.12
N ALA S 96 18.62 -42.41 25.99
CA ALA S 96 17.75 -43.31 25.28
C ALA S 96 17.65 -44.70 25.91
N GLU S 97 18.80 -45.35 26.10
CA GLU S 97 18.82 -46.73 26.59
C GLU S 97 18.09 -46.80 27.93
N LEU S 98 18.42 -45.83 28.80
CA LEU S 98 17.90 -45.77 30.15
C LEU S 98 16.40 -45.51 30.18
N LEU S 99 15.85 -44.82 29.17
CA LEU S 99 14.40 -44.60 29.16
C LEU S 99 13.67 -45.89 28.86
N VAL S 100 14.17 -46.64 27.88
CA VAL S 100 13.56 -47.92 27.57
C VAL S 100 13.65 -48.86 28.77
N LEU S 101 14.86 -49.01 29.30
CA LEU S 101 15.08 -49.88 30.44
C LEU S 101 14.05 -49.60 31.53
N MET S 102 13.89 -48.33 31.87
CA MET S 102 12.98 -47.90 32.92
C MET S 102 11.51 -48.15 32.58
N GLU S 103 11.11 -47.85 31.34
CA GLU S 103 9.68 -47.96 31.00
C GLU S 103 9.33 -49.35 30.59
N ASN S 104 10.32 -50.22 30.53
CA ASN S 104 10.02 -51.61 30.32
C ASN S 104 9.52 -52.26 31.60
N GLU S 105 10.22 -52.00 32.70
CA GLU S 105 9.77 -52.45 34.00
C GLU S 105 8.35 -51.96 34.30
N ARG S 106 8.16 -50.68 34.06
CA ARG S 106 6.86 -50.07 34.29
C ARG S 106 5.81 -50.55 33.31
N THR S 107 6.24 -51.11 32.19
CA THR S 107 5.27 -51.63 31.23
C THR S 107 4.72 -52.91 31.80
N LEU S 108 5.60 -53.70 32.40
CA LEU S 108 5.21 -54.99 32.95
C LEU S 108 4.30 -54.86 34.19
N ASP S 109 4.54 -53.89 35.05
CA ASP S 109 3.69 -53.76 36.23
C ASP S 109 2.38 -53.07 35.92
N PHE S 110 2.21 -52.63 34.68
CA PHE S 110 0.92 -52.10 34.28
C PHE S 110 0.08 -53.30 33.90
N HIS S 111 0.71 -54.22 33.19
CA HIS S 111 0.10 -55.49 32.85
C HIS S 111 -0.19 -56.34 34.09
N ASP S 112 0.74 -56.36 35.04
CA ASP S 112 0.53 -57.10 36.29
C ASP S 112 -0.55 -56.47 37.16
N SER S 113 -0.47 -55.17 37.36
CA SER S 113 -1.45 -54.48 38.17
C SER S 113 -2.83 -54.54 37.55
N ASN S 114 -2.90 -54.75 36.25
CA ASN S 114 -4.20 -54.83 35.62
C ASN S 114 -4.88 -56.17 35.87
N VAL S 115 -4.11 -57.23 35.84
CA VAL S 115 -4.64 -58.56 36.13
C VAL S 115 -5.18 -58.68 37.56
N LYS S 116 -4.33 -58.32 38.52
CA LYS S 116 -4.71 -58.32 39.93
C LYS S 116 -5.90 -57.43 40.27
N ASN S 117 -6.13 -56.43 39.45
CA ASN S 117 -7.21 -55.49 39.70
C ASN S 117 -8.52 -55.95 39.10
N LEU S 118 -8.43 -56.81 38.09
CA LEU S 118 -9.62 -57.39 37.48
C LEU S 118 -10.10 -58.59 38.29
N TYR S 119 -9.17 -59.27 38.95
CA TYR S 119 -9.54 -60.37 39.82
C TYR S 119 -10.33 -59.87 41.02
N ASP S 120 -10.01 -58.66 41.47
CA ASP S 120 -10.71 -58.08 42.60
C ASP S 120 -11.98 -57.36 42.19
N LYS S 121 -12.18 -57.23 40.88
CA LYS S 121 -13.42 -56.71 40.33
C LYS S 121 -14.50 -57.76 40.49
N VAL S 122 -14.09 -59.00 40.30
CA VAL S 122 -14.98 -60.13 40.43
C VAL S 122 -15.15 -60.54 41.90
N ARG S 123 -14.06 -60.48 42.66
CA ARG S 123 -14.09 -60.90 44.07
C ARG S 123 -15.03 -60.07 44.91
N LEU S 124 -15.13 -58.77 44.63
CA LEU S 124 -16.04 -57.93 45.39
C LEU S 124 -17.45 -57.85 44.77
N GLN S 125 -17.65 -58.49 43.61
CA GLN S 125 -18.99 -58.65 43.02
C GLN S 125 -19.71 -59.89 43.55
N LEU S 126 -19.00 -61.04 43.56
CA LEU S 126 -19.58 -62.28 44.04
C LEU S 126 -19.60 -62.33 45.56
N ARG S 127 -18.46 -61.99 46.18
CA ARG S 127 -18.32 -62.06 47.63
C ARG S 127 -18.54 -63.48 48.12
N ASP S 128 -19.56 -63.70 48.96
CA ASP S 128 -19.79 -65.02 49.56
C ASP S 128 -20.79 -65.89 48.81
N ASN S 129 -21.25 -65.44 47.63
CA ASN S 129 -22.04 -66.31 46.76
C ASN S 129 -21.20 -67.36 46.02
N ALA S 130 -19.88 -67.27 46.16
CA ALA S 130 -18.96 -68.23 45.57
C ALA S 130 -17.74 -68.42 46.48
N LYS S 131 -17.01 -69.50 46.28
CA LYS S 131 -15.82 -69.76 47.10
C LYS S 131 -14.51 -69.45 46.38
N GLU S 132 -13.70 -68.61 47.01
CA GLU S 132 -12.38 -68.25 46.50
C GLU S 132 -11.44 -69.42 46.73
N LEU S 133 -10.93 -69.99 45.64
CA LEU S 133 -10.10 -71.19 45.74
C LEU S 133 -8.64 -70.89 46.06
N GLY S 134 -8.16 -69.72 45.61
CA GLY S 134 -6.79 -69.32 45.86
C GLY S 134 -5.89 -69.52 44.64
N ASN S 135 -6.39 -70.24 43.66
CA ASN S 135 -5.66 -70.42 42.42
C ASN S 135 -6.10 -69.43 41.35
N GLY S 136 -6.91 -68.47 41.76
CA GLY S 136 -7.36 -67.43 40.85
C GLY S 136 -8.75 -67.76 40.37
N CYS S 137 -9.30 -68.85 40.89
CA CYS S 137 -10.64 -69.29 40.48
C CYS S 137 -11.71 -69.12 41.55
N PHE S 138 -12.95 -68.99 41.08
CA PHE S 138 -14.11 -68.94 41.93
C PHE S 138 -15.00 -70.15 41.68
N GLU S 139 -15.49 -70.80 42.74
CA GLU S 139 -16.45 -71.89 42.57
C GLU S 139 -17.76 -71.44 43.24
N PHE S 140 -18.82 -71.36 42.45
CA PHE S 140 -20.11 -70.85 42.90
C PHE S 140 -20.81 -71.74 43.94
N TYR S 141 -21.57 -71.11 44.83
CA TYR S 141 -22.44 -71.81 45.76
C TYR S 141 -23.85 -71.86 45.19
N HIS S 142 -24.06 -71.27 44.02
CA HIS S 142 -25.38 -71.35 43.40
C HIS S 142 -25.30 -71.74 41.93
N LYS S 143 -26.46 -71.80 41.28
CA LYS S 143 -26.51 -72.22 39.90
C LYS S 143 -26.42 -70.98 39.01
N CYS S 144 -25.49 -71.02 38.06
CA CYS S 144 -25.24 -69.88 37.19
C CYS S 144 -25.11 -70.32 35.72
N ASP S 145 -26.10 -69.98 34.91
CA ASP S 145 -26.08 -70.33 33.50
C ASP S 145 -25.35 -69.27 32.68
N ASN S 146 -25.56 -69.29 31.37
CA ASN S 146 -24.80 -68.45 30.44
C ASN S 146 -25.16 -66.95 30.44
N GLU S 147 -26.43 -66.59 30.67
CA GLU S 147 -26.76 -65.16 30.80
C GLU S 147 -26.44 -64.63 32.20
N CYS S 148 -26.13 -65.54 33.12
CA CYS S 148 -25.68 -65.14 34.45
C CYS S 148 -24.16 -64.92 34.46
N MET S 149 -23.41 -65.77 33.75
CA MET S 149 -21.96 -65.58 33.58
C MET S 149 -21.67 -64.26 32.88
N GLU S 150 -22.52 -63.91 31.93
CA GLU S 150 -22.44 -62.63 31.22
C GLU S 150 -22.61 -61.43 32.14
N SER S 151 -23.42 -61.58 33.17
CA SER S 151 -23.66 -60.51 34.13
C SER S 151 -22.44 -60.26 35.03
N VAL S 152 -21.59 -61.28 35.21
CA VAL S 152 -20.34 -61.10 35.96
C VAL S 152 -19.29 -60.40 35.09
N ARG S 153 -19.33 -60.70 33.79
CA ARG S 153 -18.38 -60.14 32.84
C ARG S 153 -18.52 -58.63 32.73
N ASN S 154 -19.73 -58.19 32.38
CA ASN S 154 -19.99 -56.76 32.17
C ASN S 154 -20.37 -55.96 33.42
N GLY S 155 -20.41 -56.63 34.57
CA GLY S 155 -20.61 -55.97 35.85
C GLY S 155 -22.05 -55.94 36.33
N THR S 156 -22.91 -56.70 35.64
CA THR S 156 -24.33 -56.70 35.90
C THR S 156 -24.71 -57.64 37.04
N TYR S 157 -23.78 -58.50 37.45
CA TYR S 157 -24.06 -59.58 38.40
C TYR S 157 -24.89 -59.14 39.61
N ASP S 158 -26.03 -59.81 39.78
CA ASP S 158 -27.04 -59.48 40.78
C ASP S 158 -26.86 -60.32 42.06
N TYR S 159 -26.46 -59.65 43.15
CA TYR S 159 -26.21 -60.32 44.43
C TYR S 159 -27.48 -60.67 45.22
N PRO S 160 -28.37 -59.69 45.50
CA PRO S 160 -29.57 -60.05 46.28
C PRO S 160 -30.41 -61.15 45.62
N GLN S 161 -30.29 -61.28 44.31
CA GLN S 161 -31.08 -62.24 43.55
C GLN S 161 -30.68 -63.68 43.84
N TYR S 162 -29.38 -63.90 44.00
CA TYR S 162 -28.87 -65.24 44.21
C TYR S 162 -28.48 -65.52 45.68
N SER S 163 -28.50 -64.49 46.53
CA SER S 163 -27.99 -64.63 47.91
C SER S 163 -28.81 -65.60 48.73
N GLU S 164 -30.02 -65.90 48.27
CA GLU S 164 -30.89 -66.85 48.95
C GLU S 164 -30.48 -68.30 48.68
N GLU S 165 -30.22 -68.63 47.42
CA GLU S 165 -29.85 -70.00 47.07
C GLU S 165 -28.45 -70.36 47.58
N ALA S 166 -27.58 -69.36 47.65
CA ALA S 166 -26.19 -69.54 48.06
C ALA S 166 -26.05 -69.73 49.57
N ARG S 167 -26.85 -68.97 50.33
CA ARG S 167 -26.79 -69.03 51.78
C ARG S 167 -27.43 -70.31 52.29
N LEU S 168 -28.19 -70.98 51.42
CA LEU S 168 -28.78 -72.27 51.73
C LEU S 168 -27.83 -73.42 51.38
N LYS S 169 -26.98 -73.23 50.38
CA LYS S 169 -26.00 -74.24 50.04
C LYS S 169 -24.76 -74.09 50.94
N ARG S 170 -24.61 -72.91 51.54
CA ARG S 170 -23.56 -72.72 52.53
C ARG S 170 -23.96 -73.49 53.79
N GLU S 171 -25.26 -73.53 54.06
CA GLU S 171 -25.81 -74.30 55.16
C GLU S 171 -25.68 -75.80 54.98
N GLU S 172 -25.75 -76.25 53.72
CA GLU S 172 -25.62 -77.68 53.44
C GLU S 172 -24.20 -78.18 53.65
N ILE S 173 -23.23 -77.32 53.39
CA ILE S 173 -21.81 -77.70 53.50
C ILE S 173 -21.24 -77.46 54.90
N SER S 174 -21.89 -76.61 55.68
CA SER S 174 -21.51 -76.42 57.08
C SER S 174 -21.74 -77.67 57.93
N SER S 175 -22.87 -78.34 57.70
CA SER S 175 -23.19 -79.55 58.45
C SER S 175 -22.26 -80.67 58.02
N GLY S 176 -21.93 -80.67 56.73
CA GLY S 176 -21.09 -81.70 56.14
C GLY S 176 -21.90 -82.81 55.50
N ARG S 177 -23.15 -82.48 55.13
CA ARG S 177 -24.20 -83.28 54.42
C ARG S 177 -25.59 -82.75 54.79
N GLY T 1 5.31 -47.56 52.90
CA GLY T 1 5.54 -47.91 51.51
C GLY T 1 4.23 -48.10 50.75
N LEU T 2 4.35 -48.18 49.41
CA LEU T 2 3.19 -48.22 48.50
C LEU T 2 2.25 -49.41 48.64
N PHE T 3 2.74 -50.51 49.19
CA PHE T 3 1.96 -51.74 49.23
C PHE T 3 1.40 -52.07 50.64
N GLY T 4 1.72 -51.22 51.61
CA GLY T 4 1.12 -51.24 52.93
C GLY T 4 1.49 -52.38 53.85
N ALA T 5 2.58 -53.07 53.54
CA ALA T 5 3.01 -54.21 54.35
C ALA T 5 4.08 -53.81 55.35
N ILE T 6 5.25 -53.41 54.83
CA ILE T 6 6.33 -52.88 55.64
C ILE T 6 5.87 -51.59 56.29
N ALA T 7 6.07 -51.49 57.59
CA ALA T 7 5.59 -50.39 58.40
C ALA T 7 4.11 -50.15 58.11
N GLY T 8 3.37 -51.25 57.95
CA GLY T 8 1.94 -51.20 57.74
C GLY T 8 1.17 -52.12 58.66
N PHE T 9 0.59 -53.19 58.10
CA PHE T 9 -0.15 -54.17 58.90
C PHE T 9 0.79 -55.11 59.65
N ILE T 10 2.01 -55.29 59.15
CA ILE T 10 3.06 -55.89 59.95
C ILE T 10 3.94 -54.77 60.52
N GLU T 11 3.53 -54.17 61.62
CA GLU T 11 4.30 -53.07 62.17
C GLU T 11 5.49 -53.61 62.94
N GLY T 12 6.68 -53.19 62.54
CA GLY T 12 7.91 -53.69 63.14
C GLY T 12 8.46 -54.93 62.48
N GLY T 13 9.79 -55.02 62.43
CA GLY T 13 10.43 -56.18 61.86
C GLY T 13 11.07 -57.03 62.94
N TRP T 14 11.40 -58.26 62.59
CA TRP T 14 11.88 -59.24 63.56
C TRP T 14 13.39 -59.25 63.65
N GLN T 15 13.90 -58.70 64.74
CA GLN T 15 15.33 -58.72 65.04
C GLN T 15 15.97 -60.11 64.83
N GLY T 16 15.19 -61.17 64.97
CA GLY T 16 15.73 -62.52 65.01
C GLY T 16 15.89 -63.33 63.74
N MET T 17 15.44 -62.80 62.62
CA MET T 17 15.62 -63.55 61.39
C MET T 17 16.90 -63.09 60.72
N VAL T 18 18.02 -63.69 61.14
CA VAL T 18 19.35 -63.22 60.76
C VAL T 18 19.87 -63.98 59.55
N ASP T 19 18.97 -64.69 58.90
CA ASP T 19 19.33 -65.50 57.74
C ASP T 19 18.46 -65.24 56.51
N GLY T 20 17.90 -64.04 56.41
CA GLY T 20 17.10 -63.67 55.25
C GLY T 20 16.48 -62.29 55.34
N TRP T 21 15.91 -61.82 54.22
CA TRP T 21 15.19 -60.53 54.21
C TRP T 21 13.71 -60.70 54.56
N TYR T 22 13.08 -61.72 53.98
CA TYR T 22 11.67 -61.99 54.29
C TYR T 22 11.51 -63.41 54.84
N GLY T 23 10.57 -63.61 55.76
CA GLY T 23 10.36 -64.96 56.27
C GLY T 23 9.22 -65.25 57.24
N TYR T 24 9.36 -66.38 57.94
CA TYR T 24 8.29 -66.91 58.76
C TYR T 24 8.61 -67.03 60.24
N HIS T 25 7.55 -67.05 61.04
CA HIS T 25 7.62 -67.41 62.45
C HIS T 25 6.52 -68.39 62.81
N HIS T 26 6.85 -69.69 62.83
CA HIS T 26 5.88 -70.73 63.15
C HIS T 26 5.69 -70.88 64.66
N SER T 27 4.54 -71.42 65.06
CA SER T 27 4.19 -71.52 66.48
C SER T 27 3.14 -72.60 66.78
N ASN T 28 3.58 -73.83 67.08
CA ASN T 28 2.65 -74.89 67.47
C ASN T 28 2.89 -75.40 68.90
N GLU T 29 2.44 -76.63 69.18
CA GLU T 29 2.58 -77.23 70.50
C GLU T 29 4.03 -77.56 70.84
N GLN T 30 4.78 -77.95 69.82
CA GLN T 30 6.18 -78.36 69.97
C GLN T 30 7.14 -77.19 70.30
N GLY T 31 6.65 -75.96 70.12
CA GLY T 31 7.42 -74.76 70.36
C GLY T 31 7.40 -73.80 69.18
N SER T 32 8.33 -72.85 69.15
CA SER T 32 8.35 -71.84 68.08
C SER T 32 9.74 -71.43 67.61
N GLY T 33 9.78 -70.56 66.60
CA GLY T 33 11.05 -70.13 66.04
C GLY T 33 10.94 -69.31 64.77
N TYR T 34 12.11 -68.97 64.24
CA TYR T 34 12.27 -68.27 62.97
C TYR T 34 12.71 -69.20 61.85
N ALA T 35 12.12 -69.00 60.68
CA ALA T 35 12.50 -69.73 59.48
C ALA T 35 12.45 -68.76 58.31
N ALA T 36 13.57 -68.58 57.63
CA ALA T 36 13.63 -67.59 56.55
C ALA T 36 13.07 -68.16 55.25
N ASP T 37 12.28 -67.36 54.52
CA ASP T 37 11.77 -67.84 53.26
C ASP T 37 12.93 -67.88 52.29
N LYS T 38 13.24 -69.09 51.86
CA LYS T 38 14.46 -69.39 51.14
C LYS T 38 14.55 -68.82 49.74
N GLU T 39 13.42 -68.84 49.05
CA GLU T 39 13.42 -68.57 47.62
C GLU T 39 13.23 -67.09 47.28
N SER T 40 12.37 -66.41 48.03
CA SER T 40 12.08 -65.01 47.77
C SER T 40 13.22 -64.11 48.22
N THR T 41 13.93 -64.52 49.26
CA THR T 41 15.12 -63.77 49.67
C THR T 41 16.17 -63.79 48.57
N GLN T 42 16.23 -64.91 47.84
CA GLN T 42 17.17 -64.98 46.72
C GLN T 42 16.63 -64.20 45.52
N LYS T 43 15.31 -64.16 45.37
CA LYS T 43 14.67 -63.46 44.26
C LYS T 43 14.89 -61.95 44.35
N ALA T 44 15.06 -61.46 45.57
CA ALA T 44 15.34 -60.05 45.79
C ALA T 44 16.83 -59.74 45.66
N ILE T 45 17.69 -60.66 46.08
CA ILE T 45 19.12 -60.48 45.91
C ILE T 45 19.50 -60.28 44.44
N ASP T 46 18.88 -61.05 43.57
CA ASP T 46 19.20 -60.97 42.15
C ASP T 46 18.71 -59.66 41.53
N GLY T 47 17.54 -59.20 41.92
CA GLY T 47 17.00 -57.97 41.37
C GLY T 47 17.79 -56.76 41.81
N VAL T 48 18.34 -56.79 43.01
CA VAL T 48 19.11 -55.67 43.52
C VAL T 48 20.56 -55.68 43.00
N THR T 49 21.21 -56.84 42.99
CA THR T 49 22.56 -56.92 42.43
C THR T 49 22.57 -56.59 40.94
N ASN T 50 21.54 -57.01 40.21
CA ASN T 50 21.43 -56.61 38.80
C ASN T 50 21.21 -55.12 38.67
N LYS T 51 20.47 -54.52 39.60
CA LYS T 51 20.23 -53.08 39.54
C LYS T 51 21.50 -52.29 39.77
N VAL T 52 22.25 -52.67 40.81
CA VAL T 52 23.51 -52.00 41.17
C VAL T 52 24.53 -52.09 40.06
N ASN T 53 24.55 -53.20 39.35
CA ASN T 53 25.52 -53.32 38.28
C ASN T 53 25.07 -52.49 37.10
N SER T 54 23.76 -52.39 36.89
CA SER T 54 23.21 -51.63 35.77
C SER T 54 23.39 -50.13 35.90
N ILE T 55 23.50 -49.64 37.12
CA ILE T 55 23.71 -48.21 37.34
C ILE T 55 25.16 -47.86 37.08
N ILE T 56 26.08 -48.65 37.65
CA ILE T 56 27.51 -48.49 37.39
C ILE T 56 27.81 -48.66 35.90
N ASP T 57 27.11 -49.61 35.30
CA ASP T 57 27.33 -50.00 33.91
C ASP T 57 26.80 -48.94 32.92
N LYS T 58 25.73 -48.26 33.28
CA LYS T 58 25.17 -47.19 32.44
C LYS T 58 26.07 -45.96 32.38
N MET T 59 26.76 -45.67 33.48
CA MET T 59 27.72 -44.58 33.57
C MET T 59 29.10 -45.04 33.08
N ASN T 60 29.06 -46.08 32.24
CA ASN T 60 30.22 -46.72 31.63
C ASN T 60 31.07 -45.70 30.89
N THR T 61 30.47 -45.15 29.83
CA THR T 61 31.05 -44.00 29.16
C THR T 61 30.36 -42.79 29.70
N GLN T 62 31.15 -41.76 29.99
CA GLN T 62 30.66 -40.52 30.54
C GLN T 62 31.76 -39.48 30.28
N PHE T 63 31.38 -38.21 30.13
CA PHE T 63 32.30 -37.15 29.71
C PHE T 63 33.63 -37.15 30.48
N GLU T 64 34.73 -37.01 29.74
CA GLU T 64 36.05 -36.95 30.35
C GLU T 64 36.72 -35.63 30.09
N ALA T 65 36.99 -34.92 31.18
CA ALA T 65 37.50 -33.58 31.07
C ALA T 65 38.91 -33.60 30.52
N VAL T 66 39.25 -32.66 29.66
CA VAL T 66 40.58 -32.61 29.09
C VAL T 66 41.16 -31.25 29.34
N GLY T 67 42.46 -31.17 29.51
CA GLY T 67 43.10 -29.87 29.70
C GLY T 67 43.33 -29.14 28.37
N ARG T 68 42.93 -27.87 28.27
CA ARG T 68 43.26 -27.11 27.07
C ARG T 68 43.79 -25.75 27.47
N GLU T 69 44.88 -25.29 26.86
CA GLU T 69 45.39 -23.96 27.17
C GLU T 69 45.42 -23.01 26.03
N PHE T 70 44.90 -21.82 26.28
CA PHE T 70 44.67 -20.77 25.27
C PHE T 70 45.36 -19.46 25.59
N ASN T 71 45.85 -18.72 24.61
CA ASN T 71 46.58 -17.53 24.96
C ASN T 71 45.68 -16.31 25.18
N ASN T 72 46.34 -15.16 25.23
CA ASN T 72 45.72 -13.95 25.68
C ASN T 72 44.73 -13.36 24.70
N LEU T 73 44.93 -13.57 23.40
CA LEU T 73 43.95 -13.05 22.48
C LEU T 73 43.11 -14.22 21.97
N GLU T 74 42.93 -15.22 22.80
CA GLU T 74 42.04 -16.32 22.47
C GLU T 74 40.98 -16.42 23.56
N ARG T 75 40.58 -15.26 24.06
CA ARG T 75 39.73 -15.19 25.24
C ARG T 75 38.36 -15.80 25.04
N ARG T 76 37.79 -15.56 23.87
CA ARG T 76 36.47 -16.08 23.50
C ARG T 76 36.32 -17.57 23.56
N ILE T 77 37.17 -18.30 22.82
CA ILE T 77 37.08 -19.78 22.78
C ILE T 77 37.67 -20.36 24.02
N GLU T 78 38.54 -19.59 24.66
CA GLU T 78 38.97 -19.99 25.97
C GLU T 78 37.77 -20.16 26.89
N ASN T 79 36.85 -19.20 26.80
CA ASN T 79 35.62 -19.20 27.59
C ASN T 79 34.64 -20.23 27.06
N LEU T 80 34.50 -20.29 25.73
CA LEU T 80 33.73 -21.33 25.07
C LEU T 80 34.15 -22.65 25.62
N ASN T 81 35.46 -22.85 25.63
CA ASN T 81 36.02 -24.08 26.16
C ASN T 81 35.51 -24.44 27.56
N LYS T 82 35.65 -23.51 28.47
CA LYS T 82 35.22 -23.72 29.84
C LYS T 82 33.73 -23.98 30.01
N LYS T 83 32.87 -23.15 29.40
CA LYS T 83 31.43 -23.30 29.65
C LYS T 83 31.01 -24.65 29.15
N MET T 84 31.74 -25.17 28.17
CA MET T 84 31.49 -26.52 27.64
C MET T 84 31.79 -27.69 28.56
N GLU T 85 33.00 -27.69 29.13
CA GLU T 85 33.45 -28.82 29.95
C GLU T 85 32.64 -28.88 31.23
N ASP T 86 32.40 -27.70 31.78
CA ASP T 86 31.46 -27.53 32.89
C ASP T 86 30.07 -27.98 32.53
N GLY T 87 29.59 -27.50 31.37
CA GLY T 87 28.29 -27.88 30.82
C GLY T 87 28.04 -29.36 30.96
N PHE T 88 28.99 -30.15 30.47
CA PHE T 88 28.92 -31.62 30.54
C PHE T 88 29.07 -32.21 31.92
N LEU T 89 29.96 -31.62 32.74
CA LEU T 89 30.17 -32.10 34.11
C LEU T 89 28.88 -32.04 34.87
N ASP T 90 28.11 -30.98 34.61
CA ASP T 90 26.80 -30.84 35.20
C ASP T 90 25.78 -31.84 34.72
N VAL T 91 25.71 -32.05 33.41
CA VAL T 91 24.75 -33.01 32.91
C VAL T 91 24.94 -34.38 33.57
N TRP T 92 26.17 -34.87 33.60
CA TRP T 92 26.38 -36.20 34.19
C TRP T 92 26.22 -36.26 35.72
N THR T 93 26.39 -35.13 36.42
CA THR T 93 26.14 -35.16 37.86
C THR T 93 24.64 -35.26 38.12
N TYR T 94 23.88 -34.51 37.34
CA TYR T 94 22.44 -34.58 37.45
C TYR T 94 21.98 -35.98 37.17
N ASN T 95 22.53 -36.59 36.13
CA ASN T 95 22.17 -37.95 35.76
C ASN T 95 22.51 -39.01 36.82
N ALA T 96 23.62 -38.84 37.52
CA ALA T 96 23.96 -39.83 38.52
C ALA T 96 23.06 -39.69 39.75
N GLU T 97 22.95 -38.46 40.28
CA GLU T 97 22.16 -38.21 41.49
C GLU T 97 20.69 -38.55 41.31
N LEU T 98 20.12 -38.10 40.20
CA LEU T 98 18.70 -38.29 39.92
C LEU T 98 18.39 -39.76 39.70
N LEU T 99 19.37 -40.51 39.17
CA LEU T 99 19.21 -41.95 38.98
C LEU T 99 19.26 -42.71 40.30
N VAL T 100 20.19 -42.36 41.17
CA VAL T 100 20.27 -43.05 42.44
C VAL T 100 18.96 -42.85 43.19
N LEU T 101 18.55 -41.58 43.34
CA LEU T 101 17.31 -41.21 44.00
C LEU T 101 16.11 -41.96 43.49
N MET T 102 15.95 -42.02 42.18
CA MET T 102 14.81 -42.68 41.59
C MET T 102 14.81 -44.17 41.93
N GLU T 103 15.96 -44.81 41.83
CA GLU T 103 16.01 -46.26 42.05
C GLU T 103 16.13 -46.61 43.51
N ASN T 104 16.22 -45.60 44.36
CA ASN T 104 16.13 -45.85 45.79
C ASN T 104 14.69 -46.10 46.19
N GLU T 105 13.78 -45.26 45.67
CA GLU T 105 12.36 -45.46 45.83
C GLU T 105 11.92 -46.83 45.34
N ARG T 106 12.34 -47.16 44.13
CA ARG T 106 11.98 -48.42 43.52
C ARG T 106 12.62 -49.63 44.20
N THR T 107 13.68 -49.38 44.96
CA THR T 107 14.31 -50.47 45.69
C THR T 107 13.42 -50.79 46.88
N LEU T 108 12.92 -49.76 47.57
CA LEU T 108 12.08 -49.96 48.75
C LEU T 108 10.72 -50.58 48.44
N ASP T 109 10.10 -50.16 47.35
CA ASP T 109 8.76 -50.64 47.02
C ASP T 109 8.82 -52.01 46.36
N PHE T 110 10.04 -52.50 46.19
CA PHE T 110 10.26 -53.86 45.74
C PHE T 110 10.20 -54.77 46.95
N HIS T 111 10.87 -54.33 48.01
CA HIS T 111 10.88 -55.04 49.30
C HIS T 111 9.47 -55.02 49.91
N ASP T 112 8.78 -53.90 49.77
CA ASP T 112 7.41 -53.77 50.25
C ASP T 112 6.44 -54.65 49.47
N SER T 113 6.51 -54.60 48.14
CA SER T 113 5.62 -55.41 47.34
C SER T 113 5.91 -56.89 47.55
N ASN T 114 7.11 -57.21 48.00
CA ASN T 114 7.45 -58.60 48.22
C ASN T 114 6.89 -59.20 49.50
N VAL T 115 6.95 -58.44 50.59
CA VAL T 115 6.36 -58.89 51.86
C VAL T 115 4.85 -59.09 51.67
N LYS T 116 4.18 -58.10 51.12
CA LYS T 116 2.76 -58.21 50.84
C LYS T 116 2.43 -59.35 49.87
N ASN T 117 3.40 -59.80 49.09
CA ASN T 117 3.18 -60.92 48.17
C ASN T 117 3.46 -62.31 48.75
N LEU T 118 4.24 -62.36 49.83
CA LEU T 118 4.48 -63.62 50.53
C LEU T 118 3.33 -63.93 51.52
N TYR T 119 2.74 -62.87 52.06
CA TYR T 119 1.58 -62.96 52.94
C TYR T 119 0.32 -63.40 52.21
N ASP T 120 0.19 -63.03 50.95
CA ASP T 120 -0.97 -63.44 50.17
C ASP T 120 -0.74 -64.78 49.50
N LYS T 121 0.49 -65.28 49.56
CA LYS T 121 0.81 -66.62 49.08
C LYS T 121 0.31 -67.67 50.06
N VAL T 122 0.44 -67.32 51.33
CA VAL T 122 0.05 -68.18 52.43
C VAL T 122 -1.45 -68.09 52.60
N ARG T 123 -1.98 -66.89 52.45
CA ARG T 123 -3.40 -66.63 52.65
C ARG T 123 -4.29 -67.42 51.68
N LEU T 124 -3.84 -67.58 50.44
CA LEU T 124 -4.63 -68.31 49.44
C LEU T 124 -4.35 -69.80 49.41
N GLN T 125 -3.41 -70.22 50.26
CA GLN T 125 -3.14 -71.64 50.48
C GLN T 125 -4.06 -72.18 51.57
N LEU T 126 -4.14 -71.46 52.69
CA LEU T 126 -4.91 -71.87 53.87
C LEU T 126 -6.41 -71.63 53.75
N ARG T 127 -6.78 -70.44 53.32
CA ARG T 127 -8.19 -70.04 53.24
C ARG T 127 -8.87 -70.06 54.62
N ASP T 128 -9.91 -70.86 54.78
CA ASP T 128 -10.70 -70.86 56.02
C ASP T 128 -10.28 -71.93 57.02
N ASN T 129 -9.19 -72.64 56.74
CA ASN T 129 -8.59 -73.55 57.71
C ASN T 129 -7.82 -72.80 58.81
N ALA T 130 -7.72 -71.49 58.67
CA ALA T 130 -7.06 -70.65 59.66
C ALA T 130 -7.77 -69.30 59.74
N LYS T 131 -7.58 -68.57 60.84
CA LYS T 131 -8.23 -67.28 61.01
C LYS T 131 -7.23 -66.14 60.81
N GLU T 132 -7.57 -65.23 59.89
CA GLU T 132 -6.74 -64.07 59.62
C GLU T 132 -6.89 -63.08 60.76
N LEU T 133 -5.80 -62.84 61.48
CA LEU T 133 -5.85 -62.00 62.68
C LEU T 133 -5.76 -60.50 62.35
N GLY T 134 -5.07 -60.17 61.27
CA GLY T 134 -4.92 -58.79 60.85
C GLY T 134 -3.58 -58.16 61.17
N ASN T 135 -2.79 -58.80 62.03
CA ASN T 135 -1.45 -58.30 62.32
C ASN T 135 -0.37 -59.00 61.49
N GLY T 136 -0.77 -59.80 60.51
CA GLY T 136 0.15 -60.47 59.62
C GLY T 136 0.38 -61.92 59.98
N CYS T 137 -0.33 -62.38 61.01
CA CYS T 137 -0.20 -63.76 61.46
C CYS T 137 -1.48 -64.56 61.17
N PHE T 138 -1.31 -65.87 61.04
CA PHE T 138 -2.43 -66.78 60.86
C PHE T 138 -2.59 -67.72 62.05
N GLU T 139 -3.83 -67.92 62.50
CA GLU T 139 -4.12 -68.85 63.59
C GLU T 139 -4.97 -69.98 63.02
N PHE T 140 -4.41 -71.18 63.06
CA PHE T 140 -5.00 -72.38 62.48
C PHE T 140 -6.30 -72.80 63.20
N TYR T 141 -7.21 -73.44 62.48
CA TYR T 141 -8.40 -74.05 63.08
C TYR T 141 -8.14 -75.54 63.32
N HIS T 142 -6.94 -76.01 62.97
CA HIS T 142 -6.56 -77.38 63.24
C HIS T 142 -5.16 -77.48 63.86
N LYS T 143 -4.73 -78.71 64.09
CA LYS T 143 -3.45 -78.98 64.71
C LYS T 143 -2.39 -79.07 63.60
N CYS T 144 -1.31 -78.32 63.74
CA CYS T 144 -0.28 -78.32 62.70
C CYS T 144 1.12 -78.44 63.28
N ASP T 145 1.75 -79.59 63.03
CA ASP T 145 3.09 -79.81 63.55
C ASP T 145 4.19 -79.27 62.63
N ASN T 146 5.44 -79.65 62.89
CA ASN T 146 6.57 -79.04 62.23
C ASN T 146 6.71 -79.45 60.75
N GLU T 147 6.32 -80.67 60.41
CA GLU T 147 6.33 -81.08 59.00
C GLU T 147 5.10 -80.57 58.26
N CYS T 148 4.13 -80.08 59.03
CA CYS T 148 2.97 -79.45 58.44
C CYS T 148 3.31 -77.97 58.20
N MET T 149 4.04 -77.36 59.14
CA MET T 149 4.53 -76.00 58.97
C MET T 149 5.42 -75.92 57.75
N GLU T 150 6.22 -76.96 57.55
CA GLU T 150 7.05 -77.05 56.37
C GLU T 150 6.28 -77.12 55.07
N SER T 151 5.08 -77.72 55.10
CA SER T 151 4.27 -77.83 53.89
C SER T 151 3.69 -76.46 53.48
N VAL T 152 3.52 -75.56 54.44
CA VAL T 152 3.08 -74.19 54.14
C VAL T 152 4.24 -73.31 53.63
N ARG T 153 5.42 -73.56 54.17
CA ARG T 153 6.64 -72.83 53.83
C ARG T 153 7.08 -73.03 52.38
N ASN T 154 7.28 -74.29 52.01
CA ASN T 154 7.76 -74.62 50.65
C ASN T 154 6.62 -74.74 49.64
N GLY T 155 5.39 -74.54 50.11
CA GLY T 155 4.22 -74.48 49.24
C GLY T 155 3.46 -75.78 49.09
N THR T 156 3.79 -76.76 49.92
CA THR T 156 3.24 -78.11 49.79
C THR T 156 1.87 -78.24 50.48
N TYR T 157 1.51 -77.26 51.30
CA TYR T 157 0.33 -77.36 52.17
C TYR T 157 -0.95 -77.89 51.51
N ASP T 158 -1.50 -78.93 52.12
CA ASP T 158 -2.69 -79.64 51.64
C ASP T 158 -3.96 -79.15 52.34
N TYR T 159 -4.87 -78.55 51.57
CA TYR T 159 -6.13 -78.04 52.12
C TYR T 159 -7.19 -79.11 52.44
N PRO T 160 -7.58 -79.97 51.46
CA PRO T 160 -8.62 -80.97 51.77
C PRO T 160 -8.27 -81.90 52.94
N GLN T 161 -6.98 -82.03 53.21
CA GLN T 161 -6.48 -82.93 54.24
C GLN T 161 -6.84 -82.47 55.64
N TYR T 162 -6.75 -81.17 55.88
CA TYR T 162 -7.02 -80.64 57.21
C TYR T 162 -8.40 -79.98 57.27
N SER T 163 -9.05 -79.85 56.11
CA SER T 163 -10.30 -79.08 56.00
C SER T 163 -11.50 -79.60 56.77
N GLU T 164 -11.48 -80.90 57.09
CA GLU T 164 -12.57 -81.49 57.84
C GLU T 164 -12.42 -81.16 59.33
N GLU T 165 -11.20 -81.27 59.84
CA GLU T 165 -10.92 -80.98 61.23
C GLU T 165 -11.11 -79.49 61.50
N ALA T 166 -10.94 -78.69 60.46
CA ALA T 166 -11.11 -77.25 60.55
C ALA T 166 -12.58 -76.84 60.56
N ARG T 167 -13.38 -77.47 59.69
CA ARG T 167 -14.79 -77.11 59.54
C ARG T 167 -15.67 -77.64 60.70
N LEU T 168 -15.12 -78.59 61.45
CA LEU T 168 -15.77 -79.12 62.65
C LEU T 168 -15.37 -78.29 63.84
N LYS T 169 -14.18 -77.70 63.77
CA LYS T 169 -13.72 -76.79 64.80
C LYS T 169 -14.28 -75.38 64.59
N ARG T 170 -14.67 -75.08 63.36
CA ARG T 170 -15.34 -73.83 63.08
C ARG T 170 -16.78 -73.91 63.57
N GLU T 171 -17.34 -75.11 63.43
CA GLU T 171 -18.71 -75.41 63.86
C GLU T 171 -18.84 -75.37 65.40
N GLU T 172 -17.75 -75.68 66.11
CA GLU T 172 -17.76 -75.61 67.56
C GLU T 172 -17.80 -74.17 68.07
N ILE T 173 -17.20 -73.26 67.32
CA ILE T 173 -17.10 -71.86 67.74
C ILE T 173 -18.31 -71.02 67.29
N SER T 174 -19.02 -71.54 66.28
CA SER T 174 -20.29 -70.96 65.86
C SER T 174 -21.33 -71.07 66.97
N SER T 175 -21.34 -72.23 67.61
CA SER T 175 -22.28 -72.53 68.69
C SER T 175 -21.93 -71.74 69.94
N GLY T 176 -20.63 -71.57 70.15
CA GLY T 176 -20.13 -70.91 71.35
C GLY T 176 -19.68 -71.93 72.38
N ARG T 177 -20.26 -73.13 72.33
CA ARG T 177 -19.86 -74.24 73.21
C ARG T 177 -20.03 -75.62 72.56
N GLY U 1 55.34 90.27 -35.91
CA GLY U 1 56.15 89.38 -35.11
C GLY U 1 57.22 90.03 -34.23
N LEU U 2 57.76 89.24 -33.31
CA LEU U 2 58.76 89.70 -32.35
C LEU U 2 60.14 90.09 -32.90
N PHE U 3 60.57 89.52 -34.03
CA PHE U 3 61.94 89.75 -34.51
C PHE U 3 62.06 90.72 -35.69
N GLY U 4 60.94 91.17 -36.24
CA GLY U 4 60.94 92.24 -37.22
C GLY U 4 61.55 91.96 -38.59
N ALA U 5 61.73 90.69 -38.92
CA ALA U 5 62.35 90.32 -40.20
C ALA U 5 61.27 90.04 -41.23
N ILE U 6 60.41 89.06 -40.96
CA ILE U 6 59.23 88.82 -41.78
C ILE U 6 58.30 90.02 -41.67
N ALA U 7 57.89 90.58 -42.81
CA ALA U 7 57.05 91.78 -42.86
C ALA U 7 57.52 92.91 -41.94
N GLY U 8 58.83 93.12 -41.89
CA GLY U 8 59.42 94.18 -41.10
C GLY U 8 60.32 95.01 -42.01
N PHE U 9 61.63 94.85 -41.87
CA PHE U 9 62.54 95.55 -42.75
C PHE U 9 62.57 94.88 -44.14
N ILE U 10 62.23 93.59 -44.21
CA ILE U 10 61.92 92.97 -45.50
C ILE U 10 60.40 92.88 -45.68
N GLU U 11 59.78 93.96 -46.15
CA GLU U 11 58.32 93.92 -46.30
C GLU U 11 57.93 93.21 -47.59
N GLY U 12 57.10 92.17 -47.47
CA GLY U 12 56.70 91.35 -48.59
C GLY U 12 57.53 90.10 -48.86
N GLY U 13 56.82 89.06 -49.31
CA GLY U 13 57.43 87.79 -49.69
C GLY U 13 57.37 87.51 -51.19
N TRP U 14 58.14 86.52 -51.62
CA TRP U 14 58.26 86.24 -53.05
C TRP U 14 57.27 85.19 -53.52
N GLN U 15 56.21 85.66 -54.20
CA GLN U 15 55.20 84.82 -54.85
C GLN U 15 55.79 83.65 -55.64
N GLY U 16 56.99 83.83 -56.16
CA GLY U 16 57.58 82.89 -57.09
C GLY U 16 58.50 81.81 -56.55
N MET U 17 58.84 81.85 -55.27
CA MET U 17 59.75 80.82 -54.76
C MET U 17 58.97 79.64 -54.18
N VAL U 18 58.56 78.73 -55.08
CA VAL U 18 57.67 77.63 -54.74
C VAL U 18 58.36 76.26 -54.52
N ASP U 19 59.41 76.27 -53.70
CA ASP U 19 60.16 75.04 -53.39
C ASP U 19 60.92 75.20 -52.07
N GLY U 20 60.45 76.12 -51.23
CA GLY U 20 61.05 76.34 -49.93
C GLY U 20 60.41 77.52 -49.22
N TRP U 21 60.69 77.65 -47.92
CA TRP U 21 60.17 78.77 -47.15
C TRP U 21 61.10 79.97 -47.22
N TYR U 22 62.40 79.71 -47.09
CA TYR U 22 63.40 80.78 -47.12
C TYR U 22 64.40 80.58 -48.26
N GLY U 23 64.88 81.68 -48.84
CA GLY U 23 65.85 81.58 -49.92
C GLY U 23 66.42 82.89 -50.43
N TYR U 24 66.98 82.84 -51.64
CA TYR U 24 67.69 83.97 -52.23
C TYR U 24 67.12 84.41 -53.58
N HIS U 25 67.40 85.66 -53.93
CA HIS U 25 67.20 86.17 -55.29
C HIS U 25 68.45 86.91 -55.75
N HIS U 26 69.31 86.22 -56.49
CA HIS U 26 70.57 86.82 -56.94
C HIS U 26 70.35 87.67 -58.18
N SER U 27 71.27 88.59 -58.43
CA SER U 27 71.13 89.54 -59.52
C SER U 27 72.50 90.08 -59.94
N ASN U 28 73.09 89.44 -60.94
CA ASN U 28 74.38 89.86 -61.49
C ASN U 28 74.27 90.28 -62.95
N GLU U 29 75.41 90.27 -63.66
CA GLU U 29 75.44 90.65 -65.07
C GLU U 29 74.68 89.64 -65.92
N GLN U 30 74.76 88.38 -65.49
CA GLN U 30 74.17 87.25 -66.18
C GLN U 30 72.64 87.15 -66.10
N GLY U 31 72.02 87.92 -65.22
CA GLY U 31 70.56 87.88 -65.07
C GLY U 31 70.13 87.72 -63.62
N SER U 32 68.92 87.20 -63.42
CA SER U 32 68.41 87.00 -62.06
C SER U 32 67.63 85.69 -61.91
N GLY U 33 67.24 85.38 -60.68
CA GLY U 33 66.46 84.19 -60.38
C GLY U 33 66.27 83.89 -58.89
N TYR U 34 65.39 82.94 -58.59
CA TYR U 34 65.06 82.53 -57.23
C TYR U 34 65.71 81.19 -56.89
N ALA U 35 66.30 81.09 -55.69
CA ALA U 35 66.96 79.86 -55.26
C ALA U 35 66.71 79.60 -53.77
N ALA U 36 66.14 78.44 -53.48
CA ALA U 36 65.75 78.12 -52.10
C ALA U 36 66.92 77.61 -51.27
N ASP U 37 67.02 78.11 -50.04
CA ASP U 37 68.05 77.67 -49.10
C ASP U 37 67.63 76.30 -48.60
N LYS U 38 68.41 75.28 -48.93
CA LYS U 38 67.99 73.90 -48.70
C LYS U 38 67.95 73.46 -47.23
N GLU U 39 68.89 73.96 -46.43
CA GLU U 39 69.05 73.48 -45.06
C GLU U 39 68.23 74.22 -44.01
N SER U 40 68.05 75.52 -44.18
CA SER U 40 67.27 76.29 -43.21
C SER U 40 65.79 75.95 -43.39
N THR U 41 65.40 75.67 -44.62
CA THR U 41 64.07 75.17 -44.91
C THR U 41 63.88 73.79 -44.25
N GLN U 42 64.96 73.02 -44.18
CA GLN U 42 64.96 71.69 -43.56
C GLN U 42 64.93 71.70 -42.02
N LYS U 43 65.53 72.71 -41.41
CA LYS U 43 65.51 72.86 -39.95
C LYS U 43 64.14 73.29 -39.42
N ALA U 44 63.37 73.98 -40.25
CA ALA U 44 62.01 74.42 -39.91
C ALA U 44 61.05 73.26 -40.10
N ILE U 45 61.33 72.43 -41.11
CA ILE U 45 60.61 71.19 -41.37
C ILE U 45 60.66 70.26 -40.14
N ASP U 46 61.83 70.21 -39.50
CA ASP U 46 62.04 69.37 -38.32
C ASP U 46 61.36 69.90 -37.07
N GLY U 47 61.38 71.22 -36.87
CA GLY U 47 60.75 71.84 -35.72
C GLY U 47 59.23 71.82 -35.71
N VAL U 48 58.65 71.92 -36.90
CA VAL U 48 57.20 71.90 -37.08
C VAL U 48 56.62 70.48 -37.05
N THR U 49 57.28 69.54 -37.72
CA THR U 49 56.84 68.15 -37.65
C THR U 49 56.96 67.63 -36.21
N ASN U 50 58.03 68.04 -35.52
CA ASN U 50 58.22 67.64 -34.12
C ASN U 50 57.23 68.30 -33.16
N LYS U 51 56.87 69.55 -33.41
CA LYS U 51 55.90 70.22 -32.54
C LYS U 51 54.49 69.64 -32.71
N VAL U 52 54.08 69.42 -33.97
CA VAL U 52 52.78 68.82 -34.30
C VAL U 52 52.63 67.40 -33.74
N ASN U 53 53.71 66.62 -33.77
CA ASN U 53 53.69 65.27 -33.22
C ASN U 53 53.79 65.27 -31.70
N SER U 54 54.42 66.30 -31.13
CA SER U 54 54.49 66.47 -29.67
C SER U 54 53.13 66.82 -29.08
N ILE U 55 52.30 67.46 -29.89
CA ILE U 55 50.97 67.90 -29.45
C ILE U 55 49.97 66.77 -29.37
N ILE U 56 49.83 66.00 -30.44
CA ILE U 56 48.97 64.83 -30.44
C ILE U 56 49.43 63.82 -29.37
N ASP U 57 50.74 63.70 -29.18
CA ASP U 57 51.31 62.78 -28.19
C ASP U 57 51.12 63.32 -26.75
N LYS U 58 51.07 64.64 -26.57
CA LYS U 58 50.81 65.20 -25.24
C LYS U 58 49.37 64.91 -24.80
N MET U 59 48.46 64.97 -25.76
CA MET U 59 47.06 64.65 -25.55
C MET U 59 46.83 63.15 -25.77
N ASN U 60 47.89 62.38 -25.58
CA ASN U 60 47.85 60.92 -25.74
C ASN U 60 46.73 60.35 -24.89
N THR U 61 46.86 60.53 -23.57
CA THR U 61 45.78 60.26 -22.65
C THR U 61 45.08 61.55 -22.21
N GLN U 62 43.77 61.48 -22.16
CA GLN U 62 42.91 62.60 -21.83
C GLN U 62 41.56 62.02 -21.41
N PHE U 63 40.84 62.71 -20.53
CA PHE U 63 39.64 62.15 -19.96
C PHE U 63 38.59 61.65 -20.97
N GLU U 64 38.07 60.45 -20.70
CA GLU U 64 37.00 59.87 -21.51
C GLU U 64 35.75 59.60 -20.68
N ALA U 65 34.67 60.24 -21.08
CA ALA U 65 33.43 60.14 -20.33
C ALA U 65 32.86 58.75 -20.44
N VAL U 66 32.29 58.24 -19.36
CA VAL U 66 31.65 56.94 -19.44
C VAL U 66 30.24 57.08 -18.97
N GLY U 67 29.34 56.30 -19.54
CA GLY U 67 27.96 56.36 -19.15
C GLY U 67 27.68 55.66 -17.82
N ARG U 68 26.98 56.39 -16.94
CA ARG U 68 26.52 55.84 -15.68
C ARG U 68 25.06 56.19 -15.55
N GLU U 69 24.24 55.23 -15.14
CA GLU U 69 22.81 55.48 -15.01
C GLU U 69 22.42 55.41 -13.55
N PHE U 70 21.69 56.43 -13.08
CA PHE U 70 21.26 56.47 -11.69
C PHE U 70 19.76 56.62 -11.58
N ASN U 71 19.15 56.03 -10.55
CA ASN U 71 17.69 56.04 -10.42
C ASN U 71 17.11 57.26 -9.68
N ASN U 72 15.82 57.16 -9.32
CA ASN U 72 15.09 58.34 -8.88
C ASN U 72 15.56 58.91 -7.53
N LEU U 73 16.07 58.05 -6.64
CA LEU U 73 16.62 58.56 -5.38
C LEU U 73 18.11 58.45 -5.34
N GLU U 74 18.80 58.58 -6.45
CA GLU U 74 20.24 58.67 -6.36
C GLU U 74 20.62 60.02 -6.99
N ARG U 75 19.78 61.02 -6.75
CA ARG U 75 19.88 62.31 -7.42
C ARG U 75 21.13 63.08 -7.09
N ARG U 76 21.47 63.06 -5.82
CA ARG U 76 22.67 63.74 -5.37
C ARG U 76 23.89 63.27 -6.15
N ILE U 77 24.15 61.96 -6.13
CA ILE U 77 25.34 61.45 -6.80
C ILE U 77 25.20 61.41 -8.31
N GLU U 78 23.96 61.36 -8.80
CA GLU U 78 23.68 61.52 -10.22
C GLU U 78 24.28 62.84 -10.68
N ASN U 79 24.10 63.85 -9.87
CA ASN U 79 24.61 65.17 -10.19
C ASN U 79 26.13 65.20 -10.01
N LEU U 80 26.58 64.60 -8.92
CA LEU U 80 28.00 64.43 -8.65
C LEU U 80 28.69 63.83 -9.89
N ASN U 81 28.14 62.74 -10.42
CA ASN U 81 28.63 62.13 -11.67
C ASN U 81 28.66 63.10 -12.86
N LYS U 82 27.56 63.83 -13.11
CA LYS U 82 27.53 64.82 -14.21
C LYS U 82 28.53 65.93 -14.02
N LYS U 83 28.52 66.52 -12.84
CA LYS U 83 29.39 67.66 -12.55
C LYS U 83 30.86 67.28 -12.63
N MET U 84 31.18 66.02 -12.32
CA MET U 84 32.56 65.56 -12.51
C MET U 84 33.03 65.40 -13.94
N GLU U 85 32.24 64.70 -14.74
CA GLU U 85 32.66 64.40 -16.10
C GLU U 85 32.74 65.67 -16.93
N ASP U 86 31.82 66.59 -16.69
CA ASP U 86 31.94 67.93 -17.27
C ASP U 86 33.22 68.59 -16.84
N GLY U 87 33.45 68.61 -15.52
CA GLY U 87 34.64 69.19 -14.94
C GLY U 87 35.89 68.86 -15.73
N PHE U 88 36.11 67.58 -16.00
CA PHE U 88 37.29 67.23 -16.73
C PHE U 88 37.23 67.70 -18.18
N LEU U 89 36.08 67.52 -18.84
CA LEU U 89 35.96 67.92 -20.25
C LEU U 89 36.21 69.41 -20.45
N ASP U 90 35.80 70.25 -19.51
CA ASP U 90 36.11 71.66 -19.66
C ASP U 90 37.61 71.82 -19.62
N VAL U 91 38.25 71.18 -18.64
CA VAL U 91 39.70 71.28 -18.48
C VAL U 91 40.45 70.88 -19.75
N TRP U 92 40.16 69.72 -20.30
CA TRP U 92 40.87 69.31 -21.51
C TRP U 92 40.46 70.18 -22.73
N THR U 93 39.30 70.82 -22.67
CA THR U 93 38.95 71.75 -23.74
C THR U 93 39.86 72.97 -23.64
N TYR U 94 39.98 73.54 -22.44
CA TYR U 94 40.90 74.65 -22.24
C TYR U 94 42.36 74.26 -22.54
N ASN U 95 42.80 73.09 -22.08
CA ASN U 95 44.18 72.65 -22.31
C ASN U 95 44.59 72.48 -23.77
N ALA U 96 43.68 71.99 -24.59
CA ALA U 96 43.97 71.78 -25.99
C ALA U 96 43.97 73.12 -26.70
N GLU U 97 42.92 73.89 -26.51
CA GLU U 97 42.77 75.16 -27.20
C GLU U 97 43.95 76.10 -26.95
N LEU U 98 44.32 76.29 -25.67
CA LEU U 98 45.39 77.21 -25.32
C LEU U 98 46.74 76.74 -25.83
N LEU U 99 46.93 75.45 -25.99
CA LEU U 99 48.21 74.95 -26.48
C LEU U 99 48.36 75.34 -27.96
N VAL U 100 47.27 75.24 -28.71
CA VAL U 100 47.27 75.69 -30.10
C VAL U 100 47.63 77.16 -30.17
N LEU U 101 46.87 77.97 -29.42
CA LEU U 101 47.08 79.41 -29.35
C LEU U 101 48.52 79.79 -28.96
N MET U 102 49.03 79.16 -27.90
CA MET U 102 50.38 79.43 -27.41
C MET U 102 51.43 79.05 -28.44
N GLU U 103 51.26 77.87 -29.03
CA GLU U 103 52.27 77.34 -29.94
C GLU U 103 52.08 77.84 -31.37
N ASN U 104 51.04 78.62 -31.60
CA ASN U 104 50.91 79.34 -32.85
C ASN U 104 51.79 80.59 -32.88
N GLU U 105 51.74 81.36 -31.81
CA GLU U 105 52.61 82.52 -31.67
C GLU U 105 54.08 82.11 -31.77
N ARG U 106 54.44 81.02 -31.10
CA ARG U 106 55.80 80.50 -31.13
C ARG U 106 56.14 79.89 -32.49
N THR U 107 55.12 79.59 -33.28
CA THR U 107 55.33 79.12 -34.65
C THR U 107 55.67 80.26 -35.63
N LEU U 108 54.95 81.37 -35.58
CA LEU U 108 55.21 82.49 -36.51
C LEU U 108 56.55 83.16 -36.24
N ASP U 109 56.91 83.32 -34.97
CA ASP U 109 58.15 83.98 -34.60
C ASP U 109 59.35 83.02 -34.64
N PHE U 110 59.12 81.78 -35.04
CA PHE U 110 60.21 80.87 -35.34
C PHE U 110 60.64 81.14 -36.76
N HIS U 111 59.64 81.35 -37.61
CA HIS U 111 59.87 81.74 -38.99
C HIS U 111 60.53 83.12 -39.08
N ASP U 112 60.11 84.01 -38.18
CA ASP U 112 60.64 85.35 -38.07
C ASP U 112 62.11 85.34 -37.65
N SER U 113 62.41 84.56 -36.61
CA SER U 113 63.78 84.45 -36.13
C SER U 113 64.68 83.73 -37.15
N ASN U 114 64.11 82.92 -38.03
CA ASN U 114 64.93 82.25 -39.04
C ASN U 114 65.32 83.14 -40.24
N VAL U 115 64.41 84.02 -40.65
CA VAL U 115 64.71 85.01 -41.69
C VAL U 115 65.84 85.90 -41.21
N LYS U 116 65.69 86.46 -40.01
CA LYS U 116 66.76 87.25 -39.41
C LYS U 116 68.04 86.47 -39.16
N ASN U 117 67.96 85.15 -39.08
CA ASN U 117 69.14 84.35 -38.85
C ASN U 117 69.89 84.01 -40.13
N LEU U 118 69.17 84.00 -41.26
CA LEU U 118 69.79 83.77 -42.56
C LEU U 118 70.32 85.06 -43.17
N TYR U 119 69.66 86.17 -42.82
CA TYR U 119 70.09 87.49 -43.25
C TYR U 119 71.39 87.93 -42.58
N ASP U 120 71.60 87.50 -41.33
CA ASP U 120 72.84 87.81 -40.61
C ASP U 120 73.94 86.78 -40.89
N LYS U 121 73.57 85.70 -41.58
CA LYS U 121 74.52 84.69 -42.07
C LYS U 121 75.23 85.17 -43.31
N VAL U 122 74.49 85.86 -44.18
CA VAL U 122 75.04 86.40 -45.42
C VAL U 122 75.80 87.69 -45.12
N ARG U 123 75.26 88.51 -44.23
CA ARG U 123 75.86 89.79 -43.84
C ARG U 123 77.24 89.64 -43.18
N LEU U 124 77.40 88.59 -42.37
CA LEU U 124 78.66 88.36 -41.67
C LEU U 124 79.62 87.54 -42.52
N GLN U 125 79.18 87.13 -43.72
CA GLN U 125 80.06 86.51 -44.71
C GLN U 125 80.71 87.54 -45.63
N LEU U 126 79.90 88.45 -46.17
CA LEU U 126 80.37 89.46 -47.11
C LEU U 126 81.11 90.60 -46.41
N ARG U 127 80.50 91.12 -45.34
CA ARG U 127 80.99 92.27 -44.59
C ARG U 127 81.08 93.55 -45.44
N ASP U 128 82.27 94.13 -45.56
CA ASP U 128 82.41 95.43 -46.23
C ASP U 128 82.79 95.31 -47.71
N ASN U 129 82.80 94.08 -48.23
CA ASN U 129 82.89 93.85 -49.67
C ASN U 129 81.57 94.16 -50.36
N ALA U 130 80.56 94.47 -49.55
CA ALA U 130 79.23 94.79 -50.04
C ALA U 130 78.56 95.85 -49.17
N LYS U 131 77.55 96.52 -49.72
CA LYS U 131 76.79 97.54 -49.00
C LYS U 131 75.42 97.03 -48.56
N GLU U 132 75.16 97.17 -47.26
CA GLU U 132 73.86 96.80 -46.72
C GLU U 132 72.84 97.86 -47.11
N LEU U 133 71.86 97.45 -47.92
CA LEU U 133 70.88 98.38 -48.48
C LEU U 133 69.80 98.70 -47.47
N GLY U 134 69.50 97.75 -46.60
CA GLY U 134 68.53 97.94 -45.54
C GLY U 134 67.16 97.36 -45.82
N ASN U 135 66.87 97.04 -47.07
CA ASN U 135 65.61 96.41 -47.41
C ASN U 135 65.78 94.89 -47.49
N GLY U 136 66.93 94.42 -47.03
CA GLY U 136 67.20 92.99 -47.00
C GLY U 136 68.07 92.54 -48.15
N CYS U 137 68.51 93.51 -48.96
CA CYS U 137 69.36 93.22 -50.10
C CYS U 137 70.78 93.74 -49.85
N PHE U 138 71.73 93.10 -50.51
CA PHE U 138 73.14 93.49 -50.46
C PHE U 138 73.64 93.99 -51.81
N GLU U 139 74.45 95.04 -51.79
CA GLU U 139 75.03 95.56 -53.02
C GLU U 139 76.53 95.35 -53.03
N PHE U 140 77.01 94.48 -53.93
CA PHE U 140 78.43 94.17 -53.99
C PHE U 140 79.25 95.36 -54.49
N TYR U 141 80.47 95.47 -53.99
CA TYR U 141 81.42 96.46 -54.47
C TYR U 141 82.38 95.85 -55.48
N HIS U 142 82.22 94.55 -55.71
CA HIS U 142 83.01 93.88 -56.72
C HIS U 142 82.12 93.04 -57.62
N LYS U 143 82.72 92.38 -58.59
CA LYS U 143 81.97 91.64 -59.59
C LYS U 143 81.75 90.21 -59.10
N CYS U 144 80.49 89.76 -59.11
CA CYS U 144 80.15 88.45 -58.56
C CYS U 144 79.23 87.68 -59.51
N ASP U 145 79.82 86.65 -60.14
CA ASP U 145 79.11 85.79 -61.10
C ASP U 145 78.44 84.56 -60.44
N ASN U 146 78.05 83.58 -61.25
CA ASN U 146 77.28 82.44 -60.74
C ASN U 146 78.10 81.46 -59.90
N GLU U 147 79.40 81.35 -60.19
CA GLU U 147 80.26 80.50 -59.38
C GLU U 147 80.66 81.23 -58.09
N CYS U 148 80.43 82.54 -58.06
CA CYS U 148 80.60 83.33 -56.85
C CYS U 148 79.30 83.43 -56.03
N MET U 149 78.17 83.57 -56.71
CA MET U 149 76.85 83.61 -56.05
C MET U 149 76.56 82.32 -55.29
N GLU U 150 76.94 81.20 -55.88
CA GLU U 150 76.80 79.89 -55.26
C GLU U 150 77.63 79.74 -53.98
N SER U 151 78.77 80.42 -53.92
CA SER U 151 79.65 80.36 -52.74
C SER U 151 79.08 81.13 -51.54
N VAL U 152 78.22 82.11 -51.80
CA VAL U 152 77.53 82.84 -50.72
C VAL U 152 76.36 82.02 -50.18
N ARG U 153 75.71 81.25 -51.05
CA ARG U 153 74.58 80.40 -50.70
C ARG U 153 74.99 79.26 -49.78
N ASN U 154 75.96 78.46 -50.21
CA ASN U 154 76.40 77.27 -49.46
C ASN U 154 77.49 77.50 -48.42
N GLY U 155 77.94 78.75 -48.27
CA GLY U 155 78.87 79.11 -47.21
C GLY U 155 80.34 79.11 -47.59
N THR U 156 80.62 79.02 -48.89
CA THR U 156 81.99 78.92 -49.40
C THR U 156 82.66 80.30 -49.58
N TYR U 157 81.87 81.38 -49.49
CA TYR U 157 82.34 82.74 -49.79
C TYR U 157 83.68 83.14 -49.18
N ASP U 158 84.59 83.56 -50.07
CA ASP U 158 85.96 83.96 -49.72
C ASP U 158 86.09 85.47 -49.56
N TYR U 159 86.39 85.94 -48.35
CA TYR U 159 86.56 87.38 -48.12
C TYR U 159 87.92 87.94 -48.63
N PRO U 160 89.07 87.36 -48.21
CA PRO U 160 90.36 87.89 -48.70
C PRO U 160 90.55 87.89 -50.23
N GLN U 161 89.79 87.06 -50.94
CA GLN U 161 89.93 86.93 -52.39
C GLN U 161 89.46 88.17 -53.16
N TYR U 162 88.35 88.73 -52.74
CA TYR U 162 87.77 89.89 -53.43
C TYR U 162 88.03 91.20 -52.71
N SER U 163 88.66 91.14 -51.54
CA SER U 163 88.88 92.33 -50.70
C SER U 163 89.76 93.37 -51.40
N GLU U 164 90.47 92.92 -52.44
CA GLU U 164 91.30 93.82 -53.22
C GLU U 164 90.48 94.67 -54.18
N GLU U 165 89.59 94.02 -54.92
CA GLU U 165 88.73 94.72 -55.88
C GLU U 165 87.64 95.56 -55.20
N ALA U 166 87.24 95.13 -53.99
CA ALA U 166 86.20 95.81 -53.23
C ALA U 166 86.68 97.11 -52.59
N ARG U 167 87.90 97.12 -52.06
CA ARG U 167 88.44 98.32 -51.42
C ARG U 167 88.89 99.34 -52.49
N LEU U 168 88.98 98.88 -53.74
CA LEU U 168 89.33 99.75 -54.86
C LEU U 168 88.09 100.44 -55.44
N LYS U 169 86.93 99.80 -55.29
CA LYS U 169 85.66 100.42 -55.67
C LYS U 169 85.14 101.36 -54.58
N ARG U 170 85.61 101.16 -53.35
CA ARG U 170 85.29 102.05 -52.23
C ARG U 170 86.10 103.36 -52.29
N GLU U 171 87.33 103.29 -52.82
CA GLU U 171 88.12 104.48 -53.08
C GLU U 171 87.51 105.32 -54.21
N GLU U 172 86.82 104.63 -55.14
CA GLU U 172 86.16 105.25 -56.29
C GLU U 172 84.92 106.11 -55.95
N ILE U 173 84.19 105.74 -54.90
CA ILE U 173 83.01 106.48 -54.48
C ILE U 173 83.45 107.52 -53.45
N SER U 174 84.64 107.33 -52.90
CA SER U 174 85.32 108.31 -52.06
C SER U 174 85.72 109.59 -52.80
N SER U 175 86.23 109.43 -54.03
CA SER U 175 86.68 110.55 -54.88
C SER U 175 85.56 111.42 -55.47
N GLY U 176 84.43 110.78 -55.79
CA GLY U 176 83.28 111.44 -56.42
C GLY U 176 82.23 110.40 -56.72
N ARG U 177 82.33 109.84 -57.94
CA ARG U 177 81.54 108.71 -58.51
C ARG U 177 80.88 109.15 -59.82
N GLY V 1 44.28 37.80 -80.18
CA GLY V 1 44.74 36.72 -79.32
C GLY V 1 45.79 37.15 -78.31
N LEU V 2 46.06 36.29 -77.33
CA LEU V 2 46.96 36.59 -76.20
C LEU V 2 48.43 36.85 -76.57
N PHE V 3 48.87 36.35 -77.72
CA PHE V 3 50.26 36.52 -78.12
C PHE V 3 50.34 37.59 -79.22
N GLY V 4 49.17 38.10 -79.61
CA GLY V 4 49.08 39.24 -80.52
C GLY V 4 49.39 38.99 -81.99
N ALA V 5 49.41 37.71 -82.39
CA ALA V 5 49.71 37.37 -83.78
C ALA V 5 48.43 37.15 -84.61
N ILE V 6 47.63 36.15 -84.26
CA ILE V 6 46.33 35.98 -84.89
C ILE V 6 45.46 37.20 -84.57
N ALA V 7 44.92 37.82 -85.62
CA ALA V 7 44.16 39.06 -85.51
C ALA V 7 44.90 40.10 -84.66
N GLY V 8 46.21 40.21 -84.86
CA GLY V 8 47.00 41.20 -84.15
C GLY V 8 47.83 42.06 -85.10
N PHE V 9 49.14 41.89 -85.08
CA PHE V 9 49.98 42.65 -86.00
C PHE V 9 49.99 42.10 -87.42
N ILE V 10 49.69 40.80 -87.59
CA ILE V 10 49.35 40.29 -88.92
C ILE V 10 47.83 40.13 -89.07
N GLU V 11 47.14 41.23 -89.38
CA GLU V 11 45.68 41.21 -89.52
C GLU V 11 45.16 40.78 -90.91
N GLY V 12 44.27 39.78 -90.89
CA GLY V 12 43.74 39.12 -92.07
C GLY V 12 44.51 37.86 -92.40
N GLY V 13 43.80 36.85 -92.87
CA GLY V 13 44.38 35.58 -93.25
C GLY V 13 44.37 35.32 -94.75
N TRP V 14 45.12 34.30 -95.17
CA TRP V 14 45.29 33.99 -96.59
C TRP V 14 44.23 33.04 -97.13
N GLN V 15 43.29 33.62 -97.87
CA GLN V 15 42.23 32.93 -98.60
C GLN V 15 42.81 31.73 -99.37
N GLY V 16 44.06 31.89 -99.82
CA GLY V 16 44.72 30.94 -100.69
C GLY V 16 45.66 29.92 -100.09
N MET V 17 45.96 30.00 -98.81
CA MET V 17 46.85 28.99 -98.27
C MET V 17 46.01 27.86 -97.71
N VAL V 18 45.65 26.95 -98.61
CA VAL V 18 44.70 25.86 -98.32
C VAL V 18 45.40 24.52 -98.05
N ASP V 19 46.70 24.54 -97.73
CA ASP V 19 47.45 23.31 -97.48
C ASP V 19 48.19 23.32 -96.14
N GLY V 20 47.74 24.13 -95.20
CA GLY V 20 48.35 24.17 -93.89
C GLY V 20 47.73 25.25 -93.02
N TRP V 21 48.06 25.23 -91.73
CA TRP V 21 47.58 26.25 -90.80
C TRP V 21 48.53 27.44 -90.77
N TYR V 22 49.83 27.16 -90.75
CA TYR V 22 50.83 28.21 -90.75
C TYR V 22 51.75 28.03 -91.96
N GLY V 23 52.23 29.14 -92.52
CA GLY V 23 53.13 29.06 -93.66
C GLY V 23 53.72 30.37 -94.15
N TYR V 24 54.19 30.36 -95.39
CA TYR V 24 54.93 31.47 -95.98
C TYR V 24 54.31 32.02 -97.27
N HIS V 25 54.65 33.27 -97.58
CA HIS V 25 54.39 33.88 -98.89
C HIS V 25 55.68 34.57 -99.36
N HIS V 26 56.48 33.87 -100.16
CA HIS V 26 57.80 34.38 -100.58
C HIS V 26 57.61 35.34 -101.74
N SER V 27 58.64 36.14 -102.01
CA SER V 27 58.55 37.15 -103.07
C SER V 27 59.95 37.52 -103.59
N ASN V 28 60.39 36.83 -104.64
CA ASN V 28 61.69 37.10 -105.27
C ASN V 28 61.63 37.52 -106.74
N GLU V 29 62.74 37.25 -107.44
CA GLU V 29 62.90 37.56 -108.86
C GLU V 29 61.97 36.74 -109.77
N GLN V 30 61.78 35.47 -109.43
CA GLN V 30 60.95 34.55 -110.20
C GLN V 30 59.45 34.80 -110.03
N GLY V 31 59.09 35.59 -109.03
CA GLY V 31 57.69 35.85 -108.70
C GLY V 31 57.47 35.63 -107.22
N SER V 32 56.22 35.37 -106.83
CA SER V 32 55.88 35.17 -105.42
C SER V 32 54.88 34.01 -105.28
N GLY V 33 54.53 33.62 -104.04
CA GLY V 33 53.58 32.53 -103.84
C GLY V 33 53.36 32.00 -102.43
N TYR V 34 52.35 31.13 -102.28
CA TYR V 34 51.94 30.59 -100.98
C TYR V 34 52.44 29.15 -100.76
N ALA V 35 53.04 28.89 -99.60
CA ALA V 35 53.56 27.56 -99.24
C ALA V 35 53.47 27.26 -97.74
N ALA V 36 52.84 26.15 -97.38
CA ALA V 36 52.64 25.80 -95.97
C ALA V 36 53.85 25.11 -95.31
N ASP V 37 54.16 25.54 -94.09
CA ASP V 37 55.25 24.96 -93.30
C ASP V 37 54.87 23.60 -92.73
N LYS V 38 55.64 22.56 -93.07
CA LYS V 38 55.28 21.21 -92.66
C LYS V 38 55.41 20.93 -91.15
N GLU V 39 56.33 21.59 -90.45
CA GLU V 39 56.60 21.22 -89.06
C GLU V 39 55.69 21.90 -88.02
N SER V 40 55.32 23.16 -88.25
CA SER V 40 54.40 23.82 -87.33
C SER V 40 52.96 23.36 -87.57
N THR V 41 52.63 23.06 -88.84
CA THR V 41 51.33 22.48 -89.22
C THR V 41 51.18 21.06 -88.61
N GLN V 42 52.30 20.35 -88.51
CA GLN V 42 52.32 19.02 -87.90
C GLN V 42 52.27 19.08 -86.36
N LYS V 43 52.85 20.13 -85.78
CA LYS V 43 52.80 20.31 -84.33
C LYS V 43 51.42 20.68 -83.84
N ALA V 44 50.64 21.32 -84.70
CA ALA V 44 49.26 21.72 -84.38
C ALA V 44 48.23 20.61 -84.60
N ILE V 45 48.41 19.81 -85.65
CA ILE V 45 47.56 18.64 -85.93
C ILE V 45 47.58 17.66 -84.74
N ASP V 46 48.74 17.47 -84.13
CA ASP V 46 48.88 16.55 -82.99
C ASP V 46 48.20 17.05 -81.71
N GLY V 47 48.37 18.34 -81.42
CA GLY V 47 47.80 18.94 -80.22
C GLY V 47 46.29 19.04 -80.18
N VAL V 48 45.69 19.21 -81.36
CA VAL V 48 44.25 19.32 -81.49
C VAL V 48 43.60 17.92 -81.44
N THR V 49 44.21 16.95 -82.11
CA THR V 49 43.72 15.57 -82.04
C THR V 49 43.85 15.00 -80.62
N ASN V 50 44.94 15.35 -79.93
CA ASN V 50 45.16 14.95 -78.52
C ASN V 50 44.17 15.55 -77.54
N LYS V 51 43.77 16.79 -77.78
CA LYS V 51 42.78 17.45 -76.95
C LYS V 51 41.40 16.80 -77.15
N VAL V 52 41.06 16.47 -78.40
CA VAL V 52 39.80 15.80 -78.76
C VAL V 52 39.63 14.45 -78.07
N ASN V 53 40.72 13.69 -78.04
CA ASN V 53 40.75 12.38 -77.42
C ASN V 53 40.84 12.48 -75.90
N SER V 54 41.43 13.58 -75.42
CA SER V 54 41.55 13.84 -73.98
C SER V 54 40.19 14.11 -73.39
N ILE V 55 39.29 14.63 -74.22
CA ILE V 55 37.93 14.90 -73.76
C ILE V 55 37.12 13.63 -73.68
N ILE V 56 37.06 12.93 -74.80
CA ILE V 56 36.35 11.66 -74.87
C ILE V 56 36.91 10.62 -73.89
N ASP V 57 38.23 10.58 -73.74
CA ASP V 57 38.87 9.60 -72.84
C ASP V 57 38.68 10.00 -71.36
N LYS V 58 38.68 11.30 -71.06
CA LYS V 58 38.45 11.77 -69.67
C LYS V 58 37.02 11.52 -69.18
N MET V 59 36.07 11.67 -70.10
CA MET V 59 34.68 11.42 -69.78
C MET V 59 34.38 9.94 -69.97
N ASN V 60 35.41 9.11 -69.81
CA ASN V 60 35.30 7.65 -69.88
C ASN V 60 34.20 7.12 -68.98
N THR V 61 34.42 7.31 -67.69
CA THR V 61 33.38 7.05 -66.72
C THR V 61 32.74 8.38 -66.35
N GLN V 62 31.42 8.35 -66.28
CA GLN V 62 30.58 9.50 -66.01
C GLN V 62 29.23 8.94 -65.55
N PHE V 63 28.52 9.63 -64.66
CA PHE V 63 27.33 9.04 -64.03
C PHE V 63 26.38 8.45 -65.04
N GLU V 64 25.90 7.26 -64.76
CA GLU V 64 24.96 6.63 -65.64
C GLU V 64 23.67 6.37 -64.88
N ALA V 65 22.60 7.03 -65.27
CA ALA V 65 21.37 6.95 -64.51
C ALA V 65 20.70 5.59 -64.61
N VAL V 66 20.13 5.13 -63.51
CA VAL V 66 19.35 3.90 -63.53
C VAL V 66 18.00 4.16 -62.92
N GLY V 67 17.00 3.49 -63.46
CA GLY V 67 15.63 3.64 -62.98
C GLY V 67 15.25 2.89 -61.70
N ARG V 68 14.55 3.56 -60.81
CA ARG V 68 14.07 2.88 -59.62
C ARG V 68 12.58 3.16 -59.38
N GLU V 69 11.82 2.14 -58.96
CA GLU V 69 10.43 2.39 -58.62
C GLU V 69 10.08 2.25 -57.14
N PHE V 70 9.28 3.21 -56.65
CA PHE V 70 8.88 3.27 -55.24
C PHE V 70 7.37 3.34 -55.04
N ASN V 71 6.84 2.81 -53.95
CA ASN V 71 5.38 2.81 -53.82
C ASN V 71 4.88 4.10 -53.18
N ASN V 72 3.57 4.18 -52.87
CA ASN V 72 2.99 5.46 -52.47
C ASN V 72 3.51 5.95 -51.15
N LEU V 73 3.90 5.02 -50.27
CA LEU V 73 4.43 5.44 -48.97
C LEU V 73 5.92 5.30 -49.02
N GLU V 74 6.53 5.54 -50.16
CA GLU V 74 7.96 5.65 -50.22
C GLU V 74 8.40 6.99 -50.86
N ARG V 75 7.66 8.05 -50.51
CA ARG V 75 7.84 9.40 -51.07
C ARG V 75 9.18 10.02 -50.74
N ARG V 76 9.55 9.87 -49.48
CA ARG V 76 10.84 10.37 -49.03
C ARG V 76 12.02 9.80 -49.81
N ILE V 77 12.17 8.47 -49.84
CA ILE V 77 13.32 7.91 -50.54
C ILE V 77 13.17 8.09 -52.04
N GLU V 78 11.93 8.12 -52.53
CA GLU V 78 11.69 8.42 -53.94
C GLU V 78 12.32 9.77 -54.28
N ASN V 79 12.14 10.74 -53.39
CA ASN V 79 12.62 12.08 -53.71
C ASN V 79 14.15 12.17 -53.65
N LEU V 80 14.69 11.54 -52.60
CA LEU V 80 16.12 11.34 -52.40
C LEU V 80 16.79 10.84 -53.67
N ASN V 81 16.25 9.75 -54.21
CA ASN V 81 16.71 9.18 -55.47
C ASN V 81 16.71 10.17 -56.65
N LYS V 82 15.59 10.85 -56.89
CA LYS V 82 15.51 11.81 -57.98
C LYS V 82 16.55 12.90 -57.79
N LYS V 83 16.60 13.45 -56.57
CA LYS V 83 17.52 14.53 -56.29
C LYS V 83 18.97 14.08 -56.46
N MET V 84 19.24 12.81 -56.19
CA MET V 84 20.57 12.28 -56.44
C MET V 84 20.93 12.17 -57.91
N GLU V 85 20.03 11.58 -58.71
CA GLU V 85 20.31 11.36 -60.13
C GLU V 85 20.42 12.72 -60.85
N ASP V 86 19.56 13.68 -60.51
CA ASP V 86 19.73 15.03 -61.04
C ASP V 86 21.09 15.58 -60.66
N GLY V 87 21.36 15.50 -59.36
CA GLY V 87 22.60 15.98 -58.80
C GLY V 87 23.80 15.63 -59.65
N PHE V 88 23.93 14.34 -59.95
CA PHE V 88 25.08 13.92 -60.72
C PHE V 88 25.08 14.37 -62.19
N LEU V 89 23.92 14.35 -62.87
CA LEU V 89 23.86 14.73 -64.30
C LEU V 89 24.38 16.11 -64.45
N ASP V 90 23.99 16.93 -63.48
CA ASP V 90 24.39 18.32 -63.38
C ASP V 90 25.90 18.52 -63.17
N VAL V 91 26.49 17.78 -62.24
CA VAL V 91 27.91 17.89 -61.98
C VAL V 91 28.62 17.61 -63.30
N TRP V 92 28.21 16.52 -63.94
CA TRP V 92 28.83 16.16 -65.19
C TRP V 92 28.48 17.09 -66.34
N THR V 93 27.30 17.73 -66.30
CA THR V 93 27.00 18.68 -67.36
C THR V 93 27.94 19.86 -67.28
N TYR V 94 28.13 20.39 -66.08
CA TYR V 94 29.08 21.48 -65.89
C TYR V 94 30.47 21.00 -66.32
N ASN V 95 30.85 19.81 -65.93
CA ASN V 95 32.18 19.34 -66.32
C ASN V 95 32.40 19.27 -67.84
N ALA V 96 31.35 18.93 -68.58
CA ALA V 96 31.49 18.85 -70.03
C ALA V 96 31.59 20.25 -70.64
N GLU V 97 30.62 21.09 -70.30
CA GLU V 97 30.60 22.44 -70.85
C GLU V 97 31.88 23.19 -70.52
N LEU V 98 32.32 23.17 -69.26
CA LEU V 98 33.49 23.94 -68.90
C LEU V 98 34.76 23.40 -69.55
N LEU V 99 34.83 22.10 -69.77
CA LEU V 99 36.04 21.57 -70.38
C LEU V 99 36.12 21.98 -71.83
N VAL V 100 34.98 21.92 -72.52
CA VAL V 100 34.91 22.41 -73.89
C VAL V 100 35.31 23.90 -73.93
N LEU V 101 34.63 24.72 -73.12
CA LEU V 101 34.96 26.14 -73.03
C LEU V 101 36.44 26.36 -72.76
N MET V 102 36.97 25.69 -71.74
CA MET V 102 38.36 25.89 -71.33
C MET V 102 39.33 25.54 -72.44
N GLU V 103 39.12 24.40 -73.09
CA GLU V 103 40.06 23.99 -74.09
C GLU V 103 39.73 24.61 -75.45
N ASN V 104 38.67 25.41 -75.50
CA ASN V 104 38.44 26.23 -76.69
C ASN V 104 39.33 27.46 -76.73
N GLU V 105 39.43 28.16 -75.63
CA GLU V 105 40.34 29.28 -75.54
C GLU V 105 41.78 28.80 -75.75
N ARG V 106 42.15 27.70 -75.10
CA ARG V 106 43.50 27.15 -75.20
C ARG V 106 43.79 26.65 -76.62
N THR V 107 42.73 26.43 -77.40
CA THR V 107 42.89 26.09 -78.81
C THR V 107 43.25 27.34 -79.64
N LEU V 108 42.52 28.43 -79.43
CA LEU V 108 42.76 29.66 -80.18
C LEU V 108 44.09 30.31 -79.81
N ASP V 109 44.44 30.29 -78.53
CA ASP V 109 45.72 30.87 -78.10
C ASP V 109 46.89 29.90 -78.29
N PHE V 110 46.62 28.69 -78.78
CA PHE V 110 47.72 27.81 -79.18
C PHE V 110 48.15 28.07 -80.62
N HIS V 111 47.17 28.26 -81.50
CA HIS V 111 47.42 28.60 -82.89
C HIS V 111 48.09 29.96 -82.96
N ASP V 112 47.70 30.84 -82.04
CA ASP V 112 48.28 32.16 -81.91
C ASP V 112 49.76 32.08 -81.56
N SER V 113 50.10 31.19 -80.65
CA SER V 113 51.49 31.01 -80.27
C SER V 113 52.38 30.45 -81.37
N ASN V 114 51.81 29.70 -82.31
CA ASN V 114 52.63 29.15 -83.39
C ASN V 114 52.96 30.12 -84.53
N VAL V 115 52.03 31.00 -84.87
CA VAL V 115 52.32 32.04 -85.86
C VAL V 115 53.47 32.95 -85.38
N LYS V 116 53.33 33.46 -84.16
CA LYS V 116 54.35 34.30 -83.53
C LYS V 116 55.67 33.53 -83.24
N ASN V 117 55.60 32.20 -83.16
CA ASN V 117 56.81 31.39 -82.94
C ASN V 117 57.55 30.97 -84.21
N LEU V 118 56.83 30.88 -85.33
CA LEU V 118 57.44 30.56 -86.61
C LEU V 118 58.00 31.83 -87.24
N TYR V 119 57.35 32.95 -86.93
CA TYR V 119 57.79 34.27 -87.35
C TYR V 119 59.08 34.67 -86.63
N ASP V 120 59.24 34.22 -85.39
CA ASP V 120 60.46 34.48 -84.62
C ASP V 120 61.51 33.41 -84.89
N LYS V 121 61.11 32.36 -85.61
CA LYS V 121 62.04 31.35 -86.11
C LYS V 121 62.77 31.94 -87.31
N VAL V 122 62.03 32.70 -88.12
CA VAL V 122 62.55 33.37 -89.31
C VAL V 122 63.28 34.69 -88.98
N ARG V 123 62.76 35.45 -88.02
CA ARG V 123 63.33 36.75 -87.66
C ARG V 123 64.76 36.64 -87.11
N LEU V 124 65.03 35.58 -86.34
CA LEU V 124 66.34 35.35 -85.75
C LEU V 124 67.28 34.56 -86.67
N GLN V 125 66.76 34.12 -87.82
CA GLN V 125 67.55 33.48 -88.87
C GLN V 125 68.17 34.50 -89.81
N LEU V 126 67.34 35.43 -90.25
CA LEU V 126 67.73 36.46 -91.20
C LEU V 126 68.56 37.54 -90.51
N ARG V 127 68.07 37.98 -89.35
CA ARG V 127 68.64 39.08 -88.56
C ARG V 127 68.70 40.41 -89.35
N ASP V 128 69.90 40.99 -89.50
CA ASP V 128 70.01 42.32 -90.12
C ASP V 128 70.36 42.29 -91.62
N ASN V 129 70.39 41.10 -92.22
CA ASN V 129 70.45 40.97 -93.69
C ASN V 129 69.09 41.30 -94.30
N ALA V 130 68.12 41.54 -93.43
CA ALA V 130 66.77 41.88 -93.84
C ALA V 130 66.15 42.89 -92.86
N LYS V 131 65.12 43.60 -93.33
CA LYS V 131 64.44 44.61 -92.53
C LYS V 131 63.04 44.18 -92.05
N GLU V 132 62.79 44.27 -90.74
CA GLU V 132 61.48 43.96 -90.17
C GLU V 132 60.48 45.10 -90.42
N LEU V 133 59.41 44.80 -91.16
CA LEU V 133 58.44 45.81 -91.58
C LEU V 133 57.35 46.20 -90.56
N GLY V 134 56.95 45.25 -89.72
CA GLY V 134 55.95 45.54 -88.69
C GLY V 134 54.54 45.05 -89.03
N ASN V 135 54.29 44.73 -90.29
CA ASN V 135 53.01 44.13 -90.68
C ASN V 135 53.15 42.61 -90.81
N GLY V 136 54.28 42.06 -90.37
CA GLY V 136 54.51 40.62 -90.41
C GLY V 136 55.39 40.15 -91.55
N CYS V 137 55.98 41.10 -92.29
CA CYS V 137 56.84 40.78 -93.42
C CYS V 137 58.32 41.11 -93.20
N PHE V 138 59.17 40.40 -93.95
CA PHE V 138 60.63 40.60 -93.94
C PHE V 138 61.07 41.14 -95.30
N GLU V 139 61.95 42.14 -95.31
CA GLU V 139 62.43 42.64 -96.59
C GLU V 139 63.95 42.48 -96.74
N PHE V 140 64.38 41.62 -97.67
CA PHE V 140 65.80 41.30 -97.88
C PHE V 140 66.60 42.47 -98.52
N TYR V 141 67.88 42.56 -98.17
CA TYR V 141 68.80 43.53 -98.77
C TYR V 141 69.70 42.91 -99.87
N HIS V 142 69.56 41.61 -100.09
CA HIS V 142 70.34 40.90 -101.11
C HIS V 142 69.49 39.97 -102.01
N LYS V 143 70.15 39.23 -102.90
CA LYS V 143 69.46 38.36 -103.86
C LYS V 143 69.14 36.95 -103.34
N CYS V 144 67.87 36.56 -103.45
CA CYS V 144 67.41 35.27 -102.95
C CYS V 144 66.42 34.60 -103.93
N ASP V 145 66.86 33.53 -104.60
CA ASP V 145 65.96 32.80 -105.52
C ASP V 145 65.21 31.66 -104.80
N ASN V 146 64.64 30.71 -105.57
CA ASN V 146 63.76 29.68 -105.01
C ASN V 146 64.42 28.63 -104.12
N GLU V 147 65.67 28.31 -104.41
CA GLU V 147 66.43 27.36 -103.61
C GLU V 147 66.99 28.02 -102.34
N CYS V 148 66.92 29.35 -102.29
CA CYS V 148 67.25 30.12 -101.09
C CYS V 148 66.04 30.30 -100.17
N MET V 149 64.87 30.53 -100.78
CA MET V 149 63.61 30.63 -100.03
C MET V 149 63.34 29.32 -99.30
N GLU V 150 63.67 28.21 -99.96
CA GLU V 150 63.54 26.89 -99.36
C GLU V 150 64.42 26.72 -98.13
N SER V 151 65.58 27.36 -98.13
CA SER V 151 66.50 27.30 -97.01
C SER V 151 66.02 28.14 -95.81
N VAL V 152 65.19 29.14 -96.08
CA VAL V 152 64.59 29.94 -95.02
C VAL V 152 63.46 29.16 -94.35
N ARG V 153 62.79 28.34 -95.16
CA ARG V 153 61.65 27.53 -94.72
C ARG V 153 62.02 26.41 -93.72
N ASN V 154 62.92 25.50 -94.10
CA ASN V 154 63.28 24.37 -93.23
C ASN V 154 64.48 24.61 -92.28
N GLY V 155 65.03 25.82 -92.31
CA GLY V 155 66.08 26.19 -91.37
C GLY V 155 67.54 26.15 -91.84
N THR V 156 67.75 26.02 -93.15
CA THR V 156 69.08 25.89 -93.74
C THR V 156 69.73 27.27 -94.01
N TYR V 157 68.93 28.33 -93.89
CA TYR V 157 69.34 29.70 -94.26
C TYR V 157 70.73 30.11 -93.73
N ASP V 158 71.60 30.53 -94.65
CA ASP V 158 72.98 30.91 -94.35
C ASP V 158 73.17 32.42 -94.16
N TYR V 159 73.52 32.83 -92.94
CA TYR V 159 73.75 34.26 -92.66
C TYR V 159 75.12 34.81 -93.17
N PRO V 160 76.26 34.20 -92.78
CA PRO V 160 77.56 34.73 -93.24
C PRO V 160 77.74 34.81 -94.76
N GLN V 161 76.94 34.05 -95.51
CA GLN V 161 77.06 33.97 -96.97
C GLN V 161 76.65 35.23 -97.74
N TYR V 162 75.54 35.84 -97.34
CA TYR V 162 75.00 37.02 -98.03
C TYR V 162 75.27 38.33 -97.31
N SER V 163 75.86 38.25 -96.12
CA SER V 163 76.07 39.43 -95.28
C SER V 163 76.99 40.46 -95.95
N GLU V 164 77.68 40.06 -97.00
CA GLU V 164 78.55 40.97 -97.77
C GLU V 164 77.71 41.89 -98.67
N GLU V 165 76.78 41.32 -99.43
CA GLU V 165 75.90 42.10 -100.30
C GLU V 165 74.86 42.89 -99.52
N ALA V 166 74.48 42.37 -98.36
CA ALA V 166 73.47 43.00 -97.51
C ALA V 166 74.00 44.21 -96.75
N ARG V 167 75.20 44.09 -96.18
CA ARG V 167 75.77 45.21 -95.42
C ARG V 167 76.34 46.28 -96.37
N LEU V 168 76.50 45.91 -97.64
CA LEU V 168 76.88 46.88 -98.67
C LEU V 168 75.66 47.54 -99.34
N LYS V 169 74.54 46.81 -99.36
CA LYS V 169 73.28 47.34 -99.87
C LYS V 169 72.57 48.21 -98.82
N ARG V 170 72.91 47.97 -97.55
CA ARG V 170 72.47 48.80 -96.43
C ARG V 170 73.27 50.10 -96.39
N GLU V 171 74.52 50.03 -96.83
CA GLU V 171 75.41 51.20 -96.94
C GLU V 171 74.93 52.18 -98.01
N GLU V 172 74.29 51.64 -99.05
CA GLU V 172 73.74 52.46 -100.13
C GLU V 172 72.50 53.25 -99.70
N ILE V 173 71.75 52.70 -98.75
CA ILE V 173 70.53 53.35 -98.24
C ILE V 173 70.89 54.28 -97.08
N SER V 174 72.07 54.05 -96.49
CA SER V 174 72.65 55.02 -95.54
C SER V 174 72.94 56.30 -96.31
N SER V 175 73.46 56.13 -97.53
CA SER V 175 73.80 57.24 -98.44
C SER V 175 72.55 57.92 -98.99
N GLY V 176 71.51 57.11 -99.21
CA GLY V 176 70.24 57.52 -99.79
C GLY V 176 69.50 56.24 -100.17
N ARG V 177 69.80 55.74 -101.37
CA ARG V 177 69.33 54.44 -101.89
C ARG V 177 70.29 53.93 -102.97
N GLY W 1 54.76 38.69 -63.83
CA GLY W 1 53.77 38.05 -64.67
C GLY W 1 54.36 37.24 -65.82
N LEU W 2 53.51 36.42 -66.46
CA LEU W 2 53.93 35.52 -67.54
C LEU W 2 54.47 36.21 -68.81
N PHE W 3 54.06 37.45 -69.06
CA PHE W 3 54.51 38.17 -70.24
C PHE W 3 55.55 39.23 -69.88
N GLY W 4 55.82 39.37 -68.58
CA GLY W 4 56.92 40.20 -68.11
C GLY W 4 56.74 41.70 -68.26
N ALA W 5 55.49 42.12 -68.47
CA ALA W 5 55.19 43.53 -68.68
C ALA W 5 54.78 44.22 -67.37
N ILE W 6 53.68 43.77 -66.76
CA ILE W 6 53.29 44.27 -65.43
C ILE W 6 54.35 43.86 -64.41
N ALA W 7 54.85 44.83 -63.66
CA ALA W 7 55.96 44.63 -62.70
C ALA W 7 57.11 43.84 -63.30
N GLY W 8 57.45 44.18 -64.55
CA GLY W 8 58.54 43.55 -65.27
C GLY W 8 59.50 44.60 -65.80
N PHE W 9 59.48 44.85 -67.11
CA PHE W 9 60.36 45.88 -67.65
C PHE W 9 59.83 47.30 -67.39
N ILE W 10 58.52 47.47 -67.25
CA ILE W 10 57.96 48.73 -66.68
C ILE W 10 57.51 48.51 -65.24
N GLU W 11 58.43 48.62 -64.28
CA GLU W 11 58.09 48.37 -62.87
C GLU W 11 57.41 49.56 -62.18
N GLY W 12 56.23 49.30 -61.60
CA GLY W 12 55.41 50.35 -61.00
C GLY W 12 54.38 50.91 -61.96
N GLY W 13 53.23 51.31 -61.42
CA GLY W 13 52.19 51.91 -62.22
C GLY W 13 52.01 53.40 -61.96
N TRP W 14 51.26 54.06 -62.83
CA TRP W 14 51.09 55.52 -62.79
C TRP W 14 49.93 55.90 -61.91
N GLN W 15 50.27 56.45 -60.73
CA GLN W 15 49.31 57.00 -59.78
C GLN W 15 48.29 57.90 -60.50
N GLY W 16 48.74 58.51 -61.58
CA GLY W 16 47.97 59.51 -62.29
C GLY W 16 47.11 59.16 -63.50
N MET W 17 47.17 57.93 -64.00
CA MET W 17 46.32 57.59 -65.15
C MET W 17 45.03 56.93 -64.67
N VAL W 18 44.04 57.76 -64.33
CA VAL W 18 42.82 57.32 -63.68
C VAL W 18 41.60 57.16 -64.60
N ASP W 19 41.80 57.14 -65.91
CA ASP W 19 40.66 57.04 -66.83
C ASP W 19 40.80 55.92 -67.88
N GLY W 20 41.57 54.90 -67.53
CA GLY W 20 41.73 53.74 -68.38
C GLY W 20 42.69 52.79 -67.69
N TRP W 21 42.76 51.55 -68.15
CA TRP W 21 43.67 50.59 -67.56
C TRP W 21 45.04 50.68 -68.23
N TYR W 22 45.03 50.84 -69.54
CA TYR W 22 46.26 51.00 -70.31
C TYR W 22 46.24 52.32 -71.08
N GLY W 23 47.42 52.91 -71.29
CA GLY W 23 47.52 54.16 -72.01
C GLY W 23 48.93 54.65 -72.28
N TYR W 24 49.03 55.95 -72.54
CA TYR W 24 50.28 56.58 -72.95
C TYR W 24 50.68 57.72 -72.00
N HIS W 25 51.97 58.05 -72.02
CA HIS W 25 52.49 59.27 -71.39
C HIS W 25 53.41 59.98 -72.39
N HIS W 26 52.87 60.93 -73.16
CA HIS W 26 53.67 61.58 -74.21
C HIS W 26 54.47 62.74 -73.63
N SER W 27 55.53 63.14 -74.34
CA SER W 27 56.39 64.19 -73.86
C SER W 27 57.18 64.83 -75.02
N ASN W 28 56.65 65.93 -75.56
CA ASN W 28 57.34 66.64 -76.63
C ASN W 28 57.77 68.04 -76.18
N GLU W 29 57.96 68.94 -77.14
CA GLU W 29 58.40 70.29 -76.82
C GLU W 29 57.29 71.12 -76.11
N GLN W 30 56.02 70.87 -76.47
CA GLN W 30 54.90 71.60 -75.87
C GLN W 30 54.64 71.23 -74.42
N GLY W 31 55.24 70.12 -73.97
CA GLY W 31 55.05 69.60 -72.63
C GLY W 31 54.73 68.11 -72.62
N SER W 32 54.12 67.62 -71.55
CA SER W 32 53.80 66.20 -71.44
C SER W 32 52.44 65.95 -70.80
N GLY W 33 52.03 64.68 -70.72
CA GLY W 33 50.75 64.32 -70.12
C GLY W 33 50.30 62.86 -70.24
N TYR W 34 49.23 62.53 -69.53
CA TYR W 34 48.67 61.17 -69.51
C TYR W 34 47.41 61.06 -70.37
N ALA W 35 47.36 60.02 -71.19
CA ALA W 35 46.19 59.76 -72.03
C ALA W 35 45.94 58.25 -72.19
N ALA W 36 44.76 57.80 -71.79
CA ALA W 36 44.43 56.38 -71.83
C ALA W 36 43.93 55.94 -73.22
N ASP W 37 44.38 54.77 -73.65
CA ASP W 37 43.96 54.22 -74.94
C ASP W 37 42.51 53.74 -74.85
N LYS W 38 41.63 54.31 -75.68
CA LYS W 38 40.21 53.98 -75.59
C LYS W 38 39.88 52.55 -76.02
N GLU W 39 40.67 51.95 -76.91
CA GLU W 39 40.33 50.64 -77.47
C GLU W 39 40.80 49.42 -76.66
N SER W 40 41.98 49.49 -76.05
CA SER W 40 42.45 48.38 -75.22
C SER W 40 41.77 48.38 -73.83
N THR W 41 41.43 49.57 -73.33
CA THR W 41 40.64 49.73 -72.10
C THR W 41 39.25 49.13 -72.29
N GLN W 42 38.73 49.25 -73.50
CA GLN W 42 37.43 48.70 -73.86
C GLN W 42 37.52 47.18 -74.08
N LYS W 43 38.67 46.72 -74.57
CA LYS W 43 38.89 45.29 -74.79
C LYS W 43 39.07 44.51 -73.48
N ALA W 44 39.53 45.20 -72.44
CA ALA W 44 39.68 44.62 -71.10
C ALA W 44 38.40 44.65 -70.25
N ILE W 45 37.61 45.71 -70.36
CA ILE W 45 36.30 45.80 -69.69
C ILE W 45 35.38 44.66 -70.17
N ASP W 46 35.46 44.32 -71.46
CA ASP W 46 34.62 43.25 -72.04
C ASP W 46 35.01 41.84 -71.59
N GLY W 47 36.30 41.56 -71.49
CA GLY W 47 36.78 40.25 -71.08
C GLY W 47 36.51 39.94 -69.61
N VAL W 48 36.54 40.99 -68.78
CA VAL W 48 36.33 40.87 -67.35
C VAL W 48 34.84 40.76 -66.99
N THR W 49 34.00 41.59 -67.60
CA THR W 49 32.55 41.53 -67.39
C THR W 49 31.94 40.21 -67.89
N ASN W 50 32.43 39.72 -69.03
CA ASN W 50 32.03 38.43 -69.60
C ASN W 50 32.48 37.22 -68.76
N LYS W 51 33.65 37.32 -68.14
CA LYS W 51 34.14 36.25 -67.28
C LYS W 51 33.27 36.14 -66.03
N VAL W 52 32.90 37.29 -65.46
CA VAL W 52 32.01 37.39 -64.29
C VAL W 52 30.63 36.78 -64.51
N ASN W 53 30.06 37.06 -65.69
CA ASN W 53 28.76 36.54 -66.07
C ASN W 53 28.82 35.08 -66.53
N SER W 54 29.98 34.64 -67.03
CA SER W 54 30.18 33.23 -67.37
C SER W 54 30.23 32.41 -66.09
N ILE W 55 30.66 33.04 -65.00
CA ILE W 55 30.71 32.39 -63.69
C ILE W 55 29.34 32.31 -63.04
N ILE W 56 28.64 33.43 -62.94
CA ILE W 56 27.29 33.44 -62.39
C ILE W 56 26.35 32.53 -63.19
N ASP W 57 26.50 32.52 -64.52
CA ASP W 57 25.64 31.72 -65.41
C ASP W 57 25.95 30.21 -65.36
N LYS W 58 27.21 29.85 -65.14
CA LYS W 58 27.59 28.43 -65.02
C LYS W 58 26.99 27.80 -63.78
N MET W 59 26.95 28.58 -62.70
CA MET W 59 26.37 28.12 -61.46
C MET W 59 24.87 28.38 -61.41
N ASN W 60 24.26 28.51 -62.61
CA ASN W 60 22.81 28.70 -62.74
C ASN W 60 22.09 27.54 -62.06
N THR W 61 22.33 26.34 -62.57
CA THR W 61 21.97 25.14 -61.85
C THR W 61 23.21 24.59 -61.16
N GLN W 62 23.00 24.26 -59.89
CA GLN W 62 23.99 23.77 -58.95
C GLN W 62 23.19 23.14 -57.83
N PHE W 63 23.72 22.11 -57.16
CA PHE W 63 22.91 21.39 -56.18
C PHE W 63 22.28 22.31 -55.16
N GLU W 64 21.00 22.06 -54.92
CA GLU W 64 20.22 22.77 -53.94
C GLU W 64 19.71 21.78 -52.93
N ALA W 65 20.09 21.97 -51.69
CA ALA W 65 19.75 21.05 -50.62
C ALA W 65 18.26 21.08 -50.27
N VAL W 66 17.71 19.94 -49.89
CA VAL W 66 16.34 19.82 -49.41
C VAL W 66 16.28 19.14 -48.05
N GLY W 67 15.32 19.56 -47.25
CA GLY W 67 15.16 18.97 -45.93
C GLY W 67 14.40 17.64 -45.90
N ARG W 68 14.99 16.64 -45.24
CA ARG W 68 14.28 15.38 -45.08
C ARG W 68 14.33 14.90 -43.64
N GLU W 69 13.18 14.37 -43.19
CA GLU W 69 13.09 13.80 -41.85
C GLU W 69 12.89 12.29 -41.81
N PHE W 70 13.67 11.62 -40.97
CA PHE W 70 13.63 10.17 -40.86
C PHE W 70 13.45 9.76 -39.41
N ASN W 71 12.73 8.65 -39.15
CA ASN W 71 12.46 8.31 -37.76
C ASN W 71 13.56 7.52 -37.19
N ASN W 72 13.33 6.97 -36.00
CA ASN W 72 14.37 6.33 -35.19
C ASN W 72 14.97 5.03 -35.70
N LEU W 73 14.17 4.22 -36.41
CA LEU W 73 14.65 2.97 -36.97
C LEU W 73 14.82 3.19 -38.45
N GLU W 74 15.18 4.41 -38.83
CA GLU W 74 15.57 4.70 -40.18
C GLU W 74 16.92 5.35 -40.23
N ARG W 75 17.85 4.88 -39.40
CA ARG W 75 19.18 5.52 -39.25
C ARG W 75 20.04 5.42 -40.48
N ARG W 76 19.99 4.25 -41.10
CA ARG W 76 20.72 4.05 -42.34
C ARG W 76 20.34 5.04 -43.45
N ILE W 77 19.08 5.08 -43.90
CA ILE W 77 18.80 6.00 -45.01
C ILE W 77 18.89 7.43 -44.51
N GLU W 78 18.76 7.63 -43.20
CA GLU W 78 19.08 8.93 -42.69
C GLU W 78 20.55 9.30 -42.96
N ASN W 79 21.46 8.33 -42.79
CA ASN W 79 22.89 8.66 -42.95
C ASN W 79 23.29 8.88 -44.42
N LEU W 80 22.80 7.98 -45.27
CA LEU W 80 22.88 8.10 -46.72
C LEU W 80 22.46 9.50 -47.17
N ASN W 81 21.30 9.93 -46.71
CA ASN W 81 20.85 11.25 -47.05
C ASN W 81 21.80 12.39 -46.64
N LYS W 82 22.29 12.41 -45.40
CA LYS W 82 23.24 13.46 -45.01
C LYS W 82 24.49 13.41 -45.85
N LYS W 83 25.06 12.20 -46.01
CA LYS W 83 26.29 12.05 -46.81
C LYS W 83 26.13 12.42 -48.27
N MET W 84 24.94 12.22 -48.82
CA MET W 84 24.67 12.70 -50.17
C MET W 84 24.63 14.22 -50.27
N GLU W 85 23.84 14.85 -49.40
CA GLU W 85 23.63 16.30 -49.47
C GLU W 85 24.95 17.00 -49.18
N ASP W 86 25.73 16.48 -48.24
CA ASP W 86 27.10 16.96 -48.07
C ASP W 86 27.94 16.82 -49.31
N GLY W 87 27.97 15.61 -49.84
CA GLY W 87 28.76 15.29 -51.01
C GLY W 87 28.68 16.35 -52.09
N PHE W 88 27.47 16.66 -52.49
CA PHE W 88 27.30 17.61 -53.58
C PHE W 88 27.71 19.04 -53.17
N LEU W 89 27.38 19.46 -51.95
CA LEU W 89 27.74 20.81 -51.51
C LEU W 89 29.25 21.00 -51.62
N ASP W 90 29.97 19.92 -51.32
CA ASP W 90 31.42 19.93 -51.43
C ASP W 90 31.92 20.07 -52.87
N VAL W 91 31.37 19.24 -53.75
CA VAL W 91 31.75 19.25 -55.15
C VAL W 91 31.53 20.64 -55.70
N TRP W 92 30.35 21.19 -55.45
CA TRP W 92 30.07 22.51 -55.96
C TRP W 92 30.88 23.58 -55.28
N THR W 93 31.31 23.33 -54.05
CA THR W 93 32.21 24.24 -53.38
C THR W 93 33.56 24.20 -54.05
N TYR W 94 34.06 22.99 -54.32
CA TYR W 94 35.34 22.84 -55.00
C TYR W 94 35.29 23.54 -56.35
N ASN W 95 34.20 23.33 -57.09
CA ASN W 95 34.08 23.95 -58.40
C ASN W 95 34.12 25.48 -58.36
N ALA W 96 33.50 26.10 -57.36
CA ALA W 96 33.44 27.55 -57.34
C ALA W 96 34.79 28.13 -56.99
N GLU W 97 35.38 27.65 -55.91
CA GLU W 97 36.66 28.19 -55.48
C GLU W 97 37.70 28.05 -56.59
N LEU W 98 37.79 26.85 -57.17
CA LEU W 98 38.81 26.59 -58.17
C LEU W 98 38.59 27.36 -59.45
N LEU W 99 37.34 27.64 -59.77
CA LEU W 99 37.08 28.39 -61.00
C LEU W 99 37.58 29.80 -60.78
N VAL W 100 37.31 30.35 -59.59
CA VAL W 100 37.82 31.66 -59.22
C VAL W 100 39.34 31.72 -59.24
N LEU W 101 39.98 30.79 -58.54
CA LEU W 101 41.43 30.71 -58.56
C LEU W 101 41.95 30.68 -60.00
N MET W 102 41.36 29.82 -60.82
CA MET W 102 41.80 29.68 -62.20
C MET W 102 41.63 30.96 -63.00
N GLU W 103 40.46 31.58 -62.89
CA GLU W 103 40.17 32.76 -63.69
C GLU W 103 40.68 34.04 -63.04
N ASN W 104 41.29 33.92 -61.87
CA ASN W 104 42.05 35.05 -61.33
C ASN W 104 43.39 35.16 -62.04
N GLU W 105 44.02 34.01 -62.23
CA GLU W 105 45.26 33.95 -62.97
C GLU W 105 45.04 34.48 -64.40
N ARG W 106 43.96 34.08 -65.06
CA ARG W 106 43.70 34.58 -66.41
C ARG W 106 43.36 36.07 -66.40
N THR W 107 43.00 36.59 -65.23
CA THR W 107 42.75 38.02 -65.11
C THR W 107 44.07 38.77 -65.09
N LEU W 108 45.02 38.30 -64.28
CA LEU W 108 46.30 38.99 -64.18
C LEU W 108 47.17 38.88 -65.43
N ASP W 109 47.20 37.71 -66.04
CA ASP W 109 48.05 37.53 -67.21
C ASP W 109 47.40 38.04 -68.48
N PHE W 110 46.18 38.55 -68.37
CA PHE W 110 45.52 39.28 -69.46
C PHE W 110 45.88 40.76 -69.47
N HIS W 111 45.89 41.36 -68.28
CA HIS W 111 46.29 42.76 -68.13
C HIS W 111 47.76 42.87 -68.50
N ASP W 112 48.51 41.84 -68.13
CA ASP W 112 49.92 41.73 -68.46
C ASP W 112 50.16 41.64 -69.97
N SER W 113 49.38 40.79 -70.63
CA SER W 113 49.44 40.64 -72.08
C SER W 113 48.99 41.89 -72.82
N ASN W 114 48.14 42.71 -72.20
CA ASN W 114 47.70 43.94 -72.84
C ASN W 114 48.72 45.06 -72.80
N VAL W 115 49.49 45.16 -71.72
CA VAL W 115 50.57 46.15 -71.70
C VAL W 115 51.56 45.88 -72.82
N LYS W 116 52.02 44.64 -72.90
CA LYS W 116 52.97 44.20 -73.92
C LYS W 116 52.41 44.23 -75.37
N ASN W 117 51.08 44.16 -75.54
CA ASN W 117 50.49 44.23 -76.89
C ASN W 117 50.18 45.63 -77.44
N LEU W 118 49.96 46.59 -76.55
CA LEU W 118 49.75 47.97 -76.98
C LEU W 118 51.10 48.68 -77.12
N TYR W 119 52.06 48.24 -76.31
CA TYR W 119 53.44 48.70 -76.38
C TYR W 119 54.19 48.24 -77.65
N ASP W 120 53.88 47.04 -78.13
CA ASP W 120 54.47 46.54 -79.36
C ASP W 120 53.65 46.92 -80.58
N LYS W 121 52.46 47.47 -80.34
CA LYS W 121 51.68 48.04 -81.42
C LYS W 121 52.34 49.39 -81.75
N VAL W 122 52.89 50.03 -80.71
CA VAL W 122 53.63 51.29 -80.85
C VAL W 122 55.06 51.07 -81.37
N ARG W 123 55.72 50.01 -80.89
CA ARG W 123 57.09 49.68 -81.29
C ARG W 123 57.25 49.37 -82.77
N LEU W 124 56.26 48.69 -83.35
CA LEU W 124 56.28 48.33 -84.77
C LEU W 124 55.62 49.42 -85.63
N GLN W 125 55.15 50.48 -84.99
CA GLN W 125 54.68 51.69 -85.68
C GLN W 125 55.84 52.64 -85.95
N LEU W 126 56.66 52.84 -84.91
CA LEU W 126 57.79 53.75 -84.97
C LEU W 126 58.99 53.11 -85.70
N ARG W 127 59.32 51.88 -85.32
CA ARG W 127 60.50 51.16 -85.81
C ARG W 127 61.80 51.91 -85.51
N ASP W 128 62.54 52.26 -86.55
CA ASP W 128 63.85 52.89 -86.36
C ASP W 128 63.84 54.43 -86.44
N ASN W 129 62.65 55.03 -86.54
CA ASN W 129 62.52 56.48 -86.35
C ASN W 129 62.62 56.83 -84.87
N ALA W 130 62.70 55.79 -84.04
CA ALA W 130 62.82 55.95 -82.60
C ALA W 130 63.71 54.88 -81.93
N LYS W 131 64.24 55.21 -80.75
CA LYS W 131 65.12 54.30 -80.00
C LYS W 131 64.48 53.67 -78.76
N GLU W 132 64.51 52.34 -78.66
CA GLU W 132 64.02 51.61 -77.49
C GLU W 132 64.99 51.69 -76.30
N LEU W 133 64.52 52.30 -75.20
CA LEU W 133 65.36 52.55 -74.03
C LEU W 133 65.53 51.37 -73.07
N GLY W 134 64.52 50.51 -73.01
CA GLY W 134 64.56 49.33 -72.15
C GLY W 134 63.78 49.40 -70.85
N ASN W 135 63.40 50.61 -70.44
CA ASN W 135 62.54 50.78 -69.26
C ASN W 135 61.07 50.98 -69.67
N GLY W 136 60.77 50.73 -70.95
CA GLY W 136 59.42 50.85 -71.45
C GLY W 136 59.12 52.10 -72.26
N CYS W 137 60.15 52.90 -72.53
CA CYS W 137 60.00 54.15 -73.29
C CYS W 137 60.63 54.12 -74.69
N PHE W 138 60.11 54.98 -75.56
CA PHE W 138 60.63 55.19 -76.91
C PHE W 138 61.21 56.60 -77.08
N GLU W 139 62.35 56.71 -77.75
CA GLU W 139 62.97 58.02 -78.02
C GLU W 139 62.98 58.39 -79.51
N PHE W 140 62.23 59.41 -79.90
CA PHE W 140 62.13 59.81 -81.32
C PHE W 140 63.42 60.47 -81.81
N TYR W 141 63.73 60.28 -83.09
CA TYR W 141 64.85 60.94 -83.76
C TYR W 141 64.41 62.15 -84.58
N HIS W 142 63.11 62.45 -84.57
CA HIS W 142 62.57 63.61 -85.29
C HIS W 142 61.60 64.46 -84.45
N LYS W 143 60.98 65.44 -85.12
CA LYS W 143 60.07 66.39 -84.47
C LYS W 143 58.64 65.83 -84.42
N CYS W 144 58.06 65.79 -83.23
CA CYS W 144 56.71 65.25 -83.07
C CYS W 144 55.84 66.09 -82.11
N ASP W 145 54.90 66.84 -82.66
CA ASP W 145 53.98 67.65 -81.85
C ASP W 145 52.68 66.89 -81.52
N ASN W 146 51.64 67.63 -81.13
CA ASN W 146 50.37 67.06 -80.64
C ASN W 146 49.50 66.35 -81.69
N GLU W 147 49.57 66.82 -82.93
CA GLU W 147 48.84 66.16 -84.02
C GLU W 147 49.61 64.94 -84.54
N CYS W 148 50.87 64.86 -84.15
CA CYS W 148 51.72 63.69 -84.41
C CYS W 148 51.60 62.65 -83.29
N MET W 149 51.54 63.11 -82.05
CA MET W 149 51.33 62.22 -80.90
C MET W 149 49.98 61.52 -81.02
N GLU W 150 48.98 62.25 -81.52
CA GLU W 150 47.64 61.71 -81.78
C GLU W 150 47.67 60.58 -82.81
N SER W 151 48.56 60.70 -83.79
CA SER W 151 48.70 59.68 -84.83
C SER W 151 49.42 58.42 -84.32
N VAL W 152 50.22 58.56 -83.26
CA VAL W 152 50.84 57.40 -82.62
C VAL W 152 49.81 56.68 -81.75
N ARG W 153 48.91 57.47 -81.16
CA ARG W 153 47.87 56.95 -80.28
C ARG W 153 46.87 56.07 -81.03
N ASN W 154 46.20 56.64 -82.03
CA ASN W 154 45.14 55.96 -82.77
C ASN W 154 45.57 55.19 -84.04
N GLY W 155 46.86 55.18 -84.36
CA GLY W 155 47.37 54.37 -85.46
C GLY W 155 47.57 55.01 -86.84
N THR W 156 47.48 56.33 -86.91
CA THR W 156 47.63 57.06 -88.18
C THR W 156 49.12 57.31 -88.44
N TYR W 157 49.95 57.04 -87.43
CA TYR W 157 51.38 57.37 -87.45
C TYR W 157 52.02 56.97 -88.78
N ASP W 158 52.59 57.97 -89.45
CA ASP W 158 53.15 57.82 -90.78
C ASP W 158 54.65 57.55 -90.73
N TYR W 159 55.07 56.37 -91.19
CA TYR W 159 56.49 56.04 -91.20
C TYR W 159 57.26 56.76 -92.32
N PRO W 160 56.84 56.62 -93.61
CA PRO W 160 57.57 57.32 -94.69
C PRO W 160 57.67 58.85 -94.53
N GLN W 161 56.78 59.45 -93.75
CA GLN W 161 56.72 60.90 -93.58
C GLN W 161 57.91 61.49 -92.79
N TYR W 162 58.30 60.81 -91.72
CA TYR W 162 59.39 61.28 -90.86
C TYR W 162 60.68 60.49 -91.04
N SER W 163 60.66 59.46 -91.89
CA SER W 163 61.79 58.54 -92.05
C SER W 163 63.08 59.20 -92.56
N GLU W 164 62.98 60.38 -93.15
CA GLU W 164 64.17 61.09 -93.63
C GLU W 164 64.94 61.82 -92.52
N GLU W 165 64.21 62.53 -91.65
CA GLU W 165 64.84 63.28 -90.55
C GLU W 165 65.40 62.33 -89.50
N ALA W 166 64.82 61.15 -89.41
CA ALA W 166 65.25 60.14 -88.45
C ALA W 166 66.54 59.43 -88.89
N ARG W 167 66.65 59.13 -90.19
CA ARG W 167 67.83 58.43 -90.70
C ARG W 167 69.03 59.38 -90.84
N LEU W 168 68.75 60.68 -90.81
CA LEU W 168 69.79 61.69 -90.78
C LEU W 168 70.17 62.09 -89.33
N LYS W 169 69.23 61.99 -88.40
CA LYS W 169 69.51 62.25 -86.98
C LYS W 169 70.11 61.03 -86.24
N ARG W 170 69.92 59.82 -86.79
CA ARG W 170 70.57 58.63 -86.24
C ARG W 170 72.06 58.66 -86.54
N GLU W 171 72.38 59.20 -87.70
CA GLU W 171 73.75 59.37 -88.16
C GLU W 171 74.51 60.43 -87.34
N GLU W 172 73.78 61.41 -86.82
CA GLU W 172 74.37 62.48 -85.98
C GLU W 172 74.82 61.99 -84.60
N ILE W 173 74.11 60.98 -84.06
CA ILE W 173 74.50 60.40 -82.78
C ILE W 173 75.45 59.22 -83.04
N SER W 174 75.41 58.70 -84.28
CA SER W 174 76.40 57.74 -84.76
C SER W 174 77.76 58.41 -84.86
N SER W 175 77.77 59.67 -85.29
CA SER W 175 79.00 60.44 -85.44
C SER W 175 79.60 60.71 -84.07
N GLY W 176 78.74 60.91 -83.08
CA GLY W 176 79.22 61.16 -81.74
C GLY W 176 78.64 62.37 -81.00
N ARG W 177 77.54 62.93 -81.52
CA ARG W 177 76.74 64.05 -80.96
C ARG W 177 76.60 65.20 -81.96
N GLY X 1 57.41 24.60 -76.94
CA GLY X 1 56.63 25.22 -75.89
C GLY X 1 55.93 26.48 -76.37
N LEU X 2 55.00 27.00 -75.57
CA LEU X 2 54.16 28.15 -75.96
C LEU X 2 54.91 29.49 -76.13
N PHE X 3 56.04 29.65 -75.45
CA PHE X 3 56.78 30.91 -75.52
C PHE X 3 58.06 30.77 -76.36
N GLY X 4 58.31 29.56 -76.84
CA GLY X 4 59.36 29.29 -77.82
C GLY X 4 60.79 29.37 -77.33
N ALA X 5 60.97 29.33 -76.02
CA ALA X 5 62.30 29.41 -75.41
C ALA X 5 62.87 28.02 -75.10
N ILE X 6 62.21 27.29 -74.21
CA ILE X 6 62.58 25.89 -73.95
C ILE X 6 62.38 25.04 -75.20
N ALA X 7 63.43 24.32 -75.61
CA ALA X 7 63.43 23.54 -76.84
C ALA X 7 62.88 24.36 -78.02
N GLY X 8 63.29 25.62 -78.10
CA GLY X 8 62.89 26.51 -79.17
C GLY X 8 64.08 27.16 -79.85
N PHE X 9 64.27 28.46 -79.65
CA PHE X 9 65.42 29.12 -80.27
C PHE X 9 66.71 28.80 -79.51
N ILE X 10 66.60 28.49 -78.21
CA ILE X 10 67.71 27.86 -77.49
C ILE X 10 67.42 26.37 -77.36
N GLU X 11 67.70 25.62 -78.42
CA GLU X 11 67.41 24.20 -78.40
C GLU X 11 68.53 23.33 -77.75
N GLY X 12 68.13 22.57 -76.72
CA GLY X 12 69.03 21.83 -75.85
C GLY X 12 69.40 22.58 -74.58
N GLY X 13 69.54 21.85 -73.47
CA GLY X 13 69.91 22.42 -72.18
C GLY X 13 71.31 22.08 -71.67
N TRP X 14 71.75 22.80 -70.62
CA TRP X 14 73.11 22.65 -70.12
C TRP X 14 73.30 21.59 -69.04
N GLN X 15 73.88 20.46 -69.43
CA GLN X 15 74.31 19.40 -68.51
C GLN X 15 75.08 19.96 -67.31
N GLY X 16 75.78 21.08 -67.53
CA GLY X 16 76.70 21.60 -66.54
C GLY X 16 76.19 22.63 -65.56
N MET X 17 74.97 23.14 -65.74
CA MET X 17 74.47 24.06 -64.73
C MET X 17 73.57 23.33 -63.73
N VAL X 18 74.18 22.74 -62.72
CA VAL X 18 73.49 21.88 -61.74
C VAL X 18 73.16 22.64 -60.44
N ASP X 19 73.19 23.97 -60.50
CA ASP X 19 72.96 24.79 -59.33
C ASP X 19 71.85 25.84 -59.51
N GLY X 20 70.94 25.58 -60.45
CA GLY X 20 69.81 26.46 -60.67
C GLY X 20 68.96 26.02 -61.85
N TRP X 21 67.77 26.59 -61.96
CA TRP X 21 66.89 26.31 -63.09
C TRP X 21 67.25 27.21 -64.26
N TYR X 22 67.49 28.48 -63.96
CA TYR X 22 67.91 29.44 -64.97
C TYR X 22 69.23 30.07 -64.56
N GLY X 23 70.06 30.40 -65.54
CA GLY X 23 71.34 31.02 -65.27
C GLY X 23 72.15 31.44 -66.47
N TYR X 24 73.45 31.61 -66.25
CA TYR X 24 74.36 32.16 -67.25
C TYR X 24 75.54 31.25 -67.58
N HIS X 25 76.11 31.47 -68.77
CA HIS X 25 77.41 30.96 -69.16
C HIS X 25 78.20 32.10 -69.78
N HIS X 26 79.01 32.81 -68.99
CA HIS X 26 79.75 33.94 -69.55
C HIS X 26 81.03 33.39 -70.15
N SER X 27 81.62 34.14 -71.07
CA SER X 27 82.82 33.67 -71.78
C SER X 27 83.58 34.87 -72.34
N ASN X 28 84.55 35.35 -71.56
CA ASN X 28 85.38 36.46 -72.01
C ASN X 28 86.84 36.05 -72.18
N GLU X 29 87.73 37.03 -72.10
CA GLU X 29 89.16 36.79 -72.31
C GLU X 29 89.79 35.96 -71.17
N GLN X 30 89.33 36.14 -69.93
CA GLN X 30 89.86 35.38 -68.78
C GLN X 30 89.43 33.92 -68.75
N GLY X 31 88.41 33.58 -69.53
CA GLY X 31 87.85 32.24 -69.56
C GLY X 31 86.33 32.23 -69.42
N SER X 32 85.77 31.09 -69.00
CA SER X 32 84.31 30.94 -68.89
C SER X 32 83.85 30.11 -67.68
N GLY X 33 82.53 29.98 -67.51
CA GLY X 33 81.98 29.16 -66.43
C GLY X 33 80.47 29.23 -66.24
N TYR X 34 79.93 28.32 -65.42
CA TYR X 34 78.50 28.24 -65.15
C TYR X 34 78.08 28.76 -63.75
N ALA X 35 77.11 29.67 -63.73
CA ALA X 35 76.55 30.22 -62.51
C ALA X 35 75.07 30.62 -62.70
N ALA X 36 74.20 30.06 -61.87
CA ALA X 36 72.75 30.27 -61.99
C ALA X 36 72.25 31.59 -61.34
N ASP X 37 71.23 32.18 -61.96
CA ASP X 37 70.62 33.42 -61.47
C ASP X 37 69.84 33.26 -60.16
N LYS X 38 70.21 34.08 -59.18
CA LYS X 38 69.67 33.94 -57.82
C LYS X 38 68.16 34.26 -57.67
N GLU X 39 67.63 35.21 -58.44
CA GLU X 39 66.23 35.63 -58.24
C GLU X 39 65.19 34.83 -59.00
N SER X 40 65.51 34.40 -60.23
CA SER X 40 64.55 33.63 -61.02
C SER X 40 64.44 32.17 -60.56
N THR X 41 65.54 31.59 -60.08
CA THR X 41 65.53 30.26 -59.46
C THR X 41 64.68 30.29 -58.19
N GLN X 42 64.69 31.44 -57.52
CA GLN X 42 63.90 31.65 -56.31
C GLN X 42 62.39 31.88 -56.59
N LYS X 43 62.07 32.52 -57.70
CA LYS X 43 60.68 32.70 -58.12
C LYS X 43 60.02 31.43 -58.64
N ALA X 44 60.83 30.52 -59.16
CA ALA X 44 60.35 29.23 -59.67
C ALA X 44 60.20 28.17 -58.58
N ILE X 45 61.07 28.18 -57.57
CA ILE X 45 60.93 27.33 -56.40
C ILE X 45 59.58 27.61 -55.71
N ASP X 46 59.19 28.88 -55.68
CA ASP X 46 57.94 29.33 -55.04
C ASP X 46 56.66 28.91 -55.78
N GLY X 47 56.68 29.00 -57.11
CA GLY X 47 55.52 28.65 -57.92
C GLY X 47 55.19 27.16 -57.94
N VAL X 48 56.24 26.34 -57.85
CA VAL X 48 56.10 24.89 -57.85
C VAL X 48 55.68 24.35 -56.48
N THR X 49 56.29 24.89 -55.41
CA THR X 49 55.90 24.51 -54.05
C THR X 49 54.45 24.92 -53.76
N ASN X 50 54.03 26.07 -54.29
CA ASN X 50 52.66 26.56 -54.15
C ASN X 50 51.59 25.74 -54.85
N LYS X 51 51.94 25.23 -56.03
CA LYS X 51 51.01 24.40 -56.79
C LYS X 51 50.86 23.04 -56.08
N VAL X 52 51.95 22.50 -55.55
CA VAL X 52 51.91 21.23 -54.80
C VAL X 52 50.98 21.32 -53.58
N ASN X 53 51.05 22.43 -52.86
CA ASN X 53 50.20 22.64 -51.69
C ASN X 53 48.79 23.09 -52.05
N SER X 54 48.64 23.76 -53.20
CA SER X 54 47.31 24.17 -53.68
C SER X 54 46.54 22.93 -54.13
N ILE X 55 47.27 21.90 -54.55
CA ILE X 55 46.67 20.64 -54.96
C ILE X 55 46.29 19.79 -53.74
N ILE X 56 47.23 19.57 -52.83
CA ILE X 56 46.91 18.81 -51.63
C ILE X 56 45.79 19.47 -50.82
N ASP X 57 45.87 20.78 -50.69
CA ASP X 57 44.94 21.55 -49.86
C ASP X 57 43.56 21.77 -50.47
N LYS X 58 43.46 21.89 -51.79
CA LYS X 58 42.13 22.04 -52.40
C LYS X 58 41.35 20.75 -52.29
N MET X 59 42.05 19.62 -52.36
CA MET X 59 41.43 18.31 -52.16
C MET X 59 41.36 17.99 -50.66
N ASN X 60 41.34 19.03 -49.83
CA ASN X 60 41.26 18.90 -48.37
C ASN X 60 40.08 18.05 -47.94
N THR X 61 38.89 18.54 -48.21
CA THR X 61 37.72 17.70 -48.10
C THR X 61 37.31 17.27 -49.50
N GLN X 62 37.04 15.97 -49.58
CA GLN X 62 36.73 15.22 -50.80
C GLN X 62 35.98 13.99 -50.29
N PHE X 63 35.05 13.44 -51.09
CA PHE X 63 34.12 12.41 -50.58
C PHE X 63 34.78 11.25 -49.83
N GLU X 64 34.21 10.92 -48.68
CA GLU X 64 34.69 9.80 -47.91
C GLU X 64 33.61 8.74 -47.71
N ALA X 65 33.85 7.56 -48.27
CA ALA X 65 32.88 6.48 -48.26
C ALA X 65 32.74 5.75 -46.93
N VAL X 66 31.51 5.37 -46.58
CA VAL X 66 31.24 4.54 -45.41
C VAL X 66 30.40 3.32 -45.71
N GLY X 67 30.65 2.26 -44.97
CA GLY X 67 29.94 1.03 -45.21
C GLY X 67 28.54 0.91 -44.66
N ARG X 68 27.61 0.49 -45.50
CA ARG X 68 26.26 0.26 -45.02
C ARG X 68 25.80 -1.11 -45.48
N GLU X 69 25.08 -1.78 -44.59
CA GLU X 69 24.52 -3.05 -44.94
C GLU X 69 23.03 -3.02 -45.00
N PHE X 70 22.50 -3.58 -46.07
CA PHE X 70 21.06 -3.55 -46.30
C PHE X 70 20.63 -5.00 -46.50
N ASN X 71 19.44 -5.36 -46.02
CA ASN X 71 19.11 -6.75 -46.13
C ASN X 71 18.42 -7.11 -47.42
N ASN X 72 17.88 -8.33 -47.45
CA ASN X 72 17.44 -8.98 -48.66
C ASN X 72 16.25 -8.36 -49.39
N LEU X 73 15.37 -7.72 -48.63
CA LEU X 73 14.25 -7.04 -49.27
C LEU X 73 14.55 -5.57 -49.18
N GLU X 74 15.81 -5.21 -49.19
CA GLU X 74 16.21 -3.83 -49.30
C GLU X 74 17.14 -3.58 -50.50
N ARG X 75 16.81 -4.20 -51.64
CA ARG X 75 17.67 -4.21 -52.84
C ARG X 75 17.84 -2.88 -53.52
N ARG X 76 16.70 -2.18 -53.60
CA ARG X 76 16.62 -0.84 -54.14
C ARG X 76 17.50 0.14 -53.41
N ILE X 77 17.31 0.29 -52.10
CA ILE X 77 18.15 1.26 -51.40
C ILE X 77 19.58 0.71 -51.23
N GLU X 78 19.74 -0.61 -51.25
CA GLU X 78 21.10 -1.12 -51.35
C GLU X 78 21.80 -0.60 -52.63
N ASN X 79 21.10 -0.67 -53.75
CA ASN X 79 21.73 -0.27 -55.02
C ASN X 79 21.93 1.25 -55.16
N LEU X 80 20.89 2.02 -54.79
CA LEU X 80 20.96 3.46 -54.69
C LEU X 80 22.23 3.87 -54.00
N ASN X 81 22.48 3.26 -52.83
CA ASN X 81 23.70 3.52 -52.11
C ASN X 81 24.97 3.21 -52.94
N LYS X 82 25.02 2.05 -53.62
CA LYS X 82 26.21 1.73 -54.42
C LYS X 82 26.51 2.79 -55.49
N LYS X 83 25.48 3.12 -56.30
CA LYS X 83 25.63 4.16 -57.32
C LYS X 83 25.91 5.55 -56.75
N MET X 84 25.45 5.84 -55.55
CA MET X 84 25.84 7.12 -54.97
C MET X 84 27.34 7.16 -54.64
N GLU X 85 27.85 6.13 -53.95
CA GLU X 85 29.26 6.14 -53.51
C GLU X 85 30.22 6.04 -54.68
N ASP X 86 29.87 5.24 -55.68
CA ASP X 86 30.66 5.25 -56.93
C ASP X 86 30.70 6.63 -57.54
N GLY X 87 29.50 7.18 -57.69
CA GLY X 87 29.26 8.48 -58.27
C GLY X 87 30.25 9.52 -57.81
N PHE X 88 30.41 9.61 -56.51
CA PHE X 88 31.31 10.59 -55.96
C PHE X 88 32.79 10.25 -56.20
N LEU X 89 33.12 8.95 -56.09
CA LEU X 89 34.50 8.51 -56.32
C LEU X 89 34.94 8.86 -57.73
N ASP X 90 34.03 8.70 -58.68
CA ASP X 90 34.34 9.09 -60.04
C ASP X 90 34.60 10.61 -60.14
N VAL X 91 33.69 11.40 -59.58
CA VAL X 91 33.76 12.85 -59.67
C VAL X 91 35.09 13.33 -59.15
N TRP X 92 35.45 12.88 -57.97
CA TRP X 92 36.71 13.33 -57.42
C TRP X 92 37.91 12.73 -58.13
N THR X 93 37.74 11.59 -58.76
CA THR X 93 38.85 11.05 -59.53
C THR X 93 39.10 11.95 -60.72
N TYR X 94 38.05 12.30 -61.44
CA TYR X 94 38.17 13.19 -62.58
C TYR X 94 38.77 14.51 -62.12
N ASN X 95 38.27 15.03 -61.03
CA ASN X 95 38.81 16.26 -60.53
C ASN X 95 40.29 16.12 -60.20
N ALA X 96 40.69 14.98 -59.66
CA ALA X 96 42.08 14.85 -59.26
C ALA X 96 42.98 14.75 -60.46
N GLU X 97 42.67 13.84 -61.37
CA GLU X 97 43.51 13.64 -62.55
C GLU X 97 43.60 14.93 -63.37
N LEU X 98 42.45 15.55 -63.61
CA LEU X 98 42.39 16.71 -64.46
C LEU X 98 43.07 17.89 -63.87
N LEU X 99 43.12 17.99 -62.55
CA LEU X 99 43.79 19.15 -61.98
C LEU X 99 45.28 18.99 -62.23
N VAL X 100 45.79 17.78 -62.04
CA VAL X 100 47.18 17.49 -62.33
C VAL X 100 47.51 17.71 -63.80
N LEU X 101 46.74 17.08 -64.70
CA LEU X 101 46.97 17.21 -66.13
C LEU X 101 47.09 18.68 -66.54
N MET X 102 46.13 19.49 -66.10
CA MET X 102 46.10 20.92 -66.42
C MET X 102 47.31 21.66 -65.88
N GLU X 103 47.66 21.37 -64.63
CA GLU X 103 48.70 22.12 -63.97
C GLU X 103 50.07 21.55 -64.29
N ASN X 104 50.10 20.49 -65.09
CA ASN X 104 51.36 20.05 -65.70
C ASN X 104 51.71 20.93 -66.89
N GLU X 105 50.70 21.20 -67.72
CA GLU X 105 50.88 22.10 -68.84
C GLU X 105 51.38 23.46 -68.35
N ARG X 106 50.74 23.99 -67.31
CA ARG X 106 51.14 25.30 -66.80
C ARG X 106 52.48 25.27 -66.11
N THR X 107 52.96 24.10 -65.74
CA THR X 107 54.29 24.03 -65.16
C THR X 107 55.34 24.14 -66.28
N LEU X 108 55.13 23.43 -67.40
CA LEU X 108 56.08 23.44 -68.52
C LEU X 108 56.17 24.80 -69.21
N ASP X 109 55.03 25.45 -69.37
CA ASP X 109 54.97 26.77 -69.98
C ASP X 109 55.23 27.87 -68.94
N PHE X 110 55.47 27.47 -67.68
CA PHE X 110 55.91 28.41 -66.64
C PHE X 110 57.42 28.60 -66.70
N HIS X 111 58.12 27.48 -66.86
CA HIS X 111 59.56 27.47 -67.04
C HIS X 111 59.96 28.08 -68.38
N ASP X 112 59.14 27.80 -69.40
CA ASP X 112 59.33 28.31 -70.76
C ASP X 112 59.25 29.82 -70.81
N SER X 113 58.24 30.37 -70.15
CA SER X 113 58.07 31.81 -70.03
C SER X 113 59.18 32.44 -69.21
N ASN X 114 59.82 31.64 -68.35
CA ASN X 114 60.89 32.15 -67.51
C ASN X 114 62.24 32.29 -68.21
N VAL X 115 62.57 31.34 -69.10
CA VAL X 115 63.79 31.44 -69.90
C VAL X 115 63.75 32.68 -70.80
N LYS X 116 62.65 32.82 -71.54
CA LYS X 116 62.42 33.94 -72.45
C LYS X 116 62.35 35.30 -71.73
N ASN X 117 62.05 35.30 -70.44
CA ASN X 117 62.02 36.54 -69.65
C ASN X 117 63.34 36.99 -69.03
N LEU X 118 64.24 36.05 -68.77
CA LEU X 118 65.54 36.40 -68.21
C LEU X 118 66.51 36.80 -69.33
N TYR X 119 66.28 36.22 -70.51
CA TYR X 119 67.00 36.57 -71.74
C TYR X 119 66.66 38.00 -72.21
N ASP X 120 65.43 38.44 -71.92
CA ASP X 120 65.00 39.80 -72.26
C ASP X 120 65.32 40.82 -71.16
N LYS X 121 65.75 40.34 -70.00
CA LYS X 121 66.25 41.23 -68.96
C LYS X 121 67.67 41.64 -69.36
N VAL X 122 68.38 40.72 -70.00
CA VAL X 122 69.74 40.95 -70.49
C VAL X 122 69.80 41.74 -71.79
N ARG X 123 68.88 41.44 -72.72
CA ARG X 123 68.84 42.10 -74.03
C ARG X 123 68.53 43.60 -73.95
N LEU X 124 67.72 44.01 -72.97
CA LEU X 124 67.38 45.43 -72.81
C LEU X 124 68.41 46.13 -71.94
N GLN X 125 69.37 45.37 -71.41
CA GLN X 125 70.53 45.91 -70.71
C GLN X 125 71.66 46.21 -71.69
N LEU X 126 71.95 45.24 -72.54
CA LEU X 126 73.03 45.36 -73.51
C LEU X 126 72.61 46.21 -74.73
N ARG X 127 71.48 45.87 -75.34
CA ARG X 127 70.98 46.51 -76.56
C ARG X 127 71.99 46.44 -77.72
N ASP X 128 72.47 47.61 -78.18
CA ASP X 128 73.36 47.68 -79.34
C ASP X 128 74.86 47.70 -79.00
N ASN X 129 75.18 47.59 -77.71
CA ASN X 129 76.57 47.35 -77.27
C ASN X 129 76.98 45.89 -77.49
N ALA X 130 76.02 45.09 -77.95
CA ALA X 130 76.24 43.67 -78.22
C ALA X 130 75.45 43.21 -79.46
N LYS X 131 75.86 42.09 -80.03
CA LYS X 131 75.21 41.54 -81.23
C LYS X 131 74.35 40.32 -80.91
N GLU X 132 73.08 40.37 -81.28
CA GLU X 132 72.16 39.24 -81.08
C GLU X 132 72.41 38.18 -82.16
N LEU X 133 72.84 36.99 -81.76
CA LEU X 133 73.24 35.93 -82.68
C LEU X 133 72.11 35.06 -83.25
N GLY X 134 71.04 34.89 -82.48
CA GLY X 134 69.88 34.13 -82.91
C GLY X 134 69.76 32.72 -82.34
N ASN X 135 70.84 32.19 -81.79
CA ASN X 135 70.78 30.90 -81.09
C ASN X 135 70.70 31.10 -79.56
N GLY X 136 70.44 32.35 -79.15
CA GLY X 136 70.27 32.70 -77.75
C GLY X 136 71.46 33.38 -77.10
N CYS X 137 72.48 33.68 -77.90
CA CYS X 137 73.69 34.32 -77.40
C CYS X 137 73.89 35.77 -77.85
N PHE X 138 74.68 36.47 -77.03
CA PHE X 138 75.09 37.84 -77.26
C PHE X 138 76.59 37.90 -77.56
N GLU X 139 76.99 38.71 -78.53
CA GLU X 139 78.40 38.88 -78.87
C GLU X 139 78.83 40.34 -78.57
N PHE X 140 79.70 40.55 -77.58
CA PHE X 140 80.08 41.92 -77.20
C PHE X 140 80.92 42.65 -78.23
N TYR X 141 80.71 43.97 -78.30
CA TYR X 141 81.50 44.87 -79.12
C TYR X 141 82.56 45.64 -78.30
N HIS X 142 82.58 45.41 -76.99
CA HIS X 142 83.57 46.08 -76.12
C HIS X 142 84.26 45.14 -75.11
N LYS X 143 85.08 45.71 -74.23
CA LYS X 143 85.85 44.96 -73.23
C LYS X 143 85.04 44.71 -71.96
N CYS X 144 84.88 43.44 -71.59
CA CYS X 144 84.08 43.08 -70.42
C CYS X 144 84.70 41.92 -69.62
N ASP X 145 85.28 42.23 -68.45
CA ASP X 145 85.86 41.20 -67.59
C ASP X 145 84.83 40.65 -66.58
N ASN X 146 85.32 40.01 -65.53
CA ASN X 146 84.45 39.33 -64.56
C ASN X 146 83.64 40.29 -63.70
N GLU X 147 84.19 41.48 -63.48
CA GLU X 147 83.49 42.52 -62.72
C GLU X 147 82.44 43.25 -63.56
N CYS X 148 82.52 43.09 -64.88
CA CYS X 148 81.51 43.59 -65.80
C CYS X 148 80.41 42.55 -66.03
N MET X 149 80.81 41.28 -66.14
CA MET X 149 79.88 40.17 -66.28
C MET X 149 78.96 40.07 -65.06
N GLU X 150 79.51 40.34 -63.88
CA GLU X 150 78.76 40.39 -62.63
C GLU X 150 77.68 41.46 -62.66
N SER X 151 77.98 42.57 -63.34
CA SER X 151 77.04 43.68 -63.47
C SER X 151 75.90 43.32 -64.43
N VAL X 152 76.16 42.39 -65.34
CA VAL X 152 75.13 41.89 -66.24
C VAL X 152 74.21 40.92 -65.51
N ARG X 153 74.79 40.15 -64.59
CA ARG X 153 74.06 39.16 -63.81
C ARG X 153 73.04 39.77 -62.85
N ASN X 154 73.53 40.64 -61.95
CA ASN X 154 72.69 41.25 -60.91
C ASN X 154 72.02 42.59 -61.27
N GLY X 155 72.23 43.07 -62.50
CA GLY X 155 71.55 44.25 -63.01
C GLY X 155 72.24 45.60 -62.93
N THR X 156 73.53 45.60 -62.60
CA THR X 156 74.29 46.84 -62.44
C THR X 156 74.86 47.33 -63.79
N TYR X 157 74.77 46.48 -64.81
CA TYR X 157 75.42 46.71 -66.11
C TYR X 157 75.22 48.14 -66.62
N ASP X 158 76.33 48.82 -66.86
CA ASP X 158 76.34 50.23 -67.23
C ASP X 158 76.41 50.40 -68.75
N TYR X 159 75.34 50.93 -69.34
CA TYR X 159 75.29 51.15 -70.78
C TYR X 159 76.08 52.38 -71.26
N PRO X 160 75.81 53.58 -70.69
CA PRO X 160 76.57 54.75 -71.18
C PRO X 160 78.11 54.65 -71.06
N GLN X 161 78.61 53.78 -70.19
CA GLN X 161 80.06 53.65 -69.94
C GLN X 161 80.85 53.00 -71.10
N TYR X 162 80.27 51.97 -71.71
CA TYR X 162 80.95 51.22 -72.77
C TYR X 162 80.46 51.58 -74.17
N SER X 163 79.44 52.43 -74.26
CA SER X 163 78.82 52.79 -75.56
C SER X 163 79.82 53.50 -76.47
N GLU X 164 80.90 54.01 -75.90
CA GLU X 164 81.97 54.67 -76.66
C GLU X 164 82.84 53.64 -77.39
N GLU X 165 83.24 52.61 -76.65
CA GLU X 165 84.05 51.53 -77.20
C GLU X 165 83.26 50.63 -78.15
N ALA X 166 81.94 50.57 -77.92
CA ALA X 166 81.05 49.73 -78.71
C ALA X 166 80.70 50.29 -80.10
N ARG X 167 80.44 51.59 -80.20
CA ARG X 167 80.04 52.19 -81.49
C ARG X 167 81.24 52.37 -82.43
N LEU X 168 82.44 52.27 -81.88
CA LEU X 168 83.66 52.33 -82.68
C LEU X 168 84.09 50.93 -83.17
N LYS X 169 83.73 49.89 -82.43
CA LYS X 169 83.95 48.50 -82.86
C LYS X 169 82.87 48.02 -83.83
N ARG X 170 81.72 48.68 -83.81
CA ARG X 170 80.69 48.42 -84.80
C ARG X 170 81.15 49.00 -86.13
N GLU X 171 81.88 50.11 -86.05
CA GLU X 171 82.52 50.74 -87.21
C GLU X 171 83.67 49.88 -87.76
N GLU X 172 84.33 49.14 -86.88
CA GLU X 172 85.44 48.26 -87.26
C GLU X 172 85.01 47.01 -88.02
N ILE X 173 83.81 46.50 -87.76
CA ILE X 173 83.33 45.32 -88.48
C ILE X 173 82.58 45.75 -89.76
N SER X 174 82.13 47.01 -89.78
CA SER X 174 81.61 47.61 -91.00
C SER X 174 82.71 47.79 -92.03
N SER X 175 83.88 48.19 -91.54
CA SER X 175 85.08 48.43 -92.34
C SER X 175 85.66 47.15 -92.93
N GLY X 176 85.29 46.01 -92.35
CA GLY X 176 85.85 44.73 -92.78
C GLY X 176 86.27 43.79 -91.66
N ARG X 177 86.56 44.37 -90.49
CA ARG X 177 86.92 43.72 -89.20
C ARG X 177 88.23 44.32 -88.65
N GLY Y 1 -67.45 -20.52 50.80
CA GLY Y 1 -66.05 -20.17 50.93
C GLY Y 1 -65.50 -20.50 52.30
N LEU Y 2 -64.79 -19.54 52.92
CA LEU Y 2 -64.16 -19.74 54.22
C LEU Y 2 -65.18 -19.98 55.35
N PHE Y 3 -66.41 -19.50 55.17
CA PHE Y 3 -67.40 -19.64 56.23
C PHE Y 3 -68.47 -20.70 55.89
N GLY Y 4 -68.44 -21.21 54.66
CA GLY Y 4 -69.24 -22.35 54.24
C GLY Y 4 -70.75 -22.18 54.09
N ALA Y 5 -71.22 -20.93 54.04
CA ALA Y 5 -72.66 -20.66 53.96
C ALA Y 5 -73.14 -20.44 52.53
N ILE Y 6 -72.62 -19.41 51.88
CA ILE Y 6 -72.90 -19.17 50.47
C ILE Y 6 -72.37 -20.34 49.64
N ALA Y 7 -73.24 -20.86 48.78
CA ALA Y 7 -72.96 -22.07 48.01
C ALA Y 7 -72.44 -23.18 48.91
N GLY Y 8 -73.03 -23.32 50.09
CA GLY Y 8 -72.67 -24.36 51.03
C GLY Y 8 -73.86 -25.16 51.54
N PHE Y 9 -74.22 -24.93 52.80
CA PHE Y 9 -75.35 -25.64 53.38
C PHE Y 9 -76.66 -25.07 52.85
N ILE Y 10 -76.62 -23.80 52.46
CA ILE Y 10 -77.71 -23.24 51.68
C ILE Y 10 -77.31 -23.27 50.22
N GLU Y 11 -77.52 -24.40 49.56
CA GLU Y 11 -77.14 -24.50 48.16
C GLU Y 11 -78.21 -23.91 47.23
N GLY Y 12 -77.77 -22.93 46.43
CA GLY Y 12 -78.63 -22.12 45.59
C GLY Y 12 -79.02 -20.85 46.33
N GLY Y 13 -79.13 -19.75 45.59
CA GLY Y 13 -79.56 -18.49 46.16
C GLY Y 13 -80.95 -18.25 45.66
N TRP Y 14 -81.68 -17.32 46.26
CA TRP Y 14 -83.09 -17.18 45.89
C TRP Y 14 -83.30 -16.20 44.75
N GLN Y 15 -83.57 -16.76 43.57
CA GLN Y 15 -83.93 -16.02 42.35
C GLN Y 15 -84.99 -14.95 42.66
N GLY Y 16 -85.79 -15.20 43.69
CA GLY Y 16 -86.93 -14.37 44.02
C GLY Y 16 -86.74 -13.24 45.04
N MET Y 17 -85.57 -13.13 45.65
CA MET Y 17 -85.35 -12.04 46.62
C MET Y 17 -84.66 -10.80 46.02
N VAL Y 18 -85.43 -9.87 45.47
CA VAL Y 18 -84.84 -8.74 44.75
C VAL Y 18 -84.78 -7.43 45.54
N ASP Y 19 -84.97 -7.46 46.85
CA ASP Y 19 -84.97 -6.20 47.61
C ASP Y 19 -83.99 -6.24 48.78
N GLY Y 20 -82.96 -7.07 48.62
CA GLY Y 20 -81.89 -7.17 49.59
C GLY Y 20 -80.93 -8.23 49.11
N TRP Y 21 -79.76 -8.26 49.74
CA TRP Y 21 -78.76 -9.28 49.45
C TRP Y 21 -79.05 -10.49 50.35
N TYR Y 22 -79.40 -10.21 51.60
CA TYR Y 22 -79.75 -11.24 52.59
C TYR Y 22 -81.18 -11.08 53.11
N GLY Y 23 -81.83 -12.20 53.43
CA GLY Y 23 -83.19 -12.16 53.93
C GLY Y 23 -83.83 -13.47 54.37
N TYR Y 24 -85.16 -13.45 54.40
CA TYR Y 24 -85.98 -14.55 54.92
C TYR Y 24 -86.99 -15.10 53.91
N HIS Y 25 -87.44 -16.32 54.17
CA HIS Y 25 -88.59 -16.90 53.48
C HIS Y 25 -89.56 -17.48 54.51
N HIS Y 26 -90.58 -16.70 54.89
CA HIS Y 26 -91.52 -17.18 55.88
C HIS Y 26 -92.53 -18.07 55.17
N SER Y 27 -93.13 -18.99 55.92
CA SER Y 27 -94.04 -19.96 55.35
C SER Y 27 -94.94 -20.52 56.43
N ASN Y 28 -96.11 -19.92 56.59
CA ASN Y 28 -97.06 -20.42 57.58
C ASN Y 28 -98.33 -20.92 56.91
N GLU Y 29 -99.40 -20.98 57.69
CA GLU Y 29 -100.69 -21.45 57.23
C GLU Y 29 -101.28 -20.46 56.22
N GLN Y 30 -101.01 -19.17 56.44
CA GLN Y 30 -101.50 -18.07 55.59
C GLN Y 30 -100.85 -17.98 54.21
N GLY Y 31 -99.78 -18.74 53.99
CA GLY Y 31 -99.05 -18.70 52.74
C GLY Y 31 -97.56 -18.57 52.98
N SER Y 32 -96.85 -18.01 52.01
CA SER Y 32 -95.41 -17.82 52.14
C SER Y 32 -95.06 -16.48 51.55
N GLY Y 33 -93.80 -16.08 51.67
CA GLY Y 33 -93.37 -14.80 51.14
C GLY Y 33 -91.96 -14.39 51.49
N TYR Y 34 -91.27 -13.84 50.50
CA TYR Y 34 -89.88 -13.41 50.62
C TYR Y 34 -89.79 -12.03 51.28
N ALA Y 35 -88.88 -11.89 52.24
CA ALA Y 35 -88.68 -10.61 52.89
C ALA Y 35 -87.21 -10.37 53.23
N ALA Y 36 -86.64 -9.30 52.70
CA ALA Y 36 -85.21 -9.01 52.88
C ALA Y 36 -84.92 -8.27 54.18
N ASP Y 37 -83.83 -8.66 54.85
CA ASP Y 37 -83.41 -8.01 56.08
C ASP Y 37 -82.75 -6.66 55.81
N LYS Y 38 -83.34 -5.61 56.39
CA LYS Y 38 -82.92 -4.23 56.14
C LYS Y 38 -81.54 -3.87 56.71
N GLU Y 39 -81.15 -4.50 57.82
CA GLU Y 39 -79.94 -4.10 58.54
C GLU Y 39 -78.65 -4.75 58.06
N SER Y 40 -78.69 -6.03 57.68
CA SER Y 40 -77.50 -6.72 57.17
C SER Y 40 -77.20 -6.34 55.72
N THR Y 41 -78.27 -6.10 54.96
CA THR Y 41 -78.16 -5.64 53.57
C THR Y 41 -77.52 -4.25 53.48
N GLN Y 42 -77.84 -3.38 54.44
CA GLN Y 42 -77.26 -2.06 54.49
C GLN Y 42 -75.83 -2.16 55.05
N LYS Y 43 -75.60 -3.14 55.91
CA LYS Y 43 -74.29 -3.38 56.51
C LYS Y 43 -73.27 -3.85 55.47
N ALA Y 44 -73.75 -4.49 54.41
CA ALA Y 44 -72.90 -4.92 53.30
C ALA Y 44 -72.67 -3.81 52.26
N ILE Y 45 -73.70 -3.01 51.97
CA ILE Y 45 -73.56 -1.84 51.11
C ILE Y 45 -72.54 -0.84 51.67
N ASP Y 46 -72.56 -0.61 52.97
CA ASP Y 46 -71.65 0.35 53.61
C ASP Y 46 -70.21 -0.16 53.63
N GLY Y 47 -70.03 -1.45 53.87
CA GLY Y 47 -68.70 -2.05 53.85
C GLY Y 47 -68.13 -2.05 52.44
N VAL Y 48 -69.00 -2.19 51.44
CA VAL Y 48 -68.61 -2.20 50.03
C VAL Y 48 -68.35 -0.81 49.45
N THR Y 49 -69.20 0.15 49.79
CA THR Y 49 -68.97 1.53 49.34
C THR Y 49 -67.68 2.08 49.92
N ASN Y 50 -67.38 1.73 51.17
CA ASN Y 50 -66.13 2.15 51.80
C ASN Y 50 -64.88 1.52 51.18
N LYS Y 51 -64.97 0.26 50.79
CA LYS Y 51 -63.83 -0.45 50.19
C LYS Y 51 -63.47 0.05 48.79
N VAL Y 52 -64.46 0.33 47.96
CA VAL Y 52 -64.23 0.88 46.61
C VAL Y 52 -63.50 2.22 46.68
N ASN Y 53 -63.88 3.08 47.62
CA ASN Y 53 -63.21 4.36 47.77
C ASN Y 53 -61.86 4.27 48.46
N SER Y 54 -61.67 3.27 49.33
CA SER Y 54 -60.36 3.09 49.96
C SER Y 54 -59.35 2.69 48.90
N ILE Y 55 -59.86 2.08 47.83
CA ILE Y 55 -59.04 1.67 46.70
C ILE Y 55 -58.70 2.84 45.76
N ILE Y 56 -59.72 3.55 45.30
CA ILE Y 56 -59.52 4.71 44.42
C ILE Y 56 -58.65 5.75 45.11
N ASP Y 57 -58.90 5.95 46.40
CA ASP Y 57 -58.20 6.96 47.20
C ASP Y 57 -56.74 6.66 47.52
N LYS Y 58 -56.39 5.39 47.70
CA LYS Y 58 -55.01 5.08 47.99
C LYS Y 58 -54.20 5.35 46.72
N MET Y 59 -54.85 5.17 45.58
CA MET Y 59 -54.25 5.48 44.29
C MET Y 59 -54.46 6.97 43.98
N ASN Y 60 -54.60 7.78 45.04
CA ASN Y 60 -54.72 9.23 44.94
C ASN Y 60 -53.57 9.83 44.17
N THR Y 61 -52.39 9.74 44.79
CA THR Y 61 -51.13 10.06 44.15
C THR Y 61 -50.42 8.76 43.73
N GLN Y 62 -49.88 8.77 42.52
CA GLN Y 62 -49.23 7.61 41.94
C GLN Y 62 -48.33 8.13 40.83
N PHE Y 63 -47.23 7.41 40.54
CA PHE Y 63 -46.23 7.92 39.60
C PHE Y 63 -46.83 8.39 38.27
N GLU Y 64 -46.43 9.58 37.83
CA GLU Y 64 -46.81 10.11 36.51
C GLU Y 64 -45.59 10.48 35.66
N ALA Y 65 -45.47 9.81 34.51
CA ALA Y 65 -44.34 9.96 33.61
C ALA Y 65 -44.30 11.30 32.89
N VAL Y 66 -43.09 11.83 32.67
CA VAL Y 66 -42.85 13.05 31.88
C VAL Y 66 -41.86 12.78 30.77
N GLY Y 67 -42.01 13.51 29.68
CA GLY Y 67 -41.11 13.38 28.56
C GLY Y 67 -39.83 14.14 28.83
N ARG Y 68 -38.71 13.52 28.49
CA ARG Y 68 -37.44 14.22 28.54
C ARG Y 68 -36.69 13.90 27.26
N GLU Y 69 -36.07 14.87 26.62
CA GLU Y 69 -35.33 14.53 25.41
C GLU Y 69 -33.83 14.71 25.65
N PHE Y 70 -33.06 13.71 25.22
CA PHE Y 70 -31.62 13.65 25.44
C PHE Y 70 -30.99 13.48 24.07
N ASN Y 71 -29.81 14.02 23.84
CA ASN Y 71 -29.22 13.91 22.50
C ASN Y 71 -28.40 12.64 22.28
N ASN Y 72 -27.68 12.61 21.16
CA ASN Y 72 -27.04 11.37 20.70
C ASN Y 72 -25.90 10.89 21.56
N LEU Y 73 -25.21 11.79 22.23
CA LEU Y 73 -24.15 11.36 23.08
C LEU Y 73 -24.64 11.46 24.50
N GLU Y 74 -25.93 11.27 24.72
CA GLU Y 74 -26.47 11.17 26.08
C GLU Y 74 -27.27 9.89 26.28
N ARG Y 75 -26.77 8.81 25.69
CA ARG Y 75 -27.48 7.55 25.69
C ARG Y 75 -27.58 6.92 27.10
N ARG Y 76 -26.54 7.10 27.92
CA ARG Y 76 -26.62 6.59 29.27
C ARG Y 76 -27.84 7.08 30.02
N ILE Y 77 -27.94 8.40 30.21
CA ILE Y 77 -29.05 8.87 31.04
C ILE Y 77 -30.36 8.78 30.30
N GLU Y 78 -30.33 8.79 28.97
CA GLU Y 78 -31.56 8.54 28.25
C GLU Y 78 -32.11 7.20 28.75
N ASN Y 79 -31.22 6.21 28.88
CA ASN Y 79 -31.58 4.84 29.29
C ASN Y 79 -31.95 4.77 30.76
N LEU Y 80 -31.13 5.41 31.60
CA LEU Y 80 -31.46 5.54 33.00
C LEU Y 80 -32.91 6.04 33.15
N ASN Y 81 -33.25 7.16 32.50
CA ASN Y 81 -34.61 7.69 32.52
C ASN Y 81 -35.65 6.70 32.05
N LYS Y 82 -35.39 6.02 30.94
CA LYS Y 82 -36.35 5.03 30.46
C LYS Y 82 -36.58 3.93 31.49
N LYS Y 83 -35.51 3.33 32.01
CA LYS Y 83 -35.69 2.25 32.97
C LYS Y 83 -36.37 2.72 34.23
N MET Y 84 -36.16 3.98 34.58
CA MET Y 84 -36.84 4.53 35.74
C MET Y 84 -38.33 4.68 35.55
N GLU Y 85 -38.75 5.29 34.45
CA GLU Y 85 -40.17 5.54 34.27
C GLU Y 85 -40.90 4.22 34.11
N ASP Y 86 -40.30 3.30 33.38
CA ASP Y 86 -40.79 1.93 33.33
C ASP Y 86 -40.78 1.34 34.73
N GLY Y 87 -39.65 1.49 35.42
CA GLY Y 87 -39.48 0.99 36.77
C GLY Y 87 -40.66 1.21 37.69
N PHE Y 88 -41.11 2.45 37.79
CA PHE Y 88 -42.23 2.78 38.66
C PHE Y 88 -43.55 2.26 38.11
N LEU Y 89 -43.78 2.40 36.81
CA LEU Y 89 -45.02 1.92 36.20
C LEU Y 89 -45.20 0.43 36.44
N ASP Y 90 -44.10 -0.32 36.48
CA ASP Y 90 -44.18 -1.74 36.81
C ASP Y 90 -44.77 -1.91 38.21
N VAL Y 91 -44.19 -1.19 39.16
CA VAL Y 91 -44.63 -1.23 40.55
C VAL Y 91 -46.11 -0.87 40.74
N TRP Y 92 -46.55 0.28 40.24
CA TRP Y 92 -47.94 0.68 40.46
C TRP Y 92 -48.91 -0.20 39.70
N THR Y 93 -48.47 -0.81 38.61
CA THR Y 93 -49.35 -1.75 37.94
C THR Y 93 -49.55 -2.98 38.83
N TYR Y 94 -48.45 -3.55 39.31
CA TYR Y 94 -48.54 -4.70 40.23
C TYR Y 94 -49.33 -4.34 41.49
N ASN Y 95 -49.11 -3.17 42.06
CA ASN Y 95 -49.87 -2.82 43.25
C ASN Y 95 -51.36 -2.82 42.99
N ALA Y 96 -51.77 -2.40 41.80
CA ALA Y 96 -53.18 -2.31 41.53
C ALA Y 96 -53.78 -3.68 41.35
N GLU Y 97 -53.15 -4.49 40.52
CA GLU Y 97 -53.64 -5.83 40.27
C GLU Y 97 -53.73 -6.69 41.55
N LEU Y 98 -52.68 -6.69 42.37
CA LEU Y 98 -52.65 -7.50 43.59
C LEU Y 98 -53.72 -7.02 44.55
N LEU Y 99 -54.03 -5.73 44.49
CA LEU Y 99 -55.07 -5.13 45.34
C LEU Y 99 -56.48 -5.56 44.95
N VAL Y 100 -56.78 -5.57 43.65
CA VAL Y 100 -58.10 -6.02 43.23
C VAL Y 100 -58.30 -7.47 43.69
N LEU Y 101 -57.32 -8.31 43.38
CA LEU Y 101 -57.32 -9.72 43.78
C LEU Y 101 -57.55 -10.00 45.26
N MET Y 102 -56.78 -9.34 46.12
CA MET Y 102 -56.85 -9.54 47.57
C MET Y 102 -58.19 -9.12 48.13
N GLU Y 103 -58.69 -7.97 47.67
CA GLU Y 103 -59.93 -7.38 48.17
C GLU Y 103 -61.16 -7.94 47.44
N ASN Y 104 -60.94 -8.79 46.45
CA ASN Y 104 -62.03 -9.57 45.88
C ASN Y 104 -62.39 -10.76 46.77
N GLU Y 105 -61.37 -11.49 47.21
CA GLU Y 105 -61.52 -12.57 48.16
C GLU Y 105 -62.18 -12.06 49.44
N ARG Y 106 -61.66 -10.95 49.96
CA ARG Y 106 -62.17 -10.33 51.18
C ARG Y 106 -63.56 -9.73 50.95
N THR Y 107 -63.93 -9.58 49.68
CA THR Y 107 -65.29 -9.20 49.32
C THR Y 107 -66.23 -10.39 49.45
N LEU Y 108 -65.83 -11.53 48.89
CA LEU Y 108 -66.68 -12.71 48.90
C LEU Y 108 -66.85 -13.33 50.28
N ASP Y 109 -65.80 -13.34 51.10
CA ASP Y 109 -65.91 -13.92 52.43
C ASP Y 109 -66.50 -12.93 53.44
N PHE Y 110 -66.85 -11.74 52.96
CA PHE Y 110 -67.60 -10.77 53.75
C PHE Y 110 -69.08 -11.07 53.56
N HIS Y 111 -69.48 -11.41 52.34
CA HIS Y 111 -70.84 -11.89 52.06
C HIS Y 111 -71.15 -13.24 52.71
N ASP Y 112 -70.16 -14.13 52.69
CA ASP Y 112 -70.30 -15.48 53.26
C ASP Y 112 -70.52 -15.44 54.77
N SER Y 113 -69.70 -14.65 55.45
CA SER Y 113 -69.78 -14.46 56.90
C SER Y 113 -71.06 -13.77 57.35
N ASN Y 114 -71.66 -12.99 56.47
CA ASN Y 114 -72.89 -12.29 56.80
C ASN Y 114 -74.11 -13.21 56.72
N VAL Y 115 -74.10 -14.12 55.74
CA VAL Y 115 -75.13 -15.13 55.63
C VAL Y 115 -75.16 -16.05 56.85
N LYS Y 116 -74.00 -16.60 57.19
CA LYS Y 116 -73.84 -17.48 58.34
C LYS Y 116 -74.11 -16.78 59.69
N ASN Y 117 -73.98 -15.46 59.74
CA ASN Y 117 -74.26 -14.73 60.98
C ASN Y 117 -75.72 -14.32 61.17
N LEU Y 118 -76.45 -14.17 60.06
CA LEU Y 118 -77.88 -13.86 60.15
C LEU Y 118 -78.68 -15.13 60.35
N TYR Y 119 -78.13 -16.23 59.82
CA TYR Y 119 -78.70 -17.55 60.01
C TYR Y 119 -78.60 -17.95 61.49
N ASP Y 120 -77.56 -17.46 62.16
CA ASP Y 120 -77.37 -17.71 63.59
C ASP Y 120 -78.12 -16.69 64.45
N LYS Y 121 -78.67 -15.66 63.82
CA LYS Y 121 -79.51 -14.68 64.53
C LYS Y 121 -80.88 -15.29 64.80
N VAL Y 122 -81.33 -16.13 63.87
CA VAL Y 122 -82.60 -16.84 64.00
C VAL Y 122 -82.50 -18.06 64.93
N ARG Y 123 -81.38 -18.79 64.83
CA ARG Y 123 -81.19 -20.00 65.62
C ARG Y 123 -81.14 -19.80 67.13
N LEU Y 124 -80.50 -18.73 67.59
CA LEU Y 124 -80.42 -18.47 69.02
C LEU Y 124 -81.57 -17.59 69.52
N GLN Y 125 -82.45 -17.19 68.62
CA GLN Y 125 -83.70 -16.53 69.01
C GLN Y 125 -84.78 -17.56 69.29
N LEU Y 126 -84.91 -18.55 68.40
CA LEU Y 126 -85.91 -19.61 68.55
C LEU Y 126 -85.50 -20.72 69.52
N ARG Y 127 -84.29 -21.25 69.35
CA ARG Y 127 -83.77 -22.40 70.13
C ARG Y 127 -84.62 -23.67 69.98
N ASP Y 128 -85.23 -24.14 71.08
CA ASP Y 128 -85.95 -25.42 71.06
C ASP Y 128 -87.46 -25.28 70.79
N ASN Y 129 -87.93 -24.06 70.55
CA ASN Y 129 -89.28 -23.83 70.04
C ASN Y 129 -89.40 -24.09 68.55
N ALA Y 130 -88.27 -24.36 67.89
CA ALA Y 130 -88.24 -24.62 66.46
C ALA Y 130 -87.19 -25.67 66.08
N LYS Y 131 -87.37 -26.28 64.92
CA LYS Y 131 -86.44 -27.29 64.44
C LYS Y 131 -85.56 -26.78 63.32
N GLU Y 132 -84.25 -26.89 63.52
CA GLU Y 132 -83.27 -26.51 62.50
C GLU Y 132 -83.22 -27.62 61.45
N LEU Y 133 -83.59 -27.31 60.21
CA LEU Y 133 -83.67 -28.34 59.18
C LEU Y 133 -82.33 -28.70 58.56
N GLY Y 134 -81.40 -27.75 58.50
CA GLY Y 134 -80.07 -28.02 57.99
C GLY Y 134 -79.92 -27.57 56.56
N ASN Y 135 -81.05 -27.30 55.90
CA ASN Y 135 -81.05 -26.78 54.55
C ASN Y 135 -81.17 -25.26 54.56
N GLY Y 136 -81.03 -24.69 55.76
CA GLY Y 136 -81.08 -23.26 55.93
C GLY Y 136 -82.41 -22.79 56.49
N CYS Y 137 -83.28 -23.76 56.80
CA CYS Y 137 -84.62 -23.47 57.31
C CYS Y 137 -84.84 -23.85 58.78
N PHE Y 138 -85.79 -23.17 59.41
CA PHE Y 138 -86.26 -23.50 60.75
C PHE Y 138 -87.72 -23.94 60.68
N GLU Y 139 -88.08 -25.01 61.40
CA GLU Y 139 -89.48 -25.45 61.43
C GLU Y 139 -90.06 -25.31 62.84
N PHE Y 140 -91.07 -24.45 62.99
CA PHE Y 140 -91.65 -24.15 64.30
C PHE Y 140 -92.41 -25.30 64.98
N TYR Y 141 -92.34 -25.32 66.31
CA TYR Y 141 -93.11 -26.25 67.14
C TYR Y 141 -94.38 -25.60 67.66
N HIS Y 142 -94.60 -24.33 67.32
CA HIS Y 142 -95.82 -23.64 67.74
C HIS Y 142 -96.48 -22.92 66.58
N LYS Y 143 -97.54 -22.18 66.91
CA LYS Y 143 -98.34 -21.48 65.92
C LYS Y 143 -97.68 -20.14 65.66
N CYS Y 144 -97.38 -19.86 64.39
CA CYS Y 144 -96.72 -18.62 64.05
C CYS Y 144 -97.34 -17.98 62.81
N ASP Y 145 -98.10 -16.92 63.05
CA ASP Y 145 -98.76 -16.16 62.00
C ASP Y 145 -97.87 -15.01 61.51
N ASN Y 146 -98.46 -14.05 60.81
CA ASN Y 146 -97.68 -12.97 60.21
C ASN Y 146 -97.16 -11.96 61.24
N GLU Y 147 -97.87 -11.77 62.34
CA GLU Y 147 -97.37 -10.90 63.41
C GLU Y 147 -96.35 -11.63 64.29
N CYS Y 148 -96.26 -12.94 64.13
CA CYS Y 148 -95.23 -13.75 64.78
C CYS Y 148 -93.95 -13.85 63.93
N MET Y 149 -94.13 -13.98 62.61
CA MET Y 149 -93.01 -14.00 61.66
C MET Y 149 -92.24 -12.68 61.69
N GLU Y 150 -92.99 -11.59 61.83
CA GLU Y 150 -92.45 -10.24 61.94
C GLU Y 150 -91.53 -10.09 63.15
N SER Y 151 -91.85 -10.80 64.22
CA SER Y 151 -91.06 -10.76 65.45
C SER Y 151 -89.74 -11.54 65.35
N VAL Y 152 -89.67 -12.53 64.47
CA VAL Y 152 -88.41 -13.24 64.25
C VAL Y 152 -87.46 -12.42 63.37
N ARG Y 153 -88.02 -11.69 62.41
CA ARG Y 153 -87.21 -10.89 61.50
C ARG Y 153 -86.49 -9.73 62.17
N ASN Y 154 -87.25 -8.85 62.83
CA ASN Y 154 -86.67 -7.65 63.44
C ASN Y 154 -86.20 -7.85 64.89
N GLY Y 155 -86.35 -9.07 65.42
CA GLY Y 155 -85.81 -9.38 66.74
C GLY Y 155 -86.72 -9.29 67.95
N THR Y 156 -88.04 -9.18 67.73
CA THR Y 156 -88.99 -9.02 68.83
C THR Y 156 -89.40 -10.36 69.45
N TYR Y 157 -89.04 -11.46 68.77
CA TYR Y 157 -89.52 -12.80 69.14
C TYR Y 157 -89.45 -13.13 70.63
N ASP Y 158 -90.61 -13.46 71.19
CA ASP Y 158 -90.76 -13.80 72.60
C ASP Y 158 -90.73 -15.32 72.75
N TYR Y 159 -89.68 -15.83 73.40
CA TYR Y 159 -89.51 -17.26 73.63
C TYR Y 159 -90.40 -17.84 74.75
N PRO Y 160 -90.36 -17.26 75.98
CA PRO Y 160 -91.23 -17.80 77.03
C PRO Y 160 -92.73 -17.79 76.70
N GLN Y 161 -93.13 -16.91 75.78
CA GLN Y 161 -94.55 -16.76 75.42
C GLN Y 161 -95.10 -17.97 74.65
N TYR Y 162 -94.28 -18.54 73.76
CA TYR Y 162 -94.70 -19.68 72.94
C TYR Y 162 -94.18 -21.01 73.48
N SER Y 163 -93.32 -20.95 74.51
CA SER Y 163 -92.71 -22.15 75.08
C SER Y 163 -93.77 -23.04 75.71
N GLU Y 164 -94.95 -22.46 75.94
CA GLU Y 164 -96.09 -23.15 76.53
C GLU Y 164 -96.73 -24.10 75.52
N GLU Y 165 -97.01 -23.57 74.33
CA GLU Y 165 -97.61 -24.33 73.23
C GLU Y 165 -96.63 -25.27 72.52
N ALA Y 166 -95.34 -24.90 72.54
CA ALA Y 166 -94.29 -25.65 71.85
C ALA Y 166 -93.84 -26.94 72.55
N ARG Y 167 -93.68 -26.90 73.87
CA ARG Y 167 -93.17 -28.06 74.60
C ARG Y 167 -94.29 -29.11 74.74
N LEU Y 168 -95.50 -28.70 74.36
CA LEU Y 168 -96.66 -29.60 74.31
C LEU Y 168 -96.65 -30.33 72.98
N LYS Y 169 -96.07 -29.71 71.95
CA LYS Y 169 -95.92 -30.37 70.68
C LYS Y 169 -94.67 -31.27 70.65
N ARG Y 170 -93.71 -31.01 71.53
CA ARG Y 170 -92.55 -31.91 71.68
C ARG Y 170 -92.85 -33.18 72.47
N GLU Y 171 -93.72 -33.08 73.47
CA GLU Y 171 -94.17 -34.24 74.24
C GLU Y 171 -95.02 -35.15 73.34
N GLU Y 172 -95.64 -34.55 72.34
CA GLU Y 172 -96.50 -35.23 71.36
C GLU Y 172 -95.69 -36.17 70.45
N ILE Y 173 -94.45 -35.80 70.17
CA ILE Y 173 -93.57 -36.56 69.27
C ILE Y 173 -92.76 -37.63 70.03
N SER Y 174 -92.66 -37.46 71.35
CA SER Y 174 -92.04 -38.46 72.22
C SER Y 174 -92.83 -39.78 72.20
N SER Y 175 -94.15 -39.62 72.15
CA SER Y 175 -95.10 -40.72 72.16
C SER Y 175 -95.10 -41.59 70.90
N GLY Y 176 -94.76 -40.99 69.76
CA GLY Y 176 -94.88 -41.69 68.49
C GLY Y 176 -95.42 -40.82 67.37
N ARG Y 177 -96.07 -39.72 67.75
CA ARG Y 177 -96.56 -38.70 66.82
C ARG Y 177 -97.80 -39.18 66.08
N GLY Z 1 -54.85 -20.42 64.57
CA GLY Z 1 -56.07 -21.05 64.13
C GLY Z 1 -57.33 -20.26 64.40
N LEU Z 2 -57.67 -19.36 63.48
CA LEU Z 2 -58.82 -18.47 63.62
C LEU Z 2 -60.17 -19.21 63.68
N PHE Z 3 -60.26 -20.41 63.14
CA PHE Z 3 -61.54 -21.10 63.09
C PHE Z 3 -61.65 -22.19 64.16
N GLY Z 4 -60.54 -22.51 64.82
CA GLY Z 4 -60.54 -23.43 65.95
C GLY Z 4 -60.76 -24.91 65.64
N ALA Z 5 -60.62 -25.33 64.39
CA ALA Z 5 -60.83 -26.74 64.02
C ALA Z 5 -59.48 -27.45 64.01
N ILE Z 6 -58.58 -27.02 63.13
CA ILE Z 6 -57.20 -27.48 63.14
C ILE Z 6 -56.54 -27.02 64.45
N ALA Z 7 -55.92 -27.95 65.16
CA ALA Z 7 -55.35 -27.67 66.48
C ALA Z 7 -56.36 -26.92 67.35
N GLY Z 8 -57.61 -27.35 67.28
CA GLY Z 8 -58.68 -26.77 68.09
C GLY Z 8 -59.49 -27.81 68.84
N PHE Z 9 -60.73 -28.01 68.39
CA PHE Z 9 -61.60 -28.98 69.03
C PHE Z 9 -61.20 -30.41 68.65
N ILE Z 10 -60.52 -30.57 67.51
CA ILE Z 10 -59.83 -31.83 67.22
C ILE Z 10 -58.34 -31.70 67.51
N GLU Z 11 -57.90 -31.94 68.74
CA GLU Z 11 -56.47 -31.78 69.05
C GLU Z 11 -55.66 -33.00 68.58
N GLY Z 12 -54.68 -32.72 67.73
CA GLY Z 12 -53.90 -33.75 67.07
C GLY Z 12 -54.47 -34.15 65.72
N GLY Z 13 -53.60 -34.44 64.77
CA GLY Z 13 -54.02 -34.88 63.45
C GLY Z 13 -53.72 -36.35 63.28
N TRP Z 14 -54.32 -36.97 62.27
CA TRP Z 14 -54.22 -38.42 62.17
C TRP Z 14 -53.04 -38.88 61.32
N GLN Z 15 -52.01 -39.38 62.00
CA GLN Z 15 -50.84 -40.00 61.39
C GLN Z 15 -51.18 -41.00 60.28
N GLY Z 16 -52.34 -41.62 60.38
CA GLY Z 16 -52.70 -42.71 59.49
C GLY Z 16 -53.52 -42.37 58.24
N MET Z 17 -53.95 -41.12 58.09
CA MET Z 17 -54.75 -40.78 56.91
C MET Z 17 -53.90 -40.21 55.77
N VAL Z 18 -53.34 -41.11 54.95
CA VAL Z 18 -52.37 -40.76 53.90
C VAL Z 18 -52.92 -40.65 52.47
N ASP Z 19 -54.23 -40.54 52.30
CA ASP Z 19 -54.78 -40.45 50.94
C ASP Z 19 -55.68 -39.21 50.78
N GLY Z 20 -55.42 -38.20 51.59
CA GLY Z 20 -56.14 -36.94 51.51
C GLY Z 20 -55.71 -36.03 52.65
N TRP Z 21 -56.11 -34.77 52.58
CA TRP Z 21 -55.86 -33.81 53.66
C TRP Z 21 -56.97 -33.90 54.73
N TYR Z 22 -58.21 -34.02 54.27
CA TYR Z 22 -59.37 -34.15 55.16
C TYR Z 22 -60.10 -35.47 54.94
N GLY Z 23 -60.69 -36.01 56.01
CA GLY Z 23 -61.43 -37.25 55.91
C GLY Z 23 -62.17 -37.71 57.16
N TYR Z 24 -62.47 -39.00 57.19
CA TYR Z 24 -63.31 -39.62 58.22
C TYR Z 24 -62.62 -40.74 58.98
N HIS Z 25 -63.12 -41.04 60.19
CA HIS Z 25 -62.72 -42.25 60.93
C HIS Z 25 -63.95 -42.99 61.45
N HIS Z 26 -64.40 -43.98 60.69
CA HIS Z 26 -65.61 -44.71 61.06
C HIS Z 26 -65.29 -45.82 62.06
N SER Z 27 -66.31 -46.25 62.78
CA SER Z 27 -66.14 -47.28 63.80
C SER Z 27 -67.46 -47.97 64.13
N ASN Z 28 -67.74 -49.08 63.45
CA ASN Z 28 -68.95 -49.84 63.73
C ASN Z 28 -68.59 -51.23 64.26
N GLU Z 29 -69.51 -52.18 64.14
CA GLU Z 29 -69.26 -53.53 64.64
C GLU Z 29 -68.22 -54.27 63.79
N GLN Z 30 -68.17 -54.02 62.48
CA GLN Z 30 -67.18 -54.67 61.60
C GLN Z 30 -65.75 -54.19 61.79
N GLY Z 31 -65.56 -53.10 62.52
CA GLY Z 31 -64.23 -52.54 62.72
C GLY Z 31 -64.16 -51.05 62.45
N SER Z 32 -62.95 -50.57 62.15
CA SER Z 32 -62.72 -49.15 61.89
C SER Z 32 -61.75 -48.93 60.72
N GLY Z 33 -61.51 -47.67 60.38
CA GLY Z 33 -60.59 -47.35 59.30
C GLY Z 33 -60.53 -45.89 58.87
N TYR Z 34 -59.57 -45.59 58.01
CA TYR Z 34 -59.36 -44.24 57.46
C TYR Z 34 -59.85 -44.10 56.02
N ALA Z 35 -60.61 -43.03 55.74
CA ALA Z 35 -61.09 -42.77 54.39
C ALA Z 35 -61.16 -41.26 54.07
N ALA Z 36 -60.43 -40.84 53.05
CA ALA Z 36 -60.36 -39.42 52.67
C ALA Z 36 -61.48 -38.94 51.75
N ASP Z 37 -61.98 -37.74 52.00
CA ASP Z 37 -63.01 -37.11 51.17
C ASP Z 37 -62.44 -36.57 49.85
N LYS Z 38 -62.99 -37.05 48.73
CA LYS Z 38 -62.46 -36.74 47.39
C LYS Z 38 -62.63 -35.29 46.90
N GLU Z 39 -63.73 -34.61 47.25
CA GLU Z 39 -63.98 -33.29 46.67
C GLU Z 39 -63.36 -32.12 47.42
N SER Z 40 -63.31 -32.18 48.74
CA SER Z 40 -62.71 -31.09 49.52
C SER Z 40 -61.19 -31.12 49.48
N THR Z 41 -60.61 -32.32 49.44
CA THR Z 41 -59.17 -32.51 49.31
C THR Z 41 -58.64 -32.01 47.95
N GLN Z 42 -59.43 -32.21 46.91
CA GLN Z 42 -59.07 -31.74 45.57
C GLN Z 42 -59.30 -30.24 45.44
N LYS Z 43 -60.31 -29.74 46.16
CA LYS Z 43 -60.64 -28.31 46.18
C LYS Z 43 -59.54 -27.51 46.87
N ALA Z 44 -58.85 -28.16 47.81
CA ALA Z 44 -57.73 -27.55 48.51
C ALA Z 44 -56.41 -27.69 47.72
N ILE Z 45 -56.21 -28.83 47.05
CA ILE Z 45 -55.06 -29.00 46.16
C ILE Z 45 -55.09 -27.93 45.05
N ASP Z 46 -56.28 -27.71 44.51
CA ASP Z 46 -56.52 -26.71 43.47
C ASP Z 46 -56.48 -25.28 43.99
N GLY Z 47 -56.96 -25.08 45.21
CA GLY Z 47 -56.93 -23.76 45.80
C GLY Z 47 -55.49 -23.37 46.02
N VAL Z 48 -54.64 -24.35 46.30
CA VAL Z 48 -53.20 -24.14 46.50
C VAL Z 48 -52.40 -24.05 45.18
N THR Z 49 -52.72 -24.90 44.21
CA THR Z 49 -52.06 -24.85 42.91
C THR Z 49 -52.29 -23.51 42.22
N ASN Z 50 -53.50 -22.99 42.38
CA ASN Z 50 -53.81 -21.68 41.83
C ASN Z 50 -53.08 -20.51 42.53
N LYS Z 51 -52.93 -20.59 43.85
CA LYS Z 51 -52.27 -19.53 44.63
C LYS Z 51 -50.77 -19.41 44.41
N VAL Z 52 -50.07 -20.53 44.32
CA VAL Z 52 -48.63 -20.50 44.05
C VAL Z 52 -48.37 -19.81 42.70
N ASN Z 53 -49.23 -20.08 41.72
CA ASN Z 53 -49.09 -19.46 40.41
C ASN Z 53 -49.58 -18.02 40.33
N SER Z 54 -50.52 -17.61 41.18
CA SER Z 54 -50.91 -16.19 41.21
C SER Z 54 -49.73 -15.38 41.74
N ILE Z 55 -48.89 -16.03 42.55
CA ILE Z 55 -47.71 -15.42 43.12
C ILE Z 55 -46.56 -15.33 42.11
N ILE Z 56 -46.21 -16.46 41.49
CA ILE Z 56 -45.16 -16.50 40.47
C ILE Z 56 -45.49 -15.54 39.32
N ASP Z 57 -46.76 -15.47 38.95
CA ASP Z 57 -47.20 -14.64 37.83
C ASP Z 57 -47.22 -13.13 38.10
N LYS Z 58 -47.53 -12.74 39.34
CA LYS Z 58 -47.51 -11.30 39.68
C LYS Z 58 -46.09 -10.75 39.69
N MET Z 59 -45.13 -11.58 40.10
CA MET Z 59 -43.72 -11.17 40.02
C MET Z 59 -43.11 -11.50 38.64
N ASN Z 60 -43.96 -11.64 37.61
CA ASN Z 60 -43.48 -11.92 36.26
C ASN Z 60 -42.51 -10.87 35.74
N THR Z 61 -43.02 -9.65 35.59
CA THR Z 61 -42.18 -8.51 35.34
C THR Z 61 -41.98 -7.78 36.66
N GLN Z 62 -40.73 -7.43 36.89
CA GLN Z 62 -40.26 -6.85 38.14
C GLN Z 62 -38.94 -6.19 37.78
N PHE Z 63 -38.56 -5.11 38.47
CA PHE Z 63 -37.39 -4.34 38.07
C PHE Z 63 -36.16 -5.20 37.81
N GLU Z 64 -35.49 -4.91 36.70
CA GLU Z 64 -34.24 -5.55 36.33
C GLU Z 64 -33.09 -4.55 36.15
N ALA Z 65 -32.05 -4.71 36.95
CA ALA Z 65 -30.91 -3.79 37.00
C ALA Z 65 -30.07 -3.86 35.73
N VAL Z 66 -29.52 -2.74 35.29
CA VAL Z 66 -28.64 -2.73 34.12
C VAL Z 66 -27.32 -2.07 34.47
N GLY Z 67 -26.24 -2.49 33.84
CA GLY Z 67 -24.96 -1.88 34.11
C GLY Z 67 -24.79 -0.57 33.38
N ARG Z 68 -24.34 0.45 34.09
CA ARG Z 68 -23.97 1.73 33.46
C ARG Z 68 -22.62 2.13 34.05
N GLU Z 69 -21.71 2.62 33.22
CA GLU Z 69 -20.41 3.05 33.73
C GLU Z 69 -20.27 4.57 33.54
N PHE Z 70 -19.75 5.27 34.54
CA PHE Z 70 -19.64 6.73 34.48
C PHE Z 70 -18.21 7.13 34.80
N ASN Z 71 -17.71 8.21 34.21
CA ASN Z 71 -16.30 8.60 34.40
C ASN Z 71 -16.08 9.37 35.70
N ASN Z 72 -14.91 9.94 35.89
CA ASN Z 72 -14.54 10.49 37.21
C ASN Z 72 -15.28 11.74 37.64
N LEU Z 73 -15.73 12.52 36.67
CA LEU Z 73 -16.45 13.73 37.01
C LEU Z 73 -17.91 13.55 36.71
N GLU Z 74 -18.40 12.33 36.84
CA GLU Z 74 -19.83 12.08 36.74
C GLU Z 74 -20.35 11.43 38.00
N ARG Z 75 -19.76 11.80 39.13
CA ARG Z 75 -20.06 11.12 40.37
C ARG Z 75 -21.52 11.32 40.81
N ARG Z 76 -22.04 12.51 40.61
CA ARG Z 76 -23.43 12.78 40.95
C ARG Z 76 -24.39 11.78 40.32
N ILE Z 77 -24.38 11.64 39.00
CA ILE Z 77 -25.36 10.74 38.39
C ILE Z 77 -25.02 9.28 38.59
N GLU Z 78 -23.75 8.97 38.80
CA GLU Z 78 -23.37 7.60 39.14
C GLU Z 78 -24.14 7.17 40.40
N ASN Z 79 -24.16 8.08 41.37
CA ASN Z 79 -24.81 7.85 42.65
C ASN Z 79 -26.31 7.83 42.49
N LEU Z 80 -26.83 8.80 41.74
CA LEU Z 80 -28.23 8.82 41.36
C LEU Z 80 -28.59 7.46 40.85
N ASN Z 81 -27.82 6.96 39.89
CA ASN Z 81 -28.05 5.63 39.36
C ASN Z 81 -28.05 4.53 40.40
N LYS Z 82 -27.04 4.50 41.25
CA LYS Z 82 -26.94 3.47 42.29
C LYS Z 82 -28.13 3.46 43.22
N LYS Z 83 -28.51 4.64 43.72
CA LYS Z 83 -29.66 4.75 44.63
C LYS Z 83 -30.94 4.34 43.94
N MET Z 84 -31.02 4.54 42.62
CA MET Z 84 -32.20 4.11 41.89
C MET Z 84 -32.34 2.61 41.82
N GLU Z 85 -31.28 1.92 41.42
CA GLU Z 85 -31.40 0.47 41.27
C GLU Z 85 -31.55 -0.18 42.64
N ASP Z 86 -30.78 0.29 43.62
CA ASP Z 86 -30.97 -0.13 44.99
C ASP Z 86 -32.38 0.20 45.47
N GLY Z 87 -32.78 1.45 45.26
CA GLY Z 87 -34.12 1.93 45.58
C GLY Z 87 -35.17 0.93 45.15
N PHE Z 88 -35.12 0.53 43.88
CA PHE Z 88 -36.05 -0.44 43.29
C PHE Z 88 -35.89 -1.88 43.82
N LEU Z 89 -34.66 -2.35 44.01
CA LEU Z 89 -34.47 -3.71 44.54
C LEU Z 89 -35.12 -3.81 45.93
N ASP Z 90 -35.05 -2.71 46.68
CA ASP Z 90 -35.68 -2.66 47.99
C ASP Z 90 -37.18 -2.82 47.93
N VAL Z 91 -37.84 -2.07 47.05
CA VAL Z 91 -39.28 -2.17 46.86
C VAL Z 91 -39.71 -3.61 46.50
N TRP Z 92 -39.11 -4.22 45.49
CA TRP Z 92 -39.48 -5.59 45.09
C TRP Z 92 -39.04 -6.70 46.07
N THR Z 93 -38.01 -6.44 46.86
CA THR Z 93 -37.61 -7.40 47.88
C THR Z 93 -38.72 -7.52 48.90
N TYR Z 94 -39.18 -6.36 49.38
CA TYR Z 94 -40.26 -6.26 50.34
C TYR Z 94 -41.55 -6.84 49.77
N ASN Z 95 -41.86 -6.51 48.53
CA ASN Z 95 -43.08 -7.03 47.94
C ASN Z 95 -43.09 -8.53 47.92
N ALA Z 96 -41.91 -9.14 47.77
CA ALA Z 96 -41.85 -10.60 47.71
C ALA Z 96 -42.11 -11.14 49.11
N GLU Z 97 -41.36 -10.62 50.06
CA GLU Z 97 -41.47 -11.09 51.41
C GLU Z 97 -42.87 -10.93 52.03
N LEU Z 98 -43.47 -9.75 51.89
CA LEU Z 98 -44.77 -9.49 52.53
C LEU Z 98 -45.81 -10.36 51.87
N LEU Z 99 -45.61 -10.70 50.61
CA LEU Z 99 -46.55 -11.57 49.92
C LEU Z 99 -46.49 -13.00 50.46
N VAL Z 100 -45.27 -13.51 50.65
CA VAL Z 100 -45.11 -14.85 51.21
C VAL Z 100 -45.76 -14.97 52.59
N LEU Z 101 -45.39 -14.04 53.49
CA LEU Z 101 -45.93 -13.99 54.84
C LEU Z 101 -47.46 -13.97 54.87
N MET Z 102 -48.04 -13.08 54.07
CA MET Z 102 -49.50 -12.92 54.04
C MET Z 102 -50.17 -14.16 53.50
N GLU Z 103 -49.62 -14.73 52.44
CA GLU Z 103 -50.26 -15.88 51.81
C GLU Z 103 -49.90 -17.19 52.51
N ASN Z 104 -49.08 -17.09 53.54
CA ASN Z 104 -48.90 -18.21 54.44
C ASN Z 104 -50.03 -18.27 55.47
N GLU Z 105 -50.32 -17.12 56.08
CA GLU Z 105 -51.44 -16.97 57.00
C GLU Z 105 -52.76 -17.34 56.33
N ARG Z 106 -52.96 -16.82 55.13
CA ARG Z 106 -54.16 -17.06 54.33
C ARG Z 106 -54.22 -18.52 53.87
N THR Z 107 -53.07 -19.20 53.94
CA THR Z 107 -53.01 -20.64 53.65
C THR Z 107 -53.49 -21.50 54.81
N LEU Z 108 -52.99 -21.22 56.01
CA LEU Z 108 -53.30 -22.05 57.18
C LEU Z 108 -54.77 -21.97 57.61
N ASP Z 109 -55.35 -20.77 57.54
CA ASP Z 109 -56.73 -20.58 57.93
C ASP Z 109 -57.66 -21.00 56.80
N PHE Z 110 -57.08 -21.45 55.69
CA PHE Z 110 -57.86 -22.05 54.60
C PHE Z 110 -58.08 -23.53 54.90
N HIS Z 111 -57.04 -24.18 55.41
CA HIS Z 111 -57.15 -25.56 55.88
C HIS Z 111 -58.03 -25.68 57.11
N ASP Z 112 -57.92 -24.69 58.00
CA ASP Z 112 -58.68 -24.65 59.24
C ASP Z 112 -60.19 -24.50 58.98
N SER Z 113 -60.55 -23.57 58.11
CA SER Z 113 -61.94 -23.34 57.72
C SER Z 113 -62.57 -24.49 56.93
N ASN Z 114 -61.74 -25.30 56.27
CA ASN Z 114 -62.24 -26.42 55.50
C ASN Z 114 -62.59 -27.62 56.36
N VAL Z 115 -61.81 -27.84 57.42
CA VAL Z 115 -62.10 -28.89 58.38
C VAL Z 115 -63.49 -28.63 58.99
N LYS Z 116 -63.69 -27.43 59.51
CA LYS Z 116 -64.97 -26.99 60.07
C LYS Z 116 -66.12 -26.99 59.06
N ASN Z 117 -65.79 -26.94 57.76
CA ASN Z 117 -66.81 -26.98 56.71
C ASN Z 117 -67.18 -28.40 56.30
N LEU Z 118 -66.27 -29.35 56.50
CA LEU Z 118 -66.56 -30.75 56.27
C LEU Z 118 -67.23 -31.35 57.51
N TYR Z 119 -66.87 -30.80 58.67
CA TYR Z 119 -67.46 -31.22 59.94
C TYR Z 119 -68.92 -30.82 60.13
N ASP Z 120 -69.30 -29.65 59.59
CA ASP Z 120 -70.67 -29.17 59.66
C ASP Z 120 -71.50 -29.70 58.51
N LYS Z 121 -70.81 -30.41 57.60
CA LYS Z 121 -71.43 -31.16 56.51
C LYS Z 121 -72.01 -32.47 57.05
N VAL Z 122 -71.31 -33.06 58.02
CA VAL Z 122 -71.76 -34.29 58.68
C VAL Z 122 -72.80 -34.05 59.79
N ARG Z 123 -72.60 -33.00 60.57
CA ARG Z 123 -73.47 -32.69 61.71
C ARG Z 123 -74.94 -32.34 61.38
N LEU Z 124 -75.16 -31.58 60.31
CA LEU Z 124 -76.52 -31.23 59.92
C LEU Z 124 -77.11 -32.23 58.93
N GLN Z 125 -76.35 -33.28 58.61
CA GLN Z 125 -76.86 -34.42 57.86
C GLN Z 125 -77.54 -35.40 58.82
N LEU Z 126 -76.85 -35.70 59.91
CA LEU Z 126 -77.35 -36.64 60.92
C LEU Z 126 -78.39 -36.01 61.85
N ARG Z 127 -78.07 -34.82 62.38
CA ARG Z 127 -78.88 -34.12 63.36
C ARG Z 127 -79.08 -34.94 64.66
N ASP Z 128 -80.33 -35.30 64.97
CA ASP Z 128 -80.63 -35.96 66.25
C ASP Z 128 -80.62 -37.49 66.18
N ASN Z 129 -80.27 -38.04 65.02
CA ASN Z 129 -80.00 -39.46 64.88
C ASN Z 129 -78.62 -39.84 65.43
N ALA Z 130 -77.87 -38.83 65.88
CA ALA Z 130 -76.53 -39.04 66.43
C ALA Z 130 -76.18 -38.09 67.58
N LYS Z 131 -75.19 -38.49 68.38
CA LYS Z 131 -74.69 -37.71 69.50
C LYS Z 131 -73.34 -37.06 69.23
N GLU Z 132 -73.25 -35.75 69.38
CA GLU Z 132 -71.97 -35.05 69.26
C GLU Z 132 -71.16 -35.24 70.55
N LEU Z 133 -69.99 -35.85 70.42
CA LEU Z 133 -69.18 -36.20 71.59
C LEU Z 133 -68.36 -35.02 72.15
N GLY Z 134 -68.02 -34.06 71.29
CA GLY Z 134 -67.29 -32.86 71.70
C GLY Z 134 -65.82 -32.84 71.36
N ASN Z 135 -65.26 -34.02 71.05
CA ASN Z 135 -63.89 -34.11 70.56
C ASN Z 135 -63.93 -34.20 69.04
N GLY Z 136 -65.11 -33.93 68.48
CA GLY Z 136 -65.30 -33.94 67.05
C GLY Z 136 -65.97 -35.19 66.53
N CYS Z 137 -66.43 -36.05 67.45
CA CYS Z 137 -67.03 -37.31 67.05
C CYS Z 137 -68.54 -37.31 67.20
N PHE Z 138 -69.17 -38.16 66.40
CA PHE Z 138 -70.62 -38.38 66.43
C PHE Z 138 -70.91 -39.82 66.86
N GLU Z 139 -71.86 -40.02 67.77
CA GLU Z 139 -72.22 -41.39 68.18
C GLU Z 139 -73.67 -41.70 67.78
N PHE Z 140 -73.84 -42.72 66.93
CA PHE Z 140 -75.16 -43.07 66.41
C PHE Z 140 -76.12 -43.62 67.46
N TYR Z 141 -77.40 -43.29 67.28
CA TYR Z 141 -78.48 -43.83 68.08
C TYR Z 141 -79.12 -44.98 67.31
N HIS Z 142 -78.60 -45.24 66.11
CA HIS Z 142 -79.08 -46.38 65.33
C HIS Z 142 -77.92 -47.22 64.79
N LYS Z 143 -78.28 -48.25 64.03
CA LYS Z 143 -77.35 -49.24 63.51
C LYS Z 143 -76.80 -48.79 62.16
N CYS Z 144 -75.47 -48.74 62.03
CA CYS Z 144 -74.84 -48.28 60.80
C CYS Z 144 -73.67 -49.16 60.35
N ASP Z 145 -73.87 -49.93 59.29
CA ASP Z 145 -72.83 -50.79 58.75
C ASP Z 145 -71.98 -50.03 57.73
N ASN Z 146 -71.24 -50.78 56.92
CA ASN Z 146 -70.35 -50.19 55.94
C ASN Z 146 -71.12 -49.57 54.78
N GLU Z 147 -72.29 -50.13 54.48
CA GLU Z 147 -73.15 -49.58 53.44
C GLU Z 147 -73.92 -48.35 53.92
N CYS Z 148 -73.92 -48.13 55.23
CA CYS Z 148 -74.47 -46.90 55.81
C CYS Z 148 -73.41 -45.80 55.92
N MET Z 149 -72.19 -46.21 56.28
CA MET Z 149 -71.04 -45.30 56.38
C MET Z 149 -70.70 -44.59 55.07
N GLU Z 150 -70.83 -45.32 53.96
CA GLU Z 150 -70.61 -44.75 52.63
C GLU Z 150 -71.58 -43.61 52.32
N SER Z 151 -72.79 -43.70 52.86
CA SER Z 151 -73.81 -42.68 52.64
C SER Z 151 -73.54 -41.37 53.40
N VAL Z 152 -72.81 -41.45 54.50
CA VAL Z 152 -72.42 -40.25 55.23
C VAL Z 152 -71.26 -39.52 54.55
N ARG Z 153 -70.34 -40.29 53.95
CA ARG Z 153 -69.18 -39.71 53.29
C ARG Z 153 -69.55 -38.90 52.05
N ASN Z 154 -70.22 -39.53 51.10
CA ASN Z 154 -70.56 -38.86 49.84
C ASN Z 154 -71.93 -38.13 49.87
N GLY Z 155 -72.64 -38.19 51.00
CA GLY Z 155 -73.85 -37.41 51.16
C GLY Z 155 -75.20 -38.05 50.91
N THR Z 156 -75.25 -39.38 50.80
CA THR Z 156 -76.50 -40.08 50.46
C THR Z 156 -77.35 -40.27 51.72
N TYR Z 157 -76.76 -39.99 52.89
CA TYR Z 157 -77.35 -40.31 54.20
C TYR Z 157 -78.84 -39.98 54.34
N ASP Z 158 -79.61 -41.01 54.67
CA ASP Z 158 -81.07 -40.96 54.79
C ASP Z 158 -81.53 -40.75 56.24
N TYR Z 159 -82.15 -39.61 56.53
CA TYR Z 159 -82.66 -39.32 57.89
C TYR Z 159 -83.98 -40.06 58.22
N PRO Z 160 -85.04 -39.91 57.41
CA PRO Z 160 -86.30 -40.62 57.73
C PRO Z 160 -86.20 -42.15 57.85
N GLN Z 161 -85.18 -42.76 57.25
CA GLN Z 161 -85.04 -44.22 57.23
C GLN Z 161 -84.68 -44.81 58.59
N TYR Z 162 -83.80 -44.11 59.30
CA TYR Z 162 -83.29 -44.57 60.59
C TYR Z 162 -83.94 -43.87 61.78
N SER Z 163 -84.75 -42.84 61.50
CA SER Z 163 -85.32 -41.99 62.56
C SER Z 163 -86.28 -42.69 63.52
N GLU Z 164 -86.81 -43.84 63.11
CA GLU Z 164 -87.70 -44.60 64.00
C GLU Z 164 -86.89 -45.39 65.01
N GLU Z 165 -85.84 -46.04 64.54
CA GLU Z 165 -84.95 -46.85 65.37
C GLU Z 165 -84.09 -46.03 66.34
N ALA Z 166 -83.79 -44.78 65.98
CA ALA Z 166 -82.98 -43.89 66.81
C ALA Z 166 -83.74 -43.29 68.00
N ARG Z 167 -84.99 -42.89 67.75
CA ARG Z 167 -85.81 -42.25 68.79
C ARG Z 167 -86.36 -43.29 69.78
N LEU Z 168 -86.26 -44.57 69.41
CA LEU Z 168 -86.62 -45.68 70.28
C LEU Z 168 -85.41 -46.08 71.11
N LYS Z 169 -84.22 -45.81 70.58
CA LYS Z 169 -82.98 -45.96 71.34
C LYS Z 169 -82.77 -44.74 72.23
N ARG Z 170 -83.41 -43.63 71.90
CA ARG Z 170 -83.43 -42.46 72.78
C ARG Z 170 -84.39 -42.68 73.95
N GLU Z 171 -85.49 -43.39 73.69
CA GLU Z 171 -86.41 -43.78 74.75
C GLU Z 171 -85.76 -44.83 75.67
N GLU Z 172 -84.84 -45.61 75.10
CA GLU Z 172 -84.08 -46.65 75.82
C GLU Z 172 -83.03 -46.14 76.83
N ILE Z 173 -82.40 -45.00 76.54
CA ILE Z 173 -81.40 -44.42 77.43
C ILE Z 173 -82.06 -43.43 78.42
N SER Z 174 -83.28 -43.00 78.07
CA SER Z 174 -84.12 -42.20 78.97
C SER Z 174 -84.47 -43.02 80.21
N SER Z 175 -84.72 -44.31 80.00
CA SER Z 175 -85.05 -45.26 81.07
C SER Z 175 -83.82 -45.47 81.95
N GLY Z 176 -82.65 -45.34 81.34
CA GLY Z 176 -81.39 -45.59 82.00
C GLY Z 176 -80.55 -46.44 81.07
N ARG Z 177 -80.72 -47.76 81.16
CA ARG Z 177 -80.08 -48.71 80.26
C ARG Z 177 -80.54 -50.13 80.55
N GLY AA 1 -67.51 -7.04 62.34
CA GLY AA 1 -66.77 -8.24 62.68
C GLY AA 1 -67.22 -9.46 61.91
N LEU AA 2 -66.27 -10.10 61.23
CA LEU AA 2 -66.58 -11.24 60.36
C LEU AA 2 -67.16 -12.47 61.09
N PHE AA 3 -66.90 -12.60 62.39
CA PHE AA 3 -67.33 -13.82 63.08
C PHE AA 3 -68.58 -13.62 63.95
N GLY AA 4 -69.05 -12.38 64.06
CA GLY AA 4 -70.32 -12.09 64.70
C GLY AA 4 -70.37 -12.30 66.20
N ALA AA 5 -69.20 -12.42 66.81
CA ALA AA 5 -69.08 -12.66 68.25
C ALA AA 5 -68.91 -11.32 68.93
N ILE AA 6 -67.86 -10.60 68.55
CA ILE AA 6 -67.70 -9.21 68.98
C ILE AA 6 -68.89 -8.43 68.45
N ALA AA 7 -69.58 -7.73 69.34
CA ALA AA 7 -70.78 -6.96 69.02
C ALA AA 7 -71.82 -7.73 68.19
N GLY AA 8 -72.06 -8.99 68.55
CA GLY AA 8 -73.06 -9.78 67.84
C GLY AA 8 -74.07 -10.39 68.78
N PHE AA 9 -73.96 -11.70 68.98
CA PHE AA 9 -74.88 -12.37 69.89
C PHE AA 9 -74.51 -12.06 71.34
N ILE AA 10 -73.25 -11.68 71.56
CA ILE AA 10 -72.86 -11.07 72.84
C ILE AA 10 -72.82 -9.55 72.70
N GLU AA 11 -73.98 -8.90 72.80
CA GLU AA 11 -74.05 -7.45 72.62
C GLU AA 11 -73.65 -6.67 73.89
N GLY AA 12 -72.65 -5.81 73.73
CA GLY AA 12 -72.05 -5.09 74.83
C GLY AA 12 -70.83 -5.80 75.39
N GLY AA 13 -69.85 -5.04 75.83
CA GLY AA 13 -68.67 -5.61 76.44
C GLY AA 13 -68.71 -5.33 77.92
N TRP AA 14 -67.88 -6.03 78.70
CA TRP AA 14 -67.99 -5.92 80.15
C TRP AA 14 -67.12 -4.83 80.73
N GLN AA 15 -67.78 -3.74 81.11
CA GLN AA 15 -67.17 -2.64 81.83
C GLN AA 15 -66.34 -3.16 83.02
N GLY AA 16 -66.74 -4.31 83.56
CA GLY AA 16 -66.16 -4.87 84.77
C GLY AA 16 -65.05 -5.92 84.71
N MET AA 17 -64.71 -6.42 83.53
CA MET AA 17 -63.62 -7.41 83.44
C MET AA 17 -62.28 -6.79 83.06
N VAL AA 18 -61.52 -6.34 84.05
CA VAL AA 18 -60.28 -5.61 83.81
C VAL AA 18 -59.04 -6.49 83.91
N ASP AA 19 -59.18 -7.81 83.79
CA ASP AA 19 -58.02 -8.69 83.93
C ASP AA 19 -57.80 -9.61 82.72
N GLY AA 20 -58.33 -9.21 81.58
CA GLY AA 20 -58.15 -9.98 80.36
C GLY AA 20 -58.94 -9.36 79.22
N TRP AA 21 -58.70 -9.84 78.02
CA TRP AA 21 -59.48 -9.39 76.86
C TRP AA 21 -60.71 -10.27 76.76
N TYR AA 22 -60.53 -11.57 77.01
CA TYR AA 22 -61.60 -12.57 76.99
C TYR AA 22 -61.76 -13.27 78.35
N GLY AA 23 -62.98 -13.67 78.67
CA GLY AA 23 -63.23 -14.35 79.93
C GLY AA 23 -64.62 -14.90 80.22
N TYR AA 24 -64.87 -15.09 81.52
CA TYR AA 24 -66.07 -15.72 82.04
C TYR AA 24 -66.83 -14.80 83.00
N HIS AA 25 -68.14 -15.03 83.15
CA HIS AA 25 -68.90 -14.42 84.23
C HIS AA 25 -69.76 -15.52 84.87
N HIS AA 26 -69.23 -16.14 85.93
CA HIS AA 26 -69.92 -17.25 86.59
C HIS AA 26 -70.93 -16.75 87.61
N SER AA 27 -71.89 -17.61 87.95
CA SER AA 27 -72.97 -17.22 88.86
C SER AA 27 -73.64 -18.43 89.53
N ASN AA 28 -73.19 -18.80 90.73
CA ASN AA 28 -73.85 -19.88 91.46
C ASN AA 28 -74.50 -19.33 92.73
N GLU AA 29 -74.77 -20.22 93.69
CA GLU AA 29 -75.43 -19.81 94.92
C GLU AA 29 -74.50 -18.96 95.82
N GLN AA 30 -73.21 -19.26 95.79
CA GLN AA 30 -72.22 -18.54 96.59
C GLN AA 30 -72.01 -17.09 96.14
N GLY AA 31 -72.54 -16.75 94.96
CA GLY AA 31 -72.40 -15.42 94.41
C GLY AA 31 -71.95 -15.41 92.97
N SER AA 32 -71.37 -14.30 92.53
CA SER AA 32 -70.88 -14.16 91.16
C SER AA 32 -69.56 -13.39 91.13
N GLY AA 33 -68.98 -13.25 89.95
CA GLY AA 33 -67.74 -12.53 89.80
C GLY AA 33 -67.09 -12.61 88.42
N TYR AA 34 -66.05 -11.81 88.24
CA TYR AA 34 -65.32 -11.75 86.97
C TYR AA 34 -64.00 -12.51 87.05
N ALA AA 35 -63.74 -13.36 86.05
CA ALA AA 35 -62.47 -14.07 85.98
C ALA AA 35 -62.07 -14.29 84.52
N ALA AA 36 -60.90 -13.76 84.15
CA ALA AA 36 -60.41 -13.84 82.77
C ALA AA 36 -59.65 -15.12 82.44
N ASP AA 37 -59.86 -15.67 81.25
CA ASP AA 37 -59.13 -16.87 80.83
C ASP AA 37 -57.66 -16.58 80.53
N LYS AA 38 -56.77 -17.26 81.23
CA LYS AA 38 -55.34 -16.98 81.18
C LYS AA 38 -54.64 -17.29 79.83
N GLU AA 39 -55.06 -18.33 79.12
CA GLU AA 39 -54.33 -18.72 77.91
C GLU AA 39 -54.80 -18.08 76.59
N SER AA 40 -56.11 -17.85 76.42
CA SER AA 40 -56.60 -17.23 75.18
C SER AA 40 -56.29 -15.74 75.14
N THR AA 41 -56.29 -15.10 76.31
CA THR AA 41 -55.85 -13.72 76.46
C THR AA 41 -54.35 -13.59 76.14
N GLN AA 42 -53.59 -14.63 76.47
CA GLN AA 42 -52.16 -14.70 76.20
C GLN AA 42 -51.84 -14.99 74.72
N LYS AA 43 -52.69 -15.79 74.06
CA LYS AA 43 -52.50 -16.09 72.64
C LYS AA 43 -52.79 -14.86 71.76
N ALA AA 44 -53.63 -13.97 72.27
CA ALA AA 44 -53.94 -12.73 71.56
C ALA AA 44 -52.88 -11.65 71.84
N ILE AA 45 -52.37 -11.57 73.07
CA ILE AA 45 -51.25 -10.66 73.36
C ILE AA 45 -50.00 -10.99 72.53
N ASP AA 46 -49.68 -12.29 72.39
CA ASP AA 46 -48.50 -12.75 71.66
C ASP AA 46 -48.57 -12.58 70.15
N GLY AA 47 -49.73 -12.87 69.57
CA GLY AA 47 -49.93 -12.73 68.14
C GLY AA 47 -49.91 -11.28 67.70
N VAL AA 48 -50.41 -10.41 68.57
CA VAL AA 48 -50.49 -8.98 68.30
C VAL AA 48 -49.14 -8.29 68.54
N THR AA 49 -48.45 -8.67 69.61
CA THR AA 49 -47.11 -8.15 69.87
C THR AA 49 -46.15 -8.56 68.76
N ASN AA 50 -46.33 -9.76 68.24
CA ASN AA 50 -45.54 -10.26 67.12
C ASN AA 50 -45.76 -9.48 65.81
N LYS AA 51 -47.01 -9.05 65.59
CA LYS AA 51 -47.38 -8.30 64.38
C LYS AA 51 -46.76 -6.90 64.33
N VAL AA 52 -46.77 -6.20 65.46
CA VAL AA 52 -46.17 -4.86 65.57
C VAL AA 52 -44.67 -4.90 65.24
N ASN AA 53 -43.98 -5.96 65.67
CA ASN AA 53 -42.55 -6.13 65.39
C ASN AA 53 -42.29 -6.58 63.96
N SER AA 54 -43.25 -7.31 63.38
CA SER AA 54 -43.14 -7.69 61.97
C SER AA 54 -43.34 -6.47 61.07
N ILE AA 55 -44.09 -5.50 61.57
CA ILE AA 55 -44.35 -4.30 60.78
C ILE AA 55 -43.14 -3.38 60.77
N ILE AA 56 -42.60 -3.08 61.94
CA ILE AA 56 -41.38 -2.26 62.04
C ILE AA 56 -40.26 -2.89 61.23
N ASP AA 57 -40.20 -4.22 61.23
CA ASP AA 57 -39.16 -4.96 60.53
C ASP AA 57 -39.27 -4.98 59.00
N LYS AA 58 -40.49 -4.95 58.48
CA LYS AA 58 -40.68 -4.95 57.03
C LYS AA 58 -40.23 -3.63 56.42
N MET AA 59 -40.47 -2.56 57.16
CA MET AA 59 -40.03 -1.23 56.76
C MET AA 59 -38.60 -0.96 57.29
N ASN AA 60 -37.84 -2.03 57.53
CA ASN AA 60 -36.46 -1.92 58.02
C ASN AA 60 -35.58 -1.04 57.15
N THR AA 61 -35.29 -1.51 55.95
CA THR AA 61 -34.69 -0.67 54.93
C THR AA 61 -35.80 -0.27 53.97
N GLN AA 62 -35.79 1.00 53.63
CA GLN AA 62 -36.82 1.64 52.84
C GLN AA 62 -36.13 2.87 52.26
N PHE AA 63 -36.56 3.32 51.08
CA PHE AA 63 -35.83 4.35 50.35
C PHE AA 63 -35.47 5.55 51.19
N GLU AA 64 -34.23 5.99 51.07
CA GLU AA 64 -33.72 7.14 51.80
C GLU AA 64 -33.24 8.21 50.81
N ALA AA 65 -33.92 9.35 50.83
CA ALA AA 65 -33.65 10.41 49.87
C ALA AA 65 -32.31 11.10 50.15
N VAL AA 66 -31.59 11.51 49.10
CA VAL AA 66 -30.33 12.24 49.26
C VAL AA 66 -30.31 13.55 48.46
N GLY AA 67 -29.54 14.51 48.96
CA GLY AA 67 -29.38 15.78 48.28
C GLY AA 67 -28.34 15.68 47.18
N ARG AA 68 -28.72 16.20 46.01
CA ARG AA 68 -27.81 16.33 44.88
C ARG AA 68 -28.04 17.73 44.33
N GLU AA 69 -26.99 18.45 43.98
CA GLU AA 69 -27.17 19.79 43.44
C GLU AA 69 -26.79 19.88 41.98
N PHE AA 70 -27.60 20.57 41.18
CA PHE AA 70 -27.29 20.67 39.75
C PHE AA 70 -27.26 22.12 39.33
N ASN AA 71 -26.42 22.48 38.37
CA ASN AA 71 -26.35 23.88 37.99
C ASN AA 71 -27.47 24.21 37.00
N ASN AA 72 -27.48 25.42 36.42
CA ASN AA 72 -28.63 25.89 35.62
C ASN AA 72 -28.85 25.23 34.25
N LEU AA 73 -27.81 24.69 33.67
CA LEU AA 73 -28.00 24.01 32.41
C LEU AA 73 -27.98 22.50 32.64
N GLU AA 74 -28.40 22.07 33.82
CA GLU AA 74 -28.59 20.66 34.11
C GLU AA 74 -30.02 20.38 34.60
N ARG AA 75 -30.97 21.12 34.02
CA ARG AA 75 -32.38 21.08 34.46
C ARG AA 75 -33.10 19.76 34.21
N ARG AA 76 -32.79 19.11 33.09
CA ARG AA 76 -33.35 17.81 32.83
C ARG AA 76 -33.10 16.83 33.95
N ILE AA 77 -31.84 16.62 34.32
CA ILE AA 77 -31.56 15.57 35.28
C ILE AA 77 -31.97 15.96 36.66
N GLU AA 78 -31.97 17.26 36.96
CA GLU AA 78 -32.49 17.70 38.26
C GLU AA 78 -33.92 17.21 38.44
N ASN AA 79 -34.69 17.39 37.37
CA ASN AA 79 -36.10 17.06 37.35
C ASN AA 79 -36.24 15.56 37.39
N LEU AA 80 -35.40 14.90 36.60
CA LEU AA 80 -35.26 13.46 36.70
C LEU AA 80 -35.07 13.10 38.16
N ASN AA 81 -34.06 13.69 38.79
CA ASN AA 81 -33.79 13.37 40.17
C ASN AA 81 -34.95 13.64 41.11
N LYS AA 82 -35.59 14.81 41.00
CA LYS AA 82 -36.72 15.11 41.87
C LYS AA 82 -37.82 14.10 41.72
N LYS AA 83 -38.22 13.84 40.49
CA LYS AA 83 -39.29 12.89 40.24
C LYS AA 83 -38.96 11.51 40.75
N MET AA 84 -37.68 11.13 40.73
CA MET AA 84 -37.32 9.83 41.27
C MET AA 84 -37.52 9.76 42.80
N GLU AA 85 -37.00 10.73 43.54
CA GLU AA 85 -37.12 10.65 44.98
C GLU AA 85 -38.58 10.77 45.41
N ASP AA 86 -39.32 11.68 44.78
CA ASP AA 86 -40.78 11.75 44.98
C ASP AA 86 -41.39 10.41 44.65
N GLY AA 87 -41.09 9.91 43.47
CA GLY AA 87 -41.57 8.60 43.03
C GLY AA 87 -41.47 7.56 44.12
N PHE AA 88 -40.29 7.41 44.70
CA PHE AA 88 -40.09 6.40 45.73
C PHE AA 88 -40.84 6.68 47.03
N LEU AA 89 -40.82 7.92 47.51
CA LEU AA 89 -41.53 8.28 48.74
C LEU AA 89 -43.01 7.97 48.60
N ASP AA 90 -43.52 8.11 47.38
CA ASP AA 90 -44.91 7.75 47.10
C ASP AA 90 -45.17 6.26 47.36
N VAL AA 91 -44.33 5.41 46.78
CA VAL AA 91 -44.44 3.96 46.97
C VAL AA 91 -44.40 3.53 48.44
N TRP AA 92 -43.38 3.96 49.18
CA TRP AA 92 -43.28 3.55 50.59
C TRP AA 92 -44.33 4.19 51.49
N THR AA 93 -44.87 5.33 51.09
CA THR AA 93 -45.98 5.91 51.84
C THR AA 93 -47.21 5.03 51.69
N TYR AA 94 -47.52 4.69 50.45
CA TYR AA 94 -48.65 3.83 50.17
C TYR AA 94 -48.45 2.49 50.85
N ASN AA 95 -47.24 1.96 50.78
CA ASN AA 95 -46.99 0.69 51.45
C ASN AA 95 -47.26 0.75 52.94
N ALA AA 96 -46.96 1.88 53.58
CA ALA AA 96 -47.17 1.97 55.02
C ALA AA 96 -48.65 2.08 55.33
N GLU AA 97 -49.33 2.99 54.65
CA GLU AA 97 -50.76 3.16 54.86
C GLU AA 97 -51.55 1.86 54.58
N LEU AA 98 -51.31 1.22 53.44
CA LEU AA 98 -52.09 0.04 53.09
C LEU AA 98 -51.81 -1.11 54.03
N LEU AA 99 -50.61 -1.14 54.63
CA LEU AA 99 -50.29 -2.20 55.59
C LEU AA 99 -51.08 -2.02 56.89
N VAL AA 100 -51.16 -0.78 57.37
CA VAL AA 100 -51.95 -0.50 58.57
C VAL AA 100 -53.43 -0.86 58.35
N LEU AA 101 -54.02 -0.35 57.27
CA LEU AA 101 -55.41 -0.68 56.95
C LEU AA 101 -55.70 -2.18 56.94
N MET AA 102 -54.86 -2.93 56.21
CA MET AA 102 -55.07 -4.36 56.08
C MET AA 102 -54.93 -5.08 57.41
N GLU AA 103 -53.91 -4.73 58.20
CA GLU AA 103 -53.66 -5.43 59.47
C GLU AA 103 -54.49 -4.87 60.62
N ASN AA 104 -55.28 -3.84 60.37
CA ASN AA 104 -56.27 -3.39 61.35
C ASN AA 104 -57.47 -4.32 61.35
N GLU AA 105 -57.96 -4.61 60.15
CA GLU AA 105 -59.02 -5.58 59.95
C GLU AA 105 -58.63 -6.95 60.50
N ARG AA 106 -57.42 -7.37 60.18
CA ARG AA 106 -56.91 -8.68 60.59
C ARG AA 106 -56.71 -8.73 62.11
N THR AA 107 -56.62 -7.56 62.73
CA THR AA 107 -56.56 -7.48 64.19
C THR AA 107 -57.96 -7.63 64.82
N LEU AA 108 -58.94 -6.91 64.29
CA LEU AA 108 -60.28 -6.92 64.88
C LEU AA 108 -60.97 -8.27 64.74
N ASP AA 109 -60.82 -8.90 63.59
CA ASP AA 109 -61.45 -10.19 63.34
C ASP AA 109 -60.59 -11.30 63.95
N PHE AA 110 -59.50 -10.91 64.60
CA PHE AA 110 -58.71 -11.83 65.41
C PHE AA 110 -59.28 -11.91 66.84
N HIS AA 111 -59.65 -10.75 67.37
CA HIS AA 111 -60.34 -10.69 68.66
C HIS AA 111 -61.73 -11.33 68.55
N ASP AA 112 -62.38 -11.14 67.41
CA ASP AA 112 -63.70 -11.68 67.16
C ASP AA 112 -63.72 -13.21 67.16
N SER AA 113 -62.79 -13.80 66.41
CA SER AA 113 -62.65 -15.25 66.32
C SER AA 113 -62.19 -15.93 67.61
N ASN AA 114 -61.50 -15.19 68.47
CA ASN AA 114 -61.04 -15.77 69.71
C ASN AA 114 -62.17 -15.89 70.72
N VAL AA 115 -63.06 -14.91 70.70
CA VAL AA 115 -64.27 -14.95 71.52
C VAL AA 115 -65.14 -16.15 71.17
N LYS AA 116 -65.46 -16.29 69.89
CA LYS AA 116 -66.29 -17.39 69.41
C LYS AA 116 -65.61 -18.76 69.61
N ASN AA 117 -64.29 -18.76 69.78
CA ASN AA 117 -63.52 -20.00 70.03
C ASN AA 117 -63.51 -20.36 71.52
N LEU AA 118 -63.65 -19.35 72.37
CA LEU AA 118 -63.75 -19.57 73.82
C LEU AA 118 -65.19 -19.89 74.18
N TYR AA 119 -66.12 -19.34 73.40
CA TYR AA 119 -67.53 -19.61 73.56
C TYR AA 119 -67.89 -21.05 73.18
N ASP AA 120 -67.16 -21.59 72.20
CA ASP AA 120 -67.34 -22.99 71.78
C ASP AA 120 -66.47 -23.94 72.60
N LYS AA 121 -65.64 -23.38 73.47
CA LYS AA 121 -64.86 -24.17 74.44
C LYS AA 121 -65.75 -24.65 75.57
N VAL AA 122 -66.68 -23.79 75.99
CA VAL AA 122 -67.66 -24.10 77.03
C VAL AA 122 -68.88 -24.88 76.48
N ARG AA 123 -69.33 -24.52 75.28
CA ARG AA 123 -70.50 -25.16 74.66
C ARG AA 123 -70.28 -26.65 74.38
N LEU AA 124 -69.06 -27.01 73.98
CA LEU AA 124 -68.72 -28.39 73.68
C LEU AA 124 -68.18 -29.17 74.89
N GLN AA 125 -68.06 -28.49 76.03
CA GLN AA 125 -67.74 -29.17 77.29
C GLN AA 125 -68.99 -29.65 78.02
N LEU AA 126 -69.97 -28.75 78.12
CA LEU AA 126 -71.20 -29.00 78.84
C LEU AA 126 -72.16 -29.90 78.06
N ARG AA 127 -72.34 -29.58 76.78
CA ARG AA 127 -73.30 -30.25 75.89
C ARG AA 127 -74.74 -30.11 76.40
N ASP AA 128 -75.39 -31.22 76.72
CA ASP AA 128 -76.81 -31.16 77.13
C ASP AA 128 -76.99 -31.09 78.65
N ASN AA 129 -75.87 -30.97 79.36
CA ASN AA 129 -75.89 -30.65 80.79
C ASN AA 129 -76.17 -29.17 81.05
N ALA AA 130 -76.26 -28.39 79.97
CA ALA AA 130 -76.53 -26.95 80.08
C ALA AA 130 -77.41 -26.41 78.95
N LYS AA 131 -78.05 -25.28 79.21
CA LYS AA 131 -78.92 -24.62 78.25
C LYS AA 131 -78.23 -23.42 77.63
N GLU AA 132 -78.14 -23.41 76.31
CA GLU AA 132 -77.57 -22.27 75.60
C GLU AA 132 -78.62 -21.16 75.55
N LEU AA 133 -78.34 -20.02 76.19
CA LEU AA 133 -79.36 -18.97 76.31
C LEU AA 133 -79.53 -18.13 75.04
N GLY AA 134 -78.47 -17.99 74.26
CA GLY AA 134 -78.54 -17.26 73.01
C GLY AA 134 -77.99 -15.85 73.13
N ASN AA 135 -77.83 -15.39 74.37
CA ASN AA 135 -77.19 -14.10 74.63
C ASN AA 135 -75.74 -14.33 74.98
N GLY AA 136 -75.28 -15.56 74.77
CA GLY AA 136 -73.89 -15.93 74.99
C GLY AA 136 -73.67 -16.63 76.32
N CYS AA 137 -74.77 -16.87 77.02
CA CYS AA 137 -74.70 -17.49 78.35
C CYS AA 137 -75.25 -18.92 78.33
N PHE AA 138 -74.79 -19.69 79.29
CA PHE AA 138 -75.25 -21.05 79.52
C PHE AA 138 -75.99 -21.14 80.86
N GLU AA 139 -77.11 -21.85 80.90
CA GLU AA 139 -77.83 -22.03 82.16
C GLU AA 139 -77.76 -23.51 82.53
N PHE AA 140 -77.11 -23.79 83.66
CA PHE AA 140 -76.84 -25.16 84.10
C PHE AA 140 -78.11 -25.91 84.49
N TYR AA 141 -78.10 -27.21 84.22
CA TYR AA 141 -79.16 -28.10 84.66
C TYR AA 141 -78.74 -28.84 85.93
N HIS AA 142 -77.51 -28.58 86.39
CA HIS AA 142 -77.04 -29.21 87.63
C HIS AA 142 -76.41 -28.24 88.63
N LYS AA 143 -75.91 -28.84 89.71
CA LYS AA 143 -75.36 -28.12 90.85
C LYS AA 143 -73.86 -27.88 90.59
N CYS AA 144 -73.43 -26.62 90.61
CA CYS AA 144 -72.04 -26.30 90.30
C CYS AA 144 -71.44 -25.24 91.24
N ASP AA 145 -70.54 -25.68 92.13
CA ASP AA 145 -69.90 -24.78 93.09
C ASP AA 145 -68.62 -24.12 92.56
N ASN AA 146 -67.82 -23.57 93.47
CA ASN AA 146 -66.62 -22.83 93.11
C ASN AA 146 -65.47 -23.72 92.61
N GLU AA 147 -65.39 -24.96 93.11
CA GLU AA 147 -64.40 -25.92 92.60
C GLU AA 147 -64.86 -26.59 91.31
N CYS AA 148 -66.14 -26.42 90.98
CA CYS AA 148 -66.69 -26.89 89.71
C CYS AA 148 -66.50 -25.84 88.61
N MET AA 149 -66.68 -24.56 88.98
CA MET AA 149 -66.44 -23.45 88.06
C MET AA 149 -64.98 -23.38 87.60
N GLU AA 150 -64.05 -23.70 88.51
CA GLU AA 150 -62.63 -23.77 88.20
C GLU AA 150 -62.32 -24.84 87.15
N SER AA 151 -63.09 -25.92 87.16
CA SER AA 151 -62.91 -27.01 86.21
C SER AA 151 -63.39 -26.65 84.79
N VAL AA 152 -64.32 -25.71 84.69
CA VAL AA 152 -64.78 -25.22 83.38
C VAL AA 152 -63.76 -24.25 82.76
N ARG AA 153 -63.10 -23.45 83.61
CA ARG AA 153 -62.10 -22.49 83.15
C ARG AA 153 -60.84 -23.14 82.56
N ASN AA 154 -60.17 -23.97 83.36
CA ASN AA 154 -58.92 -24.60 82.92
C ASN AA 154 -59.10 -25.95 82.21
N GLY AA 155 -60.34 -26.40 82.05
CA GLY AA 155 -60.64 -27.57 81.24
C GLY AA 155 -60.80 -28.95 81.86
N THR AA 156 -60.90 -29.03 83.18
CA THR AA 156 -60.98 -30.33 83.87
C THR AA 156 -62.44 -30.83 83.87
N TYR AA 157 -63.36 -29.96 83.44
CA TYR AA 157 -64.81 -30.19 83.54
C TYR AA 157 -65.25 -31.61 83.12
N ASP AA 158 -65.90 -32.29 84.05
CA ASP AA 158 -66.35 -33.68 83.89
C ASP AA 158 -67.82 -33.77 83.47
N TYR AA 159 -68.06 -34.28 82.26
CA TYR AA 159 -69.43 -34.46 81.74
C TYR AA 159 -70.18 -35.66 82.37
N PRO AA 160 -69.62 -36.88 82.33
CA PRO AA 160 -70.33 -38.03 82.94
C PRO AA 160 -70.65 -37.87 84.43
N GLN AA 161 -69.93 -36.98 85.12
CA GLN AA 161 -70.08 -36.80 86.55
C GLN AA 161 -71.40 -36.14 86.97
N TYR AA 162 -71.81 -35.12 86.22
CA TYR AA 162 -73.03 -34.39 86.55
C TYR AA 162 -74.22 -34.75 85.65
N SER AA 163 -73.97 -35.55 84.60
CA SER AA 163 -75.00 -35.88 83.61
C SER AA 163 -76.19 -36.68 84.14
N GLU AA 164 -76.02 -37.30 85.30
CA GLU AA 164 -77.11 -38.06 85.92
C GLU AA 164 -78.09 -37.10 86.57
N GLU AA 165 -77.55 -36.13 87.29
CA GLU AA 165 -78.34 -35.12 87.98
C GLU AA 165 -79.01 -34.14 87.00
N ALA AA 166 -78.39 -33.95 85.84
CA ALA AA 166 -78.92 -33.04 84.81
C ALA AA 166 -80.08 -33.62 84.00
N ARG AA 167 -79.97 -34.90 83.62
CA ARG AA 167 -81.00 -35.57 82.81
C ARG AA 167 -82.21 -35.98 83.66
N LEU AA 168 -82.05 -35.92 84.98
CA LEU AA 168 -83.15 -36.13 85.91
C LEU AA 168 -83.82 -34.80 86.16
N LYS AA 169 -83.05 -33.71 86.00
CA LYS AA 169 -83.58 -32.36 86.11
C LYS AA 169 -84.30 -31.90 84.83
N ARG AA 170 -83.96 -32.51 83.69
CA ARG AA 170 -84.68 -32.26 82.44
C ARG AA 170 -86.02 -32.99 82.36
N GLU AA 171 -86.09 -34.18 82.94
CA GLU AA 171 -87.35 -34.91 83.02
C GLU AA 171 -88.33 -34.21 83.98
N GLU AA 172 -87.80 -33.50 84.98
CA GLU AA 172 -88.64 -32.74 85.91
C GLU AA 172 -89.30 -31.53 85.25
N ILE AA 173 -88.63 -30.95 84.25
CA ILE AA 173 -89.15 -29.79 83.54
C ILE AA 173 -90.03 -30.24 82.35
N SER AA 174 -89.85 -31.49 81.94
CA SER AA 174 -90.75 -32.10 80.97
C SER AA 174 -92.14 -32.20 81.61
N SER AA 175 -92.19 -32.52 82.89
CA SER AA 175 -93.45 -32.65 83.62
C SER AA 175 -94.16 -31.32 83.87
N GLY AA 176 -93.40 -30.26 84.16
CA GLY AA 176 -94.00 -28.96 84.44
C GLY AA 176 -93.59 -28.25 85.72
N ARG AA 177 -92.30 -28.25 86.03
CA ARG AA 177 -91.74 -27.55 87.20
C ARG AA 177 -92.53 -27.78 88.49
N GLY BA 1 -71.20 -74.88 24.89
CA GLY BA 1 -71.48 -74.66 23.48
C GLY BA 1 -72.86 -74.07 23.25
N LEU BA 2 -73.11 -73.59 22.03
CA LEU BA 2 -74.36 -72.91 21.69
C LEU BA 2 -75.61 -73.81 21.77
N PHE BA 3 -75.42 -75.11 21.52
CA PHE BA 3 -76.56 -76.02 21.46
C PHE BA 3 -76.63 -76.99 22.65
N GLY BA 4 -75.63 -76.93 23.53
CA GLY BA 4 -75.66 -77.63 24.79
C GLY BA 4 -75.52 -79.14 24.67
N ALA BA 5 -75.06 -79.61 23.52
CA ALA BA 5 -74.93 -81.04 23.28
C ALA BA 5 -73.53 -81.57 23.59
N ILE BA 6 -72.52 -81.07 22.90
CA ILE BA 6 -71.13 -81.41 23.21
C ILE BA 6 -70.72 -80.92 24.60
N ALA BA 7 -70.23 -81.82 25.44
CA ALA BA 7 -69.85 -81.52 26.82
C ALA BA 7 -70.90 -80.68 27.57
N GLY BA 8 -72.17 -81.02 27.39
CA GLY BA 8 -73.27 -80.32 28.04
C GLY BA 8 -74.19 -81.26 28.81
N PHE BA 9 -75.39 -81.52 28.32
CA PHE BA 9 -76.28 -82.44 29.02
C PHE BA 9 -75.85 -83.89 28.78
N ILE BA 10 -75.18 -84.15 27.65
CA ILE BA 10 -74.40 -85.38 27.49
C ILE BA 10 -72.91 -85.06 27.66
N GLU BA 11 -72.43 -84.97 28.90
CA GLU BA 11 -71.01 -84.61 29.10
C GLU BA 11 -70.06 -85.80 28.98
N GLY BA 12 -69.05 -85.64 28.12
CA GLY BA 12 -68.12 -86.69 27.78
C GLY BA 12 -68.49 -87.48 26.53
N GLY BA 13 -67.47 -87.89 25.79
CA GLY BA 13 -67.65 -88.69 24.59
C GLY BA 13 -67.20 -90.13 24.75
N TRP BA 14 -67.59 -90.97 23.80
CA TRP BA 14 -67.34 -92.40 23.87
C TRP BA 14 -66.00 -92.80 23.29
N GLN BA 15 -65.09 -93.10 24.21
CA GLN BA 15 -63.75 -93.62 23.91
C GLN BA 15 -63.80 -94.74 22.86
N GLY BA 16 -64.92 -95.46 22.84
CA GLY BA 16 -65.09 -96.65 22.01
C GLY BA 16 -65.76 -96.53 20.65
N MET BA 17 -66.27 -95.35 20.30
CA MET BA 17 -66.93 -95.18 19.00
C MET BA 17 -65.94 -94.67 17.95
N VAL BA 18 -65.30 -95.61 17.25
CA VAL BA 18 -64.15 -95.31 16.39
C VAL BA 18 -64.35 -95.08 14.89
N ASP BA 19 -65.58 -95.18 14.39
CA ASP BA 19 -65.77 -95.03 12.94
C ASP BA 19 -66.87 -94.04 12.57
N GLY BA 20 -67.00 -93.00 13.39
CA GLY BA 20 -67.92 -91.92 13.11
C GLY BA 20 -67.81 -90.89 14.20
N TRP BA 21 -68.36 -89.69 13.94
CA TRP BA 21 -68.35 -88.62 14.93
C TRP BA 21 -69.58 -88.73 15.84
N TYR BA 22 -70.72 -89.06 15.24
CA TYR BA 22 -71.97 -89.23 15.97
C TYR BA 22 -72.48 -90.66 15.81
N GLY BA 23 -73.16 -91.18 16.84
CA GLY BA 23 -73.71 -92.52 16.77
C GLY BA 23 -74.54 -92.90 17.99
N TYR BA 24 -74.73 -94.21 18.19
CA TYR BA 24 -75.60 -94.68 19.27
C TYR BA 24 -74.87 -95.66 20.20
N HIS BA 25 -75.41 -95.78 21.42
CA HIS BA 25 -75.04 -96.85 22.34
C HIS BA 25 -76.31 -97.51 22.86
N HIS BA 26 -76.71 -98.59 22.20
CA HIS BA 26 -77.93 -99.29 22.55
C HIS BA 26 -77.68 -100.24 23.71
N SER BA 27 -78.74 -100.60 24.42
CA SER BA 27 -78.62 -101.44 25.61
C SER BA 27 -79.96 -102.12 25.86
N ASN BA 28 -80.08 -103.33 25.31
CA ASN BA 28 -81.29 -104.14 25.46
C ASN BA 28 -81.08 -105.44 26.20
N GLU BA 29 -81.94 -106.42 25.91
CA GLU BA 29 -81.91 -107.73 26.54
C GLU BA 29 -80.65 -108.53 26.20
N GLN BA 30 -80.19 -108.39 24.96
CA GLN BA 30 -79.02 -109.10 24.43
C GLN BA 30 -77.66 -108.57 24.91
N GLY BA 31 -77.64 -107.40 25.53
CA GLY BA 31 -76.40 -106.77 25.94
C GLY BA 31 -76.38 -105.32 25.47
N SER BA 32 -75.19 -104.75 25.27
CA SER BA 32 -75.08 -103.37 24.82
C SER BA 32 -74.02 -103.24 23.74
N GLY BA 33 -73.89 -102.06 23.16
CA GLY BA 33 -72.91 -101.86 22.11
C GLY BA 33 -72.96 -100.53 21.38
N TYR BA 34 -71.95 -100.31 20.55
CA TYR BA 34 -71.74 -99.07 19.80
C TYR BA 34 -72.13 -99.19 18.31
N ALA BA 35 -72.83 -98.19 17.78
CA ALA BA 35 -73.14 -98.16 16.35
C ALA BA 35 -73.12 -96.72 15.82
N ALA BA 36 -72.25 -96.43 14.84
CA ALA BA 36 -72.14 -95.07 14.32
C ALA BA 36 -73.19 -94.81 13.23
N ASP BA 37 -73.84 -93.64 13.30
CA ASP BA 37 -74.86 -93.24 12.34
C ASP BA 37 -74.30 -92.81 10.98
N LYS BA 38 -74.73 -93.51 9.93
CA LYS BA 38 -74.17 -93.32 8.59
C LYS BA 38 -74.50 -91.98 7.92
N GLU BA 39 -75.66 -91.42 8.24
CA GLU BA 39 -76.18 -90.25 7.52
C GLU BA 39 -75.70 -88.90 8.05
N SER BA 40 -75.61 -88.74 9.37
CA SER BA 40 -75.13 -87.48 9.95
C SER BA 40 -73.60 -87.38 9.89
N THR BA 41 -72.93 -88.53 9.97
CA THR BA 41 -71.47 -88.61 9.80
C THR BA 41 -71.05 -88.17 8.39
N GLN BA 42 -71.89 -88.49 7.39
CA GLN BA 42 -71.64 -88.12 6.00
C GLN BA 42 -71.92 -86.65 5.70
N LYS BA 43 -72.92 -86.08 6.37
CA LYS BA 43 -73.27 -84.68 6.18
C LYS BA 43 -72.26 -83.71 6.83
N ALA BA 44 -71.60 -84.18 7.89
CA ALA BA 44 -70.55 -83.42 8.59
C ALA BA 44 -69.17 -83.58 7.94
N ILE BA 45 -68.89 -84.78 7.44
CA ILE BA 45 -67.67 -85.06 6.65
C ILE BA 45 -67.62 -84.17 5.40
N ASP BA 46 -68.75 -83.97 4.75
CA ASP BA 46 -68.87 -83.13 3.56
C ASP BA 46 -68.74 -81.64 3.89
N GLY BA 47 -69.29 -81.23 5.03
CA GLY BA 47 -69.22 -79.84 5.47
C GLY BA 47 -67.83 -79.39 5.85
N VAL BA 48 -67.01 -80.32 6.35
CA VAL BA 48 -65.62 -80.03 6.73
C VAL BA 48 -64.66 -80.09 5.53
N THR BA 49 -64.83 -81.08 4.66
CA THR BA 49 -64.01 -81.21 3.45
C THR BA 49 -64.22 -80.01 2.51
N ASN BA 50 -65.46 -79.54 2.41
CA ASN BA 50 -65.78 -78.37 1.61
C ASN BA 50 -65.21 -77.07 2.19
N LYS BA 51 -65.20 -76.94 3.52
CA LYS BA 51 -64.64 -75.74 4.18
C LYS BA 51 -63.10 -75.67 4.06
N VAL BA 52 -62.44 -76.82 4.22
CA VAL BA 52 -60.99 -76.92 4.03
C VAL BA 52 -60.59 -76.52 2.61
N ASN BA 53 -61.39 -76.94 1.64
CA ASN BA 53 -61.17 -76.60 0.23
C ASN BA 53 -61.66 -75.20 -0.15
N SER BA 54 -62.64 -74.66 0.58
CA SER BA 54 -63.13 -73.30 0.36
C SER BA 54 -62.09 -72.26 0.76
N ILE BA 55 -61.23 -72.64 1.70
CA ILE BA 55 -60.19 -71.74 2.20
C ILE BA 55 -59.03 -71.63 1.22
N ILE BA 56 -58.49 -72.78 0.79
CA ILE BA 56 -57.43 -72.82 -0.22
C ILE BA 56 -57.88 -72.17 -1.52
N ASP BA 57 -59.14 -72.40 -1.87
CA ASP BA 57 -59.70 -71.93 -3.12
C ASP BA 57 -59.92 -70.40 -3.06
N LYS BA 58 -60.26 -69.87 -1.88
CA LYS BA 58 -60.44 -68.42 -1.69
C LYS BA 58 -59.18 -67.56 -1.69
N MET BA 59 -58.08 -68.06 -1.12
CA MET BA 59 -56.81 -67.33 -1.10
C MET BA 59 -56.01 -67.59 -2.37
N ASN BA 60 -56.72 -68.00 -3.42
CA ASN BA 60 -56.13 -68.26 -4.74
C ASN BA 60 -55.40 -67.03 -5.27
N THR BA 61 -56.13 -65.93 -5.46
CA THR BA 61 -55.47 -64.67 -5.75
C THR BA 61 -55.31 -63.90 -4.45
N GLN BA 62 -54.08 -63.45 -4.26
CA GLN BA 62 -53.65 -62.74 -3.07
C GLN BA 62 -52.32 -62.07 -3.40
N PHE BA 63 -52.04 -60.91 -2.79
CA PHE BA 63 -50.83 -60.16 -3.11
C PHE BA 63 -49.55 -60.98 -2.99
N GLU BA 64 -48.70 -60.88 -4.02
CA GLU BA 64 -47.37 -61.51 -3.99
C GLU BA 64 -46.35 -60.40 -4.11
N ALA BA 65 -45.50 -60.28 -3.11
CA ALA BA 65 -44.52 -59.22 -3.08
C ALA BA 65 -43.45 -59.45 -4.16
N VAL BA 66 -43.02 -58.37 -4.83
CA VAL BA 66 -41.95 -58.47 -5.82
C VAL BA 66 -40.82 -57.51 -5.51
N GLY BA 67 -39.60 -57.89 -5.88
CA GLY BA 67 -38.45 -57.06 -5.59
C GLY BA 67 -38.18 -55.86 -6.50
N ARG BA 68 -38.00 -54.71 -5.86
CA ARG BA 68 -37.67 -53.47 -6.56
C ARG BA 68 -36.53 -52.76 -5.83
N GLU BA 69 -35.53 -52.27 -6.55
CA GLU BA 69 -34.41 -51.55 -5.93
C GLU BA 69 -34.35 -50.07 -6.30
N PHE BA 70 -34.01 -49.25 -5.32
CA PHE BA 70 -33.96 -47.82 -5.54
C PHE BA 70 -32.60 -47.26 -5.15
N ASN BA 71 -32.18 -46.21 -5.86
CA ASN BA 71 -30.86 -45.61 -5.65
C ASN BA 71 -30.85 -44.57 -4.53
N ASN BA 72 -29.73 -43.88 -4.35
CA ASN BA 72 -29.59 -43.08 -3.14
C ASN BA 72 -30.52 -41.88 -3.08
N LEU BA 73 -30.93 -41.36 -4.23
CA LEU BA 73 -31.85 -40.24 -4.21
C LEU BA 73 -33.25 -40.63 -4.66
N GLU BA 74 -33.65 -41.84 -4.34
CA GLU BA 74 -35.04 -42.24 -4.54
C GLU BA 74 -35.64 -42.74 -3.22
N ARG BA 75 -35.24 -42.10 -2.11
CA ARG BA 75 -35.61 -42.56 -0.77
C ARG BA 75 -37.11 -42.56 -0.53
N ARG BA 76 -37.75 -41.50 -1.00
CA ARG BA 76 -39.20 -41.34 -0.88
C ARG BA 76 -39.91 -42.53 -1.49
N ILE BA 77 -39.60 -42.83 -2.75
CA ILE BA 77 -40.29 -43.91 -3.45
C ILE BA 77 -39.83 -45.26 -2.94
N GLU BA 78 -38.58 -45.33 -2.47
CA GLU BA 78 -38.07 -46.55 -1.84
C GLU BA 78 -38.89 -46.84 -0.59
N ASN BA 79 -39.22 -45.79 0.15
CA ASN BA 79 -40.02 -45.92 1.38
C ASN BA 79 -41.49 -46.26 1.11
N LEU BA 80 -42.11 -45.51 0.20
CA LEU BA 80 -43.46 -45.77 -0.30
C LEU BA 80 -43.61 -47.25 -0.67
N ASN BA 81 -42.65 -47.77 -1.44
CA ASN BA 81 -42.66 -49.18 -1.82
C ASN BA 81 -42.75 -50.09 -0.61
N LYS BA 82 -41.89 -49.88 0.39
CA LYS BA 82 -41.94 -50.70 1.61
C LYS BA 82 -43.27 -50.58 2.35
N LYS BA 83 -43.78 -49.37 2.54
CA LYS BA 83 -45.09 -49.24 3.19
C LYS BA 83 -46.21 -49.88 2.38
N MET BA 84 -46.09 -49.92 1.07
CA MET BA 84 -47.09 -50.62 0.28
C MET BA 84 -47.01 -52.15 0.42
N GLU BA 85 -45.82 -52.72 0.25
CA GLU BA 85 -45.71 -54.18 0.27
C GLU BA 85 -46.02 -54.72 1.66
N ASP BA 86 -45.55 -54.04 2.70
CA ASP BA 86 -45.97 -54.36 4.07
C ASP BA 86 -47.49 -54.21 4.23
N GLY BA 87 -48.01 -53.05 3.84
CA GLY BA 87 -49.43 -52.73 3.92
C GLY BA 87 -50.31 -53.89 3.52
N PHE BA 88 -50.05 -54.43 2.33
CA PHE BA 88 -50.81 -55.57 1.85
C PHE BA 88 -50.52 -56.84 2.64
N LEU BA 89 -49.26 -57.08 2.97
CA LEU BA 89 -48.93 -58.27 3.74
C LEU BA 89 -49.66 -58.29 5.08
N ASP BA 90 -49.76 -57.12 5.73
CA ASP BA 90 -50.49 -56.99 6.99
C ASP BA 90 -51.97 -57.31 6.82
N VAL BA 91 -52.56 -56.75 5.77
CA VAL BA 91 -53.96 -57.00 5.42
C VAL BA 91 -54.27 -58.49 5.24
N TRP BA 92 -53.48 -59.19 4.42
CA TRP BA 92 -53.77 -60.61 4.21
C TRP BA 92 -53.47 -61.52 5.40
N THR BA 93 -52.58 -61.10 6.29
CA THR BA 93 -52.33 -61.86 7.52
C THR BA 93 -53.56 -61.78 8.41
N TYR BA 94 -54.11 -60.58 8.57
CA TYR BA 94 -55.33 -60.41 9.33
C TYR BA 94 -56.46 -61.24 8.72
N ASN BA 95 -56.61 -61.17 7.41
CA ASN BA 95 -57.66 -61.90 6.71
C ASN BA 95 -57.55 -63.41 6.91
N ALA BA 96 -56.32 -63.91 7.00
CA ALA BA 96 -56.10 -65.33 7.20
C ALA BA 96 -56.40 -65.75 8.65
N GLU BA 97 -55.82 -65.04 9.61
CA GLU BA 97 -56.02 -65.39 11.02
C GLU BA 97 -57.49 -65.35 11.41
N LEU BA 98 -58.18 -64.27 11.04
CA LEU BA 98 -59.57 -64.12 11.41
C LEU BA 98 -60.48 -65.13 10.73
N LEU BA 99 -60.11 -65.59 9.55
CA LEU BA 99 -60.92 -66.58 8.85
C LEU BA 99 -60.88 -67.92 9.58
N VAL BA 100 -59.69 -68.31 10.03
CA VAL BA 100 -59.52 -69.53 10.83
C VAL BA 100 -60.36 -69.44 12.10
N LEU BA 101 -60.14 -68.38 12.86
CA LEU BA 101 -60.86 -68.11 14.10
C LEU BA 101 -62.38 -68.13 13.92
N MET BA 102 -62.89 -67.40 12.93
CA MET BA 102 -64.34 -67.35 12.72
C MET BA 102 -64.88 -68.72 12.32
N GLU BA 103 -64.19 -69.40 11.42
CA GLU BA 103 -64.68 -70.69 10.90
C GLU BA 103 -64.27 -71.90 11.74
N ASN BA 104 -63.49 -71.68 12.78
CA ASN BA 104 -63.30 -72.71 13.80
C ASN BA 104 -64.52 -72.72 14.72
N GLU BA 105 -64.96 -71.52 15.11
CA GLU BA 105 -66.18 -71.35 15.87
C GLU BA 105 -67.40 -71.97 15.18
N ARG BA 106 -67.57 -71.71 13.88
CA ARG BA 106 -68.67 -72.28 13.09
C ARG BA 106 -68.52 -73.79 12.85
N THR BA 107 -67.32 -74.31 13.05
CA THR BA 107 -67.08 -75.75 13.00
C THR BA 107 -67.50 -76.46 14.30
N LEU BA 108 -67.12 -75.90 15.44
CA LEU BA 108 -67.43 -76.51 16.75
C LEU BA 108 -68.93 -76.46 17.06
N ASP BA 109 -69.57 -75.35 16.72
CA ASP BA 109 -71.00 -75.21 16.97
C ASP BA 109 -71.84 -75.86 15.86
N PHE BA 110 -71.17 -76.46 14.88
CA PHE BA 110 -71.86 -77.31 13.92
C PHE BA 110 -71.97 -78.71 14.50
N HIS BA 111 -70.88 -79.16 15.11
CA HIS BA 111 -70.84 -80.44 15.81
C HIS BA 111 -71.78 -80.43 17.03
N ASP BA 112 -71.85 -79.28 17.70
CA ASP BA 112 -72.77 -79.10 18.83
C ASP BA 112 -74.23 -79.20 18.37
N SER BA 113 -74.54 -78.52 17.27
CA SER BA 113 -75.87 -78.56 16.65
C SER BA 113 -76.23 -79.92 16.03
N ASN BA 114 -75.21 -80.70 15.64
CA ASN BA 114 -75.44 -82.02 15.05
C ASN BA 114 -75.73 -83.14 16.05
N VAL BA 115 -75.05 -83.13 17.19
CA VAL BA 115 -75.33 -84.10 18.26
C VAL BA 115 -76.77 -83.91 18.75
N LYS BA 116 -77.15 -82.66 19.07
CA LYS BA 116 -78.52 -82.31 19.47
C LYS BA 116 -79.56 -82.58 18.36
N ASN BA 117 -79.11 -82.70 17.11
CA ASN BA 117 -80.01 -82.98 15.99
C ASN BA 117 -80.32 -84.48 15.80
N LEU BA 118 -79.42 -85.34 16.25
CA LEU BA 118 -79.64 -86.79 16.21
C LEU BA 118 -80.42 -87.29 17.44
N TYR BA 119 -80.25 -86.59 18.56
CA TYR BA 119 -80.99 -86.86 19.80
C TYR BA 119 -82.47 -86.52 19.71
N ASP BA 120 -82.80 -85.51 18.91
CA ASP BA 120 -84.19 -85.11 18.68
C ASP BA 120 -84.82 -85.89 17.51
N LYS BA 121 -83.98 -86.61 16.77
CA LYS BA 121 -84.45 -87.52 15.73
C LYS BA 121 -84.96 -88.81 16.38
N VAL BA 122 -84.29 -89.22 17.45
CA VAL BA 122 -84.65 -90.41 18.21
C VAL BA 122 -85.82 -90.09 19.14
N ARG BA 123 -85.81 -88.89 19.72
CA ARG BA 123 -86.86 -88.44 20.64
C ARG BA 123 -88.25 -88.29 19.98
N LEU BA 124 -88.29 -87.86 18.72
CA LEU BA 124 -89.58 -87.67 18.02
C LEU BA 124 -90.05 -88.88 17.18
N GLN BA 125 -89.23 -89.93 17.11
CA GLN BA 125 -89.61 -91.22 16.51
C GLN BA 125 -90.29 -92.17 17.50
N LEU BA 126 -89.69 -92.32 18.69
CA LEU BA 126 -90.22 -93.19 19.73
C LEU BA 126 -91.40 -92.52 20.44
N ARG BA 127 -91.22 -91.24 20.78
CA ARG BA 127 -92.19 -90.46 21.57
C ARG BA 127 -92.41 -91.06 22.96
N ASP BA 128 -93.64 -91.47 23.26
CA ASP BA 128 -93.99 -91.95 24.59
C ASP BA 128 -93.86 -93.47 24.76
N ASN BA 129 -93.34 -94.14 23.73
CA ASN BA 129 -92.93 -95.55 23.85
C ASN BA 129 -91.61 -95.68 24.58
N ALA BA 130 -91.01 -94.53 24.92
CA ALA BA 130 -89.73 -94.50 25.64
C ALA BA 130 -89.67 -93.35 26.65
N LYS BA 131 -88.80 -93.49 27.64
CA LYS BA 131 -88.63 -92.50 28.71
C LYS BA 131 -87.34 -91.69 28.58
N GLU BA 132 -87.47 -90.36 28.59
CA GLU BA 132 -86.29 -89.48 28.58
C GLU BA 132 -85.66 -89.38 29.97
N LEU BA 133 -84.43 -89.87 30.09
CA LEU BA 133 -83.71 -89.91 31.36
C LEU BA 133 -83.06 -88.56 31.67
N GLY BA 134 -82.69 -87.83 30.61
CA GLY BA 134 -82.13 -86.51 30.75
C GLY BA 134 -80.62 -86.37 30.61
N ASN BA 135 -79.89 -87.47 30.70
CA ASN BA 135 -78.45 -87.42 30.47
C ASN BA 135 -78.16 -87.78 29.02
N GLY BA 136 -79.23 -87.79 28.22
CA GLY BA 136 -79.13 -88.08 26.80
C GLY BA 136 -79.58 -89.47 26.42
N CYS BA 137 -80.14 -90.21 27.38
CA CYS BA 137 -80.58 -91.58 27.12
C CYS BA 137 -82.10 -91.72 27.10
N PHE BA 138 -82.56 -92.73 26.38
CA PHE BA 138 -83.98 -93.09 26.30
C PHE BA 138 -84.20 -94.47 26.91
N GLU BA 139 -85.26 -94.62 27.71
CA GLU BA 139 -85.58 -95.94 28.28
C GLU BA 139 -86.94 -96.44 27.79
N PHE BA 140 -86.94 -97.56 27.07
CA PHE BA 140 -88.15 -98.13 26.46
C PHE BA 140 -89.16 -98.68 27.47
N TYR BA 141 -90.44 -98.58 27.12
CA TYR BA 141 -91.52 -99.20 27.89
C TYR BA 141 -91.97 -100.53 27.28
N HIS BA 142 -91.32 -100.93 26.20
CA HIS BA 142 -91.58 -102.23 25.59
C HIS BA 142 -90.28 -102.97 25.32
N LYS BA 143 -90.37 -104.16 24.72
CA LYS BA 143 -89.19 -104.96 24.41
C LYS BA 143 -88.60 -104.63 23.05
N CYS BA 144 -87.30 -104.37 23.02
CA CYS BA 144 -86.66 -104.01 21.75
C CYS BA 144 -85.34 -104.77 21.58
N ASP BA 145 -85.33 -105.75 20.68
CA ASP BA 145 -84.13 -106.53 20.39
C ASP BA 145 -83.30 -105.89 19.26
N ASN BA 146 -82.36 -106.64 18.67
CA ASN BA 146 -81.41 -106.09 17.70
C ASN BA 146 -81.94 -105.69 16.32
N GLU BA 147 -82.96 -106.39 15.84
CA GLU BA 147 -83.62 -106.01 14.60
C GLU BA 147 -84.66 -104.91 14.85
N CYS BA 148 -84.96 -104.67 16.12
CA CYS BA 148 -85.82 -103.55 16.54
C CYS BA 148 -84.99 -102.27 16.76
N MET BA 149 -83.80 -102.43 17.34
CA MET BA 149 -82.85 -101.32 17.49
C MET BA 149 -82.45 -100.81 16.12
N GLU BA 150 -82.30 -101.73 15.18
CA GLU BA 150 -81.96 -101.43 13.80
C GLU BA 150 -83.01 -100.54 13.11
N SER BA 151 -84.28 -100.73 13.44
CA SER BA 151 -85.35 -99.92 12.87
C SER BA 151 -85.37 -98.51 13.46
N VAL BA 152 -84.85 -98.36 14.67
CA VAL BA 152 -84.72 -97.05 15.30
C VAL BA 152 -83.55 -96.27 14.68
N ARG BA 153 -82.51 -97.00 14.29
CA ARG BA 153 -81.32 -96.41 13.71
C ARG BA 153 -81.55 -95.78 12.33
N ASN BA 154 -82.03 -96.56 11.36
CA ASN BA 154 -82.23 -96.05 10.00
C ASN BA 154 -83.62 -95.45 9.74
N GLY BA 155 -84.47 -95.42 10.76
CA GLY BA 155 -85.76 -94.76 10.66
C GLY BA 155 -86.98 -95.61 10.34
N THR BA 156 -86.86 -96.93 10.43
CA THR BA 156 -87.95 -97.86 10.07
C THR BA 156 -88.92 -98.06 11.26
N TYR BA 157 -88.53 -97.57 12.44
CA TYR BA 157 -89.26 -97.82 13.70
C TYR BA 157 -90.77 -97.63 13.60
N ASP BA 158 -91.48 -98.68 14.00
CA ASP BA 158 -92.95 -98.71 13.93
C ASP BA 158 -93.53 -98.27 15.26
N TYR BA 159 -94.18 -97.11 15.27
CA TYR BA 159 -94.79 -96.60 16.49
C TYR BA 159 -96.11 -97.33 16.83
N PRO BA 160 -97.09 -97.39 15.90
CA PRO BA 160 -98.33 -98.09 16.24
C PRO BA 160 -98.21 -99.57 16.69
N GLN BA 161 -97.13 -100.24 16.31
CA GLN BA 161 -96.93 -101.66 16.60
C GLN BA 161 -96.66 -101.99 18.08
N TYR BA 162 -95.86 -101.16 18.73
CA TYR BA 162 -95.49 -101.39 20.13
C TYR BA 162 -96.30 -100.47 21.05
N SER BA 163 -97.07 -99.56 20.45
CA SER BA 163 -97.83 -98.55 21.20
C SER BA 163 -98.93 -99.12 22.09
N GLU BA 164 -99.35 -100.36 21.82
CA GLU BA 164 -100.38 -100.99 22.64
C GLU BA 164 -99.76 -101.49 23.95
N GLU BA 165 -98.60 -102.14 23.84
CA GLU BA 165 -97.87 -102.65 24.99
C GLU BA 165 -97.22 -101.55 25.82
N ALA BA 166 -96.94 -100.41 25.18
CA ALA BA 166 -96.26 -99.31 25.87
C ALA BA 166 -97.18 -98.61 26.86
N ARG BA 167 -98.45 -98.43 26.47
CA ARG BA 167 -99.44 -97.81 27.34
C ARG BA 167 -100.01 -98.71 28.44
N LEU BA 168 -99.81 -100.02 28.32
CA LEU BA 168 -100.21 -100.98 29.36
C LEU BA 168 -99.10 -101.23 30.39
N LYS BA 169 -97.85 -101.06 29.98
CA LYS BA 169 -96.68 -101.15 30.85
C LYS BA 169 -96.52 -99.84 31.61
N ARG BA 170 -97.09 -98.78 31.05
CA ARG BA 170 -97.19 -97.49 31.71
C ARG BA 170 -98.28 -97.53 32.78
N GLU BA 171 -99.32 -98.33 32.54
CA GLU BA 171 -100.37 -98.56 33.53
C GLU BA 171 -99.84 -99.36 34.72
N GLU BA 172 -98.85 -100.21 34.45
CA GLU BA 172 -98.18 -101.02 35.47
C GLU BA 172 -97.22 -100.24 36.40
N ILE BA 173 -96.55 -99.23 35.86
CA ILE BA 173 -95.59 -98.45 36.64
C ILE BA 173 -96.23 -97.20 37.29
N SER BA 174 -97.35 -96.76 36.74
CA SER BA 174 -98.14 -95.69 37.37
C SER BA 174 -98.80 -96.11 38.70
N SER BA 175 -99.32 -97.34 38.74
CA SER BA 175 -100.01 -97.85 39.92
C SER BA 175 -99.08 -98.14 41.10
N GLY BA 176 -97.87 -98.61 40.81
CA GLY BA 176 -96.92 -98.98 41.84
C GLY BA 176 -95.56 -99.36 41.27
N ARG BA 177 -95.35 -100.68 41.12
CA ARG BA 177 -94.18 -101.37 40.52
C ARG BA 177 -93.63 -102.40 41.51
N GLY CA 1 -83.60 -63.89 20.05
CA GLY CA 1 -82.78 -64.07 18.87
C GLY CA 1 -82.91 -65.44 18.26
N LEU CA 2 -81.79 -66.03 17.85
CA LEU CA 2 -81.77 -67.32 17.17
C LEU CA 2 -82.24 -68.51 18.03
N PHE CA 3 -82.13 -68.39 19.35
CA PHE CA 3 -82.45 -69.50 20.25
C PHE CA 3 -83.80 -69.36 20.99
N GLY CA 4 -84.46 -68.23 20.79
CA GLY CA 4 -85.83 -68.03 21.25
C GLY CA 4 -86.06 -67.91 22.74
N ALA CA 5 -85.00 -67.67 23.50
CA ALA CA 5 -85.13 -67.56 24.95
C ALA CA 5 -85.26 -66.09 25.35
N ILE CA 6 -84.23 -65.30 25.04
CA ILE CA 6 -84.28 -63.85 25.24
C ILE CA 6 -85.35 -63.20 24.35
N ALA CA 7 -86.23 -62.41 24.97
CA ALA CA 7 -87.36 -61.77 24.31
C ALA CA 7 -88.17 -62.72 23.42
N GLY CA 8 -88.44 -63.92 23.91
CA GLY CA 8 -89.23 -64.90 23.18
C GLY CA 8 -90.40 -65.42 23.99
N PHE CA 9 -90.32 -66.66 24.46
CA PHE CA 9 -91.37 -67.22 25.30
C PHE CA 9 -91.30 -66.72 26.76
N ILE CA 10 -90.10 -66.31 27.19
CA ILE CA 10 -89.94 -65.55 28.45
C ILE CA 10 -89.78 -64.04 28.20
N GLU CA 11 -90.90 -63.34 28.01
CA GLU CA 11 -90.85 -61.91 27.69
C GLU CA 11 -90.68 -60.97 28.91
N GLY CA 12 -89.66 -60.12 28.84
CA GLY CA 12 -89.29 -59.22 29.92
C GLY CA 12 -88.21 -59.76 30.85
N GLY CA 13 -87.37 -58.84 31.35
CA GLY CA 13 -86.32 -59.19 32.29
C GLY CA 13 -86.53 -58.70 33.72
N TRP CA 14 -85.73 -59.26 34.64
CA TRP CA 14 -85.89 -59.00 36.07
C TRP CA 14 -85.04 -57.82 36.52
N GLN CA 15 -85.72 -56.70 36.71
CA GLN CA 15 -85.16 -55.46 37.23
C GLN CA 15 -84.26 -55.64 38.46
N GLY CA 16 -84.55 -56.68 39.24
CA GLY CA 16 -83.94 -56.93 40.54
C GLY CA 16 -82.73 -57.84 40.63
N MET CA 17 -82.32 -58.44 39.51
CA MET CA 17 -81.19 -59.37 39.54
C MET CA 17 -79.89 -58.60 39.27
N VAL CA 18 -79.30 -58.11 40.36
CA VAL CA 18 -78.20 -57.15 40.32
C VAL CA 18 -76.75 -57.68 40.45
N ASP CA 19 -76.54 -58.99 40.29
CA ASP CA 19 -75.16 -59.53 40.29
C ASP CA 19 -74.91 -60.67 39.27
N GLY CA 20 -75.65 -60.67 38.17
CA GLY CA 20 -75.45 -61.64 37.11
C GLY CA 20 -76.38 -61.40 35.95
N TRP CA 21 -76.08 -62.01 34.80
CA TRP CA 21 -76.89 -61.85 33.60
C TRP CA 21 -78.01 -62.89 33.53
N TYR CA 22 -77.69 -64.12 33.93
CA TYR CA 22 -78.66 -65.22 33.93
C TYR CA 22 -78.86 -65.72 35.35
N GLY CA 23 -80.07 -66.20 35.66
CA GLY CA 23 -80.32 -66.71 36.99
C GLY CA 23 -81.70 -67.32 37.18
N TYR CA 24 -82.11 -67.43 38.45
CA TYR CA 24 -83.37 -68.08 38.80
C TYR CA 24 -84.27 -67.13 39.60
N HIS CA 25 -85.56 -67.43 39.58
CA HIS CA 25 -86.53 -66.77 40.45
C HIS CA 25 -87.39 -67.82 41.15
N HIS CA 26 -86.99 -68.19 42.37
CA HIS CA 26 -87.70 -69.24 43.09
C HIS CA 26 -88.94 -68.70 43.82
N SER CA 27 -89.89 -69.59 44.08
CA SER CA 27 -91.16 -69.20 44.68
C SER CA 27 -91.88 -70.37 45.33
N ASN CA 28 -91.69 -70.55 46.63
CA ASN CA 28 -92.37 -71.61 47.36
C ASN CA 28 -93.32 -71.06 48.43
N GLU CA 29 -93.61 -71.87 49.44
CA GLU CA 29 -94.51 -71.49 50.52
C GLU CA 29 -93.95 -70.38 51.42
N GLN CA 30 -92.63 -70.43 51.67
CA GLN CA 30 -91.94 -69.45 52.52
C GLN CA 30 -91.80 -68.08 51.86
N GLY CA 31 -92.08 -68.02 50.55
CA GLY CA 31 -91.93 -66.79 49.79
C GLY CA 31 -91.17 -66.97 48.48
N SER CA 32 -90.56 -65.88 48.00
CA SER CA 32 -89.82 -65.90 46.73
C SER CA 32 -88.52 -65.11 46.80
N GLY CA 33 -87.73 -65.14 45.72
CA GLY CA 33 -86.48 -64.41 45.68
C GLY CA 33 -85.57 -64.61 44.47
N TYR CA 34 -84.55 -63.76 44.39
CA TYR CA 34 -83.59 -63.73 43.28
C TYR CA 34 -82.21 -64.35 43.57
N ALA CA 35 -81.72 -65.16 42.63
CA ALA CA 35 -80.39 -65.76 42.75
C ALA CA 35 -79.70 -65.91 41.39
N ALA CA 36 -78.53 -65.31 41.22
CA ALA CA 36 -77.82 -65.37 39.95
C ALA CA 36 -76.99 -66.64 39.83
N ASP CA 37 -77.03 -67.28 38.65
CA ASP CA 37 -76.28 -68.52 38.40
C ASP CA 37 -74.77 -68.29 38.21
N LYS CA 38 -73.98 -68.98 39.03
CA LYS CA 38 -72.53 -68.75 39.08
C LYS CA 38 -71.70 -69.15 37.85
N GLU CA 39 -72.04 -70.24 37.15
CA GLU CA 39 -71.17 -70.71 36.05
C GLU CA 39 -71.49 -70.11 34.68
N SER CA 40 -72.76 -69.87 34.38
CA SER CA 40 -73.11 -69.29 33.09
C SER CA 40 -72.82 -67.78 33.03
N THR CA 41 -72.94 -67.09 34.18
CA THR CA 41 -72.57 -65.68 34.27
C THR CA 41 -71.05 -65.45 34.10
N GLN CA 42 -70.24 -66.37 34.62
CA GLN CA 42 -68.78 -66.31 34.48
C GLN CA 42 -68.28 -66.74 33.08
N LYS CA 43 -68.99 -67.67 32.45
CA LYS CA 43 -68.65 -68.11 31.10
C LYS CA 43 -68.97 -67.03 30.06
N ALA CA 44 -69.95 -66.19 30.38
CA ALA CA 44 -70.33 -65.07 29.52
C ALA CA 44 -69.40 -63.89 29.76
N ILE CA 45 -68.99 -63.69 31.01
CA ILE CA 45 -67.96 -62.72 31.37
C ILE CA 45 -66.64 -63.07 30.65
N ASP CA 46 -66.31 -64.37 30.60
CA ASP CA 46 -65.09 -64.84 29.93
C ASP CA 46 -65.17 -64.78 28.41
N GLY CA 47 -66.34 -65.11 27.86
CA GLY CA 47 -66.54 -65.08 26.42
C GLY CA 47 -66.54 -63.68 25.83
N VAL CA 48 -67.04 -62.72 26.61
CA VAL CA 48 -67.09 -61.31 26.22
C VAL CA 48 -65.77 -60.56 26.49
N THR CA 49 -65.12 -60.82 27.62
CA THR CA 49 -63.81 -60.21 27.92
C THR CA 49 -62.78 -60.66 26.87
N ASN CA 50 -62.89 -61.91 26.42
CA ASN CA 50 -62.02 -62.43 25.36
C ASN CA 50 -62.25 -61.77 23.99
N LYS CA 51 -63.51 -61.49 23.66
CA LYS CA 51 -63.85 -60.84 22.39
C LYS CA 51 -63.34 -59.40 22.41
N VAL CA 52 -63.47 -58.73 23.54
CA VAL CA 52 -62.92 -57.40 23.75
C VAL CA 52 -61.41 -57.42 23.56
N ASN CA 53 -60.77 -58.46 24.12
CA ASN CA 53 -59.32 -58.63 24.01
C ASN CA 53 -58.88 -59.23 22.66
N SER CA 54 -59.74 -60.03 22.04
CA SER CA 54 -59.43 -60.61 20.72
C SER CA 54 -59.46 -59.59 19.60
N ILE CA 55 -60.32 -58.58 19.74
CA ILE CA 55 -60.45 -57.55 18.72
C ILE CA 55 -59.30 -56.54 18.78
N ILE CA 56 -59.01 -56.05 20.00
CA ILE CA 56 -57.86 -55.17 20.19
C ILE CA 56 -56.60 -55.86 19.71
N ASP CA 57 -56.52 -57.17 19.96
CA ASP CA 57 -55.35 -57.96 19.60
C ASP CA 57 -55.24 -58.23 18.10
N LYS CA 58 -56.36 -58.42 17.41
CA LYS CA 58 -56.31 -58.67 15.95
C LYS CA 58 -55.94 -57.41 15.13
N MET CA 59 -56.39 -56.23 15.56
CA MET CA 59 -56.03 -54.98 14.89
C MET CA 59 -54.70 -54.44 15.43
N ASN CA 60 -53.89 -55.35 15.98
CA ASN CA 60 -52.56 -55.06 16.53
C ASN CA 60 -51.68 -54.37 15.51
N THR CA 61 -51.39 -55.10 14.43
CA THR CA 61 -50.71 -54.52 13.31
C THR CA 61 -51.74 -54.12 12.28
N GLN CA 62 -51.59 -52.90 11.81
CA GLN CA 62 -52.49 -52.27 10.87
C GLN CA 62 -51.74 -51.10 10.25
N PHE CA 63 -52.02 -50.81 8.99
CA PHE CA 63 -51.35 -49.74 8.28
C PHE CA 63 -51.44 -48.39 9.02
N GLU CA 64 -50.31 -47.69 9.14
CA GLU CA 64 -50.27 -46.35 9.72
C GLU CA 64 -49.75 -45.36 8.70
N ALA CA 65 -50.53 -44.32 8.44
CA ALA CA 65 -50.20 -43.36 7.41
C ALA CA 65 -48.93 -42.59 7.76
N VAL CA 66 -48.11 -42.29 6.75
CA VAL CA 66 -46.90 -41.49 6.92
C VAL CA 66 -46.89 -40.31 5.96
N GLY CA 67 -46.29 -39.19 6.37
CA GLY CA 67 -46.20 -38.03 5.50
C GLY CA 67 -45.07 -38.08 4.48
N ARG CA 68 -45.42 -37.84 3.22
CA ARG CA 68 -44.45 -37.74 2.14
C ARG CA 68 -44.78 -36.51 1.30
N GLU CA 69 -43.75 -35.73 0.97
CA GLU CA 69 -43.98 -34.51 0.20
C GLU CA 69 -43.42 -34.58 -1.18
N PHE CA 70 -44.19 -34.08 -2.14
CA PHE CA 70 -43.80 -34.09 -3.54
C PHE CA 70 -43.86 -32.69 -4.14
N ASN CA 71 -42.96 -32.43 -5.10
CA ASN CA 71 -42.87 -31.11 -5.71
C ASN CA 71 -43.84 -30.94 -6.89
N ASN CA 72 -43.73 -29.84 -7.63
CA ASN CA 72 -44.73 -29.52 -8.64
C ASN CA 72 -44.74 -30.48 -9.83
N LEU CA 73 -43.59 -31.09 -10.12
CA LEU CA 73 -43.55 -32.02 -11.23
C LEU CA 73 -43.42 -33.48 -10.77
N GLU CA 74 -44.05 -33.80 -9.65
CA GLU CA 74 -44.15 -35.20 -9.25
C GLU CA 74 -45.61 -35.58 -9.00
N ARG CA 75 -46.51 -35.05 -9.82
CA ARG CA 75 -47.95 -35.15 -9.59
C ARG CA 75 -48.51 -36.55 -9.62
N ARG CA 76 -48.05 -37.36 -10.57
CA ARG CA 76 -48.41 -38.78 -10.67
C ARG CA 76 -48.06 -39.51 -9.38
N ILE CA 77 -46.81 -39.36 -8.95
CA ILE CA 77 -46.32 -40.04 -7.77
C ILE CA 77 -46.91 -39.45 -6.49
N GLU CA 78 -47.26 -38.16 -6.52
CA GLU CA 78 -48.02 -37.49 -5.44
C GLU CA 78 -49.43 -38.08 -5.34
N ASN CA 79 -50.06 -38.30 -6.49
CA ASN CA 79 -51.40 -38.87 -6.53
C ASN CA 79 -51.40 -40.35 -6.14
N LEU CA 80 -50.45 -41.08 -6.72
CA LEU CA 80 -50.23 -42.48 -6.39
C LEU CA 80 -50.20 -42.61 -4.87
N ASN CA 81 -49.44 -41.74 -4.21
CA ASN CA 81 -49.37 -41.73 -2.75
C ASN CA 81 -50.71 -41.59 -2.06
N LYS CA 82 -51.51 -40.58 -2.43
CA LYS CA 82 -52.82 -40.35 -1.81
C LYS CA 82 -53.78 -41.52 -1.96
N LYS CA 83 -53.98 -41.99 -3.19
CA LYS CA 83 -54.88 -43.12 -3.38
C LYS CA 83 -54.41 -44.38 -2.66
N MET CA 84 -53.11 -44.53 -2.49
CA MET CA 84 -52.60 -45.67 -1.74
C MET CA 84 -52.98 -45.55 -0.26
N GLU CA 85 -52.74 -44.38 0.32
CA GLU CA 85 -53.01 -44.18 1.75
C GLU CA 85 -54.51 -44.20 2.06
N ASP CA 86 -55.31 -43.63 1.16
CA ASP CA 86 -56.76 -43.75 1.21
C ASP CA 86 -57.22 -45.20 1.18
N GLY CA 87 -56.76 -45.91 0.16
CA GLY CA 87 -57.06 -47.32 -0.04
C GLY CA 87 -56.98 -48.14 1.22
N PHE CA 88 -55.85 -48.05 1.90
CA PHE CA 88 -55.64 -48.83 3.10
C PHE CA 88 -56.57 -48.37 4.21
N LEU CA 89 -56.70 -47.06 4.38
CA LEU CA 89 -57.60 -46.52 5.41
C LEU CA 89 -59.05 -46.95 5.20
N ASP CA 90 -59.49 -46.98 3.95
CA ASP CA 90 -60.84 -47.44 3.63
C ASP CA 90 -61.01 -48.91 4.00
N VAL CA 91 -60.05 -49.73 3.60
CA VAL CA 91 -60.08 -51.16 3.92
C VAL CA 91 -60.20 -51.43 5.42
N TRP CA 92 -59.31 -50.83 6.21
CA TRP CA 92 -59.36 -51.08 7.65
C TRP CA 92 -60.59 -50.46 8.31
N THR CA 93 -61.18 -49.46 7.67
CA THR CA 93 -62.44 -48.90 8.17
C THR CA 93 -63.49 -49.98 8.01
N TYR CA 94 -63.55 -50.57 6.83
CA TYR CA 94 -64.48 -51.68 6.59
C TYR CA 94 -64.19 -52.86 7.50
N ASN CA 95 -62.92 -53.21 7.65
CA ASN CA 95 -62.54 -54.34 8.48
C ASN CA 95 -62.98 -54.21 9.92
N ALA CA 96 -62.91 -52.98 10.43
CA ALA CA 96 -63.34 -52.69 11.79
C ALA CA 96 -64.87 -52.62 11.87
N GLU CA 97 -65.52 -51.84 10.99
CA GLU CA 97 -66.98 -51.71 11.05
C GLU CA 97 -67.72 -53.04 10.91
N LEU CA 98 -67.37 -53.84 9.90
CA LEU CA 98 -68.07 -55.11 9.69
C LEU CA 98 -67.74 -56.14 10.76
N LEU CA 99 -66.58 -56.05 11.40
CA LEU CA 99 -66.25 -57.00 12.45
C LEU CA 99 -67.13 -56.82 13.69
N VAL CA 100 -67.34 -55.57 14.09
CA VAL CA 100 -68.25 -55.24 15.20
C VAL CA 100 -69.67 -55.70 14.88
N LEU CA 101 -70.17 -55.33 13.70
CA LEU CA 101 -71.48 -55.77 13.24
C LEU CA 101 -71.62 -57.29 13.34
N MET CA 102 -70.62 -58.02 12.83
CA MET CA 102 -70.67 -59.49 12.85
C MET CA 102 -70.62 -60.04 14.27
N GLU CA 103 -69.72 -59.51 15.09
CA GLU CA 103 -69.52 -60.02 16.46
C GLU CA 103 -70.45 -59.39 17.50
N ASN CA 104 -71.29 -58.46 17.08
CA ASN CA 104 -72.39 -58.02 17.94
C ASN CA 104 -73.51 -59.05 17.90
N GLU CA 105 -73.83 -59.49 16.69
CA GLU CA 105 -74.79 -60.56 16.47
C GLU CA 105 -74.43 -61.84 17.21
N ARG CA 106 -73.17 -62.23 17.09
CA ARG CA 106 -72.64 -63.44 17.72
C ARG CA 106 -72.52 -63.28 19.24
N THR CA 107 -72.58 -62.03 19.71
CA THR CA 107 -72.62 -61.74 21.15
C THR CA 107 -74.02 -61.96 21.73
N LEU CA 108 -75.04 -61.44 21.05
CA LEU CA 108 -76.41 -61.53 21.54
C LEU CA 108 -76.98 -62.95 21.54
N ASP CA 109 -76.68 -63.69 20.49
CA ASP CA 109 -77.18 -65.05 20.36
C ASP CA 109 -76.31 -66.02 21.16
N PHE CA 110 -75.30 -65.46 21.81
CA PHE CA 110 -74.53 -66.17 22.82
C PHE CA 110 -75.24 -66.08 24.17
N HIS CA 111 -75.75 -64.88 24.46
CA HIS CA 111 -76.59 -64.64 25.64
C HIS CA 111 -77.93 -65.36 25.52
N ASP CA 112 -78.45 -65.44 24.30
CA ASP CA 112 -79.67 -66.19 24.02
C ASP CA 112 -79.47 -67.68 24.28
N SER CA 113 -78.35 -68.22 23.80
CA SER CA 113 -78.00 -69.62 24.01
C SER CA 113 -77.69 -70.02 25.46
N ASN CA 114 -77.26 -69.06 26.27
CA ASN CA 114 -76.95 -69.32 27.68
C ASN CA 114 -78.19 -69.35 28.60
N VAL CA 115 -79.16 -68.47 28.35
CA VAL CA 115 -80.44 -68.49 29.05
C VAL CA 115 -81.15 -69.81 28.76
N LYS CA 116 -81.26 -70.14 27.46
CA LYS CA 116 -81.85 -71.40 26.99
C LYS CA 116 -81.09 -72.65 27.45
N ASN CA 117 -79.81 -72.50 27.79
CA ASN CA 117 -79.03 -73.64 28.28
C ASN CA 117 -79.19 -73.82 29.79
N LEU CA 118 -79.58 -72.73 30.46
CA LEU CA 118 -79.88 -72.79 31.89
C LEU CA 118 -81.33 -73.24 32.14
N TYR CA 119 -82.21 -72.91 31.22
CA TYR CA 119 -83.60 -73.37 31.26
C TYR CA 119 -83.70 -74.88 30.95
N ASP CA 120 -82.81 -75.37 30.08
CA ASP CA 120 -82.73 -76.79 29.74
C ASP CA 120 -81.82 -77.57 30.70
N LYS CA 121 -81.10 -76.85 31.55
CA LYS CA 121 -80.30 -77.46 32.62
C LYS CA 121 -81.19 -77.86 33.79
N VAL CA 122 -82.21 -77.05 34.06
CA VAL CA 122 -83.19 -77.29 35.12
C VAL CA 122 -84.26 -78.29 34.66
N ARG CA 123 -84.71 -78.15 33.41
CA ARG CA 123 -85.74 -79.01 32.83
C ARG CA 123 -85.31 -80.48 32.76
N LEU CA 124 -84.04 -80.72 32.48
CA LEU CA 124 -83.51 -82.08 32.36
C LEU CA 124 -83.03 -82.63 33.69
N GLN CA 125 -83.08 -81.80 34.73
CA GLN CA 125 -82.82 -82.25 36.09
C GLN CA 125 -84.10 -82.71 36.81
N LEU CA 126 -85.15 -81.90 36.72
CA LEU CA 126 -86.44 -82.21 37.35
C LEU CA 126 -87.21 -83.23 36.52
N ARG CA 127 -87.29 -82.98 35.21
CA ARG CA 127 -88.06 -83.82 34.29
C ARG CA 127 -89.55 -83.87 34.65
N ASP CA 128 -90.07 -85.05 34.99
CA ASP CA 128 -91.51 -85.19 35.22
C ASP CA 128 -91.92 -85.02 36.69
N ASN CA 129 -90.98 -84.64 37.54
CA ASN CA 129 -91.32 -84.20 38.90
C ASN CA 129 -91.92 -82.80 38.91
N ALA CA 130 -91.92 -82.16 37.73
CA ALA CA 130 -92.49 -80.82 37.60
C ALA CA 130 -93.16 -80.63 36.23
N LYS CA 131 -94.09 -79.68 36.14
CA LYS CA 131 -94.80 -79.41 34.89
C LYS CA 131 -94.37 -78.08 34.24
N GLU CA 132 -94.01 -78.15 32.96
CA GLU CA 132 -93.63 -76.97 32.18
C GLU CA 132 -94.82 -76.09 31.79
N LEU CA 133 -94.81 -74.84 32.26
CA LEU CA 133 -95.92 -73.92 32.06
C LEU CA 133 -95.91 -73.26 30.69
N GLY CA 134 -94.72 -73.07 30.12
CA GLY CA 134 -94.60 -72.51 28.79
C GLY CA 134 -94.24 -71.03 28.71
N ASN CA 135 -94.40 -70.30 29.81
CA ASN CA 135 -93.94 -68.91 29.84
C ASN CA 135 -92.57 -68.89 30.50
N GLY CA 136 -91.98 -70.07 30.66
CA GLY CA 136 -90.65 -70.21 31.22
C GLY CA 136 -90.55 -70.66 32.67
N CYS CA 137 -91.68 -71.02 33.27
CA CYS CA 137 -91.70 -71.43 34.67
C CYS CA 137 -91.93 -72.92 34.83
N PHE CA 138 -91.44 -73.47 35.94
CA PHE CA 138 -91.64 -74.87 36.31
C PHE CA 138 -92.54 -74.96 37.54
N GLU CA 139 -93.49 -75.89 37.54
CA GLU CA 139 -94.36 -76.09 38.68
C GLU CA 139 -94.18 -77.47 39.33
N PHE CA 140 -93.69 -77.48 40.57
CA PHE CA 140 -93.45 -78.74 41.29
C PHE CA 140 -94.72 -79.47 41.70
N TYR CA 141 -94.64 -80.80 41.71
CA TYR CA 141 -95.73 -81.63 42.20
C TYR CA 141 -95.44 -82.08 43.63
N HIS CA 142 -94.28 -81.66 44.15
CA HIS CA 142 -93.90 -82.00 45.53
C HIS CA 142 -93.41 -80.79 46.31
N LYS CA 143 -92.98 -81.03 47.54
CA LYS CA 143 -92.59 -79.97 48.46
C LYS CA 143 -91.12 -79.57 48.32
N CYS CA 144 -90.85 -78.29 48.11
CA CYS CA 144 -89.46 -77.84 47.94
C CYS CA 144 -89.18 -76.51 48.67
N ASP CA 145 -88.47 -76.60 49.80
CA ASP CA 145 -88.09 -75.42 50.58
C ASP CA 145 -86.73 -74.85 50.15
N ASN CA 146 -86.11 -74.07 51.03
CA ASN CA 146 -84.91 -73.31 50.69
C ASN CA 146 -83.64 -74.14 50.49
N GLU CA 147 -83.50 -75.24 51.21
CA GLU CA 147 -82.37 -76.16 50.99
C GLU CA 147 -82.63 -77.14 49.85
N CYS CA 148 -83.87 -77.20 49.38
CA CYS CA 148 -84.25 -77.99 48.21
C CYS CA 148 -84.06 -77.19 46.92
N MET CA 149 -84.39 -75.90 46.98
CA MET CA 149 -84.16 -74.97 45.88
C MET CA 149 -82.65 -74.92 45.62
N GLU CA 150 -81.90 -75.05 46.71
CA GLU CA 150 -80.45 -75.10 46.70
C GLU CA 150 -79.89 -76.24 45.83
N SER CA 151 -80.56 -77.38 45.82
CA SER CA 151 -80.12 -78.52 45.03
C SER CA 151 -80.40 -78.38 43.54
N VAL CA 152 -81.40 -77.58 43.18
CA VAL CA 152 -81.70 -77.32 41.77
C VAL CA 152 -80.70 -76.32 41.18
N ARG CA 153 -80.23 -75.38 42.00
CA ARG CA 153 -79.28 -74.36 41.57
C ARG CA 153 -77.88 -74.86 41.19
N ASN CA 154 -77.19 -75.54 42.10
CA ASN CA 154 -75.80 -75.96 41.83
C ASN CA 154 -75.70 -77.34 41.15
N GLY CA 155 -76.85 -77.94 40.84
CA GLY CA 155 -76.89 -79.16 40.06
C GLY CA 155 -76.97 -80.46 40.83
N THR CA 156 -77.22 -80.37 42.13
CA THR CA 156 -77.27 -81.54 43.01
C THR CA 156 -78.67 -82.19 43.08
N TYR CA 157 -79.69 -81.54 42.51
CA TYR CA 157 -81.09 -81.97 42.64
C TYR CA 157 -81.31 -83.46 42.50
N ASP CA 158 -81.97 -84.03 43.50
CA ASP CA 158 -82.19 -85.45 43.57
C ASP CA 158 -83.55 -85.81 42.96
N TYR CA 159 -83.53 -86.53 41.85
CA TYR CA 159 -84.75 -86.98 41.19
C TYR CA 159 -85.38 -88.16 41.96
N PRO CA 160 -84.61 -89.25 42.22
CA PRO CA 160 -85.20 -90.37 42.97
C PRO CA 160 -85.77 -90.04 44.37
N GLN CA 161 -85.29 -88.96 45.00
CA GLN CA 161 -85.68 -88.60 46.36
C GLN CA 161 -87.11 -88.06 46.48
N TYR CA 162 -87.54 -87.23 45.54
CA TYR CA 162 -88.87 -86.61 45.61
C TYR CA 162 -89.89 -87.27 44.68
N SER CA 163 -89.45 -88.24 43.89
CA SER CA 163 -90.28 -88.89 42.88
C SER CA 163 -91.49 -89.65 43.44
N GLU CA 164 -91.49 -89.96 44.73
CA GLU CA 164 -92.60 -90.73 45.30
C GLU CA 164 -93.85 -89.87 45.56
N GLU CA 165 -93.70 -88.71 46.20
CA GLU CA 165 -94.86 -87.84 46.40
C GLU CA 165 -95.29 -87.23 45.07
N ALA CA 166 -94.33 -87.14 44.14
CA ALA CA 166 -94.58 -86.52 42.84
C ALA CA 166 -95.51 -87.37 41.97
N ARG CA 167 -95.33 -88.68 42.00
CA ARG CA 167 -96.17 -89.57 41.19
C ARG CA 167 -97.56 -89.79 41.83
N LEU CA 168 -97.69 -89.47 43.11
CA LEU CA 168 -98.97 -89.54 43.82
C LEU CA 168 -99.75 -88.22 43.75
N LYS CA 169 -99.04 -87.12 43.59
CA LYS CA 169 -99.68 -85.81 43.44
C LYS CA 169 -100.16 -85.62 42.00
N ARG CA 170 -99.56 -86.36 41.07
CA ARG CA 170 -100.01 -86.42 39.68
C ARG CA 170 -101.26 -87.29 39.57
N GLU CA 171 -101.28 -88.35 40.37
CA GLU CA 171 -102.42 -89.26 40.46
C GLU CA 171 -103.57 -88.52 41.15
N GLU CA 172 -103.21 -87.53 41.96
CA GLU CA 172 -104.15 -86.65 42.65
C GLU CA 172 -104.84 -85.69 41.67
N ILE CA 173 -104.11 -85.29 40.62
CA ILE CA 173 -104.64 -84.37 39.61
C ILE CA 173 -105.34 -85.11 38.46
N SER CA 174 -105.00 -86.39 38.29
CA SER CA 174 -105.75 -87.26 37.39
C SER CA 174 -107.16 -87.45 37.95
N SER CA 175 -107.23 -87.55 39.29
CA SER CA 175 -108.46 -87.73 40.05
C SER CA 175 -109.34 -86.47 40.02
N GLY CA 176 -108.66 -85.33 39.93
CA GLY CA 176 -109.29 -84.02 39.98
C GLY CA 176 -108.48 -83.18 40.94
N ARG CA 177 -108.85 -83.25 42.24
CA ARG CA 177 -108.18 -82.67 43.42
C ARG CA 177 -109.14 -81.73 44.18
N GLY DA 1 -81.18 -77.42 8.90
CA GLY DA 1 -79.89 -76.78 9.08
C GLY DA 1 -79.48 -76.78 10.54
N LEU DA 2 -79.02 -75.63 11.04
CA LEU DA 2 -78.53 -75.50 12.41
C LEU DA 2 -79.62 -75.75 13.46
N PHE DA 3 -80.86 -75.45 13.09
CA PHE DA 3 -81.98 -75.56 14.01
C PHE DA 3 -82.89 -76.74 13.64
N GLY DA 4 -82.57 -77.38 12.52
CA GLY DA 4 -83.18 -78.65 12.14
C GLY DA 4 -84.65 -78.63 11.72
N ALA DA 5 -85.18 -77.45 11.41
CA ALA DA 5 -86.60 -77.33 11.07
C ALA DA 5 -86.87 -77.38 9.55
N ILE DA 6 -86.30 -76.44 8.80
CA ILE DA 6 -86.40 -76.47 7.34
C ILE DA 6 -85.73 -77.71 6.75
N ALA DA 7 -86.48 -78.45 5.93
CA ALA DA 7 -86.03 -79.72 5.36
C ALA DA 7 -85.41 -80.66 6.40
N GLY DA 8 -86.05 -80.73 7.59
CA GLY DA 8 -85.58 -81.57 8.68
C GLY DA 8 -86.66 -82.49 9.23
N PHE DA 9 -87.17 -82.18 10.42
CA PHE DA 9 -88.23 -82.98 11.02
C PHE DA 9 -89.57 -82.73 10.31
N ILE DA 10 -89.71 -81.56 9.68
CA ILE DA 10 -90.77 -81.30 8.69
C ILE DA 10 -90.17 -81.37 7.28
N GLU DA 11 -90.05 -82.55 6.66
CA GLU DA 11 -89.38 -82.61 5.35
C GLU DA 11 -90.27 -82.24 4.16
N GLY DA 12 -89.80 -81.28 3.37
CA GLY DA 12 -90.56 -80.76 2.25
C GLY DA 12 -91.39 -79.54 2.60
N GLY DA 13 -91.57 -78.65 1.63
CA GLY DA 13 -92.39 -77.48 1.82
C GLY DA 13 -93.70 -77.62 1.06
N TRP DA 14 -94.66 -76.77 1.42
CA TRP DA 14 -96.02 -76.89 0.91
C TRP DA 14 -96.22 -76.10 -0.37
N GLN DA 15 -96.36 -76.83 -1.47
CA GLN DA 15 -96.70 -76.28 -2.78
C GLN DA 15 -97.83 -75.24 -2.68
N GLY DA 16 -98.68 -75.42 -1.67
CA GLY DA 16 -99.91 -74.68 -1.48
C GLY DA 16 -99.93 -73.43 -0.61
N MET DA 17 -98.78 -72.93 -0.16
CA MET DA 17 -98.77 -71.70 0.65
C MET DA 17 -98.06 -70.53 -0.06
N VAL DA 18 -98.80 -69.77 -0.85
CA VAL DA 18 -98.17 -68.75 -1.71
C VAL DA 18 -98.17 -67.28 -1.23
N ASP DA 19 -98.51 -67.04 0.05
CA ASP DA 19 -98.53 -65.65 0.55
C ASP DA 19 -97.75 -65.47 1.86
N GLY DA 20 -96.73 -66.29 2.06
CA GLY DA 20 -95.86 -66.15 3.20
C GLY DA 20 -94.78 -67.21 3.17
N TRP DA 21 -93.74 -67.00 3.96
CA TRP DA 21 -92.63 -67.94 4.06
C TRP DA 21 -92.90 -69.00 5.12
N TYR DA 22 -93.46 -68.56 6.25
CA TYR DA 22 -93.82 -69.46 7.33
C TYR DA 22 -95.34 -69.38 7.55
N GLY DA 23 -95.94 -70.49 7.97
CA GLY DA 23 -97.37 -70.51 8.23
C GLY DA 23 -97.90 -71.81 8.82
N TYR DA 24 -99.21 -72.03 8.70
CA TYR DA 24 -99.85 -73.18 9.32
C TYR DA 24 -100.60 -74.04 8.31
N HIS DA 25 -100.83 -75.29 8.66
CA HIS DA 25 -101.75 -76.16 7.94
C HIS DA 25 -102.69 -76.82 8.96
N HIS DA 26 -103.84 -76.20 9.16
CA HIS DA 26 -104.82 -76.69 10.14
C HIS DA 26 -105.72 -77.76 9.55
N SER DA 27 -106.32 -78.57 10.42
CA SER DA 27 -107.18 -79.67 10.00
C SER DA 27 -108.11 -80.05 11.15
N ASN DA 28 -109.30 -79.44 11.16
CA ASN DA 28 -110.29 -79.74 12.18
C ASN DA 28 -111.56 -80.35 11.59
N GLU DA 29 -112.67 -80.19 12.29
CA GLU DA 29 -113.97 -80.73 11.87
C GLU DA 29 -114.54 -80.08 10.61
N GLN DA 30 -114.37 -78.76 10.52
CA GLN DA 30 -114.90 -77.96 9.42
C GLN DA 30 -114.12 -78.15 8.12
N GLY DA 31 -112.97 -78.81 8.22
CA GLY DA 31 -112.11 -79.02 7.06
C GLY DA 31 -110.66 -78.66 7.36
N SER DA 32 -109.91 -78.33 6.32
CA SER DA 32 -108.50 -77.97 6.46
C SER DA 32 -108.16 -76.80 5.55
N GLY DA 33 -106.93 -76.29 5.65
CA GLY DA 33 -106.52 -75.17 4.84
C GLY DA 33 -105.16 -74.57 5.18
N TYR DA 34 -104.70 -73.65 4.33
CA TYR DA 34 -103.40 -73.01 4.49
C TYR DA 34 -103.53 -71.57 5.01
N ALA DA 35 -102.71 -71.22 5.99
CA ALA DA 35 -102.70 -69.84 6.50
C ALA DA 35 -101.29 -69.40 6.91
N ALA DA 36 -100.81 -68.31 6.31
CA ALA DA 36 -99.46 -67.80 6.61
C ALA DA 36 -99.48 -66.88 7.84
N ASP DA 37 -98.48 -67.02 8.70
CA ASP DA 37 -98.37 -66.21 9.92
C ASP DA 37 -97.94 -64.77 9.66
N LYS DA 38 -98.73 -63.82 10.15
CA LYS DA 38 -98.52 -62.41 9.83
C LYS DA 38 -97.23 -61.81 10.40
N GLU DA 39 -96.79 -62.24 11.58
CA GLU DA 39 -95.65 -61.59 12.22
C GLU DA 39 -94.28 -62.15 11.86
N SER DA 40 -94.19 -63.46 11.65
CA SER DA 40 -92.91 -64.07 11.28
C SER DA 40 -92.53 -63.84 9.80
N THR DA 41 -93.52 -63.75 8.91
CA THR DA 41 -93.27 -63.41 7.51
C THR DA 41 -92.70 -61.99 7.34
N GLN DA 42 -93.19 -61.05 8.16
CA GLN DA 42 -92.70 -59.66 8.12
C GLN DA 42 -91.35 -59.37 8.80
N LYS DA 43 -91.05 -60.07 9.89
CA LYS DA 43 -89.75 -59.89 10.56
C LYS DA 43 -88.61 -60.50 9.74
N ALA DA 44 -88.92 -61.49 8.91
CA ALA DA 44 -87.94 -62.12 8.02
C ALA DA 44 -87.72 -61.27 6.77
N ILE DA 45 -88.79 -60.65 6.27
CA ILE DA 45 -88.71 -59.66 5.19
C ILE DA 45 -87.83 -58.48 5.60
N ASP DA 46 -87.99 -58.03 6.84
CA ASP DA 46 -87.23 -56.92 7.39
C ASP DA 46 -85.78 -57.31 7.71
N GLY DA 47 -85.59 -58.54 8.19
CA GLY DA 47 -84.26 -59.04 8.49
C GLY DA 47 -83.41 -59.22 7.24
N VAL DA 48 -84.06 -59.54 6.13
CA VAL DA 48 -83.41 -59.70 4.82
C VAL DA 48 -83.19 -58.36 4.08
N THR DA 49 -84.18 -57.46 4.14
CA THR DA 49 -84.05 -56.12 3.55
C THR DA 49 -82.90 -55.36 4.23
N ASN DA 50 -82.72 -55.60 5.52
CA ASN DA 50 -81.61 -55.01 6.28
C ASN DA 50 -80.23 -55.50 5.85
N LYS DA 51 -80.12 -56.79 5.53
CA LYS DA 51 -78.86 -57.37 5.09
C LYS DA 51 -78.51 -56.92 3.66
N VAL DA 52 -79.52 -56.84 2.80
CA VAL DA 52 -79.35 -56.36 1.43
C VAL DA 52 -78.79 -54.93 1.39
N ASN DA 53 -79.32 -54.07 2.27
CA ASN DA 53 -78.91 -52.68 2.37
C ASN DA 53 -77.64 -52.44 3.19
N SER DA 54 -77.36 -53.31 4.15
CA SER DA 54 -76.14 -53.23 4.95
C SER DA 54 -74.92 -53.60 4.12
N ILE DA 55 -75.13 -54.44 3.11
CA ILE DA 55 -74.05 -54.87 2.23
C ILE DA 55 -73.74 -53.73 1.26
N ILE DA 56 -74.79 -53.16 0.64
CA ILE DA 56 -74.63 -51.98 -0.21
C ILE DA 56 -73.97 -50.82 0.54
N ASP DA 57 -74.33 -50.65 1.80
CA ASP DA 57 -73.80 -49.55 2.60
C ASP DA 57 -72.34 -49.73 3.04
N LYS DA 58 -71.93 -50.96 3.31
CA LYS DA 58 -70.54 -51.20 3.73
C LYS DA 58 -69.51 -51.06 2.60
N MET DA 59 -69.89 -51.53 1.39
CA MET DA 59 -69.01 -51.40 0.22
C MET DA 59 -69.23 -50.05 -0.47
N ASN DA 60 -69.74 -49.08 0.30
CA ASN DA 60 -69.98 -47.72 -0.18
C ASN DA 60 -68.71 -47.11 -0.74
N THR DA 61 -67.71 -47.04 0.12
CA THR DA 61 -66.37 -46.67 -0.31
C THR DA 61 -65.57 -47.94 -0.53
N GLN DA 62 -64.86 -47.97 -1.65
CA GLN DA 62 -64.07 -49.10 -2.10
C GLN DA 62 -63.07 -48.57 -3.12
N PHE DA 63 -61.87 -49.16 -3.19
CA PHE DA 63 -60.82 -48.62 -4.05
C PHE DA 63 -61.29 -48.47 -5.50
N GLU DA 64 -61.01 -47.31 -6.07
CA GLU DA 64 -61.35 -46.99 -7.45
C GLU DA 64 -60.09 -46.68 -8.24
N ALA DA 65 -59.89 -47.41 -9.32
CA ALA DA 65 -58.69 -47.29 -10.13
C ALA DA 65 -58.55 -45.93 -10.82
N VAL DA 66 -57.32 -45.48 -10.96
CA VAL DA 66 -57.01 -44.23 -11.67
C VAL DA 66 -56.05 -44.51 -12.82
N GLY DA 67 -56.19 -43.78 -13.93
CA GLY DA 67 -55.27 -43.97 -15.04
C GLY DA 67 -53.98 -43.20 -14.83
N ARG DA 68 -52.85 -43.90 -14.90
CA ARG DA 68 -51.56 -43.23 -14.82
C ARG DA 68 -50.68 -43.77 -15.93
N GLU DA 69 -50.02 -42.87 -16.64
CA GLU DA 69 -49.14 -43.30 -17.72
C GLU DA 69 -47.69 -42.96 -17.44
N PHE DA 70 -46.81 -43.90 -17.77
CA PHE DA 70 -45.38 -43.78 -17.46
C PHE DA 70 -44.53 -44.00 -18.72
N ASN DA 71 -43.36 -43.36 -18.78
CA ASN DA 71 -42.50 -43.46 -19.97
C ASN DA 71 -41.59 -44.71 -19.93
N ASN DA 72 -40.66 -44.84 -20.88
CA ASN DA 72 -39.91 -46.10 -20.96
C ASN DA 72 -38.91 -46.30 -19.82
N LEU DA 73 -38.39 -45.22 -19.27
CA LEU DA 73 -37.44 -45.38 -18.17
C LEU DA 73 -38.06 -45.03 -16.83
N GLU DA 74 -39.35 -45.31 -16.70
CA GLU DA 74 -40.02 -45.24 -15.42
C GLU DA 74 -40.64 -46.59 -15.14
N ARG DA 75 -39.93 -47.65 -15.54
CA ARG DA 75 -40.45 -49.01 -15.50
C ARG DA 75 -40.77 -49.46 -14.08
N ARG DA 76 -39.90 -49.10 -13.12
CA ARG DA 76 -40.12 -49.45 -11.73
C ARG DA 76 -41.46 -48.94 -11.21
N ILE DA 77 -41.69 -47.64 -11.28
CA ILE DA 77 -42.94 -47.11 -10.77
C ILE DA 77 -44.11 -47.42 -11.70
N GLU DA 78 -43.84 -47.64 -12.99
CA GLU DA 78 -44.87 -48.12 -13.92
C GLU DA 78 -45.38 -49.46 -13.42
N ASN DA 79 -44.44 -50.29 -12.97
CA ASN DA 79 -44.75 -51.62 -12.42
C ASN DA 79 -45.37 -51.57 -11.01
N LEU DA 80 -44.77 -50.77 -10.14
CA LEU DA 80 -45.27 -50.54 -8.77
C LEU DA 80 -46.76 -50.17 -8.77
N ASN DA 81 -47.15 -49.23 -9.62
CA ASN DA 81 -48.55 -48.82 -9.78
C ASN DA 81 -49.48 -49.99 -10.09
N LYS DA 82 -49.07 -50.82 -11.04
CA LYS DA 82 -49.85 -51.98 -11.44
C LYS DA 82 -50.10 -52.95 -10.30
N LYS DA 83 -49.02 -53.34 -9.63
CA LYS DA 83 -49.14 -54.29 -8.54
C LYS DA 83 -49.97 -53.71 -7.39
N MET DA 84 -49.92 -52.39 -7.21
CA MET DA 84 -50.78 -51.73 -6.21
C MET DA 84 -52.27 -51.71 -6.57
N GLU DA 85 -52.62 -51.27 -7.78
CA GLU DA 85 -54.02 -51.18 -8.17
C GLU DA 85 -54.67 -52.54 -8.30
N ASP DA 86 -53.92 -53.50 -8.83
CA ASP DA 86 -54.34 -54.91 -8.81
C ASP DA 86 -54.55 -55.36 -7.36
N GLY DA 87 -53.53 -55.12 -6.53
CA GLY DA 87 -53.53 -55.45 -5.12
C GLY DA 87 -54.81 -55.12 -4.41
N PHE DA 88 -55.29 -53.88 -4.56
CA PHE DA 88 -56.52 -53.48 -3.91
C PHE DA 88 -57.71 -54.21 -4.51
N LEU DA 89 -57.75 -54.35 -5.83
CA LEU DA 89 -58.87 -55.08 -6.43
C LEU DA 89 -58.99 -56.53 -5.95
N ASP DA 90 -57.87 -57.21 -5.74
CA ASP DA 90 -57.92 -58.56 -5.20
C ASP DA 90 -58.50 -58.58 -3.78
N VAL DA 91 -58.03 -57.66 -2.92
CA VAL DA 91 -58.49 -57.51 -1.54
C VAL DA 91 -60.01 -57.26 -1.41
N TRP DA 92 -60.54 -56.27 -2.12
CA TRP DA 92 -61.98 -55.98 -2.07
C TRP DA 92 -62.85 -57.06 -2.72
N THR DA 93 -62.29 -57.82 -3.63
CA THR DA 93 -63.02 -58.95 -4.24
C THR DA 93 -63.23 -60.04 -3.20
N TYR DA 94 -62.18 -60.38 -2.48
CA TYR DA 94 -62.27 -61.35 -1.42
C TYR DA 94 -63.29 -60.90 -0.38
N ASN DA 95 -63.25 -59.62 0.00
CA ASN DA 95 -64.19 -59.08 0.98
C ASN DA 95 -65.65 -59.16 0.51
N ALA DA 96 -65.85 -58.99 -0.79
CA ALA DA 96 -67.18 -59.04 -1.38
C ALA DA 96 -67.67 -60.49 -1.46
N GLU DA 97 -66.86 -61.37 -2.03
CA GLU DA 97 -67.24 -62.78 -2.15
C GLU DA 97 -67.52 -63.42 -0.78
N LEU DA 98 -66.61 -63.20 0.17
CA LEU DA 98 -66.71 -63.81 1.50
C LEU DA 98 -67.88 -63.27 2.31
N LEU DA 99 -68.29 -62.05 2.02
CA LEU DA 99 -69.46 -61.47 2.68
C LEU DA 99 -70.77 -62.14 2.25
N VAL DA 100 -70.89 -62.42 0.95
CA VAL DA 100 -72.02 -63.17 0.40
C VAL DA 100 -72.07 -64.58 1.02
N LEU DA 101 -70.94 -65.28 0.97
CA LEU DA 101 -70.81 -66.62 1.56
C LEU DA 101 -71.26 -66.70 3.02
N MET DA 102 -70.73 -65.80 3.84
CA MET DA 102 -71.05 -65.81 5.27
C MET DA 102 -72.50 -65.45 5.53
N GLU DA 103 -72.99 -64.42 4.85
CA GLU DA 103 -74.34 -63.92 5.10
C GLU DA 103 -75.41 -64.65 4.27
N ASN DA 104 -75.00 -65.60 3.45
CA ASN DA 104 -75.96 -66.55 2.89
C ASN DA 104 -76.27 -67.64 3.90
N GLU DA 105 -75.22 -68.19 4.50
CA GLU DA 105 -75.36 -69.15 5.58
C GLU DA 105 -76.16 -68.58 6.76
N ARG DA 106 -75.84 -67.34 7.15
CA ARG DA 106 -76.54 -66.64 8.23
C ARG DA 106 -77.98 -66.26 7.86
N THR DA 107 -78.28 -66.29 6.57
CA THR DA 107 -79.64 -66.08 6.08
C THR DA 107 -80.50 -67.34 6.21
N LEU DA 108 -79.96 -68.47 5.77
CA LEU DA 108 -80.67 -69.74 5.79
C LEU DA 108 -80.93 -70.26 7.20
N ASP DA 109 -79.94 -70.11 8.07
CA ASP DA 109 -80.04 -70.58 9.44
C ASP DA 109 -80.77 -69.57 10.33
N PHE DA 110 -81.17 -68.45 9.75
CA PHE DA 110 -82.07 -67.52 10.42
C PHE DA 110 -83.50 -67.93 10.18
N HIS DA 111 -83.77 -68.35 8.95
CA HIS DA 111 -85.07 -68.90 8.56
C HIS DA 111 -85.37 -70.20 9.31
N ASP DA 112 -84.31 -70.99 9.55
CA ASP DA 112 -84.44 -72.23 10.32
C ASP DA 112 -84.88 -71.95 11.76
N SER DA 113 -84.28 -70.94 12.38
CA SER DA 113 -84.63 -70.50 13.73
C SER DA 113 -86.04 -69.90 13.84
N ASN DA 114 -86.57 -69.37 12.73
CA ASN DA 114 -87.91 -68.79 12.72
C ASN DA 114 -89.04 -69.82 12.63
N VAL DA 115 -88.83 -70.87 11.83
CA VAL DA 115 -89.77 -72.00 11.75
C VAL DA 115 -89.84 -72.65 13.14
N LYS DA 116 -88.67 -72.93 13.71
CA LYS DA 116 -88.53 -73.47 15.06
C LYS DA 116 -89.08 -72.60 16.20
N ASN DA 117 -89.16 -71.29 15.97
CA ASN DA 117 -89.68 -70.41 17.01
C ASN DA 117 -91.19 -70.23 16.95
N LEU DA 118 -91.78 -70.44 15.78
CA LEU DA 118 -93.23 -70.38 15.63
C LEU DA 118 -93.89 -71.71 16.00
N TYR DA 119 -93.16 -72.80 15.77
CA TYR DA 119 -93.58 -74.14 16.17
C TYR DA 119 -93.59 -74.34 17.69
N ASP DA 120 -92.65 -73.69 18.39
CA ASP DA 120 -92.56 -73.76 19.85
C ASP DA 120 -93.40 -72.73 20.59
N LYS DA 121 -93.97 -71.77 19.87
CA LYS DA 121 -94.94 -70.83 20.45
C LYS DA 121 -96.28 -71.56 20.55
N VAL DA 122 -96.54 -72.45 19.60
CA VAL DA 122 -97.76 -73.25 19.57
C VAL DA 122 -97.62 -74.42 20.57
N ARG DA 123 -96.43 -74.99 20.63
CA ARG DA 123 -96.13 -76.11 21.54
C ARG DA 123 -96.23 -75.72 23.02
N LEU DA 124 -95.81 -74.50 23.36
CA LEU DA 124 -95.86 -74.00 24.74
C LEU DA 124 -97.14 -73.23 25.08
N GLN DA 125 -98.03 -73.05 24.10
CA GLN DA 125 -99.37 -72.51 24.33
C GLN DA 125 -100.38 -73.62 24.65
N LEU DA 126 -100.34 -74.69 23.85
CA LEU DA 126 -101.25 -75.83 24.01
C LEU DA 126 -100.82 -76.71 25.18
N ARG DA 127 -99.52 -77.03 25.22
CA ARG DA 127 -98.96 -77.91 26.25
C ARG DA 127 -99.57 -79.31 26.18
N ASP DA 128 -100.25 -79.74 27.24
CA ASP DA 128 -100.80 -81.09 27.30
C ASP DA 128 -102.27 -81.22 26.85
N ASN DA 129 -102.85 -80.14 26.34
CA ASN DA 129 -104.16 -80.22 25.67
C ASN DA 129 -104.07 -80.79 24.26
N ALA DA 130 -102.84 -81.02 23.78
CA ALA DA 130 -102.62 -81.59 22.45
C ALA DA 130 -101.40 -82.52 22.44
N LYS DA 131 -101.36 -83.43 21.48
CA LYS DA 131 -100.27 -84.41 21.37
C LYS DA 131 -99.30 -84.12 20.22
N GLU DA 132 -98.01 -84.04 20.57
CA GLU DA 132 -96.95 -83.87 19.58
C GLU DA 132 -96.67 -85.19 18.84
N LEU DA 133 -96.88 -85.17 17.52
CA LEU DA 133 -96.74 -86.36 16.69
C LEU DA 133 -95.28 -86.65 16.33
N GLY DA 134 -94.47 -85.60 16.26
CA GLY DA 134 -93.06 -85.75 15.95
C GLY DA 134 -92.72 -85.39 14.51
N ASN DA 135 -93.74 -85.29 13.66
CA ASN DA 135 -93.54 -84.86 12.28
C ASN DA 135 -93.83 -83.36 12.13
N GLY DA 136 -94.00 -82.68 13.27
CA GLY DA 136 -94.24 -81.25 13.27
C GLY DA 136 -95.70 -80.90 13.46
N CYS DA 137 -96.53 -81.92 13.71
CA CYS DA 137 -97.95 -81.69 13.87
C CYS DA 137 -98.40 -81.85 15.32
N PHE DA 138 -99.49 -81.18 15.65
CA PHE DA 138 -100.11 -81.29 16.97
C PHE DA 138 -101.48 -81.94 16.81
N GLU DA 139 -101.82 -82.87 17.70
CA GLU DA 139 -103.14 -83.49 17.66
C GLU DA 139 -103.94 -83.14 18.93
N PHE DA 140 -105.05 -82.42 18.76
CA PHE DA 140 -105.83 -81.96 19.90
C PHE DA 140 -106.55 -83.11 20.60
N TYR DA 141 -106.67 -83.01 21.93
CA TYR DA 141 -107.45 -83.97 22.71
C TYR DA 141 -108.84 -83.43 23.03
N HIS DA 142 -109.13 -82.23 22.56
CA HIS DA 142 -110.43 -81.65 22.76
C HIS DA 142 -111.01 -81.13 21.45
N LYS DA 143 -112.17 -80.51 21.53
CA LYS DA 143 -112.89 -80.07 20.35
C LYS DA 143 -112.41 -78.66 19.98
N CYS DA 144 -111.94 -78.50 18.73
CA CYS DA 144 -111.40 -77.22 18.30
C CYS DA 144 -111.85 -76.83 16.89
N ASP DA 145 -112.76 -75.87 16.82
CA ASP DA 145 -113.28 -75.37 15.55
C ASP DA 145 -112.45 -74.20 15.04
N ASN DA 146 -113.03 -73.42 14.14
CA ASN DA 146 -112.33 -72.32 13.47
C ASN DA 146 -112.03 -71.13 14.39
N GLU DA 147 -112.90 -70.90 15.36
CA GLU DA 147 -112.71 -69.83 16.34
C GLU DA 147 -111.74 -70.23 17.44
N CYS DA 148 -111.46 -71.53 17.54
CA CYS DA 148 -110.43 -72.05 18.44
C CYS DA 148 -109.07 -72.08 17.73
N MET DA 149 -109.09 -72.44 16.45
CA MET DA 149 -107.88 -72.42 15.61
C MET DA 149 -107.31 -71.01 15.49
N GLU DA 150 -108.20 -70.03 15.38
CA GLU DA 150 -107.80 -68.64 15.32
C GLU DA 150 -107.07 -68.14 16.57
N SER DA 151 -107.45 -68.68 17.73
CA SER DA 151 -106.84 -68.29 18.99
C SER DA 151 -105.42 -68.84 19.17
N VAL DA 152 -105.12 -69.96 18.51
CA VAL DA 152 -103.76 -70.51 18.53
C VAL DA 152 -102.85 -69.71 17.59
N ARG DA 153 -103.41 -69.22 16.50
CA ARG DA 153 -102.65 -68.45 15.50
C ARG DA 153 -102.16 -67.09 16.03
N ASN DA 154 -103.07 -66.24 16.50
CA ASN DA 154 -102.67 -64.91 16.98
C ASN DA 154 -102.31 -64.85 18.48
N GLY DA 155 -102.39 -65.99 19.16
CA GLY DA 155 -101.95 -66.07 20.54
C GLY DA 155 -102.99 -65.95 21.64
N THR DA 156 -104.27 -66.00 21.29
CA THR DA 156 -105.36 -65.82 22.25
C THR DA 156 -105.68 -67.14 22.98
N TYR DA 157 -105.10 -68.25 22.50
CA TYR DA 157 -105.43 -69.61 22.97
C TYR DA 157 -105.55 -69.77 24.49
N ASP DA 158 -106.70 -70.30 24.90
CA ASP DA 158 -107.04 -70.47 26.31
C ASP DA 158 -106.70 -71.89 26.79
N TYR DA 159 -105.73 -71.99 27.69
CA TYR DA 159 -105.38 -73.30 28.26
C TYR DA 159 -106.41 -73.74 29.31
N PRO DA 160 -106.68 -72.92 30.34
CA PRO DA 160 -107.67 -73.38 31.33
C PRO DA 160 -109.07 -73.72 30.77
N GLN DA 161 -109.46 -73.18 29.62
CA GLN DA 161 -110.80 -73.41 29.08
C GLN DA 161 -111.08 -74.82 28.55
N TYR DA 162 -110.11 -75.41 27.86
CA TYR DA 162 -110.30 -76.72 27.23
C TYR DA 162 -109.68 -77.85 28.02
N SER DA 163 -108.97 -77.50 29.10
CA SER DA 163 -108.20 -78.49 29.88
C SER DA 163 -109.04 -79.57 30.55
N GLU DA 164 -110.34 -79.35 30.70
CA GLU DA 164 -111.18 -80.36 31.34
C GLU DA 164 -111.56 -81.49 30.37
N GLU DA 165 -111.98 -81.13 29.15
CA GLU DA 165 -112.36 -82.09 28.12
C GLU DA 165 -111.15 -82.86 27.59
N ALA DA 166 -110.00 -82.20 27.64
CA ALA DA 166 -108.75 -82.80 27.17
C ALA DA 166 -108.27 -83.84 28.18
N ARG DA 167 -108.42 -83.51 29.46
CA ARG DA 167 -107.92 -84.39 30.52
C ARG DA 167 -108.85 -85.61 30.74
N LEU DA 168 -110.06 -85.56 30.18
CA LEU DA 168 -110.96 -86.72 30.18
C LEU DA 168 -110.80 -87.63 28.95
N LYS DA 169 -110.38 -87.08 27.82
CA LYS DA 169 -110.11 -87.90 26.65
C LYS DA 169 -108.71 -88.53 26.73
N ARG DA 170 -107.86 -87.97 27.59
CA ARG DA 170 -106.55 -88.58 27.84
C ARG DA 170 -106.73 -89.86 28.65
N GLU DA 171 -107.74 -89.86 29.51
CA GLU DA 171 -108.11 -91.04 30.27
C GLU DA 171 -108.70 -92.14 29.38
N GLU DA 172 -109.29 -91.75 28.26
CA GLU DA 172 -109.87 -92.69 27.29
C GLU DA 172 -108.88 -93.54 26.47
N ILE DA 173 -107.69 -93.01 26.18
CA ILE DA 173 -106.71 -93.78 25.40
C ILE DA 173 -105.85 -94.63 26.34
N SER DA 174 -105.79 -94.23 27.61
CA SER DA 174 -105.18 -95.05 28.68
C SER DA 174 -106.00 -96.31 28.96
N SER DA 175 -107.32 -96.16 28.94
CA SER DA 175 -108.27 -97.24 29.26
C SER DA 175 -108.37 -98.38 28.25
N GLY DA 176 -108.21 -98.08 26.96
CA GLY DA 176 -108.41 -99.11 25.96
C GLY DA 176 -109.29 -98.68 24.80
N ARG DA 177 -110.11 -97.66 25.04
CA ARG DA 177 -110.99 -97.04 24.03
C ARG DA 177 -112.15 -97.96 23.67
#